data_2MLY
#
_entry.id   2MLY
#
loop_
_entity.id
_entity.type
_entity.pdbx_description
1 polymer 'Trigger factor'
2 polymer 'Alkaline phosphatase'
#
loop_
_entity_poly.entity_id
_entity_poly.type
_entity_poly.pdbx_seq_one_letter_code
_entity_poly.pdbx_strand_id
1 'polypeptide(L)'
;MNHKVHHHHHHMQVSVETTQGLGRRVTITIAADSIETAVKSELVNVAKKVRIDGFRKGKVPMNIVAQRYGASVRQDVLGD
LMSRNFIDAIIKEKINPAGAPTYVPGEYKLGEDFTYSVEFEVYPEVELQGLEAIEVEKPIVEVTDADVDGMLDTLRKQQA
TWKEKDGAVEAEDRVTIDFTGSVDGEEFEGGKASDFVLAMGQGRMIPGFEDGIKGHKAGEEFTIDVTFPEEYHAENLKGK
AAKFAINLKKVEERELPELTAEFIKRFGVEDGSVEGLRAEVRKNMERELKSAIRNRVKSQAIEGLVKANDIDVPAALIDS
EIDVLRRQAAQRFGGNEKQALELPRELFEEQAKRRVVVGLLLGEVIRTNELKADEERVKGLIEEMASAYEDPKEVIEFYS
KNKELMDNMRNVALEEQAVEAVLAKAKVTEKETTFNELMNQQA
;
A
2 'polypeptide(L)'
;HMKQSTIALALLPLLFTPVTKARTPEMPVLENRAAQGDITAPGGARRLTGDQTAALRDSLSDKPAKNIILLIGDGMGDSE
ITAARNYAEGAGGFFKGIDALPLTGQYTHYALNKKTGKPDYVTDSAASATAWSTGVKTYNGALGVDIHEKD
;
B
#
# COMPACT_ATOMS: atom_id res chain seq x y z
N MET A 12 21.99 44.73 -11.91
CA MET A 12 21.01 44.16 -10.96
C MET A 12 21.62 44.12 -9.54
N GLN A 13 21.12 44.99 -8.65
CA GLN A 13 21.59 45.08 -7.26
C GLN A 13 20.95 43.96 -6.42
N VAL A 14 21.79 43.05 -5.89
CA VAL A 14 21.34 41.95 -5.00
C VAL A 14 22.23 41.90 -3.74
N SER A 15 21.65 41.45 -2.62
CA SER A 15 22.37 41.28 -1.35
C SER A 15 21.99 39.93 -0.70
N VAL A 16 22.84 38.91 -0.91
CA VAL A 16 22.61 37.55 -0.41
C VAL A 16 23.11 37.41 1.05
N GLU A 17 22.26 36.83 1.91
CA GLU A 17 22.61 36.49 3.30
C GLU A 17 22.03 35.11 3.62
N THR A 18 22.89 34.16 3.99
CA THR A 18 22.47 32.81 4.36
C THR A 18 21.74 32.84 5.72
N THR A 19 20.40 32.74 5.69
CA THR A 19 19.55 32.95 6.88
C THR A 19 19.08 31.60 7.49
N GLN A 20 18.13 30.91 6.83
CA GLN A 20 17.48 29.70 7.38
C GLN A 20 18.25 28.43 6.94
N GLY A 21 19.55 28.37 7.32
CA GLY A 21 20.40 27.23 6.98
C GLY A 21 20.65 27.12 5.47
N LEU A 22 19.86 26.25 4.81
CA LEU A 22 19.89 26.08 3.35
C LEU A 22 19.19 27.27 2.67
N GLY A 23 18.18 27.82 3.40
CA GLY A 23 17.43 28.99 2.97
C GLY A 23 18.26 30.25 2.92
N ARG A 24 18.76 30.57 1.71
CA ARG A 24 19.54 31.78 1.44
C ARG A 24 18.63 32.91 0.94
N ARG A 25 18.82 34.08 1.55
CA ARG A 25 18.04 35.29 1.28
C ARG A 25 18.77 36.18 0.27
N VAL A 26 18.51 35.97 -1.03
CA VAL A 26 19.01 36.86 -2.09
C VAL A 26 18.03 38.04 -2.22
N THR A 27 18.37 39.15 -1.55
CA THR A 27 17.55 40.36 -1.56
C THR A 27 17.78 41.14 -2.86
N ILE A 28 16.97 40.81 -3.88
CA ILE A 28 17.03 41.43 -5.21
C ILE A 28 16.36 42.82 -5.15
N THR A 29 16.92 43.78 -5.88
CA THR A 29 16.41 45.14 -5.99
C THR A 29 16.17 45.43 -7.48
N ILE A 30 14.90 45.37 -7.92
CA ILE A 30 14.52 45.69 -9.30
C ILE A 30 14.38 47.20 -9.44
N ALA A 31 15.14 47.78 -10.37
CA ALA A 31 15.19 49.23 -10.61
C ALA A 31 13.84 49.77 -11.12
N ALA A 32 13.56 51.03 -10.77
CA ALA A 32 12.31 51.73 -11.13
C ALA A 32 12.08 51.79 -12.65
N ASP A 33 13.17 51.88 -13.43
CA ASP A 33 13.10 51.92 -14.91
C ASP A 33 12.70 50.55 -15.47
N SER A 34 13.18 49.46 -14.83
CA SER A 34 12.88 48.07 -15.23
C SER A 34 11.39 47.76 -15.01
N ILE A 35 10.86 48.26 -13.88
CA ILE A 35 9.44 48.13 -13.52
C ILE A 35 8.58 48.97 -14.49
N GLU A 36 8.98 50.25 -14.65
CA GLU A 36 8.27 51.23 -15.48
C GLU A 36 8.17 50.77 -16.95
N THR A 37 9.23 50.09 -17.43
CA THR A 37 9.27 49.51 -18.77
C THR A 37 8.32 48.30 -18.85
N ALA A 38 8.41 47.40 -17.85
CA ALA A 38 7.66 46.12 -17.85
C ALA A 38 6.13 46.32 -17.71
N VAL A 39 5.72 47.34 -16.93
CA VAL A 39 4.29 47.71 -16.75
C VAL A 39 3.75 48.27 -18.07
N LYS A 40 4.53 49.18 -18.66
CA LYS A 40 4.21 49.82 -19.95
C LYS A 40 4.15 48.78 -21.10
N SER A 41 5.04 47.78 -21.01
CA SER A 41 5.11 46.65 -21.95
C SER A 41 3.91 45.71 -21.75
N GLU A 42 3.43 45.62 -20.51
CA GLU A 42 2.25 44.81 -20.17
C GLU A 42 0.96 45.49 -20.67
N LEU A 43 0.90 46.83 -20.58
CA LEU A 43 -0.27 47.63 -20.96
C LEU A 43 -0.56 47.56 -22.46
N VAL A 44 0.52 47.50 -23.27
CA VAL A 44 0.38 47.37 -24.74
C VAL A 44 -0.07 45.93 -25.11
N ASN A 45 0.29 44.93 -24.26
CA ASN A 45 -0.20 43.54 -24.41
C ASN A 45 -1.73 43.50 -24.22
N VAL A 46 -2.20 44.20 -23.16
CA VAL A 46 -3.62 44.33 -22.83
C VAL A 46 -4.34 45.16 -23.93
N ALA A 47 -3.64 46.18 -24.46
CA ALA A 47 -4.17 47.06 -25.52
C ALA A 47 -4.40 46.28 -26.82
N LYS A 48 -3.48 45.37 -27.16
CA LYS A 48 -3.58 44.53 -28.38
C LYS A 48 -4.69 43.47 -28.22
N LYS A 49 -4.77 42.90 -27.00
CA LYS A 49 -5.76 41.87 -26.64
C LYS A 49 -7.19 42.42 -26.75
N VAL A 50 -7.41 43.61 -26.16
CA VAL A 50 -8.73 44.28 -26.10
C VAL A 50 -8.91 45.23 -27.32
N ARG A 51 -7.87 45.30 -28.19
CA ARG A 51 -7.88 46.07 -29.46
C ARG A 51 -7.86 47.61 -29.24
N ILE A 52 -7.56 48.03 -27.99
CA ILE A 52 -7.43 49.45 -27.57
C ILE A 52 -6.25 50.13 -28.32
N ASP A 53 -5.29 49.32 -28.78
CA ASP A 53 -4.13 49.78 -29.58
C ASP A 53 -4.60 50.38 -30.93
N GLY A 54 -5.67 49.77 -31.51
CA GLY A 54 -6.28 50.26 -32.73
C GLY A 54 -7.17 51.49 -32.50
N PHE A 55 -7.82 51.51 -31.32
CA PHE A 55 -8.66 52.64 -30.89
C PHE A 55 -7.81 53.77 -30.25
N ARG A 56 -6.47 53.56 -30.18
CA ARG A 56 -5.54 54.60 -29.71
C ARG A 56 -5.48 55.74 -30.73
N LYS A 57 -5.90 56.94 -30.31
CA LYS A 57 -5.83 58.16 -31.14
C LYS A 57 -4.43 58.79 -31.11
N GLY A 58 -3.61 58.37 -30.13
CA GLY A 58 -2.21 58.78 -30.03
C GLY A 58 -2.02 60.24 -29.61
N LYS A 59 -3.06 60.82 -28.98
CA LYS A 59 -3.02 62.18 -28.42
C LYS A 59 -2.63 62.12 -26.93
N VAL A 60 -2.82 60.95 -26.31
CA VAL A 60 -2.42 60.70 -24.92
C VAL A 60 -1.05 59.97 -24.93
N PRO A 61 0.06 60.60 -24.44
CA PRO A 61 1.39 59.94 -24.30
C PRO A 61 1.34 58.66 -23.43
N MET A 62 2.22 57.69 -23.77
CA MET A 62 2.19 56.33 -23.19
C MET A 62 2.75 56.31 -21.74
N ASN A 63 3.68 57.25 -21.42
CA ASN A 63 4.22 57.42 -20.05
C ASN A 63 3.11 57.82 -19.06
N ILE A 64 2.12 58.59 -19.55
CA ILE A 64 0.96 59.06 -18.78
C ILE A 64 0.04 57.88 -18.40
N VAL A 65 -0.31 57.04 -19.39
CA VAL A 65 -1.19 55.88 -19.14
C VAL A 65 -0.45 54.77 -18.35
N ALA A 66 0.90 54.80 -18.42
CA ALA A 66 1.76 53.82 -17.73
C ALA A 66 1.69 53.96 -16.19
N GLN A 67 1.71 55.22 -15.74
CA GLN A 67 1.69 55.55 -14.30
C GLN A 67 0.25 55.61 -13.75
N ARG A 68 -0.68 56.25 -14.51
CA ARG A 68 -2.05 56.52 -14.04
C ARG A 68 -2.94 55.26 -14.14
N TYR A 69 -3.08 54.72 -15.36
CA TYR A 69 -3.97 53.57 -15.65
C TYR A 69 -3.24 52.25 -15.31
N GLY A 70 -1.91 52.26 -15.48
CA GLY A 70 -1.07 51.11 -15.15
C GLY A 70 -0.74 50.98 -13.67
N ALA A 71 -1.25 51.93 -12.86
CA ALA A 71 -1.13 51.91 -11.37
C ALA A 71 -1.74 50.61 -10.78
N SER A 72 -2.81 50.14 -11.42
CA SER A 72 -3.50 48.89 -11.06
C SER A 72 -2.62 47.66 -11.36
N VAL A 73 -1.96 47.70 -12.53
CA VAL A 73 -1.21 46.56 -13.09
C VAL A 73 0.19 46.42 -12.44
N ARG A 74 0.66 47.51 -11.75
CA ARG A 74 1.97 47.57 -11.06
C ARG A 74 2.25 46.31 -10.21
N GLN A 75 1.23 45.91 -9.42
CA GLN A 75 1.27 44.76 -8.51
C GLN A 75 1.64 43.45 -9.24
N ASP A 76 0.86 43.15 -10.29
CA ASP A 76 0.97 41.89 -11.07
C ASP A 76 2.31 41.83 -11.83
N VAL A 77 2.80 43.00 -12.27
CA VAL A 77 4.08 43.12 -12.96
C VAL A 77 5.25 42.87 -11.98
N LEU A 78 5.12 43.36 -10.73
CA LEU A 78 6.14 43.14 -9.67
C LEU A 78 6.35 41.64 -9.44
N GLY A 79 5.22 40.92 -9.20
CA GLY A 79 5.26 39.47 -8.95
C GLY A 79 5.83 38.66 -10.11
N ASP A 80 5.51 39.13 -11.34
CA ASP A 80 6.06 38.59 -12.59
C ASP A 80 7.59 38.76 -12.64
N LEU A 81 8.03 40.00 -12.35
CA LEU A 81 9.45 40.39 -12.36
C LEU A 81 10.24 39.60 -11.30
N MET A 82 9.64 39.37 -10.12
CA MET A 82 10.29 38.63 -9.01
C MET A 82 10.65 37.20 -9.44
N SER A 83 9.74 36.60 -10.22
CA SER A 83 9.90 35.24 -10.75
C SER A 83 10.99 35.19 -11.85
N ARG A 84 11.00 36.22 -12.72
CA ARG A 84 11.92 36.30 -13.88
C ARG A 84 13.32 36.80 -13.46
N ASN A 85 13.40 37.50 -12.31
CA ASN A 85 14.69 37.96 -11.72
C ASN A 85 15.27 36.85 -10.84
N PHE A 86 14.40 35.95 -10.32
CA PHE A 86 14.84 34.76 -9.56
C PHE A 86 15.64 33.81 -10.46
N ILE A 87 15.01 33.37 -11.56
CA ILE A 87 15.62 32.43 -12.52
C ILE A 87 16.85 33.07 -13.19
N ASP A 88 16.79 34.40 -13.40
CA ASP A 88 17.92 35.18 -13.94
C ASP A 88 19.12 35.15 -12.96
N ALA A 89 18.82 35.35 -11.66
CA ALA A 89 19.83 35.42 -10.60
C ALA A 89 20.56 34.08 -10.42
N ILE A 90 19.80 33.00 -10.15
CA ILE A 90 20.34 31.66 -9.77
C ILE A 90 21.33 31.09 -10.83
N ILE A 91 21.12 31.45 -12.11
CA ILE A 91 21.98 31.01 -13.22
C ILE A 91 23.36 31.70 -13.17
N LYS A 92 23.35 33.05 -13.15
CA LYS A 92 24.60 33.86 -13.21
C LYS A 92 25.38 33.77 -11.88
N GLU A 93 24.65 33.61 -10.75
CA GLU A 93 25.24 33.45 -9.41
C GLU A 93 25.67 32.00 -9.16
N LYS A 94 25.28 31.09 -10.09
CA LYS A 94 25.67 29.66 -10.09
C LYS A 94 25.08 28.91 -8.88
N ILE A 95 23.96 29.42 -8.35
CA ILE A 95 23.26 28.82 -7.18
C ILE A 95 22.46 27.59 -7.63
N ASN A 96 22.40 26.56 -6.78
CA ASN A 96 21.54 25.38 -6.98
C ASN A 96 20.30 25.51 -6.06
N PRO A 97 19.19 26.14 -6.55
CA PRO A 97 18.02 26.49 -5.69
C PRO A 97 17.14 25.28 -5.32
N ALA A 98 16.25 25.51 -4.36
CA ALA A 98 15.28 24.53 -3.86
C ALA A 98 14.20 25.24 -3.05
N GLY A 99 13.13 24.51 -2.71
CA GLY A 99 12.06 25.04 -1.88
C GLY A 99 11.15 26.01 -2.62
N ALA A 100 10.15 26.52 -1.90
CA ALA A 100 9.31 27.61 -2.37
C ALA A 100 10.03 28.93 -2.08
N PRO A 101 10.45 29.73 -3.14
CA PRO A 101 11.19 30.98 -2.94
C PRO A 101 10.34 32.02 -2.21
N THR A 102 10.57 32.14 -0.89
CA THR A 102 9.84 33.05 -0.01
C THR A 102 10.14 34.51 -0.42
N TYR A 103 9.37 35.02 -1.40
CA TYR A 103 9.46 36.41 -1.86
C TYR A 103 8.87 37.32 -0.78
N VAL A 104 9.73 37.78 0.13
CA VAL A 104 9.36 38.78 1.14
C VAL A 104 9.38 40.16 0.45
N PRO A 105 8.19 40.71 0.02
CA PRO A 105 8.11 41.89 -0.84
C PRO A 105 8.24 43.19 -0.02
N GLY A 106 9.33 43.95 -0.25
CA GLY A 106 9.51 45.27 0.36
C GLY A 106 8.53 46.29 -0.21
N GLU A 107 8.44 47.46 0.42
CA GLU A 107 7.46 48.50 0.07
C GLU A 107 7.75 49.09 -1.34
N TYR A 108 6.79 48.90 -2.27
CA TYR A 108 6.88 49.46 -3.62
C TYR A 108 6.57 50.96 -3.59
N LYS A 109 7.62 51.76 -3.57
CA LYS A 109 7.53 53.22 -3.73
C LYS A 109 7.41 53.52 -5.23
N LEU A 110 6.27 54.10 -5.64
CA LEU A 110 5.99 54.45 -7.04
C LEU A 110 6.96 55.53 -7.53
N GLY A 111 8.00 55.08 -8.28
CA GLY A 111 9.04 55.96 -8.80
C GLY A 111 10.43 55.57 -8.32
N GLU A 112 10.49 54.78 -7.23
CA GLU A 112 11.74 54.26 -6.66
C GLU A 112 11.86 52.74 -6.89
N ASP A 113 12.99 52.16 -6.43
CA ASP A 113 13.36 50.75 -6.69
C ASP A 113 12.58 49.79 -5.76
N PHE A 114 12.15 48.64 -6.31
CA PHE A 114 11.44 47.60 -5.57
C PHE A 114 12.45 46.57 -5.01
N THR A 115 12.83 46.77 -3.75
CA THR A 115 13.68 45.83 -3.01
C THR A 115 12.81 44.75 -2.35
N TYR A 116 13.26 43.48 -2.40
CA TYR A 116 12.56 42.34 -1.83
C TYR A 116 13.54 41.19 -1.57
N SER A 117 13.32 40.45 -0.48
CA SER A 117 14.21 39.38 -0.03
C SER A 117 13.67 38.01 -0.47
N VAL A 118 14.36 37.37 -1.43
CA VAL A 118 14.01 36.00 -1.90
C VAL A 118 14.72 34.97 -1.03
N GLU A 119 14.02 34.47 0.00
CA GLU A 119 14.53 33.41 0.88
C GLU A 119 14.14 32.04 0.31
N PHE A 120 15.06 31.41 -0.42
CA PHE A 120 14.85 30.09 -1.02
C PHE A 120 15.94 29.14 -0.53
N GLU A 121 15.59 27.86 -0.42
CA GLU A 121 16.52 26.82 0.02
C GLU A 121 17.47 26.44 -1.13
N VAL A 122 18.46 25.59 -0.83
CA VAL A 122 19.37 25.03 -1.85
C VAL A 122 19.37 23.50 -1.75
N TYR A 123 19.70 22.83 -2.87
CA TYR A 123 19.91 21.38 -2.90
C TYR A 123 21.36 21.07 -2.51
N PRO A 124 21.60 20.44 -1.31
CA PRO A 124 22.92 19.92 -0.96
C PRO A 124 23.18 18.63 -1.77
N GLU A 125 24.18 18.67 -2.66
CA GLU A 125 24.56 17.52 -3.49
C GLU A 125 25.04 16.37 -2.59
N VAL A 126 24.67 15.15 -2.99
CA VAL A 126 24.74 13.97 -2.12
C VAL A 126 26.18 13.48 -2.01
N GLU A 127 26.77 13.68 -0.82
CA GLU A 127 28.07 13.13 -0.44
C GLU A 127 27.94 11.61 -0.27
N LEU A 128 27.98 10.88 -1.40
CA LEU A 128 27.97 9.41 -1.40
C LEU A 128 29.28 8.91 -0.79
N GLN A 129 29.16 8.31 0.39
CA GLN A 129 30.28 7.70 1.12
C GLN A 129 30.48 6.24 0.64
N GLY A 130 31.25 5.45 1.42
CA GLY A 130 31.52 4.05 1.07
C GLY A 130 30.24 3.20 1.01
N LEU A 131 29.93 2.70 -0.20
CA LEU A 131 28.76 1.82 -0.45
C LEU A 131 29.10 0.36 -0.10
N GLU A 132 30.35 0.14 0.34
CA GLU A 132 30.83 -1.12 0.93
C GLU A 132 30.16 -1.36 2.29
N ALA A 133 29.76 -0.25 2.95
CA ALA A 133 29.08 -0.26 4.27
C ALA A 133 27.70 -0.96 4.19
N ILE A 134 27.13 -0.97 2.97
CA ILE A 134 25.85 -1.64 2.68
C ILE A 134 26.04 -3.17 2.70
N GLU A 135 25.08 -3.88 3.33
CA GLU A 135 25.10 -5.36 3.40
C GLU A 135 23.72 -5.88 2.97
N VAL A 136 23.70 -6.67 1.90
CA VAL A 136 22.47 -7.20 1.26
C VAL A 136 22.56 -8.73 1.21
N GLU A 137 21.40 -9.40 1.23
CA GLU A 137 21.29 -10.85 1.11
C GLU A 137 20.49 -11.20 -0.16
N LYS A 138 21.01 -12.15 -0.94
CA LYS A 138 20.41 -12.64 -2.18
C LYS A 138 20.08 -14.14 -2.01
N PRO A 139 18.87 -14.47 -1.47
CA PRO A 139 18.48 -15.87 -1.23
C PRO A 139 17.81 -16.51 -2.47
N ILE A 140 18.56 -17.40 -3.13
CA ILE A 140 18.09 -18.22 -4.24
C ILE A 140 17.03 -19.22 -3.74
N VAL A 141 15.76 -18.82 -3.84
CA VAL A 141 14.61 -19.61 -3.37
C VAL A 141 14.29 -20.73 -4.37
N GLU A 142 14.60 -21.97 -3.99
CA GLU A 142 14.29 -23.16 -4.79
C GLU A 142 12.91 -23.70 -4.41
N VAL A 143 12.17 -24.22 -5.42
CA VAL A 143 10.84 -24.81 -5.26
C VAL A 143 10.88 -26.24 -5.84
N THR A 144 10.23 -27.21 -5.16
CA THR A 144 10.06 -28.58 -5.67
C THR A 144 8.56 -28.97 -5.63
N ASP A 145 8.26 -30.22 -6.02
CA ASP A 145 6.91 -30.79 -5.93
C ASP A 145 6.43 -30.88 -4.47
N ALA A 146 7.36 -31.16 -3.55
CA ALA A 146 7.08 -31.23 -2.11
C ALA A 146 6.73 -29.84 -1.54
N ASP A 147 7.36 -28.80 -2.12
CA ASP A 147 7.15 -27.41 -1.71
C ASP A 147 5.80 -26.88 -2.21
N VAL A 148 5.50 -27.11 -3.50
CA VAL A 148 4.23 -26.67 -4.10
C VAL A 148 3.05 -27.44 -3.45
N ASP A 149 3.22 -28.76 -3.24
CA ASP A 149 2.19 -29.63 -2.62
C ASP A 149 2.01 -29.29 -1.13
N GLY A 150 3.14 -28.98 -0.46
CA GLY A 150 3.13 -28.58 0.95
C GLY A 150 2.44 -27.23 1.17
N MET A 151 2.66 -26.29 0.23
CA MET A 151 1.99 -24.99 0.25
C MET A 151 0.50 -25.14 -0.05
N LEU A 152 0.16 -25.96 -1.07
CA LEU A 152 -1.23 -26.28 -1.45
C LEU A 152 -1.97 -26.94 -0.27
N ASP A 153 -1.24 -27.76 0.48
CA ASP A 153 -1.70 -28.41 1.71
C ASP A 153 -2.05 -27.35 2.77
N THR A 154 -1.16 -26.34 2.94
CA THR A 154 -1.38 -25.19 3.85
C THR A 154 -2.66 -24.41 3.45
N LEU A 155 -2.84 -24.19 2.13
CA LEU A 155 -4.01 -23.48 1.54
C LEU A 155 -5.31 -24.27 1.78
N ARG A 156 -5.18 -25.60 1.67
CA ARG A 156 -6.26 -26.58 1.94
C ARG A 156 -6.59 -26.61 3.44
N LYS A 157 -5.59 -26.28 4.28
CA LYS A 157 -5.78 -26.14 5.74
C LYS A 157 -6.40 -24.77 6.10
N GLN A 158 -6.15 -23.76 5.26
CA GLN A 158 -6.81 -22.44 5.37
C GLN A 158 -8.30 -22.57 5.01
N GLN A 159 -8.57 -23.37 3.95
CA GLN A 159 -9.93 -23.60 3.42
C GLN A 159 -10.43 -25.02 3.83
N ALA A 160 -9.97 -25.50 4.99
CA ALA A 160 -10.36 -26.82 5.53
C ALA A 160 -11.73 -26.75 6.21
N THR A 161 -12.58 -27.74 5.91
CA THR A 161 -13.90 -27.88 6.55
C THR A 161 -13.72 -28.67 7.86
N TRP A 162 -13.83 -27.98 8.99
CA TRP A 162 -13.69 -28.58 10.31
C TRP A 162 -14.97 -29.32 10.69
N LYS A 163 -14.78 -30.47 11.34
CA LYS A 163 -15.87 -31.37 11.73
C LYS A 163 -15.42 -32.15 12.96
N GLU A 164 -16.40 -32.55 13.80
CA GLU A 164 -16.14 -33.37 14.99
C GLU A 164 -15.53 -34.74 14.65
N LYS A 165 -14.75 -35.19 15.60
CA LYS A 165 -14.23 -36.57 15.69
C LYS A 165 -14.31 -37.00 17.16
N ASP A 166 -13.84 -38.21 17.46
CA ASP A 166 -13.83 -38.71 18.84
C ASP A 166 -12.61 -39.62 19.06
N GLY A 167 -11.92 -39.37 20.17
CA GLY A 167 -10.74 -40.13 20.58
C GLY A 167 -9.54 -39.22 20.75
N ALA A 168 -8.42 -39.59 20.11
CA ALA A 168 -7.12 -38.94 20.30
C ALA A 168 -7.08 -37.53 19.67
N VAL A 169 -6.93 -36.52 20.54
CA VAL A 169 -6.66 -35.13 20.14
C VAL A 169 -5.23 -35.01 19.57
N GLU A 170 -5.08 -34.13 18.58
CA GLU A 170 -3.79 -33.81 17.95
C GLU A 170 -3.52 -32.30 18.14
N ALA A 171 -2.26 -31.91 17.95
CA ALA A 171 -1.73 -30.60 18.38
C ALA A 171 -2.06 -29.42 17.44
N GLU A 172 -2.89 -29.66 16.43
CA GLU A 172 -3.32 -28.63 15.45
C GLU A 172 -4.85 -28.61 15.31
N ASP A 173 -5.55 -29.29 16.22
CA ASP A 173 -7.03 -29.33 16.22
C ASP A 173 -7.63 -28.09 16.90
N ARG A 174 -8.96 -28.10 17.00
CA ARG A 174 -9.70 -27.26 17.95
C ARG A 174 -10.75 -28.18 18.58
N VAL A 175 -11.13 -27.89 19.81
CA VAL A 175 -11.93 -28.82 20.63
C VAL A 175 -13.07 -28.09 21.34
N THR A 176 -13.81 -28.85 22.13
CA THR A 176 -14.77 -28.33 23.09
C THR A 176 -14.37 -28.83 24.50
N ILE A 177 -13.87 -27.91 25.35
CA ILE A 177 -13.61 -28.20 26.78
C ILE A 177 -14.63 -27.50 27.71
N ASP A 178 -14.37 -27.62 29.01
CA ASP A 178 -15.15 -26.98 30.07
C ASP A 178 -14.22 -26.88 31.30
N PHE A 179 -13.48 -25.78 31.41
CA PHE A 179 -12.38 -25.69 32.39
C PHE A 179 -12.78 -24.90 33.65
N THR A 180 -12.11 -25.23 34.77
CA THR A 180 -12.20 -24.49 36.04
C THR A 180 -10.97 -23.56 36.17
N GLY A 181 -11.19 -22.25 35.98
CA GLY A 181 -10.15 -21.24 36.14
C GLY A 181 -9.77 -21.04 37.60
N SER A 182 -8.53 -21.43 37.96
CA SER A 182 -8.05 -21.41 39.36
C SER A 182 -6.63 -20.84 39.44
N VAL A 183 -6.36 -20.10 40.53
CA VAL A 183 -5.02 -19.56 40.87
C VAL A 183 -4.66 -20.03 42.28
N ASP A 184 -3.49 -20.69 42.42
CA ASP A 184 -3.04 -21.33 43.68
C ASP A 184 -3.97 -22.50 44.08
N GLY A 185 -4.70 -23.06 43.08
CA GLY A 185 -5.72 -24.07 43.33
C GLY A 185 -7.05 -23.48 43.84
N GLU A 186 -7.14 -22.14 43.85
CA GLU A 186 -8.34 -21.41 44.29
C GLU A 186 -9.10 -20.93 43.06
N GLU A 187 -10.22 -21.59 42.74
CA GLU A 187 -11.12 -21.18 41.67
C GLU A 187 -11.72 -19.80 41.98
N PHE A 188 -11.37 -18.80 41.15
CA PHE A 188 -11.89 -17.44 41.27
C PHE A 188 -13.20 -17.31 40.46
N GLU A 189 -14.08 -16.40 40.90
CA GLU A 189 -15.41 -16.20 40.29
C GLU A 189 -15.30 -15.51 38.93
N GLY A 190 -16.16 -15.92 37.98
CA GLY A 190 -15.99 -15.57 36.57
C GLY A 190 -15.02 -16.52 35.87
N GLY A 191 -14.17 -17.20 36.67
CA GLY A 191 -13.01 -17.93 36.19
C GLY A 191 -13.34 -19.36 35.88
N LYS A 192 -14.08 -19.54 34.80
CA LYS A 192 -14.40 -20.83 34.18
C LYS A 192 -14.74 -20.56 32.71
N ALA A 193 -15.06 -21.62 31.96
CA ALA A 193 -15.77 -21.53 30.67
C ALA A 193 -16.27 -22.91 30.27
N SER A 194 -17.60 -23.01 30.10
CA SER A 194 -18.32 -24.26 29.85
C SER A 194 -18.68 -24.36 28.37
N ASP A 195 -18.38 -25.54 27.77
CA ASP A 195 -18.62 -25.79 26.32
C ASP A 195 -17.71 -24.85 25.47
N PHE A 196 -16.59 -24.43 26.09
CA PHE A 196 -15.65 -23.49 25.50
C PHE A 196 -14.86 -24.15 24.37
N VAL A 197 -15.07 -23.65 23.15
CA VAL A 197 -14.31 -24.09 21.98
C VAL A 197 -12.94 -23.37 21.96
N LEU A 198 -11.89 -24.16 22.18
CA LEU A 198 -10.50 -23.68 22.17
C LEU A 198 -9.77 -24.18 20.93
N ALA A 199 -9.04 -23.27 20.26
CA ALA A 199 -8.24 -23.57 19.07
C ALA A 199 -6.75 -23.39 19.39
N MET A 200 -5.92 -24.20 18.73
CA MET A 200 -4.46 -24.28 18.98
C MET A 200 -3.69 -23.39 17.99
N GLY A 201 -2.43 -23.11 18.32
CA GLY A 201 -1.53 -22.33 17.45
C GLY A 201 -1.68 -20.83 17.66
N GLN A 202 -2.94 -20.36 17.67
CA GLN A 202 -3.26 -18.94 17.89
C GLN A 202 -2.82 -18.48 19.31
N GLY A 203 -1.94 -17.47 19.34
CA GLY A 203 -1.38 -16.95 20.59
C GLY A 203 -2.23 -15.87 21.25
N ARG A 204 -3.57 -15.98 21.10
CA ARG A 204 -4.53 -15.04 21.71
C ARG A 204 -4.78 -15.41 23.17
N MET A 205 -4.73 -16.73 23.45
CA MET A 205 -5.02 -17.32 24.77
C MET A 205 -3.78 -17.22 25.69
N ILE A 206 -3.84 -17.89 26.84
CA ILE A 206 -2.69 -18.07 27.73
C ILE A 206 -1.67 -19.02 27.04
N PRO A 207 -0.34 -18.66 27.01
CA PRO A 207 0.72 -19.56 26.49
C PRO A 207 0.82 -20.86 27.32
N GLY A 208 0.57 -21.99 26.65
CA GLY A 208 0.62 -23.31 27.27
C GLY A 208 -0.75 -23.83 27.67
N PHE A 209 -1.78 -22.96 27.68
CA PHE A 209 -3.16 -23.34 28.10
C PHE A 209 -3.76 -24.42 27.18
N GLU A 210 -3.41 -24.34 25.89
CA GLU A 210 -3.84 -25.31 24.86
C GLU A 210 -3.18 -26.70 25.07
N ASP A 211 -2.00 -26.72 25.75
CA ASP A 211 -1.12 -27.91 25.89
C ASP A 211 -1.88 -29.15 26.38
N GLY A 212 -2.63 -28.96 27.48
CA GLY A 212 -3.36 -30.07 28.12
C GLY A 212 -4.33 -30.77 27.19
N ILE A 213 -5.02 -29.98 26.37
CA ILE A 213 -5.97 -30.48 25.37
C ILE A 213 -5.25 -31.44 24.36
N LYS A 214 -4.08 -30.99 23.89
CA LYS A 214 -3.37 -31.53 22.70
C LYS A 214 -2.80 -32.95 22.86
N GLY A 215 -2.96 -33.56 24.05
CA GLY A 215 -2.33 -34.86 24.35
C GLY A 215 -3.21 -35.73 25.22
N HIS A 216 -4.54 -35.64 24.98
CA HIS A 216 -5.56 -36.41 25.73
C HIS A 216 -6.63 -36.93 24.77
N LYS A 217 -7.74 -37.43 25.34
CA LYS A 217 -8.87 -38.02 24.59
C LYS A 217 -10.08 -37.08 24.66
N ALA A 218 -11.10 -37.36 23.83
CA ALA A 218 -12.37 -36.61 23.80
C ALA A 218 -13.32 -37.04 24.94
N GLY A 219 -12.83 -37.87 25.87
CA GLY A 219 -13.59 -38.25 27.07
C GLY A 219 -12.74 -38.12 28.30
N GLU A 220 -12.09 -36.95 28.43
CA GLU A 220 -11.13 -36.67 29.51
C GLU A 220 -11.54 -35.49 30.38
N GLU A 221 -11.04 -35.54 31.62
CA GLU A 221 -11.13 -34.47 32.62
C GLU A 221 -9.82 -34.48 33.41
N PHE A 222 -9.15 -33.33 33.46
CA PHE A 222 -7.80 -33.22 34.02
C PHE A 222 -7.48 -31.76 34.32
N THR A 223 -6.55 -31.56 35.25
CA THR A 223 -6.12 -30.24 35.70
C THR A 223 -4.65 -30.03 35.32
N ILE A 224 -4.40 -29.02 34.48
CA ILE A 224 -3.05 -28.75 33.97
C ILE A 224 -2.42 -27.56 34.70
N ASP A 225 -1.09 -27.62 34.78
CA ASP A 225 -0.27 -26.60 35.38
C ASP A 225 0.29 -25.72 34.28
N VAL A 226 -0.38 -24.58 34.02
CA VAL A 226 0.06 -23.63 32.99
C VAL A 226 0.19 -22.22 33.57
N THR A 227 1.26 -21.57 33.16
CA THR A 227 1.63 -20.23 33.58
C THR A 227 0.87 -19.18 32.74
N PHE A 228 0.29 -18.19 33.43
CA PHE A 228 -0.34 -17.00 32.82
C PHE A 228 0.62 -16.26 31.84
N PRO A 229 0.10 -15.36 30.94
CA PRO A 229 0.95 -14.50 30.14
C PRO A 229 1.43 -13.31 30.98
N GLU A 230 2.59 -12.76 30.64
CA GLU A 230 3.05 -11.47 31.22
C GLU A 230 2.27 -10.29 30.62
N GLU A 231 1.41 -10.61 29.64
CA GLU A 231 0.46 -9.66 29.04
C GLU A 231 -0.90 -9.68 29.78
N TYR A 232 -1.06 -10.61 30.77
CA TYR A 232 -2.25 -10.66 31.64
C TYR A 232 -2.37 -9.34 32.45
N HIS A 233 -3.62 -8.86 32.64
CA HIS A 233 -3.90 -7.52 33.22
C HIS A 233 -3.87 -7.50 34.76
N ALA A 234 -3.03 -8.35 35.34
CA ALA A 234 -2.79 -8.40 36.78
C ALA A 234 -1.32 -8.72 37.01
N GLU A 235 -0.58 -7.78 37.63
CA GLU A 235 0.87 -7.89 37.87
C GLU A 235 1.24 -9.10 38.74
N ASN A 236 0.44 -9.30 39.81
CA ASN A 236 0.64 -10.41 40.76
C ASN A 236 0.23 -11.76 40.17
N LEU A 237 -0.45 -11.73 38.99
CA LEU A 237 -0.92 -12.94 38.29
C LEU A 237 -0.26 -13.09 36.91
N LYS A 238 0.46 -12.07 36.40
CA LYS A 238 1.06 -12.16 35.06
C LYS A 238 2.31 -13.03 35.15
N GLY A 239 2.33 -14.11 34.36
CA GLY A 239 3.42 -15.09 34.42
C GLY A 239 3.42 -15.88 35.73
N LYS A 240 2.23 -16.10 36.30
CA LYS A 240 2.03 -16.87 37.55
C LYS A 240 1.46 -18.25 37.17
N ALA A 241 2.01 -19.32 37.76
CA ALA A 241 1.57 -20.70 37.49
C ALA A 241 0.17 -20.96 38.09
N ALA A 242 -0.79 -21.23 37.21
CA ALA A 242 -2.21 -21.42 37.57
C ALA A 242 -2.69 -22.86 37.30
N LYS A 243 -3.87 -23.19 37.84
CA LYS A 243 -4.52 -24.50 37.68
C LYS A 243 -5.77 -24.33 36.79
N PHE A 244 -5.99 -25.26 35.85
CA PHE A 244 -7.20 -25.26 34.98
C PHE A 244 -7.69 -26.69 34.81
N ALA A 245 -8.84 -27.02 35.43
CA ALA A 245 -9.45 -28.35 35.31
C ALA A 245 -10.21 -28.47 33.98
N ILE A 246 -9.42 -28.76 32.95
CA ILE A 246 -9.86 -28.88 31.56
C ILE A 246 -10.75 -30.14 31.38
N ASN A 247 -12.07 -29.93 31.24
CA ASN A 247 -13.02 -31.02 30.93
C ASN A 247 -13.18 -31.14 29.41
N LEU A 248 -12.18 -31.79 28.81
CA LEU A 248 -12.08 -32.04 27.37
C LEU A 248 -13.16 -33.08 26.94
N LYS A 249 -14.33 -32.56 26.49
CA LYS A 249 -15.54 -33.37 26.21
C LYS A 249 -15.64 -33.78 24.74
N LYS A 250 -15.06 -32.97 23.84
CA LYS A 250 -15.04 -33.24 22.39
C LYS A 250 -13.74 -32.75 21.76
N VAL A 251 -13.41 -33.32 20.60
CA VAL A 251 -12.31 -32.88 19.74
C VAL A 251 -12.82 -32.79 18.29
N GLU A 252 -12.38 -31.75 17.56
CA GLU A 252 -12.79 -31.50 16.16
C GLU A 252 -11.53 -31.36 15.27
N GLU A 253 -11.52 -32.09 14.13
CA GLU A 253 -10.38 -32.11 13.20
C GLU A 253 -10.76 -31.42 11.89
N ARG A 254 -9.76 -30.84 11.21
CA ARG A 254 -9.93 -30.24 9.89
C ARG A 254 -9.97 -31.36 8.84
N GLU A 255 -10.83 -31.18 7.84
CA GLU A 255 -10.87 -32.07 6.67
C GLU A 255 -10.18 -31.35 5.52
N LEU A 256 -8.99 -31.87 5.13
CA LEU A 256 -8.30 -31.48 3.90
C LEU A 256 -9.28 -31.70 2.73
N PRO A 257 -9.84 -30.58 2.16
CA PRO A 257 -11.01 -30.63 1.25
C PRO A 257 -10.76 -31.47 -0.01
N GLU A 258 -11.81 -31.71 -0.75
CA GLU A 258 -11.77 -32.60 -1.92
C GLU A 258 -10.92 -31.97 -3.02
N LEU A 259 -9.97 -32.76 -3.54
CA LEU A 259 -9.08 -32.34 -4.63
C LEU A 259 -9.77 -32.57 -6.01
N THR A 260 -11.12 -32.57 -5.99
CA THR A 260 -11.97 -32.58 -7.19
C THR A 260 -11.59 -31.40 -8.12
N ALA A 261 -11.46 -31.71 -9.43
CA ALA A 261 -11.00 -30.76 -10.46
C ALA A 261 -11.82 -29.44 -10.47
N GLU A 262 -13.12 -29.56 -10.20
CA GLU A 262 -14.04 -28.40 -10.11
C GLU A 262 -13.76 -27.53 -8.86
N PHE A 263 -13.31 -28.17 -7.76
CA PHE A 263 -12.96 -27.44 -6.52
C PHE A 263 -11.60 -26.74 -6.72
N ILE A 264 -10.67 -27.45 -7.37
CA ILE A 264 -9.35 -26.93 -7.76
C ILE A 264 -9.52 -25.61 -8.54
N LYS A 265 -10.33 -25.66 -9.61
CA LYS A 265 -10.57 -24.49 -10.47
C LYS A 265 -11.52 -23.47 -9.82
N ARG A 266 -12.12 -23.79 -8.64
CA ARG A 266 -13.07 -22.89 -7.93
C ARG A 266 -12.32 -21.62 -7.48
N PHE A 267 -11.04 -21.83 -7.12
CA PHE A 267 -10.11 -20.76 -6.76
C PHE A 267 -9.76 -19.88 -7.99
N GLY A 268 -9.88 -20.48 -9.19
CA GLY A 268 -9.52 -19.83 -10.45
C GLY A 268 -8.33 -20.51 -11.13
N VAL A 269 -7.99 -21.73 -10.68
CA VAL A 269 -6.93 -22.53 -11.31
C VAL A 269 -7.41 -22.96 -12.69
N GLU A 270 -6.97 -22.21 -13.72
CA GLU A 270 -7.46 -22.36 -15.10
C GLU A 270 -7.14 -23.75 -15.65
N ASP A 271 -5.93 -24.25 -15.34
CA ASP A 271 -5.55 -25.66 -15.58
C ASP A 271 -5.98 -26.47 -14.34
N GLY A 272 -7.31 -26.60 -14.16
CA GLY A 272 -7.91 -27.17 -12.95
C GLY A 272 -7.84 -28.69 -12.84
N SER A 273 -6.66 -29.28 -13.05
CA SER A 273 -6.39 -30.72 -12.79
C SER A 273 -5.51 -30.83 -11.52
N VAL A 274 -5.03 -32.05 -11.18
CA VAL A 274 -4.24 -32.28 -9.95
C VAL A 274 -2.78 -31.82 -10.16
N GLU A 275 -2.05 -32.52 -11.06
CA GLU A 275 -0.71 -32.09 -11.55
C GLU A 275 -0.81 -30.71 -12.22
N GLY A 276 -2.02 -30.42 -12.74
CA GLY A 276 -2.36 -29.10 -13.26
C GLY A 276 -2.41 -28.02 -12.19
N LEU A 277 -2.88 -28.39 -10.98
CA LEU A 277 -2.93 -27.48 -9.81
C LEU A 277 -1.50 -27.17 -9.38
N ARG A 278 -0.73 -28.25 -9.22
CA ARG A 278 0.68 -28.20 -8.83
C ARG A 278 1.50 -27.33 -9.81
N ALA A 279 1.31 -27.57 -11.12
CA ALA A 279 2.07 -26.88 -12.19
C ALA A 279 1.68 -25.40 -12.32
N GLU A 280 0.35 -25.13 -12.34
CA GLU A 280 -0.20 -23.77 -12.53
C GLU A 280 0.19 -22.86 -11.34
N VAL A 281 -0.04 -23.36 -10.12
CA VAL A 281 0.31 -22.64 -8.90
C VAL A 281 1.85 -22.47 -8.80
N ARG A 282 2.62 -23.47 -9.26
CA ARG A 282 4.11 -23.40 -9.35
C ARG A 282 4.60 -22.20 -10.21
N LYS A 283 4.13 -22.13 -11.48
CA LYS A 283 4.54 -21.06 -12.43
C LYS A 283 4.01 -19.67 -11.99
N ASN A 284 2.91 -19.65 -11.21
CA ASN A 284 2.40 -18.41 -10.56
C ASN A 284 3.27 -18.02 -9.34
N MET A 285 3.73 -19.06 -8.59
CA MET A 285 4.63 -18.89 -7.42
C MET A 285 5.90 -18.16 -7.84
N GLU A 286 6.51 -18.66 -8.93
CA GLU A 286 7.78 -18.13 -9.47
C GLU A 286 7.63 -16.71 -10.02
N ARG A 287 6.43 -16.40 -10.54
CA ARG A 287 6.14 -15.09 -11.15
C ARG A 287 5.97 -14.00 -10.07
N GLU A 288 5.30 -14.37 -8.96
CA GLU A 288 5.20 -13.50 -7.77
C GLU A 288 6.56 -13.43 -7.05
N LEU A 289 7.26 -14.58 -7.00
CA LEU A 289 8.60 -14.73 -6.37
C LEU A 289 9.66 -13.95 -7.15
N LYS A 290 9.41 -13.75 -8.46
CA LYS A 290 10.27 -12.92 -9.33
C LYS A 290 10.31 -11.47 -8.79
N SER A 291 9.11 -10.91 -8.62
CA SER A 291 8.93 -9.54 -8.12
C SER A 291 9.32 -9.45 -6.63
N ALA A 292 9.06 -10.54 -5.88
CA ALA A 292 9.34 -10.61 -4.44
C ALA A 292 10.86 -10.64 -4.17
N ILE A 293 11.60 -11.42 -5.00
CA ILE A 293 13.07 -11.58 -4.86
C ILE A 293 13.76 -10.28 -5.29
N ARG A 294 13.16 -9.63 -6.31
CA ARG A 294 13.60 -8.32 -6.75
C ARG A 294 13.44 -7.28 -5.60
N ASN A 295 12.26 -7.31 -4.95
CA ASN A 295 11.94 -6.41 -3.82
C ASN A 295 12.79 -6.73 -2.58
N ARG A 296 13.18 -8.02 -2.44
CA ARG A 296 14.00 -8.50 -1.32
C ARG A 296 15.40 -7.85 -1.38
N VAL A 297 16.09 -8.11 -2.50
CA VAL A 297 17.45 -7.62 -2.74
C VAL A 297 17.46 -6.07 -2.77
N LYS A 298 16.42 -5.47 -3.41
CA LYS A 298 16.30 -4.01 -3.53
C LYS A 298 16.05 -3.36 -2.16
N SER A 299 15.16 -3.95 -1.34
CA SER A 299 14.78 -3.37 -0.02
C SER A 299 15.97 -3.37 0.95
N GLN A 300 16.74 -4.48 0.93
CA GLN A 300 17.95 -4.62 1.77
C GLN A 300 19.10 -3.72 1.25
N ALA A 301 19.13 -3.50 -0.08
CA ALA A 301 20.06 -2.54 -0.72
C ALA A 301 19.81 -1.11 -0.23
N ILE A 302 18.52 -0.72 -0.25
CA ILE A 302 18.06 0.63 0.14
C ILE A 302 18.23 0.84 1.66
N GLU A 303 17.92 -0.22 2.43
CA GLU A 303 18.08 -0.24 3.88
C GLU A 303 19.54 0.07 4.24
N GLY A 304 20.45 -0.70 3.62
CA GLY A 304 21.87 -0.54 3.80
C GLY A 304 22.44 0.76 3.22
N LEU A 305 21.81 1.25 2.11
CA LEU A 305 22.24 2.47 1.39
C LEU A 305 22.13 3.68 2.31
N VAL A 306 20.95 3.85 2.91
CA VAL A 306 20.69 4.94 3.84
C VAL A 306 21.40 4.69 5.18
N LYS A 307 21.53 3.40 5.57
CA LYS A 307 22.32 3.01 6.76
C LYS A 307 23.81 3.39 6.58
N ALA A 308 24.25 3.48 5.31
CA ALA A 308 25.60 3.94 4.93
C ALA A 308 25.68 5.48 4.76
N ASN A 309 24.54 6.16 4.51
CA ASN A 309 24.55 7.58 4.02
C ASN A 309 23.48 8.43 4.71
N ASP A 310 23.84 9.68 5.06
CA ASP A 310 22.93 10.65 5.72
C ASP A 310 22.97 11.99 4.96
N ILE A 311 21.80 12.61 4.79
CA ILE A 311 21.66 13.94 4.18
C ILE A 311 20.37 14.61 4.68
N ASP A 312 20.48 15.87 5.13
CA ASP A 312 19.34 16.69 5.54
C ASP A 312 18.80 17.41 4.31
N VAL A 313 17.60 16.99 3.89
CA VAL A 313 16.95 17.47 2.68
C VAL A 313 16.26 18.83 2.95
N PRO A 314 16.22 19.79 1.95
CA PRO A 314 15.33 20.98 2.00
C PRO A 314 13.85 20.58 2.28
N ALA A 315 13.14 21.47 3.00
CA ALA A 315 11.77 21.25 3.48
C ALA A 315 10.79 20.86 2.37
N ALA A 316 11.01 21.40 1.15
CA ALA A 316 10.14 21.17 -0.02
C ALA A 316 9.83 19.69 -0.26
N LEU A 317 10.89 18.90 -0.52
CA LEU A 317 10.77 17.49 -0.92
C LEU A 317 10.21 16.62 0.24
N ILE A 318 10.70 16.89 1.47
CA ILE A 318 10.24 16.17 2.67
C ILE A 318 8.74 16.40 2.89
N ASP A 319 8.31 17.68 2.82
CA ASP A 319 6.90 18.09 3.06
C ASP A 319 5.98 17.66 1.91
N SER A 320 6.55 17.50 0.70
CA SER A 320 5.85 16.90 -0.44
C SER A 320 5.49 15.45 -0.11
N GLU A 321 6.52 14.69 0.34
CA GLU A 321 6.34 13.30 0.81
C GLU A 321 5.42 13.24 2.04
N ILE A 322 5.52 14.24 2.97
CA ILE A 322 4.66 14.32 4.16
C ILE A 322 3.20 14.32 3.70
N ASP A 323 2.86 15.25 2.78
CA ASP A 323 1.49 15.42 2.25
C ASP A 323 0.98 14.14 1.57
N VAL A 324 1.84 13.50 0.73
CA VAL A 324 1.52 12.22 0.07
C VAL A 324 1.18 11.13 1.10
N LEU A 325 2.01 11.04 2.15
CA LEU A 325 1.88 10.04 3.23
C LEU A 325 0.68 10.35 4.14
N ARG A 326 0.32 11.64 4.25
CA ARG A 326 -0.85 12.09 5.04
C ARG A 326 -2.14 11.61 4.35
N ARG A 327 -2.18 11.78 3.02
CA ARG A 327 -3.33 11.35 2.21
C ARG A 327 -3.42 9.82 2.16
N GLN A 328 -2.24 9.18 2.01
CA GLN A 328 -2.09 7.71 1.98
C GLN A 328 -2.56 7.08 3.32
N ALA A 329 -2.27 7.79 4.42
CA ALA A 329 -2.64 7.37 5.78
C ALA A 329 -4.15 7.55 5.99
N ALA A 330 -4.63 8.81 5.84
CA ALA A 330 -6.04 9.22 6.08
C ALA A 330 -7.02 8.45 5.17
N GLN A 331 -6.52 8.04 3.98
CA GLN A 331 -7.23 7.14 3.03
C GLN A 331 -7.71 5.86 3.73
N ARG A 332 -6.82 5.27 4.53
CA ARG A 332 -7.06 3.99 5.21
C ARG A 332 -7.60 4.24 6.65
N PHE A 333 -7.21 5.39 7.22
CA PHE A 333 -7.62 5.82 8.56
C PHE A 333 -8.97 6.53 8.45
N GLY A 334 -10.00 5.74 8.12
CA GLY A 334 -11.37 6.22 7.96
C GLY A 334 -11.71 6.55 6.51
N GLY A 335 -10.86 7.35 5.84
CA GLY A 335 -11.15 7.88 4.51
C GLY A 335 -12.06 9.10 4.56
N ASN A 336 -12.01 9.80 5.71
CA ASN A 336 -12.89 10.95 6.00
C ASN A 336 -12.33 12.24 5.34
N GLU A 337 -13.22 13.26 5.19
CA GLU A 337 -12.93 14.52 4.46
C GLU A 337 -11.65 15.25 4.90
N LYS A 338 -10.59 15.03 4.09
CA LYS A 338 -9.36 15.85 4.10
C LYS A 338 -8.64 15.88 5.47
N GLN A 339 -8.81 14.79 6.25
CA GLN A 339 -8.17 14.61 7.59
C GLN A 339 -6.63 14.59 7.46
N ALA A 340 -6.18 14.24 6.24
CA ALA A 340 -4.78 14.22 5.83
C ALA A 340 -4.03 15.51 6.20
N LEU A 341 -4.62 16.65 5.81
CA LEU A 341 -3.97 17.98 5.85
C LEU A 341 -3.64 18.43 7.29
N GLU A 342 -4.27 17.82 8.31
CA GLU A 342 -4.06 18.18 9.72
C GLU A 342 -3.00 17.27 10.41
N LEU A 343 -2.66 16.12 9.78
CA LEU A 343 -1.63 15.19 10.33
C LEU A 343 -0.27 15.93 10.39
N PRO A 344 0.38 16.00 11.60
CA PRO A 344 1.66 16.74 11.80
C PRO A 344 2.81 16.21 10.94
N ARG A 345 3.79 17.09 10.65
CA ARG A 345 5.01 16.74 9.90
C ARG A 345 5.74 15.59 10.62
N GLU A 346 5.85 15.74 11.95
CA GLU A 346 6.52 14.78 12.86
C GLU A 346 5.85 13.39 12.85
N LEU A 347 4.61 13.28 12.31
CA LEU A 347 3.90 12.00 12.21
C LEU A 347 4.65 11.09 11.19
N PHE A 348 5.26 11.71 10.16
CA PHE A 348 5.92 10.99 9.05
C PHE A 348 7.40 11.43 8.83
N GLU A 349 7.81 12.54 9.49
CA GLU A 349 9.05 13.31 9.19
C GLU A 349 10.31 12.42 9.00
N GLU A 350 10.51 11.49 9.94
CA GLU A 350 11.69 10.59 9.96
C GLU A 350 11.73 9.71 8.68
N GLN A 351 10.62 8.99 8.42
CA GLN A 351 10.52 8.03 7.31
C GLN A 351 10.30 8.74 5.95
N ALA A 352 9.76 9.97 5.98
CA ALA A 352 9.51 10.81 4.77
C ALA A 352 10.84 11.35 4.25
N LYS A 353 11.63 11.90 5.20
CA LYS A 353 13.01 12.31 4.94
C LYS A 353 13.80 11.13 4.37
N ARG A 354 13.64 9.94 5.01
CA ARG A 354 14.31 8.68 4.64
C ARG A 354 14.02 8.33 3.16
N ARG A 355 12.72 8.40 2.77
CA ARG A 355 12.25 8.20 1.37
C ARG A 355 12.97 9.14 0.39
N VAL A 356 12.98 10.45 0.72
CA VAL A 356 13.62 11.47 -0.13
C VAL A 356 15.15 11.28 -0.18
N VAL A 357 15.74 10.84 0.96
CA VAL A 357 17.19 10.57 1.08
C VAL A 357 17.57 9.52 0.05
N VAL A 358 16.76 8.43 -0.04
CA VAL A 358 16.96 7.37 -1.06
C VAL A 358 16.88 7.96 -2.49
N GLY A 359 15.89 8.84 -2.69
CA GLY A 359 15.67 9.52 -3.97
C GLY A 359 16.84 10.37 -4.42
N LEU A 360 17.53 10.97 -3.43
CA LEU A 360 18.72 11.78 -3.65
C LEU A 360 19.97 10.88 -3.87
N LEU A 361 20.05 9.76 -3.12
CA LEU A 361 21.17 8.78 -3.21
C LEU A 361 21.23 8.18 -4.63
N LEU A 362 20.09 7.60 -5.05
CA LEU A 362 19.94 6.97 -6.37
C LEU A 362 19.95 8.02 -7.48
N GLY A 363 19.43 9.23 -7.20
CA GLY A 363 19.53 10.36 -8.13
C GLY A 363 20.99 10.76 -8.43
N GLU A 364 21.80 10.70 -7.36
CA GLU A 364 23.24 10.97 -7.44
C GLU A 364 23.97 9.81 -8.15
N VAL A 365 23.49 8.56 -7.95
CA VAL A 365 24.02 7.38 -8.69
C VAL A 365 23.80 7.55 -10.21
N ILE A 366 22.57 8.01 -10.59
CA ILE A 366 22.21 8.32 -11.99
C ILE A 366 23.19 9.37 -12.55
N ARG A 367 23.39 10.48 -11.82
CA ARG A 367 24.21 11.59 -12.31
C ARG A 367 25.72 11.20 -12.37
N THR A 368 26.29 10.88 -11.19
CA THR A 368 27.71 10.49 -11.02
C THR A 368 28.15 9.39 -12.00
N ASN A 369 27.39 8.27 -12.00
CA ASN A 369 27.74 7.08 -12.81
C ASN A 369 27.15 7.19 -14.25
N GLU A 370 26.60 8.41 -14.62
CA GLU A 370 25.93 8.71 -15.93
C GLU A 370 24.96 7.59 -16.37
N LEU A 371 24.31 7.02 -15.34
CA LEU A 371 23.48 5.81 -15.43
C LEU A 371 22.11 6.15 -16.05
N LYS A 372 21.86 5.62 -17.26
CA LYS A 372 20.61 5.82 -18.00
C LYS A 372 19.77 4.52 -18.00
N ALA A 373 18.48 4.68 -18.32
CA ALA A 373 17.55 3.55 -18.45
C ALA A 373 17.91 2.71 -19.67
N ASP A 374 18.36 1.48 -19.44
CA ASP A 374 18.85 0.60 -20.50
C ASP A 374 17.68 -0.16 -21.17
N GLU A 375 17.67 -0.14 -22.51
CA GLU A 375 16.55 -0.67 -23.32
C GLU A 375 16.44 -2.20 -23.24
N GLU A 376 17.57 -2.88 -22.95
CA GLU A 376 17.57 -4.33 -22.73
C GLU A 376 17.06 -4.67 -21.32
N ARG A 377 17.11 -3.67 -20.40
CA ARG A 377 16.57 -3.83 -19.04
C ARG A 377 15.06 -3.60 -19.07
N VAL A 378 14.63 -2.65 -19.92
CA VAL A 378 13.21 -2.40 -20.24
C VAL A 378 12.61 -3.63 -20.95
N LYS A 379 13.39 -4.22 -21.88
CA LYS A 379 13.07 -5.51 -22.54
C LYS A 379 12.79 -6.60 -21.50
N GLY A 380 13.83 -6.87 -20.66
CA GLY A 380 13.76 -7.91 -19.64
C GLY A 380 12.61 -7.72 -18.65
N LEU A 381 12.40 -6.45 -18.24
CA LEU A 381 11.36 -6.09 -17.24
C LEU A 381 9.96 -6.40 -17.82
N ILE A 382 9.66 -5.82 -19.00
CA ILE A 382 8.36 -5.98 -19.69
C ILE A 382 8.03 -7.46 -19.94
N GLU A 383 9.00 -8.19 -20.48
CA GLU A 383 8.81 -9.61 -20.87
C GLU A 383 8.61 -10.50 -19.64
N GLU A 384 9.43 -10.30 -18.59
CA GLU A 384 9.32 -11.10 -17.33
C GLU A 384 8.02 -10.79 -16.57
N MET A 385 7.56 -9.54 -16.64
CA MET A 385 6.28 -9.12 -16.01
C MET A 385 5.09 -9.72 -16.79
N ALA A 386 5.19 -9.64 -18.13
CA ALA A 386 4.13 -10.09 -19.05
C ALA A 386 4.22 -11.61 -19.34
N SER A 387 5.29 -12.27 -18.84
CA SER A 387 5.47 -13.75 -18.90
C SER A 387 4.32 -14.51 -18.19
N ALA A 388 3.60 -13.80 -17.29
CA ALA A 388 2.38 -14.31 -16.65
C ALA A 388 1.27 -14.54 -17.70
N TYR A 389 1.25 -13.70 -18.74
CA TYR A 389 0.32 -13.81 -19.88
C TYR A 389 0.92 -14.70 -20.97
N GLU A 390 0.04 -15.27 -21.79
CA GLU A 390 0.41 -16.09 -22.98
C GLU A 390 0.54 -15.18 -24.22
N ASP A 391 -0.27 -14.10 -24.27
CA ASP A 391 -0.27 -13.14 -25.38
C ASP A 391 -0.69 -11.75 -24.84
N PRO A 392 0.30 -10.93 -24.33
CA PRO A 392 0.04 -9.65 -23.63
C PRO A 392 -0.08 -8.42 -24.57
N LYS A 393 -0.91 -8.56 -25.62
CA LYS A 393 -1.20 -7.48 -26.60
C LYS A 393 -1.73 -6.22 -25.90
N GLU A 394 -2.55 -6.43 -24.86
CA GLU A 394 -3.02 -5.39 -23.92
C GLU A 394 -1.84 -4.53 -23.38
N VAL A 395 -0.79 -5.22 -22.90
CA VAL A 395 0.35 -4.60 -22.20
C VAL A 395 1.22 -3.81 -23.20
N ILE A 396 1.61 -4.49 -24.29
CA ILE A 396 2.49 -3.92 -25.36
C ILE A 396 1.80 -2.70 -26.04
N GLU A 397 0.52 -2.85 -26.37
CA GLU A 397 -0.27 -1.77 -27.01
C GLU A 397 -0.47 -0.61 -26.05
N PHE A 398 -0.64 -0.89 -24.74
CA PHE A 398 -0.80 0.17 -23.74
C PHE A 398 0.48 1.02 -23.65
N TYR A 399 1.66 0.38 -23.76
CA TYR A 399 2.94 1.12 -23.87
C TYR A 399 2.94 2.04 -25.10
N SER A 400 2.75 1.44 -26.28
CA SER A 400 2.83 2.16 -27.57
C SER A 400 1.71 3.21 -27.76
N LYS A 401 0.65 3.15 -26.91
CA LYS A 401 -0.48 4.10 -26.95
C LYS A 401 -0.57 4.93 -25.64
N ASN A 402 0.41 4.76 -24.74
CA ASN A 402 0.53 5.56 -23.50
C ASN A 402 2.02 5.62 -23.14
N LYS A 403 2.68 6.66 -23.67
CA LYS A 403 4.11 6.86 -23.47
C LYS A 403 4.41 7.39 -22.06
N GLU A 404 3.38 7.89 -21.36
CA GLU A 404 3.49 8.38 -19.96
C GLU A 404 3.77 7.22 -18.99
N LEU A 405 3.30 6.01 -19.37
CA LEU A 405 3.61 4.78 -18.64
C LEU A 405 4.87 4.13 -19.26
N MET A 406 5.05 4.24 -20.59
CA MET A 406 6.18 3.59 -21.29
C MET A 406 7.54 4.18 -20.87
N ASP A 407 7.58 5.51 -20.63
CA ASP A 407 8.80 6.17 -20.14
C ASP A 407 8.99 5.84 -18.65
N ASN A 408 7.84 5.66 -17.93
CA ASN A 408 7.82 5.28 -16.50
C ASN A 408 8.31 3.83 -16.30
N MET A 409 8.13 3.02 -17.36
CA MET A 409 8.71 1.66 -17.46
C MET A 409 10.24 1.74 -17.50
N ARG A 410 10.72 2.77 -18.20
CA ARG A 410 12.15 3.06 -18.28
C ARG A 410 12.65 3.72 -16.97
N ASN A 411 11.78 4.49 -16.27
CA ASN A 411 12.12 5.17 -14.99
C ASN A 411 12.34 4.15 -13.86
N VAL A 412 11.46 3.13 -13.78
CA VAL A 412 11.60 2.06 -12.80
C VAL A 412 12.83 1.18 -13.14
N ALA A 413 13.04 0.90 -14.46
CA ALA A 413 14.24 0.17 -14.97
C ALA A 413 15.55 0.94 -14.64
N LEU A 414 15.43 2.28 -14.70
CA LEU A 414 16.52 3.23 -14.38
C LEU A 414 16.90 3.11 -12.91
N GLU A 415 15.86 3.05 -12.06
CA GLU A 415 16.01 2.90 -10.59
C GLU A 415 16.56 1.51 -10.23
N GLU A 416 16.14 0.47 -10.97
CA GLU A 416 16.60 -0.91 -10.74
C GLU A 416 18.10 -1.06 -11.05
N GLN A 417 18.52 -0.45 -12.18
CA GLN A 417 19.92 -0.44 -12.61
C GLN A 417 20.78 0.38 -11.64
N ALA A 418 20.18 1.48 -11.13
CA ALA A 418 20.79 2.32 -10.08
C ALA A 418 21.13 1.48 -8.84
N VAL A 419 20.13 0.71 -8.36
CA VAL A 419 20.28 -0.20 -7.22
C VAL A 419 21.42 -1.22 -7.48
N GLU A 420 21.40 -1.87 -8.65
CA GLU A 420 22.43 -2.88 -9.04
C GLU A 420 23.86 -2.29 -9.10
N ALA A 421 23.95 -1.03 -9.53
CA ALA A 421 25.23 -0.28 -9.57
C ALA A 421 25.75 0.02 -8.15
N VAL A 422 24.81 0.04 -7.17
CA VAL A 422 25.11 0.24 -5.75
C VAL A 422 25.47 -1.11 -5.11
N LEU A 423 24.78 -2.18 -5.59
CA LEU A 423 25.03 -3.58 -5.18
C LEU A 423 26.46 -4.01 -5.57
N ALA A 424 26.92 -3.48 -6.73
CA ALA A 424 28.28 -3.71 -7.26
C ALA A 424 29.37 -3.42 -6.21
N LYS A 425 29.12 -2.40 -5.37
CA LYS A 425 30.05 -1.97 -4.29
C LYS A 425 29.66 -2.60 -2.93
N ALA A 426 28.38 -2.98 -2.80
CA ALA A 426 27.81 -3.48 -1.54
C ALA A 426 28.22 -4.94 -1.24
N LYS A 427 28.19 -5.30 0.05
CA LYS A 427 28.43 -6.66 0.53
C LYS A 427 27.17 -7.52 0.30
N VAL A 428 26.98 -7.95 -0.96
CA VAL A 428 25.81 -8.76 -1.35
C VAL A 428 26.17 -10.25 -1.29
N THR A 429 25.84 -10.88 -0.14
CA THR A 429 25.98 -12.33 0.04
C THR A 429 24.85 -13.06 -0.72
N GLU A 430 25.05 -14.34 -1.01
CA GLU A 430 24.06 -15.17 -1.75
C GLU A 430 24.00 -16.56 -1.11
N LYS A 431 22.78 -17.15 -1.07
CA LYS A 431 22.57 -18.48 -0.48
C LYS A 431 21.40 -19.19 -1.17
N GLU A 432 21.50 -20.51 -1.35
CA GLU A 432 20.37 -21.34 -1.82
C GLU A 432 19.51 -21.72 -0.61
N THR A 433 18.31 -21.15 -0.56
CA THR A 433 17.43 -21.21 0.62
C THR A 433 16.16 -22.01 0.30
N THR A 434 15.37 -22.28 1.35
CA THR A 434 14.11 -23.02 1.25
C THR A 434 13.00 -22.15 0.60
N PHE A 435 11.89 -22.82 0.25
CA PHE A 435 10.77 -22.22 -0.51
C PHE A 435 10.10 -21.06 0.26
N ASN A 436 9.72 -21.30 1.52
CA ASN A 436 8.88 -20.37 2.30
C ASN A 436 9.71 -19.19 2.90
N GLU A 437 11.01 -19.09 2.53
CA GLU A 437 11.92 -17.97 2.89
C GLU A 437 11.24 -16.59 2.70
N LEU A 438 10.90 -16.22 1.44
CA LEU A 438 10.20 -14.94 1.14
C LEU A 438 8.69 -15.05 1.33
N MET A 439 8.21 -16.28 1.53
CA MET A 439 6.77 -16.58 1.68
C MET A 439 6.37 -16.49 3.19
N ASN A 440 6.98 -15.49 3.90
CA ASN A 440 6.94 -15.28 5.37
C ASN A 440 5.55 -15.50 6.03
N GLN A 441 4.48 -15.21 5.28
CA GLN A 441 3.10 -15.28 5.82
C GLN A 441 2.36 -16.52 5.29
N GLN A 442 1.97 -17.42 6.21
CA GLN A 442 1.16 -18.62 5.91
C GLN A 442 -0.19 -18.55 6.65
N ALA A 443 -0.25 -17.69 7.70
CA ALA A 443 -1.45 -17.53 8.56
C ALA A 443 -1.51 -16.08 9.11
N MET B 2 -19.42 -10.70 34.95
CA MET B 2 -18.36 -10.40 35.92
C MET B 2 -17.67 -9.08 35.55
N LYS B 3 -17.79 -8.07 36.42
CA LYS B 3 -17.22 -6.74 36.20
C LYS B 3 -17.02 -6.04 37.55
N GLN B 4 -15.81 -6.20 38.12
CA GLN B 4 -15.41 -5.59 39.39
C GLN B 4 -13.87 -5.62 39.50
N SER B 5 -13.34 -4.84 40.45
CA SER B 5 -11.90 -4.49 40.54
C SER B 5 -11.02 -5.76 40.74
N THR B 6 -11.45 -6.66 41.64
CA THR B 6 -10.66 -7.84 42.07
C THR B 6 -10.56 -8.91 40.93
N ILE B 7 -9.68 -8.61 39.95
CA ILE B 7 -9.36 -9.42 38.74
C ILE B 7 -10.57 -10.20 38.19
N ALA B 8 -10.72 -11.49 38.60
CA ALA B 8 -11.87 -12.35 38.24
C ALA B 8 -12.12 -12.42 36.71
N LEU B 9 -11.02 -12.32 35.91
CA LEU B 9 -11.02 -12.17 34.41
C LEU B 9 -11.96 -11.04 33.87
N ALA B 10 -12.36 -10.13 34.76
CA ALA B 10 -13.23 -8.99 34.43
C ALA B 10 -12.42 -7.89 33.71
N LEU B 11 -11.14 -7.76 34.07
CA LEU B 11 -10.19 -6.80 33.46
C LEU B 11 -9.51 -7.36 32.20
N LEU B 12 -9.67 -8.68 31.97
CA LEU B 12 -9.14 -9.38 30.79
C LEU B 12 -9.77 -10.79 30.71
N PRO B 13 -10.72 -11.04 29.73
CA PRO B 13 -11.36 -12.37 29.58
C PRO B 13 -10.31 -13.46 29.28
N LEU B 14 -10.14 -14.36 30.25
CA LEU B 14 -9.16 -15.48 30.21
C LEU B 14 -9.43 -16.39 28.99
N LEU B 15 -10.73 -16.64 28.73
CA LEU B 15 -11.18 -17.29 27.49
C LEU B 15 -11.35 -16.18 26.43
N PHE B 16 -10.55 -16.27 25.34
CA PHE B 16 -10.52 -15.25 24.27
C PHE B 16 -11.38 -15.67 23.06
N THR B 17 -12.03 -16.85 23.14
CA THR B 17 -12.99 -17.30 22.12
C THR B 17 -14.40 -17.36 22.77
N PRO B 18 -15.17 -16.22 22.76
CA PRO B 18 -16.52 -16.17 23.38
C PRO B 18 -17.54 -17.02 22.59
N VAL B 19 -17.72 -16.68 21.27
CA VAL B 19 -18.75 -17.26 20.38
C VAL B 19 -20.17 -16.86 20.84
N THR B 20 -20.58 -17.42 22.01
CA THR B 20 -21.87 -17.16 22.70
C THR B 20 -23.10 -17.48 21.82
N LYS B 21 -22.85 -18.26 20.74
CA LYS B 21 -23.87 -18.70 19.75
C LYS B 21 -24.57 -17.50 19.07
N ALA B 22 -23.89 -16.34 19.08
CA ALA B 22 -24.38 -15.10 18.47
C ALA B 22 -24.26 -15.23 16.95
N ARG B 23 -25.43 -15.46 16.30
CA ARG B 23 -25.52 -15.82 14.87
C ARG B 23 -24.80 -17.15 14.62
N THR B 24 -25.33 -18.21 15.27
CA THR B 24 -24.90 -19.60 15.06
C THR B 24 -24.96 -19.95 13.55
N PRO B 25 -23.80 -20.31 12.90
CA PRO B 25 -23.61 -20.43 11.43
C PRO B 25 -24.90 -20.53 10.54
N GLU B 26 -25.47 -19.35 10.23
CA GLU B 26 -26.58 -19.18 9.28
C GLU B 26 -26.02 -18.58 7.98
N MET B 27 -25.73 -17.26 8.02
CA MET B 27 -25.06 -16.53 6.94
C MET B 27 -23.53 -16.40 7.21
N PRO B 28 -23.04 -16.08 8.47
CA PRO B 28 -21.58 -16.08 8.78
C PRO B 28 -20.98 -17.51 8.84
N VAL B 29 -20.82 -18.12 7.65
CA VAL B 29 -20.29 -19.48 7.44
C VAL B 29 -20.23 -19.78 5.93
N LEU B 30 -21.28 -19.32 5.21
CA LEU B 30 -21.50 -19.60 3.78
C LEU B 30 -21.16 -18.36 2.93
N GLU B 31 -20.36 -18.57 1.87
CA GLU B 31 -20.00 -17.51 0.91
C GLU B 31 -21.11 -17.37 -0.15
N ASN B 32 -21.51 -16.13 -0.44
CA ASN B 32 -22.61 -15.81 -1.37
C ASN B 32 -22.12 -15.88 -2.85
N ARG B 33 -20.84 -16.30 -3.01
CA ARG B 33 -20.20 -16.67 -4.29
C ARG B 33 -19.86 -15.43 -5.14
N ALA B 34 -20.89 -14.87 -5.78
CA ALA B 34 -20.74 -13.72 -6.71
C ALA B 34 -21.75 -12.62 -6.35
N ALA B 35 -22.07 -12.53 -5.04
CA ALA B 35 -22.96 -11.50 -4.46
C ALA B 35 -24.37 -11.57 -5.07
N GLN B 36 -25.08 -12.67 -4.76
CA GLN B 36 -26.47 -12.89 -5.21
C GLN B 36 -27.39 -11.80 -4.64
N GLY B 37 -27.34 -11.62 -3.31
CA GLY B 37 -28.18 -10.65 -2.61
C GLY B 37 -27.39 -9.45 -2.12
N ASP B 38 -26.23 -9.18 -2.73
CA ASP B 38 -25.29 -8.13 -2.27
C ASP B 38 -24.86 -7.22 -3.45
N ILE B 39 -24.19 -6.09 -3.11
CA ILE B 39 -23.70 -5.04 -4.04
C ILE B 39 -24.88 -4.15 -4.50
N THR B 40 -25.80 -4.73 -5.26
CA THR B 40 -27.03 -4.03 -5.69
C THR B 40 -28.24 -4.65 -4.97
N ALA B 41 -28.65 -5.86 -5.42
CA ALA B 41 -29.76 -6.65 -4.84
C ALA B 41 -29.92 -7.97 -5.65
N PRO B 42 -30.04 -7.94 -7.04
CA PRO B 42 -30.09 -9.16 -7.87
C PRO B 42 -28.74 -9.48 -8.56
N GLY B 43 -28.10 -10.57 -8.11
CA GLY B 43 -26.80 -11.00 -8.63
C GLY B 43 -26.93 -11.83 -9.89
N GLY B 44 -27.19 -11.15 -11.02
CA GLY B 44 -27.30 -11.78 -12.34
C GLY B 44 -28.30 -11.04 -13.21
N ALA B 45 -29.60 -11.30 -12.97
CA ALA B 45 -30.72 -10.60 -13.63
C ALA B 45 -31.03 -9.31 -12.86
N ARG B 46 -32.08 -8.59 -13.31
CA ARG B 46 -32.54 -7.35 -12.67
C ARG B 46 -33.75 -7.64 -11.77
N ARG B 47 -34.65 -8.49 -12.31
CA ARG B 47 -35.82 -9.06 -11.61
C ARG B 47 -36.91 -8.00 -11.30
N LEU B 48 -36.57 -7.02 -10.43
CA LEU B 48 -37.40 -5.82 -10.11
C LEU B 48 -38.56 -6.16 -9.12
N THR B 49 -38.86 -7.46 -8.95
CA THR B 49 -39.97 -7.92 -8.10
C THR B 49 -39.54 -8.11 -6.64
N GLY B 50 -38.30 -7.70 -6.30
CA GLY B 50 -37.77 -7.80 -4.93
C GLY B 50 -38.47 -6.82 -3.98
N ASP B 51 -38.58 -5.56 -4.43
CA ASP B 51 -39.27 -4.48 -3.67
C ASP B 51 -40.79 -4.58 -3.80
N GLN B 52 -41.28 -5.36 -4.80
CA GLN B 52 -42.72 -5.49 -5.10
C GLN B 52 -43.51 -5.87 -3.83
N THR B 53 -43.09 -6.96 -3.19
CA THR B 53 -43.72 -7.49 -1.96
C THR B 53 -43.46 -6.56 -0.75
N ALA B 54 -42.37 -5.77 -0.81
CA ALA B 54 -41.99 -4.83 0.27
C ALA B 54 -42.92 -3.60 0.30
N ALA B 55 -43.23 -3.05 -0.89
CA ALA B 55 -44.03 -1.83 -1.06
C ALA B 55 -44.34 -1.57 -2.55
N LEU B 56 -43.30 -1.29 -3.35
CA LEU B 56 -43.46 -0.77 -4.74
C LEU B 56 -42.60 -1.59 -5.73
N ARG B 57 -42.86 -1.41 -7.03
CA ARG B 57 -42.14 -2.12 -8.12
C ARG B 57 -41.59 -1.07 -9.12
N ASP B 58 -41.60 0.20 -8.68
CA ASP B 58 -41.33 1.37 -9.51
C ASP B 58 -39.83 1.75 -9.42
N SER B 59 -38.98 0.73 -9.73
CA SER B 59 -37.51 0.77 -9.60
C SER B 59 -37.07 1.10 -8.15
N LEU B 60 -37.11 2.39 -7.80
CA LEU B 60 -36.76 2.91 -6.46
C LEU B 60 -37.22 4.37 -6.41
N SER B 61 -36.69 5.17 -7.36
CA SER B 61 -37.08 6.58 -7.55
C SER B 61 -36.99 6.91 -9.06
N ASP B 62 -35.75 7.11 -9.57
CA ASP B 62 -35.50 7.35 -11.01
C ASP B 62 -34.06 6.94 -11.38
N LYS B 63 -33.05 7.66 -10.83
CA LYS B 63 -31.57 7.55 -11.20
C LYS B 63 -31.27 7.32 -12.75
N PRO B 64 -29.96 7.44 -13.22
CA PRO B 64 -29.58 7.15 -14.65
C PRO B 64 -30.10 5.80 -15.19
N ALA B 65 -30.74 5.87 -16.38
CA ALA B 65 -31.30 4.72 -17.12
C ALA B 65 -32.44 4.02 -16.35
N LYS B 66 -33.16 4.80 -15.51
CA LYS B 66 -34.26 4.32 -14.65
C LYS B 66 -33.72 3.26 -13.66
N ASN B 67 -32.60 3.61 -12.98
CA ASN B 67 -31.88 2.72 -12.05
C ASN B 67 -31.27 1.51 -12.80
N ILE B 68 -30.63 0.59 -12.05
CA ILE B 68 -30.06 -0.64 -12.63
C ILE B 68 -31.14 -1.77 -12.69
N ILE B 69 -32.22 -1.51 -13.45
CA ILE B 69 -33.28 -2.50 -13.69
C ILE B 69 -33.43 -2.77 -15.21
N LEU B 70 -32.54 -2.13 -16.01
CA LEU B 70 -32.51 -2.29 -17.48
C LEU B 70 -32.25 -3.77 -17.86
N LEU B 71 -33.12 -4.32 -18.74
CA LEU B 71 -33.14 -5.76 -19.06
C LEU B 71 -31.82 -6.23 -19.70
N ILE B 72 -31.36 -5.47 -20.71
CA ILE B 72 -30.19 -5.83 -21.53
C ILE B 72 -29.55 -4.53 -22.07
N GLY B 73 -28.21 -4.43 -21.97
CA GLY B 73 -27.45 -3.27 -22.46
C GLY B 73 -26.46 -2.77 -21.42
N ASP B 74 -25.60 -3.68 -20.94
CA ASP B 74 -24.57 -3.36 -19.91
C ASP B 74 -23.35 -2.67 -20.55
N GLY B 75 -23.03 -3.07 -21.79
CA GLY B 75 -21.92 -2.49 -22.56
C GLY B 75 -22.29 -1.13 -23.15
N MET B 76 -22.18 -0.07 -22.31
CA MET B 76 -22.46 1.31 -22.71
C MET B 76 -21.41 1.83 -23.71
N GLY B 77 -20.23 1.20 -23.70
CA GLY B 77 -19.22 1.39 -24.74
C GLY B 77 -19.20 0.19 -25.68
N ASP B 78 -17.99 -0.22 -26.13
CA ASP B 78 -17.73 -1.52 -26.81
C ASP B 78 -18.23 -1.59 -28.26
N SER B 79 -19.23 -0.79 -28.61
CA SER B 79 -19.92 -0.87 -29.92
C SER B 79 -18.99 -0.39 -31.06
N GLU B 80 -18.30 0.74 -30.83
CA GLU B 80 -17.41 1.34 -31.84
C GLU B 80 -15.97 0.84 -31.63
N ILE B 81 -15.31 1.31 -30.55
CA ILE B 81 -13.88 0.99 -30.29
C ILE B 81 -13.52 1.29 -28.82
N THR B 82 -14.19 2.30 -28.20
CA THR B 82 -13.98 2.66 -26.78
C THR B 82 -14.31 1.45 -25.87
N ALA B 83 -13.42 1.20 -24.89
CA ALA B 83 -13.47 0.05 -23.95
C ALA B 83 -12.91 -1.23 -24.61
N ALA B 84 -13.40 -1.53 -25.83
CA ALA B 84 -13.07 -2.73 -26.63
C ALA B 84 -13.66 -4.00 -25.98
N ARG B 85 -13.16 -4.34 -24.79
CA ARG B 85 -13.73 -5.39 -23.94
C ARG B 85 -13.88 -4.80 -22.52
N ASN B 86 -15.13 -4.47 -22.16
CA ASN B 86 -15.48 -3.73 -20.92
C ASN B 86 -15.08 -4.56 -19.68
N TYR B 87 -14.11 -4.05 -18.89
CA TYR B 87 -13.56 -4.67 -17.67
C TYR B 87 -12.52 -5.78 -17.99
N ALA B 88 -12.81 -6.60 -19.02
CA ALA B 88 -11.92 -7.68 -19.51
C ALA B 88 -11.62 -8.70 -18.39
N GLU B 89 -12.70 -9.14 -17.72
CA GLU B 89 -12.71 -10.15 -16.63
C GLU B 89 -12.21 -9.59 -15.29
N GLY B 90 -10.97 -9.05 -15.27
CA GLY B 90 -10.32 -8.57 -14.05
C GLY B 90 -10.75 -7.19 -13.58
N ALA B 91 -11.69 -6.56 -14.33
CA ALA B 91 -12.21 -5.20 -14.05
C ALA B 91 -11.11 -4.13 -14.16
N GLY B 92 -10.04 -4.46 -14.93
CA GLY B 92 -8.81 -3.67 -14.96
C GLY B 92 -7.94 -4.00 -13.76
N GLY B 93 -8.43 -3.65 -12.56
CA GLY B 93 -7.76 -3.97 -11.31
C GLY B 93 -6.46 -3.19 -11.11
N PHE B 94 -5.34 -3.78 -11.56
CA PHE B 94 -4.01 -3.18 -11.45
C PHE B 94 -3.08 -3.83 -12.50
N PHE B 95 -2.74 -5.11 -12.28
CA PHE B 95 -1.86 -5.88 -13.18
C PHE B 95 -2.63 -6.32 -14.44
N LYS B 96 -3.91 -6.75 -14.24
CA LYS B 96 -4.81 -7.11 -15.37
C LYS B 96 -5.00 -5.91 -16.32
N GLY B 97 -4.87 -4.70 -15.76
CA GLY B 97 -4.76 -3.50 -16.58
C GLY B 97 -3.47 -3.51 -17.35
N ILE B 98 -2.37 -3.15 -16.64
CA ILE B 98 -1.00 -3.09 -17.22
C ILE B 98 -0.02 -2.55 -16.14
N ASP B 99 -0.52 -1.62 -15.31
CA ASP B 99 0.30 -0.71 -14.48
C ASP B 99 1.01 -1.43 -13.32
N ALA B 100 2.19 -0.91 -12.96
CA ALA B 100 3.05 -1.43 -11.88
C ALA B 100 3.34 -0.34 -10.83
N LEU B 101 3.25 0.94 -11.25
CA LEU B 101 3.49 2.10 -10.37
C LEU B 101 2.92 3.37 -11.07
N PRO B 102 1.79 3.95 -10.55
CA PRO B 102 1.17 5.14 -11.18
C PRO B 102 1.94 6.46 -10.82
N LEU B 103 1.60 7.08 -9.65
CA LEU B 103 2.28 8.28 -9.10
C LEU B 103 2.22 9.51 -10.04
N THR B 104 2.94 10.58 -9.66
CA THR B 104 3.11 11.79 -10.48
C THR B 104 4.56 12.27 -10.34
N GLY B 105 5.42 11.78 -11.24
CA GLY B 105 6.84 12.08 -11.22
C GLY B 105 7.57 11.30 -12.30
N GLN B 106 7.67 11.88 -13.49
CA GLN B 106 8.35 11.25 -14.63
C GLN B 106 9.87 11.48 -14.50
N TYR B 107 10.63 10.37 -14.42
CA TYR B 107 12.10 10.33 -14.20
C TYR B 107 12.47 10.75 -12.76
N THR B 108 11.53 10.53 -11.80
CA THR B 108 11.79 10.75 -10.37
C THR B 108 12.49 9.51 -9.77
N HIS B 109 13.01 9.67 -8.54
CA HIS B 109 13.53 8.55 -7.73
C HIS B 109 13.06 8.65 -6.29
N TYR B 110 12.08 9.56 -6.04
CA TYR B 110 11.47 9.74 -4.71
C TYR B 110 10.30 8.75 -4.51
N ALA B 111 10.33 7.63 -5.28
CA ALA B 111 9.31 6.58 -5.22
C ALA B 111 9.57 5.67 -3.99
N LEU B 112 10.19 4.49 -4.23
CA LEU B 112 10.48 3.47 -3.19
C LEU B 112 9.24 3.09 -2.35
N ASN B 113 8.98 3.88 -1.28
CA ASN B 113 7.95 3.55 -0.28
C ASN B 113 6.59 4.18 -0.61
N LYS B 114 5.88 3.50 -1.50
CA LYS B 114 4.43 3.66 -1.72
C LYS B 114 3.91 2.36 -2.35
N LYS B 115 4.49 1.24 -1.85
CA LYS B 115 4.06 -0.15 -2.17
C LYS B 115 4.90 -1.18 -1.37
N THR B 116 5.63 -0.70 -0.35
CA THR B 116 6.60 -1.51 0.43
C THR B 116 5.89 -2.62 1.21
N GLY B 117 4.67 -2.31 1.65
CA GLY B 117 3.88 -3.22 2.45
C GLY B 117 4.15 -3.02 3.93
N LYS B 118 5.37 -3.35 4.34
CA LYS B 118 5.83 -3.18 5.73
C LYS B 118 5.92 -1.68 6.07
N PRO B 119 5.56 -1.28 7.34
CA PRO B 119 5.07 0.07 7.76
C PRO B 119 4.99 1.13 6.64
N ASP B 120 4.08 0.89 5.67
CA ASP B 120 3.87 1.76 4.49
C ASP B 120 2.54 1.43 3.78
N TYR B 121 2.21 0.12 3.68
CA TYR B 121 0.95 -0.36 3.04
C TYR B 121 0.30 -1.45 3.94
N VAL B 122 0.67 -2.72 3.68
CA VAL B 122 0.15 -3.92 4.36
C VAL B 122 0.94 -5.15 3.84
N THR B 123 1.25 -6.10 4.76
CA THR B 123 1.94 -7.40 4.47
C THR B 123 3.35 -7.25 3.85
N ASP B 124 4.05 -8.39 3.64
CA ASP B 124 5.36 -8.45 2.95
C ASP B 124 5.29 -9.45 1.79
N SER B 125 4.58 -9.03 0.72
CA SER B 125 4.32 -9.82 -0.51
C SER B 125 3.24 -10.92 -0.27
N ALA B 126 3.42 -11.73 0.81
CA ALA B 126 2.54 -12.88 1.14
C ALA B 126 2.54 -13.88 -0.03
N ALA B 127 3.75 -14.11 -0.57
CA ALA B 127 3.97 -14.87 -1.81
C ALA B 127 3.81 -16.40 -1.65
N SER B 128 3.30 -16.85 -0.48
CA SER B 128 2.89 -18.26 -0.26
C SER B 128 1.77 -18.64 -1.25
N ALA B 129 2.22 -19.09 -2.45
CA ALA B 129 1.38 -19.48 -3.60
C ALA B 129 0.71 -18.26 -4.26
N THR B 130 -0.34 -17.73 -3.59
CA THR B 130 -1.30 -16.77 -4.15
C THR B 130 -2.02 -17.39 -5.36
N ALA B 131 -1.34 -17.37 -6.54
CA ALA B 131 -1.76 -18.09 -7.76
C ALA B 131 -3.15 -17.71 -8.27
N TRP B 132 -3.61 -18.49 -9.28
CA TRP B 132 -5.00 -18.55 -9.81
C TRP B 132 -5.66 -17.17 -10.06
N SER B 133 -4.83 -16.19 -10.43
CA SER B 133 -5.27 -14.83 -10.79
C SER B 133 -5.61 -14.78 -12.30
N THR B 134 -6.61 -15.58 -12.71
CA THR B 134 -7.05 -15.69 -14.12
C THR B 134 -8.07 -14.57 -14.45
N GLY B 135 -7.57 -13.33 -14.41
CA GLY B 135 -8.41 -12.15 -14.53
C GLY B 135 -9.10 -11.86 -13.21
N VAL B 136 -10.35 -12.35 -13.06
CA VAL B 136 -11.17 -12.28 -11.82
C VAL B 136 -11.49 -10.81 -11.45
N LYS B 137 -12.79 -10.44 -11.53
CA LYS B 137 -13.28 -9.13 -11.06
C LYS B 137 -13.12 -9.03 -9.52
N THR B 138 -11.89 -8.67 -9.11
CA THR B 138 -11.44 -8.65 -7.71
C THR B 138 -11.29 -7.20 -7.21
N TYR B 139 -11.66 -6.23 -8.06
CA TYR B 139 -11.66 -4.79 -7.72
C TYR B 139 -13.01 -4.17 -8.14
N ASN B 140 -13.13 -2.85 -7.96
CA ASN B 140 -14.38 -2.11 -8.25
C ASN B 140 -14.78 -2.18 -9.73
N GLY B 141 -16.09 -2.41 -9.97
CA GLY B 141 -16.66 -2.50 -11.31
C GLY B 141 -18.02 -1.86 -11.36
N ALA B 142 -18.04 -0.55 -11.66
CA ALA B 142 -19.27 0.25 -11.73
C ALA B 142 -19.13 1.33 -12.82
N LEU B 143 -20.27 1.98 -13.12
CA LEU B 143 -20.37 3.06 -14.14
C LEU B 143 -21.69 3.84 -13.93
N GLY B 144 -21.97 4.82 -14.79
CA GLY B 144 -23.16 5.67 -14.69
C GLY B 144 -22.90 6.87 -13.80
N VAL B 145 -22.95 6.63 -12.48
CA VAL B 145 -22.66 7.65 -11.46
C VAL B 145 -21.85 7.01 -10.29
N ASP B 146 -20.69 7.60 -10.05
CA ASP B 146 -19.80 7.27 -8.92
C ASP B 146 -19.17 8.57 -8.38
N ILE B 147 -18.50 8.47 -7.20
CA ILE B 147 -17.96 9.61 -6.39
C ILE B 147 -18.82 10.92 -6.57
N HIS B 148 -18.25 12.14 -6.64
CA HIS B 148 -19.01 13.33 -7.04
C HIS B 148 -19.47 13.21 -8.53
N GLU B 149 -20.68 12.62 -8.69
CA GLU B 149 -21.48 12.51 -9.95
C GLU B 149 -20.65 12.50 -11.26
N LYS B 150 -20.06 11.35 -11.60
CA LYS B 150 -19.36 11.16 -12.87
C LYS B 150 -19.60 9.75 -13.41
N ASP B 151 -19.43 9.61 -14.73
CA ASP B 151 -19.43 8.30 -15.42
C ASP B 151 -17.96 7.86 -15.62
N MET A 12 18.79 45.83 -11.43
CA MET A 12 18.35 44.71 -10.56
C MET A 12 19.51 44.27 -9.64
N GLN A 13 19.64 44.97 -8.51
CA GLN A 13 20.67 44.67 -7.49
C GLN A 13 20.21 43.51 -6.60
N VAL A 14 20.66 42.30 -6.93
CA VAL A 14 20.36 41.08 -6.17
C VAL A 14 21.43 40.86 -5.08
N SER A 15 21.04 40.22 -3.96
CA SER A 15 21.96 39.96 -2.84
C SER A 15 21.51 38.68 -2.09
N VAL A 16 22.30 37.61 -2.23
CA VAL A 16 22.02 36.31 -1.59
C VAL A 16 22.47 36.34 -0.11
N GLU A 17 21.56 35.90 0.79
CA GLU A 17 21.80 35.86 2.25
C GLU A 17 21.41 34.47 2.79
N THR A 18 22.40 33.58 2.95
CA THR A 18 22.18 32.24 3.51
C THR A 18 21.67 32.35 4.97
N THR A 19 20.33 32.26 5.13
CA THR A 19 19.67 32.37 6.42
C THR A 19 19.48 30.96 7.05
N GLN A 20 18.69 30.12 6.39
CA GLN A 20 18.32 28.79 6.90
C GLN A 20 19.09 27.68 6.13
N GLY A 21 20.44 27.78 6.11
CA GLY A 21 21.28 26.75 5.48
C GLY A 21 21.13 26.70 3.96
N LEU A 22 20.27 25.79 3.49
CA LEU A 22 19.87 25.71 2.07
C LEU A 22 18.97 26.91 1.73
N GLY A 23 18.15 27.29 2.73
CA GLY A 23 17.27 28.47 2.66
C GLY A 23 18.05 29.78 2.48
N ARG A 24 18.30 30.13 1.21
CA ARG A 24 18.96 31.38 0.82
C ARG A 24 17.93 32.48 0.52
N ARG A 25 18.10 33.60 1.22
CA ARG A 25 17.32 34.84 1.03
C ARG A 25 17.98 35.73 -0.04
N VAL A 26 17.59 35.57 -1.31
CA VAL A 26 18.03 36.47 -2.39
C VAL A 26 17.14 37.72 -2.38
N THR A 27 17.63 38.74 -1.64
CA THR A 27 17.02 40.06 -1.56
C THR A 27 17.31 40.87 -2.84
N ILE A 28 16.28 41.07 -3.66
CA ILE A 28 16.40 41.76 -4.97
C ILE A 28 15.85 43.18 -4.84
N THR A 29 16.56 44.13 -5.46
CA THR A 29 16.18 45.53 -5.52
C THR A 29 15.96 45.92 -7.00
N ILE A 30 14.69 45.84 -7.44
CA ILE A 30 14.28 46.26 -8.80
C ILE A 30 14.13 47.80 -8.82
N ALA A 31 14.67 48.44 -9.87
CA ALA A 31 14.58 49.89 -10.07
C ALA A 31 13.13 50.29 -10.37
N ALA A 32 12.62 51.27 -9.61
CA ALA A 32 11.25 51.78 -9.73
C ALA A 32 10.98 52.41 -11.11
N ASP A 33 12.02 53.02 -11.72
CA ASP A 33 11.94 53.56 -13.09
C ASP A 33 11.72 52.44 -14.12
N SER A 34 12.33 51.28 -13.85
CA SER A 34 12.24 50.09 -14.72
C SER A 34 10.87 49.40 -14.54
N ILE A 35 10.29 49.51 -13.32
CA ILE A 35 8.92 49.04 -13.04
C ILE A 35 7.93 49.88 -13.85
N GLU A 36 8.14 51.21 -13.80
CA GLU A 36 7.33 52.22 -14.52
C GLU A 36 7.35 51.95 -16.04
N THR A 37 8.52 51.56 -16.56
CA THR A 37 8.72 51.19 -17.98
C THR A 37 7.84 49.98 -18.36
N ALA A 38 7.87 48.95 -17.50
CA ALA A 38 7.17 47.67 -17.76
C ALA A 38 5.63 47.82 -17.65
N VAL A 39 5.18 48.61 -16.66
CA VAL A 39 3.75 48.95 -16.46
C VAL A 39 3.21 49.74 -17.65
N LYS A 40 4.04 50.68 -18.14
CA LYS A 40 3.74 51.52 -19.31
C LYS A 40 3.54 50.65 -20.58
N SER A 41 4.42 49.65 -20.74
CA SER A 41 4.36 48.67 -21.83
C SER A 41 3.07 47.82 -21.71
N GLU A 42 2.66 47.54 -20.47
CA GLU A 42 1.49 46.71 -20.18
C GLU A 42 0.17 47.44 -20.53
N LEU A 43 0.09 48.75 -20.21
CA LEU A 43 -1.17 49.54 -20.32
C LEU A 43 -1.64 49.67 -21.79
N VAL A 44 -0.68 49.85 -22.71
CA VAL A 44 -0.99 49.90 -24.17
C VAL A 44 -1.46 48.50 -24.65
N ASN A 45 -0.91 47.44 -24.02
CA ASN A 45 -1.31 46.04 -24.31
C ASN A 45 -2.69 45.72 -23.72
N VAL A 46 -3.05 46.38 -22.59
CA VAL A 46 -4.39 46.26 -21.98
C VAL A 46 -5.42 46.91 -22.92
N ALA A 47 -5.03 48.06 -23.52
CA ALA A 47 -5.85 48.75 -24.54
C ALA A 47 -6.07 47.84 -25.76
N LYS A 48 -5.02 47.07 -26.14
CA LYS A 48 -5.08 46.09 -27.26
C LYS A 48 -5.95 44.89 -26.90
N LYS A 49 -5.88 44.47 -25.64
CA LYS A 49 -6.62 43.31 -25.10
C LYS A 49 -8.13 43.56 -25.11
N VAL A 50 -8.51 44.78 -24.69
CA VAL A 50 -9.92 45.24 -24.68
C VAL A 50 -10.29 45.87 -26.05
N ARG A 51 -9.30 45.91 -26.98
CA ARG A 51 -9.46 46.32 -28.42
C ARG A 51 -9.74 47.83 -28.59
N ILE A 52 -9.50 48.62 -27.53
CA ILE A 52 -9.71 50.09 -27.51
C ILE A 52 -8.41 50.84 -27.95
N ASP A 53 -7.39 50.06 -28.35
CA ASP A 53 -6.07 50.56 -28.79
C ASP A 53 -6.15 51.49 -30.02
N GLY A 54 -7.11 51.20 -30.92
CA GLY A 54 -7.32 52.01 -32.13
C GLY A 54 -7.85 53.40 -31.82
N PHE A 55 -8.51 53.51 -30.65
CA PHE A 55 -9.11 54.75 -30.12
C PHE A 55 -8.11 55.53 -29.25
N ARG A 56 -6.86 55.03 -29.15
CA ARG A 56 -5.74 55.75 -28.53
C ARG A 56 -5.34 56.92 -29.46
N LYS A 57 -5.81 58.12 -29.10
CA LYS A 57 -5.63 59.34 -29.91
C LYS A 57 -4.17 59.82 -29.90
N GLY A 58 -3.48 59.56 -28.77
CA GLY A 58 -2.14 60.06 -28.54
C GLY A 58 -2.13 61.57 -28.31
N LYS A 59 -3.24 62.07 -27.73
CA LYS A 59 -3.40 63.49 -27.38
C LYS A 59 -2.46 63.84 -26.22
N VAL A 60 -2.51 63.01 -25.17
CA VAL A 60 -1.63 63.12 -23.99
C VAL A 60 -0.47 62.10 -24.14
N PRO A 61 0.83 62.53 -23.97
CA PRO A 61 2.01 61.61 -24.01
C PRO A 61 1.87 60.36 -23.09
N MET A 62 2.42 59.23 -23.54
CA MET A 62 2.26 57.92 -22.89
C MET A 62 2.98 57.87 -21.53
N ASN A 63 4.09 58.60 -21.41
CA ASN A 63 4.87 58.68 -20.15
C ASN A 63 4.03 59.31 -19.01
N ILE A 64 3.16 60.26 -19.39
CA ILE A 64 2.30 60.97 -18.45
C ILE A 64 1.13 60.07 -17.99
N VAL A 65 0.41 59.46 -18.96
CA VAL A 65 -0.78 58.63 -18.67
C VAL A 65 -0.42 57.34 -17.92
N ALA A 66 0.82 56.84 -18.15
CA ALA A 66 1.28 55.54 -17.63
C ALA A 66 1.26 55.44 -16.10
N GLN A 67 1.83 56.45 -15.44
CA GLN A 67 1.91 56.50 -13.96
C GLN A 67 0.58 56.96 -13.33
N ARG A 68 -0.42 57.30 -14.15
CA ARG A 68 -1.75 57.74 -13.66
C ARG A 68 -2.76 56.59 -13.70
N TYR A 69 -2.94 55.97 -14.87
CA TYR A 69 -3.87 54.84 -15.06
C TYR A 69 -3.26 53.54 -14.52
N GLY A 70 -1.93 53.45 -14.58
CA GLY A 70 -1.20 52.29 -14.06
C GLY A 70 -0.73 52.47 -12.63
N ALA A 71 -1.14 53.58 -11.97
CA ALA A 71 -0.75 53.91 -10.58
C ALA A 71 -1.21 52.80 -9.60
N SER A 72 -2.40 52.25 -9.87
CA SER A 72 -2.99 51.13 -9.10
C SER A 72 -2.74 49.79 -9.80
N VAL A 73 -2.45 49.83 -11.12
CA VAL A 73 -2.22 48.64 -11.96
C VAL A 73 -0.71 48.35 -12.04
N ARG A 74 -0.16 47.86 -10.92
CA ARG A 74 1.27 47.57 -10.76
C ARG A 74 1.50 46.07 -10.51
N GLN A 75 0.60 45.46 -9.70
CA GLN A 75 0.70 44.05 -9.23
C GLN A 75 0.77 43.06 -10.40
N ASP A 76 -0.06 43.30 -11.42
CA ASP A 76 -0.13 42.46 -12.64
C ASP A 76 1.25 42.35 -13.30
N VAL A 77 1.97 43.47 -13.29
CA VAL A 77 3.30 43.62 -13.91
C VAL A 77 4.41 43.13 -12.96
N LEU A 78 4.13 43.12 -11.64
CA LEU A 78 5.06 42.54 -10.63
C LEU A 78 5.13 41.00 -10.78
N GLY A 79 4.06 40.40 -11.33
CA GLY A 79 4.05 38.98 -11.70
C GLY A 79 5.06 38.68 -12.82
N ASP A 80 5.34 39.69 -13.63
CA ASP A 80 6.38 39.66 -14.68
C ASP A 80 7.77 39.94 -14.04
N LEU A 81 7.86 41.09 -13.35
CA LEU A 81 9.12 41.67 -12.87
C LEU A 81 9.78 40.82 -11.77
N MET A 82 9.08 40.65 -10.63
CA MET A 82 9.60 39.96 -9.44
C MET A 82 10.07 38.53 -9.77
N SER A 83 9.39 37.92 -10.76
CA SER A 83 9.68 36.55 -11.22
C SER A 83 10.92 36.50 -12.12
N ARG A 84 10.99 37.38 -13.15
CA ARG A 84 12.09 37.36 -14.15
C ARG A 84 13.42 37.85 -13.55
N ASN A 85 13.37 38.96 -12.80
CA ASN A 85 14.56 39.51 -12.10
C ASN A 85 15.08 38.54 -11.00
N PHE A 86 14.27 37.54 -10.66
CA PHE A 86 14.65 36.46 -9.76
C PHE A 86 15.33 35.31 -10.53
N ILE A 87 14.54 34.64 -11.40
CA ILE A 87 14.94 33.40 -12.10
C ILE A 87 16.20 33.60 -12.99
N ASP A 88 16.29 34.79 -13.61
CA ASP A 88 17.44 35.17 -14.45
C ASP A 88 18.72 35.25 -13.63
N ALA A 89 18.65 36.01 -12.52
CA ALA A 89 19.79 36.29 -11.65
C ALA A 89 20.33 35.02 -10.97
N ILE A 90 19.44 34.27 -10.30
CA ILE A 90 19.84 33.13 -9.45
C ILE A 90 20.48 31.98 -10.27
N ILE A 91 19.91 31.67 -11.44
CA ILE A 91 20.35 30.53 -12.26
C ILE A 91 21.74 30.78 -12.87
N LYS A 92 22.01 32.04 -13.30
CA LYS A 92 23.34 32.40 -13.84
C LYS A 92 24.39 32.47 -12.71
N GLU A 93 23.92 32.56 -11.45
CA GLU A 93 24.77 32.48 -10.24
C GLU A 93 24.80 31.04 -9.66
N LYS A 94 24.23 30.08 -10.43
CA LYS A 94 24.22 28.63 -10.11
C LYS A 94 23.37 28.30 -8.84
N ILE A 95 22.53 29.24 -8.43
CA ILE A 95 21.59 29.07 -7.30
C ILE A 95 20.23 28.57 -7.84
N ASN A 96 19.97 27.25 -7.70
CA ASN A 96 18.74 26.60 -8.21
C ASN A 96 17.74 26.39 -7.04
N PRO A 97 16.48 26.96 -7.13
CA PRO A 97 15.45 26.84 -6.07
C PRO A 97 14.83 25.42 -5.96
N ALA A 98 14.98 24.80 -4.78
CA ALA A 98 14.30 23.55 -4.41
C ALA A 98 12.93 23.87 -3.79
N GLY A 99 11.86 23.29 -4.36
CA GLY A 99 10.50 23.43 -3.85
C GLY A 99 9.78 24.62 -4.49
N ALA A 100 9.71 25.75 -3.76
CA ALA A 100 9.00 26.97 -4.21
C ALA A 100 9.55 28.21 -3.46
N PRO A 101 9.79 29.36 -4.18
CA PRO A 101 10.39 30.59 -3.59
C PRO A 101 9.38 31.45 -2.78
N THR A 102 9.72 31.73 -1.52
CA THR A 102 8.88 32.56 -0.61
C THR A 102 9.27 34.05 -0.76
N TYR A 103 8.55 34.78 -1.60
CA TYR A 103 8.73 36.24 -1.79
C TYR A 103 8.21 37.00 -0.56
N VAL A 104 9.06 37.86 0.02
CA VAL A 104 8.68 38.72 1.17
C VAL A 104 8.86 40.21 0.76
N PRO A 105 7.81 40.85 0.14
CA PRO A 105 7.82 42.29 -0.17
C PRO A 105 7.22 43.10 1.01
N GLY A 106 8.07 43.90 1.68
CA GLY A 106 7.62 44.72 2.83
C GLY A 106 6.52 45.71 2.47
N GLU A 107 6.75 46.44 1.37
CA GLU A 107 5.83 47.45 0.83
C GLU A 107 6.25 47.83 -0.59
N TYR A 108 5.26 48.07 -1.48
CA TYR A 108 5.53 48.51 -2.86
C TYR A 108 5.77 50.02 -2.90
N LYS A 109 6.76 50.45 -3.70
CA LYS A 109 7.12 51.88 -3.90
C LYS A 109 7.38 52.19 -5.38
N LEU A 110 7.23 53.48 -5.71
CA LEU A 110 7.62 54.07 -7.00
C LEU A 110 8.48 55.31 -6.70
N GLY A 111 9.48 55.58 -7.55
CA GLY A 111 10.52 56.59 -7.27
C GLY A 111 11.65 56.02 -6.43
N GLU A 112 11.29 55.41 -5.29
CA GLU A 112 12.22 54.64 -4.45
C GLU A 112 12.29 53.20 -4.97
N ASP A 113 13.52 52.64 -4.97
CA ASP A 113 13.81 51.29 -5.50
C ASP A 113 13.10 50.20 -4.67
N PHE A 114 12.29 49.37 -5.37
CA PHE A 114 11.48 48.32 -4.75
C PHE A 114 12.36 47.10 -4.37
N THR A 115 12.61 46.96 -3.06
CA THR A 115 13.39 45.87 -2.46
C THR A 115 12.45 44.80 -1.88
N TYR A 116 12.81 43.52 -2.02
CA TYR A 116 12.02 42.38 -1.50
C TYR A 116 12.95 41.15 -1.30
N SER A 117 12.74 40.44 -0.19
CA SER A 117 13.59 39.31 0.23
C SER A 117 12.92 37.96 -0.12
N VAL A 118 13.48 37.23 -1.09
CA VAL A 118 12.94 35.91 -1.51
C VAL A 118 13.73 34.78 -0.81
N GLU A 119 13.11 34.14 0.20
CA GLU A 119 13.72 33.02 0.94
C GLU A 119 13.26 31.68 0.34
N PHE A 120 14.22 30.87 -0.11
CA PHE A 120 13.97 29.57 -0.75
C PHE A 120 15.15 28.66 -0.49
N GLU A 121 14.89 27.35 -0.40
CA GLU A 121 15.96 26.34 -0.28
C GLU A 121 16.59 26.07 -1.65
N VAL A 122 17.78 25.48 -1.66
CA VAL A 122 18.51 25.12 -2.89
C VAL A 122 18.74 23.60 -2.93
N TYR A 123 18.96 23.06 -4.15
CA TYR A 123 19.31 21.65 -4.35
C TYR A 123 20.76 21.39 -3.87
N PRO A 124 20.98 20.49 -2.87
CA PRO A 124 22.34 20.13 -2.40
C PRO A 124 22.95 18.98 -3.23
N GLU A 125 24.29 18.97 -3.33
CA GLU A 125 25.04 17.89 -4.00
C GLU A 125 25.03 16.65 -3.11
N VAL A 126 24.44 15.55 -3.63
CA VAL A 126 24.25 14.31 -2.86
C VAL A 126 25.55 13.49 -2.86
N GLU A 127 25.94 12.96 -1.71
CA GLU A 127 27.19 12.20 -1.55
C GLU A 127 26.91 10.70 -1.47
N LEU A 128 27.78 9.90 -2.11
CA LEU A 128 27.73 8.43 -2.11
C LEU A 128 29.01 7.88 -1.51
N GLN A 129 28.91 7.38 -0.27
CA GLN A 129 29.98 6.64 0.41
C GLN A 129 30.16 5.26 -0.24
N GLY A 130 31.10 4.45 0.30
CA GLY A 130 31.34 3.10 -0.20
C GLY A 130 30.10 2.24 -0.18
N LEU A 131 29.66 1.83 -1.39
CA LEU A 131 28.48 0.96 -1.57
C LEU A 131 28.80 -0.49 -1.13
N GLU A 132 30.09 -0.73 -0.85
CA GLU A 132 30.63 -1.92 -0.17
C GLU A 132 29.99 -2.10 1.23
N ALA A 133 29.68 -0.97 1.87
CA ALA A 133 29.08 -0.94 3.24
C ALA A 133 27.65 -1.52 3.28
N ILE A 134 27.02 -1.62 2.10
CA ILE A 134 25.68 -2.20 1.93
C ILE A 134 25.79 -3.72 1.90
N GLU A 135 24.96 -4.41 2.70
CA GLU A 135 24.92 -5.88 2.77
C GLU A 135 23.52 -6.37 2.39
N VAL A 136 23.45 -7.14 1.30
CA VAL A 136 22.22 -7.73 0.78
C VAL A 136 22.35 -9.27 0.80
N GLU A 137 21.23 -9.97 0.96
CA GLU A 137 21.17 -11.43 0.86
C GLU A 137 20.39 -11.79 -0.43
N LYS A 138 20.94 -12.74 -1.19
CA LYS A 138 20.34 -13.25 -2.44
C LYS A 138 20.07 -14.76 -2.26
N PRO A 139 18.89 -15.13 -1.66
CA PRO A 139 18.58 -16.54 -1.38
C PRO A 139 17.93 -17.24 -2.59
N ILE A 140 18.71 -18.13 -3.23
CA ILE A 140 18.23 -19.05 -4.27
C ILE A 140 17.22 -20.04 -3.64
N VAL A 141 15.98 -19.97 -4.10
CA VAL A 141 14.89 -20.82 -3.59
C VAL A 141 14.57 -21.93 -4.59
N GLU A 142 14.77 -23.17 -4.15
CA GLU A 142 14.37 -24.36 -4.92
C GLU A 142 12.92 -24.73 -4.55
N VAL A 143 12.06 -24.83 -5.57
CA VAL A 143 10.68 -25.31 -5.42
C VAL A 143 10.58 -26.68 -6.13
N THR A 144 10.27 -27.74 -5.38
CA THR A 144 10.04 -29.09 -5.93
C THR A 144 8.53 -29.37 -5.90
N ASP A 145 8.12 -30.52 -6.44
CA ASP A 145 6.71 -30.99 -6.41
C ASP A 145 6.26 -31.29 -4.97
N ALA A 146 7.25 -31.60 -4.10
CA ALA A 146 7.02 -31.77 -2.66
C ALA A 146 6.59 -30.42 -2.04
N ASP A 147 7.27 -29.33 -2.47
CA ASP A 147 6.97 -27.96 -2.02
C ASP A 147 5.61 -27.49 -2.57
N VAL A 148 5.31 -27.81 -3.85
CA VAL A 148 4.03 -27.42 -4.50
C VAL A 148 2.84 -28.10 -3.79
N ASP A 149 2.95 -29.44 -3.63
CA ASP A 149 1.93 -30.30 -3.00
C ASP A 149 1.71 -29.89 -1.54
N GLY A 150 2.83 -29.74 -0.81
CA GLY A 150 2.83 -29.38 0.60
C GLY A 150 2.31 -27.97 0.85
N MET A 151 2.60 -27.05 -0.08
CA MET A 151 2.12 -25.65 -0.01
C MET A 151 0.60 -25.60 -0.20
N LEU A 152 0.09 -26.38 -1.17
CA LEU A 152 -1.36 -26.55 -1.40
C LEU A 152 -2.07 -27.12 -0.14
N ASP A 153 -1.39 -28.09 0.51
CA ASP A 153 -1.84 -28.68 1.79
C ASP A 153 -1.84 -27.63 2.91
N THR A 154 -0.81 -26.73 2.91
CA THR A 154 -0.70 -25.63 3.89
C THR A 154 -1.91 -24.69 3.77
N LEU A 155 -2.21 -24.31 2.51
CA LEU A 155 -3.35 -23.44 2.17
C LEU A 155 -4.68 -24.09 2.56
N ARG A 156 -4.74 -25.42 2.38
CA ARG A 156 -5.92 -26.25 2.72
C ARG A 156 -5.97 -26.61 4.22
N LYS A 157 -4.89 -26.36 4.98
CA LYS A 157 -4.93 -26.45 6.46
C LYS A 157 -5.22 -25.07 7.11
N GLN A 158 -4.86 -23.97 6.41
CA GLN A 158 -5.17 -22.59 6.87
C GLN A 158 -6.64 -22.26 6.58
N GLN A 159 -7.12 -22.76 5.41
CA GLN A 159 -8.51 -22.59 4.95
C GLN A 159 -9.27 -23.93 5.12
N ALA A 160 -8.92 -24.67 6.19
CA ALA A 160 -9.51 -25.97 6.52
C ALA A 160 -10.99 -25.83 6.93
N THR A 161 -11.84 -26.74 6.43
CA THR A 161 -13.27 -26.81 6.76
C THR A 161 -13.44 -27.53 8.13
N TRP A 162 -13.81 -26.75 9.17
CA TRP A 162 -13.93 -27.27 10.54
C TRP A 162 -15.25 -28.03 10.75
N LYS A 163 -15.15 -29.07 11.56
CA LYS A 163 -16.21 -30.05 11.83
C LYS A 163 -15.99 -30.58 13.25
N GLU A 164 -17.03 -31.08 13.92
CA GLU A 164 -16.84 -31.79 15.20
C GLU A 164 -16.33 -33.21 14.99
N LYS A 165 -15.62 -33.69 16.00
CA LYS A 165 -15.20 -35.09 16.13
C LYS A 165 -15.19 -35.45 17.62
N ASP A 166 -14.88 -36.71 17.90
CA ASP A 166 -14.74 -37.22 19.26
C ASP A 166 -13.56 -38.20 19.27
N GLY A 167 -12.67 -38.01 20.25
CA GLY A 167 -11.39 -38.72 20.33
C GLY A 167 -10.21 -37.76 20.38
N ALA A 168 -9.03 -38.24 19.96
CA ALA A 168 -7.74 -37.57 20.17
C ALA A 168 -7.67 -36.17 19.52
N VAL A 169 -7.50 -35.16 20.37
CA VAL A 169 -7.20 -33.78 19.99
C VAL A 169 -5.77 -33.68 19.44
N GLU A 170 -5.61 -32.95 18.32
CA GLU A 170 -4.28 -32.59 17.79
C GLU A 170 -3.86 -31.21 18.31
N ALA A 171 -2.58 -30.89 18.12
CA ALA A 171 -1.96 -29.62 18.58
C ALA A 171 -2.30 -28.43 17.65
N GLU A 172 -3.16 -28.68 16.64
CA GLU A 172 -3.56 -27.69 15.63
C GLU A 172 -5.10 -27.60 15.56
N ASP A 173 -5.80 -28.31 16.44
CA ASP A 173 -7.28 -28.39 16.39
C ASP A 173 -7.93 -27.27 17.21
N ARG A 174 -9.26 -27.30 17.23
CA ARG A 174 -10.10 -26.47 18.11
C ARG A 174 -10.88 -27.43 18.99
N VAL A 175 -11.43 -26.94 20.10
CA VAL A 175 -12.23 -27.76 21.03
C VAL A 175 -13.34 -26.94 21.69
N THR A 176 -14.10 -27.66 22.53
CA THR A 176 -15.03 -27.10 23.50
C THR A 176 -14.72 -27.77 24.86
N ILE A 177 -14.12 -27.02 25.78
CA ILE A 177 -13.89 -27.52 27.14
C ILE A 177 -14.85 -26.86 28.14
N ASP A 178 -14.63 -27.25 29.37
CA ASP A 178 -15.06 -26.60 30.58
C ASP A 178 -13.79 -26.52 31.44
N PHE A 179 -13.81 -25.75 32.52
CA PHE A 179 -12.72 -25.79 33.50
C PHE A 179 -13.14 -25.18 34.81
N THR A 180 -12.57 -25.71 35.88
CA THR A 180 -12.65 -25.16 37.22
C THR A 180 -11.37 -24.34 37.49
N GLY A 181 -11.51 -23.01 37.36
CA GLY A 181 -10.42 -22.07 37.57
C GLY A 181 -9.95 -22.05 39.01
N SER A 182 -8.69 -22.41 39.24
CA SER A 182 -8.12 -22.56 40.59
C SER A 182 -6.73 -21.90 40.69
N VAL A 183 -6.46 -21.31 41.86
CA VAL A 183 -5.17 -20.70 42.21
C VAL A 183 -4.62 -21.45 43.43
N ASP A 184 -3.51 -22.19 43.22
CA ASP A 184 -2.90 -23.10 44.22
C ASP A 184 -3.86 -24.26 44.60
N GLY A 185 -4.83 -24.55 43.71
CA GLY A 185 -5.84 -25.58 43.96
C GLY A 185 -7.18 -25.01 44.39
N GLU A 186 -7.18 -23.75 44.85
CA GLU A 186 -8.37 -23.08 45.37
C GLU A 186 -9.21 -22.53 44.20
N GLU A 187 -10.31 -23.22 43.90
CA GLU A 187 -11.25 -22.83 42.85
C GLU A 187 -11.94 -21.49 43.17
N PHE A 188 -11.27 -20.39 42.80
CA PHE A 188 -11.76 -19.02 43.08
C PHE A 188 -13.09 -18.74 42.35
N GLU A 189 -13.97 -17.97 43.00
CA GLU A 189 -15.36 -17.77 42.54
C GLU A 189 -15.41 -16.81 41.34
N GLY A 190 -16.31 -17.14 40.38
CA GLY A 190 -16.35 -16.45 39.08
C GLY A 190 -15.43 -17.12 38.07
N GLY A 191 -14.31 -17.67 38.57
CA GLY A 191 -13.23 -18.18 37.74
C GLY A 191 -13.48 -19.58 37.33
N LYS A 192 -14.45 -19.75 36.44
CA LYS A 192 -14.80 -21.01 35.80
C LYS A 192 -15.38 -20.65 34.42
N ALA A 193 -15.25 -21.55 33.45
CA ALA A 193 -15.91 -21.39 32.14
C ALA A 193 -16.51 -22.73 31.73
N SER A 194 -17.71 -22.67 31.16
CA SER A 194 -18.54 -23.82 30.84
C SER A 194 -18.98 -23.72 29.37
N ASP A 195 -18.59 -24.76 28.59
CA ASP A 195 -18.79 -24.83 27.11
C ASP A 195 -17.90 -23.77 26.41
N PHE A 196 -16.74 -23.48 27.03
CA PHE A 196 -15.74 -22.53 26.52
C PHE A 196 -15.03 -23.14 25.29
N VAL A 197 -15.09 -22.43 24.16
CA VAL A 197 -14.40 -22.82 22.92
C VAL A 197 -12.95 -22.26 22.93
N LEU A 198 -11.96 -23.17 22.81
CA LEU A 198 -10.54 -22.79 22.73
C LEU A 198 -9.94 -23.32 21.41
N ALA A 199 -9.19 -22.45 20.71
CA ALA A 199 -8.61 -22.73 19.39
C ALA A 199 -7.07 -22.64 19.45
N MET A 200 -6.39 -23.46 18.61
CA MET A 200 -4.93 -23.50 18.52
C MET A 200 -4.45 -22.85 17.22
N GLY A 201 -3.12 -22.68 17.12
CA GLY A 201 -2.50 -21.91 16.03
C GLY A 201 -2.61 -20.40 16.26
N GLN A 202 -3.15 -20.03 17.42
CA GLN A 202 -3.29 -18.63 17.87
C GLN A 202 -3.09 -18.56 19.39
N GLY A 203 -2.28 -17.58 19.83
CA GLY A 203 -1.98 -17.38 21.25
C GLY A 203 -2.95 -16.44 21.93
N ARG A 204 -4.25 -16.66 21.67
CA ARG A 204 -5.34 -15.89 22.26
C ARG A 204 -5.84 -16.58 23.55
N MET A 205 -4.90 -16.78 24.49
CA MET A 205 -5.17 -17.38 25.81
C MET A 205 -3.94 -17.20 26.72
N ILE A 206 -4.09 -17.66 27.97
CA ILE A 206 -2.98 -17.85 28.92
C ILE A 206 -1.94 -18.82 28.29
N PRO A 207 -0.63 -18.43 28.19
CA PRO A 207 0.44 -19.32 27.67
C PRO A 207 0.58 -20.60 28.53
N GLY A 208 0.29 -21.76 27.91
CA GLY A 208 0.38 -23.06 28.58
C GLY A 208 -0.99 -23.63 28.95
N PHE A 209 -2.04 -22.80 28.82
CA PHE A 209 -3.44 -23.18 29.14
C PHE A 209 -3.94 -24.25 28.15
N GLU A 210 -3.63 -24.01 26.86
CA GLU A 210 -4.05 -24.86 25.73
C GLU A 210 -3.38 -26.25 25.75
N ASP A 211 -2.24 -26.36 26.49
CA ASP A 211 -1.42 -27.60 26.60
C ASP A 211 -2.25 -28.83 26.96
N GLY A 212 -3.06 -28.69 28.04
CA GLY A 212 -3.87 -29.79 28.57
C GLY A 212 -4.88 -30.32 27.58
N ILE A 213 -5.36 -29.44 26.71
CA ILE A 213 -6.30 -29.78 25.65
C ILE A 213 -5.58 -30.60 24.53
N LYS A 214 -4.36 -30.14 24.16
CA LYS A 214 -3.62 -30.57 22.94
C LYS A 214 -3.29 -32.08 22.84
N GLY A 215 -3.46 -32.84 23.92
CA GLY A 215 -2.99 -34.23 23.97
C GLY A 215 -3.87 -35.08 24.86
N HIS A 216 -5.18 -34.88 24.73
CA HIS A 216 -6.21 -35.69 25.41
C HIS A 216 -7.32 -36.02 24.40
N LYS A 217 -8.46 -36.52 24.89
CA LYS A 217 -9.63 -36.84 24.05
C LYS A 217 -10.90 -36.18 24.63
N ALA A 218 -11.95 -36.12 23.79
CA ALA A 218 -13.16 -35.33 24.02
C ALA A 218 -14.18 -36.03 24.96
N GLY A 219 -13.69 -36.58 26.06
CA GLY A 219 -14.55 -37.16 27.09
C GLY A 219 -13.92 -37.13 28.46
N GLU A 220 -12.90 -36.27 28.66
CA GLU A 220 -12.04 -36.36 29.84
C GLU A 220 -12.14 -35.16 30.80
N GLU A 221 -11.82 -35.51 32.04
CA GLU A 221 -11.68 -34.60 33.20
C GLU A 221 -10.23 -34.71 33.69
N PHE A 222 -9.53 -33.57 33.72
CA PHE A 222 -8.11 -33.52 34.12
C PHE A 222 -7.75 -32.12 34.57
N THR A 223 -6.79 -32.04 35.49
CA THR A 223 -6.39 -30.78 36.14
C THR A 223 -4.92 -30.52 35.81
N ILE A 224 -4.67 -29.47 35.02
CA ILE A 224 -3.33 -29.20 34.48
C ILE A 224 -2.60 -28.12 35.28
N ASP A 225 -1.27 -28.24 35.27
CA ASP A 225 -0.36 -27.30 35.92
C ASP A 225 0.13 -26.28 34.90
N VAL A 226 -0.41 -25.06 34.98
CA VAL A 226 -0.04 -23.96 34.08
C VAL A 226 0.60 -22.83 34.87
N THR A 227 0.89 -21.75 34.15
CA THR A 227 1.40 -20.50 34.69
C THR A 227 0.74 -19.34 33.93
N PHE A 228 0.14 -18.41 34.71
CA PHE A 228 -0.50 -17.19 34.22
C PHE A 228 0.44 -16.32 33.34
N PRO A 229 -0.13 -15.41 32.49
CA PRO A 229 0.68 -14.46 31.71
C PRO A 229 1.15 -13.30 32.62
N GLU A 230 2.17 -12.55 32.20
CA GLU A 230 2.59 -11.31 32.91
C GLU A 230 1.73 -10.11 32.46
N GLU A 231 0.90 -10.35 31.43
CA GLU A 231 -0.14 -9.40 30.98
C GLU A 231 -1.47 -9.65 31.72
N TYR A 232 -1.50 -10.69 32.58
CA TYR A 232 -2.60 -10.95 33.53
C TYR A 232 -2.79 -9.74 34.47
N HIS A 233 -4.06 -9.30 34.63
CA HIS A 233 -4.40 -8.05 35.34
C HIS A 233 -3.94 -8.07 36.81
N ALA A 234 -4.25 -9.16 37.53
CA ALA A 234 -3.81 -9.31 38.92
C ALA A 234 -2.28 -9.50 38.95
N GLU A 235 -1.58 -8.49 39.49
CA GLU A 235 -0.10 -8.48 39.53
C GLU A 235 0.45 -9.55 40.50
N ASN A 236 -0.33 -9.81 41.57
CA ASN A 236 -0.03 -10.86 42.57
C ASN A 236 -0.22 -12.27 41.96
N LEU A 237 -0.85 -12.33 40.77
CA LEU A 237 -1.13 -13.57 40.05
C LEU A 237 -0.53 -13.58 38.64
N LYS A 238 0.18 -12.51 38.22
CA LYS A 238 0.78 -12.49 36.87
C LYS A 238 2.05 -13.36 36.87
N GLY A 239 2.11 -14.32 35.92
CA GLY A 239 3.21 -15.28 35.86
C GLY A 239 3.21 -16.27 37.02
N LYS A 240 2.04 -16.46 37.66
CA LYS A 240 1.89 -17.30 38.86
C LYS A 240 1.29 -18.66 38.45
N ALA A 241 1.81 -19.75 39.05
CA ALA A 241 1.42 -21.13 38.71
C ALA A 241 -0.01 -21.45 39.21
N ALA A 242 -0.89 -21.81 38.27
CA ALA A 242 -2.32 -22.05 38.54
C ALA A 242 -2.72 -23.49 38.23
N LYS A 243 -3.92 -23.85 38.68
CA LYS A 243 -4.57 -25.16 38.43
C LYS A 243 -5.85 -24.90 37.62
N PHE A 244 -6.10 -25.71 36.59
CA PHE A 244 -7.35 -25.65 35.82
C PHE A 244 -7.84 -27.06 35.57
N ALA A 245 -8.96 -27.44 36.23
CA ALA A 245 -9.60 -28.73 36.03
C ALA A 245 -10.39 -28.70 34.72
N ILE A 246 -9.65 -28.90 33.63
CA ILE A 246 -10.14 -28.82 32.26
C ILE A 246 -11.01 -30.05 31.92
N ASN A 247 -12.31 -29.82 31.73
CA ASN A 247 -13.28 -30.85 31.31
C ASN A 247 -13.47 -30.75 29.80
N LEU A 248 -12.54 -31.37 29.08
CA LEU A 248 -12.55 -31.45 27.62
C LEU A 248 -13.79 -32.26 27.13
N LYS A 249 -14.86 -31.53 26.71
CA LYS A 249 -16.16 -32.13 26.37
C LYS A 249 -16.21 -32.57 24.90
N LYS A 250 -15.72 -31.67 24.03
CA LYS A 250 -15.71 -31.88 22.57
C LYS A 250 -14.37 -31.43 21.98
N VAL A 251 -14.04 -31.99 20.82
CA VAL A 251 -12.93 -31.53 19.96
C VAL A 251 -13.46 -31.36 18.53
N GLU A 252 -13.08 -30.26 17.88
CA GLU A 252 -13.38 -29.98 16.47
C GLU A 252 -12.13 -30.21 15.61
N GLU A 253 -12.34 -30.99 14.54
CA GLU A 253 -11.33 -31.37 13.56
C GLU A 253 -11.30 -30.37 12.41
N ARG A 254 -10.08 -29.97 12.01
CA ARG A 254 -9.86 -29.30 10.75
C ARG A 254 -9.79 -30.37 9.64
N GLU A 255 -10.54 -30.13 8.58
CA GLU A 255 -10.57 -31.03 7.40
C GLU A 255 -10.03 -30.28 6.20
N LEU A 256 -9.24 -30.99 5.37
CA LEU A 256 -8.85 -30.53 4.04
C LEU A 256 -10.13 -30.26 3.21
N PRO A 257 -10.42 -28.97 2.83
CA PRO A 257 -11.71 -28.52 2.21
C PRO A 257 -12.08 -29.25 0.91
N GLU A 258 -13.10 -28.73 0.22
CA GLU A 258 -13.63 -29.31 -1.02
C GLU A 258 -12.52 -29.39 -2.12
N LEU A 259 -12.44 -30.54 -2.80
CA LEU A 259 -11.60 -30.70 -4.01
C LEU A 259 -12.53 -30.74 -5.25
N THR A 260 -13.83 -30.39 -5.03
CA THR A 260 -14.86 -30.25 -6.07
C THR A 260 -14.35 -29.33 -7.20
N ALA A 261 -14.51 -29.76 -8.47
CA ALA A 261 -13.89 -29.08 -9.64
C ALA A 261 -14.31 -27.59 -9.74
N GLU A 262 -15.60 -27.33 -9.52
CA GLU A 262 -16.16 -25.96 -9.50
C GLU A 262 -15.60 -25.11 -8.33
N PHE A 263 -15.14 -25.76 -7.26
CA PHE A 263 -14.57 -25.06 -6.08
C PHE A 263 -13.06 -24.84 -6.26
N ILE A 264 -12.34 -25.88 -6.73
CA ILE A 264 -10.87 -25.85 -6.90
C ILE A 264 -10.49 -24.76 -7.91
N LYS A 265 -11.32 -24.57 -8.97
CA LYS A 265 -11.11 -23.49 -9.97
C LYS A 265 -11.65 -22.12 -9.49
N ARG A 266 -12.50 -22.12 -8.43
CA ARG A 266 -13.27 -20.93 -7.99
C ARG A 266 -12.35 -19.83 -7.43
N PHE A 267 -11.22 -20.27 -6.88
CA PHE A 267 -10.15 -19.38 -6.39
C PHE A 267 -9.56 -18.52 -7.52
N GLY A 268 -9.59 -19.07 -8.74
CA GLY A 268 -8.99 -18.44 -9.90
C GLY A 268 -7.93 -19.33 -10.55
N VAL A 269 -8.17 -20.65 -10.48
CA VAL A 269 -7.39 -21.65 -11.20
C VAL A 269 -8.06 -21.81 -12.57
N GLU A 270 -7.40 -21.30 -13.61
CA GLU A 270 -7.98 -21.21 -14.97
C GLU A 270 -8.26 -22.62 -15.54
N ASP A 271 -7.24 -23.47 -15.41
CA ASP A 271 -7.27 -24.90 -15.79
C ASP A 271 -7.45 -25.74 -14.50
N GLY A 272 -8.66 -25.61 -13.90
CA GLY A 272 -8.97 -26.14 -12.55
C GLY A 272 -9.16 -27.66 -12.46
N SER A 273 -8.20 -28.44 -13.01
CA SER A 273 -8.06 -29.87 -12.71
C SER A 273 -7.04 -30.04 -11.57
N VAL A 274 -6.72 -31.30 -11.21
CA VAL A 274 -5.75 -31.58 -10.14
C VAL A 274 -4.32 -31.27 -10.63
N GLU A 275 -3.90 -31.93 -11.74
CA GLU A 275 -2.61 -31.66 -12.40
C GLU A 275 -2.55 -30.20 -12.89
N GLY A 276 -3.73 -29.67 -13.27
CA GLY A 276 -3.89 -28.28 -13.65
C GLY A 276 -3.70 -27.31 -12.49
N LEU A 277 -4.03 -27.78 -11.26
CA LEU A 277 -3.85 -26.99 -10.03
C LEU A 277 -2.36 -26.93 -9.71
N ARG A 278 -1.69 -28.10 -9.81
CA ARG A 278 -0.25 -28.23 -9.60
C ARG A 278 0.55 -27.30 -10.54
N ALA A 279 0.19 -27.32 -11.83
CA ALA A 279 0.86 -26.51 -12.88
C ALA A 279 0.53 -25.02 -12.73
N GLU A 280 -0.74 -24.71 -12.35
CA GLU A 280 -1.20 -23.33 -12.10
C GLU A 280 -0.31 -22.69 -11.04
N VAL A 281 -0.33 -23.31 -9.85
CA VAL A 281 0.41 -22.84 -8.67
C VAL A 281 1.93 -22.89 -8.92
N ARG A 282 2.40 -23.86 -9.74
CA ARG A 282 3.83 -23.95 -10.13
C ARG A 282 4.30 -22.67 -10.88
N LYS A 283 3.60 -22.33 -11.98
CA LYS A 283 3.98 -21.15 -12.80
C LYS A 283 3.71 -19.85 -12.04
N ASN A 284 2.73 -19.88 -11.11
CA ASN A 284 2.45 -18.76 -10.19
C ASN A 284 3.59 -18.60 -9.18
N MET A 285 4.13 -19.74 -8.71
CA MET A 285 5.23 -19.77 -7.72
C MET A 285 6.46 -19.10 -8.31
N GLU A 286 6.91 -19.59 -9.48
CA GLU A 286 8.14 -19.11 -10.16
C GLU A 286 8.06 -17.61 -10.49
N ARG A 287 6.88 -17.18 -10.97
CA ARG A 287 6.59 -15.77 -11.31
C ARG A 287 6.62 -14.88 -10.05
N GLU A 288 5.99 -15.39 -8.98
CA GLU A 288 5.91 -14.71 -7.68
C GLU A 288 7.28 -14.70 -6.97
N LEU A 289 8.06 -15.77 -7.23
CA LEU A 289 9.32 -16.07 -6.53
C LEU A 289 10.46 -15.23 -7.10
N LYS A 290 10.44 -15.04 -8.43
CA LYS A 290 11.36 -14.12 -9.10
C LYS A 290 11.17 -12.69 -8.53
N SER A 291 9.89 -12.36 -8.22
CA SER A 291 9.51 -11.09 -7.59
C SER A 291 9.88 -11.09 -6.08
N ALA A 292 9.82 -12.27 -5.43
CA ALA A 292 10.21 -12.41 -4.01
C ALA A 292 11.68 -12.03 -3.84
N ILE A 293 12.54 -12.67 -4.68
CA ILE A 293 13.98 -12.42 -4.74
C ILE A 293 14.27 -10.99 -5.23
N ARG A 294 13.55 -10.52 -6.26
CA ARG A 294 13.82 -9.20 -6.88
C ARG A 294 13.57 -8.07 -5.86
N ASN A 295 12.40 -8.12 -5.20
CA ASN A 295 12.01 -7.15 -4.18
C ASN A 295 12.86 -7.33 -2.91
N ARG A 296 13.28 -8.57 -2.59
CA ARG A 296 14.24 -8.87 -1.49
C ARG A 296 15.54 -8.06 -1.68
N VAL A 297 16.20 -8.32 -2.82
CA VAL A 297 17.53 -7.81 -3.12
C VAL A 297 17.50 -6.28 -3.29
N LYS A 298 16.45 -5.76 -3.95
CA LYS A 298 16.25 -4.32 -4.15
C LYS A 298 15.95 -3.61 -2.81
N SER A 299 15.07 -4.20 -1.96
CA SER A 299 14.65 -3.56 -0.68
C SER A 299 15.81 -3.47 0.32
N GLN A 300 16.67 -4.51 0.34
CA GLN A 300 17.89 -4.54 1.19
C GLN A 300 18.98 -3.62 0.62
N ALA A 301 19.01 -3.46 -0.74
CA ALA A 301 19.86 -2.46 -1.39
C ALA A 301 19.47 -1.04 -0.94
N ILE A 302 18.14 -0.76 -0.92
CA ILE A 302 17.57 0.53 -0.47
C ILE A 302 17.92 0.77 1.01
N GLU A 303 17.67 -0.28 1.83
CA GLU A 303 17.89 -0.27 3.28
C GLU A 303 19.35 0.14 3.59
N GLY A 304 20.28 -0.58 2.95
CA GLY A 304 21.71 -0.39 3.15
C GLY A 304 22.24 0.92 2.55
N LEU A 305 21.66 1.35 1.40
CA LEU A 305 22.09 2.59 0.69
C LEU A 305 21.79 3.82 1.57
N VAL A 306 20.54 3.89 2.06
CA VAL A 306 20.08 4.97 2.95
C VAL A 306 20.84 4.88 4.30
N LYS A 307 20.99 3.65 4.81
CA LYS A 307 21.73 3.39 6.07
C LYS A 307 23.19 3.87 5.98
N ALA A 308 23.76 3.75 4.76
CA ALA A 308 25.14 4.18 4.47
C ALA A 308 25.25 5.70 4.32
N ASN A 309 24.17 6.39 3.89
CA ASN A 309 24.26 7.80 3.40
C ASN A 309 23.17 8.69 4.00
N ASP A 310 23.58 9.89 4.45
CA ASP A 310 22.69 10.92 5.00
C ASP A 310 23.13 12.30 4.51
N ILE A 311 22.15 13.18 4.26
CA ILE A 311 22.36 14.51 3.67
C ILE A 311 21.29 15.48 4.23
N ASP A 312 21.62 16.79 4.28
CA ASP A 312 20.64 17.85 4.59
C ASP A 312 19.66 17.98 3.43
N VAL A 313 18.57 17.20 3.54
CA VAL A 313 17.47 17.20 2.58
C VAL A 313 16.66 18.51 2.72
N PRO A 314 16.33 19.23 1.59
CA PRO A 314 15.39 20.37 1.61
C PRO A 314 14.07 19.97 2.29
N ALA A 315 13.66 20.76 3.30
CA ALA A 315 12.45 20.53 4.09
C ALA A 315 11.21 20.42 3.18
N ALA A 316 11.19 21.25 2.10
CA ALA A 316 10.12 21.30 1.10
C ALA A 316 9.82 19.91 0.51
N LEU A 317 10.89 19.15 0.19
CA LEU A 317 10.78 17.80 -0.39
C LEU A 317 10.13 16.82 0.63
N ILE A 318 10.58 16.93 1.90
CA ILE A 318 10.08 16.10 3.01
C ILE A 318 8.58 16.38 3.24
N ASP A 319 8.20 17.68 3.20
CA ASP A 319 6.82 18.14 3.46
C ASP A 319 5.88 17.81 2.30
N SER A 320 6.45 17.73 1.07
CA SER A 320 5.73 17.18 -0.09
C SER A 320 5.33 15.73 0.23
N GLU A 321 6.34 14.95 0.66
CA GLU A 321 6.15 13.55 1.07
C GLU A 321 5.24 13.41 2.31
N ILE A 322 5.27 14.39 3.26
CA ILE A 322 4.37 14.37 4.44
C ILE A 322 2.92 14.38 3.96
N ASP A 323 2.60 15.43 3.16
CA ASP A 323 1.24 15.68 2.67
C ASP A 323 0.71 14.50 1.82
N VAL A 324 1.57 13.96 0.93
CA VAL A 324 1.24 12.77 0.10
C VAL A 324 0.94 11.53 0.98
N LEU A 325 1.79 11.30 2.01
CA LEU A 325 1.61 10.19 2.96
C LEU A 325 0.38 10.40 3.87
N ARG A 326 -0.02 11.67 4.08
CA ARG A 326 -1.24 12.02 4.84
C ARG A 326 -2.49 11.65 4.04
N ARG A 327 -2.47 11.94 2.72
CA ARG A 327 -3.56 11.58 1.80
C ARG A 327 -3.68 10.04 1.68
N GLN A 328 -2.52 9.37 1.62
CA GLN A 328 -2.45 7.90 1.52
C GLN A 328 -2.87 7.24 2.84
N ALA A 329 -2.53 7.90 3.97
CA ALA A 329 -2.95 7.47 5.31
C ALA A 329 -4.48 7.58 5.44
N ALA A 330 -5.04 8.68 4.88
CA ALA A 330 -6.50 8.91 4.81
C ALA A 330 -7.19 7.72 4.15
N GLN A 331 -6.66 7.34 2.96
CA GLN A 331 -7.12 6.17 2.19
C GLN A 331 -7.07 4.87 3.04
N ARG A 332 -6.12 4.78 3.99
CA ARG A 332 -5.92 3.57 4.83
C ARG A 332 -6.87 3.59 6.04
N PHE A 333 -7.12 4.80 6.58
CA PHE A 333 -7.85 4.99 7.86
C PHE A 333 -9.37 5.11 7.58
N GLY A 334 -9.85 4.33 6.59
CA GLY A 334 -11.26 4.32 6.16
C GLY A 334 -11.76 5.69 5.65
N GLY A 335 -10.85 6.50 5.08
CA GLY A 335 -11.18 7.83 4.56
C GLY A 335 -11.14 8.92 5.63
N ASN A 336 -9.95 9.12 6.24
CA ASN A 336 -9.73 10.15 7.27
C ASN A 336 -9.87 11.56 6.64
N GLU A 337 -11.08 12.12 6.78
CA GLU A 337 -11.50 13.35 6.09
C GLU A 337 -10.99 14.58 6.89
N LYS A 338 -10.18 15.44 6.22
CA LYS A 338 -9.52 16.66 6.79
C LYS A 338 -8.39 16.35 7.81
N GLN A 339 -8.71 15.57 8.85
CA GLN A 339 -7.77 15.24 9.96
C GLN A 339 -6.49 14.54 9.47
N ALA A 340 -6.56 13.93 8.28
CA ALA A 340 -5.40 13.38 7.57
C ALA A 340 -4.42 14.49 7.21
N LEU A 341 -4.93 15.54 6.57
CA LEU A 341 -4.11 16.70 6.15
C LEU A 341 -3.66 17.53 7.38
N GLU A 342 -4.32 17.26 8.53
CA GLU A 342 -3.99 17.88 9.82
C GLU A 342 -2.94 17.05 10.60
N LEU A 343 -2.66 15.79 10.14
CA LEU A 343 -1.63 14.90 10.75
C LEU A 343 -0.27 15.63 10.83
N PRO A 344 0.44 15.52 12.00
CA PRO A 344 1.67 16.29 12.23
C PRO A 344 2.84 15.78 11.37
N ARG A 345 3.82 16.67 11.11
CA ARG A 345 5.00 16.36 10.29
C ARG A 345 5.73 15.14 10.86
N GLU A 346 5.89 15.15 12.20
CA GLU A 346 6.56 14.09 12.99
C GLU A 346 5.98 12.68 12.72
N LEU A 347 4.69 12.61 12.31
CA LEU A 347 3.98 11.32 12.08
C LEU A 347 4.63 10.58 10.88
N PHE A 348 5.15 11.37 9.92
CA PHE A 348 5.74 10.84 8.69
C PHE A 348 7.18 11.33 8.47
N GLU A 349 7.68 12.26 9.30
CA GLU A 349 8.93 13.04 9.03
C GLU A 349 10.15 12.16 8.67
N GLU A 350 10.45 11.17 9.53
CA GLU A 350 11.62 10.29 9.40
C GLU A 350 11.52 9.41 8.15
N GLN A 351 10.38 8.69 8.01
CA GLN A 351 10.14 7.80 6.85
C GLN A 351 10.08 8.58 5.53
N ALA A 352 9.48 9.78 5.56
CA ALA A 352 9.30 10.65 4.37
C ALA A 352 10.66 11.20 3.89
N LYS A 353 11.48 11.64 4.86
CA LYS A 353 12.87 12.07 4.61
C LYS A 353 13.64 10.92 3.95
N ARG A 354 13.52 9.71 4.53
CA ARG A 354 14.16 8.48 4.01
C ARG A 354 13.73 8.21 2.56
N ARG A 355 12.43 8.39 2.27
CA ARG A 355 11.87 8.20 0.91
C ARG A 355 12.51 9.17 -0.10
N VAL A 356 12.70 10.44 0.31
CA VAL A 356 13.42 11.44 -0.51
C VAL A 356 14.90 11.02 -0.69
N VAL A 357 15.53 10.54 0.40
CA VAL A 357 16.95 10.11 0.41
C VAL A 357 17.15 8.93 -0.57
N VAL A 358 16.15 8.02 -0.68
CA VAL A 358 16.16 6.93 -1.70
C VAL A 358 16.29 7.52 -3.12
N GLY A 359 15.48 8.58 -3.37
CA GLY A 359 15.45 9.25 -4.67
C GLY A 359 16.66 10.13 -4.94
N LEU A 360 17.30 10.65 -3.85
CA LEU A 360 18.50 11.47 -3.95
C LEU A 360 19.73 10.61 -4.27
N LEU A 361 19.85 9.46 -3.57
CA LEU A 361 20.98 8.53 -3.71
C LEU A 361 20.91 7.81 -5.07
N LEU A 362 19.73 7.23 -5.37
CA LEU A 362 19.49 6.58 -6.69
C LEU A 362 19.31 7.62 -7.81
N GLY A 363 19.22 8.90 -7.46
CA GLY A 363 19.34 9.99 -8.45
C GLY A 363 20.81 10.29 -8.72
N GLU A 364 21.62 10.21 -7.64
CA GLU A 364 23.04 10.56 -7.66
C GLU A 364 23.90 9.50 -8.35
N VAL A 365 23.56 8.20 -8.20
CA VAL A 365 24.25 7.10 -8.91
C VAL A 365 24.17 7.34 -10.44
N ILE A 366 22.96 7.76 -10.87
CA ILE A 366 22.65 8.11 -12.26
C ILE A 366 23.48 9.33 -12.69
N ARG A 367 23.45 10.41 -11.89
CA ARG A 367 24.13 11.67 -12.23
C ARG A 367 25.67 11.46 -12.35
N THR A 368 26.26 10.96 -11.26
CA THR A 368 27.71 10.67 -11.13
C THR A 368 28.24 9.80 -12.30
N ASN A 369 27.53 8.69 -12.61
CA ASN A 369 28.00 7.74 -13.65
C ASN A 369 27.33 8.03 -15.02
N GLU A 370 26.60 9.18 -15.13
CA GLU A 370 25.74 9.55 -16.31
C GLU A 370 24.91 8.34 -16.86
N LEU A 371 24.40 7.50 -15.92
CA LEU A 371 23.61 6.29 -16.24
C LEU A 371 22.36 6.63 -17.07
N LYS A 372 22.16 5.86 -18.14
CA LYS A 372 20.95 5.88 -18.96
C LYS A 372 20.44 4.44 -19.10
N ALA A 373 19.15 4.29 -19.45
CA ALA A 373 18.51 2.97 -19.63
C ALA A 373 19.11 2.26 -20.85
N ASP A 374 20.22 1.54 -20.62
CA ASP A 374 21.02 0.89 -21.68
C ASP A 374 20.21 -0.24 -22.34
N GLU A 375 20.38 -0.39 -23.67
CA GLU A 375 19.59 -1.31 -24.51
C GLU A 375 19.63 -2.76 -23.98
N GLU A 376 20.78 -3.15 -23.43
CA GLU A 376 20.98 -4.49 -22.86
C GLU A 376 20.06 -4.74 -21.64
N ARG A 377 19.83 -3.69 -20.82
CA ARG A 377 19.01 -3.82 -19.60
C ARG A 377 17.52 -3.61 -19.91
N VAL A 378 17.20 -2.78 -20.94
CA VAL A 378 15.80 -2.61 -21.41
C VAL A 378 15.32 -3.94 -22.01
N LYS A 379 16.06 -4.42 -23.02
CA LYS A 379 15.80 -5.73 -23.66
C LYS A 379 15.89 -6.88 -22.64
N GLY A 380 16.90 -6.79 -21.74
CA GLY A 380 17.09 -7.75 -20.66
C GLY A 380 15.89 -7.86 -19.74
N LEU A 381 15.30 -6.70 -19.38
CA LEU A 381 14.09 -6.63 -18.52
C LEU A 381 12.88 -7.20 -19.30
N ILE A 382 12.77 -6.85 -20.59
CA ILE A 382 11.67 -7.31 -21.46
C ILE A 382 11.65 -8.86 -21.55
N GLU A 383 12.84 -9.47 -21.74
CA GLU A 383 13.00 -10.95 -21.80
C GLU A 383 12.68 -11.57 -20.43
N GLU A 384 13.32 -11.01 -19.38
CA GLU A 384 13.20 -11.45 -17.97
C GLU A 384 11.72 -11.54 -17.52
N MET A 385 10.98 -10.50 -17.91
CA MET A 385 9.57 -10.27 -17.54
C MET A 385 8.62 -11.11 -18.41
N ALA A 386 8.80 -11.03 -19.73
CA ALA A 386 7.90 -11.64 -20.74
C ALA A 386 8.10 -13.17 -20.84
N SER A 387 9.22 -13.67 -20.28
CA SER A 387 9.47 -15.13 -20.14
C SER A 387 8.50 -15.79 -19.13
N ALA A 388 7.64 -14.96 -18.49
CA ALA A 388 6.48 -15.45 -17.71
C ALA A 388 5.42 -16.10 -18.64
N TYR A 389 5.54 -15.87 -19.97
CA TYR A 389 4.69 -16.49 -21.01
C TYR A 389 5.56 -16.93 -22.21
N GLU A 390 5.01 -17.82 -23.05
CA GLU A 390 5.69 -18.34 -24.26
C GLU A 390 5.46 -17.39 -25.44
N ASP A 391 4.24 -16.80 -25.49
CA ASP A 391 3.83 -15.89 -26.57
C ASP A 391 3.38 -14.55 -25.95
N PRO A 392 4.34 -13.61 -25.70
CA PRO A 392 4.06 -12.30 -25.07
C PRO A 392 3.99 -11.14 -26.09
N LYS A 393 3.50 -11.46 -27.30
CA LYS A 393 3.45 -10.51 -28.45
C LYS A 393 2.70 -9.22 -28.07
N GLU A 394 1.59 -9.39 -27.32
CA GLU A 394 0.75 -8.26 -26.86
C GLU A 394 1.55 -7.33 -25.91
N VAL A 395 2.49 -7.90 -25.13
CA VAL A 395 3.32 -7.13 -24.19
C VAL A 395 4.35 -6.32 -24.98
N ILE A 396 5.09 -7.02 -25.88
CA ILE A 396 6.13 -6.42 -26.75
C ILE A 396 5.54 -5.25 -27.58
N GLU A 397 4.33 -5.45 -28.14
CA GLU A 397 3.61 -4.46 -28.94
C GLU A 397 3.14 -3.28 -28.08
N PHE A 398 2.60 -3.58 -26.88
CA PHE A 398 2.12 -2.53 -25.92
C PHE A 398 3.25 -1.55 -25.56
N TYR A 399 4.48 -2.08 -25.43
CA TYR A 399 5.69 -1.26 -25.22
C TYR A 399 6.06 -0.47 -26.50
N SER A 400 6.57 -1.19 -27.52
CA SER A 400 7.22 -0.60 -28.72
C SER A 400 6.33 0.43 -29.46
N LYS A 401 5.00 0.20 -29.47
CA LYS A 401 4.06 1.02 -30.24
C LYS A 401 3.79 2.39 -29.58
N ASN A 402 3.95 2.51 -28.25
CA ASN A 402 3.58 3.77 -27.56
C ASN A 402 4.38 3.97 -26.25
N LYS A 403 4.57 5.27 -25.91
CA LYS A 403 5.22 5.72 -24.66
C LYS A 403 4.45 5.25 -23.40
N GLU A 404 3.18 4.82 -23.62
CA GLU A 404 2.18 4.41 -22.60
C GLU A 404 2.81 3.86 -21.30
N LEU A 405 3.50 2.69 -21.40
CA LEU A 405 4.31 2.17 -20.28
C LEU A 405 5.80 2.46 -20.54
N MET A 406 6.16 2.66 -21.83
CA MET A 406 7.56 2.71 -22.29
C MET A 406 8.40 3.81 -21.59
N ASP A 407 7.73 4.88 -21.08
CA ASP A 407 8.41 5.96 -20.32
C ASP A 407 8.86 5.48 -18.92
N ASN A 408 7.96 4.81 -18.19
CA ASN A 408 8.29 4.25 -16.87
C ASN A 408 9.06 2.94 -17.04
N MET A 409 9.12 2.41 -18.30
CA MET A 409 10.07 1.35 -18.70
C MET A 409 11.49 1.94 -18.80
N ARG A 410 11.62 3.17 -19.30
CA ARG A 410 12.91 3.89 -19.30
C ARG A 410 13.40 4.08 -17.87
N ASN A 411 12.47 4.55 -16.99
CA ASN A 411 12.77 4.72 -15.55
C ASN A 411 13.16 3.38 -14.89
N VAL A 412 12.33 2.31 -15.06
CA VAL A 412 12.57 1.02 -14.35
C VAL A 412 13.81 0.30 -14.88
N ALA A 413 14.09 0.42 -16.19
CA ALA A 413 15.32 -0.17 -16.78
C ALA A 413 16.55 0.52 -16.18
N LEU A 414 16.49 1.87 -16.13
CA LEU A 414 17.51 2.73 -15.50
C LEU A 414 17.66 2.44 -13.98
N GLU A 415 16.51 2.22 -13.33
CA GLU A 415 16.39 2.12 -11.86
C GLU A 415 16.94 0.78 -11.39
N GLU A 416 16.52 -0.30 -12.07
CA GLU A 416 17.02 -1.66 -11.81
C GLU A 416 18.52 -1.76 -12.14
N GLN A 417 18.93 -1.15 -13.28
CA GLN A 417 20.35 -1.07 -13.68
C GLN A 417 21.20 -0.38 -12.61
N ALA A 418 20.64 0.72 -12.07
CA ALA A 418 21.28 1.54 -11.04
C ALA A 418 21.50 0.74 -9.76
N VAL A 419 20.42 0.08 -9.29
CA VAL A 419 20.45 -0.77 -8.10
C VAL A 419 21.49 -1.89 -8.26
N GLU A 420 21.48 -2.56 -9.43
CA GLU A 420 22.40 -3.68 -9.75
C GLU A 420 23.86 -3.21 -9.90
N ALA A 421 24.05 -1.94 -10.29
CA ALA A 421 25.39 -1.29 -10.31
C ALA A 421 25.87 -1.00 -8.86
N VAL A 422 24.90 -0.83 -7.94
CA VAL A 422 25.16 -0.64 -6.50
C VAL A 422 25.40 -2.02 -5.84
N LEU A 423 24.71 -3.05 -6.37
CA LEU A 423 24.80 -4.45 -5.89
C LEU A 423 26.15 -5.06 -6.28
N ALA A 424 26.65 -4.67 -7.46
CA ALA A 424 27.97 -5.07 -7.98
C ALA A 424 29.11 -4.63 -7.03
N LYS A 425 28.82 -3.60 -6.23
CA LYS A 425 29.73 -3.07 -5.19
C LYS A 425 29.34 -3.57 -3.78
N ALA A 426 28.04 -3.83 -3.58
CA ALA A 426 27.48 -4.25 -2.28
C ALA A 426 27.77 -5.74 -1.99
N LYS A 427 27.90 -6.06 -0.69
CA LYS A 427 28.07 -7.44 -0.21
C LYS A 427 26.76 -8.24 -0.36
N VAL A 428 26.48 -8.66 -1.59
CA VAL A 428 25.26 -9.44 -1.93
C VAL A 428 25.58 -10.93 -1.77
N THR A 429 25.52 -11.40 -0.51
CA THR A 429 25.83 -12.78 -0.14
C THR A 429 24.69 -13.72 -0.58
N GLU A 430 24.97 -14.54 -1.60
CA GLU A 430 24.02 -15.52 -2.12
C GLU A 430 24.02 -16.77 -1.23
N LYS A 431 22.86 -17.41 -1.10
CA LYS A 431 22.75 -18.71 -0.41
C LYS A 431 21.69 -19.56 -1.10
N GLU A 432 21.93 -20.86 -1.20
CA GLU A 432 20.95 -21.82 -1.76
C GLU A 432 20.21 -22.48 -0.60
N THR A 433 18.87 -22.39 -0.63
CA THR A 433 18.02 -22.67 0.54
C THR A 433 16.61 -23.12 0.07
N THR A 434 15.73 -23.41 1.05
CA THR A 434 14.40 -23.99 0.82
C THR A 434 13.34 -22.93 0.45
N PHE A 435 12.08 -23.44 0.32
CA PHE A 435 10.91 -22.71 -0.18
C PHE A 435 10.54 -21.50 0.72
N ASN A 436 10.11 -21.77 1.97
CA ASN A 436 9.47 -20.76 2.86
C ASN A 436 10.52 -19.86 3.60
N GLU A 437 11.81 -19.97 3.20
CA GLU A 437 12.93 -19.15 3.74
C GLU A 437 12.63 -17.62 3.75
N LEU A 438 12.20 -17.08 2.59
CA LEU A 438 11.84 -15.64 2.44
C LEU A 438 10.37 -15.40 2.82
N MET A 439 9.65 -16.49 3.02
CA MET A 439 8.18 -16.53 3.02
C MET A 439 7.63 -16.64 4.45
N ASN A 440 8.31 -15.97 5.40
CA ASN A 440 7.97 -15.99 6.85
C ASN A 440 6.59 -15.37 7.17
N GLN A 441 5.88 -14.88 6.15
CA GLN A 441 4.49 -14.41 6.25
C GLN A 441 3.51 -15.54 5.85
N GLN A 442 2.87 -16.16 6.85
CA GLN A 442 1.77 -17.15 6.64
C GLN A 442 0.42 -16.44 6.78
N ALA A 443 0.37 -15.47 7.69
CA ALA A 443 -0.81 -14.65 7.96
C ALA A 443 -0.33 -13.25 8.40
N MET B 2 -9.63 -17.30 49.22
CA MET B 2 -9.13 -16.87 50.54
C MET B 2 -9.17 -15.33 50.60
N LYS B 3 -9.80 -14.80 51.68
CA LYS B 3 -9.80 -13.36 52.04
C LYS B 3 -10.63 -12.49 51.06
N GLN B 4 -11.21 -13.12 49.99
CA GLN B 4 -11.84 -12.43 48.83
C GLN B 4 -10.83 -11.55 48.06
N SER B 5 -9.53 -11.82 48.27
CA SER B 5 -8.43 -11.21 47.49
C SER B 5 -8.25 -11.96 46.15
N THR B 6 -9.03 -13.04 46.00
CA THR B 6 -9.18 -13.80 44.75
C THR B 6 -9.70 -12.89 43.63
N ILE B 7 -9.15 -13.05 42.42
CA ILE B 7 -9.47 -12.22 41.28
C ILE B 7 -10.91 -12.50 40.76
N ALA B 8 -11.75 -11.46 40.84
CA ALA B 8 -13.11 -11.48 40.30
C ALA B 8 -13.04 -11.07 38.82
N LEU B 9 -13.07 -12.05 37.90
CA LEU B 9 -12.96 -11.80 36.45
C LEU B 9 -14.23 -11.12 35.89
N ALA B 10 -14.05 -10.41 34.76
CA ALA B 10 -15.14 -9.78 34.00
C ALA B 10 -14.58 -9.30 32.65
N LEU B 11 -13.90 -8.14 32.70
CA LEU B 11 -13.36 -7.45 31.50
C LEU B 11 -11.86 -7.74 31.36
N LEU B 12 -11.21 -8.05 32.49
CA LEU B 12 -9.76 -8.26 32.60
C LEU B 12 -9.29 -9.56 31.87
N PRO B 13 -7.98 -9.65 31.48
CA PRO B 13 -7.40 -10.87 30.84
C PRO B 13 -7.47 -12.15 31.71
N LEU B 14 -8.23 -13.14 31.23
CA LEU B 14 -8.28 -14.52 31.76
C LEU B 14 -9.04 -15.36 30.73
N LEU B 15 -10.32 -15.01 30.52
CA LEU B 15 -11.18 -15.65 29.51
C LEU B 15 -11.03 -14.89 28.18
N PHE B 16 -9.98 -15.25 27.42
CA PHE B 16 -9.69 -14.60 26.13
C PHE B 16 -10.64 -15.13 25.04
N THR B 17 -11.84 -14.53 24.98
CA THR B 17 -12.87 -14.86 23.99
C THR B 17 -13.64 -13.57 23.63
N PRO B 18 -13.69 -13.16 22.31
CA PRO B 18 -14.42 -11.94 21.87
C PRO B 18 -15.93 -11.99 22.21
N VAL B 19 -16.55 -13.18 22.04
CA VAL B 19 -17.99 -13.39 22.33
C VAL B 19 -18.17 -14.02 23.74
N THR B 20 -19.41 -14.01 24.24
CA THR B 20 -19.77 -14.61 25.53
C THR B 20 -20.01 -16.13 25.37
N LYS B 21 -19.11 -16.93 25.98
CA LYS B 21 -19.25 -18.40 26.05
C LYS B 21 -19.64 -18.84 27.48
N ALA B 22 -20.02 -17.86 28.33
CA ALA B 22 -20.47 -18.10 29.71
C ALA B 22 -21.97 -18.42 29.74
N ARG B 23 -22.53 -18.57 30.94
CA ARG B 23 -23.98 -18.76 31.13
C ARG B 23 -24.65 -17.35 31.17
N THR B 24 -24.56 -16.61 30.05
CA THR B 24 -24.85 -15.13 29.94
C THR B 24 -24.60 -14.27 31.26
N PRO B 25 -24.88 -12.90 31.28
CA PRO B 25 -24.91 -12.11 32.56
C PRO B 25 -25.69 -12.79 33.72
N GLU B 26 -24.94 -13.60 34.50
CA GLU B 26 -25.43 -14.26 35.73
C GLU B 26 -24.21 -14.87 36.46
N MET B 27 -24.24 -14.89 37.81
CA MET B 27 -23.10 -15.31 38.65
C MET B 27 -22.87 -16.86 38.63
N PRO B 28 -23.92 -17.74 38.90
CA PRO B 28 -23.76 -19.20 38.70
C PRO B 28 -23.58 -19.53 37.21
N VAL B 29 -22.31 -19.75 36.80
CA VAL B 29 -21.97 -20.13 35.42
C VAL B 29 -22.21 -21.66 35.22
N LEU B 30 -23.51 -22.04 35.30
CA LEU B 30 -23.97 -23.44 35.20
C LEU B 30 -24.16 -23.88 33.74
N GLU B 31 -23.61 -23.06 32.80
CA GLU B 31 -23.54 -23.31 31.34
C GLU B 31 -24.86 -22.95 30.61
N ASN B 32 -25.99 -23.36 31.19
CA ASN B 32 -27.33 -23.31 30.58
C ASN B 32 -27.38 -24.37 29.45
N ARG B 33 -27.22 -23.94 28.17
CA ARG B 33 -27.29 -24.81 26.97
C ARG B 33 -28.55 -25.70 26.97
N ALA B 34 -28.46 -26.88 27.62
CA ALA B 34 -29.56 -27.87 27.70
C ALA B 34 -30.55 -27.54 28.84
N ALA B 35 -30.39 -26.35 29.49
CA ALA B 35 -31.32 -25.86 30.53
C ALA B 35 -32.63 -25.40 29.87
N GLN B 36 -33.51 -26.37 29.64
CA GLN B 36 -34.79 -26.19 28.92
C GLN B 36 -35.72 -27.38 29.24
N GLY B 37 -36.88 -27.42 28.57
CA GLY B 37 -37.91 -28.42 28.83
C GLY B 37 -39.27 -27.75 29.01
N ASP B 38 -39.24 -26.65 29.80
CA ASP B 38 -40.35 -25.68 29.89
C ASP B 38 -39.96 -24.46 29.06
N ILE B 39 -40.14 -24.60 27.73
CA ILE B 39 -39.69 -23.62 26.72
C ILE B 39 -38.15 -23.49 26.80
N THR B 40 -37.65 -22.53 27.62
CA THR B 40 -36.21 -22.22 27.78
C THR B 40 -36.11 -21.23 28.97
N ALA B 41 -36.71 -20.05 28.76
CA ALA B 41 -36.70 -18.94 29.70
C ALA B 41 -37.86 -17.97 29.39
N PRO B 42 -38.49 -17.32 30.41
CA PRO B 42 -39.55 -16.30 30.20
C PRO B 42 -38.98 -15.07 29.46
N GLY B 43 -39.27 -14.98 28.15
CA GLY B 43 -38.82 -13.88 27.30
C GLY B 43 -38.81 -14.28 25.83
N GLY B 44 -38.44 -15.54 25.57
CA GLY B 44 -38.38 -16.10 24.22
C GLY B 44 -37.55 -17.38 24.16
N ALA B 45 -37.67 -18.12 23.05
CA ALA B 45 -36.90 -19.35 22.82
C ALA B 45 -35.53 -19.02 22.16
N ARG B 46 -35.57 -18.22 21.07
CA ARG B 46 -34.37 -17.82 20.31
C ARG B 46 -33.91 -16.41 20.71
N ARG B 47 -33.44 -16.29 21.97
CA ARG B 47 -32.97 -15.01 22.57
C ARG B 47 -34.13 -14.00 22.72
N LEU B 48 -33.80 -12.77 23.16
CA LEU B 48 -34.76 -11.66 23.27
C LEU B 48 -34.88 -11.03 21.86
N THR B 49 -35.86 -11.53 21.08
CA THR B 49 -36.19 -11.15 19.67
C THR B 49 -35.05 -11.49 18.68
N GLY B 50 -33.91 -10.79 18.83
CA GLY B 50 -32.74 -10.96 17.95
C GLY B 50 -32.26 -9.62 17.40
N ASP B 51 -33.00 -8.52 17.75
CA ASP B 51 -32.77 -7.14 17.26
C ASP B 51 -33.04 -7.01 15.75
N GLN B 52 -32.12 -7.56 14.93
CA GLN B 52 -32.18 -7.46 13.45
C GLN B 52 -33.50 -8.04 12.90
N THR B 53 -33.98 -9.15 13.51
CA THR B 53 -35.27 -9.79 13.14
C THR B 53 -36.45 -8.84 13.45
N ALA B 54 -36.73 -8.62 14.75
CA ALA B 54 -37.93 -7.90 15.21
C ALA B 54 -37.55 -6.50 15.73
N ALA B 55 -36.57 -6.45 16.65
CA ALA B 55 -36.17 -5.24 17.40
C ALA B 55 -37.19 -4.91 18.51
N LEU B 56 -36.97 -3.78 19.21
CA LEU B 56 -37.83 -3.31 20.30
C LEU B 56 -39.21 -2.84 19.76
N ARG B 57 -39.21 -2.41 18.48
CA ARG B 57 -40.45 -2.04 17.75
C ARG B 57 -41.17 -3.26 17.15
N ASP B 58 -40.54 -4.45 17.24
CA ASP B 58 -41.08 -5.74 16.72
C ASP B 58 -41.27 -5.71 15.16
N SER B 59 -40.67 -4.69 14.52
CA SER B 59 -40.80 -4.44 13.08
C SER B 59 -39.40 -4.33 12.46
N LEU B 60 -39.11 -5.24 11.50
CA LEU B 60 -37.85 -5.24 10.71
C LEU B 60 -37.75 -3.98 9.84
N SER B 61 -36.54 -3.62 9.43
CA SER B 61 -36.28 -2.45 8.57
C SER B 61 -36.36 -2.85 7.08
N ASP B 62 -36.84 -1.90 6.23
CA ASP B 62 -36.98 -2.09 4.77
C ASP B 62 -38.02 -3.15 4.41
N LYS B 63 -38.11 -3.49 3.11
CA LYS B 63 -39.04 -4.51 2.63
C LYS B 63 -38.43 -5.90 2.89
N PRO B 64 -39.14 -6.82 3.64
CA PRO B 64 -38.60 -8.16 3.97
C PRO B 64 -38.55 -9.12 2.75
N ALA B 65 -37.59 -8.85 1.85
CA ALA B 65 -37.36 -9.59 0.60
C ALA B 65 -36.09 -8.99 -0.04
N LYS B 66 -35.08 -9.83 -0.30
CA LYS B 66 -33.76 -9.39 -0.78
C LYS B 66 -33.68 -9.37 -2.33
N ASN B 67 -34.59 -8.60 -2.93
CA ASN B 67 -34.53 -8.20 -4.35
C ASN B 67 -34.18 -6.71 -4.47
N ILE B 68 -33.94 -6.07 -3.31
CA ILE B 68 -33.58 -4.65 -3.19
C ILE B 68 -32.11 -4.53 -2.74
N ILE B 69 -31.47 -3.41 -3.14
CA ILE B 69 -30.07 -2.97 -2.80
C ILE B 69 -28.97 -3.86 -3.44
N LEU B 70 -29.05 -5.19 -3.30
CA LEU B 70 -28.05 -6.13 -3.83
C LEU B 70 -28.46 -6.55 -5.27
N LEU B 71 -28.33 -5.60 -6.21
CA LEU B 71 -28.42 -5.85 -7.67
C LEU B 71 -27.08 -5.42 -8.28
N ILE B 72 -26.85 -4.10 -8.23
CA ILE B 72 -25.61 -3.44 -8.67
C ILE B 72 -25.25 -2.30 -7.68
N GLY B 73 -24.20 -1.52 -8.01
CA GLY B 73 -23.80 -0.38 -7.20
C GLY B 73 -23.03 -0.80 -5.95
N ASP B 74 -23.76 -1.17 -4.88
CA ASP B 74 -23.15 -1.57 -3.60
C ASP B 74 -22.74 -3.05 -3.69
N GLY B 75 -21.49 -3.28 -4.04
CA GLY B 75 -20.86 -4.60 -3.92
C GLY B 75 -19.67 -4.50 -2.99
N MET B 76 -19.97 -4.10 -1.74
CA MET B 76 -18.95 -3.80 -0.73
C MET B 76 -18.37 -5.10 -0.15
N GLY B 77 -17.24 -5.54 -0.74
CA GLY B 77 -16.47 -6.65 -0.21
C GLY B 77 -15.61 -6.23 0.97
N ASP B 78 -15.12 -7.21 1.74
CA ASP B 78 -14.26 -6.97 2.90
C ASP B 78 -12.85 -6.55 2.41
N SER B 79 -12.13 -7.50 1.81
CA SER B 79 -10.82 -7.24 1.18
C SER B 79 -10.98 -7.11 -0.35
N GLU B 80 -12.20 -7.40 -0.86
CA GLU B 80 -12.51 -7.38 -2.31
C GLU B 80 -12.65 -5.92 -2.81
N ILE B 81 -12.83 -4.99 -1.87
CA ILE B 81 -12.93 -3.54 -2.16
C ILE B 81 -11.52 -2.90 -2.30
N THR B 82 -10.50 -3.56 -1.72
CA THR B 82 -9.12 -3.04 -1.68
C THR B 82 -8.10 -4.19 -1.81
N ALA B 83 -7.48 -4.31 -3.01
CA ALA B 83 -6.44 -5.31 -3.31
C ALA B 83 -5.47 -4.75 -4.37
N ALA B 84 -4.61 -5.62 -4.94
CA ALA B 84 -3.69 -5.27 -6.04
C ALA B 84 -4.48 -4.90 -7.33
N ARG B 85 -3.76 -4.34 -8.31
CA ARG B 85 -4.38 -3.79 -9.54
C ARG B 85 -4.85 -4.92 -10.48
N ASN B 86 -6.05 -5.43 -10.18
CA ASN B 86 -6.73 -6.49 -10.96
C ASN B 86 -8.13 -6.00 -11.40
N TYR B 87 -8.71 -5.09 -10.59
CA TYR B 87 -10.07 -4.56 -10.81
C TYR B 87 -10.05 -3.47 -11.88
N ALA B 88 -10.09 -3.90 -13.15
CA ALA B 88 -10.16 -3.01 -14.32
C ALA B 88 -10.84 -3.78 -15.46
N GLU B 89 -10.13 -4.80 -15.96
CA GLU B 89 -10.63 -5.81 -16.91
C GLU B 89 -9.51 -6.83 -17.13
N GLY B 90 -9.79 -8.11 -16.87
CA GLY B 90 -8.78 -9.17 -16.97
C GLY B 90 -9.02 -10.22 -15.90
N ALA B 91 -8.21 -10.16 -14.82
CA ALA B 91 -8.23 -11.11 -13.67
C ALA B 91 -7.71 -12.50 -14.08
N GLY B 92 -8.45 -13.19 -14.97
CA GLY B 92 -8.07 -14.50 -15.50
C GLY B 92 -6.73 -14.49 -16.23
N GLY B 93 -5.75 -15.21 -15.67
CA GLY B 93 -4.36 -15.18 -16.18
C GLY B 93 -3.47 -14.23 -15.37
N PHE B 94 -3.99 -13.79 -14.20
CA PHE B 94 -3.25 -13.00 -13.20
C PHE B 94 -2.96 -11.57 -13.70
N PHE B 95 -1.96 -11.42 -14.58
CA PHE B 95 -1.69 -10.14 -15.27
C PHE B 95 -1.80 -10.38 -16.78
N LYS B 96 -2.38 -9.41 -17.49
CA LYS B 96 -2.53 -9.45 -18.95
C LYS B 96 -2.46 -8.03 -19.49
N GLY B 97 -2.01 -7.89 -20.74
CA GLY B 97 -1.56 -6.61 -21.28
C GLY B 97 -0.13 -6.39 -20.82
N ILE B 98 0.02 -5.96 -19.54
CA ILE B 98 1.28 -6.00 -18.78
C ILE B 98 1.06 -5.53 -17.30
N ASP B 99 1.03 -4.19 -17.05
CA ASP B 99 1.10 -3.56 -15.69
C ASP B 99 2.51 -3.76 -15.04
N ALA B 100 2.92 -2.82 -14.16
CA ALA B 100 4.29 -2.80 -13.57
C ALA B 100 4.27 -2.23 -12.12
N LEU B 101 5.41 -1.69 -11.66
CA LEU B 101 5.61 -1.10 -10.30
C LEU B 101 4.68 0.15 -10.03
N PRO B 102 4.79 0.88 -8.84
CA PRO B 102 4.17 2.23 -8.54
C PRO B 102 3.86 3.21 -9.71
N LEU B 103 4.49 3.02 -10.88
CA LEU B 103 4.26 3.79 -12.11
C LEU B 103 4.85 5.18 -11.92
N THR B 104 6.15 5.26 -12.21
CA THR B 104 6.94 6.47 -12.00
C THR B 104 6.57 7.53 -13.08
N GLY B 105 6.83 7.17 -14.35
CA GLY B 105 6.53 8.06 -15.48
C GLY B 105 7.75 8.83 -15.94
N GLN B 106 7.60 10.17 -16.07
CA GLN B 106 8.67 11.05 -16.57
C GLN B 106 9.63 11.43 -15.43
N TYR B 107 10.75 10.67 -15.36
CA TYR B 107 11.75 10.74 -14.28
C TYR B 107 11.10 10.46 -12.92
N THR B 108 10.62 11.54 -12.20
CA THR B 108 9.91 11.45 -10.88
C THR B 108 10.49 10.37 -9.92
N HIS B 109 11.83 10.25 -9.96
CA HIS B 109 12.58 9.10 -9.39
C HIS B 109 12.79 9.24 -7.85
N TYR B 110 12.05 10.18 -7.23
CA TYR B 110 12.03 10.40 -5.77
C TYR B 110 11.01 9.45 -5.12
N ALA B 111 11.54 8.44 -4.40
CA ALA B 111 10.75 7.40 -3.71
C ALA B 111 10.01 6.47 -4.71
N LEU B 112 10.58 5.27 -4.94
CA LEU B 112 9.97 4.20 -5.78
C LEU B 112 9.06 3.30 -4.91
N ASN B 113 8.32 3.95 -4.00
CA ASN B 113 7.46 3.31 -3.00
C ASN B 113 6.24 4.23 -2.75
N LYS B 114 5.81 4.90 -3.84
CA LYS B 114 4.74 5.91 -3.78
C LYS B 114 3.37 5.23 -3.59
N LYS B 115 3.16 4.13 -4.33
CA LYS B 115 1.94 3.30 -4.25
C LYS B 115 2.23 1.89 -4.83
N THR B 116 1.15 1.08 -5.02
CA THR B 116 1.19 -0.23 -5.72
C THR B 116 2.09 -1.26 -5.00
N GLY B 117 1.46 -2.11 -4.20
CA GLY B 117 2.11 -3.27 -3.60
C GLY B 117 2.92 -2.94 -2.34
N LYS B 118 4.05 -2.23 -2.51
CA LYS B 118 5.02 -1.98 -1.44
C LYS B 118 5.26 -0.46 -1.24
N PRO B 119 4.35 0.24 -0.48
CA PRO B 119 4.65 1.58 0.08
C PRO B 119 5.32 1.45 1.47
N ASP B 120 4.57 0.85 2.41
CA ASP B 120 5.01 0.53 3.79
C ASP B 120 3.85 -0.20 4.50
N TYR B 121 4.14 -0.74 5.71
CA TYR B 121 3.15 -1.37 6.61
C TYR B 121 2.49 -2.64 6.00
N VAL B 122 1.49 -2.43 5.11
CA VAL B 122 0.62 -3.50 4.56
C VAL B 122 1.42 -4.62 3.86
N THR B 123 2.39 -4.22 3.02
CA THR B 123 3.26 -5.12 2.23
C THR B 123 2.45 -5.92 1.15
N ASP B 124 3.06 -6.07 -0.02
CA ASP B 124 2.54 -6.91 -1.12
C ASP B 124 2.71 -8.41 -0.82
N SER B 125 2.37 -9.25 -1.82
CA SER B 125 2.54 -10.69 -1.74
C SER B 125 4.04 -11.04 -1.74
N ALA B 126 4.68 -11.09 -2.95
CA ALA B 126 6.12 -11.41 -3.14
C ALA B 126 6.46 -12.87 -2.70
N ALA B 127 6.43 -13.13 -1.37
CA ALA B 127 6.77 -14.43 -0.79
C ALA B 127 5.53 -15.10 -0.17
N SER B 128 5.50 -16.45 -0.21
CA SER B 128 4.35 -17.32 0.18
C SER B 128 3.16 -17.23 -0.81
N ALA B 129 3.29 -16.40 -1.87
CA ALA B 129 2.34 -16.28 -2.99
C ALA B 129 0.95 -15.75 -2.59
N THR B 130 0.33 -15.01 -3.53
CA THR B 130 -1.10 -14.64 -3.47
C THR B 130 -1.96 -15.86 -3.89
N ALA B 131 -1.27 -16.89 -4.43
CA ALA B 131 -1.84 -18.15 -4.91
C ALA B 131 -2.61 -17.92 -6.21
N TRP B 132 -3.81 -17.31 -6.11
CA TRP B 132 -4.70 -17.06 -7.26
C TRP B 132 -5.29 -15.63 -7.13
N SER B 133 -4.86 -14.72 -8.03
CA SER B 133 -5.25 -13.28 -7.99
C SER B 133 -6.47 -13.00 -8.89
N THR B 134 -6.91 -14.02 -9.66
CA THR B 134 -8.12 -13.94 -10.50
C THR B 134 -9.36 -13.66 -9.61
N GLY B 135 -9.59 -14.55 -8.63
CA GLY B 135 -10.69 -14.41 -7.69
C GLY B 135 -12.06 -14.65 -8.32
N VAL B 136 -12.56 -13.63 -9.04
CA VAL B 136 -13.84 -13.67 -9.75
C VAL B 136 -13.84 -14.79 -10.83
N LYS B 137 -14.70 -15.79 -10.61
CA LYS B 137 -14.88 -16.94 -11.50
C LYS B 137 -16.39 -17.23 -11.49
N THR B 138 -17.04 -17.18 -12.68
CA THR B 138 -18.50 -17.27 -12.83
C THR B 138 -19.07 -18.57 -12.21
N TYR B 139 -19.58 -18.45 -10.97
CA TYR B 139 -20.20 -19.57 -10.22
C TYR B 139 -21.72 -19.50 -10.34
N ASN B 140 -22.29 -18.33 -9.96
CA ASN B 140 -23.73 -18.01 -9.97
C ASN B 140 -24.50 -18.71 -8.83
N GLY B 141 -24.36 -20.04 -8.73
CA GLY B 141 -25.04 -20.84 -7.70
C GLY B 141 -26.36 -21.40 -8.21
N ALA B 142 -27.15 -20.50 -8.86
CA ALA B 142 -28.43 -20.80 -9.53
C ALA B 142 -29.62 -20.94 -8.54
N LEU B 143 -29.32 -21.30 -7.26
CA LEU B 143 -30.32 -21.50 -6.19
C LEU B 143 -31.35 -22.60 -6.57
N GLY B 144 -30.93 -23.49 -7.49
CA GLY B 144 -31.80 -24.51 -8.08
C GLY B 144 -31.87 -24.36 -9.60
N VAL B 145 -33.08 -24.13 -10.13
CA VAL B 145 -33.31 -24.01 -11.59
C VAL B 145 -33.19 -22.52 -12.02
N ASP B 146 -32.01 -22.16 -12.56
CA ASP B 146 -31.69 -20.81 -13.06
C ASP B 146 -30.37 -20.86 -13.84
N ILE B 147 -30.30 -20.06 -14.93
CA ILE B 147 -29.13 -19.96 -15.82
C ILE B 147 -28.98 -18.50 -16.34
N HIS B 148 -28.53 -17.57 -15.45
CA HIS B 148 -28.17 -16.20 -15.86
C HIS B 148 -26.63 -16.13 -16.03
N GLU B 149 -26.20 -16.38 -17.27
CA GLU B 149 -24.78 -16.30 -17.68
C GLU B 149 -24.73 -16.24 -19.22
N LYS B 150 -24.63 -17.40 -19.88
CA LYS B 150 -24.77 -17.52 -21.33
C LYS B 150 -25.73 -18.70 -21.59
N ASP B 151 -27.02 -18.48 -21.39
CA ASP B 151 -28.04 -19.52 -21.63
C ASP B 151 -28.38 -19.53 -23.12
N MET A 12 18.26 44.12 -13.13
CA MET A 12 17.83 43.45 -11.89
C MET A 12 18.92 43.59 -10.81
N GLN A 13 18.59 44.31 -9.72
CA GLN A 13 19.47 44.41 -8.54
C GLN A 13 19.15 43.26 -7.58
N VAL A 14 20.11 42.34 -7.39
CA VAL A 14 19.94 41.19 -6.49
C VAL A 14 21.10 41.14 -5.46
N SER A 15 20.81 40.50 -4.32
CA SER A 15 21.78 40.25 -3.25
C SER A 15 21.47 38.89 -2.62
N VAL A 16 22.51 38.14 -2.24
CA VAL A 16 22.35 36.79 -1.66
C VAL A 16 22.70 36.79 -0.16
N GLU A 17 21.94 36.01 0.62
CA GLU A 17 22.15 35.78 2.06
C GLU A 17 22.06 34.29 2.34
N THR A 18 22.69 33.82 3.44
CA THR A 18 22.69 32.40 3.84
C THR A 18 22.31 32.34 5.32
N THR A 19 21.02 32.08 5.59
CA THR A 19 20.43 32.19 6.93
C THR A 19 20.18 30.80 7.56
N GLN A 20 19.92 29.79 6.72
CA GLN A 20 19.54 28.44 7.16
C GLN A 20 20.44 27.38 6.49
N GLY A 21 21.71 27.75 6.22
CA GLY A 21 22.68 26.82 5.61
C GLY A 21 22.38 26.60 4.13
N LEU A 22 21.67 25.50 3.83
CA LEU A 22 21.10 25.25 2.49
C LEU A 22 20.07 26.36 2.17
N GLY A 23 19.33 26.77 3.22
CA GLY A 23 18.35 27.85 3.15
C GLY A 23 18.98 29.21 2.90
N ARG A 24 19.07 29.58 1.62
CA ARG A 24 19.60 30.88 1.18
C ARG A 24 18.45 31.83 0.80
N ARG A 25 18.83 33.08 0.50
CA ARG A 25 17.88 34.18 0.32
C ARG A 25 18.41 35.15 -0.75
N VAL A 26 17.79 35.12 -1.95
CA VAL A 26 18.10 36.09 -3.00
C VAL A 26 17.16 37.30 -2.85
N THR A 27 17.61 38.30 -2.07
CA THR A 27 16.90 39.57 -1.88
C THR A 27 17.01 40.44 -3.14
N ILE A 28 15.96 40.44 -3.95
CA ILE A 28 15.90 41.14 -5.24
C ILE A 28 15.19 42.49 -5.08
N THR A 29 15.92 43.59 -5.33
CA THR A 29 15.35 44.93 -5.49
C THR A 29 14.97 45.14 -6.96
N ILE A 30 13.65 45.14 -7.25
CA ILE A 30 13.14 45.59 -8.55
C ILE A 30 13.14 47.12 -8.54
N ALA A 31 14.12 47.73 -9.22
CA ALA A 31 14.31 49.18 -9.23
C ALA A 31 13.16 49.89 -9.99
N ALA A 32 12.96 51.19 -9.67
CA ALA A 32 11.85 52.02 -10.17
C ALA A 32 11.82 52.14 -11.70
N ASP A 33 13.01 52.08 -12.34
CA ASP A 33 13.14 52.12 -13.80
C ASP A 33 12.64 50.81 -14.41
N SER A 34 12.89 49.69 -13.70
CA SER A 34 12.52 48.34 -14.13
C SER A 34 11.00 48.14 -14.02
N ILE A 35 10.39 48.81 -13.02
CA ILE A 35 8.94 48.83 -12.84
C ILE A 35 8.29 49.68 -13.96
N GLU A 36 8.86 50.88 -14.22
CA GLU A 36 8.40 51.81 -15.27
C GLU A 36 8.37 51.12 -16.66
N THR A 37 9.39 50.29 -16.92
CA THR A 37 9.50 49.49 -18.16
C THR A 37 8.40 48.42 -18.21
N ALA A 38 8.24 47.70 -17.08
CA ALA A 38 7.35 46.52 -16.98
C ALA A 38 5.87 46.87 -17.11
N VAL A 39 5.44 47.95 -16.41
CA VAL A 39 4.03 48.44 -16.45
C VAL A 39 3.67 48.81 -17.89
N LYS A 40 4.57 49.58 -18.51
CA LYS A 40 4.44 50.05 -19.90
C LYS A 40 4.26 48.87 -20.89
N SER A 41 5.07 47.82 -20.66
CA SER A 41 5.08 46.61 -21.50
C SER A 41 3.90 45.67 -21.17
N GLU A 42 3.26 45.88 -20.00
CA GLU A 42 2.13 45.03 -19.55
C GLU A 42 0.77 45.61 -20.00
N LEU A 43 0.69 46.96 -20.03
CA LEU A 43 -0.56 47.69 -20.36
C LEU A 43 -0.87 47.61 -21.86
N VAL A 44 0.19 47.55 -22.68
CA VAL A 44 0.05 47.42 -24.13
C VAL A 44 -0.55 46.04 -24.50
N ASN A 45 -0.34 45.03 -23.61
CA ASN A 45 -0.95 43.68 -23.76
C ASN A 45 -2.47 43.73 -23.53
N VAL A 46 -2.89 44.55 -22.56
CA VAL A 46 -4.32 44.80 -22.28
C VAL A 46 -4.96 45.53 -23.49
N ALA A 47 -4.22 46.55 -23.98
CA ALA A 47 -4.65 47.40 -25.10
C ALA A 47 -4.83 46.58 -26.40
N LYS A 48 -3.91 45.63 -26.65
CA LYS A 48 -3.97 44.75 -27.84
C LYS A 48 -5.13 43.76 -27.75
N LYS A 49 -5.31 43.17 -26.56
CA LYS A 49 -6.34 42.14 -26.30
C LYS A 49 -7.77 42.70 -26.52
N VAL A 50 -7.99 43.94 -26.04
CA VAL A 50 -9.29 44.64 -26.15
C VAL A 50 -9.34 45.49 -27.45
N ARG A 51 -8.18 45.56 -28.16
CA ARG A 51 -8.00 46.28 -29.46
C ARG A 51 -7.99 47.83 -29.30
N ILE A 52 -7.89 48.31 -28.04
CA ILE A 52 -7.85 49.76 -27.68
C ILE A 52 -6.65 50.48 -28.33
N ASP A 53 -5.54 49.73 -28.50
CA ASP A 53 -4.30 50.24 -29.14
C ASP A 53 -4.58 50.71 -30.59
N GLY A 54 -5.48 49.98 -31.28
CA GLY A 54 -5.88 50.31 -32.64
C GLY A 54 -6.81 51.52 -32.70
N PHE A 55 -7.48 51.82 -31.57
CA PHE A 55 -8.38 52.98 -31.45
C PHE A 55 -7.66 54.18 -30.81
N ARG A 56 -6.43 53.97 -30.29
CA ARG A 56 -5.63 55.07 -29.71
C ARG A 56 -5.08 55.93 -30.86
N LYS A 57 -5.58 57.16 -30.94
CA LYS A 57 -5.24 58.15 -31.99
C LYS A 57 -3.90 58.88 -31.69
N GLY A 58 -3.04 58.24 -30.86
CA GLY A 58 -1.81 58.85 -30.38
C GLY A 58 -2.05 60.02 -29.41
N LYS A 59 -3.25 60.02 -28.77
CA LYS A 59 -3.65 61.08 -27.84
C LYS A 59 -2.86 60.97 -26.53
N VAL A 60 -3.02 59.84 -25.82
CA VAL A 60 -2.33 59.61 -24.55
C VAL A 60 -1.02 58.85 -24.82
N PRO A 61 0.17 59.51 -24.59
CA PRO A 61 1.49 58.86 -24.76
C PRO A 61 1.71 57.69 -23.77
N MET A 62 2.57 56.75 -24.17
CA MET A 62 2.75 55.46 -23.49
C MET A 62 3.51 55.60 -22.14
N ASN A 63 4.07 56.79 -21.87
CA ASN A 63 4.67 57.11 -20.56
C ASN A 63 3.56 57.43 -19.52
N ILE A 64 2.54 58.19 -19.95
CA ILE A 64 1.44 58.64 -19.06
C ILE A 64 0.57 57.45 -18.61
N VAL A 65 0.33 56.48 -19.53
CA VAL A 65 -0.50 55.29 -19.22
C VAL A 65 0.11 54.47 -18.06
N ALA A 66 1.44 54.35 -18.05
CA ALA A 66 2.17 53.50 -17.10
C ALA A 66 2.11 54.03 -15.66
N GLN A 67 1.96 55.36 -15.52
CA GLN A 67 1.96 56.02 -14.21
C GLN A 67 0.55 56.53 -13.81
N ARG A 68 -0.47 56.37 -14.70
CA ARG A 68 -1.86 56.81 -14.42
C ARG A 68 -2.87 55.70 -14.72
N TYR A 69 -3.00 55.36 -16.01
CA TYR A 69 -4.06 54.46 -16.53
C TYR A 69 -3.82 52.98 -16.12
N GLY A 70 -2.60 52.71 -15.62
CA GLY A 70 -2.24 51.40 -15.10
C GLY A 70 -1.50 51.50 -13.78
N ALA A 71 -1.68 52.63 -13.06
CA ALA A 71 -1.11 52.84 -11.71
C ALA A 71 -1.72 51.84 -10.70
N SER A 72 -2.95 51.42 -10.97
CA SER A 72 -3.67 50.40 -10.20
C SER A 72 -3.28 48.97 -10.65
N VAL A 73 -2.77 48.81 -11.89
CA VAL A 73 -2.26 47.52 -12.40
C VAL A 73 -0.84 47.29 -11.84
N ARG A 74 -0.79 46.68 -10.64
CA ARG A 74 0.48 46.31 -9.97
C ARG A 74 0.68 44.77 -9.99
N GLN A 75 -0.47 44.05 -10.06
CA GLN A 75 -0.54 42.58 -10.00
C GLN A 75 0.33 41.91 -11.09
N ASP A 76 -0.04 42.15 -12.35
CA ASP A 76 0.54 41.49 -13.53
C ASP A 76 1.99 41.95 -13.75
N VAL A 77 2.25 43.22 -13.38
CA VAL A 77 3.57 43.85 -13.46
C VAL A 77 4.58 43.11 -12.56
N LEU A 78 4.35 43.21 -11.24
CA LEU A 78 5.24 42.63 -10.21
C LEU A 78 5.23 41.10 -10.30
N GLY A 79 4.08 40.51 -10.66
CA GLY A 79 3.94 39.04 -10.75
C GLY A 79 4.88 38.42 -11.79
N ASP A 80 4.94 39.07 -12.96
CA ASP A 80 5.86 38.71 -14.07
C ASP A 80 7.33 38.87 -13.64
N LEU A 81 7.63 40.06 -13.06
CA LEU A 81 8.98 40.45 -12.65
C LEU A 81 9.55 39.49 -11.59
N MET A 82 8.83 39.33 -10.47
CA MET A 82 9.25 38.51 -9.31
C MET A 82 9.55 37.06 -9.72
N SER A 83 8.73 36.54 -10.64
CA SER A 83 8.84 35.19 -11.18
C SER A 83 10.14 35.01 -11.99
N ARG A 84 10.38 35.94 -12.94
CA ARG A 84 11.52 35.84 -13.87
C ARG A 84 12.86 36.19 -13.20
N ASN A 85 12.84 37.18 -12.28
CA ASN A 85 14.06 37.61 -11.55
C ASN A 85 14.68 36.44 -10.75
N PHE A 86 13.82 35.51 -10.29
CA PHE A 86 14.27 34.30 -9.59
C PHE A 86 15.02 33.36 -10.54
N ILE A 87 14.40 33.01 -11.69
CA ILE A 87 14.97 32.01 -12.62
C ILE A 87 16.24 32.56 -13.31
N ASP A 88 16.24 33.87 -13.64
CA ASP A 88 17.43 34.57 -14.17
C ASP A 88 18.60 34.47 -13.18
N ALA A 89 18.29 34.70 -11.88
CA ALA A 89 19.28 34.63 -10.79
C ALA A 89 19.89 33.21 -10.69
N ILE A 90 19.06 32.18 -10.50
CA ILE A 90 19.54 30.81 -10.20
C ILE A 90 20.34 30.18 -11.38
N ILE A 91 20.04 30.61 -12.62
CA ILE A 91 20.79 30.15 -13.82
C ILE A 91 22.23 30.70 -13.80
N LYS A 92 22.36 32.04 -13.67
CA LYS A 92 23.67 32.72 -13.76
C LYS A 92 24.53 32.47 -12.50
N GLU A 93 23.86 32.35 -11.34
CA GLU A 93 24.53 32.13 -10.03
C GLU A 93 24.79 30.64 -9.80
N LYS A 94 24.22 29.78 -10.67
CA LYS A 94 24.36 28.30 -10.61
C LYS A 94 23.81 27.74 -9.29
N ILE A 95 22.71 28.36 -8.81
CA ILE A 95 21.97 27.91 -7.63
C ILE A 95 20.94 26.86 -8.06
N ASN A 96 20.93 25.70 -7.36
CA ASN A 96 19.99 24.60 -7.62
C ASN A 96 18.96 24.53 -6.46
N PRO A 97 17.77 25.20 -6.61
CA PRO A 97 16.75 25.30 -5.53
C PRO A 97 15.90 24.02 -5.39
N ALA A 98 15.35 23.81 -4.20
CA ALA A 98 14.46 22.67 -3.90
C ALA A 98 12.99 23.08 -4.12
N GLY A 99 12.45 22.71 -5.31
CA GLY A 99 11.04 22.93 -5.65
C GLY A 99 10.68 24.42 -5.81
N ALA A 100 9.59 24.84 -5.13
CA ALA A 100 9.05 26.21 -5.22
C ALA A 100 9.63 27.09 -4.08
N PRO A 101 10.14 28.32 -4.40
CA PRO A 101 10.67 29.26 -3.38
C PRO A 101 9.58 30.14 -2.72
N THR A 102 9.94 30.75 -1.58
CA THR A 102 9.05 31.67 -0.84
C THR A 102 9.50 33.13 -1.08
N TYR A 103 8.80 33.83 -1.98
CA TYR A 103 9.04 35.25 -2.28
C TYR A 103 8.41 36.10 -1.15
N VAL A 104 9.23 36.53 -0.18
CA VAL A 104 8.79 37.36 0.96
C VAL A 104 8.85 38.85 0.56
N PRO A 105 7.69 39.54 0.27
CA PRO A 105 7.68 40.95 -0.14
C PRO A 105 7.95 41.90 1.05
N GLY A 106 9.04 42.70 0.95
CA GLY A 106 9.38 43.69 1.96
C GLY A 106 8.31 44.79 2.03
N GLU A 107 8.26 45.59 0.95
CA GLU A 107 7.19 46.58 0.71
C GLU A 107 7.29 47.13 -0.72
N TYR A 108 6.14 47.60 -1.24
CA TYR A 108 6.07 48.28 -2.55
C TYR A 108 5.71 49.76 -2.35
N LYS A 109 6.27 50.62 -3.22
CA LYS A 109 5.93 52.05 -3.31
C LYS A 109 5.70 52.39 -4.79
N LEU A 110 4.59 53.10 -5.07
CA LEU A 110 4.16 53.44 -6.43
C LEU A 110 5.11 54.47 -7.07
N GLY A 111 5.81 54.06 -8.14
CA GLY A 111 6.79 54.92 -8.82
C GLY A 111 8.16 54.90 -8.14
N GLU A 112 8.32 54.02 -7.15
CA GLU A 112 9.59 53.83 -6.41
C GLU A 112 9.98 52.35 -6.43
N ASP A 113 11.16 52.05 -5.87
CA ASP A 113 11.78 50.71 -5.94
C ASP A 113 11.03 49.68 -5.06
N PHE A 114 10.70 48.54 -5.65
CA PHE A 114 10.18 47.36 -4.93
C PHE A 114 11.35 46.50 -4.44
N THR A 115 11.20 45.86 -3.28
CA THR A 115 12.20 44.92 -2.73
C THR A 115 11.48 43.73 -2.08
N TYR A 116 11.98 42.51 -2.36
CA TYR A 116 11.44 41.25 -1.82
C TYR A 116 12.58 40.23 -1.67
N SER A 117 12.55 39.46 -0.59
CA SER A 117 13.56 38.46 -0.24
C SER A 117 13.06 37.04 -0.58
N VAL A 118 13.63 36.45 -1.63
CA VAL A 118 13.27 35.09 -2.07
C VAL A 118 14.03 34.06 -1.22
N GLU A 119 13.38 33.54 -0.16
CA GLU A 119 13.97 32.54 0.75
C GLU A 119 13.59 31.11 0.29
N PHE A 120 14.60 30.26 0.15
CA PHE A 120 14.46 28.88 -0.33
C PHE A 120 15.70 28.07 0.07
N GLU A 121 15.56 26.74 0.12
CA GLU A 121 16.66 25.83 0.47
C GLU A 121 17.18 25.14 -0.80
N VAL A 122 18.51 24.96 -0.88
CA VAL A 122 19.17 24.37 -2.08
C VAL A 122 19.48 22.88 -1.85
N TYR A 123 19.95 22.20 -2.92
CA TYR A 123 20.41 20.81 -2.85
C TYR A 123 21.90 20.75 -2.46
N PRO A 124 22.31 19.84 -1.51
CA PRO A 124 23.73 19.64 -1.15
C PRO A 124 24.43 18.58 -2.03
N GLU A 125 25.76 18.62 -2.06
CA GLU A 125 26.59 17.59 -2.70
C GLU A 125 26.74 16.40 -1.73
N VAL A 126 25.98 15.34 -1.98
CA VAL A 126 25.87 14.19 -1.07
C VAL A 126 27.13 13.30 -1.16
N GLU A 127 27.79 13.09 -0.02
CA GLU A 127 29.03 12.31 0.07
C GLU A 127 28.72 10.82 0.31
N LEU A 128 28.65 10.08 -0.81
CA LEU A 128 28.43 8.64 -0.81
C LEU A 128 29.67 7.89 -0.28
N GLN A 129 29.55 7.33 0.94
CA GLN A 129 30.58 6.48 1.55
C GLN A 129 30.56 5.06 0.94
N GLY A 130 31.37 4.16 1.52
CA GLY A 130 31.53 2.78 1.02
C GLY A 130 30.22 1.99 1.03
N LEU A 131 29.81 1.53 -0.17
CA LEU A 131 28.59 0.69 -0.35
C LEU A 131 28.90 -0.80 -0.07
N GLU A 132 30.14 -1.06 0.35
CA GLU A 132 30.63 -2.38 0.74
C GLU A 132 30.08 -2.76 2.14
N ALA A 133 29.72 -1.71 2.93
CA ALA A 133 29.14 -1.84 4.28
C ALA A 133 27.75 -2.52 4.22
N ILE A 134 27.10 -2.46 3.04
CA ILE A 134 25.81 -3.10 2.78
C ILE A 134 26.01 -4.62 2.66
N GLU A 135 25.20 -5.41 3.38
CA GLU A 135 25.31 -6.88 3.41
C GLU A 135 23.97 -7.49 2.98
N VAL A 136 23.80 -7.62 1.66
CA VAL A 136 22.59 -8.15 1.01
C VAL A 136 22.65 -9.69 0.95
N GLU A 137 21.50 -10.35 1.18
CA GLU A 137 21.35 -11.80 1.01
C GLU A 137 20.81 -12.10 -0.39
N LYS A 138 21.32 -13.17 -1.00
CA LYS A 138 20.80 -13.73 -2.25
C LYS A 138 20.27 -15.15 -1.94
N PRO A 139 18.93 -15.29 -1.65
CA PRO A 139 18.32 -16.59 -1.32
C PRO A 139 18.00 -17.41 -2.59
N ILE A 140 18.76 -18.49 -2.82
CA ILE A 140 18.47 -19.46 -3.88
C ILE A 140 17.30 -20.33 -3.45
N VAL A 141 16.09 -19.84 -3.76
CA VAL A 141 14.84 -20.55 -3.51
C VAL A 141 14.28 -21.04 -4.86
N GLU A 142 13.61 -22.19 -4.85
CA GLU A 142 12.89 -22.74 -6.00
C GLU A 142 11.63 -23.46 -5.50
N VAL A 143 10.48 -23.22 -6.14
CA VAL A 143 9.21 -23.87 -5.77
C VAL A 143 8.99 -25.08 -6.70
N THR A 144 9.54 -26.23 -6.28
CA THR A 144 9.48 -27.49 -7.04
C THR A 144 8.11 -28.15 -6.89
N ASP A 145 7.95 -29.31 -7.56
CA ASP A 145 6.71 -30.13 -7.54
C ASP A 145 6.26 -30.46 -6.11
N ALA A 146 7.20 -30.95 -5.29
CA ALA A 146 6.92 -31.35 -3.89
C ALA A 146 6.52 -30.14 -3.03
N ASP A 147 7.26 -29.02 -3.21
CA ASP A 147 7.03 -27.76 -2.46
C ASP A 147 5.60 -27.25 -2.71
N VAL A 148 5.27 -27.05 -4.00
CA VAL A 148 3.98 -26.49 -4.41
C VAL A 148 2.81 -27.43 -4.03
N ASP A 149 2.98 -28.76 -4.27
CA ASP A 149 1.92 -29.77 -4.02
C ASP A 149 1.54 -29.83 -2.53
N GLY A 150 2.58 -29.92 -1.66
CA GLY A 150 2.38 -29.97 -0.22
C GLY A 150 1.81 -28.69 0.36
N MET A 151 2.26 -27.54 -0.20
CA MET A 151 1.81 -26.19 0.20
C MET A 151 0.36 -25.90 -0.31
N LEU A 152 -0.04 -26.57 -1.41
CA LEU A 152 -1.42 -26.53 -1.95
C LEU A 152 -2.37 -27.34 -1.04
N ASP A 153 -1.88 -28.50 -0.56
CA ASP A 153 -2.60 -29.32 0.41
C ASP A 153 -2.65 -28.62 1.79
N THR A 154 -1.62 -27.80 2.11
CA THR A 154 -1.61 -26.94 3.30
C THR A 154 -2.74 -25.88 3.18
N LEU A 155 -2.88 -25.29 1.96
CA LEU A 155 -4.02 -24.39 1.62
C LEU A 155 -5.36 -25.13 1.83
N ARG A 156 -5.40 -26.41 1.40
CA ARG A 156 -6.60 -27.26 1.54
C ARG A 156 -6.89 -27.61 3.03
N LYS A 157 -5.82 -27.62 3.87
CA LYS A 157 -5.94 -27.80 5.34
C LYS A 157 -6.41 -26.50 6.03
N GLN A 158 -6.00 -25.35 5.49
CA GLN A 158 -6.43 -24.02 5.98
C GLN A 158 -7.87 -23.69 5.51
N GLN A 159 -8.27 -24.32 4.39
CA GLN A 159 -9.64 -24.22 3.83
C GLN A 159 -10.40 -25.55 4.05
N ALA A 160 -10.04 -26.26 5.14
CA ALA A 160 -10.63 -27.58 5.47
C ALA A 160 -11.93 -27.42 6.29
N THR A 161 -12.92 -28.27 5.97
CA THR A 161 -14.23 -28.29 6.63
C THR A 161 -14.11 -28.95 8.01
N TRP A 162 -14.36 -28.17 9.08
CA TRP A 162 -14.27 -28.66 10.46
C TRP A 162 -15.50 -29.50 10.82
N LYS A 163 -15.26 -30.47 11.69
CA LYS A 163 -16.21 -31.50 12.09
C LYS A 163 -15.83 -31.99 13.49
N GLU A 164 -16.83 -32.25 14.34
CA GLU A 164 -16.59 -32.83 15.68
C GLU A 164 -16.23 -34.31 15.59
N LYS A 165 -15.59 -34.77 16.65
CA LYS A 165 -15.19 -36.18 16.82
C LYS A 165 -15.01 -36.50 18.31
N ASP A 166 -14.74 -37.77 18.60
CA ASP A 166 -14.49 -38.27 19.96
C ASP A 166 -13.27 -39.20 19.96
N GLY A 167 -12.34 -38.92 20.86
CA GLY A 167 -11.10 -39.68 20.98
C GLY A 167 -9.89 -38.78 20.94
N ALA A 168 -8.73 -39.39 20.61
CA ALA A 168 -7.39 -38.77 20.76
C ALA A 168 -7.29 -37.40 20.07
N VAL A 169 -7.20 -36.34 20.90
CA VAL A 169 -6.94 -34.97 20.46
C VAL A 169 -5.55 -34.84 19.81
N GLU A 170 -5.53 -34.21 18.64
CA GLU A 170 -4.29 -33.80 17.96
C GLU A 170 -3.99 -32.33 18.29
N ALA A 171 -2.69 -31.98 18.26
CA ALA A 171 -2.15 -30.70 18.75
C ALA A 171 -2.42 -29.50 17.82
N GLU A 172 -3.27 -29.67 16.80
CA GLU A 172 -3.66 -28.59 15.87
C GLU A 172 -5.17 -28.51 15.72
N ASP A 173 -5.91 -29.28 16.55
CA ASP A 173 -7.36 -29.32 16.50
C ASP A 173 -7.96 -28.09 17.18
N ARG A 174 -9.20 -27.80 16.84
CA ARG A 174 -10.08 -26.93 17.63
C ARG A 174 -10.88 -27.85 18.53
N VAL A 175 -11.28 -27.41 19.72
CA VAL A 175 -11.97 -28.28 20.70
C VAL A 175 -13.04 -27.50 21.46
N THR A 176 -13.72 -28.22 22.36
CA THR A 176 -14.65 -27.65 23.33
C THR A 176 -14.34 -28.22 24.74
N ILE A 177 -13.87 -27.35 25.64
CA ILE A 177 -13.64 -27.72 27.06
C ILE A 177 -14.62 -26.98 28.01
N ASP A 178 -14.37 -27.14 29.31
CA ASP A 178 -15.10 -26.50 30.41
C ASP A 178 -14.17 -26.50 31.64
N PHE A 179 -13.44 -25.41 31.83
CA PHE A 179 -12.34 -25.37 32.81
C PHE A 179 -12.72 -24.57 34.06
N THR A 180 -12.11 -24.94 35.20
CA THR A 180 -12.24 -24.21 36.46
C THR A 180 -11.02 -23.29 36.67
N GLY A 181 -11.26 -21.97 36.63
CA GLY A 181 -10.23 -20.96 36.83
C GLY A 181 -9.68 -20.91 38.26
N SER A 182 -8.38 -21.24 38.41
CA SER A 182 -7.65 -21.16 39.70
C SER A 182 -6.25 -20.56 39.46
N VAL A 183 -5.81 -19.65 40.34
CA VAL A 183 -4.44 -19.13 40.37
C VAL A 183 -3.72 -19.79 41.53
N ASP A 184 -2.61 -20.49 41.23
CA ASP A 184 -1.72 -21.12 42.23
C ASP A 184 -2.44 -22.26 43.01
N GLY A 185 -3.66 -22.64 42.57
CA GLY A 185 -4.49 -23.64 43.25
C GLY A 185 -5.75 -23.06 43.89
N GLU A 186 -5.83 -21.73 43.93
CA GLU A 186 -6.94 -20.98 44.56
C GLU A 186 -7.92 -20.53 43.47
N GLU A 187 -9.15 -21.07 43.46
CA GLU A 187 -10.19 -20.65 42.50
C GLU A 187 -10.60 -19.18 42.74
N PHE A 188 -10.96 -18.49 41.65
CA PHE A 188 -11.36 -17.08 41.66
C PHE A 188 -12.53 -16.85 40.68
N GLU A 189 -13.37 -15.83 40.97
CA GLU A 189 -14.59 -15.56 40.21
C GLU A 189 -14.27 -14.97 38.82
N GLY A 190 -15.11 -15.32 37.82
CA GLY A 190 -14.91 -14.90 36.43
C GLY A 190 -14.06 -15.88 35.63
N GLY A 191 -13.21 -16.65 36.34
CA GLY A 191 -12.11 -17.40 35.72
C GLY A 191 -12.50 -18.69 35.04
N LYS A 192 -13.78 -19.06 35.13
CA LYS A 192 -14.30 -20.31 34.57
C LYS A 192 -15.02 -20.02 33.25
N ALA A 193 -14.91 -20.95 32.30
CA ALA A 193 -15.61 -20.85 31.02
C ALA A 193 -16.12 -22.23 30.58
N SER A 194 -17.45 -22.33 30.47
CA SER A 194 -18.17 -23.57 30.24
C SER A 194 -18.59 -23.68 28.77
N ASP A 195 -18.32 -24.84 28.14
CA ASP A 195 -18.59 -25.09 26.70
C ASP A 195 -17.69 -24.16 25.84
N PHE A 196 -16.53 -23.80 26.44
CA PHE A 196 -15.55 -22.88 25.86
C PHE A 196 -14.81 -23.55 24.68
N VAL A 197 -14.90 -22.92 23.51
CA VAL A 197 -14.19 -23.35 22.31
C VAL A 197 -12.73 -22.80 22.31
N LEU A 198 -11.75 -23.70 22.23
CA LEU A 198 -10.31 -23.35 22.20
C LEU A 198 -9.63 -23.94 20.95
N ALA A 199 -8.80 -23.13 20.29
CA ALA A 199 -8.04 -23.52 19.09
C ALA A 199 -6.53 -23.36 19.35
N MET A 200 -5.72 -24.20 18.66
CA MET A 200 -4.29 -24.41 18.98
C MET A 200 -3.35 -23.73 17.97
N GLY A 201 -2.13 -23.41 18.45
CA GLY A 201 -1.05 -22.86 17.61
C GLY A 201 -1.20 -21.36 17.36
N GLN A 202 -2.24 -20.77 17.96
CA GLN A 202 -2.60 -19.36 17.76
C GLN A 202 -2.78 -18.66 19.12
N GLY A 203 -2.41 -17.36 19.16
CA GLY A 203 -2.46 -16.57 20.39
C GLY A 203 -3.82 -15.97 20.67
N ARG A 204 -4.87 -16.82 20.65
CA ARG A 204 -6.26 -16.41 20.96
C ARG A 204 -6.63 -16.91 22.38
N MET A 205 -5.60 -17.07 23.23
CA MET A 205 -5.73 -17.49 24.63
C MET A 205 -4.37 -17.26 25.35
N ILE A 206 -4.29 -17.76 26.58
CA ILE A 206 -3.04 -17.83 27.36
C ILE A 206 -2.06 -18.81 26.66
N PRO A 207 -0.85 -18.35 26.20
CA PRO A 207 0.15 -19.24 25.55
C PRO A 207 0.66 -20.35 26.50
N GLY A 208 0.19 -21.58 26.24
CA GLY A 208 0.50 -22.76 27.07
C GLY A 208 -0.75 -23.39 27.67
N PHE A 209 -1.87 -22.64 27.64
CA PHE A 209 -3.20 -23.08 28.16
C PHE A 209 -3.74 -24.29 27.34
N GLU A 210 -3.48 -24.26 26.03
CA GLU A 210 -3.90 -25.31 25.08
C GLU A 210 -3.20 -26.67 25.34
N ASP A 211 -2.00 -26.62 25.98
CA ASP A 211 -1.07 -27.77 26.19
C ASP A 211 -1.78 -29.03 26.71
N GLY A 212 -2.63 -28.82 27.74
CA GLY A 212 -3.33 -29.90 28.41
C GLY A 212 -4.27 -30.67 27.51
N ILE A 213 -5.05 -29.93 26.72
CA ILE A 213 -6.01 -30.52 25.77
C ILE A 213 -5.28 -31.41 24.73
N LYS A 214 -4.09 -30.95 24.32
CA LYS A 214 -3.31 -31.49 23.19
C LYS A 214 -2.68 -32.88 23.45
N GLY A 215 -3.05 -33.54 24.56
CA GLY A 215 -2.49 -34.85 24.91
C GLY A 215 -3.46 -35.70 25.72
N HIS A 216 -4.75 -35.61 25.36
CA HIS A 216 -5.83 -36.38 25.98
C HIS A 216 -6.86 -36.75 24.90
N LYS A 217 -8.06 -37.18 25.33
CA LYS A 217 -9.16 -37.54 24.43
C LYS A 217 -10.45 -36.81 24.84
N ALA A 218 -11.51 -36.91 24.00
CA ALA A 218 -12.78 -36.14 24.16
C ALA A 218 -13.75 -36.79 25.18
N GLY A 219 -13.20 -37.30 26.27
CA GLY A 219 -13.97 -37.82 27.39
C GLY A 219 -13.17 -37.68 28.66
N GLU A 220 -12.66 -36.46 28.88
CA GLU A 220 -11.64 -36.20 29.90
C GLU A 220 -12.00 -35.03 30.84
N GLU A 221 -11.27 -35.03 31.97
CA GLU A 221 -11.25 -33.96 32.96
C GLU A 221 -9.95 -34.06 33.75
N PHE A 222 -9.23 -32.94 33.83
CA PHE A 222 -7.87 -32.88 34.35
C PHE A 222 -7.47 -31.44 34.67
N THR A 223 -6.50 -31.28 35.56
CA THR A 223 -6.06 -29.96 36.05
C THR A 223 -4.59 -29.74 35.66
N ILE A 224 -4.35 -28.77 34.76
CA ILE A 224 -3.04 -28.58 34.14
C ILE A 224 -2.24 -27.46 34.82
N ASP A 225 -0.91 -27.64 34.82
CA ASP A 225 0.03 -26.65 35.31
C ASP A 225 0.48 -25.79 34.14
N VAL A 226 -0.06 -24.58 34.09
CA VAL A 226 0.29 -23.57 33.10
C VAL A 226 0.81 -22.32 33.80
N THR A 227 1.14 -21.33 32.98
CA THR A 227 1.57 -20.02 33.43
C THR A 227 0.90 -18.96 32.53
N PHE A 228 0.35 -17.93 33.18
CA PHE A 228 -0.26 -16.77 32.50
C PHE A 228 0.75 -16.03 31.58
N PRO A 229 0.27 -15.19 30.62
CA PRO A 229 1.13 -14.32 29.81
C PRO A 229 1.49 -13.04 30.59
N GLU A 230 2.62 -12.40 30.24
CA GLU A 230 2.99 -11.08 30.80
C GLU A 230 2.22 -9.93 30.10
N GLU A 231 1.33 -10.31 29.17
CA GLU A 231 0.37 -9.41 28.53
C GLU A 231 -1.05 -9.57 29.13
N TYR A 232 -1.19 -10.49 30.13
CA TYR A 232 -2.44 -10.68 30.88
C TYR A 232 -2.90 -9.37 31.56
N HIS A 233 -4.23 -9.15 31.55
CA HIS A 233 -4.87 -7.90 32.03
C HIS A 233 -4.55 -7.61 33.51
N ALA A 234 -4.70 -8.65 34.34
CA ALA A 234 -4.34 -8.59 35.75
C ALA A 234 -2.82 -8.68 35.89
N GLU A 235 -2.18 -7.57 36.32
CA GLU A 235 -0.72 -7.51 36.50
C GLU A 235 -0.29 -8.34 37.73
N ASN A 236 -1.21 -8.48 38.69
CA ASN A 236 -1.07 -9.37 39.87
C ASN A 236 -0.85 -10.83 39.42
N LEU A 237 -1.40 -11.16 38.23
CA LEU A 237 -1.48 -12.52 37.70
C LEU A 237 -0.66 -12.69 36.42
N LYS A 238 -0.04 -11.62 35.88
CA LYS A 238 0.69 -11.75 34.59
C LYS A 238 2.01 -12.53 34.79
N GLY A 239 2.11 -13.68 34.10
CA GLY A 239 3.22 -14.61 34.30
C GLY A 239 3.16 -15.32 35.66
N LYS A 240 1.93 -15.56 36.14
CA LYS A 240 1.67 -16.30 37.40
C LYS A 240 1.37 -17.76 37.04
N ALA A 241 1.95 -18.72 37.76
CA ALA A 241 1.66 -20.15 37.53
C ALA A 241 0.23 -20.47 38.02
N ALA A 242 -0.63 -20.88 37.07
CA ALA A 242 -2.06 -21.08 37.31
C ALA A 242 -2.45 -22.56 37.22
N LYS A 243 -3.61 -22.87 37.81
CA LYS A 243 -4.25 -24.19 37.76
C LYS A 243 -5.60 -24.06 37.03
N PHE A 244 -5.79 -24.81 35.96
CA PHE A 244 -7.07 -24.83 35.24
C PHE A 244 -7.56 -26.26 35.11
N ALA A 245 -8.68 -26.57 35.79
CA ALA A 245 -9.30 -27.90 35.77
C ALA A 245 -10.10 -28.07 34.47
N ILE A 246 -9.35 -28.37 33.41
CA ILE A 246 -9.84 -28.51 32.04
C ILE A 246 -10.73 -29.77 31.89
N ASN A 247 -12.04 -29.56 31.73
CA ASN A 247 -12.98 -30.65 31.40
C ASN A 247 -13.15 -30.70 29.87
N LEU A 248 -12.23 -31.43 29.23
CA LEU A 248 -12.20 -31.66 27.79
C LEU A 248 -13.39 -32.55 27.35
N LYS A 249 -14.44 -31.92 26.78
CA LYS A 249 -15.71 -32.61 26.43
C LYS A 249 -15.69 -33.12 24.99
N LYS A 250 -15.21 -32.26 24.07
CA LYS A 250 -15.23 -32.52 22.62
C LYS A 250 -13.90 -32.12 21.98
N VAL A 251 -13.58 -32.78 20.87
CA VAL A 251 -12.46 -32.41 19.99
C VAL A 251 -12.99 -32.34 18.54
N GLU A 252 -12.53 -31.34 17.78
CA GLU A 252 -12.99 -31.08 16.40
C GLU A 252 -11.82 -31.17 15.40
N GLU A 253 -11.96 -32.06 14.40
CA GLU A 253 -10.97 -32.28 13.33
C GLU A 253 -11.28 -31.43 12.09
N ARG A 254 -10.24 -30.99 11.35
CA ARG A 254 -10.40 -30.38 10.03
C ARG A 254 -10.40 -31.51 8.96
N GLU A 255 -11.24 -31.40 7.93
CA GLU A 255 -11.36 -32.41 6.86
C GLU A 255 -11.03 -31.79 5.50
N LEU A 256 -10.06 -32.39 4.79
CA LEU A 256 -9.68 -32.01 3.43
C LEU A 256 -10.89 -32.09 2.48
N PRO A 257 -11.39 -30.94 1.94
CA PRO A 257 -12.46 -30.94 0.92
C PRO A 257 -11.96 -31.54 -0.41
N GLU A 258 -12.89 -31.74 -1.34
CA GLU A 258 -12.61 -32.36 -2.64
C GLU A 258 -11.65 -31.49 -3.47
N LEU A 259 -10.70 -32.16 -4.15
CA LEU A 259 -9.74 -31.51 -5.05
C LEU A 259 -10.32 -31.49 -6.50
N THR A 260 -11.67 -31.42 -6.59
CA THR A 260 -12.43 -31.34 -7.85
C THR A 260 -11.96 -30.13 -8.69
N ALA A 261 -11.87 -30.32 -10.02
CA ALA A 261 -11.44 -29.28 -10.98
C ALA A 261 -12.21 -27.96 -10.79
N GLU A 262 -13.52 -28.10 -10.50
CA GLU A 262 -14.44 -26.99 -10.23
C GLU A 262 -14.04 -26.21 -8.96
N PHE A 263 -13.53 -26.94 -7.94
CA PHE A 263 -13.09 -26.36 -6.66
C PHE A 263 -11.74 -25.63 -6.88
N ILE A 264 -10.79 -26.36 -7.51
CA ILE A 264 -9.45 -25.86 -7.88
C ILE A 264 -9.54 -24.49 -8.59
N LYS A 265 -10.38 -24.43 -9.63
CA LYS A 265 -10.52 -23.24 -10.47
C LYS A 265 -11.40 -22.16 -9.81
N ARG A 266 -12.12 -22.52 -8.72
CA ARG A 266 -13.09 -21.61 -8.04
C ARG A 266 -12.34 -20.37 -7.48
N PHE A 267 -11.08 -20.60 -7.13
CA PHE A 267 -10.18 -19.56 -6.61
C PHE A 267 -9.57 -18.72 -7.76
N GLY A 268 -9.46 -19.33 -8.96
CA GLY A 268 -8.84 -18.69 -10.12
C GLY A 268 -7.64 -19.48 -10.67
N VAL A 269 -7.93 -20.67 -11.26
CA VAL A 269 -6.90 -21.51 -11.92
C VAL A 269 -7.44 -21.94 -13.31
N GLU A 270 -6.85 -21.42 -14.40
CA GLU A 270 -7.25 -21.75 -15.79
C GLU A 270 -6.99 -23.23 -16.09
N ASP A 271 -5.77 -23.71 -15.79
CA ASP A 271 -5.38 -25.10 -16.01
C ASP A 271 -5.69 -25.89 -14.72
N GLY A 272 -6.99 -25.97 -14.39
CA GLY A 272 -7.45 -26.45 -13.08
C GLY A 272 -7.54 -27.97 -12.94
N SER A 273 -6.46 -28.67 -13.32
CA SER A 273 -6.30 -30.12 -13.05
C SER A 273 -5.49 -30.30 -11.76
N VAL A 274 -5.14 -31.55 -11.38
CA VAL A 274 -4.27 -31.81 -10.22
C VAL A 274 -2.82 -31.42 -10.58
N GLU A 275 -2.26 -32.13 -11.60
CA GLU A 275 -0.94 -31.82 -12.18
C GLU A 275 -0.92 -30.37 -12.71
N GLY A 276 -2.10 -29.91 -13.16
CA GLY A 276 -2.31 -28.55 -13.64
C GLY A 276 -2.32 -27.53 -12.51
N LEU A 277 -2.78 -27.94 -11.32
CA LEU A 277 -2.80 -27.04 -10.13
C LEU A 277 -1.36 -26.82 -9.67
N ARG A 278 -0.64 -27.95 -9.57
CA ARG A 278 0.80 -27.97 -9.24
C ARG A 278 1.61 -27.10 -10.22
N ALA A 279 1.43 -27.36 -11.53
CA ALA A 279 2.22 -26.73 -12.60
C ALA A 279 1.90 -25.23 -12.74
N GLU A 280 0.61 -24.90 -12.85
CA GLU A 280 0.14 -23.50 -13.07
C GLU A 280 0.45 -22.62 -11.84
N VAL A 281 0.19 -23.15 -10.63
CA VAL A 281 0.45 -22.40 -9.39
C VAL A 281 1.96 -22.27 -9.12
N ARG A 282 2.80 -23.32 -9.41
CA ARG A 282 4.28 -23.18 -9.23
C ARG A 282 4.85 -22.21 -10.28
N LYS A 283 4.23 -22.19 -11.46
CA LYS A 283 4.56 -21.23 -12.55
C LYS A 283 4.41 -19.79 -12.05
N ASN A 284 3.23 -19.48 -11.47
CA ASN A 284 2.96 -18.15 -10.89
C ASN A 284 3.76 -17.92 -9.58
N MET A 285 4.05 -19.01 -8.83
CA MET A 285 4.81 -18.94 -7.56
C MET A 285 6.26 -18.57 -7.84
N GLU A 286 6.84 -19.09 -8.95
CA GLU A 286 8.26 -18.90 -9.30
C GLU A 286 8.46 -17.58 -10.07
N ARG A 287 7.42 -17.19 -10.82
CA ARG A 287 7.33 -15.84 -11.42
C ARG A 287 7.33 -14.77 -10.30
N GLU A 288 6.53 -15.05 -9.25
CA GLU A 288 6.45 -14.22 -8.04
C GLU A 288 7.69 -14.41 -7.13
N LEU A 289 8.29 -15.61 -7.18
CA LEU A 289 9.44 -15.98 -6.34
C LEU A 289 10.65 -15.13 -6.69
N LYS A 290 10.98 -15.05 -7.99
CA LYS A 290 12.11 -14.23 -8.46
C LYS A 290 11.84 -12.73 -8.20
N SER A 291 10.54 -12.37 -8.21
CA SER A 291 10.09 -11.01 -7.85
C SER A 291 10.26 -10.77 -6.34
N ALA A 292 10.15 -11.85 -5.53
CA ALA A 292 10.35 -11.82 -4.07
C ALA A 292 11.86 -11.82 -3.72
N ILE A 293 12.69 -12.51 -4.55
CA ILE A 293 14.17 -12.39 -4.48
C ILE A 293 14.54 -10.95 -4.86
N ARG A 294 13.86 -10.39 -5.88
CA ARG A 294 14.12 -9.03 -6.36
C ARG A 294 13.81 -8.01 -5.25
N ASN A 295 12.66 -8.20 -4.58
CA ASN A 295 12.23 -7.37 -3.44
C ASN A 295 13.22 -7.48 -2.29
N ARG A 296 13.64 -8.73 -1.98
CA ARG A 296 14.57 -9.02 -0.87
C ARG A 296 15.93 -8.31 -1.08
N VAL A 297 16.56 -8.62 -2.22
CA VAL A 297 17.90 -8.13 -2.60
C VAL A 297 17.91 -6.59 -2.73
N LYS A 298 16.87 -6.04 -3.39
CA LYS A 298 16.74 -4.58 -3.61
C LYS A 298 16.51 -3.85 -2.28
N SER A 299 15.64 -4.40 -1.40
CA SER A 299 15.29 -3.76 -0.12
C SER A 299 16.47 -3.76 0.86
N GLN A 300 17.28 -4.84 0.84
CA GLN A 300 18.52 -4.92 1.66
C GLN A 300 19.59 -3.95 1.14
N ALA A 301 19.68 -3.82 -0.21
CA ALA A 301 20.56 -2.84 -0.87
C ALA A 301 20.22 -1.41 -0.42
N ILE A 302 18.92 -1.09 -0.47
CA ILE A 302 18.37 0.24 -0.10
C ILE A 302 18.59 0.54 1.39
N GLU A 303 18.16 -0.42 2.24
CA GLU A 303 18.22 -0.31 3.71
C GLU A 303 19.68 -0.05 4.16
N GLY A 304 20.58 -0.91 3.65
CA GLY A 304 22.00 -0.80 3.95
C GLY A 304 22.66 0.46 3.39
N LEU A 305 22.22 0.89 2.18
CA LEU A 305 22.76 2.09 1.49
C LEU A 305 22.52 3.33 2.35
N VAL A 306 21.25 3.52 2.72
CA VAL A 306 20.81 4.67 3.51
C VAL A 306 21.47 4.66 4.89
N LYS A 307 21.48 3.47 5.52
CA LYS A 307 22.14 3.22 6.81
C LYS A 307 23.64 3.60 6.76
N ALA A 308 24.27 3.28 5.61
CA ALA A 308 25.71 3.53 5.36
C ALA A 308 26.02 5.02 5.13
N ASN A 309 25.01 5.83 4.80
CA ASN A 309 25.23 7.22 4.33
C ASN A 309 24.55 8.25 5.23
N ASP A 310 25.05 9.50 5.13
CA ASP A 310 24.51 10.68 5.83
C ASP A 310 24.17 11.76 4.79
N ILE A 311 23.12 12.55 5.10
CA ILE A 311 22.60 13.61 4.22
C ILE A 311 21.61 14.50 4.99
N ASP A 312 21.63 15.81 4.72
CA ASP A 312 20.59 16.75 5.16
C ASP A 312 19.71 17.08 3.94
N VAL A 313 18.44 16.70 4.02
CA VAL A 313 17.47 16.87 2.92
C VAL A 313 16.72 18.21 3.11
N PRO A 314 16.68 19.11 2.06
CA PRO A 314 15.82 20.32 2.08
C PRO A 314 14.31 19.94 2.18
N ALA A 315 13.56 20.78 2.90
CA ALA A 315 12.16 20.51 3.31
C ALA A 315 11.24 20.10 2.16
N ALA A 316 11.33 20.84 1.02
CA ALA A 316 10.40 20.74 -0.14
C ALA A 316 9.96 19.30 -0.49
N LEU A 317 10.96 18.42 -0.75
CA LEU A 317 10.72 17.03 -1.17
C LEU A 317 10.08 16.19 -0.04
N ILE A 318 10.54 16.43 1.21
CA ILE A 318 10.00 15.73 2.40
C ILE A 318 8.52 16.06 2.54
N ASP A 319 8.18 17.36 2.49
CA ASP A 319 6.80 17.86 2.68
C ASP A 319 5.88 17.46 1.53
N SER A 320 6.46 17.27 0.32
CA SER A 320 5.76 16.64 -0.81
C SER A 320 5.32 15.21 -0.42
N GLU A 321 6.30 14.40 0.03
CA GLU A 321 6.05 13.01 0.47
C GLU A 321 5.19 12.96 1.76
N ILE A 322 5.26 14.02 2.61
CA ILE A 322 4.41 14.15 3.81
C ILE A 322 2.96 14.16 3.37
N ASP A 323 2.66 15.11 2.46
CA ASP A 323 1.30 15.32 1.92
C ASP A 323 0.76 14.06 1.25
N VAL A 324 1.60 13.39 0.44
CA VAL A 324 1.25 12.11 -0.22
C VAL A 324 0.84 11.05 0.84
N LEU A 325 1.64 10.92 1.91
CA LEU A 325 1.41 9.93 2.99
C LEU A 325 0.24 10.31 3.90
N ARG A 326 -0.07 11.61 3.97
CA ARG A 326 -1.22 12.11 4.76
C ARG A 326 -2.53 11.76 4.06
N ARG A 327 -2.57 11.98 2.73
CA ARG A 327 -3.73 11.63 1.89
C ARG A 327 -3.95 10.10 1.91
N GLN A 328 -2.83 9.36 1.75
CA GLN A 328 -2.77 7.89 1.83
C GLN A 328 -3.38 7.35 3.13
N ALA A 329 -2.94 7.93 4.27
CA ALA A 329 -3.40 7.53 5.60
C ALA A 329 -4.89 7.77 5.76
N ALA A 330 -5.30 9.04 5.58
CA ALA A 330 -6.70 9.48 5.73
C ALA A 330 -7.67 8.63 4.89
N GLN A 331 -7.24 8.32 3.65
CA GLN A 331 -8.02 7.53 2.68
C GLN A 331 -8.32 6.09 3.19
N ARG A 332 -7.38 5.51 3.95
CA ARG A 332 -7.52 4.10 4.41
C ARG A 332 -7.88 4.06 5.92
N PHE A 333 -6.96 4.57 6.73
CA PHE A 333 -7.10 4.63 8.19
C PHE A 333 -8.16 5.71 8.57
N GLY A 334 -9.43 5.29 8.53
CA GLY A 334 -10.54 6.07 9.06
C GLY A 334 -11.48 6.60 7.97
N GLY A 335 -10.90 7.23 6.92
CA GLY A 335 -11.69 8.01 5.96
C GLY A 335 -11.78 9.47 6.40
N ASN A 336 -10.65 9.97 6.92
CA ASN A 336 -10.55 11.30 7.55
C ASN A 336 -10.79 12.42 6.51
N GLU A 337 -11.92 13.15 6.71
CA GLU A 337 -12.42 14.20 5.80
C GLU A 337 -11.45 15.40 5.72
N LYS A 338 -10.49 15.30 4.76
CA LYS A 338 -9.48 16.34 4.46
C LYS A 338 -8.51 16.60 5.63
N GLN A 339 -8.61 15.79 6.69
CA GLN A 339 -7.75 15.91 7.90
C GLN A 339 -6.30 15.57 7.57
N ALA A 340 -6.13 14.88 6.41
CA ALA A 340 -4.86 14.66 5.73
C ALA A 340 -4.02 15.96 5.67
N LEU A 341 -4.62 16.99 5.06
CA LEU A 341 -3.97 18.29 4.79
C LEU A 341 -3.52 18.98 6.11
N GLU A 342 -4.18 18.61 7.23
CA GLU A 342 -3.93 19.19 8.56
C GLU A 342 -2.91 18.34 9.38
N LEU A 343 -2.72 17.04 9.02
CA LEU A 343 -1.82 16.12 9.78
C LEU A 343 -0.38 16.70 9.86
N PRO A 344 0.27 16.69 11.07
CA PRO A 344 1.63 17.26 11.27
C PRO A 344 2.71 16.62 10.37
N ARG A 345 3.74 17.41 10.03
CA ARG A 345 4.91 16.95 9.25
C ARG A 345 5.53 15.71 9.93
N GLU A 346 5.80 15.88 11.24
CA GLU A 346 6.44 14.86 12.08
C GLU A 346 5.58 13.59 12.25
N LEU A 347 4.29 13.63 11.82
CA LEU A 347 3.40 12.44 11.86
C LEU A 347 3.96 11.36 10.89
N PHE A 348 4.59 11.83 9.78
CA PHE A 348 5.14 10.93 8.73
C PHE A 348 6.61 11.24 8.41
N GLU A 349 7.16 12.33 8.99
CA GLU A 349 8.50 12.86 8.64
C GLU A 349 9.61 11.79 8.69
N GLU A 350 9.54 10.90 9.68
CA GLU A 350 10.54 9.82 9.85
C GLU A 350 10.66 8.97 8.57
N GLN A 351 9.53 8.40 8.11
CA GLN A 351 9.53 7.54 6.91
C GLN A 351 9.64 8.36 5.62
N ALA A 352 8.96 9.52 5.56
CA ALA A 352 8.86 10.35 4.34
C ALA A 352 10.24 10.88 3.93
N LYS A 353 10.94 11.45 4.92
CA LYS A 353 12.31 11.93 4.77
C LYS A 353 13.24 10.79 4.35
N ARG A 354 13.09 9.64 5.01
CA ARG A 354 13.92 8.42 4.76
C ARG A 354 13.76 7.96 3.28
N ARG A 355 12.50 8.03 2.81
CA ARG A 355 12.12 7.72 1.42
C ARG A 355 12.82 8.66 0.44
N VAL A 356 12.79 9.98 0.75
CA VAL A 356 13.47 11.02 -0.05
C VAL A 356 15.00 10.82 -0.05
N VAL A 357 15.53 10.43 1.14
CA VAL A 357 16.96 10.16 1.35
C VAL A 357 17.42 9.09 0.34
N VAL A 358 16.64 7.99 0.22
CA VAL A 358 16.92 6.93 -0.77
C VAL A 358 17.05 7.49 -2.20
N GLY A 359 16.02 8.28 -2.60
CA GLY A 359 15.95 8.85 -3.96
C GLY A 359 17.06 9.85 -4.26
N LEU A 360 17.58 10.52 -3.21
CA LEU A 360 18.69 11.48 -3.34
C LEU A 360 20.06 10.77 -3.36
N LEU A 361 20.18 9.65 -2.62
CA LEU A 361 21.42 8.83 -2.59
C LEU A 361 21.61 8.12 -3.93
N LEU A 362 20.52 7.49 -4.42
CA LEU A 362 20.46 6.85 -5.74
C LEU A 362 20.54 7.91 -6.86
N GLY A 363 19.92 9.08 -6.60
CA GLY A 363 20.03 10.24 -7.50
C GLY A 363 21.47 10.72 -7.63
N GLU A 364 22.20 10.63 -6.52
CA GLU A 364 23.61 10.98 -6.45
C GLU A 364 24.48 9.90 -7.15
N VAL A 365 24.10 8.61 -7.03
CA VAL A 365 24.76 7.51 -7.79
C VAL A 365 24.65 7.79 -9.31
N ILE A 366 23.45 8.22 -9.73
CA ILE A 366 23.15 8.53 -11.14
C ILE A 366 23.98 9.72 -11.62
N ARG A 367 24.03 10.81 -10.83
CA ARG A 367 24.81 12.01 -11.19
C ARG A 367 26.33 11.69 -11.18
N THR A 368 26.86 11.42 -9.97
CA THR A 368 28.31 11.19 -9.71
C THR A 368 28.92 10.09 -10.61
N ASN A 369 28.21 8.97 -10.77
CA ASN A 369 28.74 7.79 -11.50
C ASN A 369 28.17 7.72 -12.94
N GLU A 370 27.58 8.87 -13.43
CA GLU A 370 26.98 9.04 -14.80
C GLU A 370 26.11 7.83 -15.24
N LEU A 371 25.31 7.32 -14.29
CA LEU A 371 24.56 6.08 -14.46
C LEU A 371 23.29 6.35 -15.29
N LYS A 372 23.28 5.83 -16.53
CA LYS A 372 22.17 5.97 -17.49
C LYS A 372 21.09 4.87 -17.29
N ALA A 373 19.94 5.04 -17.97
CA ALA A 373 18.85 4.03 -17.96
C ALA A 373 19.24 2.81 -18.82
N ASP A 374 18.44 1.73 -18.77
CA ASP A 374 18.76 0.49 -19.48
C ASP A 374 17.52 0.03 -20.27
N GLU A 375 17.47 0.39 -21.56
CA GLU A 375 16.32 0.13 -22.45
C GLU A 375 16.09 -1.39 -22.64
N GLU A 376 17.18 -2.15 -22.54
CA GLU A 376 17.15 -3.62 -22.66
C GLU A 376 16.59 -4.25 -21.37
N ARG A 377 16.71 -3.52 -20.23
CA ARG A 377 16.19 -3.97 -18.93
C ARG A 377 14.73 -3.52 -18.78
N VAL A 378 14.36 -2.43 -19.51
CA VAL A 378 12.96 -2.03 -19.74
C VAL A 378 12.23 -3.19 -20.41
N LYS A 379 12.82 -3.67 -21.53
CA LYS A 379 12.30 -4.83 -22.29
C LYS A 379 12.18 -6.06 -21.39
N GLY A 380 13.30 -6.42 -20.70
CA GLY A 380 13.35 -7.56 -19.79
C GLY A 380 12.24 -7.54 -18.73
N LEU A 381 12.04 -6.37 -18.11
CA LEU A 381 11.01 -6.14 -17.08
C LEU A 381 9.60 -6.40 -17.64
N ILE A 382 9.29 -5.73 -18.78
CA ILE A 382 7.96 -5.81 -19.44
C ILE A 382 7.64 -7.27 -19.89
N GLU A 383 8.64 -7.98 -20.40
CA GLU A 383 8.46 -9.32 -20.99
C GLU A 383 8.37 -10.41 -19.90
N GLU A 384 9.09 -10.22 -18.77
CA GLU A 384 8.96 -11.10 -17.60
C GLU A 384 7.60 -10.90 -16.91
N MET A 385 7.08 -9.66 -16.97
CA MET A 385 5.70 -9.36 -16.55
C MET A 385 4.69 -10.06 -17.47
N ALA A 386 4.90 -9.91 -18.80
CA ALA A 386 4.00 -10.42 -19.85
C ALA A 386 4.19 -11.95 -20.08
N SER A 387 5.23 -12.54 -19.47
CA SER A 387 5.42 -14.01 -19.44
C SER A 387 4.18 -14.73 -18.85
N ALA A 388 3.48 -14.04 -17.93
CA ALA A 388 2.28 -14.56 -17.25
C ALA A 388 0.96 -14.16 -17.97
N TYR A 389 1.08 -13.48 -19.14
CA TYR A 389 -0.07 -12.90 -19.86
C TYR A 389 0.38 -12.50 -21.27
N GLU A 390 0.01 -13.32 -22.27
CA GLU A 390 0.62 -13.29 -23.63
C GLU A 390 0.22 -12.07 -24.49
N ASP A 391 -0.41 -11.05 -23.88
CA ASP A 391 -0.62 -9.74 -24.53
C ASP A 391 0.26 -8.69 -23.83
N PRO A 392 1.47 -8.37 -24.37
CA PRO A 392 2.26 -7.21 -23.91
C PRO A 392 1.83 -5.90 -24.61
N LYS A 393 0.89 -6.02 -25.56
CA LYS A 393 0.49 -4.93 -26.46
C LYS A 393 -0.12 -3.75 -25.71
N GLU A 394 -0.93 -4.05 -24.67
CA GLU A 394 -1.49 -3.01 -23.78
C GLU A 394 -0.35 -2.15 -23.17
N VAL A 395 0.77 -2.82 -22.84
CA VAL A 395 1.92 -2.21 -22.16
C VAL A 395 2.72 -1.33 -23.16
N ILE A 396 3.26 -1.99 -24.21
CA ILE A 396 4.10 -1.34 -25.25
C ILE A 396 3.36 -0.12 -25.86
N GLU A 397 2.06 -0.32 -26.21
CA GLU A 397 1.25 0.70 -26.89
C GLU A 397 0.84 1.83 -25.94
N PHE A 398 0.57 1.54 -24.64
CA PHE A 398 0.30 2.62 -23.66
C PHE A 398 1.51 3.56 -23.55
N TYR A 399 2.71 2.95 -23.47
CA TYR A 399 3.97 3.67 -23.28
C TYR A 399 4.30 4.53 -24.51
N SER A 400 4.37 3.88 -25.68
CA SER A 400 4.79 4.53 -26.95
C SER A 400 3.85 5.70 -27.35
N LYS A 401 2.56 5.59 -26.97
CA LYS A 401 1.54 6.61 -27.28
C LYS A 401 1.39 7.65 -26.15
N ASN A 402 1.96 7.39 -24.95
CA ASN A 402 1.79 8.29 -23.78
C ASN A 402 3.02 8.21 -22.85
N LYS A 403 3.64 9.37 -22.60
CA LYS A 403 4.85 9.52 -21.74
C LYS A 403 4.61 9.01 -20.30
N GLU A 404 3.32 9.05 -19.86
CA GLU A 404 2.84 8.75 -18.50
C GLU A 404 3.67 7.66 -17.77
N LEU A 405 3.59 6.43 -18.27
CA LEU A 405 4.33 5.28 -17.72
C LEU A 405 5.55 4.94 -18.58
N MET A 406 5.74 5.65 -19.72
CA MET A 406 6.88 5.44 -20.65
C MET A 406 8.19 5.94 -20.00
N ASP A 407 8.26 7.26 -19.71
CA ASP A 407 9.48 7.88 -19.15
C ASP A 407 9.74 7.30 -17.76
N ASN A 408 8.64 7.05 -17.03
CA ASN A 408 8.66 6.40 -15.72
C ASN A 408 9.31 5.02 -15.80
N MET A 409 8.92 4.21 -16.81
CA MET A 409 9.50 2.86 -17.01
C MET A 409 11.02 2.91 -17.20
N ARG A 410 11.51 4.02 -17.76
CA ARG A 410 12.95 4.25 -17.93
C ARG A 410 13.58 4.74 -16.61
N ASN A 411 12.79 5.50 -15.78
CA ASN A 411 13.18 5.82 -14.38
C ASN A 411 13.24 4.54 -13.52
N VAL A 412 12.37 3.55 -13.84
CA VAL A 412 12.28 2.27 -13.12
C VAL A 412 13.50 1.42 -13.46
N ALA A 413 13.85 1.35 -14.75
CA ALA A 413 15.05 0.63 -15.24
C ALA A 413 16.34 1.34 -14.78
N LEU A 414 16.25 2.66 -14.64
CA LEU A 414 17.32 3.51 -14.09
C LEU A 414 17.50 3.23 -12.58
N GLU A 415 16.36 2.99 -11.89
CA GLU A 415 16.31 2.67 -10.44
C GLU A 415 16.85 1.25 -10.21
N GLU A 416 16.47 0.35 -11.11
CA GLU A 416 16.89 -1.05 -11.10
C GLU A 416 18.41 -1.14 -11.31
N GLN A 417 18.91 -0.43 -12.34
CA GLN A 417 20.36 -0.42 -12.70
C GLN A 417 21.17 0.38 -11.67
N ALA A 418 20.51 1.36 -11.00
CA ALA A 418 21.08 2.06 -9.83
C ALA A 418 21.43 1.05 -8.74
N VAL A 419 20.42 0.21 -8.40
CA VAL A 419 20.59 -0.88 -7.44
C VAL A 419 21.63 -1.91 -7.91
N GLU A 420 21.65 -2.25 -9.23
CA GLU A 420 22.64 -3.22 -9.80
C GLU A 420 24.08 -2.75 -9.55
N ALA A 421 24.30 -1.43 -9.74
CA ALA A 421 25.59 -0.79 -9.47
C ALA A 421 25.96 -0.85 -7.98
N VAL A 422 24.92 -0.83 -7.10
CA VAL A 422 25.09 -0.87 -5.65
C VAL A 422 25.41 -2.31 -5.20
N LEU A 423 24.84 -3.30 -5.92
CA LEU A 423 25.03 -4.74 -5.66
C LEU A 423 26.43 -5.19 -6.14
N ALA A 424 26.93 -4.53 -7.20
CA ALA A 424 28.29 -4.73 -7.72
C ALA A 424 29.36 -4.33 -6.69
N LYS A 425 28.96 -3.45 -5.74
CA LYS A 425 29.84 -2.90 -4.70
C LYS A 425 29.57 -3.57 -3.33
N ALA A 426 28.30 -3.91 -3.09
CA ALA A 426 27.83 -4.48 -1.82
C ALA A 426 28.08 -5.99 -1.76
N LYS A 427 27.88 -6.57 -0.58
CA LYS A 427 27.94 -8.02 -0.37
C LYS A 427 26.63 -8.64 -0.85
N VAL A 428 26.68 -9.48 -1.90
CA VAL A 428 25.52 -10.25 -2.36
C VAL A 428 25.79 -11.74 -2.06
N THR A 429 25.60 -12.12 -0.78
CA THR A 429 25.98 -13.44 -0.27
C THR A 429 24.93 -14.51 -0.66
N GLU A 430 25.31 -15.37 -1.62
CA GLU A 430 24.44 -16.43 -2.12
C GLU A 430 24.34 -17.59 -1.12
N LYS A 431 23.11 -18.03 -0.84
CA LYS A 431 22.82 -19.16 0.05
C LYS A 431 21.49 -19.81 -0.35
N GLU A 432 21.51 -21.15 -0.47
CA GLU A 432 20.31 -21.95 -0.76
C GLU A 432 19.34 -21.89 0.44
N THR A 433 18.08 -21.58 0.15
CA THR A 433 17.06 -21.28 1.15
C THR A 433 15.79 -22.07 0.82
N THR A 434 15.08 -22.62 1.84
CA THR A 434 13.86 -23.41 1.63
C THR A 434 12.73 -22.54 1.04
N PHE A 435 11.70 -23.23 0.51
CA PHE A 435 10.62 -22.62 -0.29
C PHE A 435 9.99 -21.38 0.39
N ASN A 436 9.51 -21.54 1.64
CA ASN A 436 8.74 -20.49 2.34
C ASN A 436 9.65 -19.55 3.16
N GLU A 437 10.88 -20.00 3.53
CA GLU A 437 11.81 -19.26 4.44
C GLU A 437 12.09 -17.81 3.95
N LEU A 438 12.10 -17.63 2.63
CA LEU A 438 12.22 -16.31 1.97
C LEU A 438 11.12 -15.33 2.44
N MET A 439 9.87 -15.80 2.42
CA MET A 439 8.68 -14.96 2.69
C MET A 439 7.85 -15.53 3.88
N ASN A 440 8.55 -16.16 4.84
CA ASN A 440 7.95 -16.65 6.11
C ASN A 440 8.16 -15.58 7.22
N GLN A 441 8.18 -14.31 6.80
CA GLN A 441 8.45 -13.15 7.67
C GLN A 441 7.12 -12.58 8.21
N GLN A 442 7.07 -12.34 9.52
CA GLN A 442 5.91 -11.71 10.20
C GLN A 442 5.91 -10.20 9.94
N ALA A 443 7.10 -9.60 10.12
CA ALA A 443 7.36 -8.16 9.89
C ALA A 443 8.89 -7.95 9.76
N MET B 2 -4.14 -2.24 38.48
CA MET B 2 -4.23 -1.10 39.45
C MET B 2 -5.69 -0.95 39.92
N LYS B 3 -5.92 -1.26 41.22
CA LYS B 3 -7.23 -1.23 41.89
C LYS B 3 -8.21 -2.22 41.20
N GLN B 4 -8.80 -1.77 40.09
CA GLN B 4 -9.85 -2.51 39.35
C GLN B 4 -9.49 -2.58 37.85
N SER B 5 -10.50 -2.94 37.01
CA SER B 5 -10.41 -2.97 35.52
C SER B 5 -9.21 -3.82 35.04
N THR B 6 -8.94 -4.91 35.76
CA THR B 6 -7.89 -5.89 35.45
C THR B 6 -8.54 -7.28 35.36
N ILE B 7 -9.18 -7.66 36.47
CA ILE B 7 -9.96 -8.90 36.58
C ILE B 7 -11.43 -8.59 36.25
N ALA B 8 -11.73 -8.66 34.95
CA ALA B 8 -13.05 -8.37 34.37
C ALA B 8 -13.34 -9.44 33.31
N LEU B 9 -13.28 -10.69 33.76
CA LEU B 9 -13.05 -11.89 32.93
C LEU B 9 -14.30 -12.34 32.15
N ALA B 10 -14.21 -13.54 31.54
CA ALA B 10 -15.27 -14.20 30.73
C ALA B 10 -15.45 -13.55 29.35
N LEU B 11 -15.81 -12.26 29.33
CA LEU B 11 -16.08 -11.50 28.09
C LEU B 11 -14.83 -11.33 27.19
N LEU B 12 -13.61 -11.42 27.80
CA LEU B 12 -12.33 -11.41 27.06
C LEU B 12 -11.13 -11.80 27.98
N PRO B 13 -10.85 -11.05 29.14
CA PRO B 13 -9.58 -11.20 29.93
C PRO B 13 -9.18 -12.64 30.34
N LEU B 14 -10.12 -13.60 30.34
CA LEU B 14 -9.78 -15.03 30.50
C LEU B 14 -10.76 -15.86 29.65
N LEU B 15 -10.55 -15.77 28.33
CA LEU B 15 -11.29 -16.52 27.31
C LEU B 15 -10.62 -16.22 25.96
N PHE B 16 -10.51 -14.89 25.69
CA PHE B 16 -9.72 -14.29 24.58
C PHE B 16 -10.23 -14.64 23.16
N THR B 17 -11.37 -15.34 23.07
CA THR B 17 -11.97 -15.80 21.80
C THR B 17 -13.33 -15.08 21.56
N PRO B 18 -13.33 -13.91 20.86
CA PRO B 18 -14.57 -13.16 20.53
C PRO B 18 -15.08 -13.47 19.10
N VAL B 19 -14.60 -14.59 18.54
CA VAL B 19 -14.98 -15.07 17.19
C VAL B 19 -15.56 -16.48 17.31
N THR B 20 -16.56 -16.77 16.47
CA THR B 20 -17.26 -18.06 16.46
C THR B 20 -16.49 -19.09 15.59
N LYS B 21 -16.05 -20.19 16.23
CA LYS B 21 -15.48 -21.40 15.59
C LYS B 21 -14.33 -21.14 14.58
N ALA B 22 -14.70 -20.80 13.33
CA ALA B 22 -13.82 -20.88 12.15
C ALA B 22 -12.73 -19.78 12.08
N ARG B 23 -13.17 -18.51 11.93
CA ARG B 23 -12.29 -17.42 11.46
C ARG B 23 -11.20 -17.03 12.49
N THR B 24 -10.03 -16.62 11.94
CA THR B 24 -8.87 -16.17 12.71
C THR B 24 -8.71 -14.64 12.61
N PRO B 25 -8.96 -13.87 13.72
CA PRO B 25 -8.65 -12.42 13.78
C PRO B 25 -7.15 -12.18 14.13
N GLU B 26 -6.82 -12.14 15.45
CA GLU B 26 -5.47 -11.87 16.00
C GLU B 26 -4.82 -10.58 15.42
N MET B 27 -4.78 -9.51 16.26
CA MET B 27 -4.25 -8.18 15.89
C MET B 27 -4.96 -7.61 14.63
N PRO B 28 -6.25 -7.17 14.77
CA PRO B 28 -7.03 -6.61 13.64
C PRO B 28 -6.81 -5.08 13.43
N VAL B 29 -6.74 -4.66 12.15
CA VAL B 29 -6.66 -3.24 11.77
C VAL B 29 -8.06 -2.75 11.33
N LEU B 30 -8.46 -1.56 11.85
CA LEU B 30 -9.82 -0.97 11.64
C LEU B 30 -10.92 -1.96 12.16
N GLU B 31 -12.19 -1.82 11.68
CA GLU B 31 -13.34 -2.71 12.07
C GLU B 31 -13.72 -2.45 13.56
N ASN B 32 -14.72 -3.18 14.06
CA ASN B 32 -15.14 -3.17 15.49
C ASN B 32 -14.52 -4.37 16.23
N ARG B 33 -13.43 -4.93 15.66
CA ARG B 33 -12.79 -6.17 16.15
C ARG B 33 -11.70 -5.88 17.20
N ALA B 34 -11.65 -4.62 17.67
CA ALA B 34 -10.67 -4.11 18.68
C ALA B 34 -10.71 -4.87 20.02
N ALA B 35 -11.83 -5.60 20.27
CA ALA B 35 -12.06 -6.42 21.48
C ALA B 35 -12.39 -5.53 22.71
N GLN B 36 -12.48 -6.17 23.90
CA GLN B 36 -12.95 -5.53 25.16
C GLN B 36 -12.14 -6.04 26.37
N GLY B 37 -12.50 -5.58 27.57
CA GLY B 37 -11.76 -5.91 28.80
C GLY B 37 -11.27 -4.64 29.49
N ASP B 38 -10.81 -3.67 28.66
CA ASP B 38 -10.51 -2.29 29.09
C ASP B 38 -11.84 -1.55 29.35
N ILE B 39 -11.81 -0.56 30.28
CA ILE B 39 -12.97 0.24 30.79
C ILE B 39 -14.11 -0.65 31.40
N THR B 40 -13.86 -1.96 31.53
CA THR B 40 -14.84 -2.93 32.02
C THR B 40 -14.75 -3.04 33.56
N ALA B 41 -15.91 -2.96 34.22
CA ALA B 41 -16.03 -2.81 35.69
C ALA B 41 -15.29 -1.54 36.18
N PRO B 42 -15.84 -0.31 35.86
CA PRO B 42 -15.27 0.98 36.32
C PRO B 42 -15.87 1.44 37.67
N GLY B 43 -16.41 0.46 38.42
CA GLY B 43 -16.98 0.69 39.73
C GLY B 43 -17.29 -0.63 40.41
N GLY B 44 -18.04 -0.59 41.51
CA GLY B 44 -18.46 -1.79 42.22
C GLY B 44 -19.65 -1.52 43.12
N ALA B 45 -20.52 -2.52 43.29
CA ALA B 45 -21.67 -2.44 44.20
C ALA B 45 -21.22 -2.69 45.65
N ARG B 46 -20.48 -1.70 46.18
CA ARG B 46 -19.82 -1.77 47.49
C ARG B 46 -20.86 -1.88 48.62
N ARG B 47 -20.74 -2.93 49.45
CA ARG B 47 -21.63 -3.22 50.60
C ARG B 47 -23.06 -3.67 50.14
N LEU B 48 -23.25 -3.93 48.81
CA LEU B 48 -24.57 -4.38 48.26
C LEU B 48 -24.42 -5.05 46.86
N THR B 49 -23.40 -5.93 46.70
CA THR B 49 -23.17 -6.72 45.47
C THR B 49 -24.31 -7.73 45.21
N GLY B 50 -24.56 -8.04 43.91
CA GLY B 50 -25.53 -9.08 43.53
C GLY B 50 -24.99 -10.49 43.76
N ASP B 51 -25.90 -11.45 44.01
CA ASP B 51 -25.54 -12.81 44.47
C ASP B 51 -24.96 -13.71 43.36
N GLN B 52 -25.01 -13.24 42.08
CA GLN B 52 -24.60 -14.05 40.91
C GLN B 52 -23.06 -14.28 40.89
N THR B 53 -22.28 -13.32 40.35
CA THR B 53 -20.81 -13.33 40.42
C THR B 53 -20.37 -12.17 41.34
N ALA B 54 -20.33 -10.94 40.75
CA ALA B 54 -20.15 -9.69 41.48
C ALA B 54 -21.47 -8.88 41.38
N ALA B 55 -21.83 -8.55 40.11
CA ALA B 55 -23.07 -7.83 39.73
C ALA B 55 -23.15 -6.41 40.36
N LEU B 56 -22.89 -5.38 39.51
CA LEU B 56 -22.91 -3.96 39.91
C LEU B 56 -24.36 -3.42 39.95
N ARG B 57 -25.27 -4.12 39.25
CA ARG B 57 -26.70 -3.80 39.20
C ARG B 57 -27.52 -5.10 39.36
N ASP B 58 -28.47 -5.08 40.31
CA ASP B 58 -29.42 -6.19 40.57
C ASP B 58 -28.71 -7.48 41.01
N SER B 59 -29.46 -8.58 41.02
CA SER B 59 -28.99 -9.93 41.37
C SER B 59 -29.46 -10.93 40.31
N LEU B 60 -29.04 -12.21 40.47
CA LEU B 60 -29.24 -13.35 39.52
C LEU B 60 -29.09 -12.96 38.03
N SER B 61 -29.59 -13.82 37.10
CA SER B 61 -29.61 -13.54 35.66
C SER B 61 -30.86 -14.21 35.04
N ASP B 62 -31.97 -13.44 34.94
CA ASP B 62 -33.23 -13.94 34.34
C ASP B 62 -33.07 -14.11 32.82
N LYS B 63 -33.82 -15.06 32.25
CA LYS B 63 -33.79 -15.42 30.82
C LYS B 63 -35.24 -15.58 30.30
N PRO B 64 -35.89 -14.46 29.85
CA PRO B 64 -37.27 -14.49 29.30
C PRO B 64 -37.29 -14.92 27.81
N ALA B 65 -38.48 -14.79 27.17
CA ALA B 65 -38.69 -15.19 25.76
C ALA B 65 -37.68 -14.49 24.81
N LYS B 66 -37.35 -13.23 25.14
CA LYS B 66 -36.29 -12.47 24.47
C LYS B 66 -34.91 -13.11 24.75
N ASN B 67 -34.49 -14.01 23.85
CA ASN B 67 -33.18 -14.69 23.94
C ASN B 67 -32.11 -13.88 23.18
N ILE B 68 -30.83 -14.09 23.52
CA ILE B 68 -29.68 -13.41 22.89
C ILE B 68 -29.55 -13.75 21.39
N ILE B 69 -28.79 -12.93 20.65
CA ILE B 69 -28.53 -13.11 19.21
C ILE B 69 -27.06 -13.53 19.01
N LEU B 70 -26.81 -14.57 18.18
CA LEU B 70 -25.46 -15.04 17.84
C LEU B 70 -24.91 -14.21 16.66
N LEU B 71 -23.75 -13.56 16.82
CA LEU B 71 -23.13 -12.72 15.78
C LEU B 71 -21.98 -13.48 15.09
N ILE B 72 -21.93 -13.37 13.74
CA ILE B 72 -20.87 -13.95 12.86
C ILE B 72 -21.07 -15.48 12.65
N GLY B 73 -21.51 -16.21 13.71
CA GLY B 73 -21.75 -17.68 13.63
C GLY B 73 -22.79 -18.07 12.58
N ASP B 74 -23.76 -17.18 12.39
CA ASP B 74 -24.74 -17.26 11.30
C ASP B 74 -24.03 -17.27 9.91
N GLY B 75 -23.23 -16.24 9.63
CA GLY B 75 -22.43 -16.15 8.42
C GLY B 75 -21.85 -14.77 8.25
N MET B 76 -20.51 -14.66 8.12
CA MET B 76 -19.83 -13.35 7.96
C MET B 76 -19.83 -12.93 6.48
N GLY B 77 -20.98 -12.42 6.02
CA GLY B 77 -21.16 -11.92 4.64
C GLY B 77 -22.61 -12.03 4.20
N ASP B 78 -23.49 -11.39 5.01
CA ASP B 78 -24.96 -11.39 4.81
C ASP B 78 -25.56 -12.82 4.77
N SER B 79 -26.85 -12.93 4.41
CA SER B 79 -27.56 -14.22 4.31
C SER B 79 -27.30 -14.87 2.94
N GLU B 80 -27.74 -14.22 1.86
CA GLU B 80 -27.64 -14.77 0.49
C GLU B 80 -26.53 -14.07 -0.31
N ILE B 81 -26.42 -12.72 -0.15
CA ILE B 81 -25.45 -11.91 -0.90
C ILE B 81 -24.04 -12.03 -0.28
N THR B 82 -23.31 -13.05 -0.73
CA THR B 82 -21.89 -13.26 -0.40
C THR B 82 -21.03 -12.72 -1.56
N ALA B 83 -21.34 -13.22 -2.79
CA ALA B 83 -20.81 -12.72 -4.08
C ALA B 83 -19.29 -12.44 -4.10
N ALA B 84 -18.51 -13.43 -4.56
CA ALA B 84 -17.03 -13.33 -4.64
C ALA B 84 -16.61 -12.26 -5.66
N ARG B 85 -16.53 -11.01 -5.17
CA ARG B 85 -16.26 -9.81 -6.00
C ARG B 85 -14.81 -9.84 -6.58
N ASN B 86 -13.84 -9.95 -5.65
CA ASN B 86 -12.40 -9.85 -5.91
C ASN B 86 -11.66 -9.83 -4.57
N TYR B 87 -10.42 -10.31 -4.55
CA TYR B 87 -9.54 -10.21 -3.38
C TYR B 87 -8.38 -9.25 -3.74
N ALA B 88 -8.67 -7.94 -3.63
CA ALA B 88 -7.71 -6.86 -3.94
C ALA B 88 -8.32 -5.51 -3.54
N GLU B 89 -7.80 -4.90 -2.46
CA GLU B 89 -8.27 -3.60 -1.99
C GLU B 89 -7.55 -2.48 -2.74
N GLY B 90 -8.29 -1.80 -3.64
CA GLY B 90 -7.73 -0.76 -4.50
C GLY B 90 -7.44 -1.29 -5.91
N ALA B 91 -8.53 -1.53 -6.67
CA ALA B 91 -8.53 -2.10 -8.04
C ALA B 91 -8.11 -3.59 -8.03
N GLY B 92 -8.93 -4.44 -8.69
CA GLY B 92 -8.69 -5.88 -8.77
C GLY B 92 -7.40 -6.23 -9.52
N GLY B 93 -7.41 -5.99 -10.84
CA GLY B 93 -6.25 -6.23 -11.70
C GLY B 93 -6.15 -7.69 -12.15
N PHE B 94 -6.00 -8.60 -11.15
CA PHE B 94 -5.86 -10.07 -11.34
C PHE B 94 -4.58 -10.43 -12.14
N PHE B 95 -3.65 -9.47 -12.20
CA PHE B 95 -2.38 -9.54 -12.95
C PHE B 95 -1.64 -8.23 -12.67
N LYS B 96 -2.19 -7.13 -13.22
CA LYS B 96 -1.78 -5.75 -12.93
C LYS B 96 -2.76 -4.74 -13.55
N GLY B 97 -2.81 -3.55 -12.97
CA GLY B 97 -3.40 -2.38 -13.61
C GLY B 97 -2.32 -1.57 -14.28
N ILE B 98 -2.65 -0.87 -15.39
CA ILE B 98 -1.67 -0.07 -16.15
C ILE B 98 -1.36 1.25 -15.38
N ASP B 99 -0.51 1.08 -14.36
CA ASP B 99 -0.22 2.11 -13.35
C ASP B 99 1.25 2.02 -12.96
N ALA B 100 1.64 0.86 -12.37
CA ALA B 100 3.02 0.56 -11.92
C ALA B 100 3.59 1.69 -11.02
N LEU B 101 4.93 1.80 -10.93
CA LEU B 101 5.62 2.83 -10.13
C LEU B 101 5.28 4.25 -10.69
N PRO B 102 5.07 5.28 -9.81
CA PRO B 102 4.71 6.65 -10.26
C PRO B 102 5.93 7.55 -10.57
N LEU B 103 5.83 8.30 -11.68
CA LEU B 103 6.79 9.38 -12.00
C LEU B 103 6.61 10.54 -10.99
N THR B 104 7.55 10.62 -10.03
CA THR B 104 7.56 11.67 -8.99
C THR B 104 8.02 13.00 -9.61
N GLY B 105 7.03 13.83 -10.00
CA GLY B 105 7.29 15.06 -10.74
C GLY B 105 7.36 14.79 -12.24
N GLN B 106 8.45 14.12 -12.65
CA GLN B 106 8.71 13.68 -14.04
C GLN B 106 9.97 12.76 -13.99
N TYR B 107 10.72 12.65 -15.11
CA TYR B 107 12.08 12.09 -15.10
C TYR B 107 12.98 12.92 -14.15
N THR B 108 13.16 12.39 -12.94
CA THR B 108 14.03 12.98 -11.89
C THR B 108 14.81 11.85 -11.15
N HIS B 109 14.55 10.59 -11.57
CA HIS B 109 15.05 9.36 -10.91
C HIS B 109 14.53 9.27 -9.46
N TYR B 110 13.25 8.90 -9.36
CA TYR B 110 12.56 8.66 -8.09
C TYR B 110 11.39 7.70 -8.39
N ALA B 111 11.77 6.49 -8.80
CA ALA B 111 10.84 5.36 -8.99
C ALA B 111 10.83 4.50 -7.71
N LEU B 112 11.95 4.55 -6.96
CA LEU B 112 12.03 3.96 -5.60
C LEU B 112 11.06 4.73 -4.70
N ASN B 113 10.43 3.99 -3.75
CA ASN B 113 9.39 4.51 -2.85
C ASN B 113 8.02 4.53 -3.57
N LYS B 114 6.97 4.16 -2.81
CA LYS B 114 5.60 3.86 -3.29
C LYS B 114 5.59 2.96 -4.56
N LYS B 115 5.34 1.65 -4.35
CA LYS B 115 5.45 0.60 -5.39
C LYS B 115 4.51 0.85 -6.58
N THR B 116 3.35 1.47 -6.31
CA THR B 116 2.37 1.85 -7.36
C THR B 116 2.05 3.36 -7.28
N GLY B 117 1.41 3.88 -8.34
CA GLY B 117 0.87 5.24 -8.34
C GLY B 117 -0.23 5.42 -7.29
N LYS B 118 -0.98 4.33 -7.08
CA LYS B 118 -1.93 4.20 -5.96
C LYS B 118 -1.17 4.24 -4.60
N PRO B 119 -1.77 4.84 -3.51
CA PRO B 119 -1.17 4.89 -2.15
C PRO B 119 -0.51 3.56 -1.71
N ASP B 120 0.73 3.61 -1.19
CA ASP B 120 1.52 2.40 -0.90
C ASP B 120 1.24 1.84 0.50
N TYR B 121 1.87 0.71 0.80
CA TYR B 121 1.85 0.06 2.11
C TYR B 121 2.97 -1.00 2.12
N VAL B 122 3.59 -1.25 3.29
CA VAL B 122 4.71 -2.20 3.41
C VAL B 122 4.17 -3.66 3.45
N THR B 123 3.68 -4.11 2.29
CA THR B 123 3.17 -5.46 2.04
C THR B 123 3.22 -5.68 0.52
N ASP B 124 4.20 -6.47 0.06
CA ASP B 124 4.42 -6.74 -1.39
C ASP B 124 4.76 -8.23 -1.58
N SER B 125 4.62 -8.70 -2.84
CA SER B 125 4.84 -10.10 -3.25
C SER B 125 3.73 -11.03 -2.69
N ALA B 126 2.96 -11.64 -3.61
CA ALA B 126 1.89 -12.62 -3.30
C ALA B 126 2.46 -14.05 -3.21
N ALA B 127 3.70 -14.16 -2.68
CA ALA B 127 4.43 -15.43 -2.55
C ALA B 127 3.91 -16.26 -1.35
N SER B 128 4.66 -17.34 -1.02
CA SER B 128 4.23 -18.46 -0.15
C SER B 128 3.16 -19.26 -0.90
N ALA B 129 1.93 -18.75 -0.88
CA ALA B 129 0.75 -19.43 -1.44
C ALA B 129 -0.41 -18.44 -1.60
N THR B 130 -1.63 -18.96 -1.89
CA THR B 130 -2.81 -18.15 -2.25
C THR B 130 -2.52 -17.37 -3.57
N ALA B 131 -1.91 -18.11 -4.53
CA ALA B 131 -1.48 -17.57 -5.83
C ALA B 131 -2.71 -17.13 -6.66
N TRP B 132 -3.43 -18.14 -7.23
CA TRP B 132 -4.73 -17.95 -7.93
C TRP B 132 -4.68 -16.83 -9.00
N SER B 133 -3.48 -16.66 -9.60
CA SER B 133 -3.09 -15.45 -10.35
C SER B 133 -3.66 -15.41 -11.79
N THR B 134 -4.31 -16.50 -12.25
CA THR B 134 -4.91 -16.53 -13.59
C THR B 134 -6.30 -15.87 -13.53
N GLY B 135 -6.33 -14.56 -13.85
CA GLY B 135 -7.56 -13.76 -13.79
C GLY B 135 -7.98 -13.24 -15.16
N VAL B 136 -9.31 -13.17 -15.38
CA VAL B 136 -9.95 -12.81 -16.66
C VAL B 136 -9.62 -13.87 -17.75
N LYS B 137 -8.38 -13.80 -18.28
CA LYS B 137 -7.82 -14.71 -19.29
C LYS B 137 -6.39 -14.22 -19.63
N THR B 138 -5.51 -15.12 -20.10
CA THR B 138 -4.15 -14.73 -20.56
C THR B 138 -4.23 -13.85 -21.83
N TYR B 139 -5.36 -14.02 -22.58
CA TYR B 139 -5.77 -13.16 -23.71
C TYR B 139 -4.77 -13.29 -24.90
N ASN B 140 -5.13 -12.67 -26.05
CA ASN B 140 -4.30 -12.53 -27.26
C ASN B 140 -4.43 -13.80 -28.14
N GLY B 141 -4.21 -14.98 -27.55
CA GLY B 141 -4.16 -16.23 -28.30
C GLY B 141 -2.84 -16.35 -29.06
N ALA B 142 -1.74 -16.04 -28.35
CA ALA B 142 -0.39 -16.05 -28.92
C ALA B 142 0.06 -17.48 -29.19
N LEU B 143 -0.20 -17.94 -30.43
CA LEU B 143 0.24 -19.25 -30.93
C LEU B 143 1.74 -19.23 -31.26
N GLY B 144 2.36 -18.02 -31.25
CA GLY B 144 3.79 -17.85 -31.49
C GLY B 144 4.64 -18.33 -30.32
N VAL B 145 4.74 -19.66 -30.20
CA VAL B 145 5.49 -20.34 -29.15
C VAL B 145 5.81 -21.78 -29.64
N ASP B 146 7.02 -21.96 -30.17
CA ASP B 146 7.52 -23.26 -30.64
C ASP B 146 7.83 -24.18 -29.45
N ILE B 147 7.67 -25.50 -29.62
CA ILE B 147 7.89 -26.47 -28.52
C ILE B 147 9.41 -26.70 -28.31
N HIS B 148 9.80 -26.81 -27.02
CA HIS B 148 11.18 -27.15 -26.60
C HIS B 148 11.15 -28.48 -25.82
N GLU B 149 11.05 -29.57 -26.58
CA GLU B 149 11.09 -30.94 -26.05
C GLU B 149 11.50 -31.85 -27.23
N LYS B 150 12.30 -32.89 -26.94
CA LYS B 150 12.79 -33.82 -27.97
C LYS B 150 11.64 -34.70 -28.49
N ASP B 151 10.97 -34.23 -29.56
CA ASP B 151 9.89 -34.97 -30.22
C ASP B 151 10.49 -36.12 -31.06
N MET A 12 19.11 45.37 -11.28
CA MET A 12 18.52 44.53 -10.22
C MET A 12 19.57 44.27 -9.12
N GLN A 13 19.49 45.09 -8.07
CA GLN A 13 20.37 45.02 -6.89
C GLN A 13 20.11 43.70 -6.11
N VAL A 14 20.85 42.64 -6.50
CA VAL A 14 20.77 41.33 -5.84
C VAL A 14 21.62 41.36 -4.55
N SER A 15 21.09 40.77 -3.47
CA SER A 15 21.74 40.73 -2.16
C SER A 15 21.49 39.35 -1.52
N VAL A 16 22.37 38.38 -1.80
CA VAL A 16 22.28 37.03 -1.23
C VAL A 16 22.66 37.08 0.25
N GLU A 17 21.74 36.60 1.09
CA GLU A 17 21.89 36.61 2.55
C GLU A 17 21.55 35.21 3.07
N THR A 18 22.57 34.35 3.14
CA THR A 18 22.41 32.96 3.56
C THR A 18 21.91 32.91 5.03
N THR A 19 20.60 32.68 5.17
CA THR A 19 19.90 32.64 6.47
C THR A 19 20.26 31.34 7.22
N GLN A 20 20.29 30.21 6.49
CA GLN A 20 20.64 28.90 7.05
C GLN A 20 21.11 27.95 5.93
N GLY A 21 22.43 28.00 5.62
CA GLY A 21 23.07 27.06 4.68
C GLY A 21 22.48 27.09 3.27
N LEU A 22 21.55 26.13 3.02
CA LEU A 22 20.83 26.02 1.74
C LEU A 22 19.91 27.25 1.54
N GLY A 23 19.25 27.68 2.64
CA GLY A 23 18.37 28.84 2.64
C GLY A 23 19.12 30.14 2.39
N ARG A 24 18.99 30.68 1.17
CA ARG A 24 19.63 31.92 0.73
C ARG A 24 18.56 32.96 0.39
N ARG A 25 18.60 34.09 1.10
CA ARG A 25 17.72 35.25 0.86
C ARG A 25 18.33 36.13 -0.25
N VAL A 26 17.95 35.87 -1.51
CA VAL A 26 18.34 36.72 -2.64
C VAL A 26 17.38 37.92 -2.72
N THR A 27 17.74 38.98 -2.01
CA THR A 27 16.98 40.24 -1.96
C THR A 27 17.26 41.07 -3.22
N ILE A 28 16.29 41.12 -4.13
CA ILE A 28 16.40 41.85 -5.40
C ILE A 28 15.67 43.20 -5.28
N THR A 29 16.40 44.30 -5.54
CA THR A 29 15.84 45.65 -5.60
C THR A 29 15.84 46.12 -7.07
N ILE A 30 14.65 46.11 -7.68
CA ILE A 30 14.46 46.52 -9.08
C ILE A 30 14.19 48.05 -9.15
N ALA A 31 15.01 48.77 -9.93
CA ALA A 31 14.84 50.21 -10.16
C ALA A 31 13.60 50.51 -11.02
N ALA A 32 13.07 51.73 -10.86
CA ALA A 32 11.77 52.16 -11.43
C ALA A 32 11.72 52.11 -12.96
N ASP A 33 12.88 52.19 -13.63
CA ASP A 33 12.95 52.17 -15.11
C ASP A 33 12.57 50.78 -15.65
N SER A 34 13.01 49.72 -14.94
CA SER A 34 12.75 48.32 -15.32
C SER A 34 11.30 47.92 -14.97
N ILE A 35 10.76 48.54 -13.91
CA ILE A 35 9.34 48.40 -13.53
C ILE A 35 8.45 49.02 -14.63
N GLU A 36 8.81 50.26 -15.00
CA GLU A 36 8.08 51.07 -15.98
C GLU A 36 8.04 50.39 -17.36
N THR A 37 9.21 49.85 -17.78
CA THR A 37 9.36 49.15 -19.06
C THR A 37 8.48 47.89 -19.11
N ALA A 38 8.50 47.10 -18.02
CA ALA A 38 7.75 45.83 -17.92
C ALA A 38 6.23 46.06 -18.03
N VAL A 39 5.74 47.05 -17.26
CA VAL A 39 4.32 47.42 -17.23
C VAL A 39 3.87 47.99 -18.59
N LYS A 40 4.74 48.80 -19.24
CA LYS A 40 4.43 49.43 -20.55
C LYS A 40 4.40 48.37 -21.68
N SER A 41 5.27 47.35 -21.55
CA SER A 41 5.29 46.19 -22.46
C SER A 41 3.99 45.39 -22.37
N GLU A 42 3.34 45.49 -21.19
CA GLU A 42 2.02 44.88 -20.93
C GLU A 42 0.87 45.80 -21.38
N LEU A 43 1.06 47.14 -21.23
CA LEU A 43 0.04 48.15 -21.57
C LEU A 43 -0.28 48.14 -23.07
N VAL A 44 0.76 47.91 -23.90
CA VAL A 44 0.60 47.81 -25.37
C VAL A 44 -0.16 46.51 -25.75
N ASN A 45 0.01 45.45 -24.92
CA ASN A 45 -0.69 44.16 -25.12
C ASN A 45 -2.18 44.31 -24.80
N VAL A 46 -2.46 44.91 -23.64
CA VAL A 46 -3.84 45.20 -23.18
C VAL A 46 -4.52 46.18 -24.14
N ALA A 47 -3.73 47.10 -24.72
CA ALA A 47 -4.20 48.07 -25.72
C ALA A 47 -4.75 47.34 -26.96
N LYS A 48 -3.94 46.43 -27.53
CA LYS A 48 -4.29 45.69 -28.76
C LYS A 48 -5.49 44.74 -28.54
N LYS A 49 -5.38 43.94 -27.48
CA LYS A 49 -6.36 42.88 -27.14
C LYS A 49 -7.76 43.47 -26.82
N VAL A 50 -7.78 44.58 -26.07
CA VAL A 50 -9.04 45.25 -25.64
C VAL A 50 -9.36 46.44 -26.60
N ARG A 51 -8.64 46.48 -27.76
CA ARG A 51 -8.90 47.40 -28.91
C ARG A 51 -8.65 48.90 -28.58
N ILE A 52 -8.05 49.15 -27.39
CA ILE A 52 -7.74 50.50 -26.87
C ILE A 52 -6.76 51.26 -27.80
N ASP A 53 -5.85 50.49 -28.43
CA ASP A 53 -4.81 51.01 -29.35
C ASP A 53 -5.44 51.66 -30.59
N GLY A 54 -6.59 51.10 -31.03
CA GLY A 54 -7.33 51.62 -32.19
C GLY A 54 -8.01 52.95 -31.89
N PHE A 55 -8.64 53.03 -30.70
CA PHE A 55 -9.30 54.27 -30.21
C PHE A 55 -8.24 55.34 -29.83
N ARG A 56 -6.99 54.89 -29.60
CA ARG A 56 -5.86 55.78 -29.29
C ARG A 56 -5.45 56.58 -30.54
N LYS A 57 -5.34 57.91 -30.40
CA LYS A 57 -5.13 58.85 -31.53
C LYS A 57 -3.92 59.77 -31.32
N GLY A 58 -2.86 59.26 -30.64
CA GLY A 58 -1.60 60.01 -30.46
C GLY A 58 -1.61 60.93 -29.25
N LYS A 59 -2.77 61.58 -28.99
CA LYS A 59 -3.01 62.46 -27.84
C LYS A 59 -2.71 61.74 -26.52
N VAL A 60 -3.00 60.43 -26.49
CA VAL A 60 -2.80 59.56 -25.34
C VAL A 60 -1.30 59.18 -25.20
N PRO A 61 -0.57 59.70 -24.16
CA PRO A 61 0.87 59.42 -23.95
C PRO A 61 1.08 58.17 -23.05
N MET A 62 2.06 57.32 -23.44
CA MET A 62 2.30 56.00 -22.80
C MET A 62 2.83 56.15 -21.36
N ASN A 63 3.55 57.25 -21.10
CA ASN A 63 4.11 57.56 -19.77
C ASN A 63 2.99 57.97 -18.78
N ILE A 64 2.06 58.81 -19.24
CA ILE A 64 0.98 59.38 -18.42
C ILE A 64 -0.06 58.31 -18.03
N VAL A 65 -0.40 57.43 -18.99
CA VAL A 65 -1.39 56.34 -18.74
C VAL A 65 -0.84 55.26 -17.80
N ALA A 66 0.50 55.13 -17.76
CA ALA A 66 1.19 54.15 -16.91
C ALA A 66 1.14 54.56 -15.42
N GLN A 67 1.59 55.80 -15.17
CA GLN A 67 1.69 56.37 -13.81
C GLN A 67 0.30 56.64 -13.18
N ARG A 68 -0.62 57.23 -13.98
CA ARG A 68 -1.94 57.66 -13.49
C ARG A 68 -3.00 56.56 -13.66
N TYR A 69 -3.41 56.34 -14.93
CA TYR A 69 -4.64 55.61 -15.27
C TYR A 69 -4.44 54.07 -15.23
N GLY A 70 -3.18 53.64 -15.06
CA GLY A 70 -2.81 52.23 -14.92
C GLY A 70 -2.12 51.96 -13.61
N ALA A 71 -2.60 52.63 -12.54
CA ALA A 71 -2.05 52.51 -11.16
C ALA A 71 -2.25 51.09 -10.58
N SER A 72 -3.30 50.42 -11.06
CA SER A 72 -3.58 49.01 -10.76
C SER A 72 -2.56 48.09 -11.48
N VAL A 73 -2.29 48.41 -12.77
CA VAL A 73 -1.41 47.61 -13.64
C VAL A 73 0.07 47.69 -13.18
N ARG A 74 0.41 48.77 -12.43
CA ARG A 74 1.73 48.94 -11.76
C ARG A 74 2.04 47.71 -10.89
N GLN A 75 1.01 47.29 -10.12
CA GLN A 75 1.07 46.14 -9.20
C GLN A 75 1.17 44.80 -9.94
N ASP A 76 0.24 44.58 -10.89
CA ASP A 76 0.06 43.29 -11.58
C ASP A 76 1.35 42.80 -12.27
N VAL A 77 2.06 43.71 -12.93
CA VAL A 77 3.25 43.36 -13.76
C VAL A 77 4.54 43.33 -12.90
N LEU A 78 4.39 43.52 -11.57
CA LEU A 78 5.46 43.20 -10.59
C LEU A 78 5.60 41.67 -10.48
N GLY A 79 4.51 40.92 -10.79
CA GLY A 79 4.55 39.46 -10.87
C GLY A 79 5.45 38.97 -12.01
N ASP A 80 5.36 39.68 -13.15
CA ASP A 80 6.25 39.51 -14.32
C ASP A 80 7.72 39.71 -13.92
N LEU A 81 7.97 40.75 -13.13
CA LEU A 81 9.31 41.09 -12.60
C LEU A 81 9.83 39.98 -11.65
N MET A 82 8.99 39.61 -10.66
CA MET A 82 9.37 38.64 -9.61
C MET A 82 9.56 37.22 -10.19
N SER A 83 9.01 36.97 -11.39
CA SER A 83 9.16 35.68 -12.10
C SER A 83 10.43 35.69 -12.97
N ARG A 84 10.50 36.64 -13.93
CA ARG A 84 11.59 36.70 -14.93
C ARG A 84 12.93 37.06 -14.27
N ASN A 85 12.92 38.03 -13.34
CA ASN A 85 14.15 38.48 -12.64
C ASN A 85 14.59 37.44 -11.60
N PHE A 86 13.68 36.53 -11.21
CA PHE A 86 14.02 35.40 -10.34
C PHE A 86 14.88 34.38 -11.11
N ILE A 87 14.36 33.89 -12.25
CA ILE A 87 15.07 32.90 -13.09
C ILE A 87 16.36 33.53 -13.68
N ASP A 88 16.31 34.83 -13.96
CA ASP A 88 17.47 35.60 -14.44
C ASP A 88 18.56 35.67 -13.35
N ALA A 89 18.13 35.90 -12.10
CA ALA A 89 19.02 35.98 -10.93
C ALA A 89 19.72 34.64 -10.67
N ILE A 90 18.93 33.55 -10.53
CA ILE A 90 19.45 32.22 -10.14
C ILE A 90 20.48 31.68 -11.18
N ILE A 91 20.28 32.05 -12.46
CA ILE A 91 21.20 31.69 -13.56
C ILE A 91 22.54 32.47 -13.44
N LYS A 92 22.47 33.79 -13.24
CA LYS A 92 23.67 34.66 -13.20
C LYS A 92 24.50 34.45 -11.90
N GLU A 93 23.78 34.11 -10.82
CA GLU A 93 24.36 33.84 -9.49
C GLU A 93 24.77 32.36 -9.36
N LYS A 94 24.36 31.53 -10.36
CA LYS A 94 24.68 30.09 -10.45
C LYS A 94 24.08 29.30 -9.27
N ILE A 95 23.03 29.87 -8.65
CA ILE A 95 22.31 29.29 -7.52
C ILE A 95 21.13 28.47 -8.04
N ASN A 96 21.18 27.13 -7.87
CA ASN A 96 20.04 26.26 -8.21
C ASN A 96 19.00 26.34 -7.08
N PRO A 97 17.74 26.79 -7.36
CA PRO A 97 16.72 27.00 -6.30
C PRO A 97 16.09 25.67 -5.79
N ALA A 98 15.49 25.77 -4.60
CA ALA A 98 14.74 24.68 -3.95
C ALA A 98 13.73 25.27 -2.96
N GLY A 99 12.69 24.49 -2.64
CA GLY A 99 11.69 24.90 -1.64
C GLY A 99 10.67 25.86 -2.17
N ALA A 100 10.04 26.60 -1.25
CA ALA A 100 9.07 27.64 -1.56
C ALA A 100 9.80 28.99 -1.66
N PRO A 101 9.98 29.58 -2.90
CA PRO A 101 10.63 30.89 -3.07
C PRO A 101 9.77 32.00 -2.45
N THR A 102 10.15 32.38 -1.23
CA THR A 102 9.40 33.30 -0.38
C THR A 102 9.61 34.75 -0.84
N TYR A 103 8.72 35.25 -1.72
CA TYR A 103 8.76 36.65 -2.21
C TYR A 103 8.13 37.58 -1.16
N VAL A 104 8.96 38.40 -0.50
CA VAL A 104 8.50 39.36 0.51
C VAL A 104 8.82 40.80 0.03
N PRO A 105 7.84 41.50 -0.62
CA PRO A 105 8.00 42.92 -1.05
C PRO A 105 8.22 43.87 0.14
N GLY A 106 9.51 44.17 0.42
CA GLY A 106 9.90 45.07 1.51
C GLY A 106 9.39 46.49 1.31
N GLU A 107 9.30 46.91 0.02
CA GLU A 107 8.70 48.20 -0.39
C GLU A 107 8.43 48.22 -1.91
N TYR A 108 7.71 49.27 -2.34
CA TYR A 108 7.48 49.60 -3.75
C TYR A 108 7.25 51.11 -3.85
N LYS A 109 8.18 51.85 -4.47
CA LYS A 109 8.04 53.28 -4.76
C LYS A 109 8.24 53.51 -6.27
N LEU A 110 7.15 53.92 -6.94
CA LEU A 110 7.16 54.32 -8.35
C LEU A 110 7.96 55.62 -8.50
N GLY A 111 9.01 55.59 -9.33
CA GLY A 111 9.96 56.71 -9.46
C GLY A 111 11.31 56.40 -8.78
N GLU A 112 11.30 55.43 -7.83
CA GLU A 112 12.51 54.97 -7.13
C GLU A 112 12.79 53.48 -7.39
N ASP A 113 12.23 52.57 -6.55
CA ASP A 113 12.66 51.13 -6.53
C ASP A 113 11.52 50.18 -6.13
N PHE A 114 11.86 48.87 -6.11
CA PHE A 114 10.97 47.77 -5.66
C PHE A 114 11.86 46.67 -5.04
N THR A 115 12.01 46.73 -3.71
CA THR A 115 12.80 45.75 -2.96
C THR A 115 11.90 44.58 -2.54
N TYR A 116 12.35 43.34 -2.84
CA TYR A 116 11.68 42.11 -2.40
C TYR A 116 12.74 41.02 -2.11
N SER A 117 12.68 40.46 -0.89
CA SER A 117 13.56 39.37 -0.44
C SER A 117 12.98 38.03 -0.90
N VAL A 118 13.74 37.27 -1.73
CA VAL A 118 13.33 35.93 -2.20
C VAL A 118 14.12 34.87 -1.41
N GLU A 119 13.46 34.19 -0.47
CA GLU A 119 14.10 33.21 0.43
C GLU A 119 13.75 31.78 0.01
N PHE A 120 14.76 31.04 -0.46
CA PHE A 120 14.60 29.67 -0.97
C PHE A 120 15.87 28.87 -0.67
N GLU A 121 15.73 27.54 -0.59
CA GLU A 121 16.88 26.63 -0.40
C GLU A 121 17.62 26.42 -1.73
N VAL A 122 18.67 25.58 -1.71
CA VAL A 122 19.42 25.19 -2.93
C VAL A 122 19.46 23.65 -3.07
N TYR A 123 19.80 23.18 -4.28
CA TYR A 123 20.18 21.78 -4.52
C TYR A 123 21.69 21.73 -4.80
N PRO A 124 22.53 21.41 -3.75
CA PRO A 124 23.98 21.26 -3.92
C PRO A 124 24.36 19.83 -4.36
N GLU A 125 25.66 19.54 -4.39
CA GLU A 125 26.17 18.19 -4.74
C GLU A 125 25.83 17.21 -3.61
N VAL A 126 25.18 16.09 -3.96
CA VAL A 126 24.71 15.08 -2.97
C VAL A 126 25.93 14.40 -2.30
N GLU A 127 25.94 14.41 -0.96
CA GLU A 127 26.99 13.78 -0.15
C GLU A 127 26.80 12.24 -0.16
N LEU A 128 27.27 11.63 -1.26
CA LEU A 128 27.20 10.18 -1.47
C LEU A 128 28.39 9.54 -0.74
N GLN A 129 28.12 8.88 0.40
CA GLN A 129 29.13 8.15 1.19
C GLN A 129 29.29 6.71 0.64
N GLY A 130 30.13 5.90 1.31
CA GLY A 130 30.47 4.55 0.83
C GLY A 130 29.28 3.58 0.82
N LEU A 131 28.88 3.15 -0.38
CA LEU A 131 27.85 2.10 -0.60
C LEU A 131 28.50 0.70 -0.66
N GLU A 132 29.83 0.67 -0.44
CA GLU A 132 30.65 -0.54 -0.50
C GLU A 132 30.57 -1.32 0.82
N ALA A 133 30.18 -0.61 1.90
CA ALA A 133 30.02 -1.19 3.26
C ALA A 133 28.72 -2.01 3.39
N ILE A 134 27.83 -1.88 2.40
CA ILE A 134 26.53 -2.58 2.37
C ILE A 134 26.73 -4.08 2.07
N GLU A 135 26.04 -4.94 2.83
CA GLU A 135 26.00 -6.40 2.60
C GLU A 135 24.55 -6.83 2.38
N VAL A 136 24.22 -7.18 1.13
CA VAL A 136 22.86 -7.58 0.72
C VAL A 136 22.81 -9.11 0.60
N GLU A 137 21.85 -9.74 1.27
CA GLU A 137 21.63 -11.19 1.19
C GLU A 137 20.65 -11.50 0.03
N LYS A 138 21.05 -12.40 -0.86
CA LYS A 138 20.19 -12.89 -1.95
C LYS A 138 19.94 -14.40 -1.73
N PRO A 139 18.86 -14.79 -0.96
CA PRO A 139 18.54 -16.18 -0.68
C PRO A 139 17.55 -16.75 -1.73
N ILE A 140 18.08 -17.62 -2.60
CA ILE A 140 17.33 -18.29 -3.68
C ILE A 140 16.48 -19.43 -3.09
N VAL A 141 15.17 -19.22 -3.10
CA VAL A 141 14.19 -20.24 -2.68
C VAL A 141 14.01 -21.27 -3.80
N GLU A 142 14.47 -22.50 -3.56
CA GLU A 142 14.20 -23.63 -4.46
C GLU A 142 12.91 -24.32 -4.01
N VAL A 143 11.87 -24.19 -4.84
CA VAL A 143 10.55 -24.79 -4.60
C VAL A 143 10.46 -26.11 -5.37
N THR A 144 10.13 -27.21 -4.67
CA THR A 144 10.00 -28.54 -5.29
C THR A 144 8.50 -28.85 -5.52
N ASP A 145 8.22 -29.95 -6.24
CA ASP A 145 6.85 -30.48 -6.44
C ASP A 145 6.23 -30.92 -5.09
N ALA A 146 7.11 -31.27 -4.12
CA ALA A 146 6.71 -31.56 -2.74
C ALA A 146 6.15 -30.29 -2.06
N ASP A 147 6.80 -29.14 -2.32
CA ASP A 147 6.35 -27.82 -1.83
C ASP A 147 5.07 -27.36 -2.57
N VAL A 148 4.92 -27.77 -3.84
CA VAL A 148 3.67 -27.56 -4.61
C VAL A 148 2.49 -28.26 -3.92
N ASP A 149 2.67 -29.56 -3.64
CA ASP A 149 1.66 -30.41 -2.96
C ASP A 149 1.41 -29.90 -1.52
N GLY A 150 2.50 -29.43 -0.89
CA GLY A 150 2.46 -28.93 0.49
C GLY A 150 1.66 -27.65 0.64
N MET A 151 1.87 -26.69 -0.30
CA MET A 151 1.10 -25.42 -0.32
C MET A 151 -0.37 -25.70 -0.63
N LEU A 152 -0.62 -26.63 -1.57
CA LEU A 152 -2.00 -27.07 -1.90
C LEU A 152 -2.71 -27.66 -0.67
N ASP A 153 -1.96 -28.44 0.12
CA ASP A 153 -2.44 -28.99 1.40
C ASP A 153 -2.74 -27.85 2.40
N THR A 154 -1.82 -26.86 2.45
CA THR A 154 -1.92 -25.69 3.35
C THR A 154 -3.09 -24.76 2.94
N LEU A 155 -3.44 -24.76 1.64
CA LEU A 155 -4.57 -23.97 1.10
C LEU A 155 -5.90 -24.65 1.49
N ARG A 156 -5.97 -25.97 1.29
CA ARG A 156 -7.14 -26.80 1.71
C ARG A 156 -7.30 -26.79 3.24
N LYS A 157 -6.15 -26.61 3.93
CA LYS A 157 -6.08 -26.45 5.40
C LYS A 157 -6.53 -25.03 5.81
N GLN A 158 -6.20 -24.03 4.97
CA GLN A 158 -6.61 -22.62 5.17
C GLN A 158 -8.13 -22.47 4.97
N GLN A 159 -8.71 -23.36 4.11
CA GLN A 159 -10.16 -23.49 3.92
C GLN A 159 -10.74 -24.49 4.95
N ALA A 160 -10.26 -24.37 6.21
CA ALA A 160 -10.56 -25.29 7.32
C ALA A 160 -12.07 -25.45 7.57
N THR A 161 -12.65 -26.52 7.03
CA THR A 161 -14.06 -26.90 7.25
C THR A 161 -14.14 -27.80 8.49
N TRP A 162 -14.41 -27.19 9.65
CA TRP A 162 -14.34 -27.90 10.95
C TRP A 162 -15.57 -28.78 11.18
N LYS A 163 -15.28 -30.01 11.62
CA LYS A 163 -16.27 -31.04 11.90
C LYS A 163 -15.77 -31.92 13.04
N GLU A 164 -16.68 -32.31 13.95
CA GLU A 164 -16.35 -33.13 15.12
C GLU A 164 -15.85 -34.53 14.72
N LYS A 165 -14.82 -34.94 15.46
CA LYS A 165 -14.21 -36.28 15.40
C LYS A 165 -14.11 -36.84 16.83
N ASP A 166 -13.56 -38.05 16.95
CA ASP A 166 -13.18 -38.62 18.26
C ASP A 166 -11.79 -39.25 18.14
N GLY A 167 -11.05 -39.17 19.25
CA GLY A 167 -9.70 -39.73 19.37
C GLY A 167 -8.68 -38.68 19.75
N ALA A 168 -7.49 -38.72 19.12
CA ALA A 168 -6.34 -37.90 19.52
C ALA A 168 -6.46 -36.45 18.99
N VAL A 169 -6.30 -35.50 19.92
CA VAL A 169 -6.16 -34.07 19.61
C VAL A 169 -4.75 -33.77 19.07
N GLU A 170 -4.67 -32.88 18.09
CA GLU A 170 -3.43 -32.36 17.52
C GLU A 170 -3.29 -30.87 17.88
N ALA A 171 -2.09 -30.33 17.65
CA ALA A 171 -1.69 -28.98 18.12
C ALA A 171 -2.23 -27.83 17.24
N GLU A 172 -3.06 -28.18 16.26
CA GLU A 172 -3.62 -27.23 15.28
C GLU A 172 -5.15 -27.37 15.21
N ASP A 173 -5.73 -28.17 16.12
CA ASP A 173 -7.17 -28.46 16.12
C ASP A 173 -7.98 -27.39 16.88
N ARG A 174 -9.31 -27.49 16.74
CA ARG A 174 -10.28 -26.80 17.58
C ARG A 174 -11.05 -27.88 18.33
N VAL A 175 -11.41 -27.65 19.59
CA VAL A 175 -11.92 -28.72 20.49
C VAL A 175 -13.15 -28.25 21.26
N THR A 176 -13.58 -29.08 22.22
CA THR A 176 -14.60 -28.74 23.20
C THR A 176 -14.20 -29.34 24.56
N ILE A 177 -13.77 -28.49 25.49
CA ILE A 177 -13.46 -28.92 26.86
C ILE A 177 -14.51 -28.37 27.85
N ASP A 178 -14.26 -28.65 29.13
CA ASP A 178 -15.07 -28.18 30.26
C ASP A 178 -14.15 -28.17 31.47
N PHE A 179 -13.55 -27.03 31.78
CA PHE A 179 -12.48 -26.97 32.80
C PHE A 179 -12.95 -26.31 34.10
N THR A 180 -12.40 -26.80 35.22
CA THR A 180 -12.53 -26.16 36.53
C THR A 180 -11.30 -25.27 36.77
N GLY A 181 -11.54 -23.95 36.82
CA GLY A 181 -10.50 -22.98 37.11
C GLY A 181 -10.08 -23.00 38.57
N SER A 182 -8.84 -23.45 38.81
CA SER A 182 -8.24 -23.48 40.15
C SER A 182 -6.88 -22.75 40.11
N VAL A 183 -6.55 -22.09 41.21
CA VAL A 183 -5.23 -21.48 41.43
C VAL A 183 -4.53 -22.26 42.54
N ASP A 184 -3.35 -22.85 42.24
CA ASP A 184 -2.52 -23.57 43.24
C ASP A 184 -3.21 -24.85 43.81
N GLY A 185 -4.37 -25.22 43.23
CA GLY A 185 -5.15 -26.39 43.69
C GLY A 185 -6.55 -26.03 44.18
N GLU A 186 -6.79 -24.73 44.45
CA GLU A 186 -8.07 -24.27 45.04
C GLU A 186 -8.92 -23.56 43.95
N GLU A 187 -10.07 -24.16 43.61
CA GLU A 187 -11.00 -23.58 42.65
C GLU A 187 -11.61 -22.28 43.19
N PHE A 188 -11.83 -21.31 42.31
CA PHE A 188 -12.30 -19.96 42.66
C PHE A 188 -13.57 -19.59 41.90
N GLU A 189 -14.25 -18.53 42.38
CA GLU A 189 -15.60 -18.15 41.88
C GLU A 189 -15.56 -17.63 40.43
N GLY A 190 -16.57 -18.05 39.63
CA GLY A 190 -16.76 -17.58 38.25
C GLY A 190 -15.77 -18.18 37.24
N GLY A 191 -14.71 -18.81 37.75
CA GLY A 191 -13.57 -19.19 36.94
C GLY A 191 -13.68 -20.62 36.47
N LYS A 192 -14.61 -20.86 35.55
CA LYS A 192 -14.79 -22.15 34.87
C LYS A 192 -15.26 -21.85 33.43
N ALA A 193 -15.39 -22.91 32.60
CA ALA A 193 -16.15 -22.82 31.34
C ALA A 193 -16.53 -24.23 30.87
N SER A 194 -17.81 -24.39 30.56
CA SER A 194 -18.43 -25.65 30.18
C SER A 194 -18.77 -25.63 28.69
N ASP A 195 -18.41 -26.72 27.98
CA ASP A 195 -18.67 -26.86 26.51
C ASP A 195 -17.85 -25.78 25.74
N PHE A 196 -16.71 -25.42 26.35
CA PHE A 196 -15.80 -24.38 25.88
C PHE A 196 -15.07 -24.84 24.61
N VAL A 197 -15.55 -24.33 23.46
CA VAL A 197 -14.93 -24.59 22.16
C VAL A 197 -13.66 -23.71 21.99
N LEU A 198 -12.53 -24.25 22.49
CA LEU A 198 -11.23 -23.58 22.42
C LEU A 198 -10.52 -23.93 21.09
N ALA A 199 -10.02 -22.88 20.43
CA ALA A 199 -9.31 -22.99 19.14
C ALA A 199 -7.84 -22.64 19.35
N MET A 200 -6.96 -23.42 18.70
CA MET A 200 -5.50 -23.19 18.73
C MET A 200 -5.07 -22.22 17.62
N GLY A 201 -6.00 -21.96 16.69
CA GLY A 201 -5.83 -20.96 15.63
C GLY A 201 -5.84 -19.53 16.13
N GLN A 202 -6.25 -19.36 17.41
CA GLN A 202 -6.21 -18.07 18.12
C GLN A 202 -5.26 -18.19 19.34
N GLY A 203 -4.23 -17.34 19.35
CA GLY A 203 -3.27 -17.27 20.46
C GLY A 203 -3.62 -16.17 21.45
N ARG A 204 -4.93 -16.03 21.72
CA ARG A 204 -5.50 -14.92 22.51
C ARG A 204 -5.70 -15.34 23.97
N MET A 205 -5.80 -16.66 24.19
CA MET A 205 -6.06 -17.26 25.52
C MET A 205 -4.82 -17.09 26.44
N ILE A 206 -4.93 -17.54 27.70
CA ILE A 206 -3.78 -17.65 28.63
C ILE A 206 -2.66 -18.47 27.96
N PRO A 207 -1.43 -17.89 27.76
CA PRO A 207 -0.28 -18.62 27.16
C PRO A 207 0.16 -19.82 28.03
N GLY A 208 -0.18 -21.04 27.57
CA GLY A 208 0.12 -22.28 28.28
C GLY A 208 -1.14 -23.08 28.60
N PHE A 209 -2.31 -22.42 28.53
CA PHE A 209 -3.64 -23.02 28.84
C PHE A 209 -3.98 -24.11 27.80
N GLU A 210 -3.95 -23.70 26.52
CA GLU A 210 -4.34 -24.55 25.37
C GLU A 210 -3.45 -25.80 25.25
N ASP A 211 -2.22 -25.70 25.80
CA ASP A 211 -1.19 -26.77 25.83
C ASP A 211 -1.78 -28.13 26.21
N GLY A 212 -2.52 -28.11 27.33
CA GLY A 212 -3.04 -29.31 27.97
C GLY A 212 -3.95 -30.14 27.09
N ILE A 213 -4.68 -29.49 26.19
CA ILE A 213 -5.60 -30.17 25.28
C ILE A 213 -4.84 -30.86 24.12
N LYS A 214 -3.78 -30.17 23.63
CA LYS A 214 -3.12 -30.41 22.31
C LYS A 214 -2.46 -31.79 22.11
N GLY A 215 -2.44 -32.63 23.15
CA GLY A 215 -1.77 -33.93 23.11
C GLY A 215 -2.42 -34.92 24.06
N HIS A 216 -3.77 -34.90 24.09
CA HIS A 216 -4.59 -35.83 24.88
C HIS A 216 -5.73 -36.36 24.00
N LYS A 217 -6.61 -37.19 24.56
CA LYS A 217 -7.73 -37.83 23.83
C LYS A 217 -9.07 -37.17 24.18
N ALA A 218 -10.03 -37.32 23.26
CA ALA A 218 -11.27 -36.51 23.19
C ALA A 218 -12.36 -36.88 24.22
N GLY A 219 -11.99 -37.56 25.30
CA GLY A 219 -12.96 -37.89 26.37
C GLY A 219 -12.26 -38.01 27.72
N GLU A 220 -11.24 -37.16 27.95
CA GLU A 220 -10.32 -37.30 29.08
C GLU A 220 -10.48 -36.17 30.11
N GLU A 221 -10.53 -36.57 31.39
CA GLU A 221 -10.40 -35.68 32.54
C GLU A 221 -8.92 -35.62 32.96
N PHE A 222 -8.39 -34.41 33.10
CA PHE A 222 -7.01 -34.16 33.55
C PHE A 222 -6.85 -32.72 33.99
N THR A 223 -5.88 -32.51 34.89
CA THR A 223 -5.55 -31.20 35.45
C THR A 223 -4.15 -30.82 35.00
N ILE A 224 -4.00 -29.63 34.40
CA ILE A 224 -2.72 -29.19 33.85
C ILE A 224 -2.07 -28.13 34.73
N ASP A 225 -0.73 -28.18 34.76
CA ASP A 225 0.11 -27.26 35.50
C ASP A 225 0.53 -26.14 34.56
N VAL A 226 -0.20 -25.02 34.62
CA VAL A 226 0.09 -23.83 33.80
C VAL A 226 0.52 -22.68 34.68
N THR A 227 0.70 -21.53 34.04
CA THR A 227 0.94 -20.25 34.68
C THR A 227 0.15 -19.17 33.92
N PHE A 228 -0.45 -18.25 34.70
CA PHE A 228 -1.19 -17.09 34.17
C PHE A 228 -0.27 -16.12 33.39
N PRO A 229 -0.85 -15.17 32.58
CA PRO A 229 -0.08 -14.06 31.98
C PRO A 229 0.03 -12.88 32.95
N GLU A 230 0.95 -11.94 32.70
CA GLU A 230 1.11 -10.73 33.53
C GLU A 230 0.16 -9.61 33.07
N GLU A 231 -0.68 -9.91 32.05
CA GLU A 231 -1.79 -9.05 31.62
C GLU A 231 -3.12 -9.52 32.26
N TYR A 232 -3.06 -10.63 33.04
CA TYR A 232 -4.18 -11.07 33.88
C TYR A 232 -4.48 -9.99 34.96
N HIS A 233 -5.67 -9.35 34.84
CA HIS A 233 -6.15 -8.22 35.71
C HIS A 233 -6.02 -8.47 37.23
N ALA A 234 -6.13 -9.71 37.68
CA ALA A 234 -5.86 -10.07 39.08
C ALA A 234 -4.35 -10.15 39.27
N GLU A 235 -3.77 -9.16 39.98
CA GLU A 235 -2.30 -9.05 40.10
C GLU A 235 -1.73 -10.09 41.09
N ASN A 236 -2.57 -10.49 42.06
CA ASN A 236 -2.26 -11.60 42.98
C ASN A 236 -2.18 -12.95 42.22
N LEU A 237 -2.74 -12.96 40.98
CA LEU A 237 -2.80 -14.15 40.12
C LEU A 237 -1.97 -13.97 38.83
N LYS A 238 -1.56 -12.74 38.45
CA LYS A 238 -0.86 -12.54 37.17
C LYS A 238 0.54 -13.18 37.21
N GLY A 239 0.79 -14.11 36.27
CA GLY A 239 2.04 -14.86 36.23
C GLY A 239 2.20 -15.83 37.41
N LYS A 240 1.05 -16.27 37.97
CA LYS A 240 0.98 -17.20 39.12
C LYS A 240 0.57 -18.59 38.57
N ALA A 241 1.16 -19.66 39.12
CA ALA A 241 0.91 -21.04 38.66
C ALA A 241 -0.52 -21.51 39.03
N ALA A 242 -1.24 -22.05 38.03
CA ALA A 242 -2.66 -22.41 38.15
C ALA A 242 -2.89 -23.89 37.78
N LYS A 243 -3.96 -24.45 38.35
CA LYS A 243 -4.42 -25.82 38.08
C LYS A 243 -5.73 -25.76 37.30
N PHE A 244 -5.77 -26.25 36.07
CA PHE A 244 -7.02 -26.25 35.26
C PHE A 244 -7.44 -27.69 34.95
N ALA A 245 -8.53 -28.14 35.61
CA ALA A 245 -9.08 -29.48 35.43
C ALA A 245 -9.87 -29.57 34.14
N ILE A 246 -9.10 -29.71 33.06
CA ILE A 246 -9.58 -29.75 31.68
C ILE A 246 -10.33 -31.08 31.41
N ASN A 247 -11.67 -30.99 31.29
CA ASN A 247 -12.49 -32.13 30.83
C ASN A 247 -12.60 -32.02 29.31
N LEU A 248 -11.57 -32.52 28.63
CA LEU A 248 -11.53 -32.60 27.17
C LEU A 248 -12.59 -33.61 26.67
N LYS A 249 -13.80 -33.11 26.33
CA LYS A 249 -14.99 -33.95 26.06
C LYS A 249 -15.19 -34.22 24.57
N LYS A 250 -14.65 -33.33 23.71
CA LYS A 250 -14.68 -33.47 22.24
C LYS A 250 -13.44 -32.84 21.62
N VAL A 251 -13.10 -33.31 20.41
CA VAL A 251 -12.13 -32.66 19.51
C VAL A 251 -12.76 -32.59 18.10
N GLU A 252 -12.47 -31.50 17.39
CA GLU A 252 -12.87 -31.28 15.99
C GLU A 252 -11.63 -31.36 15.09
N GLU A 253 -11.87 -31.44 13.79
CA GLU A 253 -10.82 -31.49 12.77
C GLU A 253 -11.34 -30.86 11.49
N ARG A 254 -10.46 -30.14 10.79
CA ARG A 254 -10.78 -29.51 9.52
C ARG A 254 -10.83 -30.57 8.42
N GLU A 255 -11.66 -30.33 7.40
CA GLU A 255 -11.79 -31.20 6.23
C GLU A 255 -11.06 -30.55 5.05
N LEU A 256 -10.24 -31.35 4.35
CA LEU A 256 -9.55 -30.94 3.13
C LEU A 256 -10.54 -31.14 1.95
N PRO A 257 -11.16 -30.03 1.41
CA PRO A 257 -12.23 -30.10 0.40
C PRO A 257 -11.76 -30.73 -0.94
N GLU A 258 -12.74 -31.01 -1.82
CA GLU A 258 -12.55 -31.83 -3.02
C GLU A 258 -11.44 -31.31 -3.94
N LEU A 259 -10.65 -32.26 -4.50
CA LEU A 259 -9.64 -31.98 -5.54
C LEU A 259 -10.28 -32.18 -6.95
N THR A 260 -11.63 -32.27 -6.97
CA THR A 260 -12.46 -32.24 -8.18
C THR A 260 -12.22 -30.91 -8.94
N ALA A 261 -11.99 -30.99 -10.27
CA ALA A 261 -11.60 -29.82 -11.12
C ALA A 261 -12.63 -28.67 -11.07
N GLU A 262 -13.91 -29.04 -11.00
CA GLU A 262 -15.05 -28.11 -10.86
C GLU A 262 -14.97 -27.30 -9.55
N PHE A 263 -14.25 -27.84 -8.55
CA PHE A 263 -14.00 -27.16 -7.27
C PHE A 263 -12.56 -26.57 -7.23
N ILE A 264 -11.62 -27.14 -8.01
CA ILE A 264 -10.23 -26.61 -8.13
C ILE A 264 -10.31 -25.16 -8.66
N LYS A 265 -11.17 -24.96 -9.66
CA LYS A 265 -11.37 -23.63 -10.27
C LYS A 265 -12.07 -22.65 -9.30
N ARG A 266 -12.68 -23.15 -8.20
CA ARG A 266 -13.40 -22.31 -7.20
C ARG A 266 -12.40 -21.40 -6.47
N PHE A 267 -11.17 -21.92 -6.29
CA PHE A 267 -10.02 -21.17 -5.75
C PHE A 267 -9.56 -20.07 -6.72
N GLY A 268 -9.92 -20.25 -8.02
CA GLY A 268 -9.54 -19.33 -9.09
C GLY A 268 -8.47 -19.92 -10.00
N VAL A 269 -8.24 -21.24 -9.90
CA VAL A 269 -7.21 -21.92 -10.70
C VAL A 269 -7.64 -21.89 -12.18
N GLU A 270 -6.89 -21.10 -12.96
CA GLU A 270 -7.19 -20.79 -14.36
C GLU A 270 -7.07 -22.06 -15.22
N ASP A 271 -5.95 -22.77 -15.04
CA ASP A 271 -5.70 -24.11 -15.60
C ASP A 271 -6.25 -25.14 -14.60
N GLY A 272 -7.59 -25.13 -14.45
CA GLY A 272 -8.30 -25.92 -13.42
C GLY A 272 -8.44 -27.41 -13.73
N SER A 273 -7.32 -28.08 -14.05
CA SER A 273 -7.22 -29.56 -14.09
C SER A 273 -6.32 -30.03 -12.93
N VAL A 274 -5.94 -31.31 -12.90
CA VAL A 274 -5.01 -31.84 -11.87
C VAL A 274 -3.56 -31.52 -12.27
N GLU A 275 -3.15 -32.07 -13.44
CA GLU A 275 -1.79 -31.83 -14.01
C GLU A 275 -1.56 -30.32 -14.27
N GLY A 276 -2.65 -29.64 -14.65
CA GLY A 276 -2.65 -28.21 -14.84
C GLY A 276 -2.58 -27.43 -13.55
N LEU A 277 -3.07 -28.04 -12.43
CA LEU A 277 -3.00 -27.42 -11.09
C LEU A 277 -1.54 -27.46 -10.61
N ARG A 278 -0.87 -28.60 -10.82
CA ARG A 278 0.56 -28.77 -10.45
C ARG A 278 1.42 -27.70 -11.15
N ALA A 279 1.23 -27.61 -12.48
CA ALA A 279 1.89 -26.61 -13.35
C ALA A 279 1.52 -25.18 -12.90
N GLU A 280 0.24 -24.97 -12.58
CA GLU A 280 -0.32 -23.66 -12.15
C GLU A 280 0.42 -23.12 -10.93
N VAL A 281 0.44 -23.92 -9.86
CA VAL A 281 1.02 -23.52 -8.58
C VAL A 281 2.52 -23.28 -8.74
N ARG A 282 3.22 -24.20 -9.43
CA ARG A 282 4.67 -24.12 -9.65
C ARG A 282 5.07 -22.83 -10.41
N LYS A 283 4.35 -22.54 -11.51
CA LYS A 283 4.66 -21.38 -12.38
C LYS A 283 4.27 -20.05 -11.71
N ASN A 284 3.20 -20.07 -10.87
CA ASN A 284 2.76 -18.89 -10.07
C ASN A 284 3.74 -18.63 -8.91
N MET A 285 4.32 -19.72 -8.37
CA MET A 285 5.37 -19.66 -7.35
C MET A 285 6.54 -18.87 -7.93
N GLU A 286 7.14 -19.38 -9.02
CA GLU A 286 8.32 -18.75 -9.69
C GLU A 286 8.02 -17.30 -10.14
N ARG A 287 6.75 -17.07 -10.54
CA ARG A 287 6.25 -15.76 -11.03
C ARG A 287 6.37 -14.71 -9.91
N GLU A 288 5.83 -15.06 -8.72
CA GLU A 288 5.83 -14.18 -7.53
C GLU A 288 7.17 -14.27 -6.78
N LEU A 289 7.91 -15.37 -7.01
CA LEU A 289 9.15 -15.69 -6.29
C LEU A 289 10.30 -14.82 -6.77
N LYS A 290 10.40 -14.66 -8.10
CA LYS A 290 11.42 -13.76 -8.69
C LYS A 290 11.21 -12.32 -8.18
N SER A 291 9.92 -11.97 -7.98
CA SER A 291 9.51 -10.69 -7.38
C SER A 291 9.86 -10.64 -5.87
N ALA A 292 9.74 -11.79 -5.16
CA ALA A 292 10.07 -11.90 -3.72
C ALA A 292 11.59 -11.66 -3.50
N ILE A 293 12.43 -12.34 -4.31
CA ILE A 293 13.89 -12.15 -4.30
C ILE A 293 14.23 -10.69 -4.74
N ARG A 294 13.51 -10.17 -5.74
CA ARG A 294 13.74 -8.80 -6.27
C ARG A 294 13.56 -7.75 -5.16
N ASN A 295 12.41 -7.83 -4.47
CA ASN A 295 12.06 -6.90 -3.39
C ASN A 295 12.90 -7.15 -2.12
N ARG A 296 13.36 -8.41 -1.93
CA ARG A 296 14.31 -8.77 -0.85
C ARG A 296 15.64 -8.02 -1.03
N VAL A 297 16.24 -8.22 -2.20
CA VAL A 297 17.56 -7.65 -2.56
C VAL A 297 17.49 -6.12 -2.54
N LYS A 298 16.39 -5.57 -3.08
CA LYS A 298 16.18 -4.11 -3.08
C LYS A 298 16.01 -3.58 -1.64
N SER A 299 15.16 -4.24 -0.81
CA SER A 299 14.87 -3.75 0.56
C SER A 299 16.13 -3.71 1.43
N GLN A 300 17.01 -4.73 1.29
CA GLN A 300 18.29 -4.78 2.04
C GLN A 300 19.34 -3.82 1.42
N ALA A 301 19.26 -3.60 0.10
CA ALA A 301 20.10 -2.59 -0.58
C ALA A 301 19.78 -1.17 -0.05
N ILE A 302 18.48 -0.88 0.12
CA ILE A 302 17.97 0.45 0.53
C ILE A 302 18.17 0.66 2.05
N GLU A 303 17.88 -0.39 2.83
CA GLU A 303 18.13 -0.43 4.28
C GLU A 303 19.62 -0.18 4.56
N GLY A 304 20.45 -0.94 3.84
CA GLY A 304 21.90 -0.82 3.91
C GLY A 304 22.43 0.50 3.36
N LEU A 305 21.73 1.03 2.33
CA LEU A 305 22.08 2.32 1.67
C LEU A 305 22.02 3.46 2.69
N VAL A 306 20.89 3.57 3.40
CA VAL A 306 20.72 4.59 4.45
C VAL A 306 21.63 4.26 5.65
N LYS A 307 21.78 2.96 5.96
CA LYS A 307 22.64 2.49 7.06
C LYS A 307 24.14 2.88 6.82
N ALA A 308 24.51 3.00 5.54
CA ALA A 308 25.87 3.38 5.12
C ALA A 308 26.00 4.89 4.85
N ASN A 309 24.89 5.65 4.96
CA ASN A 309 24.85 7.06 4.47
C ASN A 309 24.07 7.98 5.39
N ASP A 310 24.53 9.24 5.48
CA ASP A 310 23.81 10.33 6.16
C ASP A 310 24.08 11.63 5.40
N ILE A 311 23.01 12.35 5.05
CA ILE A 311 23.10 13.62 4.33
C ILE A 311 22.01 14.57 4.86
N ASP A 312 22.39 15.85 5.12
CA ASP A 312 21.44 16.91 5.42
C ASP A 312 20.64 17.22 4.15
N VAL A 313 19.40 16.74 4.13
CA VAL A 313 18.50 16.87 2.99
C VAL A 313 17.84 18.27 2.95
N PRO A 314 17.71 18.90 1.73
CA PRO A 314 16.82 20.07 1.52
C PRO A 314 15.39 19.78 2.04
N ALA A 315 14.95 20.61 3.01
CA ALA A 315 13.69 20.39 3.76
C ALA A 315 12.46 20.35 2.85
N ALA A 316 12.57 21.02 1.69
CA ALA A 316 11.52 21.07 0.64
C ALA A 316 10.95 19.68 0.33
N LEU A 317 11.88 18.77 0.02
CA LEU A 317 11.58 17.41 -0.42
C LEU A 317 10.96 16.60 0.73
N ILE A 318 11.55 16.75 1.93
CA ILE A 318 11.07 16.10 3.16
C ILE A 318 9.59 16.47 3.38
N ASP A 319 9.32 17.81 3.37
CA ASP A 319 7.99 18.37 3.64
C ASP A 319 6.98 18.02 2.54
N SER A 320 7.46 17.85 1.30
CA SER A 320 6.64 17.34 0.20
C SER A 320 6.11 15.93 0.57
N GLU A 321 7.04 15.03 0.93
CA GLU A 321 6.68 13.65 1.35
C GLU A 321 5.90 13.63 2.67
N ILE A 322 6.16 14.61 3.58
CA ILE A 322 5.40 14.74 4.85
C ILE A 322 3.93 14.90 4.50
N ASP A 323 3.66 15.93 3.68
CA ASP A 323 2.30 16.31 3.31
C ASP A 323 1.59 15.21 2.49
N VAL A 324 2.34 14.50 1.62
CA VAL A 324 1.80 13.32 0.88
C VAL A 324 1.28 12.27 1.89
N LEU A 325 2.14 11.92 2.87
CA LEU A 325 1.85 10.91 3.90
C LEU A 325 0.75 11.37 4.89
N ARG A 326 0.64 12.71 5.10
CA ARG A 326 -0.38 13.30 5.99
C ARG A 326 -1.77 13.19 5.35
N ARG A 327 -1.88 13.70 4.10
CA ARG A 327 -3.12 13.66 3.31
C ARG A 327 -3.61 12.21 3.17
N GLN A 328 -2.67 11.33 2.80
CA GLN A 328 -2.88 9.88 2.65
C GLN A 328 -3.46 9.25 3.94
N ALA A 329 -2.77 9.51 5.07
CA ALA A 329 -3.12 8.95 6.38
C ALA A 329 -4.55 9.33 6.79
N ALA A 330 -4.80 10.65 6.89
CA ALA A 330 -6.09 11.19 7.34
C ALA A 330 -7.24 10.80 6.40
N GLN A 331 -6.92 10.70 5.07
CA GLN A 331 -7.88 10.28 4.02
C GLN A 331 -8.32 8.81 4.23
N ARG A 332 -7.43 7.99 4.81
CA ARG A 332 -7.73 6.58 5.08
C ARG A 332 -8.25 6.40 6.53
N PHE A 333 -7.96 7.39 7.39
CA PHE A 333 -8.39 7.41 8.81
C PHE A 333 -9.85 7.97 8.92
N GLY A 334 -10.69 7.62 7.93
CA GLY A 334 -12.08 8.11 7.85
C GLY A 334 -12.23 9.33 6.93
N GLY A 335 -11.11 9.98 6.55
CA GLY A 335 -11.15 11.15 5.64
C GLY A 335 -11.51 12.43 6.38
N ASN A 336 -10.92 12.61 7.57
CA ASN A 336 -11.28 13.70 8.52
C ASN A 336 -10.97 15.10 7.98
N GLU A 337 -11.65 16.11 8.55
CA GLU A 337 -11.65 17.50 8.06
C GLU A 337 -10.27 18.17 8.30
N LYS A 338 -9.43 18.20 7.24
CA LYS A 338 -8.11 18.89 7.18
C LYS A 338 -7.12 18.49 8.31
N GLN A 339 -7.37 17.35 8.98
CA GLN A 339 -6.51 16.85 10.09
C GLN A 339 -5.11 16.47 9.57
N ALA A 340 -5.05 16.18 8.26
CA ALA A 340 -3.80 15.95 7.52
C ALA A 340 -2.84 17.14 7.68
N LEU A 341 -3.34 18.33 7.31
CA LEU A 341 -2.55 19.59 7.25
C LEU A 341 -2.03 20.00 8.64
N GLU A 342 -2.69 19.49 9.71
CA GLU A 342 -2.36 19.83 11.11
C GLU A 342 -1.40 18.81 11.75
N LEU A 343 -1.18 17.64 11.09
CA LEU A 343 -0.24 16.61 11.58
C LEU A 343 1.20 17.20 11.63
N PRO A 344 1.94 17.01 12.79
CA PRO A 344 3.29 17.62 12.98
C PRO A 344 4.32 17.00 12.04
N ARG A 345 5.38 17.77 11.71
CA ARG A 345 6.45 17.33 10.79
C ARG A 345 7.08 16.04 11.32
N GLU A 346 7.41 16.04 12.63
CA GLU A 346 8.03 14.90 13.33
C GLU A 346 7.23 13.60 13.21
N LEU A 347 5.89 13.72 12.93
CA LEU A 347 5.00 12.55 12.82
C LEU A 347 5.54 11.61 11.72
N PHE A 348 6.09 12.21 10.64
CA PHE A 348 6.57 11.46 9.46
C PHE A 348 8.03 11.83 9.12
N GLU A 349 8.62 12.85 9.80
CA GLU A 349 9.87 13.52 9.37
C GLU A 349 11.01 12.56 9.02
N GLU A 350 11.42 11.74 10.00
CA GLU A 350 12.60 10.86 9.89
C GLU A 350 12.47 9.86 8.71
N GLN A 351 11.30 9.19 8.60
CA GLN A 351 11.05 8.14 7.59
C GLN A 351 10.85 8.74 6.18
N ALA A 352 10.18 9.92 6.10
CA ALA A 352 9.93 10.62 4.83
C ALA A 352 11.26 11.15 4.26
N LYS A 353 12.02 11.81 5.15
CA LYS A 353 13.41 12.22 4.90
C LYS A 353 14.24 11.03 4.42
N ARG A 354 14.05 9.85 5.05
CA ARG A 354 14.78 8.61 4.72
C ARG A 354 14.52 8.21 3.25
N ARG A 355 13.24 8.26 2.84
CA ARG A 355 12.81 8.03 1.44
C ARG A 355 13.55 9.00 0.49
N VAL A 356 13.61 10.27 0.90
CA VAL A 356 14.30 11.33 0.13
C VAL A 356 15.83 11.10 0.09
N VAL A 357 16.41 10.63 1.22
CA VAL A 357 17.86 10.34 1.35
C VAL A 357 18.23 9.31 0.27
N VAL A 358 17.41 8.26 0.16
CA VAL A 358 17.56 7.23 -0.88
C VAL A 358 17.45 7.83 -2.30
N GLY A 359 16.45 8.72 -2.49
CA GLY A 359 16.20 9.37 -3.78
C GLY A 359 17.33 10.27 -4.26
N LEU A 360 18.01 10.92 -3.30
CA LEU A 360 19.13 11.85 -3.58
C LEU A 360 20.41 11.07 -3.89
N LEU A 361 20.73 10.08 -3.04
CA LEU A 361 21.96 9.25 -3.17
C LEU A 361 21.93 8.43 -4.47
N LEU A 362 20.76 7.81 -4.74
CA LEU A 362 20.52 7.06 -5.98
C LEU A 362 20.47 8.01 -7.19
N GLY A 363 19.92 9.23 -6.99
CA GLY A 363 19.97 10.28 -8.03
C GLY A 363 21.40 10.68 -8.37
N GLU A 364 22.27 10.66 -7.34
CA GLU A 364 23.70 10.94 -7.49
C GLU A 364 24.42 9.75 -8.14
N VAL A 365 23.94 8.51 -7.88
CA VAL A 365 24.42 7.31 -8.61
C VAL A 365 24.08 7.46 -10.12
N ILE A 366 22.85 7.95 -10.42
CA ILE A 366 22.40 8.22 -11.79
C ILE A 366 23.33 9.24 -12.49
N ARG A 367 23.66 10.33 -11.78
CA ARG A 367 24.52 11.40 -12.36
C ARG A 367 25.99 10.90 -12.52
N THR A 368 26.62 10.55 -11.39
CA THR A 368 28.05 10.15 -11.31
C THR A 368 28.39 8.93 -12.21
N ASN A 369 27.47 7.96 -12.28
CA ASN A 369 27.67 6.70 -13.05
C ASN A 369 27.03 6.79 -14.46
N GLU A 370 26.51 8.01 -14.83
CA GLU A 370 25.74 8.27 -16.10
C GLU A 370 24.64 7.21 -16.34
N LEU A 371 24.07 6.75 -15.22
CA LEU A 371 23.12 5.64 -15.16
C LEU A 371 21.78 6.12 -15.72
N LYS A 372 21.32 5.43 -16.77
CA LYS A 372 20.13 5.82 -17.53
C LYS A 372 19.24 4.62 -17.83
N ALA A 373 18.05 4.93 -18.38
CA ALA A 373 17.11 3.91 -18.87
C ALA A 373 17.68 3.23 -20.13
N ASP A 374 18.18 2.00 -19.96
CA ASP A 374 18.89 1.27 -21.02
C ASP A 374 17.90 0.51 -21.94
N GLU A 375 18.10 0.64 -23.26
CA GLU A 375 17.19 0.09 -24.30
C GLU A 375 17.08 -1.44 -24.17
N GLU A 376 18.24 -2.08 -23.96
CA GLU A 376 18.34 -3.53 -23.84
C GLU A 376 17.79 -4.01 -22.49
N ARG A 377 17.65 -3.09 -21.53
CA ARG A 377 17.10 -3.41 -20.21
C ARG A 377 15.56 -3.34 -20.24
N VAL A 378 15.01 -2.42 -21.05
CA VAL A 378 13.57 -2.38 -21.36
C VAL A 378 13.19 -3.66 -22.13
N LYS A 379 14.00 -3.99 -23.16
CA LYS A 379 13.93 -5.27 -23.90
C LYS A 379 13.97 -6.46 -22.91
N GLY A 380 14.98 -6.41 -22.00
CA GLY A 380 15.20 -7.47 -21.02
C GLY A 380 13.99 -7.70 -20.12
N LEU A 381 13.50 -6.62 -19.50
CA LEU A 381 12.40 -6.66 -18.53
C LEU A 381 11.13 -7.24 -19.20
N ILE A 382 10.73 -6.63 -20.35
CA ILE A 382 9.53 -7.03 -21.11
C ILE A 382 9.58 -8.51 -21.52
N GLU A 383 10.68 -8.89 -22.20
CA GLU A 383 10.79 -10.21 -22.87
C GLU A 383 11.07 -11.35 -21.86
N GLU A 384 11.74 -11.05 -20.73
CA GLU A 384 11.99 -12.05 -19.65
C GLU A 384 10.72 -12.29 -18.83
N MET A 385 9.96 -11.21 -18.55
CA MET A 385 8.66 -11.33 -17.86
C MET A 385 7.68 -12.12 -18.75
N ALA A 386 7.73 -11.81 -20.05
CA ALA A 386 6.94 -12.50 -21.09
C ALA A 386 7.32 -13.99 -21.16
N SER A 387 8.63 -14.28 -21.16
CA SER A 387 9.19 -15.65 -21.23
C SER A 387 8.77 -16.47 -19.99
N ALA A 388 8.57 -15.77 -18.86
CA ALA A 388 8.04 -16.37 -17.62
C ALA A 388 6.54 -16.66 -17.76
N TYR A 389 5.82 -15.82 -18.54
CA TYR A 389 4.36 -15.93 -18.74
C TYR A 389 4.01 -16.99 -19.78
N GLU A 390 2.69 -17.19 -19.91
CA GLU A 390 2.08 -18.06 -20.92
C GLU A 390 1.92 -17.29 -22.23
N ASP A 391 1.91 -15.94 -22.14
CA ASP A 391 1.56 -15.05 -23.25
C ASP A 391 2.10 -13.61 -22.99
N PRO A 392 2.66 -12.90 -24.02
CA PRO A 392 3.12 -11.48 -23.89
C PRO A 392 2.16 -10.42 -24.50
N LYS A 393 1.01 -10.85 -25.07
CA LYS A 393 0.13 -9.97 -25.87
C LYS A 393 -0.37 -8.75 -25.09
N GLU A 394 -0.66 -8.92 -23.79
CA GLU A 394 -1.07 -7.80 -22.91
C GLU A 394 0.00 -6.68 -22.94
N VAL A 395 1.28 -7.11 -22.85
CA VAL A 395 2.41 -6.22 -22.67
C VAL A 395 2.66 -5.45 -23.97
N ILE A 396 2.87 -6.22 -25.06
CA ILE A 396 3.16 -5.65 -26.39
C ILE A 396 1.95 -4.82 -26.88
N GLU A 397 0.80 -5.50 -27.10
CA GLU A 397 -0.35 -4.90 -27.79
C GLU A 397 -0.94 -3.70 -27.04
N PHE A 398 -0.97 -3.73 -25.69
CA PHE A 398 -1.60 -2.64 -24.92
C PHE A 398 -0.58 -1.53 -24.55
N TYR A 399 0.70 -1.89 -24.28
CA TYR A 399 1.68 -0.89 -23.74
C TYR A 399 2.67 -0.36 -24.77
N SER A 400 3.22 -1.22 -25.65
CA SER A 400 4.35 -0.78 -26.55
C SER A 400 3.88 0.27 -27.59
N LYS A 401 2.56 0.33 -27.81
CA LYS A 401 1.93 1.28 -28.75
C LYS A 401 1.69 2.67 -28.11
N ASN A 402 1.95 2.80 -26.79
CA ASN A 402 1.55 4.01 -26.03
C ASN A 402 2.57 4.27 -24.91
N LYS A 403 3.04 5.54 -24.81
CA LYS A 403 4.06 5.96 -23.82
C LYS A 403 3.59 5.71 -22.36
N GLU A 404 2.25 5.61 -22.17
CA GLU A 404 1.54 5.37 -20.88
C GLU A 404 2.39 4.56 -19.86
N LEU A 405 2.65 3.28 -20.16
CA LEU A 405 3.52 2.44 -19.33
C LEU A 405 4.93 2.30 -19.98
N MET A 406 5.08 2.79 -21.22
CA MET A 406 6.31 2.53 -22.02
C MET A 406 7.49 3.39 -21.51
N ASP A 407 7.21 4.63 -21.05
CA ASP A 407 8.23 5.47 -20.37
C ASP A 407 8.43 4.96 -18.94
N ASN A 408 7.32 4.49 -18.31
CA ASN A 408 7.35 3.84 -16.98
C ASN A 408 8.21 2.56 -17.01
N MET A 409 8.25 1.90 -18.18
CA MET A 409 9.08 0.70 -18.40
C MET A 409 10.57 1.09 -18.38
N ARG A 410 10.83 2.30 -18.87
CA ARG A 410 12.17 2.92 -18.82
C ARG A 410 12.49 3.40 -17.39
N ASN A 411 11.47 3.85 -16.67
CA ASN A 411 11.62 4.39 -15.29
C ASN A 411 11.90 3.27 -14.28
N VAL A 412 11.26 2.10 -14.47
CA VAL A 412 11.48 0.91 -13.61
C VAL A 412 12.82 0.25 -13.99
N ALA A 413 13.18 0.33 -15.29
CA ALA A 413 14.52 -0.07 -15.77
C ALA A 413 15.61 0.74 -15.03
N LEU A 414 15.41 2.07 -15.03
CA LEU A 414 16.29 3.06 -14.36
C LEU A 414 16.40 2.75 -12.85
N GLU A 415 15.23 2.55 -12.23
CA GLU A 415 15.08 2.33 -10.78
C GLU A 415 15.87 1.10 -10.31
N GLU A 416 15.60 -0.05 -10.94
CA GLU A 416 16.23 -1.33 -10.59
C GLU A 416 17.73 -1.32 -10.95
N GLN A 417 18.09 -0.65 -12.07
CA GLN A 417 19.51 -0.54 -12.50
C GLN A 417 20.29 0.35 -11.50
N ALA A 418 19.58 1.35 -10.93
CA ALA A 418 20.12 2.24 -9.89
C ALA A 418 20.50 1.43 -8.65
N VAL A 419 19.56 0.58 -8.23
CA VAL A 419 19.80 -0.38 -7.14
C VAL A 419 20.99 -1.30 -7.49
N GLU A 420 20.98 -1.87 -8.71
CA GLU A 420 22.00 -2.85 -9.18
C GLU A 420 23.42 -2.25 -9.27
N ALA A 421 23.51 -0.94 -9.51
CA ALA A 421 24.80 -0.22 -9.47
C ALA A 421 25.33 -0.18 -8.04
N VAL A 422 24.40 -0.06 -7.07
CA VAL A 422 24.73 -0.04 -5.63
C VAL A 422 25.10 -1.47 -5.19
N LEU A 423 24.45 -2.47 -5.83
CA LEU A 423 24.71 -3.91 -5.60
C LEU A 423 26.13 -4.29 -6.11
N ALA A 424 26.50 -3.69 -7.25
CA ALA A 424 27.84 -3.86 -7.86
C ALA A 424 28.93 -3.20 -7.00
N LYS A 425 28.55 -2.11 -6.30
CA LYS A 425 29.41 -1.41 -5.34
C LYS A 425 29.43 -2.16 -3.98
N ALA A 426 28.32 -2.84 -3.67
CA ALA A 426 28.09 -3.54 -2.37
C ALA A 426 28.47 -5.02 -2.47
N LYS A 427 28.11 -5.78 -1.41
CA LYS A 427 28.44 -7.21 -1.25
C LYS A 427 27.14 -8.05 -1.27
N VAL A 428 26.70 -8.48 -2.46
CA VAL A 428 25.48 -9.28 -2.62
C VAL A 428 25.83 -10.78 -2.53
N THR A 429 25.67 -11.34 -1.33
CA THR A 429 25.96 -12.75 -1.05
C THR A 429 24.75 -13.63 -1.45
N GLU A 430 24.83 -14.20 -2.66
CA GLU A 430 23.82 -15.14 -3.17
C GLU A 430 24.06 -16.55 -2.59
N LYS A 431 23.04 -17.11 -1.95
CA LYS A 431 23.04 -18.49 -1.43
C LYS A 431 21.63 -19.08 -1.59
N GLU A 432 21.51 -20.41 -1.46
CA GLU A 432 20.21 -21.11 -1.59
C GLU A 432 19.56 -21.29 -0.20
N THR A 433 18.23 -21.43 -0.15
CA THR A 433 17.47 -21.53 1.13
C THR A 433 16.19 -22.39 0.98
N THR A 434 15.52 -22.61 2.14
CA THR A 434 14.22 -23.27 2.23
C THR A 434 13.09 -22.39 1.64
N PHE A 435 11.86 -22.95 1.63
CA PHE A 435 10.70 -22.30 1.02
C PHE A 435 10.26 -21.03 1.78
N ASN A 436 9.71 -21.23 2.99
CA ASN A 436 8.95 -20.20 3.71
C ASN A 436 9.87 -19.15 4.41
N GLU A 437 11.19 -19.24 4.15
CA GLU A 437 12.18 -18.24 4.56
C GLU A 437 11.79 -16.81 4.08
N LEU A 438 11.63 -16.65 2.75
CA LEU A 438 11.19 -15.37 2.13
C LEU A 438 9.66 -15.29 2.08
N MET A 439 8.98 -16.40 2.40
CA MET A 439 7.51 -16.48 2.38
C MET A 439 6.96 -16.34 3.83
N ASN A 440 7.67 -15.55 4.67
CA ASN A 440 7.39 -15.41 6.12
C ASN A 440 6.21 -14.43 6.39
N GLN A 441 5.09 -14.66 5.70
CA GLN A 441 3.84 -13.90 5.86
C GLN A 441 2.70 -14.91 6.10
N GLN A 442 2.47 -15.25 7.39
CA GLN A 442 1.42 -16.21 7.79
C GLN A 442 0.16 -15.45 8.24
N ALA A 443 0.23 -14.83 9.44
CA ALA A 443 -0.89 -14.08 10.04
C ALA A 443 -0.33 -13.17 11.15
N MET B 2 -7.40 -6.76 53.73
CA MET B 2 -8.09 -6.92 55.03
C MET B 2 -8.15 -8.42 55.38
N LYS B 3 -8.92 -9.21 54.59
CA LYS B 3 -9.11 -10.65 54.84
C LYS B 3 -8.82 -11.46 53.56
N GLN B 4 -9.66 -11.29 52.53
CA GLN B 4 -9.60 -12.07 51.28
C GLN B 4 -9.61 -11.12 50.06
N SER B 5 -8.94 -11.54 48.99
CA SER B 5 -8.86 -10.76 47.74
C SER B 5 -9.26 -11.67 46.58
N THR B 6 -10.55 -12.04 46.56
CA THR B 6 -11.10 -12.87 45.48
C THR B 6 -11.22 -12.04 44.18
N ILE B 7 -10.97 -12.70 43.05
CA ILE B 7 -11.05 -12.09 41.74
C ILE B 7 -12.53 -11.98 41.31
N ALA B 8 -13.02 -10.73 41.24
CA ALA B 8 -14.30 -10.41 40.58
C ALA B 8 -14.00 -10.31 39.07
N LEU B 9 -14.12 -11.46 38.37
CA LEU B 9 -13.51 -11.65 37.06
C LEU B 9 -14.38 -11.16 35.89
N ALA B 10 -13.67 -10.61 34.89
CA ALA B 10 -14.22 -10.03 33.65
C ALA B 10 -13.06 -9.81 32.65
N LEU B 11 -13.37 -9.46 31.38
CA LEU B 11 -12.39 -9.22 30.25
C LEU B 11 -11.01 -9.93 30.39
N LEU B 12 -10.88 -11.10 29.73
CA LEU B 12 -9.70 -12.00 29.83
C LEU B 12 -9.48 -12.52 31.29
N PRO B 13 -10.44 -13.34 31.84
CA PRO B 13 -10.15 -14.23 32.96
C PRO B 13 -9.99 -15.70 32.48
N LEU B 14 -11.10 -16.45 32.43
CA LEU B 14 -11.20 -17.82 31.93
C LEU B 14 -12.43 -17.88 31.02
N LEU B 15 -12.29 -18.53 29.84
CA LEU B 15 -13.19 -18.36 28.68
C LEU B 15 -12.93 -16.95 28.10
N PHE B 16 -12.14 -16.94 27.02
CA PHE B 16 -11.78 -15.71 26.29
C PHE B 16 -11.86 -16.04 24.79
N THR B 17 -13.00 -16.63 24.43
CA THR B 17 -13.27 -17.19 23.10
C THR B 17 -14.81 -17.18 22.88
N PRO B 18 -15.34 -16.62 21.75
CA PRO B 18 -16.78 -16.69 21.44
C PRO B 18 -17.21 -18.16 21.21
N VAL B 19 -18.00 -18.72 22.16
CA VAL B 19 -18.44 -20.11 22.11
C VAL B 19 -19.56 -20.28 21.06
N THR B 20 -19.12 -20.50 19.80
CA THR B 20 -20.02 -20.66 18.64
C THR B 20 -19.82 -22.06 18.06
N LYS B 21 -20.59 -23.03 18.59
CA LYS B 21 -20.55 -24.43 18.15
C LYS B 21 -21.87 -25.11 18.56
N ALA B 22 -22.84 -25.11 17.63
CA ALA B 22 -24.14 -25.78 17.81
C ALA B 22 -24.38 -26.74 16.64
N ARG B 23 -25.29 -27.72 16.85
CA ARG B 23 -25.61 -28.79 15.88
C ARG B 23 -24.39 -29.72 15.70
N THR B 24 -24.49 -30.91 16.29
CA THR B 24 -23.46 -31.96 16.16
C THR B 24 -23.63 -32.73 14.82
N PRO B 25 -22.50 -33.19 14.18
CA PRO B 25 -22.55 -33.93 12.89
C PRO B 25 -23.25 -35.30 13.03
N GLU B 26 -24.56 -35.31 12.75
CA GLU B 26 -25.36 -36.54 12.73
C GLU B 26 -24.98 -37.40 11.51
N MET B 27 -24.69 -38.69 11.78
CA MET B 27 -24.32 -39.69 10.76
C MET B 27 -25.45 -39.93 9.70
N PRO B 28 -26.81 -39.92 10.09
CA PRO B 28 -27.92 -39.95 9.08
C PRO B 28 -27.82 -38.85 8.00
N VAL B 29 -27.18 -37.70 8.39
CA VAL B 29 -26.87 -36.52 7.53
C VAL B 29 -28.09 -36.00 6.69
N LEU B 30 -28.44 -36.73 5.61
CA LEU B 30 -29.64 -36.52 4.77
C LEU B 30 -29.74 -35.08 4.23
N GLU B 31 -30.41 -34.19 5.00
CA GLU B 31 -30.74 -32.81 4.58
C GLU B 31 -29.48 -31.95 4.39
N ASN B 32 -28.42 -32.28 5.16
CA ASN B 32 -27.14 -31.58 5.10
C ASN B 32 -26.35 -32.05 3.86
N ARG B 33 -26.24 -31.17 2.87
CA ARG B 33 -25.50 -31.46 1.63
C ARG B 33 -24.00 -31.25 1.89
N ALA B 34 -23.35 -32.33 2.38
CA ALA B 34 -21.93 -32.32 2.78
C ALA B 34 -21.01 -32.37 1.55
N ALA B 35 -20.80 -31.19 0.93
CA ALA B 35 -19.89 -30.98 -0.22
C ALA B 35 -19.84 -29.47 -0.50
N GLN B 36 -21.02 -28.92 -0.86
CA GLN B 36 -21.22 -27.49 -1.13
C GLN B 36 -22.74 -27.20 -1.15
N GLY B 37 -23.15 -26.03 -0.59
CA GLY B 37 -24.55 -25.59 -0.59
C GLY B 37 -24.88 -24.76 -1.82
N ASP B 38 -24.59 -25.34 -2.99
CA ASP B 38 -24.68 -24.66 -4.31
C ASP B 38 -24.94 -25.70 -5.40
N ILE B 39 -25.34 -25.22 -6.60
CA ILE B 39 -25.67 -26.03 -7.79
C ILE B 39 -27.06 -26.69 -7.61
N THR B 40 -28.10 -25.99 -8.12
CA THR B 40 -29.51 -26.46 -8.03
C THR B 40 -29.79 -27.61 -9.02
N ALA B 41 -28.90 -27.76 -10.03
CA ALA B 41 -28.95 -28.86 -11.01
C ALA B 41 -28.87 -30.24 -10.30
N PRO B 42 -29.71 -31.25 -10.76
CA PRO B 42 -29.90 -32.55 -10.03
C PRO B 42 -28.60 -33.23 -9.57
N GLY B 43 -28.29 -33.06 -8.26
CA GLY B 43 -27.11 -33.67 -7.63
C GLY B 43 -27.26 -35.17 -7.46
N GLY B 44 -28.50 -35.62 -7.23
CA GLY B 44 -28.83 -37.03 -7.08
C GLY B 44 -28.96 -37.77 -8.41
N ALA B 45 -28.58 -37.11 -9.52
CA ALA B 45 -28.54 -37.72 -10.87
C ALA B 45 -27.12 -38.24 -11.19
N ARG B 46 -26.16 -38.03 -10.26
CA ARG B 46 -24.76 -38.48 -10.39
C ARG B 46 -24.67 -40.02 -10.32
N ARG B 47 -25.07 -40.66 -11.43
CA ARG B 47 -25.41 -42.09 -11.50
C ARG B 47 -26.56 -42.43 -10.52
N LEU B 48 -26.21 -42.93 -9.31
CA LEU B 48 -27.15 -43.55 -8.35
C LEU B 48 -27.90 -44.76 -8.99
N THR B 49 -28.59 -45.55 -8.14
CA THR B 49 -29.33 -46.78 -8.51
C THR B 49 -28.37 -47.99 -8.81
N GLY B 50 -27.20 -47.71 -9.44
CA GLY B 50 -26.21 -48.73 -9.77
C GLY B 50 -25.55 -49.39 -8.57
N ASP B 51 -25.80 -48.86 -7.36
CA ASP B 51 -25.30 -49.44 -6.09
C ASP B 51 -26.33 -49.17 -4.97
N GLN B 52 -26.24 -49.96 -3.87
CA GLN B 52 -27.09 -49.80 -2.66
C GLN B 52 -26.89 -48.45 -1.93
N THR B 53 -25.80 -47.73 -2.28
CA THR B 53 -25.49 -46.39 -1.74
C THR B 53 -26.53 -45.34 -2.20
N ALA B 54 -27.38 -45.73 -3.16
CA ALA B 54 -28.51 -44.92 -3.64
C ALA B 54 -29.59 -44.74 -2.55
N ALA B 55 -29.58 -45.66 -1.57
CA ALA B 55 -30.53 -45.69 -0.44
C ALA B 55 -31.97 -45.88 -0.96
N LEU B 56 -32.14 -46.86 -1.88
CA LEU B 56 -33.41 -47.20 -2.54
C LEU B 56 -33.84 -46.03 -3.45
N ARG B 57 -33.43 -46.11 -4.73
CA ARG B 57 -33.83 -45.14 -5.78
C ARG B 57 -34.01 -45.90 -7.12
N ASP B 58 -34.34 -47.20 -7.02
CA ASP B 58 -34.46 -48.13 -8.17
C ASP B 58 -35.51 -47.63 -9.18
N SER B 59 -36.67 -47.22 -8.63
CA SER B 59 -37.79 -46.72 -9.42
C SER B 59 -38.55 -45.66 -8.60
N LEU B 60 -39.13 -44.69 -9.30
CA LEU B 60 -40.00 -43.67 -8.70
C LEU B 60 -41.17 -43.43 -9.69
N SER B 61 -42.08 -44.42 -9.73
CA SER B 61 -43.24 -44.43 -10.63
C SER B 61 -44.34 -43.50 -10.08
N ASP B 62 -44.14 -42.19 -10.31
CA ASP B 62 -45.06 -41.13 -9.90
C ASP B 62 -45.13 -40.11 -11.04
N LYS B 63 -43.95 -39.67 -11.48
CA LYS B 63 -43.81 -38.70 -12.56
C LYS B 63 -44.03 -39.39 -13.93
N PRO B 64 -44.53 -38.63 -14.97
CA PRO B 64 -44.67 -39.19 -16.35
C PRO B 64 -43.30 -39.67 -16.88
N ALA B 65 -43.22 -40.98 -17.19
CA ALA B 65 -41.96 -41.65 -17.57
C ALA B 65 -41.45 -41.16 -18.94
N LYS B 66 -40.73 -40.03 -18.90
CA LYS B 66 -40.07 -39.42 -20.06
C LYS B 66 -38.58 -39.29 -19.73
N ASN B 67 -37.82 -40.32 -20.10
CA ASN B 67 -36.36 -40.34 -19.91
C ASN B 67 -35.66 -39.74 -21.13
N ILE B 68 -36.38 -39.65 -22.26
CA ILE B 68 -35.83 -39.12 -23.53
C ILE B 68 -35.55 -37.59 -23.41
N ILE B 69 -34.33 -37.27 -22.99
CA ILE B 69 -33.83 -35.88 -22.92
C ILE B 69 -32.74 -35.69 -23.96
N LEU B 70 -32.71 -34.49 -24.58
CA LEU B 70 -31.64 -34.09 -25.51
C LEU B 70 -30.65 -33.19 -24.75
N LEU B 71 -29.48 -33.74 -24.42
CA LEU B 71 -28.50 -33.07 -23.56
C LEU B 71 -27.07 -33.51 -23.93
N ILE B 72 -26.88 -34.83 -24.05
CA ILE B 72 -25.57 -35.42 -24.38
C ILE B 72 -25.25 -35.20 -25.88
N GLY B 73 -24.54 -34.08 -26.16
CA GLY B 73 -23.98 -33.80 -27.48
C GLY B 73 -22.76 -34.65 -27.80
N ASP B 74 -22.23 -35.31 -26.73
CA ASP B 74 -21.13 -36.28 -26.78
C ASP B 74 -19.78 -35.58 -27.10
N GLY B 75 -19.57 -35.25 -28.39
CA GLY B 75 -18.38 -34.55 -28.82
C GLY B 75 -18.29 -34.52 -30.34
N MET B 76 -18.29 -33.31 -30.91
CA MET B 76 -18.15 -33.11 -32.37
C MET B 76 -16.67 -32.94 -32.75
N GLY B 77 -15.83 -32.73 -31.73
CA GLY B 77 -14.43 -32.32 -31.91
C GLY B 77 -14.05 -31.39 -30.78
N ASP B 78 -13.29 -30.32 -31.12
CA ASP B 78 -13.00 -29.12 -30.27
C ASP B 78 -12.48 -29.42 -28.84
N SER B 79 -13.35 -29.96 -27.97
CA SER B 79 -13.01 -30.30 -26.58
C SER B 79 -11.90 -31.36 -26.49
N GLU B 80 -12.03 -32.42 -27.32
CA GLU B 80 -11.09 -33.56 -27.34
C GLU B 80 -10.16 -33.47 -28.56
N ILE B 81 -10.75 -33.34 -29.76
CA ILE B 81 -9.98 -33.15 -31.00
C ILE B 81 -9.66 -31.66 -31.15
N THR B 82 -8.36 -31.33 -31.24
CA THR B 82 -7.86 -29.93 -31.27
C THR B 82 -8.55 -29.07 -32.38
N ALA B 83 -9.40 -28.11 -31.93
CA ALA B 83 -10.10 -27.17 -32.82
C ALA B 83 -10.40 -25.87 -32.05
N ALA B 84 -11.18 -26.01 -30.96
CA ALA B 84 -11.49 -24.91 -30.04
C ALA B 84 -10.98 -25.29 -28.65
N ARG B 85 -9.81 -24.74 -28.28
CA ARG B 85 -9.15 -24.98 -27.00
C ARG B 85 -8.12 -23.86 -26.74
N ASN B 86 -7.88 -23.54 -25.45
CA ASN B 86 -6.88 -22.55 -25.01
C ASN B 86 -7.25 -21.15 -25.57
N TYR B 87 -8.32 -20.58 -25.01
CA TYR B 87 -8.85 -19.23 -25.34
C TYR B 87 -9.58 -19.20 -26.71
N ALA B 88 -9.56 -20.31 -27.47
CA ALA B 88 -10.28 -20.42 -28.75
C ALA B 88 -11.78 -20.64 -28.50
N GLU B 89 -12.09 -21.36 -27.40
CA GLU B 89 -13.47 -21.51 -26.88
C GLU B 89 -13.76 -20.44 -25.79
N GLY B 90 -12.71 -20.03 -25.06
CA GLY B 90 -12.82 -19.02 -24.01
C GLY B 90 -11.75 -19.21 -22.95
N ALA B 91 -11.71 -20.43 -22.38
CA ALA B 91 -10.78 -20.85 -21.30
C ALA B 91 -10.95 -20.02 -20.01
N GLY B 92 -10.43 -18.79 -20.03
CA GLY B 92 -10.54 -17.86 -18.91
C GLY B 92 -10.14 -16.45 -19.33
N GLY B 93 -11.06 -15.79 -20.08
CA GLY B 93 -10.84 -14.47 -20.68
C GLY B 93 -10.67 -13.34 -19.67
N PHE B 94 -9.47 -13.27 -19.08
CA PHE B 94 -9.03 -12.22 -18.16
C PHE B 94 -7.57 -12.52 -17.82
N PHE B 95 -6.67 -11.90 -18.59
CA PHE B 95 -5.21 -12.05 -18.44
C PHE B 95 -4.65 -10.87 -17.60
N LYS B 96 -5.57 -10.17 -16.87
CA LYS B 96 -5.30 -9.20 -15.77
C LYS B 96 -4.48 -7.93 -16.14
N GLY B 97 -3.92 -7.85 -17.36
CA GLY B 97 -3.26 -6.65 -17.88
C GLY B 97 -2.10 -6.14 -17.01
N ILE B 98 -1.36 -7.07 -16.36
CA ILE B 98 -0.30 -6.81 -15.32
C ILE B 98 -0.60 -5.63 -14.34
N ASP B 99 0.40 -5.30 -13.50
CA ASP B 99 0.40 -4.10 -12.65
C ASP B 99 1.82 -3.89 -12.13
N ALA B 100 2.49 -2.84 -12.62
CA ALA B 100 3.85 -2.49 -12.20
C ALA B 100 3.83 -1.71 -10.87
N LEU B 101 4.99 -1.63 -10.22
CA LEU B 101 5.17 -1.01 -8.89
C LEU B 101 5.32 0.54 -8.96
N PRO B 102 6.21 1.14 -9.85
CA PRO B 102 6.47 2.61 -9.83
C PRO B 102 5.24 3.48 -10.21
N LEU B 103 4.92 3.52 -11.52
CA LEU B 103 3.85 4.38 -12.11
C LEU B 103 4.11 5.88 -11.78
N THR B 104 3.07 6.62 -11.34
CA THR B 104 3.13 8.09 -11.13
C THR B 104 3.46 8.83 -12.47
N GLY B 105 3.05 8.17 -13.59
CA GLY B 105 3.38 8.64 -14.95
C GLY B 105 4.88 8.57 -15.21
N GLN B 106 5.50 9.75 -15.38
CA GLN B 106 6.96 9.88 -15.46
C GLN B 106 7.55 9.73 -14.06
N TYR B 107 7.81 8.48 -13.67
CA TYR B 107 8.45 8.13 -12.41
C TYR B 107 9.89 8.67 -12.42
N THR B 108 10.07 9.81 -11.73
CA THR B 108 11.35 10.55 -11.70
C THR B 108 12.32 9.95 -10.64
N HIS B 109 12.07 8.67 -10.26
CA HIS B 109 12.87 7.87 -9.29
C HIS B 109 12.57 8.25 -7.83
N TYR B 110 12.16 9.52 -7.63
CA TYR B 110 11.81 10.09 -6.33
C TYR B 110 10.43 9.56 -5.85
N ALA B 111 10.48 8.43 -5.14
CA ALA B 111 9.32 7.79 -4.49
C ALA B 111 9.82 6.56 -3.72
N LEU B 112 10.45 5.64 -4.48
CA LEU B 112 11.16 4.43 -3.96
C LEU B 112 10.18 3.47 -3.27
N ASN B 113 9.86 3.80 -1.99
CA ASN B 113 8.98 3.01 -1.12
C ASN B 113 7.51 3.13 -1.56
N LYS B 114 7.19 4.20 -2.32
CA LYS B 114 5.84 4.49 -2.79
C LYS B 114 5.51 3.67 -4.07
N LYS B 115 4.88 2.49 -3.87
CA LYS B 115 4.45 1.61 -4.98
C LYS B 115 2.97 1.86 -5.33
N THR B 116 2.73 2.62 -6.43
CA THR B 116 1.40 2.95 -6.99
C THR B 116 0.40 3.50 -5.93
N GLY B 117 0.92 4.24 -4.93
CA GLY B 117 0.08 4.85 -3.88
C GLY B 117 0.06 4.05 -2.59
N LYS B 118 0.57 2.81 -2.63
CA LYS B 118 0.80 1.97 -1.44
C LYS B 118 2.31 2.02 -1.09
N PRO B 119 2.74 2.90 -0.13
CA PRO B 119 4.12 2.94 0.33
C PRO B 119 4.37 2.08 1.60
N ASP B 120 3.65 2.42 2.68
CA ASP B 120 3.86 1.89 4.03
C ASP B 120 3.30 0.47 4.18
N TYR B 121 4.06 -0.49 3.65
CA TYR B 121 3.82 -1.95 3.80
C TYR B 121 5.09 -2.71 3.34
N VAL B 122 6.24 -1.98 3.32
CA VAL B 122 7.54 -2.39 2.72
C VAL B 122 7.41 -2.85 1.25
N THR B 123 8.53 -3.31 0.67
CA THR B 123 8.61 -3.73 -0.74
C THR B 123 7.93 -5.10 -0.96
N ASP B 124 7.98 -5.96 0.09
CA ASP B 124 7.52 -7.38 0.02
C ASP B 124 6.06 -7.52 -0.44
N SER B 125 5.87 -8.39 -1.44
CA SER B 125 4.56 -8.78 -1.97
C SER B 125 4.05 -10.05 -1.27
N ALA B 126 2.88 -10.56 -1.70
CA ALA B 126 2.28 -11.80 -1.16
C ALA B 126 3.09 -13.03 -1.59
N ALA B 127 4.20 -13.28 -0.84
CA ALA B 127 5.21 -14.31 -1.18
C ALA B 127 4.63 -15.74 -1.09
N SER B 128 4.03 -16.11 0.08
CA SER B 128 3.24 -17.35 0.21
C SER B 128 1.98 -17.20 -0.67
N ALA B 129 2.12 -17.61 -1.94
CA ALA B 129 1.16 -17.34 -3.00
C ALA B 129 -0.16 -18.11 -2.81
N THR B 130 -1.18 -17.41 -2.26
CA THR B 130 -2.59 -17.83 -2.37
C THR B 130 -3.00 -17.72 -3.86
N ALA B 131 -2.46 -16.64 -4.50
CA ALA B 131 -2.35 -16.47 -5.96
C ALA B 131 -3.69 -16.09 -6.63
N TRP B 132 -4.61 -17.05 -6.69
CA TRP B 132 -5.78 -16.99 -7.58
C TRP B 132 -6.98 -16.31 -6.90
N SER B 133 -7.82 -15.65 -7.71
CA SER B 133 -9.11 -15.06 -7.28
C SER B 133 -10.12 -15.02 -8.45
N THR B 134 -9.79 -15.71 -9.56
CA THR B 134 -10.59 -15.69 -10.81
C THR B 134 -11.62 -16.85 -10.87
N GLY B 135 -12.07 -17.30 -9.68
CA GLY B 135 -13.05 -18.41 -9.55
C GLY B 135 -14.48 -18.02 -9.87
N VAL B 136 -14.71 -16.72 -10.07
CA VAL B 136 -16.02 -16.15 -10.42
C VAL B 136 -16.37 -16.37 -11.91
N LYS B 137 -15.42 -16.90 -12.71
CA LYS B 137 -15.59 -17.14 -14.17
C LYS B 137 -16.52 -18.33 -14.46
N THR B 138 -17.83 -18.06 -14.32
CA THR B 138 -18.96 -19.00 -14.48
C THR B 138 -20.25 -18.20 -14.23
N TYR B 139 -20.19 -17.35 -13.20
CA TYR B 139 -21.30 -16.49 -12.76
C TYR B 139 -20.94 -15.01 -13.05
N ASN B 140 -21.98 -14.17 -13.19
CA ASN B 140 -21.84 -12.71 -13.36
C ASN B 140 -21.11 -12.11 -12.14
N GLY B 141 -19.90 -11.56 -12.36
CA GLY B 141 -19.09 -10.94 -11.31
C GLY B 141 -19.35 -9.45 -11.21
N ALA B 142 -20.65 -9.11 -11.03
CA ALA B 142 -21.16 -7.72 -10.91
C ALA B 142 -21.08 -6.92 -12.25
N LEU B 143 -20.71 -7.61 -13.35
CA LEU B 143 -20.64 -7.04 -14.70
C LEU B 143 -22.01 -7.18 -15.38
N GLY B 144 -22.84 -6.13 -15.28
CA GLY B 144 -24.21 -6.15 -15.83
C GLY B 144 -25.22 -6.58 -14.78
N VAL B 145 -25.29 -5.79 -13.71
CA VAL B 145 -26.27 -5.95 -12.62
C VAL B 145 -26.53 -4.57 -11.98
N ASP B 146 -27.70 -4.38 -11.38
CA ASP B 146 -28.06 -3.16 -10.63
C ASP B 146 -28.21 -3.52 -9.14
N ILE B 147 -28.23 -2.49 -8.27
CA ILE B 147 -28.48 -2.65 -6.82
C ILE B 147 -29.91 -3.21 -6.59
N HIS B 148 -30.08 -3.99 -5.51
CA HIS B 148 -31.36 -4.62 -5.16
C HIS B 148 -32.42 -3.56 -4.79
N GLU B 149 -33.64 -3.69 -5.35
CA GLU B 149 -34.75 -2.75 -5.09
C GLU B 149 -35.52 -3.18 -3.83
N LYS B 150 -36.36 -2.28 -3.32
CA LYS B 150 -37.37 -2.59 -2.31
C LYS B 150 -38.62 -3.10 -3.06
N ASP B 151 -39.28 -4.13 -2.51
CA ASP B 151 -40.50 -4.73 -3.09
C ASP B 151 -41.58 -3.67 -3.36
N MET A 12 18.60 45.07 -12.33
CA MET A 12 18.36 44.11 -11.23
C MET A 12 19.51 44.16 -10.21
N GLN A 13 19.38 45.06 -9.23
CA GLN A 13 20.38 45.26 -8.16
C GLN A 13 20.24 44.13 -7.10
N VAL A 14 20.97 43.03 -7.33
CA VAL A 14 20.89 41.81 -6.48
C VAL A 14 21.85 41.93 -5.28
N SER A 15 21.53 41.21 -4.18
CA SER A 15 22.40 41.12 -2.99
C SER A 15 22.09 39.83 -2.22
N VAL A 16 23.06 38.88 -2.22
CA VAL A 16 22.89 37.55 -1.61
C VAL A 16 23.24 37.59 -0.11
N GLU A 17 22.37 36.99 0.72
CA GLU A 17 22.49 36.98 2.20
C GLU A 17 22.08 35.59 2.74
N THR A 18 23.05 34.72 3.09
CA THR A 18 22.74 33.38 3.65
C THR A 18 22.03 33.53 5.02
N THR A 19 20.71 33.27 5.02
CA THR A 19 19.84 33.45 6.19
C THR A 19 20.00 32.27 7.18
N GLN A 20 19.77 31.04 6.70
CA GLN A 20 19.86 29.83 7.54
C GLN A 20 20.26 28.62 6.67
N GLY A 21 21.57 28.36 6.63
CA GLY A 21 22.12 27.18 5.97
C GLY A 21 21.93 27.21 4.46
N LEU A 22 20.96 26.40 3.99
CA LEU A 22 20.62 26.30 2.56
C LEU A 22 19.83 27.53 2.12
N GLY A 23 19.09 28.12 3.09
CA GLY A 23 18.35 29.36 2.89
C GLY A 23 19.26 30.54 2.56
N ARG A 24 19.13 31.04 1.32
CA ARG A 24 19.87 32.20 0.80
C ARG A 24 18.85 33.26 0.34
N ARG A 25 19.12 34.51 0.72
CA ARG A 25 18.25 35.66 0.45
C ARG A 25 18.86 36.52 -0.67
N VAL A 26 18.39 36.34 -1.91
CA VAL A 26 18.76 37.19 -3.02
C VAL A 26 17.80 38.40 -3.07
N THR A 27 18.19 39.47 -2.38
CA THR A 27 17.44 40.72 -2.32
C THR A 27 17.70 41.54 -3.60
N ILE A 28 16.72 41.55 -4.52
CA ILE A 28 16.80 42.26 -5.80
C ILE A 28 16.02 43.58 -5.73
N THR A 29 16.58 44.64 -6.32
CA THR A 29 15.92 45.94 -6.46
C THR A 29 15.72 46.20 -7.97
N ILE A 30 14.47 46.15 -8.42
CA ILE A 30 14.09 46.49 -9.81
C ILE A 30 14.10 48.03 -9.95
N ALA A 31 14.81 48.52 -10.98
CA ALA A 31 14.97 49.96 -11.25
C ALA A 31 13.63 50.65 -11.50
N ALA A 32 13.46 51.88 -10.97
CA ALA A 32 12.26 52.72 -11.12
C ALA A 32 11.85 52.87 -12.59
N ASP A 33 12.86 53.14 -13.43
CA ASP A 33 12.69 53.25 -14.89
C ASP A 33 12.21 51.93 -15.51
N SER A 34 12.79 50.81 -15.06
CA SER A 34 12.49 49.46 -15.58
C SER A 34 11.06 49.03 -15.19
N ILE A 35 10.59 49.48 -14.02
CA ILE A 35 9.21 49.23 -13.54
C ILE A 35 8.22 49.98 -14.44
N GLU A 36 8.39 51.31 -14.53
CA GLU A 36 7.47 52.22 -15.24
C GLU A 36 7.33 51.83 -16.73
N THR A 37 8.45 51.38 -17.33
CA THR A 37 8.51 50.97 -18.74
C THR A 37 7.92 49.55 -18.94
N ALA A 38 8.09 48.65 -17.95
CA ALA A 38 7.51 47.28 -18.00
C ALA A 38 5.97 47.31 -17.89
N VAL A 39 5.47 48.21 -17.02
CA VAL A 39 4.02 48.45 -16.84
C VAL A 39 3.43 49.07 -18.12
N LYS A 40 4.19 49.99 -18.72
CA LYS A 40 3.83 50.67 -19.99
C LYS A 40 3.73 49.66 -21.15
N SER A 41 4.72 48.75 -21.21
CA SER A 41 4.78 47.66 -22.19
C SER A 41 3.66 46.64 -21.94
N GLU A 42 3.20 46.58 -20.69
CA GLU A 42 2.06 45.73 -20.31
C GLU A 42 0.74 46.34 -20.80
N LEU A 43 0.62 47.68 -20.66
CA LEU A 43 -0.61 48.42 -20.99
C LEU A 43 -0.89 48.44 -22.51
N VAL A 44 0.17 48.38 -23.33
CA VAL A 44 0.00 48.27 -24.79
C VAL A 44 -0.50 46.87 -25.18
N ASN A 45 -0.15 45.85 -24.37
CA ASN A 45 -0.68 44.46 -24.52
C ASN A 45 -2.19 44.45 -24.19
N VAL A 46 -2.53 45.12 -23.07
CA VAL A 46 -3.93 45.27 -22.62
C VAL A 46 -4.74 46.05 -23.69
N ALA A 47 -4.09 47.05 -24.31
CA ALA A 47 -4.67 47.86 -25.38
C ALA A 47 -4.94 47.01 -26.63
N LYS A 48 -4.00 46.11 -26.97
CA LYS A 48 -4.16 45.20 -28.13
C LYS A 48 -5.27 44.16 -27.89
N LYS A 49 -5.41 43.74 -26.63
CA LYS A 49 -6.41 42.72 -26.24
C LYS A 49 -7.85 43.26 -26.37
N VAL A 50 -8.06 44.48 -25.85
CA VAL A 50 -9.37 45.16 -25.90
C VAL A 50 -9.48 46.01 -27.20
N ARG A 51 -8.47 45.86 -28.10
CA ARG A 51 -8.39 46.52 -29.42
C ARG A 51 -8.36 48.06 -29.31
N ILE A 52 -8.08 48.57 -28.09
CA ILE A 52 -7.94 50.00 -27.76
C ILE A 52 -6.84 50.65 -28.62
N ASP A 53 -5.80 49.86 -28.97
CA ASP A 53 -4.65 50.33 -29.79
C ASP A 53 -5.13 50.90 -31.14
N GLY A 54 -6.11 50.22 -31.76
CA GLY A 54 -6.66 50.62 -33.08
C GLY A 54 -7.68 51.74 -32.99
N PHE A 55 -8.12 52.08 -31.76
CA PHE A 55 -9.05 53.20 -31.50
C PHE A 55 -8.35 54.35 -30.77
N ARG A 56 -7.09 54.12 -30.33
CA ARG A 56 -6.33 55.06 -29.49
C ARG A 56 -5.90 56.28 -30.31
N LYS A 57 -6.58 57.41 -30.09
CA LYS A 57 -6.20 58.71 -30.68
C LYS A 57 -4.89 59.23 -30.03
N GLY A 58 -4.64 58.79 -28.77
CA GLY A 58 -3.37 59.01 -28.07
C GLY A 58 -3.13 60.45 -27.70
N LYS A 59 -4.19 61.11 -27.18
CA LYS A 59 -4.15 62.50 -26.72
C LYS A 59 -3.25 62.62 -25.48
N VAL A 60 -3.56 61.81 -24.46
CA VAL A 60 -2.74 61.70 -23.26
C VAL A 60 -1.47 60.88 -23.62
N PRO A 61 -0.24 61.49 -23.48
CA PRO A 61 1.07 60.84 -23.86
C PRO A 61 1.29 59.47 -23.18
N MET A 62 2.01 58.57 -23.88
CA MET A 62 2.17 57.17 -23.46
C MET A 62 3.01 57.02 -22.18
N ASN A 63 3.94 57.97 -21.94
CA ASN A 63 4.75 58.00 -20.71
C ASN A 63 3.90 58.39 -19.47
N ILE A 64 2.81 59.13 -19.73
CA ILE A 64 1.88 59.61 -18.69
C ILE A 64 0.79 58.56 -18.40
N VAL A 65 0.31 57.84 -19.45
CA VAL A 65 -0.74 56.79 -19.29
C VAL A 65 -0.20 55.57 -18.51
N ALA A 66 1.14 55.39 -18.56
CA ALA A 66 1.85 54.25 -17.96
C ALA A 66 1.59 54.13 -16.45
N GLN A 67 1.57 55.28 -15.77
CA GLN A 67 1.39 55.37 -14.32
C GLN A 67 -0.07 55.65 -13.94
N ARG A 68 -0.87 56.15 -14.89
CA ARG A 68 -2.31 56.42 -14.68
C ARG A 68 -3.11 55.11 -14.69
N TYR A 69 -3.15 54.43 -15.85
CA TYR A 69 -3.89 53.15 -16.02
C TYR A 69 -3.11 51.99 -15.42
N GLY A 70 -1.80 52.18 -15.26
CA GLY A 70 -0.91 51.16 -14.76
C GLY A 70 -0.74 51.13 -13.25
N ALA A 71 -1.36 52.10 -12.54
CA ALA A 71 -1.24 52.25 -11.08
C ALA A 71 -1.78 51.02 -10.32
N SER A 72 -2.84 50.41 -10.85
CA SER A 72 -3.49 49.22 -10.27
C SER A 72 -2.72 47.94 -10.65
N VAL A 73 -2.34 47.83 -11.94
CA VAL A 73 -1.71 46.60 -12.48
C VAL A 73 -0.22 46.49 -12.06
N ARG A 74 0.29 47.51 -11.29
CA ARG A 74 1.67 47.48 -10.69
C ARG A 74 1.95 46.13 -10.01
N GLN A 75 0.93 45.61 -9.29
CA GLN A 75 1.01 44.33 -8.55
C GLN A 75 1.43 43.17 -9.47
N ASP A 76 0.63 42.95 -10.52
CA ASP A 76 0.79 41.82 -11.45
C ASP A 76 2.09 41.93 -12.25
N VAL A 77 2.43 43.17 -12.67
CA VAL A 77 3.64 43.46 -13.43
C VAL A 77 4.90 43.14 -12.58
N LEU A 78 4.91 43.66 -11.33
CA LEU A 78 6.02 43.45 -10.38
C LEU A 78 6.19 41.96 -10.04
N GLY A 79 5.05 41.24 -9.89
CA GLY A 79 5.06 39.81 -9.58
C GLY A 79 5.75 38.98 -10.67
N ASP A 80 5.46 39.36 -11.93
CA ASP A 80 6.08 38.77 -13.12
C ASP A 80 7.57 39.15 -13.21
N LEU A 81 7.89 40.41 -12.88
CA LEU A 81 9.27 40.93 -12.86
C LEU A 81 10.11 40.20 -11.80
N MET A 82 9.48 39.86 -10.65
CA MET A 82 10.14 39.13 -9.55
C MET A 82 10.52 37.72 -10.00
N SER A 83 9.58 37.08 -10.72
CA SER A 83 9.75 35.72 -11.24
C SER A 83 10.92 35.66 -12.24
N ARG A 84 10.93 36.60 -13.20
CA ARG A 84 11.88 36.61 -14.31
C ARG A 84 13.26 37.16 -13.90
N ASN A 85 13.32 38.03 -12.88
CA ASN A 85 14.60 38.51 -12.31
C ASN A 85 15.22 37.42 -11.42
N PHE A 86 14.36 36.64 -10.74
CA PHE A 86 14.81 35.51 -9.88
C PHE A 86 15.52 34.44 -10.73
N ILE A 87 14.80 33.90 -11.74
CA ILE A 87 15.32 32.83 -12.60
C ILE A 87 16.60 33.30 -13.34
N ASP A 88 16.63 34.57 -13.76
CA ASP A 88 17.78 35.17 -14.46
C ASP A 88 19.02 35.22 -13.54
N ALA A 89 18.77 35.61 -12.27
CA ALA A 89 19.81 35.73 -11.23
C ALA A 89 20.45 34.37 -10.91
N ILE A 90 19.61 33.35 -10.66
CA ILE A 90 20.09 32.02 -10.23
C ILE A 90 20.84 31.26 -11.37
N ILE A 91 20.51 31.59 -12.64
CA ILE A 91 21.20 31.03 -13.81
C ILE A 91 22.64 31.58 -13.90
N LYS A 92 22.79 32.91 -13.83
CA LYS A 92 24.13 33.56 -13.97
C LYS A 92 25.03 33.23 -12.77
N GLU A 93 24.43 33.23 -11.56
CA GLU A 93 25.14 32.96 -10.30
C GLU A 93 25.36 31.46 -10.09
N LYS A 94 24.65 30.62 -10.90
CA LYS A 94 24.72 29.14 -10.87
C LYS A 94 24.17 28.56 -9.55
N ILE A 95 23.28 29.34 -8.89
CA ILE A 95 22.60 28.91 -7.67
C ILE A 95 21.44 27.98 -8.06
N ASN A 96 21.43 26.76 -7.50
CA ASN A 96 20.38 25.76 -7.75
C ASN A 96 19.39 25.73 -6.58
N PRO A 97 18.18 26.39 -6.73
CA PRO A 97 17.16 26.46 -5.64
C PRO A 97 16.49 25.10 -5.36
N ALA A 98 15.82 25.02 -4.21
CA ALA A 98 15.11 23.80 -3.75
C ALA A 98 13.68 24.16 -3.34
N GLY A 99 12.71 23.40 -3.90
CA GLY A 99 11.29 23.59 -3.61
C GLY A 99 10.73 24.87 -4.21
N ALA A 100 10.33 25.83 -3.34
CA ALA A 100 9.70 27.10 -3.76
C ALA A 100 10.47 28.30 -3.18
N PRO A 101 10.72 29.37 -4.01
CA PRO A 101 11.35 30.63 -3.53
C PRO A 101 10.35 31.53 -2.75
N THR A 102 10.67 31.82 -1.48
CA THR A 102 9.88 32.73 -0.63
C THR A 102 10.20 34.19 -0.98
N TYR A 103 9.33 34.82 -1.78
CA TYR A 103 9.44 36.26 -2.09
C TYR A 103 8.95 37.06 -0.88
N VAL A 104 9.90 37.58 -0.07
CA VAL A 104 9.60 38.49 1.04
C VAL A 104 9.55 39.94 0.47
N PRO A 105 8.34 40.52 0.23
CA PRO A 105 8.22 41.84 -0.42
C PRO A 105 8.60 42.98 0.55
N GLY A 106 9.72 43.67 0.23
CA GLY A 106 10.18 44.83 1.00
C GLY A 106 9.16 45.95 0.98
N GLU A 107 9.07 46.64 -0.17
CA GLU A 107 8.05 47.67 -0.43
C GLU A 107 8.15 48.19 -1.87
N TYR A 108 7.03 48.76 -2.35
CA TYR A 108 6.98 49.48 -3.63
C TYR A 108 6.57 50.94 -3.36
N LYS A 109 7.21 51.86 -4.10
CA LYS A 109 6.85 53.28 -4.13
C LYS A 109 6.49 53.62 -5.58
N LEU A 110 5.36 54.32 -5.78
CA LEU A 110 4.84 54.66 -7.12
C LEU A 110 5.87 55.47 -7.93
N GLY A 111 6.39 54.87 -9.01
CA GLY A 111 7.37 55.51 -9.89
C GLY A 111 8.81 55.43 -9.38
N GLU A 112 9.01 54.80 -8.21
CA GLU A 112 10.35 54.54 -7.62
C GLU A 112 10.63 53.02 -7.59
N ASP A 113 11.86 52.67 -7.20
CA ASP A 113 12.39 51.27 -7.22
C ASP A 113 11.59 50.34 -6.27
N PHE A 114 11.48 49.06 -6.69
CA PHE A 114 10.83 47.99 -5.91
C PHE A 114 11.90 47.01 -5.41
N THR A 115 11.92 46.75 -4.10
CA THR A 115 12.89 45.83 -3.48
C THR A 115 12.14 44.64 -2.83
N TYR A 116 12.73 43.44 -2.98
CA TYR A 116 12.16 42.19 -2.46
C TYR A 116 13.28 41.18 -2.15
N SER A 117 13.18 40.52 -0.99
CA SER A 117 14.16 39.55 -0.49
C SER A 117 13.70 38.11 -0.76
N VAL A 118 14.22 37.47 -1.82
CA VAL A 118 13.85 36.08 -2.14
C VAL A 118 14.69 35.09 -1.33
N GLU A 119 14.08 34.52 -0.27
CA GLU A 119 14.70 33.49 0.58
C GLU A 119 14.31 32.09 0.07
N PHE A 120 15.30 31.24 -0.22
CA PHE A 120 15.06 29.90 -0.78
C PHE A 120 16.22 28.97 -0.40
N GLU A 121 15.92 27.68 -0.25
CA GLU A 121 16.95 26.65 -0.01
C GLU A 121 17.64 26.26 -1.33
N VAL A 122 18.72 25.46 -1.24
CA VAL A 122 19.47 24.97 -2.43
C VAL A 122 19.58 23.44 -2.40
N TYR A 123 20.09 22.86 -3.50
CA TYR A 123 20.44 21.43 -3.59
C TYR A 123 21.97 21.27 -3.48
N PRO A 124 22.50 20.77 -2.33
CA PRO A 124 23.93 20.41 -2.21
C PRO A 124 24.24 19.04 -2.87
N GLU A 125 25.51 18.82 -3.20
CA GLU A 125 25.98 17.58 -3.85
C GLU A 125 25.98 16.43 -2.82
N VAL A 126 25.13 15.42 -3.07
CA VAL A 126 24.92 14.30 -2.15
C VAL A 126 26.19 13.41 -2.11
N GLU A 127 27.02 13.62 -1.08
CA GLU A 127 28.27 12.87 -0.89
C GLU A 127 27.95 11.40 -0.53
N LEU A 128 27.86 10.56 -1.58
CA LEU A 128 27.68 9.11 -1.44
C LEU A 128 28.91 8.51 -0.75
N GLN A 129 28.76 8.15 0.54
CA GLN A 129 29.81 7.52 1.34
C GLN A 129 29.97 6.03 0.94
N GLY A 130 30.78 5.27 1.73
CA GLY A 130 31.10 3.87 1.40
C GLY A 130 29.87 2.96 1.36
N LEU A 131 29.58 2.41 0.16
CA LEU A 131 28.43 1.50 -0.06
C LEU A 131 28.89 0.02 -0.07
N GLU A 132 30.15 -0.21 0.29
CA GLU A 132 30.77 -1.55 0.38
C GLU A 132 30.34 -2.22 1.69
N ALA A 133 30.14 -1.38 2.73
CA ALA A 133 29.74 -1.82 4.08
C ALA A 133 28.32 -2.45 4.09
N ILE A 134 27.52 -2.14 3.07
CA ILE A 134 26.15 -2.65 2.92
C ILE A 134 26.19 -4.18 2.67
N GLU A 135 25.88 -4.97 3.71
CA GLU A 135 25.79 -6.43 3.58
C GLU A 135 24.34 -6.82 3.23
N VAL A 136 24.08 -7.04 1.94
CA VAL A 136 22.75 -7.44 1.46
C VAL A 136 22.72 -8.96 1.31
N GLU A 137 21.72 -9.61 1.89
CA GLU A 137 21.51 -11.06 1.70
C GLU A 137 20.71 -11.27 0.41
N LYS A 138 21.24 -12.12 -0.48
CA LYS A 138 20.47 -12.63 -1.62
C LYS A 138 20.02 -14.07 -1.27
N PRO A 139 18.73 -14.24 -0.85
CA PRO A 139 18.20 -15.54 -0.44
C PRO A 139 17.81 -16.43 -1.65
N ILE A 140 18.21 -17.70 -1.60
CA ILE A 140 17.87 -18.69 -2.63
C ILE A 140 16.86 -19.67 -2.02
N VAL A 141 15.66 -19.69 -2.63
CA VAL A 141 14.57 -20.59 -2.27
C VAL A 141 14.23 -21.42 -3.50
N GLU A 142 14.26 -22.76 -3.36
CA GLU A 142 13.77 -23.67 -4.41
C GLU A 142 12.35 -24.11 -4.07
N VAL A 143 11.55 -24.35 -5.11
CA VAL A 143 10.19 -24.87 -4.97
C VAL A 143 10.13 -26.26 -5.66
N THR A 144 10.20 -27.35 -4.88
CA THR A 144 9.99 -28.69 -5.41
C THR A 144 8.47 -28.93 -5.58
N ASP A 145 8.11 -30.05 -6.22
CA ASP A 145 6.68 -30.45 -6.38
C ASP A 145 6.08 -30.82 -5.00
N ALA A 146 6.96 -31.16 -4.04
CA ALA A 146 6.59 -31.39 -2.62
C ALA A 146 6.26 -30.06 -1.91
N ASP A 147 6.99 -28.98 -2.27
CA ASP A 147 6.70 -27.61 -1.78
C ASP A 147 5.37 -27.11 -2.38
N VAL A 148 5.14 -27.40 -3.68
CA VAL A 148 3.86 -27.07 -4.35
C VAL A 148 2.69 -27.81 -3.68
N ASP A 149 2.91 -29.11 -3.41
CA ASP A 149 1.93 -29.99 -2.75
C ASP A 149 1.56 -29.43 -1.36
N GLY A 150 2.60 -29.17 -0.57
CA GLY A 150 2.48 -28.65 0.79
C GLY A 150 1.85 -27.26 0.84
N MET A 151 2.12 -26.43 -0.20
CA MET A 151 1.59 -25.05 -0.27
C MET A 151 0.09 -25.05 -0.59
N LEU A 152 -0.31 -25.84 -1.60
CA LEU A 152 -1.73 -26.01 -1.98
C LEU A 152 -2.52 -26.63 -0.81
N ASP A 153 -1.86 -27.57 -0.11
CA ASP A 153 -2.38 -28.20 1.13
C ASP A 153 -2.56 -27.14 2.25
N THR A 154 -1.58 -26.22 2.37
CA THR A 154 -1.66 -25.08 3.33
C THR A 154 -2.86 -24.17 2.99
N LEU A 155 -3.06 -23.88 1.69
CA LEU A 155 -4.21 -23.07 1.20
C LEU A 155 -5.54 -23.74 1.62
N ARG A 156 -5.61 -25.06 1.44
CA ARG A 156 -6.77 -25.89 1.86
C ARG A 156 -6.95 -25.89 3.40
N LYS A 157 -5.83 -25.79 4.14
CA LYS A 157 -5.84 -25.67 5.63
C LYS A 157 -6.02 -24.21 6.10
N GLN A 158 -5.90 -23.25 5.17
CA GLN A 158 -6.29 -21.83 5.40
C GLN A 158 -7.80 -21.69 5.15
N GLN A 159 -8.35 -22.59 4.30
CA GLN A 159 -9.80 -22.79 4.12
C GLN A 159 -10.29 -23.89 5.11
N ALA A 160 -9.79 -23.81 6.38
CA ALA A 160 -9.96 -24.86 7.41
C ALA A 160 -11.44 -25.09 7.76
N THR A 161 -12.02 -26.12 7.12
CA THR A 161 -13.38 -26.59 7.41
C THR A 161 -13.32 -27.57 8.60
N TRP A 162 -13.94 -27.22 9.74
CA TRP A 162 -13.88 -28.04 10.95
C TRP A 162 -14.94 -29.15 10.94
N LYS A 163 -14.58 -30.26 11.57
CA LYS A 163 -15.33 -31.52 11.60
C LYS A 163 -15.10 -32.20 12.94
N GLU A 164 -16.14 -32.79 13.54
CA GLU A 164 -16.00 -33.56 14.79
C GLU A 164 -15.23 -34.86 14.60
N LYS A 165 -14.66 -35.31 15.71
CA LYS A 165 -14.01 -36.62 15.85
C LYS A 165 -13.98 -37.03 17.32
N ASP A 166 -13.45 -38.22 17.57
CA ASP A 166 -13.12 -38.69 18.90
C ASP A 166 -11.72 -39.32 18.85
N GLY A 167 -11.01 -39.21 19.97
CA GLY A 167 -9.70 -39.84 20.14
C GLY A 167 -8.61 -38.81 20.32
N ALA A 168 -7.54 -38.94 19.54
CA ALA A 168 -6.31 -38.16 19.71
C ALA A 168 -6.49 -36.71 19.23
N VAL A 169 -6.35 -35.78 20.18
CA VAL A 169 -6.23 -34.35 19.88
C VAL A 169 -4.88 -34.06 19.22
N GLU A 170 -4.89 -33.16 18.24
CA GLU A 170 -3.68 -32.67 17.54
C GLU A 170 -3.55 -31.16 17.76
N ALA A 171 -2.34 -30.64 17.55
CA ALA A 171 -1.98 -29.24 17.92
C ALA A 171 -2.59 -28.18 16.96
N GLU A 172 -3.28 -28.62 15.91
CA GLU A 172 -3.86 -27.73 14.88
C GLU A 172 -5.38 -27.83 14.87
N ASP A 173 -5.96 -28.36 15.95
CA ASP A 173 -7.41 -28.58 16.06
C ASP A 173 -8.10 -27.45 16.85
N ARG A 174 -9.44 -27.48 16.81
CA ARG A 174 -10.30 -26.56 17.58
C ARG A 174 -11.25 -27.44 18.40
N VAL A 175 -11.22 -27.29 19.73
CA VAL A 175 -11.83 -28.26 20.65
C VAL A 175 -12.98 -27.67 21.47
N THR A 176 -13.49 -28.49 22.40
CA THR A 176 -14.52 -28.12 23.38
C THR A 176 -14.19 -28.80 24.73
N ILE A 177 -13.82 -28.00 25.75
CA ILE A 177 -13.56 -28.53 27.10
C ILE A 177 -14.54 -27.97 28.14
N ASP A 178 -14.27 -28.31 29.41
CA ASP A 178 -14.98 -27.80 30.60
C ASP A 178 -13.95 -27.79 31.73
N PHE A 179 -13.30 -26.66 31.97
CA PHE A 179 -12.16 -26.64 32.93
C PHE A 179 -12.57 -26.06 34.28
N THR A 180 -12.04 -26.69 35.35
CA THR A 180 -12.17 -26.18 36.71
C THR A 180 -11.00 -25.22 37.00
N GLY A 181 -11.29 -23.91 36.91
CA GLY A 181 -10.34 -22.86 37.26
C GLY A 181 -9.88 -22.95 38.70
N SER A 182 -8.58 -23.24 38.92
CA SER A 182 -7.98 -23.38 40.25
C SER A 182 -6.68 -22.58 40.36
N VAL A 183 -6.49 -21.92 41.51
CA VAL A 183 -5.24 -21.27 41.90
C VAL A 183 -4.58 -22.09 42.99
N ASP A 184 -3.33 -22.53 42.73
CA ASP A 184 -2.47 -23.22 43.72
C ASP A 184 -3.04 -24.60 44.13
N GLY A 185 -4.04 -25.09 43.38
CA GLY A 185 -4.70 -26.37 43.66
C GLY A 185 -6.08 -26.23 44.27
N GLU A 186 -6.53 -24.99 44.49
CA GLU A 186 -7.85 -24.70 45.04
C GLU A 186 -8.64 -23.92 44.01
N GLU A 187 -9.79 -24.48 43.58
CA GLU A 187 -10.70 -23.85 42.63
C GLU A 187 -11.25 -22.52 43.16
N PHE A 188 -11.54 -21.59 42.22
CA PHE A 188 -12.05 -20.25 42.54
C PHE A 188 -13.25 -19.91 41.65
N GLU A 189 -14.14 -19.08 42.19
CA GLU A 189 -15.42 -18.73 41.54
C GLU A 189 -15.18 -17.86 40.28
N GLY A 190 -15.99 -18.11 39.24
CA GLY A 190 -15.88 -17.40 37.96
C GLY A 190 -14.77 -17.92 37.04
N GLY A 191 -13.80 -18.65 37.60
CA GLY A 191 -12.61 -19.11 36.88
C GLY A 191 -12.82 -20.34 36.02
N LYS A 192 -14.04 -20.87 36.03
CA LYS A 192 -14.40 -22.06 35.26
C LYS A 192 -15.00 -21.64 33.92
N ALA A 193 -15.09 -22.60 33.00
CA ALA A 193 -15.79 -22.41 31.73
C ALA A 193 -16.26 -23.76 31.19
N SER A 194 -17.57 -23.86 31.03
CA SER A 194 -18.27 -25.07 30.64
C SER A 194 -18.59 -25.01 29.14
N ASP A 195 -18.28 -26.11 28.41
CA ASP A 195 -18.48 -26.21 26.94
C ASP A 195 -17.61 -25.16 26.23
N PHE A 196 -16.46 -24.84 26.90
CA PHE A 196 -15.50 -23.84 26.47
C PHE A 196 -14.81 -24.29 25.18
N VAL A 197 -15.34 -23.79 24.08
CA VAL A 197 -14.80 -23.98 22.74
C VAL A 197 -13.49 -23.18 22.59
N LEU A 198 -12.39 -23.79 23.02
CA LEU A 198 -11.03 -23.23 22.89
C LEU A 198 -10.45 -23.58 21.51
N ALA A 199 -9.78 -22.59 20.91
CA ALA A 199 -9.09 -22.74 19.62
C ALA A 199 -7.59 -22.51 19.83
N MET A 200 -6.77 -23.29 19.13
CA MET A 200 -5.31 -23.28 19.27
C MET A 200 -4.71 -22.23 18.32
N GLY A 201 -3.56 -21.68 18.71
CA GLY A 201 -2.84 -20.71 17.89
C GLY A 201 -3.09 -19.28 18.34
N GLN A 202 -4.33 -18.99 18.76
CA GLN A 202 -4.68 -17.65 19.27
C GLN A 202 -4.10 -17.44 20.67
N GLY A 203 -3.10 -16.55 20.76
CA GLY A 203 -2.42 -16.22 22.03
C GLY A 203 -3.15 -15.15 22.84
N ARG A 204 -4.47 -15.30 22.95
CA ARG A 204 -5.34 -14.42 23.76
C ARG A 204 -5.69 -15.11 25.09
N MET A 205 -5.50 -16.45 25.13
CA MET A 205 -5.70 -17.26 26.34
C MET A 205 -4.38 -17.25 27.17
N ILE A 206 -4.44 -17.81 28.40
CA ILE A 206 -3.26 -18.05 29.27
C ILE A 206 -2.21 -18.88 28.50
N PRO A 207 -0.98 -18.34 28.21
CA PRO A 207 0.06 -19.04 27.41
C PRO A 207 0.46 -20.40 28.03
N GLY A 208 0.13 -21.50 27.33
CA GLY A 208 0.45 -22.86 27.79
C GLY A 208 -0.79 -23.63 28.26
N PHE A 209 -1.93 -22.94 28.41
CA PHE A 209 -3.20 -23.55 28.83
C PHE A 209 -3.68 -24.62 27.81
N GLU A 210 -3.57 -24.30 26.51
CA GLU A 210 -4.02 -25.18 25.41
C GLU A 210 -3.24 -26.53 25.39
N ASP A 211 -2.04 -26.55 26.04
CA ASP A 211 -1.17 -27.76 26.19
C ASP A 211 -1.98 -28.97 26.65
N GLY A 212 -2.79 -28.72 27.71
CA GLY A 212 -3.58 -29.75 28.35
C GLY A 212 -4.41 -30.57 27.38
N ILE A 213 -5.06 -29.87 26.48
CA ILE A 213 -5.92 -30.49 25.50
C ILE A 213 -5.07 -31.23 24.44
N LYS A 214 -3.99 -30.55 23.98
CA LYS A 214 -3.18 -30.92 22.79
C LYS A 214 -2.37 -32.21 22.94
N GLY A 215 -2.51 -32.94 24.06
CA GLY A 215 -1.75 -34.17 24.30
C GLY A 215 -2.56 -35.17 25.09
N HIS A 216 -3.89 -35.22 24.84
CA HIS A 216 -4.82 -36.16 25.53
C HIS A 216 -5.93 -36.61 24.56
N LYS A 217 -6.86 -37.42 25.09
CA LYS A 217 -7.97 -38.02 24.31
C LYS A 217 -9.27 -37.22 24.53
N ALA A 218 -10.19 -37.32 23.55
CA ALA A 218 -11.37 -36.43 23.40
C ALA A 218 -12.52 -36.69 24.37
N GLY A 219 -12.29 -37.46 25.43
CA GLY A 219 -13.32 -37.72 26.44
C GLY A 219 -12.69 -37.97 27.79
N GLU A 220 -11.74 -37.10 28.17
CA GLU A 220 -10.91 -37.30 29.36
C GLU A 220 -11.10 -36.22 30.44
N GLU A 221 -11.04 -36.68 31.70
CA GLU A 221 -10.93 -35.84 32.89
C GLU A 221 -9.45 -35.81 33.32
N PHE A 222 -8.85 -34.61 33.36
CA PHE A 222 -7.46 -34.44 33.79
C PHE A 222 -7.22 -33.02 34.28
N THR A 223 -6.14 -32.84 35.02
CA THR A 223 -5.71 -31.55 35.58
C THR A 223 -4.28 -31.26 35.16
N ILE A 224 -4.03 -30.03 34.68
CA ILE A 224 -2.70 -29.64 34.15
C ILE A 224 -2.08 -28.55 35.01
N ASP A 225 -0.73 -28.50 34.97
CA ASP A 225 0.06 -27.47 35.64
C ASP A 225 0.46 -26.41 34.61
N VAL A 226 -0.18 -25.24 34.69
CA VAL A 226 0.19 -24.07 33.88
C VAL A 226 0.23 -22.82 34.77
N THR A 227 1.24 -22.00 34.55
CA THR A 227 1.42 -20.73 35.22
C THR A 227 0.60 -19.65 34.47
N PHE A 228 -0.03 -18.74 35.26
CA PHE A 228 -0.73 -17.55 34.74
C PHE A 228 0.22 -16.64 33.90
N PRO A 229 -0.34 -15.71 33.05
CA PRO A 229 0.47 -14.71 32.37
C PRO A 229 0.76 -13.52 33.30
N GLU A 230 1.82 -12.75 33.00
CA GLU A 230 2.09 -11.49 33.74
C GLU A 230 1.18 -10.37 33.26
N GLU A 231 0.37 -10.69 32.23
CA GLU A 231 -0.67 -9.81 31.71
C GLU A 231 -2.02 -10.07 32.40
N TYR A 232 -2.09 -11.14 33.24
CA TYR A 232 -3.27 -11.47 34.07
C TYR A 232 -3.55 -10.30 35.03
N HIS A 233 -4.84 -9.88 35.12
CA HIS A 233 -5.26 -8.64 35.82
C HIS A 233 -4.86 -8.66 37.30
N ALA A 234 -4.98 -9.83 37.96
CA ALA A 234 -4.61 -9.99 39.37
C ALA A 234 -3.09 -9.94 39.53
N GLU A 235 -2.62 -8.94 40.29
CA GLU A 235 -1.18 -8.68 40.49
C GLU A 235 -0.53 -9.80 41.32
N ASN A 236 -1.27 -10.33 42.30
CA ASN A 236 -0.82 -11.43 43.18
C ASN A 236 -0.89 -12.79 42.47
N LEU A 237 -1.55 -12.83 41.29
CA LEU A 237 -1.78 -14.07 40.54
C LEU A 237 -1.11 -14.05 39.16
N LYS A 238 -0.57 -12.91 38.72
CA LYS A 238 0.08 -12.83 37.40
C LYS A 238 1.42 -13.58 37.47
N GLY A 239 1.56 -14.61 36.63
CA GLY A 239 2.74 -15.48 36.66
C GLY A 239 2.79 -16.37 37.91
N LYS A 240 1.60 -16.74 38.41
CA LYS A 240 1.44 -17.62 39.59
C LYS A 240 1.04 -19.02 39.08
N ALA A 241 1.67 -20.07 39.62
CA ALA A 241 1.42 -21.46 39.22
C ALA A 241 -0.01 -21.89 39.60
N ALA A 242 -0.82 -22.20 38.59
CA ALA A 242 -2.25 -22.53 38.74
C ALA A 242 -2.51 -23.99 38.31
N LYS A 243 -3.70 -24.48 38.68
CA LYS A 243 -4.21 -25.80 38.26
C LYS A 243 -5.47 -25.60 37.44
N PHE A 244 -5.69 -26.42 36.40
CA PHE A 244 -6.92 -26.39 35.60
C PHE A 244 -7.35 -27.81 35.27
N ALA A 245 -8.47 -28.24 35.88
CA ALA A 245 -9.02 -29.57 35.64
C ALA A 245 -9.82 -29.57 34.33
N ILE A 246 -9.08 -29.77 33.25
CA ILE A 246 -9.58 -29.74 31.89
C ILE A 246 -10.44 -30.99 31.62
N ASN A 247 -11.76 -30.79 31.52
CA ASN A 247 -12.70 -31.86 31.12
C ASN A 247 -12.87 -31.77 29.61
N LEU A 248 -11.90 -32.36 28.92
CA LEU A 248 -11.83 -32.39 27.46
C LEU A 248 -12.96 -33.30 26.91
N LYS A 249 -14.06 -32.65 26.44
CA LYS A 249 -15.30 -33.35 26.06
C LYS A 249 -15.31 -33.68 24.56
N LYS A 250 -14.73 -32.78 23.74
CA LYS A 250 -14.67 -32.93 22.26
C LYS A 250 -13.35 -32.39 21.71
N VAL A 251 -12.89 -33.02 20.62
CA VAL A 251 -11.87 -32.43 19.72
C VAL A 251 -12.47 -32.42 18.31
N GLU A 252 -12.34 -31.28 17.60
CA GLU A 252 -12.82 -31.14 16.22
C GLU A 252 -11.63 -30.80 15.29
N GLU A 253 -11.45 -31.67 14.30
CA GLU A 253 -10.34 -31.67 13.34
C GLU A 253 -10.69 -30.86 12.08
N ARG A 254 -9.69 -30.21 11.50
CA ARG A 254 -9.85 -29.48 10.22
C ARG A 254 -9.91 -30.46 9.04
N GLU A 255 -10.44 -29.97 7.93
CA GLU A 255 -10.60 -30.73 6.70
C GLU A 255 -9.88 -30.07 5.54
N LEU A 256 -9.50 -30.91 4.57
CA LEU A 256 -9.03 -30.48 3.27
C LEU A 256 -10.25 -30.42 2.33
N PRO A 257 -10.71 -29.20 1.90
CA PRO A 257 -11.82 -29.04 0.94
C PRO A 257 -11.54 -29.74 -0.42
N GLU A 258 -12.55 -29.72 -1.29
CA GLU A 258 -12.59 -30.55 -2.52
C GLU A 258 -11.46 -30.26 -3.50
N LEU A 259 -11.29 -31.18 -4.45
CA LEU A 259 -10.37 -31.05 -5.59
C LEU A 259 -11.16 -31.19 -6.92
N THR A 260 -12.52 -31.33 -6.79
CA THR A 260 -13.50 -31.40 -7.91
C THR A 260 -13.26 -30.24 -8.90
N ALA A 261 -13.31 -30.53 -10.24
CA ALA A 261 -12.84 -29.60 -11.31
C ALA A 261 -13.46 -28.18 -11.19
N GLU A 262 -14.76 -28.11 -10.87
CA GLU A 262 -15.48 -26.83 -10.67
C GLU A 262 -14.92 -26.03 -9.47
N PHE A 263 -14.54 -26.74 -8.41
CA PHE A 263 -14.06 -26.13 -7.16
C PHE A 263 -12.59 -25.67 -7.29
N ILE A 264 -11.71 -26.58 -7.77
CA ILE A 264 -10.28 -26.30 -8.00
C ILE A 264 -10.11 -25.11 -8.98
N LYS A 265 -10.95 -25.05 -10.03
CA LYS A 265 -10.90 -23.95 -11.01
C LYS A 265 -11.46 -22.62 -10.42
N ARG A 266 -12.24 -22.74 -9.31
CA ARG A 266 -12.92 -21.56 -8.69
C ARG A 266 -11.88 -20.60 -8.08
N PHE A 267 -10.71 -21.13 -7.73
CA PHE A 267 -9.57 -20.35 -7.18
C PHE A 267 -8.87 -19.52 -8.28
N GLY A 268 -9.36 -19.61 -9.53
CA GLY A 268 -8.80 -18.88 -10.66
C GLY A 268 -7.79 -19.72 -11.40
N VAL A 269 -8.19 -20.97 -11.71
CA VAL A 269 -7.36 -21.94 -12.44
C VAL A 269 -8.15 -22.37 -13.69
N GLU A 270 -7.89 -21.70 -14.82
CA GLU A 270 -8.55 -21.96 -16.12
C GLU A 270 -8.30 -23.41 -16.55
N ASP A 271 -7.11 -23.89 -16.21
CA ASP A 271 -6.69 -25.28 -16.37
C ASP A 271 -6.93 -26.04 -15.04
N GLY A 272 -8.22 -26.21 -14.69
CA GLY A 272 -8.64 -26.85 -13.43
C GLY A 272 -8.47 -28.38 -13.41
N SER A 273 -7.28 -28.86 -13.77
CA SER A 273 -6.87 -30.28 -13.69
C SER A 273 -5.90 -30.43 -12.51
N VAL A 274 -5.67 -31.66 -12.02
CA VAL A 274 -4.87 -31.91 -10.79
C VAL A 274 -3.36 -31.68 -11.06
N GLU A 275 -2.78 -32.56 -11.89
CA GLU A 275 -1.39 -32.44 -12.37
C GLU A 275 -1.18 -31.10 -13.11
N GLY A 276 -2.28 -30.63 -13.74
CA GLY A 276 -2.33 -29.33 -14.38
C GLY A 276 -2.23 -28.18 -13.39
N LEU A 277 -2.82 -28.36 -12.17
CA LEU A 277 -2.81 -27.34 -11.10
C LEU A 277 -1.40 -27.18 -10.57
N ARG A 278 -0.77 -28.34 -10.28
CA ARG A 278 0.58 -28.40 -9.72
C ARG A 278 1.58 -27.63 -10.62
N ALA A 279 1.56 -27.99 -11.91
CA ALA A 279 2.44 -27.38 -12.93
C ALA A 279 2.12 -25.89 -13.15
N GLU A 280 0.80 -25.56 -13.20
CA GLU A 280 0.31 -24.17 -13.41
C GLU A 280 0.84 -23.23 -12.32
N VAL A 281 0.45 -23.56 -11.08
CA VAL A 281 0.81 -22.80 -9.89
C VAL A 281 2.33 -22.77 -9.71
N ARG A 282 3.04 -23.85 -10.10
CA ARG A 282 4.52 -23.91 -10.04
C ARG A 282 5.19 -22.83 -10.95
N LYS A 283 4.74 -22.75 -12.21
CA LYS A 283 5.22 -21.71 -13.17
C LYS A 283 4.94 -20.30 -12.64
N ASN A 284 3.73 -20.14 -12.09
CA ASN A 284 3.28 -18.88 -11.47
C ASN A 284 4.06 -18.58 -10.17
N MET A 285 4.52 -19.66 -9.49
CA MET A 285 5.38 -19.56 -8.30
C MET A 285 6.76 -19.05 -8.71
N GLU A 286 7.25 -19.44 -9.90
CA GLU A 286 8.55 -18.93 -10.43
C GLU A 286 8.53 -17.40 -10.59
N ARG A 287 7.46 -16.89 -11.21
CA ARG A 287 7.20 -15.45 -11.38
C ARG A 287 7.14 -14.76 -9.99
N GLU A 288 6.33 -15.35 -9.09
CA GLU A 288 6.13 -14.84 -7.72
C GLU A 288 7.43 -14.88 -6.89
N LEU A 289 8.24 -15.92 -7.15
CA LEU A 289 9.47 -16.23 -6.40
C LEU A 289 10.53 -15.18 -6.72
N LYS A 290 10.78 -14.96 -8.03
CA LYS A 290 11.81 -14.02 -8.48
C LYS A 290 11.42 -12.57 -8.07
N SER A 291 10.11 -12.27 -8.07
CA SER A 291 9.57 -10.99 -7.58
C SER A 291 9.82 -10.82 -6.07
N ALA A 292 9.64 -11.94 -5.32
CA ALA A 292 9.90 -11.98 -3.86
C ALA A 292 11.39 -11.70 -3.55
N ILE A 293 12.31 -12.43 -4.25
CA ILE A 293 13.77 -12.22 -4.13
C ILE A 293 14.14 -10.78 -4.50
N ARG A 294 13.51 -10.26 -5.57
CA ARG A 294 13.80 -8.91 -6.10
C ARG A 294 13.50 -7.84 -5.04
N ASN A 295 12.28 -7.93 -4.47
CA ASN A 295 11.78 -6.97 -3.44
C ASN A 295 12.59 -7.10 -2.13
N ARG A 296 12.93 -8.35 -1.78
CA ARG A 296 13.70 -8.69 -0.55
C ARG A 296 15.10 -8.03 -0.60
N VAL A 297 15.86 -8.36 -1.66
CA VAL A 297 17.21 -7.84 -1.89
C VAL A 297 17.19 -6.31 -2.05
N LYS A 298 16.17 -5.78 -2.76
CA LYS A 298 16.01 -4.32 -2.98
C LYS A 298 15.79 -3.58 -1.66
N SER A 299 14.90 -4.11 -0.79
CA SER A 299 14.53 -3.46 0.49
C SER A 299 15.71 -3.49 1.49
N GLN A 300 16.46 -4.61 1.52
CA GLN A 300 17.68 -4.74 2.34
C GLN A 300 18.77 -3.76 1.86
N ALA A 301 18.83 -3.59 0.52
CA ALA A 301 19.72 -2.61 -0.12
C ALA A 301 19.34 -1.17 0.28
N ILE A 302 18.02 -0.88 0.34
CA ILE A 302 17.50 0.46 0.75
C ILE A 302 17.92 0.78 2.20
N GLU A 303 17.63 -0.18 3.09
CA GLU A 303 18.01 -0.13 4.52
C GLU A 303 19.51 0.21 4.67
N GLY A 304 20.35 -0.62 4.01
CA GLY A 304 21.78 -0.47 4.06
C GLY A 304 22.30 0.79 3.34
N LEU A 305 21.58 1.24 2.30
CA LEU A 305 21.97 2.41 1.47
C LEU A 305 21.93 3.66 2.34
N VAL A 306 20.76 3.87 2.96
CA VAL A 306 20.55 5.01 3.87
C VAL A 306 21.52 4.91 5.05
N LYS A 307 21.64 3.69 5.61
CA LYS A 307 22.56 3.38 6.72
C LYS A 307 24.03 3.77 6.39
N ALA A 308 24.41 3.57 5.11
CA ALA A 308 25.77 3.82 4.61
C ALA A 308 26.05 5.31 4.38
N ASN A 309 24.99 6.16 4.38
CA ASN A 309 25.13 7.61 4.09
C ASN A 309 24.63 8.47 5.26
N ASP A 310 25.06 9.74 5.26
CA ASP A 310 24.53 10.79 6.14
C ASP A 310 24.31 12.06 5.32
N ILE A 311 23.05 12.52 5.28
CA ILE A 311 22.65 13.76 4.60
C ILE A 311 21.38 14.30 5.28
N ASP A 312 21.36 15.60 5.60
CA ASP A 312 20.18 16.28 6.13
C ASP A 312 19.33 16.76 4.96
N VAL A 313 18.06 16.30 4.89
CA VAL A 313 17.12 16.68 3.84
C VAL A 313 16.61 18.12 4.09
N PRO A 314 16.68 19.05 3.06
CA PRO A 314 16.09 20.41 3.15
C PRO A 314 14.56 20.39 3.42
N ALA A 315 14.08 21.46 4.08
CA ALA A 315 12.70 21.58 4.60
C ALA A 315 11.64 21.44 3.48
N ALA A 316 11.98 21.90 2.27
CA ALA A 316 11.08 21.92 1.10
C ALA A 316 10.73 20.48 0.62
N LEU A 317 11.76 19.61 0.55
CA LEU A 317 11.59 18.19 0.14
C LEU A 317 10.81 17.42 1.21
N ILE A 318 11.06 17.77 2.48
CA ILE A 318 10.30 17.25 3.62
C ILE A 318 8.82 17.62 3.46
N ASP A 319 8.55 18.90 3.17
CA ASP A 319 7.17 19.40 2.98
C ASP A 319 6.45 18.58 1.89
N SER A 320 7.12 18.41 0.74
CA SER A 320 6.57 17.66 -0.41
C SER A 320 6.20 16.19 -0.06
N GLU A 321 7.18 15.42 0.44
CA GLU A 321 7.03 13.96 0.67
C GLU A 321 6.15 13.65 1.89
N ILE A 322 6.31 14.43 2.98
CA ILE A 322 5.43 14.35 4.16
C ILE A 322 3.99 14.70 3.75
N ASP A 323 3.83 15.70 2.84
CA ASP A 323 2.52 16.11 2.29
C ASP A 323 1.82 14.95 1.57
N VAL A 324 2.58 14.24 0.71
CA VAL A 324 2.08 13.01 0.04
C VAL A 324 1.60 12.00 1.11
N LEU A 325 2.42 11.83 2.18
CA LEU A 325 2.09 10.92 3.30
C LEU A 325 0.96 11.45 4.20
N ARG A 326 0.67 12.77 4.15
CA ARG A 326 -0.45 13.37 4.91
C ARG A 326 -1.77 13.00 4.26
N ARG A 327 -1.82 13.13 2.93
CA ARG A 327 -2.99 12.75 2.12
C ARG A 327 -3.21 11.22 2.22
N GLN A 328 -2.09 10.49 2.09
CA GLN A 328 -2.02 9.01 2.21
C GLN A 328 -2.46 8.54 3.61
N ALA A 329 -2.07 9.30 4.65
CA ALA A 329 -2.44 9.00 6.06
C ALA A 329 -3.94 9.16 6.24
N ALA A 330 -4.44 10.37 5.90
CA ALA A 330 -5.85 10.76 6.10
C ALA A 330 -6.82 9.81 5.38
N GLN A 331 -6.42 9.36 4.18
CA GLN A 331 -7.15 8.35 3.39
C GLN A 331 -7.43 7.09 4.24
N ARG A 332 -6.42 6.70 5.04
CA ARG A 332 -6.50 5.51 5.92
C ARG A 332 -7.18 5.90 7.26
N PHE A 333 -6.86 7.10 7.75
CA PHE A 333 -7.24 7.62 9.07
C PHE A 333 -8.59 8.33 8.96
N GLY A 334 -9.64 7.55 8.66
CA GLY A 334 -11.03 8.02 8.69
C GLY A 334 -11.48 8.84 7.48
N GLY A 335 -10.53 9.54 6.80
CA GLY A 335 -10.84 10.49 5.71
C GLY A 335 -10.77 11.93 6.18
N ASN A 336 -9.68 12.27 6.91
CA ASN A 336 -9.46 13.65 7.43
C ASN A 336 -9.05 14.59 6.27
N GLU A 337 -10.08 15.21 5.67
CA GLU A 337 -9.95 16.07 4.48
C GLU A 337 -9.59 17.49 4.97
N LYS A 338 -8.48 18.05 4.41
CA LYS A 338 -7.83 19.33 4.82
C LYS A 338 -7.01 19.16 6.13
N GLN A 339 -7.55 18.41 7.08
CA GLN A 339 -6.88 18.05 8.34
C GLN A 339 -5.58 17.27 8.07
N ALA A 340 -5.57 16.56 6.92
CA ALA A 340 -4.36 15.94 6.34
C ALA A 340 -3.23 16.97 6.22
N LEU A 341 -3.50 18.02 5.44
CA LEU A 341 -2.49 19.03 5.03
C LEU A 341 -2.03 19.88 6.22
N GLU A 342 -2.82 19.85 7.31
CA GLU A 342 -2.54 20.62 8.54
C GLU A 342 -1.51 19.90 9.44
N LEU A 343 -1.35 18.55 9.26
CA LEU A 343 -0.41 17.75 10.06
C LEU A 343 1.04 18.30 9.88
N PRO A 344 1.74 18.77 10.96
CA PRO A 344 3.13 19.28 10.84
C PRO A 344 4.15 18.15 10.51
N ARG A 345 5.35 18.56 10.04
CA ARG A 345 6.39 17.66 9.47
C ARG A 345 6.67 16.42 10.34
N GLU A 346 6.93 16.65 11.65
CA GLU A 346 7.36 15.61 12.62
C GLU A 346 6.28 14.54 12.89
N LEU A 347 5.06 14.72 12.34
CA LEU A 347 4.00 13.68 12.35
C LEU A 347 4.48 12.42 11.59
N PHE A 348 5.28 12.64 10.52
CA PHE A 348 5.76 11.56 9.63
C PHE A 348 7.28 11.52 9.56
N GLU A 349 7.91 12.70 9.74
CA GLU A 349 9.34 12.97 9.44
C GLU A 349 10.30 11.91 10.05
N GLU A 350 9.86 11.28 11.17
CA GLU A 350 10.60 10.21 11.87
C GLU A 350 11.14 9.14 10.88
N GLN A 351 10.24 8.61 10.04
CA GLN A 351 10.59 7.64 8.97
C GLN A 351 10.59 8.32 7.59
N ALA A 352 9.81 9.40 7.45
CA ALA A 352 9.54 10.04 6.15
C ALA A 352 10.76 10.76 5.59
N LYS A 353 11.50 11.46 6.47
CA LYS A 353 12.73 12.17 6.08
C LYS A 353 13.77 11.14 5.61
N ARG A 354 13.75 9.95 6.26
CA ARG A 354 14.60 8.80 5.87
C ARG A 354 14.19 8.30 4.46
N ARG A 355 12.87 8.24 4.21
CA ARG A 355 12.32 7.85 2.90
C ARG A 355 12.74 8.84 1.80
N VAL A 356 12.86 10.15 2.14
CA VAL A 356 13.36 11.16 1.18
C VAL A 356 14.86 10.90 0.91
N VAL A 357 15.63 10.59 2.00
CA VAL A 357 17.06 10.24 1.90
C VAL A 357 17.27 9.10 0.88
N VAL A 358 16.40 8.05 0.95
CA VAL A 358 16.41 6.91 -0.01
C VAL A 358 16.46 7.42 -1.47
N GLY A 359 15.54 8.34 -1.78
CA GLY A 359 15.38 8.87 -3.14
C GLY A 359 16.50 9.82 -3.57
N LEU A 360 17.02 10.61 -2.62
CA LEU A 360 18.13 11.55 -2.89
C LEU A 360 19.43 10.79 -3.23
N LEU A 361 19.65 9.69 -2.50
CA LEU A 361 20.78 8.77 -2.74
C LEU A 361 20.61 8.08 -4.10
N LEU A 362 19.40 7.55 -4.36
CA LEU A 362 19.05 6.88 -5.64
C LEU A 362 18.84 7.87 -6.81
N GLY A 363 18.84 9.17 -6.50
CA GLY A 363 18.91 10.22 -7.53
C GLY A 363 20.35 10.51 -7.89
N GLU A 364 21.19 10.55 -6.83
CA GLU A 364 22.63 10.78 -6.97
C GLU A 364 23.33 9.58 -7.62
N VAL A 365 22.79 8.36 -7.45
CA VAL A 365 23.29 7.16 -8.18
C VAL A 365 23.13 7.38 -9.70
N ILE A 366 21.97 7.93 -10.11
CA ILE A 366 21.68 8.24 -11.53
C ILE A 366 22.67 9.30 -12.04
N ARG A 367 22.85 10.40 -11.29
CA ARG A 367 23.74 11.49 -11.71
C ARG A 367 25.22 11.02 -11.74
N THR A 368 25.75 10.70 -10.55
CA THR A 368 27.18 10.28 -10.35
C THR A 368 27.59 9.10 -11.26
N ASN A 369 26.78 8.02 -11.25
CA ASN A 369 27.11 6.77 -12.00
C ASN A 369 26.51 6.83 -13.44
N GLU A 370 26.10 8.06 -13.90
CA GLU A 370 25.56 8.33 -15.28
C GLU A 370 24.51 7.26 -15.71
N LEU A 371 23.75 6.82 -14.71
CA LEU A 371 22.90 5.64 -14.79
C LEU A 371 21.53 5.98 -15.42
N LYS A 372 21.14 5.19 -16.43
CA LYS A 372 19.83 5.24 -17.06
C LYS A 372 19.26 3.81 -17.16
N ALA A 373 18.02 3.69 -17.68
CA ALA A 373 17.34 2.39 -17.81
C ALA A 373 18.08 1.44 -18.76
N ASP A 374 18.48 0.26 -18.24
CA ASP A 374 19.25 -0.75 -18.99
C ASP A 374 18.40 -1.39 -20.08
N GLU A 375 18.89 -1.28 -21.33
CA GLU A 375 18.15 -1.71 -22.54
C GLU A 375 17.72 -3.18 -22.45
N GLU A 376 18.64 -4.04 -21.99
CA GLU A 376 18.42 -5.49 -21.91
C GLU A 376 17.47 -5.85 -20.75
N ARG A 377 17.39 -4.95 -19.75
CA ARG A 377 16.52 -5.16 -18.57
C ARG A 377 15.06 -4.83 -18.97
N VAL A 378 14.92 -3.69 -19.68
CA VAL A 378 13.65 -3.24 -20.31
C VAL A 378 13.08 -4.34 -21.22
N LYS A 379 13.82 -4.62 -22.31
CA LYS A 379 13.41 -5.61 -23.33
C LYS A 379 13.27 -7.01 -22.71
N GLY A 380 14.18 -7.35 -21.76
CA GLY A 380 14.16 -8.63 -21.06
C GLY A 380 12.84 -8.92 -20.34
N LEU A 381 12.41 -7.99 -19.46
CA LEU A 381 11.15 -8.17 -18.69
C LEU A 381 9.92 -8.11 -19.62
N ILE A 382 10.01 -7.28 -20.70
CA ILE A 382 8.97 -7.22 -21.76
C ILE A 382 8.80 -8.59 -22.43
N GLU A 383 9.93 -9.27 -22.73
CA GLU A 383 9.95 -10.60 -23.38
C GLU A 383 9.36 -11.68 -22.45
N GLU A 384 9.75 -11.65 -21.16
CA GLU A 384 9.24 -12.61 -20.14
C GLU A 384 7.72 -12.44 -19.92
N MET A 385 7.26 -11.17 -19.99
CA MET A 385 5.83 -10.82 -19.90
C MET A 385 5.07 -11.24 -21.18
N ALA A 386 5.71 -11.00 -22.34
CA ALA A 386 5.08 -11.19 -23.67
C ALA A 386 4.80 -12.67 -23.98
N SER A 387 5.82 -13.50 -23.71
CA SER A 387 5.79 -14.95 -23.98
C SER A 387 4.75 -15.67 -23.09
N ALA A 388 4.33 -15.01 -22.00
CA ALA A 388 3.29 -15.52 -21.08
C ALA A 388 1.88 -15.48 -21.74
N TYR A 389 1.70 -14.60 -22.75
CA TYR A 389 0.39 -14.42 -23.44
C TYR A 389 0.40 -15.09 -24.82
N GLU A 390 -0.71 -14.97 -25.57
CA GLU A 390 -0.96 -15.74 -26.80
C GLU A 390 0.06 -15.39 -27.89
N ASP A 391 0.19 -14.10 -28.16
CA ASP A 391 1.05 -13.59 -29.25
C ASP A 391 1.68 -12.25 -28.81
N PRO A 392 3.05 -12.11 -28.88
CA PRO A 392 3.79 -10.94 -28.34
C PRO A 392 3.42 -9.58 -28.97
N LYS A 393 2.87 -9.60 -30.20
CA LYS A 393 2.55 -8.36 -30.96
C LYS A 393 1.58 -7.45 -30.19
N GLU A 394 0.66 -8.04 -29.37
CA GLU A 394 -0.24 -7.26 -28.51
C GLU A 394 0.62 -6.39 -27.55
N VAL A 395 1.64 -7.03 -26.95
CA VAL A 395 2.46 -6.45 -25.88
C VAL A 395 3.34 -5.31 -26.47
N ILE A 396 4.17 -5.71 -27.44
CA ILE A 396 5.17 -4.83 -28.08
C ILE A 396 4.48 -3.63 -28.74
N GLU A 397 3.51 -3.89 -29.64
CA GLU A 397 2.93 -2.83 -30.49
C GLU A 397 1.99 -1.90 -29.72
N PHE A 398 1.26 -2.43 -28.69
CA PHE A 398 0.41 -1.60 -27.83
C PHE A 398 1.27 -0.64 -26.98
N TYR A 399 2.26 -1.20 -26.25
CA TYR A 399 3.03 -0.43 -25.25
C TYR A 399 4.09 0.50 -25.86
N SER A 400 4.71 0.11 -26.98
CA SER A 400 5.70 0.97 -27.69
C SER A 400 5.08 2.31 -28.13
N LYS A 401 3.75 2.29 -28.34
CA LYS A 401 2.97 3.47 -28.76
C LYS A 401 2.04 3.95 -27.62
N ASN A 402 2.20 3.39 -26.41
CA ASN A 402 1.40 3.79 -25.23
C ASN A 402 2.34 4.36 -24.15
N LYS A 403 2.38 5.71 -24.09
CA LYS A 403 3.21 6.50 -23.15
C LYS A 403 3.09 6.00 -21.69
N GLU A 404 1.83 5.70 -21.30
CA GLU A 404 1.41 5.37 -19.93
C GLU A 404 2.35 4.34 -19.25
N LEU A 405 2.70 3.29 -19.99
CA LEU A 405 3.66 2.29 -19.49
C LEU A 405 5.05 2.51 -20.10
N MET A 406 5.16 3.25 -21.23
CA MET A 406 6.42 3.31 -22.02
C MET A 406 7.51 4.13 -21.29
N ASP A 407 7.13 5.24 -20.61
CA ASP A 407 8.09 5.99 -19.77
C ASP A 407 8.26 5.30 -18.42
N ASN A 408 7.15 4.73 -17.89
CA ASN A 408 7.16 3.89 -16.66
C ASN A 408 8.12 2.69 -16.83
N MET A 409 8.25 2.20 -18.07
CA MET A 409 9.12 1.07 -18.44
C MET A 409 10.59 1.45 -18.26
N ARG A 410 10.87 2.73 -18.53
CA ARG A 410 12.18 3.30 -18.31
C ARG A 410 12.40 3.56 -16.80
N ASN A 411 11.37 4.07 -16.09
CA ASN A 411 11.47 4.37 -14.62
C ASN A 411 11.71 3.12 -13.77
N VAL A 412 11.03 2.00 -14.11
CA VAL A 412 11.15 0.75 -13.35
C VAL A 412 12.57 0.18 -13.50
N ALA A 413 13.04 0.03 -14.75
CA ALA A 413 14.38 -0.52 -15.05
C ALA A 413 15.50 0.44 -14.56
N LEU A 414 15.18 1.75 -14.56
CA LEU A 414 16.04 2.82 -14.02
C LEU A 414 16.31 2.58 -12.53
N GLU A 415 15.23 2.44 -11.75
CA GLU A 415 15.31 2.30 -10.28
C GLU A 415 15.87 0.92 -9.89
N GLU A 416 15.54 -0.11 -10.68
CA GLU A 416 16.06 -1.48 -10.49
C GLU A 416 17.58 -1.48 -10.62
N GLN A 417 18.10 -0.99 -11.76
CA GLN A 417 19.55 -0.90 -12.00
C GLN A 417 20.22 0.12 -11.05
N ALA A 418 19.46 1.14 -10.62
CA ALA A 418 19.94 2.14 -9.63
C ALA A 418 20.36 1.45 -8.32
N VAL A 419 19.44 0.63 -7.81
CA VAL A 419 19.67 -0.20 -6.62
C VAL A 419 20.77 -1.24 -6.91
N GLU A 420 20.71 -1.89 -8.10
CA GLU A 420 21.64 -2.98 -8.49
C GLU A 420 23.08 -2.49 -8.73
N ALA A 421 23.25 -1.19 -9.00
CA ALA A 421 24.58 -0.54 -9.07
C ALA A 421 25.16 -0.35 -7.66
N VAL A 422 24.25 -0.20 -6.67
CA VAL A 422 24.62 -0.10 -5.25
C VAL A 422 24.93 -1.52 -4.75
N LEU A 423 24.21 -2.52 -5.29
CA LEU A 423 24.43 -3.96 -5.02
C LEU A 423 25.80 -4.41 -5.58
N ALA A 424 26.18 -3.86 -6.74
CA ALA A 424 27.49 -4.12 -7.38
C ALA A 424 28.66 -3.58 -6.51
N LYS A 425 28.35 -2.64 -5.61
CA LYS A 425 29.32 -2.10 -4.61
C LYS A 425 29.16 -2.85 -3.26
N ALA A 426 27.93 -3.30 -2.98
CA ALA A 426 27.55 -3.92 -1.70
C ALA A 426 27.92 -5.41 -1.65
N LYS A 427 28.08 -5.94 -0.43
CA LYS A 427 28.32 -7.36 -0.18
C LYS A 427 26.99 -8.13 -0.31
N VAL A 428 26.65 -8.49 -1.55
CA VAL A 428 25.45 -9.29 -1.85
C VAL A 428 25.78 -10.77 -1.66
N THR A 429 25.67 -11.23 -0.40
CA THR A 429 25.98 -12.60 0.00
C THR A 429 24.81 -13.54 -0.39
N GLU A 430 24.97 -14.21 -1.55
CA GLU A 430 23.99 -15.15 -2.09
C GLU A 430 24.16 -16.52 -1.41
N LYS A 431 23.04 -17.05 -0.87
CA LYS A 431 23.03 -18.39 -0.25
C LYS A 431 21.58 -18.89 -0.16
N GLU A 432 21.43 -20.21 0.05
CA GLU A 432 20.12 -20.83 0.29
C GLU A 432 19.58 -20.45 1.67
N THR A 433 18.26 -20.42 1.80
CA THR A 433 17.56 -20.14 3.06
C THR A 433 16.33 -21.05 3.19
N THR A 434 15.57 -20.86 4.28
CA THR A 434 14.29 -21.54 4.50
C THR A 434 13.25 -21.12 3.45
N PHE A 435 12.27 -22.00 3.20
CA PHE A 435 11.23 -21.81 2.17
C PHE A 435 10.38 -20.54 2.47
N ASN A 436 9.75 -20.53 3.65
CA ASN A 436 8.80 -19.46 4.04
C ASN A 436 9.48 -18.18 4.57
N GLU A 437 10.83 -18.10 4.45
CA GLU A 437 11.61 -16.86 4.69
C GLU A 437 11.08 -15.67 3.86
N LEU A 438 10.67 -15.95 2.61
CA LEU A 438 10.05 -14.95 1.70
C LEU A 438 8.55 -15.27 1.48
N MET A 439 8.20 -16.55 1.70
CA MET A 439 6.84 -17.09 1.53
C MET A 439 5.98 -16.79 2.80
N ASN A 440 6.09 -15.59 3.37
CA ASN A 440 5.51 -15.25 4.70
C ASN A 440 3.94 -15.21 4.76
N GLN A 441 3.23 -15.53 3.65
CA GLN A 441 1.74 -15.52 3.65
C GLN A 441 1.15 -16.84 4.21
N GLN A 442 1.29 -17.04 5.53
CA GLN A 442 0.64 -18.13 6.29
C GLN A 442 -0.14 -17.51 7.44
N ALA A 443 0.57 -16.78 8.32
CA ALA A 443 0.00 -16.12 9.51
C ALA A 443 1.00 -15.06 10.04
N MET B 2 -0.20 -20.55 56.54
CA MET B 2 -0.75 -19.37 57.23
C MET B 2 -2.18 -19.10 56.69
N LYS B 3 -2.26 -18.46 55.51
CA LYS B 3 -3.52 -18.15 54.80
C LYS B 3 -3.32 -18.31 53.29
N GLN B 4 -4.28 -17.84 52.48
CA GLN B 4 -4.26 -17.98 51.01
C GLN B 4 -5.05 -16.83 50.36
N SER B 5 -4.84 -16.62 49.05
CA SER B 5 -5.58 -15.62 48.26
C SER B 5 -5.90 -16.18 46.88
N THR B 6 -7.08 -15.80 46.34
CA THR B 6 -7.51 -16.20 45.00
C THR B 6 -8.44 -15.12 44.42
N ILE B 7 -8.77 -15.26 43.13
CA ILE B 7 -9.62 -14.31 42.39
C ILE B 7 -11.09 -14.77 42.39
N ALA B 8 -12.01 -13.80 42.37
CA ALA B 8 -13.44 -14.03 42.16
C ALA B 8 -13.84 -13.62 40.73
N LEU B 9 -13.09 -12.62 40.20
CA LEU B 9 -13.20 -12.02 38.84
C LEU B 9 -14.61 -11.51 38.47
N ALA B 10 -14.63 -10.59 37.50
CA ALA B 10 -15.83 -9.94 36.98
C ALA B 10 -15.41 -9.02 35.83
N LEU B 11 -14.27 -8.33 36.05
CA LEU B 11 -13.64 -7.44 35.05
C LEU B 11 -12.69 -8.22 34.10
N LEU B 12 -12.49 -9.52 34.35
CA LEU B 12 -11.56 -10.35 33.57
C LEU B 12 -11.98 -11.84 33.67
N PRO B 13 -12.66 -12.40 32.63
CA PRO B 13 -12.97 -13.84 32.55
C PRO B 13 -11.82 -14.64 31.85
N LEU B 14 -11.60 -15.89 32.29
CA LEU B 14 -10.53 -16.77 31.74
C LEU B 14 -10.88 -17.28 30.34
N LEU B 15 -12.19 -17.34 30.01
CA LEU B 15 -12.69 -17.93 28.76
C LEU B 15 -12.58 -16.90 27.60
N PHE B 16 -11.34 -16.59 27.20
CA PHE B 16 -11.02 -15.54 26.20
C PHE B 16 -11.45 -15.94 24.78
N THR B 17 -11.64 -17.24 24.54
CA THR B 17 -12.07 -17.77 23.25
C THR B 17 -13.62 -17.93 23.22
N PRO B 18 -14.35 -17.11 22.42
CA PRO B 18 -15.82 -17.22 22.27
C PRO B 18 -16.23 -18.26 21.20
N VAL B 19 -17.54 -18.57 21.11
CA VAL B 19 -18.06 -19.51 20.12
C VAL B 19 -18.15 -18.80 18.74
N THR B 20 -17.10 -19.00 17.93
CA THR B 20 -16.95 -18.37 16.62
C THR B 20 -17.90 -19.01 15.58
N LYS B 21 -17.92 -20.35 15.54
CA LYS B 21 -18.87 -21.12 14.71
C LYS B 21 -19.91 -21.79 15.61
N ALA B 22 -21.19 -21.46 15.38
CA ALA B 22 -22.33 -22.04 16.11
C ALA B 22 -23.45 -22.37 15.14
N ARG B 23 -23.42 -23.61 14.62
CA ARG B 23 -24.52 -24.19 13.82
C ARG B 23 -24.96 -25.48 14.48
N THR B 24 -26.09 -25.42 15.17
CA THR B 24 -26.80 -26.60 15.66
C THR B 24 -27.63 -27.18 14.48
N PRO B 25 -27.87 -28.54 14.43
CA PRO B 25 -28.59 -29.23 13.33
C PRO B 25 -29.80 -28.46 12.73
N GLU B 26 -29.58 -27.87 11.53
CA GLU B 26 -30.62 -27.21 10.73
C GLU B 26 -30.47 -27.60 9.25
N MET B 27 -31.49 -27.24 8.45
CA MET B 27 -31.55 -27.58 7.02
C MET B 27 -31.37 -26.31 6.17
N PRO B 28 -30.66 -26.39 5.00
CA PRO B 28 -30.53 -25.26 4.05
C PRO B 28 -31.91 -24.86 3.48
N VAL B 29 -32.47 -23.74 4.00
CA VAL B 29 -33.80 -23.26 3.61
C VAL B 29 -33.79 -22.83 2.12
N LEU B 30 -34.26 -23.74 1.29
CA LEU B 30 -34.42 -23.55 -0.15
C LEU B 30 -35.79 -24.11 -0.52
N GLU B 31 -36.67 -23.23 -1.00
CA GLU B 31 -38.07 -23.59 -1.31
C GLU B 31 -38.18 -24.30 -2.68
N ASN B 32 -38.44 -23.55 -3.77
CA ASN B 32 -38.71 -24.09 -5.13
C ASN B 32 -39.90 -25.09 -5.12
N ARG B 33 -40.75 -24.94 -4.10
CA ARG B 33 -41.92 -25.80 -3.89
C ARG B 33 -43.09 -25.25 -4.72
N ALA B 34 -43.05 -25.54 -6.02
CA ALA B 34 -44.09 -25.14 -6.97
C ALA B 34 -45.22 -26.18 -6.95
N ALA B 35 -46.03 -26.17 -5.87
CA ALA B 35 -47.17 -27.08 -5.73
C ALA B 35 -48.40 -26.48 -6.45
N GLN B 36 -48.92 -25.35 -5.88
CA GLN B 36 -50.11 -24.60 -6.37
C GLN B 36 -51.38 -25.48 -6.41
N GLY B 37 -51.46 -26.40 -7.38
CA GLY B 37 -52.55 -27.36 -7.52
C GLY B 37 -52.02 -28.74 -7.85
N ASP B 38 -52.70 -29.44 -8.78
CA ASP B 38 -52.27 -30.75 -9.31
C ASP B 38 -53.02 -31.01 -10.64
N ILE B 39 -52.36 -31.73 -11.57
CA ILE B 39 -52.88 -31.96 -12.95
C ILE B 39 -53.51 -33.36 -13.11
N THR B 40 -53.38 -34.23 -12.09
CA THR B 40 -53.81 -35.66 -12.14
C THR B 40 -53.08 -36.40 -13.28
N ALA B 41 -51.81 -36.76 -13.03
CA ALA B 41 -50.94 -37.41 -14.03
C ALA B 41 -50.69 -38.88 -13.67
N PRO B 42 -50.98 -39.85 -14.60
CA PRO B 42 -50.53 -41.27 -14.48
C PRO B 42 -48.99 -41.39 -14.33
N GLY B 43 -48.27 -40.42 -14.90
CA GLY B 43 -46.81 -40.39 -14.87
C GLY B 43 -46.20 -41.10 -16.08
N GLY B 44 -45.40 -42.13 -15.82
CA GLY B 44 -44.77 -42.94 -16.87
C GLY B 44 -43.41 -43.43 -16.46
N ALA B 45 -43.36 -44.08 -15.27
CA ALA B 45 -42.11 -44.57 -14.66
C ALA B 45 -41.34 -45.51 -15.61
N ARG B 46 -40.27 -44.98 -16.21
CA ARG B 46 -39.44 -45.68 -17.22
C ARG B 46 -38.18 -46.28 -16.55
N ARG B 47 -37.09 -46.46 -17.33
CA ARG B 47 -35.85 -47.11 -16.86
C ARG B 47 -35.17 -46.31 -15.72
N LEU B 48 -35.54 -46.69 -14.47
CA LEU B 48 -34.83 -46.33 -13.21
C LEU B 48 -34.97 -44.82 -12.81
N THR B 49 -35.46 -43.97 -13.75
CA THR B 49 -35.56 -42.50 -13.61
C THR B 49 -34.16 -41.85 -13.51
N GLY B 50 -33.51 -41.98 -12.34
CA GLY B 50 -32.20 -41.43 -12.09
C GLY B 50 -31.72 -41.78 -10.69
N ASP B 51 -31.18 -42.99 -10.55
CA ASP B 51 -30.82 -43.57 -9.24
C ASP B 51 -29.34 -44.02 -9.22
N GLN B 52 -28.91 -44.71 -10.30
CA GLN B 52 -27.58 -45.36 -10.40
C GLN B 52 -26.40 -44.40 -10.01
N THR B 53 -26.11 -43.39 -10.83
CA THR B 53 -25.21 -42.29 -10.44
C THR B 53 -26.05 -41.01 -10.21
N ALA B 54 -26.33 -40.26 -11.30
CA ALA B 54 -27.24 -39.10 -11.28
C ALA B 54 -28.46 -39.43 -12.14
N ALA B 55 -28.21 -39.46 -13.46
CA ALA B 55 -29.19 -39.75 -14.54
C ALA B 55 -28.52 -39.48 -15.89
N LEU B 56 -29.23 -39.84 -16.98
CA LEU B 56 -28.86 -39.47 -18.37
C LEU B 56 -27.52 -40.09 -18.83
N ARG B 57 -27.01 -39.59 -19.98
CA ARG B 57 -25.76 -40.05 -20.59
C ARG B 57 -24.92 -38.84 -21.02
N ASP B 58 -23.93 -38.47 -20.19
CA ASP B 58 -22.95 -37.42 -20.48
C ASP B 58 -21.61 -38.04 -20.91
N SER B 59 -21.38 -38.12 -22.24
CA SER B 59 -20.14 -38.66 -22.82
C SER B 59 -19.18 -37.51 -23.19
N LEU B 60 -17.97 -37.87 -23.65
CA LEU B 60 -16.90 -36.92 -23.98
C LEU B 60 -16.18 -37.37 -25.25
N SER B 61 -15.64 -36.40 -25.99
CA SER B 61 -14.83 -36.65 -27.18
C SER B 61 -13.34 -36.68 -26.78
N ASP B 62 -12.76 -37.89 -26.74
CA ASP B 62 -11.35 -38.09 -26.35
C ASP B 62 -10.43 -37.85 -27.57
N LYS B 63 -10.79 -38.45 -28.72
CA LYS B 63 -10.02 -38.35 -29.99
C LYS B 63 -10.81 -38.98 -31.17
N PRO B 64 -10.40 -38.73 -32.47
CA PRO B 64 -10.96 -39.38 -33.69
C PRO B 64 -11.36 -40.87 -33.54
N ALA B 65 -10.50 -41.64 -32.82
CA ALA B 65 -10.72 -43.07 -32.45
C ALA B 65 -10.72 -44.00 -33.70
N LYS B 66 -11.83 -44.04 -34.44
CA LYS B 66 -11.98 -44.87 -35.66
C LYS B 66 -12.34 -43.99 -36.86
N ASN B 67 -13.29 -43.07 -36.65
CA ASN B 67 -13.85 -42.23 -37.71
C ASN B 67 -12.89 -41.10 -38.09
N ILE B 68 -12.99 -40.65 -39.36
CA ILE B 68 -12.15 -39.57 -39.91
C ILE B 68 -12.84 -38.21 -39.61
N ILE B 69 -12.85 -37.88 -38.31
CA ILE B 69 -13.32 -36.60 -37.77
C ILE B 69 -12.29 -36.10 -36.75
N LEU B 70 -12.43 -34.85 -36.30
CA LEU B 70 -11.52 -34.26 -35.30
C LEU B 70 -12.14 -34.38 -33.91
N LEU B 71 -13.34 -33.77 -33.76
CA LEU B 71 -14.03 -33.57 -32.46
C LEU B 71 -13.17 -32.68 -31.53
N ILE B 72 -13.53 -32.65 -30.22
CA ILE B 72 -12.78 -31.93 -29.12
C ILE B 72 -12.44 -30.44 -29.47
N GLY B 73 -13.21 -29.83 -30.39
CA GLY B 73 -13.05 -28.42 -30.74
C GLY B 73 -13.74 -27.53 -29.72
N ASP B 74 -14.88 -26.93 -30.13
CA ASP B 74 -15.84 -26.25 -29.21
C ASP B 74 -15.20 -25.07 -28.44
N GLY B 75 -15.93 -24.58 -27.44
CA GLY B 75 -15.44 -23.58 -26.49
C GLY B 75 -16.10 -23.74 -25.13
N MET B 76 -15.57 -23.04 -24.12
CA MET B 76 -16.13 -23.06 -22.75
C MET B 76 -16.91 -21.75 -22.51
N GLY B 77 -18.23 -21.80 -22.75
CA GLY B 77 -19.14 -20.67 -22.49
C GLY B 77 -19.44 -20.53 -21.01
N ASP B 78 -18.50 -19.92 -20.26
CA ASP B 78 -18.58 -19.71 -18.80
C ASP B 78 -19.76 -18.77 -18.44
N SER B 79 -19.52 -17.45 -18.39
CA SER B 79 -20.56 -16.45 -18.17
C SER B 79 -20.92 -15.77 -19.50
N GLU B 80 -20.01 -14.90 -20.00
CA GLU B 80 -20.11 -14.27 -21.32
C GLU B 80 -19.04 -14.89 -22.23
N ILE B 81 -17.76 -14.52 -21.98
CA ILE B 81 -16.55 -15.03 -22.68
C ILE B 81 -16.58 -14.71 -24.20
N THR B 82 -17.39 -15.47 -24.97
CA THR B 82 -17.55 -15.33 -26.43
C THR B 82 -16.20 -15.62 -27.16
N ALA B 83 -15.28 -14.64 -27.16
CA ALA B 83 -13.91 -14.81 -27.65
C ALA B 83 -12.94 -14.25 -26.59
N ALA B 84 -12.58 -12.95 -26.72
CA ALA B 84 -11.61 -12.24 -25.85
C ALA B 84 -11.38 -10.83 -26.39
N ARG B 85 -10.76 -9.96 -25.55
CA ARG B 85 -10.33 -8.59 -25.91
C ARG B 85 -11.54 -7.68 -26.28
N ASN B 86 -11.84 -6.69 -25.44
CA ASN B 86 -12.83 -5.66 -25.82
C ASN B 86 -12.21 -4.76 -26.89
N TYR B 87 -12.68 -4.90 -28.16
CA TYR B 87 -12.14 -4.09 -29.26
C TYR B 87 -12.74 -2.67 -29.18
N ALA B 88 -12.10 -1.87 -28.31
CA ALA B 88 -12.45 -0.48 -28.00
C ALA B 88 -11.45 -0.01 -26.93
N GLU B 89 -10.89 1.20 -27.11
CA GLU B 89 -9.98 1.79 -26.13
C GLU B 89 -10.76 2.21 -24.86
N GLY B 90 -10.88 1.27 -23.91
CA GLY B 90 -11.46 1.54 -22.59
C GLY B 90 -10.37 1.87 -21.58
N ALA B 91 -9.33 1.02 -21.56
CA ALA B 91 -8.16 1.13 -20.68
C ALA B 91 -7.04 0.21 -21.21
N GLY B 92 -7.43 -1.02 -21.59
CA GLY B 92 -6.55 -1.97 -22.26
C GLY B 92 -7.16 -2.44 -23.57
N GLY B 93 -8.06 -3.44 -23.46
CA GLY B 93 -8.76 -4.02 -24.62
C GLY B 93 -7.85 -4.88 -25.50
N PHE B 94 -6.99 -4.18 -26.26
CA PHE B 94 -6.02 -4.77 -27.20
C PHE B 94 -4.94 -5.58 -26.46
N PHE B 95 -4.78 -5.28 -25.15
CA PHE B 95 -3.91 -6.02 -24.25
C PHE B 95 -4.66 -6.28 -22.91
N LYS B 96 -4.27 -7.38 -22.22
CA LYS B 96 -4.83 -7.78 -20.92
C LYS B 96 -3.73 -8.43 -20.07
N GLY B 97 -3.78 -8.21 -18.75
CA GLY B 97 -2.82 -8.79 -17.82
C GLY B 97 -1.54 -7.97 -17.75
N ILE B 98 -1.48 -6.99 -16.85
CA ILE B 98 -0.30 -6.12 -16.68
C ILE B 98 0.00 -5.86 -15.19
N ASP B 99 1.30 -5.92 -14.86
CA ASP B 99 1.83 -5.61 -13.53
C ASP B 99 3.28 -5.07 -13.70
N ALA B 100 4.22 -5.96 -14.10
CA ALA B 100 5.66 -5.65 -14.35
C ALA B 100 6.34 -4.94 -13.15
N LEU B 101 5.84 -5.23 -11.91
CA LEU B 101 6.18 -4.50 -10.67
C LEU B 101 5.77 -3.01 -10.82
N PRO B 102 4.49 -2.65 -10.47
CA PRO B 102 3.97 -1.28 -10.68
C PRO B 102 4.58 -0.26 -9.70
N LEU B 103 5.58 0.51 -10.19
CA LEU B 103 6.14 1.68 -9.50
C LEU B 103 5.23 2.90 -9.80
N THR B 104 5.79 4.12 -9.68
CA THR B 104 5.11 5.36 -10.07
C THR B 104 4.85 5.37 -11.59
N GLY B 105 3.57 5.49 -11.99
CA GLY B 105 3.12 5.27 -13.37
C GLY B 105 3.72 6.21 -14.41
N GLN B 106 4.28 7.34 -13.95
CA GLN B 106 4.97 8.30 -14.84
C GLN B 106 6.39 8.59 -14.30
N TYR B 107 7.15 9.47 -15.00
CA TYR B 107 8.53 9.84 -14.61
C TYR B 107 8.51 10.60 -13.27
N THR B 108 8.75 9.85 -12.18
CA THR B 108 8.66 10.35 -10.80
C THR B 108 9.76 9.70 -9.93
N HIS B 109 10.83 9.20 -10.60
CA HIS B 109 12.01 8.66 -9.90
C HIS B 109 12.87 9.82 -9.35
N TYR B 110 12.50 10.28 -8.15
CA TYR B 110 13.28 11.23 -7.33
C TYR B 110 13.20 10.78 -5.86
N ALA B 111 12.07 10.12 -5.54
CA ALA B 111 11.83 9.43 -4.26
C ALA B 111 10.62 8.52 -4.42
N LEU B 112 10.80 7.22 -4.06
CA LEU B 112 9.75 6.19 -4.19
C LEU B 112 8.70 6.27 -3.04
N ASN B 113 8.87 7.27 -2.14
CA ASN B 113 7.96 7.54 -1.01
C ASN B 113 6.62 8.12 -1.53
N LYS B 114 5.75 7.20 -1.99
CA LYS B 114 4.40 7.49 -2.56
C LYS B 114 3.78 6.19 -3.08
N LYS B 115 4.64 5.26 -3.55
CA LYS B 115 4.21 3.92 -4.00
C LYS B 115 4.03 3.02 -2.75
N THR B 116 2.77 2.95 -2.28
CA THR B 116 2.28 2.06 -1.18
C THR B 116 3.11 2.16 0.14
N GLY B 117 4.28 1.50 0.15
CA GLY B 117 5.21 1.55 1.27
C GLY B 117 5.29 0.25 2.08
N LYS B 118 6.50 -0.04 2.60
CA LYS B 118 6.81 -1.27 3.34
C LYS B 118 6.35 -1.19 4.84
N PRO B 119 6.68 -0.10 5.63
CA PRO B 119 6.22 0.01 7.05
C PRO B 119 4.74 0.41 7.15
N ASP B 120 4.13 0.73 5.98
CA ASP B 120 2.71 1.08 5.86
C ASP B 120 1.88 -0.20 5.73
N TYR B 121 2.48 -1.24 5.10
CA TYR B 121 1.87 -2.56 4.87
C TYR B 121 0.70 -2.47 3.87
N VAL B 122 1.01 -2.75 2.59
CA VAL B 122 0.00 -2.94 1.52
C VAL B 122 0.27 -4.28 0.81
N THR B 123 1.58 -4.64 0.72
CA THR B 123 2.10 -5.91 0.19
C THR B 123 2.18 -5.91 -1.36
N ASP B 124 1.04 -5.61 -2.01
CA ASP B 124 0.83 -5.72 -3.48
C ASP B 124 0.78 -7.18 -3.92
N SER B 125 1.91 -7.89 -3.78
CA SER B 125 2.01 -9.32 -4.08
C SER B 125 3.20 -9.91 -3.30
N ALA B 126 3.06 -11.15 -2.81
CA ALA B 126 4.11 -11.83 -2.01
C ALA B 126 4.05 -13.33 -2.25
N ALA B 127 5.09 -14.05 -1.83
CA ALA B 127 5.22 -15.50 -2.04
C ALA B 127 4.27 -16.32 -1.10
N SER B 128 4.33 -17.67 -1.26
CA SER B 128 3.34 -18.66 -0.74
C SER B 128 2.11 -18.73 -1.65
N ALA B 129 2.36 -18.45 -2.96
CA ALA B 129 1.39 -18.63 -4.05
C ALA B 129 0.16 -17.72 -3.91
N THR B 130 0.29 -16.47 -4.40
CA THR B 130 -0.85 -15.57 -4.60
C THR B 130 -1.71 -16.10 -5.76
N ALA B 131 -3.05 -16.07 -5.62
CA ALA B 131 -3.96 -16.64 -6.62
C ALA B 131 -3.89 -15.89 -7.97
N TRP B 132 -4.32 -16.58 -9.03
CA TRP B 132 -3.77 -16.42 -10.39
C TRP B 132 -4.79 -15.76 -11.34
N SER B 133 -5.83 -16.53 -11.74
CA SER B 133 -6.90 -16.12 -12.68
C SER B 133 -6.34 -15.41 -13.94
N THR B 134 -5.91 -16.23 -14.91
CA THR B 134 -5.29 -15.77 -16.18
C THR B 134 -6.33 -15.05 -17.06
N GLY B 135 -7.54 -15.65 -17.13
CA GLY B 135 -8.66 -15.07 -17.89
C GLY B 135 -9.56 -14.21 -17.01
N VAL B 136 -9.27 -14.21 -15.69
CA VAL B 136 -9.95 -13.41 -14.61
C VAL B 136 -11.47 -13.66 -14.50
N LYS B 137 -12.00 -14.60 -15.31
CA LYS B 137 -13.43 -14.92 -15.45
C LYS B 137 -14.24 -13.73 -16.04
N THR B 138 -15.15 -14.04 -16.99
CA THR B 138 -16.15 -13.10 -17.56
C THR B 138 -15.55 -12.11 -18.59
N TYR B 139 -14.22 -11.86 -18.56
CA TYR B 139 -13.56 -10.84 -19.43
C TYR B 139 -13.81 -11.09 -20.94
N ASN B 140 -14.28 -10.03 -21.62
CA ASN B 140 -14.48 -9.96 -23.08
C ASN B 140 -14.90 -8.54 -23.47
N GLY B 141 -15.58 -7.84 -22.53
CA GLY B 141 -16.01 -6.46 -22.69
C GLY B 141 -17.47 -6.34 -23.08
N ALA B 142 -17.84 -7.10 -24.15
CA ALA B 142 -19.22 -7.19 -24.69
C ALA B 142 -19.74 -5.79 -25.12
N LEU B 143 -21.08 -5.59 -25.08
CA LEU B 143 -21.75 -4.33 -25.50
C LEU B 143 -21.63 -4.10 -27.03
N GLY B 144 -21.23 -5.16 -27.77
CA GLY B 144 -21.08 -5.12 -29.22
C GLY B 144 -19.70 -4.66 -29.68
N VAL B 145 -18.64 -4.99 -28.89
CA VAL B 145 -17.23 -4.66 -29.25
C VAL B 145 -16.65 -5.74 -30.21
N ASP B 146 -17.29 -5.87 -31.38
CA ASP B 146 -16.90 -6.84 -32.42
C ASP B 146 -17.08 -6.20 -33.80
N ILE B 147 -15.95 -5.82 -34.40
CA ILE B 147 -15.91 -5.28 -35.77
C ILE B 147 -14.95 -6.12 -36.62
N HIS B 148 -15.24 -6.19 -37.93
CA HIS B 148 -14.46 -6.99 -38.89
C HIS B 148 -14.20 -6.18 -40.17
N GLU B 149 -13.42 -6.81 -41.10
CA GLU B 149 -12.89 -6.21 -42.35
C GLU B 149 -12.39 -4.76 -42.20
N LYS B 150 -11.86 -4.44 -40.99
CA LYS B 150 -11.29 -3.13 -40.66
C LYS B 150 -9.86 -3.33 -40.15
N ASP B 151 -8.89 -3.06 -41.04
CA ASP B 151 -7.46 -3.22 -40.75
C ASP B 151 -6.96 -2.04 -39.92
N MET A 12 18.87 44.82 -12.62
CA MET A 12 18.65 43.97 -11.43
C MET A 12 19.77 44.24 -10.42
N GLN A 13 19.38 44.56 -9.18
CA GLN A 13 20.32 44.66 -8.04
C GLN A 13 20.15 43.41 -7.18
N VAL A 14 21.16 42.54 -7.14
CA VAL A 14 21.06 41.24 -6.45
C VAL A 14 22.26 40.99 -5.53
N SER A 15 21.98 40.34 -4.40
CA SER A 15 22.96 39.91 -3.39
C SER A 15 22.49 38.58 -2.79
N VAL A 16 23.39 37.85 -2.10
CA VAL A 16 23.10 36.49 -1.60
C VAL A 16 23.61 36.32 -0.14
N GLU A 17 22.72 35.80 0.75
CA GLU A 17 23.02 35.60 2.19
C GLU A 17 22.73 34.15 2.59
N THR A 18 23.70 33.49 3.24
CA THR A 18 23.54 32.13 3.77
C THR A 18 22.85 32.23 5.15
N THR A 19 21.52 32.01 5.17
CA THR A 19 20.66 32.23 6.34
C THR A 19 20.65 31.01 7.29
N GLN A 20 20.05 29.89 6.83
CA GLN A 20 19.89 28.67 7.64
C GLN A 20 20.32 27.46 6.80
N GLY A 21 21.58 27.03 6.98
CA GLY A 21 22.13 25.86 6.28
C GLY A 21 22.17 26.03 4.77
N LEU A 22 21.27 25.28 4.08
CA LEU A 22 21.15 25.28 2.61
C LEU A 22 20.38 26.52 2.13
N GLY A 23 19.62 27.13 3.06
CA GLY A 23 18.82 28.32 2.81
C GLY A 23 19.66 29.53 2.44
N ARG A 24 19.57 29.93 1.17
CA ARG A 24 20.14 31.17 0.63
C ARG A 24 19.05 32.21 0.43
N ARG A 25 19.44 33.48 0.55
CA ARG A 25 18.57 34.63 0.39
C ARG A 25 19.10 35.50 -0.75
N VAL A 26 18.49 35.40 -1.93
CA VAL A 26 18.80 36.30 -3.04
C VAL A 26 17.98 37.59 -2.86
N THR A 27 18.61 38.58 -2.21
CA THR A 27 18.03 39.90 -1.95
C THR A 27 18.03 40.72 -3.25
N ILE A 28 16.85 40.92 -3.83
CA ILE A 28 16.67 41.59 -5.13
C ILE A 28 15.99 42.96 -4.94
N THR A 29 16.56 43.99 -5.54
CA THR A 29 15.97 45.31 -5.67
C THR A 29 15.78 45.60 -7.16
N ILE A 30 14.54 45.47 -7.64
CA ILE A 30 14.18 45.71 -9.04
C ILE A 30 14.11 47.23 -9.26
N ALA A 31 15.05 47.74 -10.06
CA ALA A 31 15.23 49.17 -10.31
C ALA A 31 14.01 49.79 -11.01
N ALA A 32 13.83 51.11 -10.76
CA ALA A 32 12.67 51.89 -11.21
C ALA A 32 12.47 51.85 -12.75
N ASP A 33 13.59 51.78 -13.51
CA ASP A 33 13.56 51.72 -14.99
C ASP A 33 12.89 50.42 -15.47
N SER A 34 13.24 49.32 -14.79
CA SER A 34 12.81 47.96 -15.13
C SER A 34 11.32 47.78 -14.86
N ILE A 35 10.87 48.35 -13.72
CA ILE A 35 9.46 48.36 -13.31
C ILE A 35 8.63 49.18 -14.32
N GLU A 36 9.08 50.44 -14.51
CA GLU A 36 8.36 51.45 -15.32
C GLU A 36 8.18 50.98 -16.79
N THR A 37 9.17 50.22 -17.30
CA THR A 37 9.13 49.66 -18.65
C THR A 37 8.19 48.42 -18.70
N ALA A 38 8.38 47.49 -17.73
CA ALA A 38 7.67 46.18 -17.74
C ALA A 38 6.14 46.33 -17.55
N VAL A 39 5.75 47.27 -16.66
CA VAL A 39 4.33 47.62 -16.43
C VAL A 39 3.72 48.21 -17.70
N LYS A 40 4.50 49.10 -18.34
CA LYS A 40 4.09 49.81 -19.56
C LYS A 40 3.99 48.85 -20.78
N SER A 41 4.85 47.81 -20.75
CA SER A 41 4.85 46.72 -21.74
C SER A 41 3.66 45.78 -21.50
N GLU A 42 3.19 45.71 -20.24
CA GLU A 42 2.00 44.95 -19.86
C GLU A 42 0.71 45.73 -20.17
N LEU A 43 0.80 47.06 -20.11
CA LEU A 43 -0.33 47.96 -20.43
C LEU A 43 -0.71 47.85 -21.90
N VAL A 44 0.30 47.73 -22.79
CA VAL A 44 0.07 47.55 -24.23
C VAL A 44 -0.41 46.11 -24.54
N ASN A 45 -0.09 45.14 -23.65
CA ASN A 45 -0.63 43.76 -23.74
C ASN A 45 -2.16 43.78 -23.52
N VAL A 46 -2.57 44.43 -22.41
CA VAL A 46 -4.00 44.62 -22.08
C VAL A 46 -4.68 45.50 -23.14
N ALA A 47 -3.94 46.50 -23.65
CA ALA A 47 -4.43 47.47 -24.63
C ALA A 47 -4.79 46.78 -25.95
N LYS A 48 -3.92 45.87 -26.45
CA LYS A 48 -4.20 45.09 -27.67
C LYS A 48 -5.40 44.15 -27.46
N LYS A 49 -5.43 43.53 -26.27
CA LYS A 49 -6.45 42.54 -25.86
C LYS A 49 -7.86 43.15 -25.86
N VAL A 50 -7.95 44.44 -25.48
CA VAL A 50 -9.23 45.19 -25.39
C VAL A 50 -9.34 46.24 -26.54
N ARG A 51 -8.28 46.29 -27.39
CA ARG A 51 -8.15 47.23 -28.55
C ARG A 51 -8.01 48.72 -28.13
N ILE A 52 -7.69 48.95 -26.82
CA ILE A 52 -7.47 50.30 -26.24
C ILE A 52 -6.29 51.04 -26.94
N ASP A 53 -5.30 50.27 -27.39
CA ASP A 53 -4.13 50.78 -28.14
C ASP A 53 -4.57 51.44 -29.47
N GLY A 54 -5.67 50.91 -30.04
CA GLY A 54 -6.28 51.46 -31.25
C GLY A 54 -6.94 52.82 -31.02
N PHE A 55 -7.41 53.07 -29.78
CA PHE A 55 -8.04 54.36 -29.38
C PHE A 55 -6.98 55.45 -29.11
N ARG A 56 -5.71 55.04 -28.90
CA ARG A 56 -4.58 55.99 -28.78
C ARG A 56 -4.30 56.62 -30.16
N LYS A 57 -4.82 57.83 -30.37
CA LYS A 57 -4.68 58.57 -31.64
C LYS A 57 -3.48 59.53 -31.60
N GLY A 58 -2.54 59.28 -30.66
CA GLY A 58 -1.36 60.12 -30.49
C GLY A 58 -1.55 61.19 -29.42
N LYS A 59 -2.82 61.48 -29.07
CA LYS A 59 -3.16 62.52 -28.06
C LYS A 59 -2.77 62.07 -26.65
N VAL A 60 -3.01 60.77 -26.35
CA VAL A 60 -2.83 60.20 -25.01
C VAL A 60 -1.32 59.93 -24.74
N PRO A 61 -0.69 60.63 -23.73
CA PRO A 61 0.73 60.38 -23.35
C PRO A 61 0.94 58.99 -22.70
N MET A 62 2.02 58.32 -23.11
CA MET A 62 2.35 56.94 -22.72
C MET A 62 2.83 56.86 -21.24
N ASN A 63 3.38 57.98 -20.71
CA ASN A 63 3.86 58.02 -19.31
C ASN A 63 2.69 58.09 -18.31
N ILE A 64 1.64 58.86 -18.68
CA ILE A 64 0.47 59.14 -17.83
C ILE A 64 -0.37 57.87 -17.59
N VAL A 65 -0.47 57.01 -18.61
CA VAL A 65 -1.22 55.73 -18.50
C VAL A 65 -0.50 54.71 -17.62
N ALA A 66 0.82 54.91 -17.42
CA ALA A 66 1.66 53.99 -16.63
C ALA A 66 1.62 54.31 -15.13
N GLN A 67 1.57 55.61 -14.82
CA GLN A 67 1.61 56.10 -13.42
C GLN A 67 0.19 56.21 -12.81
N ARG A 68 -0.81 56.62 -13.63
CA ARG A 68 -2.18 56.91 -13.15
C ARG A 68 -3.15 55.76 -13.50
N TYR A 69 -3.35 55.54 -14.83
CA TYR A 69 -4.37 54.60 -15.35
C TYR A 69 -4.06 53.15 -14.94
N GLY A 70 -2.79 52.78 -15.08
CA GLY A 70 -2.31 51.43 -14.78
C GLY A 70 -1.59 51.36 -13.45
N ALA A 71 -2.09 52.13 -12.46
CA ALA A 71 -1.49 52.22 -11.10
C ALA A 71 -1.60 50.88 -10.35
N SER A 72 -2.74 50.19 -10.53
CA SER A 72 -2.99 48.86 -9.92
C SER A 72 -2.32 47.75 -10.75
N VAL A 73 -2.08 48.03 -12.06
CA VAL A 73 -1.29 47.13 -12.94
C VAL A 73 0.17 47.09 -12.48
N ARG A 74 0.66 48.24 -11.93
CA ARG A 74 2.03 48.33 -11.36
C ARG A 74 2.23 47.28 -10.24
N GLN A 75 1.15 47.04 -9.47
CA GLN A 75 1.10 45.99 -8.43
C GLN A 75 1.16 44.60 -9.06
N ASP A 76 0.31 44.37 -10.08
CA ASP A 76 0.15 43.06 -10.73
C ASP A 76 1.47 42.55 -11.34
N VAL A 77 2.17 43.47 -12.04
CA VAL A 77 3.42 43.15 -12.76
C VAL A 77 4.57 42.84 -11.78
N LEU A 78 4.45 43.26 -10.49
CA LEU A 78 5.44 42.90 -9.44
C LEU A 78 5.58 41.36 -9.31
N GLY A 79 4.47 40.63 -9.56
CA GLY A 79 4.49 39.17 -9.59
C GLY A 79 5.36 38.63 -10.72
N ASP A 80 5.13 39.19 -11.94
CA ASP A 80 5.92 38.88 -13.16
C ASP A 80 7.41 39.27 -12.98
N LEU A 81 7.64 40.38 -12.27
CA LEU A 81 8.98 40.93 -12.03
C LEU A 81 9.79 40.00 -11.10
N MET A 82 9.18 39.60 -9.96
CA MET A 82 9.84 38.70 -8.97
C MET A 82 10.09 37.31 -9.58
N SER A 83 9.16 36.87 -10.43
CA SER A 83 9.23 35.61 -11.16
C SER A 83 10.48 35.57 -12.06
N ARG A 84 10.55 36.57 -12.98
CA ARG A 84 11.62 36.65 -13.99
C ARG A 84 12.98 37.02 -13.35
N ASN A 85 12.96 37.84 -12.28
CA ASN A 85 14.19 38.25 -11.56
C ASN A 85 14.80 37.07 -10.79
N PHE A 86 13.93 36.20 -10.24
CA PHE A 86 14.39 35.01 -9.47
C PHE A 86 15.08 34.00 -10.40
N ILE A 87 14.35 33.55 -11.44
CA ILE A 87 14.82 32.50 -12.37
C ILE A 87 16.11 32.95 -13.10
N ASP A 88 16.18 34.24 -13.43
CA ASP A 88 17.35 34.83 -14.10
C ASP A 88 18.56 34.92 -13.14
N ALA A 89 18.28 35.27 -11.87
CA ALA A 89 19.31 35.39 -10.82
C ALA A 89 20.00 34.05 -10.55
N ILE A 90 19.21 33.01 -10.28
CA ILE A 90 19.73 31.68 -9.87
C ILE A 90 20.59 31.01 -10.99
N ILE A 91 20.31 31.34 -12.26
CA ILE A 91 21.10 30.85 -13.41
C ILE A 91 22.52 31.44 -13.38
N LYS A 92 22.62 32.78 -13.34
CA LYS A 92 23.92 33.49 -13.38
C LYS A 92 24.73 33.29 -12.08
N GLU A 93 24.02 33.14 -10.96
CA GLU A 93 24.65 32.91 -9.64
C GLU A 93 24.92 31.41 -9.40
N LYS A 94 24.49 30.55 -10.35
CA LYS A 94 24.77 29.08 -10.34
C LYS A 94 24.03 28.35 -9.20
N ILE A 95 22.98 28.99 -8.67
CA ILE A 95 22.17 28.46 -7.56
C ILE A 95 20.97 27.67 -8.14
N ASN A 96 20.62 26.53 -7.50
CA ASN A 96 19.47 25.70 -7.88
C ASN A 96 18.58 25.53 -6.64
N PRO A 97 17.32 26.08 -6.64
CA PRO A 97 16.37 25.98 -5.48
C PRO A 97 15.86 24.55 -5.21
N ALA A 98 15.23 24.38 -4.03
CA ALA A 98 14.62 23.12 -3.58
C ALA A 98 13.19 23.40 -3.09
N GLY A 99 12.19 23.02 -3.91
CA GLY A 99 10.78 23.28 -3.62
C GLY A 99 10.40 24.73 -3.92
N ALA A 100 9.34 25.22 -3.24
CA ALA A 100 8.81 26.58 -3.45
C ALA A 100 9.70 27.63 -2.74
N PRO A 101 10.27 28.63 -3.47
CA PRO A 101 11.00 29.77 -2.87
C PRO A 101 10.07 30.74 -2.10
N THR A 102 10.47 31.13 -0.88
CA THR A 102 9.72 32.07 -0.03
C THR A 102 10.08 33.51 -0.41
N TYR A 103 9.09 34.26 -0.90
CA TYR A 103 9.24 35.69 -1.21
C TYR A 103 8.99 36.51 0.06
N VAL A 104 9.96 37.36 0.43
CA VAL A 104 9.83 38.31 1.53
C VAL A 104 9.79 39.73 0.91
N PRO A 105 8.56 40.30 0.64
CA PRO A 105 8.41 41.65 0.05
C PRO A 105 8.84 42.76 1.05
N GLY A 106 9.77 43.63 0.62
CA GLY A 106 10.28 44.73 1.46
C GLY A 106 9.36 45.94 1.36
N GLU A 107 9.36 46.57 0.16
CA GLU A 107 8.58 47.78 -0.11
C GLU A 107 8.54 48.09 -1.63
N TYR A 108 7.40 48.65 -2.07
CA TYR A 108 7.22 49.21 -3.42
C TYR A 108 6.69 50.63 -3.31
N LYS A 109 7.23 51.56 -4.12
CA LYS A 109 6.85 52.97 -4.13
C LYS A 109 6.84 53.50 -5.57
N LEU A 110 5.85 54.37 -5.88
CA LEU A 110 5.71 55.01 -7.18
C LEU A 110 6.91 55.97 -7.42
N GLY A 111 7.78 55.60 -8.37
CA GLY A 111 8.98 56.38 -8.70
C GLY A 111 10.27 55.75 -8.19
N GLU A 112 10.14 54.92 -7.14
CA GLU A 112 11.31 54.30 -6.46
C GLU A 112 11.42 52.80 -6.77
N ASP A 113 12.55 52.21 -6.34
CA ASP A 113 12.95 50.83 -6.66
C ASP A 113 12.23 49.82 -5.74
N PHE A 114 11.74 48.71 -6.33
CA PHE A 114 11.04 47.64 -5.58
C PHE A 114 12.07 46.75 -4.85
N THR A 115 12.24 46.99 -3.55
CA THR A 115 13.19 46.25 -2.70
C THR A 115 12.49 45.05 -2.04
N TYR A 116 13.17 43.88 -2.02
CA TYR A 116 12.70 42.65 -1.37
C TYR A 116 13.85 41.62 -1.30
N SER A 117 13.53 40.40 -0.82
CA SER A 117 14.50 39.31 -0.67
C SER A 117 13.79 37.95 -0.75
N VAL A 118 14.27 37.04 -1.61
CA VAL A 118 13.70 35.68 -1.74
C VAL A 118 14.59 34.68 -0.97
N GLU A 119 14.06 34.12 0.12
CA GLU A 119 14.74 33.09 0.94
C GLU A 119 14.24 31.69 0.52
N PHE A 120 15.16 30.76 0.33
CA PHE A 120 14.87 29.41 -0.21
C PHE A 120 16.07 28.51 0.01
N GLU A 121 15.82 27.21 0.19
CA GLU A 121 16.89 26.19 0.24
C GLU A 121 17.26 25.76 -1.17
N VAL A 122 18.40 25.07 -1.27
CA VAL A 122 18.97 24.64 -2.56
C VAL A 122 19.08 23.11 -2.62
N TYR A 123 19.33 22.58 -3.82
CA TYR A 123 19.77 21.20 -4.00
C TYR A 123 21.27 21.12 -3.65
N PRO A 124 21.66 20.36 -2.60
CA PRO A 124 23.07 20.24 -2.18
C PRO A 124 23.84 19.26 -3.08
N GLU A 125 25.17 19.30 -2.99
CA GLU A 125 26.01 18.27 -3.57
C GLU A 125 25.95 17.06 -2.63
N VAL A 126 25.31 15.98 -3.13
CA VAL A 126 24.96 14.81 -2.34
C VAL A 126 26.24 14.07 -1.86
N GLU A 127 26.42 14.04 -0.53
CA GLU A 127 27.54 13.35 0.12
C GLU A 127 27.34 11.81 0.04
N LEU A 128 27.74 11.23 -1.10
CA LEU A 128 27.74 9.77 -1.29
C LEU A 128 28.93 9.16 -0.53
N GLN A 129 28.61 8.57 0.63
CA GLN A 129 29.54 7.72 1.38
C GLN A 129 29.63 6.33 0.71
N GLY A 130 30.41 5.42 1.31
CA GLY A 130 30.66 4.10 0.74
C GLY A 130 29.41 3.24 0.54
N LEU A 131 29.11 2.91 -0.73
CA LEU A 131 27.96 2.05 -1.09
C LEU A 131 28.25 0.57 -0.78
N GLU A 132 29.50 0.29 -0.38
CA GLU A 132 29.97 -1.03 0.06
C GLU A 132 29.31 -1.42 1.41
N ALA A 133 28.85 -0.39 2.16
CA ALA A 133 28.14 -0.58 3.45
C ALA A 133 26.75 -1.25 3.28
N ILE A 134 26.26 -1.24 2.03
CA ILE A 134 24.96 -1.82 1.66
C ILE A 134 25.12 -3.34 1.46
N GLU A 135 24.88 -4.11 2.54
CA GLU A 135 25.06 -5.57 2.53
C GLU A 135 23.73 -6.25 2.20
N VAL A 136 23.53 -6.51 0.89
CA VAL A 136 22.32 -7.10 0.33
C VAL A 136 22.46 -8.63 0.26
N GLU A 137 21.45 -9.35 0.77
CA GLU A 137 21.40 -10.81 0.78
C GLU A 137 20.43 -11.32 -0.31
N LYS A 138 21.00 -11.87 -1.39
CA LYS A 138 20.27 -12.53 -2.47
C LYS A 138 20.00 -14.01 -2.07
N PRO A 139 18.72 -14.40 -1.80
CA PRO A 139 18.37 -15.76 -1.37
C PRO A 139 17.94 -16.67 -2.55
N ILE A 140 18.78 -17.68 -2.87
CA ILE A 140 18.42 -18.76 -3.80
C ILE A 140 17.36 -19.65 -3.13
N VAL A 141 16.10 -19.34 -3.41
CA VAL A 141 14.94 -20.06 -2.92
C VAL A 141 14.59 -21.18 -3.90
N GLU A 142 14.58 -22.43 -3.41
CA GLU A 142 14.21 -23.61 -4.20
C GLU A 142 12.73 -23.95 -3.98
N VAL A 143 12.06 -24.38 -5.05
CA VAL A 143 10.66 -24.83 -5.03
C VAL A 143 10.65 -26.32 -5.46
N THR A 144 9.91 -27.16 -4.73
CA THR A 144 9.71 -28.59 -5.07
C THR A 144 8.21 -28.92 -5.02
N ASP A 145 7.85 -30.16 -5.41
CA ASP A 145 6.45 -30.65 -5.35
C ASP A 145 5.97 -30.80 -3.89
N ALA A 146 6.91 -30.92 -2.95
CA ALA A 146 6.62 -30.90 -1.50
C ALA A 146 6.14 -29.49 -1.08
N ASP A 147 6.76 -28.47 -1.68
CA ASP A 147 6.42 -27.05 -1.44
C ASP A 147 5.11 -26.68 -2.15
N VAL A 148 4.88 -27.28 -3.34
CA VAL A 148 3.63 -27.10 -4.09
C VAL A 148 2.45 -27.66 -3.27
N ASP A 149 2.61 -28.93 -2.84
CA ASP A 149 1.59 -29.64 -2.02
C ASP A 149 1.41 -28.94 -0.67
N GLY A 150 2.53 -28.45 -0.09
CA GLY A 150 2.53 -27.74 1.19
C GLY A 150 1.77 -26.42 1.14
N MET A 151 1.95 -25.68 0.02
CA MET A 151 1.25 -24.40 -0.22
C MET A 151 -0.25 -24.64 -0.41
N LEU A 152 -0.57 -25.66 -1.24
CA LEU A 152 -1.97 -26.06 -1.52
C LEU A 152 -2.67 -26.53 -0.23
N ASP A 153 -1.88 -27.21 0.65
CA ASP A 153 -2.33 -27.68 1.97
C ASP A 153 -2.59 -26.50 2.91
N THR A 154 -1.72 -25.46 2.83
CA THR A 154 -1.90 -24.21 3.60
C THR A 154 -3.22 -23.52 3.18
N LEU A 155 -3.48 -23.48 1.86
CA LEU A 155 -4.75 -22.97 1.30
C LEU A 155 -5.94 -23.77 1.85
N ARG A 156 -5.78 -25.10 1.87
CA ARG A 156 -6.80 -26.05 2.39
C ARG A 156 -6.99 -25.89 3.92
N LYS A 157 -5.95 -25.43 4.63
CA LYS A 157 -6.03 -25.14 6.08
C LYS A 157 -6.64 -23.74 6.36
N GLN A 158 -6.47 -22.81 5.41
CA GLN A 158 -7.10 -21.46 5.49
C GLN A 158 -8.62 -21.56 5.19
N GLN A 159 -8.95 -22.43 4.21
CA GLN A 159 -10.35 -22.67 3.76
C GLN A 159 -10.94 -23.89 4.50
N ALA A 160 -10.30 -24.31 5.60
CA ALA A 160 -10.69 -25.49 6.37
C ALA A 160 -11.91 -25.21 7.25
N THR A 161 -13.00 -25.94 6.97
CA THR A 161 -14.24 -25.88 7.74
C THR A 161 -14.14 -26.83 8.95
N TRP A 162 -14.50 -26.36 10.15
CA TRP A 162 -14.41 -27.18 11.38
C TRP A 162 -15.57 -28.18 11.46
N LYS A 163 -15.27 -29.29 12.14
CA LYS A 163 -16.18 -30.42 12.33
C LYS A 163 -15.78 -31.14 13.61
N GLU A 164 -16.76 -31.56 14.41
CA GLU A 164 -16.51 -32.37 15.61
C GLU A 164 -15.97 -33.75 15.27
N LYS A 165 -15.04 -34.20 16.11
CA LYS A 165 -14.46 -35.55 16.04
C LYS A 165 -14.34 -36.16 17.44
N ASP A 166 -13.86 -37.40 17.48
CA ASP A 166 -13.55 -38.12 18.72
C ASP A 166 -12.17 -38.77 18.54
N GLY A 167 -11.34 -38.70 19.58
CA GLY A 167 -10.01 -39.30 19.59
C GLY A 167 -8.91 -38.29 19.88
N ALA A 168 -7.67 -38.63 19.47
CA ALA A 168 -6.45 -37.90 19.83
C ALA A 168 -6.45 -36.46 19.27
N VAL A 169 -6.51 -35.51 20.20
CA VAL A 169 -6.45 -34.06 19.95
C VAL A 169 -5.15 -33.66 19.23
N GLU A 170 -5.28 -32.89 18.15
CA GLU A 170 -4.12 -32.26 17.47
C GLU A 170 -3.74 -31.00 18.25
N ALA A 171 -2.45 -30.67 18.26
CA ALA A 171 -1.90 -29.54 19.05
C ALA A 171 -2.11 -28.17 18.36
N GLU A 172 -2.93 -28.17 17.31
CA GLU A 172 -3.25 -27.00 16.48
C GLU A 172 -4.75 -26.84 16.28
N ASP A 173 -5.56 -27.67 16.97
CA ASP A 173 -7.04 -27.66 16.85
C ASP A 173 -7.68 -26.69 17.85
N ARG A 174 -9.02 -26.77 17.92
CA ARG A 174 -9.83 -26.23 19.01
C ARG A 174 -10.75 -27.36 19.49
N VAL A 175 -11.18 -27.32 20.75
CA VAL A 175 -11.90 -28.44 21.40
C VAL A 175 -13.10 -27.93 22.19
N THR A 176 -13.72 -28.83 22.97
CA THR A 176 -14.72 -28.51 23.99
C THR A 176 -14.32 -29.18 25.30
N ILE A 177 -13.87 -28.41 26.29
CA ILE A 177 -13.62 -28.91 27.65
C ILE A 177 -14.70 -28.40 28.64
N ASP A 178 -14.46 -28.70 29.92
CA ASP A 178 -15.24 -28.20 31.06
C ASP A 178 -14.26 -28.15 32.24
N PHE A 179 -13.74 -26.97 32.59
CA PHE A 179 -12.72 -26.88 33.65
C PHE A 179 -13.26 -26.17 34.90
N THR A 180 -12.89 -26.70 36.07
CA THR A 180 -13.11 -26.05 37.36
C THR A 180 -11.95 -25.06 37.59
N GLY A 181 -12.27 -23.76 37.53
CA GLY A 181 -11.31 -22.70 37.80
C GLY A 181 -10.85 -22.70 39.25
N SER A 182 -9.59 -23.10 39.48
CA SER A 182 -8.98 -23.14 40.82
C SER A 182 -7.65 -22.37 40.81
N VAL A 183 -7.41 -21.63 41.89
CA VAL A 183 -6.14 -20.93 42.14
C VAL A 183 -5.39 -21.65 43.26
N ASP A 184 -4.18 -22.15 42.94
CA ASP A 184 -3.27 -22.81 43.89
C ASP A 184 -3.83 -24.18 44.41
N GLY A 185 -4.93 -24.64 43.80
CA GLY A 185 -5.61 -25.88 44.21
C GLY A 185 -7.04 -25.67 44.66
N GLU A 186 -7.41 -24.42 45.00
CA GLU A 186 -8.71 -24.11 45.62
C GLU A 186 -9.59 -23.37 44.61
N GLU A 187 -10.75 -23.97 44.28
CA GLU A 187 -11.72 -23.39 43.33
C GLU A 187 -12.40 -22.15 43.90
N PHE A 188 -12.80 -21.26 42.99
CA PHE A 188 -13.47 -19.99 43.31
C PHE A 188 -14.74 -19.80 42.44
N GLU A 189 -15.62 -18.91 42.89
CA GLU A 189 -16.87 -18.54 42.16
C GLU A 189 -16.52 -17.83 40.84
N GLY A 190 -17.39 -17.96 39.82
CA GLY A 190 -17.17 -17.33 38.51
C GLY A 190 -16.24 -18.13 37.62
N GLY A 191 -15.14 -18.63 38.22
CA GLY A 191 -14.09 -19.31 37.50
C GLY A 191 -14.45 -20.75 37.27
N LYS A 192 -15.29 -20.96 36.28
CA LYS A 192 -15.68 -22.25 35.74
C LYS A 192 -16.13 -21.98 34.31
N ALA A 193 -15.79 -22.86 33.39
CA ALA A 193 -16.28 -22.77 32.00
C ALA A 193 -16.67 -24.15 31.52
N SER A 194 -17.99 -24.38 31.51
CA SER A 194 -18.64 -25.64 31.20
C SER A 194 -18.98 -25.67 29.71
N ASP A 195 -18.61 -26.79 29.04
CA ASP A 195 -18.85 -26.99 27.58
C ASP A 195 -18.13 -25.85 26.78
N PHE A 196 -16.98 -25.46 27.31
CA PHE A 196 -16.16 -24.33 26.83
C PHE A 196 -15.26 -24.74 25.67
N VAL A 197 -15.38 -24.01 24.54
CA VAL A 197 -14.47 -24.17 23.39
C VAL A 197 -13.13 -23.48 23.69
N LEU A 198 -12.02 -24.19 23.50
CA LEU A 198 -10.67 -23.65 23.70
C LEU A 198 -9.86 -23.88 22.42
N ALA A 199 -9.34 -22.78 21.85
CA ALA A 199 -8.52 -22.80 20.62
C ALA A 199 -7.03 -22.71 20.97
N MET A 200 -6.19 -23.30 20.10
CA MET A 200 -4.72 -23.29 20.24
C MET A 200 -4.11 -22.31 19.24
N GLY A 201 -2.88 -21.87 19.54
CA GLY A 201 -2.14 -20.94 18.66
C GLY A 201 -2.52 -19.48 18.88
N GLN A 202 -3.74 -19.23 19.40
CA GLN A 202 -4.25 -17.89 19.66
C GLN A 202 -3.41 -17.19 20.75
N GLY A 203 -3.00 -15.94 20.47
CA GLY A 203 -2.12 -15.18 21.36
C GLY A 203 -2.88 -14.29 22.34
N ARG A 204 -3.94 -14.85 22.94
CA ARG A 204 -4.79 -14.13 23.94
C ARG A 204 -4.91 -14.94 25.23
N MET A 205 -4.79 -16.28 25.12
CA MET A 205 -5.11 -17.20 26.23
C MET A 205 -3.94 -17.26 27.24
N ILE A 206 -4.22 -17.80 28.44
CA ILE A 206 -3.20 -18.13 29.45
C ILE A 206 -2.14 -19.08 28.83
N PRO A 207 -0.84 -18.65 28.68
CA PRO A 207 0.20 -19.47 28.04
C PRO A 207 0.56 -20.71 28.90
N GLY A 208 -0.01 -21.87 28.51
CA GLY A 208 0.20 -23.14 29.24
C GLY A 208 -1.09 -23.89 29.52
N PHE A 209 -2.24 -23.21 29.31
CA PHE A 209 -3.58 -23.79 29.56
C PHE A 209 -3.90 -24.87 28.51
N GLU A 210 -3.76 -24.49 27.24
CA GLU A 210 -4.04 -25.33 26.07
C GLU A 210 -3.21 -26.64 26.08
N ASP A 211 -2.05 -26.60 26.76
CA ASP A 211 -1.08 -27.72 26.89
C ASP A 211 -1.77 -29.04 27.28
N GLY A 212 -2.63 -28.97 28.32
CA GLY A 212 -3.32 -30.13 28.86
C GLY A 212 -4.24 -30.81 27.87
N ILE A 213 -4.86 -30.00 27.01
CA ILE A 213 -5.75 -30.48 25.96
C ILE A 213 -4.93 -31.17 24.82
N LYS A 214 -3.77 -30.56 24.49
CA LYS A 214 -2.96 -30.85 23.27
C LYS A 214 -2.36 -32.27 23.19
N GLY A 215 -2.57 -33.11 24.21
CA GLY A 215 -1.91 -34.42 24.29
C GLY A 215 -2.78 -35.45 24.98
N HIS A 216 -4.08 -35.44 24.65
CA HIS A 216 -5.07 -36.38 25.19
C HIS A 216 -6.11 -36.71 24.12
N LYS A 217 -7.14 -37.47 24.49
CA LYS A 217 -8.32 -37.75 23.65
C LYS A 217 -9.58 -37.21 24.35
N ALA A 218 -10.69 -37.18 23.59
CA ALA A 218 -11.93 -36.44 23.96
C ALA A 218 -12.82 -37.17 24.99
N GLY A 219 -12.24 -38.02 25.84
CA GLY A 219 -13.01 -38.76 26.84
C GLY A 219 -12.33 -38.84 28.19
N GLU A 220 -11.73 -37.72 28.63
CA GLU A 220 -10.93 -37.69 29.87
C GLU A 220 -11.23 -36.51 30.82
N GLU A 221 -10.91 -36.79 32.09
CA GLU A 221 -10.94 -35.87 33.22
C GLU A 221 -9.52 -35.83 33.80
N PHE A 222 -8.87 -34.67 33.77
CA PHE A 222 -7.49 -34.49 34.26
C PHE A 222 -7.28 -33.04 34.72
N THR A 223 -6.36 -32.87 35.66
CA THR A 223 -6.04 -31.57 36.29
C THR A 223 -4.59 -31.21 35.95
N ILE A 224 -4.39 -30.07 35.30
CA ILE A 224 -3.06 -29.63 34.84
C ILE A 224 -2.53 -28.48 35.71
N ASP A 225 -1.20 -28.43 35.79
CA ASP A 225 -0.48 -27.39 36.53
C ASP A 225 -0.11 -26.27 35.57
N VAL A 226 -0.80 -25.14 35.67
CA VAL A 226 -0.53 -23.96 34.86
C VAL A 226 -0.15 -22.77 35.74
N THR A 227 0.07 -21.65 35.07
CA THR A 227 0.42 -20.38 35.64
C THR A 227 -0.21 -19.29 34.77
N PHE A 228 -0.91 -18.34 35.41
CA PHE A 228 -1.54 -17.16 34.77
C PHE A 228 -0.52 -16.33 33.94
N PRO A 229 -1.01 -15.42 33.03
CA PRO A 229 -0.14 -14.47 32.36
C PRO A 229 0.12 -13.27 33.30
N GLU A 230 1.29 -12.64 33.19
CA GLU A 230 1.61 -11.41 33.96
C GLU A 230 0.89 -10.18 33.37
N GLU A 231 0.15 -10.39 32.27
CA GLU A 231 -0.74 -9.40 31.65
C GLU A 231 -2.18 -9.52 32.20
N TYR A 232 -2.46 -10.59 32.97
CA TYR A 232 -3.72 -10.74 33.71
C TYR A 232 -3.90 -9.52 34.66
N HIS A 233 -5.12 -8.97 34.69
CA HIS A 233 -5.42 -7.69 35.38
C HIS A 233 -5.07 -7.73 36.87
N ALA A 234 -5.55 -8.77 37.55
CA ALA A 234 -5.30 -8.98 38.98
C ALA A 234 -3.80 -9.22 39.21
N GLU A 235 -3.15 -8.32 39.96
CA GLU A 235 -1.74 -8.47 40.35
C GLU A 235 -1.55 -9.71 41.24
N ASN A 236 -2.56 -9.95 42.08
CA ASN A 236 -2.63 -11.12 42.98
C ASN A 236 -2.62 -12.44 42.18
N LEU A 237 -3.05 -12.39 40.91
CA LEU A 237 -3.15 -13.56 40.03
C LEU A 237 -2.17 -13.53 38.86
N LYS A 238 -1.57 -12.38 38.53
CA LYS A 238 -0.73 -12.28 37.32
C LYS A 238 0.57 -13.10 37.51
N GLY A 239 0.76 -14.11 36.66
CA GLY A 239 1.90 -15.04 36.78
C GLY A 239 1.83 -15.91 38.04
N LYS A 240 0.61 -16.21 38.49
CA LYS A 240 0.34 -17.01 39.71
C LYS A 240 -0.08 -18.42 39.26
N ALA A 241 0.39 -19.45 39.98
CA ALA A 241 0.10 -20.86 39.64
C ALA A 241 -1.38 -21.23 39.92
N ALA A 242 -2.03 -21.78 38.90
CA ALA A 242 -3.44 -22.15 38.94
C ALA A 242 -3.62 -23.65 38.62
N LYS A 243 -4.69 -24.23 39.15
CA LYS A 243 -5.08 -25.62 38.89
C LYS A 243 -6.39 -25.62 38.11
N PHE A 244 -6.45 -26.30 36.97
CA PHE A 244 -7.69 -26.40 36.19
C PHE A 244 -7.98 -27.88 35.89
N ALA A 245 -9.09 -28.39 36.44
CA ALA A 245 -9.57 -29.76 36.18
C ALA A 245 -10.26 -29.81 34.82
N ILE A 246 -9.43 -29.97 33.80
CA ILE A 246 -9.82 -29.98 32.39
C ILE A 246 -10.60 -31.27 32.04
N ASN A 247 -11.93 -31.13 31.96
CA ASN A 247 -12.81 -32.21 31.45
C ASN A 247 -12.87 -32.11 29.93
N LEU A 248 -11.87 -32.67 29.27
CA LEU A 248 -11.81 -32.75 27.81
C LEU A 248 -12.94 -33.68 27.30
N LYS A 249 -14.09 -33.06 26.93
CA LYS A 249 -15.33 -33.77 26.56
C LYS A 249 -15.38 -34.06 25.05
N LYS A 250 -14.89 -33.09 24.26
CA LYS A 250 -14.91 -33.14 22.79
C LYS A 250 -13.65 -32.53 22.24
N VAL A 251 -13.31 -32.95 21.02
CA VAL A 251 -12.26 -32.35 20.20
C VAL A 251 -12.84 -32.08 18.81
N GLU A 252 -12.62 -30.88 18.27
CA GLU A 252 -12.94 -30.56 16.87
C GLU A 252 -11.71 -30.82 16.00
N GLU A 253 -11.94 -30.81 14.70
CA GLU A 253 -10.90 -30.97 13.69
C GLU A 253 -11.34 -30.27 12.42
N ARG A 254 -10.40 -29.62 11.75
CA ARG A 254 -10.65 -28.96 10.49
C ARG A 254 -10.79 -30.00 9.36
N GLU A 255 -11.54 -29.64 8.34
CA GLU A 255 -11.79 -30.47 7.16
C GLU A 255 -10.96 -29.90 6.01
N LEU A 256 -9.93 -30.66 5.60
CA LEU A 256 -9.15 -30.38 4.41
C LEU A 256 -10.07 -30.55 3.18
N PRO A 257 -10.48 -29.44 2.48
CA PRO A 257 -11.39 -29.50 1.32
C PRO A 257 -10.76 -30.31 0.15
N GLU A 258 -11.56 -30.49 -0.89
CA GLU A 258 -11.25 -31.40 -1.99
C GLU A 258 -10.17 -30.81 -2.92
N LEU A 259 -9.23 -31.67 -3.33
CA LEU A 259 -8.25 -31.35 -4.38
C LEU A 259 -8.85 -31.77 -5.75
N THR A 260 -10.18 -31.93 -5.80
CA THR A 260 -10.95 -32.16 -7.02
C THR A 260 -10.92 -30.90 -7.90
N ALA A 261 -10.91 -31.11 -9.23
CA ALA A 261 -10.82 -30.06 -10.26
C ALA A 261 -11.86 -28.93 -10.06
N GLU A 262 -13.04 -29.33 -9.55
CA GLU A 262 -14.17 -28.43 -9.27
C GLU A 262 -13.82 -27.36 -8.21
N PHE A 263 -12.97 -27.73 -7.24
CA PHE A 263 -12.51 -26.80 -6.19
C PHE A 263 -11.22 -26.07 -6.64
N ILE A 264 -10.34 -26.79 -7.37
CA ILE A 264 -9.07 -26.24 -7.90
C ILE A 264 -9.34 -24.98 -8.76
N LYS A 265 -10.34 -25.09 -9.64
CA LYS A 265 -10.73 -23.98 -10.55
C LYS A 265 -11.32 -22.77 -9.78
N ARG A 266 -11.74 -22.99 -8.50
CA ARG A 266 -12.30 -21.91 -7.65
C ARG A 266 -11.17 -20.94 -7.24
N PHE A 267 -9.91 -21.45 -7.26
CA PHE A 267 -8.70 -20.62 -7.11
C PHE A 267 -8.28 -20.00 -8.47
N GLY A 268 -9.21 -19.98 -9.45
CA GLY A 268 -8.97 -19.35 -10.75
C GLY A 268 -7.93 -20.09 -11.60
N VAL A 269 -7.62 -21.33 -11.21
CA VAL A 269 -6.70 -22.20 -11.96
C VAL A 269 -7.44 -22.68 -13.22
N GLU A 270 -7.10 -22.06 -14.37
CA GLU A 270 -7.86 -22.14 -15.62
C GLU A 270 -7.92 -23.60 -16.16
N ASP A 271 -6.76 -24.25 -16.16
CA ASP A 271 -6.62 -25.68 -16.50
C ASP A 271 -6.49 -26.46 -15.18
N GLY A 272 -7.58 -26.41 -14.40
CA GLY A 272 -7.59 -26.83 -13.00
C GLY A 272 -7.68 -28.33 -12.76
N SER A 273 -6.82 -29.13 -13.41
CA SER A 273 -6.59 -30.56 -13.04
C SER A 273 -5.52 -30.62 -11.93
N VAL A 274 -5.23 -31.81 -11.39
CA VAL A 274 -4.23 -31.98 -10.29
C VAL A 274 -2.81 -31.79 -10.85
N GLU A 275 -2.43 -32.64 -11.83
CA GLU A 275 -1.14 -32.56 -12.54
C GLU A 275 -0.95 -31.17 -13.21
N GLY A 276 -2.08 -30.60 -13.69
CA GLY A 276 -2.09 -29.24 -14.25
C GLY A 276 -1.90 -28.18 -13.18
N LEU A 277 -2.37 -28.46 -11.95
CA LEU A 277 -2.28 -27.54 -10.80
C LEU A 277 -0.85 -27.49 -10.29
N ARG A 278 -0.17 -28.65 -10.30
CA ARG A 278 1.25 -28.76 -9.91
C ARG A 278 2.13 -27.85 -10.80
N ALA A 279 1.93 -27.96 -12.12
CA ALA A 279 2.69 -27.19 -13.13
C ALA A 279 2.33 -25.70 -13.07
N GLU A 280 1.03 -25.40 -12.91
CA GLU A 280 0.53 -24.01 -12.89
C GLU A 280 1.01 -23.26 -11.64
N VAL A 281 0.87 -23.90 -10.47
CA VAL A 281 1.34 -23.33 -9.19
C VAL A 281 2.87 -23.18 -9.20
N ARG A 282 3.58 -24.18 -9.79
CA ARG A 282 5.05 -24.11 -9.98
C ARG A 282 5.43 -22.83 -10.77
N LYS A 283 4.66 -22.57 -11.84
CA LYS A 283 4.82 -21.39 -12.70
C LYS A 283 4.62 -20.08 -11.90
N ASN A 284 3.47 -20.00 -11.19
CA ASN A 284 3.09 -18.79 -10.38
C ASN A 284 4.07 -18.57 -9.21
N MET A 285 4.59 -19.69 -8.69
CA MET A 285 5.55 -19.68 -7.57
C MET A 285 6.83 -18.99 -8.01
N GLU A 286 7.48 -19.56 -9.05
CA GLU A 286 8.79 -19.07 -9.54
C GLU A 286 8.66 -17.66 -10.17
N ARG A 287 7.46 -17.33 -10.69
CA ARG A 287 7.16 -16.01 -11.28
C ARG A 287 7.14 -14.93 -10.17
N GLU A 288 6.28 -15.18 -9.15
CA GLU A 288 6.16 -14.29 -7.96
C GLU A 288 7.45 -14.34 -7.11
N LEU A 289 8.20 -15.45 -7.22
CA LEU A 289 9.44 -15.67 -6.48
C LEU A 289 10.57 -14.85 -7.08
N LYS A 290 10.58 -14.72 -8.42
CA LYS A 290 11.54 -13.85 -9.11
C LYS A 290 11.31 -12.38 -8.70
N SER A 291 9.99 -12.03 -8.57
CA SER A 291 9.56 -10.72 -8.05
C SER A 291 9.89 -10.56 -6.55
N ALA A 292 9.86 -11.68 -5.81
CA ALA A 292 10.20 -11.70 -4.36
C ALA A 292 11.70 -11.45 -4.14
N ILE A 293 12.56 -12.15 -4.93
CA ILE A 293 14.02 -11.96 -4.92
C ILE A 293 14.37 -10.55 -5.42
N ARG A 294 13.63 -10.08 -6.46
CA ARG A 294 13.87 -8.75 -7.05
C ARG A 294 13.59 -7.65 -6.01
N ASN A 295 12.41 -7.73 -5.37
CA ASN A 295 11.96 -6.77 -4.35
C ASN A 295 12.80 -6.93 -3.06
N ARG A 296 13.34 -8.14 -2.81
CA ARG A 296 14.27 -8.40 -1.70
C ARG A 296 15.56 -7.60 -1.88
N VAL A 297 16.20 -7.80 -3.04
CA VAL A 297 17.48 -7.16 -3.38
C VAL A 297 17.30 -5.64 -3.46
N LYS A 298 16.15 -5.21 -3.99
CA LYS A 298 15.78 -3.80 -4.13
C LYS A 298 15.49 -3.15 -2.76
N SER A 299 14.82 -3.90 -1.84
CA SER A 299 14.45 -3.37 -0.51
C SER A 299 15.69 -3.22 0.38
N GLN A 300 16.60 -4.21 0.35
CA GLN A 300 17.88 -4.15 1.07
C GLN A 300 18.83 -3.11 0.42
N ALA A 301 18.68 -2.91 -0.90
CA ALA A 301 19.39 -1.84 -1.63
C ALA A 301 19.00 -0.48 -1.06
N ILE A 302 17.67 -0.20 -1.02
CA ILE A 302 17.11 1.10 -0.55
C ILE A 302 17.40 1.32 0.96
N GLU A 303 17.24 0.25 1.75
CA GLU A 303 17.51 0.24 3.20
C GLU A 303 18.97 0.65 3.47
N GLY A 304 19.88 -0.14 2.87
CA GLY A 304 21.30 0.08 2.99
C GLY A 304 21.76 1.38 2.33
N LEU A 305 21.01 1.82 1.29
CA LEU A 305 21.28 3.06 0.55
C LEU A 305 21.17 4.27 1.47
N VAL A 306 20.02 4.38 2.16
CA VAL A 306 19.81 5.44 3.17
C VAL A 306 20.87 5.31 4.29
N LYS A 307 20.95 4.08 4.83
CA LYS A 307 21.87 3.69 5.92
C LYS A 307 23.33 4.06 5.65
N ALA A 308 23.75 3.94 4.37
CA ALA A 308 25.14 4.14 3.96
C ALA A 308 25.50 5.62 3.87
N ASN A 309 24.53 6.49 3.51
CA ASN A 309 24.84 7.87 3.07
C ASN A 309 24.05 8.90 3.88
N ASP A 310 24.74 9.66 4.76
CA ASP A 310 24.19 10.87 5.39
C ASP A 310 24.27 12.02 4.38
N ILE A 311 23.23 12.86 4.35
CA ILE A 311 23.12 13.96 3.40
C ILE A 311 22.33 15.11 4.03
N ASP A 312 22.81 16.35 3.82
CA ASP A 312 22.08 17.56 4.24
C ASP A 312 20.83 17.72 3.37
N VAL A 313 19.72 17.13 3.83
CA VAL A 313 18.44 17.16 3.11
C VAL A 313 17.76 18.53 3.34
N PRO A 314 17.37 19.27 2.24
CA PRO A 314 16.58 20.51 2.38
C PRO A 314 15.20 20.21 3.01
N ALA A 315 14.87 20.97 4.06
CA ALA A 315 13.65 20.83 4.87
C ALA A 315 12.38 20.85 4.02
N ALA A 316 12.40 21.68 2.96
CA ALA A 316 11.24 21.92 2.07
C ALA A 316 10.71 20.60 1.45
N LEU A 317 11.64 19.77 0.97
CA LEU A 317 11.32 18.46 0.35
C LEU A 317 10.72 17.49 1.39
N ILE A 318 11.30 17.53 2.61
CA ILE A 318 10.82 16.73 3.75
C ILE A 318 9.36 17.13 4.08
N ASP A 319 9.11 18.46 4.16
CA ASP A 319 7.77 19.03 4.47
C ASP A 319 6.74 18.71 3.38
N SER A 320 7.21 18.62 2.12
CA SER A 320 6.39 18.18 0.99
C SER A 320 5.91 16.73 1.21
N GLU A 321 6.87 15.87 1.58
CA GLU A 321 6.59 14.47 1.91
C GLU A 321 5.68 14.33 3.15
N ILE A 322 5.90 15.18 4.20
CA ILE A 322 5.02 15.23 5.40
C ILE A 322 3.58 15.48 4.96
N ASP A 323 3.42 16.55 4.17
CA ASP A 323 2.11 17.06 3.75
C ASP A 323 1.30 15.98 3.01
N VAL A 324 1.92 15.38 1.97
CA VAL A 324 1.28 14.33 1.15
C VAL A 324 0.99 13.06 1.99
N LEU A 325 1.94 12.68 2.88
CA LEU A 325 1.79 11.50 3.78
C LEU A 325 0.67 11.72 4.81
N ARG A 326 0.49 12.98 5.24
CA ARG A 326 -0.60 13.37 6.19
C ARG A 326 -1.94 13.15 5.51
N ARG A 327 -2.05 13.66 4.26
CA ARG A 327 -3.26 13.51 3.42
C ARG A 327 -3.63 12.01 3.30
N GLN A 328 -2.66 11.21 2.82
CA GLN A 328 -2.81 9.75 2.62
C GLN A 328 -3.15 9.02 3.94
N ALA A 329 -2.62 9.55 5.07
CA ALA A 329 -2.86 8.99 6.41
C ALA A 329 -4.33 9.17 6.82
N ALA A 330 -4.72 10.43 7.11
CA ALA A 330 -6.04 10.75 7.69
C ALA A 330 -7.20 10.36 6.74
N GLN A 331 -6.93 10.38 5.41
CA GLN A 331 -7.89 9.97 4.36
C GLN A 331 -8.24 8.47 4.50
N ARG A 332 -7.25 7.64 4.86
CA ARG A 332 -7.44 6.17 4.97
C ARG A 332 -7.84 5.81 6.40
N PHE A 333 -7.01 6.25 7.36
CA PHE A 333 -7.24 6.11 8.81
C PHE A 333 -8.43 6.99 9.23
N GLY A 334 -9.65 6.44 9.03
CA GLY A 334 -10.89 7.06 9.49
C GLY A 334 -11.56 7.94 8.44
N GLY A 335 -10.75 8.69 7.64
CA GLY A 335 -11.27 9.56 6.59
C GLY A 335 -11.81 10.88 7.14
N ASN A 336 -11.00 11.53 8.01
CA ASN A 336 -11.40 12.76 8.72
C ASN A 336 -11.16 14.01 7.83
N GLU A 337 -11.96 15.08 8.06
CA GLU A 337 -11.94 16.31 7.24
C GLU A 337 -10.73 17.20 7.59
N LYS A 338 -9.70 17.16 6.71
CA LYS A 338 -8.52 18.07 6.73
C LYS A 338 -7.67 18.00 8.03
N GLN A 339 -7.96 17.02 8.90
CA GLN A 339 -7.18 16.78 10.15
C GLN A 339 -5.81 16.19 9.82
N ALA A 340 -5.63 15.80 8.55
CA ALA A 340 -4.33 15.51 7.95
C ALA A 340 -3.35 16.67 8.18
N LEU A 341 -3.80 17.87 7.78
CA LEU A 341 -2.96 19.08 7.78
C LEU A 341 -2.76 19.64 9.21
N GLU A 342 -3.45 19.03 10.19
CA GLU A 342 -3.30 19.34 11.62
C GLU A 342 -2.16 18.50 12.26
N LEU A 343 -1.81 17.35 11.61
CA LEU A 343 -0.75 16.43 12.10
C LEU A 343 0.63 17.13 12.04
N PRO A 344 1.52 16.90 13.07
CA PRO A 344 2.85 17.55 13.14
C PRO A 344 3.89 16.92 12.18
N ARG A 345 4.96 17.69 11.90
CA ARG A 345 6.04 17.32 10.98
C ARG A 345 6.70 16.00 11.40
N GLU A 346 7.14 15.99 12.66
CA GLU A 346 7.81 14.86 13.31
C GLU A 346 6.95 13.58 13.36
N LEU A 347 5.64 13.67 13.02
CA LEU A 347 4.76 12.48 12.96
C LEU A 347 5.17 11.60 11.75
N PHE A 348 5.63 12.24 10.66
CA PHE A 348 6.00 11.55 9.40
C PHE A 348 7.47 11.76 9.03
N GLU A 349 8.13 12.74 9.69
CA GLU A 349 9.49 13.21 9.34
C GLU A 349 10.53 12.09 9.19
N GLU A 350 10.40 11.04 10.01
CA GLU A 350 11.35 9.91 10.03
C GLU A 350 11.32 9.13 8.68
N GLN A 351 10.12 8.67 8.27
CA GLN A 351 9.94 7.93 6.99
C GLN A 351 10.04 8.87 5.78
N ALA A 352 9.55 10.11 5.96
CA ALA A 352 9.47 11.13 4.89
C ALA A 352 10.86 11.55 4.43
N LYS A 353 11.73 11.80 5.43
CA LYS A 353 13.15 12.10 5.19
C LYS A 353 13.79 10.96 4.42
N ARG A 354 13.55 9.70 4.86
CA ARG A 354 14.06 8.47 4.20
C ARG A 354 13.69 8.47 2.69
N ARG A 355 12.42 8.78 2.40
CA ARG A 355 11.89 8.85 1.02
C ARG A 355 12.64 9.91 0.18
N VAL A 356 12.87 11.10 0.77
CA VAL A 356 13.63 12.18 0.10
C VAL A 356 15.09 11.76 -0.13
N VAL A 357 15.69 11.10 0.90
CA VAL A 357 17.09 10.63 0.88
C VAL A 357 17.29 9.66 -0.30
N VAL A 358 16.33 8.73 -0.47
CA VAL A 358 16.33 7.79 -1.61
C VAL A 358 16.35 8.55 -2.95
N GLY A 359 15.50 9.58 -3.03
CA GLY A 359 15.38 10.42 -4.23
C GLY A 359 16.64 11.20 -4.58
N LEU A 360 17.32 11.69 -3.54
CA LEU A 360 18.53 12.53 -3.69
C LEU A 360 19.78 11.68 -3.99
N LEU A 361 19.88 10.49 -3.34
CA LEU A 361 21.02 9.56 -3.51
C LEU A 361 20.97 8.94 -4.91
N LEU A 362 19.80 8.37 -5.27
CA LEU A 362 19.57 7.78 -6.62
C LEU A 362 19.56 8.88 -7.71
N GLY A 363 19.20 10.12 -7.30
CA GLY A 363 19.32 11.30 -8.17
C GLY A 363 20.77 11.65 -8.48
N GLU A 364 21.64 11.55 -7.45
CA GLU A 364 23.08 11.80 -7.62
C GLU A 364 23.75 10.69 -8.45
N VAL A 365 23.32 9.43 -8.21
CA VAL A 365 23.80 8.27 -8.99
C VAL A 365 23.43 8.45 -10.47
N ILE A 366 22.17 8.87 -10.73
CA ILE A 366 21.65 9.04 -12.10
C ILE A 366 22.39 10.20 -12.82
N ARG A 367 22.73 11.27 -12.04
CA ARG A 367 23.40 12.47 -12.58
C ARG A 367 24.88 12.17 -12.87
N THR A 368 25.63 11.81 -11.80
CA THR A 368 27.10 11.57 -11.84
C THR A 368 27.47 10.45 -12.83
N ASN A 369 26.70 9.35 -12.82
CA ASN A 369 26.95 8.19 -13.72
C ASN A 369 26.26 8.40 -15.09
N GLU A 370 25.60 9.60 -15.30
CA GLU A 370 24.78 9.95 -16.51
C GLU A 370 23.86 8.78 -16.94
N LEU A 371 23.36 8.07 -15.93
CA LEU A 371 22.69 6.76 -16.08
C LEU A 371 21.33 6.92 -16.78
N LYS A 372 21.12 6.09 -17.79
CA LYS A 372 19.87 6.04 -18.57
C LYS A 372 19.35 4.60 -18.66
N ALA A 373 18.17 4.44 -19.25
CA ALA A 373 17.58 3.12 -19.49
C ALA A 373 18.36 2.39 -20.61
N ASP A 374 18.58 1.09 -20.42
CA ASP A 374 19.38 0.26 -21.33
C ASP A 374 18.45 -0.59 -22.20
N GLU A 375 18.51 -0.38 -23.53
CA GLU A 375 17.60 -1.02 -24.50
C GLU A 375 17.63 -2.56 -24.41
N GLU A 376 18.83 -3.11 -24.11
CA GLU A 376 19.02 -4.57 -23.96
C GLU A 376 18.33 -5.09 -22.68
N ARG A 377 18.32 -4.23 -21.64
CA ARG A 377 17.73 -4.57 -20.32
C ARG A 377 16.19 -4.52 -20.42
N VAL A 378 15.73 -3.52 -21.21
CA VAL A 378 14.32 -3.32 -21.56
C VAL A 378 13.78 -4.54 -22.32
N LYS A 379 14.52 -4.98 -23.36
CA LYS A 379 14.15 -6.15 -24.18
C LYS A 379 14.15 -7.44 -23.33
N GLY A 380 15.14 -7.54 -22.41
CA GLY A 380 15.20 -8.64 -21.44
C GLY A 380 13.95 -8.73 -20.55
N LEU A 381 13.51 -7.55 -20.07
CA LEU A 381 12.28 -7.42 -19.25
C LEU A 381 11.02 -7.82 -20.09
N ILE A 382 11.01 -7.38 -21.37
CA ILE A 382 9.92 -7.70 -22.32
C ILE A 382 9.85 -9.23 -22.55
N GLU A 383 11.03 -9.90 -22.57
CA GLU A 383 11.11 -11.39 -22.67
C GLU A 383 10.59 -12.08 -21.40
N GLU A 384 10.89 -11.48 -20.22
CA GLU A 384 10.38 -11.96 -18.91
C GLU A 384 8.84 -11.95 -18.89
N MET A 385 8.26 -10.88 -19.44
CA MET A 385 6.80 -10.72 -19.59
C MET A 385 6.26 -11.59 -20.75
N ALA A 386 7.10 -11.77 -21.81
CA ALA A 386 6.74 -12.56 -23.01
C ALA A 386 6.86 -14.07 -22.73
N SER A 387 7.43 -14.45 -21.56
CA SER A 387 7.36 -15.83 -21.06
C SER A 387 5.88 -16.29 -20.85
N ALA A 388 4.97 -15.30 -20.72
CA ALA A 388 3.51 -15.53 -20.58
C ALA A 388 2.82 -15.65 -21.96
N TYR A 389 3.54 -15.28 -23.06
CA TYR A 389 3.01 -15.31 -24.44
C TYR A 389 3.98 -16.04 -25.39
N GLU A 390 3.51 -17.16 -25.95
CA GLU A 390 4.27 -17.97 -26.92
C GLU A 390 4.57 -17.12 -28.17
N ASP A 391 3.58 -16.29 -28.54
CA ASP A 391 3.66 -15.38 -29.69
C ASP A 391 3.13 -13.98 -29.25
N PRO A 392 4.03 -13.11 -28.72
CA PRO A 392 3.64 -11.80 -28.11
C PRO A 392 3.49 -10.62 -29.13
N LYS A 393 2.76 -10.90 -30.24
CA LYS A 393 2.45 -9.87 -31.28
C LYS A 393 1.80 -8.63 -30.65
N GLU A 394 0.78 -8.87 -29.80
CA GLU A 394 0.07 -7.81 -29.06
C GLU A 394 1.04 -6.93 -28.23
N VAL A 395 2.12 -7.56 -27.70
CA VAL A 395 3.10 -6.88 -26.85
C VAL A 395 3.96 -5.94 -27.71
N ILE A 396 4.71 -6.54 -28.67
CA ILE A 396 5.68 -5.81 -29.52
C ILE A 396 4.96 -4.65 -30.26
N GLU A 397 3.76 -4.94 -30.78
CA GLU A 397 2.95 -3.97 -31.51
C GLU A 397 2.47 -2.84 -30.59
N PHE A 398 1.85 -3.17 -29.43
CA PHE A 398 1.33 -2.15 -28.48
C PHE A 398 2.45 -1.15 -28.07
N TYR A 399 3.64 -1.68 -27.79
CA TYR A 399 4.83 -0.86 -27.50
C TYR A 399 5.17 0.07 -28.69
N SER A 400 5.48 -0.54 -29.85
CA SER A 400 5.99 0.19 -31.04
C SER A 400 4.95 1.13 -31.68
N LYS A 401 3.68 1.06 -31.23
CA LYS A 401 2.58 1.90 -31.75
C LYS A 401 2.16 2.97 -30.73
N ASN A 402 2.49 2.78 -29.44
CA ASN A 402 1.95 3.64 -28.36
C ASN A 402 3.06 3.97 -27.36
N LYS A 403 3.26 5.29 -27.14
CA LYS A 403 4.27 5.82 -26.20
C LYS A 403 4.09 5.22 -24.80
N GLU A 404 2.81 5.20 -24.34
CA GLU A 404 2.39 4.86 -22.96
C GLU A 404 3.31 3.85 -22.24
N LEU A 405 3.25 2.57 -22.64
CA LEU A 405 3.93 1.49 -21.92
C LEU A 405 5.38 1.31 -22.42
N MET A 406 5.66 1.69 -23.69
CA MET A 406 7.04 1.66 -24.23
C MET A 406 7.96 2.62 -23.44
N ASP A 407 7.35 3.76 -23.03
CA ASP A 407 8.01 4.83 -22.27
C ASP A 407 8.17 4.38 -20.81
N ASN A 408 7.04 3.98 -20.18
CA ASN A 408 7.02 3.50 -18.78
C ASN A 408 7.85 2.22 -18.57
N MET A 409 8.09 1.45 -19.66
CA MET A 409 8.97 0.27 -19.62
C MET A 409 10.43 0.70 -19.45
N ARG A 410 10.83 1.74 -20.19
CA ARG A 410 12.20 2.27 -20.10
C ARG A 410 12.37 3.16 -18.86
N ASN A 411 11.26 3.69 -18.32
CA ASN A 411 11.27 4.49 -17.08
C ASN A 411 11.43 3.58 -15.84
N VAL A 412 10.71 2.42 -15.82
CA VAL A 412 10.89 1.42 -14.74
C VAL A 412 12.29 0.81 -14.85
N ALA A 413 12.75 0.54 -16.09
CA ALA A 413 14.11 0.04 -16.36
C ALA A 413 15.17 1.03 -15.83
N LEU A 414 14.92 2.33 -16.07
CA LEU A 414 15.76 3.45 -15.59
C LEU A 414 15.95 3.39 -14.05
N GLU A 415 14.81 3.32 -13.34
CA GLU A 415 14.77 3.28 -11.86
C GLU A 415 15.48 2.03 -11.31
N GLU A 416 15.19 0.88 -11.93
CA GLU A 416 15.74 -0.43 -11.55
C GLU A 416 17.28 -0.47 -11.72
N GLN A 417 17.76 0.08 -12.85
CA GLN A 417 19.20 0.15 -13.18
C GLN A 417 19.92 1.17 -12.29
N ALA A 418 19.19 2.23 -11.87
CA ALA A 418 19.68 3.22 -10.90
C ALA A 418 20.02 2.52 -9.59
N VAL A 419 19.09 1.67 -9.13
CA VAL A 419 19.29 0.80 -7.96
C VAL A 419 20.49 -0.17 -8.21
N GLU A 420 20.50 -0.82 -9.39
CA GLU A 420 21.52 -1.86 -9.72
C GLU A 420 22.95 -1.29 -9.88
N ALA A 421 23.06 0.01 -10.18
CA ALA A 421 24.37 0.70 -10.20
C ALA A 421 24.90 0.92 -8.78
N VAL A 422 23.97 1.01 -7.81
CA VAL A 422 24.30 1.12 -6.38
C VAL A 422 24.66 -0.28 -5.86
N LEU A 423 23.94 -1.29 -6.41
CA LEU A 423 24.21 -2.74 -6.15
C LEU A 423 25.57 -3.18 -6.73
N ALA A 424 25.99 -2.51 -7.82
CA ALA A 424 27.31 -2.74 -8.45
C ALA A 424 28.47 -2.38 -7.49
N LYS A 425 28.20 -1.47 -6.55
CA LYS A 425 29.16 -1.08 -5.48
C LYS A 425 28.78 -1.68 -4.12
N ALA A 426 27.55 -2.18 -4.01
CA ALA A 426 27.03 -2.81 -2.77
C ALA A 426 27.53 -4.25 -2.63
N LYS A 427 27.55 -4.73 -1.38
CA LYS A 427 27.89 -6.12 -1.07
C LYS A 427 26.65 -7.01 -1.28
N VAL A 428 26.40 -7.36 -2.56
CA VAL A 428 25.30 -8.27 -2.93
C VAL A 428 25.80 -9.71 -2.79
N THR A 429 25.78 -10.21 -1.54
CA THR A 429 26.11 -11.60 -1.20
C THR A 429 24.93 -12.51 -1.57
N GLU A 430 25.16 -13.83 -1.58
CA GLU A 430 24.15 -14.82 -1.98
C GLU A 430 24.16 -16.03 -1.04
N LYS A 431 22.97 -16.51 -0.64
CA LYS A 431 22.80 -17.72 0.18
C LYS A 431 21.89 -18.71 -0.56
N GLU A 432 21.80 -19.94 -0.02
CA GLU A 432 20.82 -20.95 -0.47
C GLU A 432 19.82 -21.19 0.67
N THR A 433 18.53 -21.36 0.34
CA THR A 433 17.45 -21.47 1.34
C THR A 433 16.20 -22.17 0.77
N THR A 434 15.27 -22.51 1.67
CA THR A 434 14.00 -23.17 1.32
C THR A 434 12.95 -22.16 0.81
N PHE A 435 11.77 -22.71 0.44
CA PHE A 435 10.70 -21.99 -0.25
C PHE A 435 10.10 -20.84 0.60
N ASN A 436 9.54 -21.18 1.79
CA ASN A 436 8.72 -20.24 2.58
C ASN A 436 9.58 -19.18 3.33
N GLU A 437 10.91 -19.15 3.04
CA GLU A 437 11.85 -18.11 3.52
C GLU A 437 11.30 -16.67 3.28
N LEU A 438 11.15 -16.29 1.99
CA LEU A 438 10.60 -14.96 1.60
C LEU A 438 9.07 -14.99 1.63
N MET A 439 8.51 -16.20 1.59
CA MET A 439 7.07 -16.45 1.61
C MET A 439 6.55 -16.44 3.08
N ASN A 440 7.15 -15.59 3.94
CA ASN A 440 7.03 -15.68 5.42
C ASN A 440 5.65 -15.15 5.94
N GLN A 441 4.65 -15.00 5.04
CA GLN A 441 3.25 -14.75 5.43
C GLN A 441 2.44 -16.04 5.20
N GLN A 442 2.16 -16.77 6.30
CA GLN A 442 1.44 -18.05 6.27
C GLN A 442 -0.08 -17.80 6.41
N ALA A 443 -0.47 -17.19 7.55
CA ALA A 443 -1.87 -16.90 7.89
C ALA A 443 -1.94 -15.76 8.94
N MET B 2 -9.71 -12.28 50.48
CA MET B 2 -8.38 -11.64 50.64
C MET B 2 -7.29 -12.63 51.10
N LYS B 3 -7.72 -13.80 51.61
CA LYS B 3 -6.81 -14.92 51.98
C LYS B 3 -6.10 -15.43 50.72
N GLN B 4 -6.92 -15.83 49.74
CA GLN B 4 -6.48 -16.11 48.37
C GLN B 4 -6.83 -14.91 47.48
N SER B 5 -6.37 -14.96 46.24
CA SER B 5 -6.65 -13.97 45.22
C SER B 5 -8.13 -14.08 44.77
N THR B 6 -9.00 -13.33 45.45
CA THR B 6 -10.46 -13.41 45.27
C THR B 6 -10.89 -12.62 44.02
N ILE B 7 -10.70 -13.23 42.84
CA ILE B 7 -11.14 -12.69 41.56
C ILE B 7 -12.04 -13.74 40.90
N ALA B 8 -13.33 -13.40 40.75
CA ALA B 8 -14.37 -14.28 40.19
C ALA B 8 -14.50 -14.09 38.67
N LEU B 9 -13.34 -13.86 37.99
CA LEU B 9 -13.20 -13.47 36.55
C LEU B 9 -14.14 -12.32 36.07
N ALA B 10 -14.81 -11.64 37.01
CA ALA B 10 -15.88 -10.65 36.70
C ALA B 10 -15.32 -9.38 36.03
N LEU B 11 -13.98 -9.26 36.00
CA LEU B 11 -13.28 -8.26 35.20
C LEU B 11 -13.49 -8.56 33.70
N LEU B 12 -12.87 -9.66 33.21
CA LEU B 12 -12.95 -10.09 31.80
C LEU B 12 -12.08 -11.38 31.61
N PRO B 13 -10.70 -11.33 31.78
CA PRO B 13 -9.80 -12.44 31.37
C PRO B 13 -9.89 -13.69 32.29
N LEU B 14 -9.73 -14.87 31.66
CA LEU B 14 -9.44 -16.18 32.31
C LEU B 14 -9.59 -17.27 31.25
N LEU B 15 -10.80 -17.34 30.67
CA LEU B 15 -11.20 -18.39 29.72
C LEU B 15 -10.81 -18.04 28.28
N PHE B 16 -11.04 -16.78 27.87
CA PHE B 16 -10.76 -16.29 26.49
C PHE B 16 -11.53 -17.12 25.43
N THR B 17 -11.06 -17.05 24.17
CA THR B 17 -11.50 -17.89 23.02
C THR B 17 -12.76 -17.26 22.27
N PRO B 18 -14.10 -17.51 22.60
CA PRO B 18 -15.19 -16.87 21.82
C PRO B 18 -15.39 -15.39 22.23
N VAL B 19 -14.92 -15.03 23.43
CA VAL B 19 -15.05 -13.69 24.03
C VAL B 19 -13.83 -12.80 23.64
N THR B 20 -13.97 -11.48 23.84
CA THR B 20 -12.90 -10.45 23.75
C THR B 20 -12.05 -10.51 22.46
N LYS B 21 -12.58 -9.91 21.39
CA LYS B 21 -11.86 -9.79 20.12
C LYS B 21 -11.34 -8.35 19.99
N ALA B 22 -10.01 -8.20 20.18
CA ALA B 22 -9.32 -6.89 20.24
C ALA B 22 -9.39 -6.17 18.89
N ARG B 23 -10.31 -5.18 18.81
CA ARG B 23 -10.55 -4.34 17.62
C ARG B 23 -10.88 -5.25 16.41
N THR B 24 -12.05 -5.88 16.49
CA THR B 24 -12.57 -6.77 15.44
C THR B 24 -14.10 -6.54 15.33
N PRO B 25 -14.62 -6.02 14.17
CA PRO B 25 -16.07 -5.93 13.92
C PRO B 25 -16.66 -7.32 13.57
N GLU B 26 -17.93 -7.51 13.93
CA GLU B 26 -18.65 -8.77 13.65
C GLU B 26 -19.00 -8.84 12.16
N MET B 27 -19.50 -7.68 11.64
CA MET B 27 -19.94 -7.51 10.24
C MET B 27 -20.98 -8.59 9.83
N PRO B 28 -22.27 -8.43 10.21
CA PRO B 28 -23.33 -9.37 9.80
C PRO B 28 -23.71 -9.22 8.31
N VAL B 29 -24.44 -8.14 8.00
CA VAL B 29 -24.99 -7.84 6.66
C VAL B 29 -25.77 -6.50 6.72
N LEU B 30 -26.39 -6.25 7.91
CA LEU B 30 -27.28 -5.09 8.20
C LEU B 30 -28.65 -5.27 7.54
N GLU B 31 -28.66 -5.36 6.21
CA GLU B 31 -29.86 -5.57 5.40
C GLU B 31 -29.46 -6.16 4.04
N ASN B 32 -30.43 -6.72 3.29
CA ASN B 32 -30.24 -7.21 1.91
C ASN B 32 -30.12 -6.02 0.93
N ARG B 33 -30.48 -6.23 -0.37
CA ARG B 33 -30.25 -5.26 -1.47
C ARG B 33 -28.74 -5.15 -1.72
N ALA B 34 -28.27 -5.97 -2.70
CA ALA B 34 -26.84 -6.31 -2.92
C ALA B 34 -26.40 -7.35 -1.86
N ALA B 35 -25.94 -8.53 -2.35
CA ALA B 35 -25.73 -9.77 -1.53
C ALA B 35 -27.08 -10.45 -1.20
N GLN B 36 -27.07 -11.80 -1.21
CA GLN B 36 -28.28 -12.61 -0.94
C GLN B 36 -28.77 -12.42 0.52
N GLY B 37 -27.93 -12.83 1.48
CA GLY B 37 -28.24 -12.67 2.91
C GLY B 37 -27.00 -12.81 3.79
N ASP B 38 -25.82 -12.83 3.16
CA ASP B 38 -24.52 -13.00 3.84
C ASP B 38 -23.41 -12.42 2.94
N ILE B 39 -22.38 -11.84 3.58
CA ILE B 39 -21.26 -11.17 2.89
C ILE B 39 -20.12 -10.84 3.89
N THR B 40 -20.54 -10.46 5.13
CA THR B 40 -19.64 -10.07 6.23
C THR B 40 -18.74 -8.85 5.84
N ALA B 41 -17.55 -9.13 5.29
CA ALA B 41 -16.53 -8.11 5.03
C ALA B 41 -15.91 -8.32 3.64
N PRO B 42 -16.45 -7.62 2.58
CA PRO B 42 -15.95 -7.72 1.19
C PRO B 42 -14.80 -6.73 0.88
N GLY B 43 -14.10 -6.28 1.95
CA GLY B 43 -13.05 -5.27 1.84
C GLY B 43 -13.61 -3.87 1.55
N GLY B 44 -12.95 -3.15 0.65
CA GLY B 44 -13.38 -1.83 0.22
C GLY B 44 -14.31 -1.91 -0.98
N ALA B 45 -15.44 -2.64 -0.81
CA ALA B 45 -16.45 -2.84 -1.85
C ALA B 45 -17.36 -1.61 -1.98
N ARG B 46 -17.92 -1.44 -3.17
CA ARG B 46 -18.76 -0.28 -3.53
C ARG B 46 -20.22 -0.44 -3.04
N ARG B 47 -20.56 -1.68 -2.62
CA ARG B 47 -21.94 -2.14 -2.29
C ARG B 47 -22.76 -2.36 -3.58
N LEU B 48 -22.71 -1.38 -4.51
CA LEU B 48 -23.27 -1.51 -5.87
C LEU B 48 -22.58 -2.71 -6.57
N THR B 49 -23.26 -3.86 -6.52
CA THR B 49 -22.79 -5.12 -7.08
C THR B 49 -23.12 -5.20 -8.58
N GLY B 50 -22.26 -4.60 -9.41
CA GLY B 50 -22.41 -4.62 -10.87
C GLY B 50 -22.25 -3.23 -11.48
N ASP B 51 -20.99 -2.77 -11.55
CA ASP B 51 -20.60 -1.48 -12.17
C ASP B 51 -20.68 -1.56 -13.71
N GLN B 52 -20.76 -0.39 -14.36
CA GLN B 52 -20.85 -0.27 -15.83
C GLN B 52 -19.56 -0.75 -16.54
N THR B 53 -18.38 -0.49 -15.91
CA THR B 53 -17.08 -0.85 -16.50
C THR B 53 -16.47 -2.07 -15.74
N ALA B 54 -15.77 -1.80 -14.61
CA ALA B 54 -15.02 -2.82 -13.84
C ALA B 54 -15.66 -3.00 -12.45
N ALA B 55 -15.48 -1.99 -11.60
CA ALA B 55 -16.00 -1.97 -10.20
C ALA B 55 -16.11 -0.50 -9.78
N LEU B 56 -14.94 0.20 -9.81
CA LEU B 56 -14.82 1.65 -9.66
C LEU B 56 -15.39 2.19 -8.33
N ARG B 57 -15.19 3.49 -8.11
CA ARG B 57 -15.81 4.25 -7.04
C ARG B 57 -16.70 5.36 -7.66
N ASP B 58 -16.31 5.78 -8.89
CA ASP B 58 -16.86 6.98 -9.58
C ASP B 58 -16.77 8.21 -8.66
N SER B 59 -15.56 8.35 -8.07
CA SER B 59 -15.26 9.37 -7.06
C SER B 59 -15.58 10.79 -7.57
N LEU B 60 -16.62 11.39 -6.97
CA LEU B 60 -17.04 12.78 -7.27
C LEU B 60 -16.08 13.78 -6.58
N SER B 61 -16.35 15.10 -6.79
CA SER B 61 -15.51 16.20 -6.27
C SER B 61 -14.16 16.26 -7.02
N ASP B 62 -13.91 17.39 -7.72
CA ASP B 62 -12.67 17.64 -8.51
C ASP B 62 -12.67 16.85 -9.85
N LYS B 63 -13.67 15.96 -10.05
CA LYS B 63 -13.85 15.17 -11.28
C LYS B 63 -14.24 16.10 -12.46
N PRO B 64 -13.30 16.34 -13.45
CA PRO B 64 -13.56 17.27 -14.56
C PRO B 64 -14.30 16.58 -15.73
N ALA B 65 -15.42 17.16 -16.17
CA ALA B 65 -16.17 16.71 -17.35
C ALA B 65 -15.40 17.12 -18.62
N LYS B 66 -15.70 16.44 -19.74
CA LYS B 66 -15.02 16.68 -21.03
C LYS B 66 -15.91 17.53 -21.94
N ASN B 67 -15.29 18.13 -22.99
CA ASN B 67 -15.95 19.10 -23.91
C ASN B 67 -17.15 18.43 -24.63
N ILE B 68 -16.97 17.13 -24.92
CA ILE B 68 -18.03 16.26 -25.47
C ILE B 68 -17.59 14.78 -25.37
N ILE B 69 -16.32 14.51 -25.73
CA ILE B 69 -15.74 13.15 -25.86
C ILE B 69 -14.28 13.25 -26.37
N LEU B 70 -13.97 14.39 -27.04
CA LEU B 70 -12.70 14.68 -27.73
C LEU B 70 -12.67 13.94 -29.07
N LEU B 71 -13.08 14.67 -30.11
CA LEU B 71 -13.19 14.15 -31.48
C LEU B 71 -13.01 15.31 -32.48
N ILE B 72 -11.80 15.91 -32.43
CA ILE B 72 -11.37 16.97 -33.37
C ILE B 72 -10.54 16.36 -34.54
N GLY B 73 -10.01 15.16 -34.29
CA GLY B 73 -9.21 14.40 -35.26
C GLY B 73 -8.71 13.13 -34.62
N ASP B 74 -9.62 12.49 -33.87
CA ASP B 74 -9.32 11.37 -32.96
C ASP B 74 -9.78 10.04 -33.56
N GLY B 75 -9.04 8.97 -33.27
CA GLY B 75 -9.35 7.62 -33.72
C GLY B 75 -8.23 6.64 -33.39
N MET B 76 -8.48 5.34 -33.62
CA MET B 76 -7.49 4.27 -33.44
C MET B 76 -6.74 4.08 -34.77
N GLY B 77 -6.04 5.17 -35.19
CA GLY B 77 -5.37 5.25 -36.49
C GLY B 77 -4.23 4.25 -36.64
N ASP B 78 -4.60 3.00 -36.88
CA ASP B 78 -3.70 1.86 -36.93
C ASP B 78 -4.49 0.58 -37.32
N SER B 79 -5.39 0.15 -36.41
CA SER B 79 -6.12 -1.13 -36.54
C SER B 79 -7.50 -0.93 -37.19
N GLU B 80 -8.04 0.31 -37.15
CA GLU B 80 -9.43 0.60 -37.59
C GLU B 80 -9.61 0.43 -39.12
N ILE B 81 -8.50 0.56 -39.88
CA ILE B 81 -8.50 0.42 -41.36
C ILE B 81 -8.76 -1.03 -41.84
N THR B 82 -8.66 -1.99 -40.91
CA THR B 82 -8.91 -3.42 -41.19
C THR B 82 -9.92 -3.99 -40.17
N ALA B 83 -10.74 -4.95 -40.63
CA ALA B 83 -11.67 -5.70 -39.78
C ALA B 83 -10.89 -6.80 -39.04
N ALA B 84 -10.19 -6.39 -37.97
CA ALA B 84 -9.34 -7.28 -37.18
C ALA B 84 -10.17 -8.01 -36.11
N ARG B 85 -10.82 -9.12 -36.53
CA ARG B 85 -11.47 -10.07 -35.61
C ARG B 85 -10.49 -11.23 -35.39
N ASN B 86 -10.00 -11.41 -34.16
CA ASN B 86 -9.02 -12.45 -33.82
C ASN B 86 -9.59 -13.30 -32.67
N TYR B 87 -9.75 -14.61 -32.93
CA TYR B 87 -10.30 -15.58 -31.96
C TYR B 87 -9.33 -15.81 -30.79
N ALA B 88 -8.03 -15.69 -31.10
CA ALA B 88 -6.93 -15.93 -30.15
C ALA B 88 -6.63 -14.69 -29.27
N GLU B 89 -5.57 -14.82 -28.44
CA GLU B 89 -5.15 -13.82 -27.43
C GLU B 89 -4.77 -12.46 -28.05
N GLY B 90 -4.11 -12.51 -29.24
CA GLY B 90 -3.50 -11.32 -29.86
C GLY B 90 -4.51 -10.37 -30.50
N ALA B 91 -5.25 -9.65 -29.66
CA ALA B 91 -6.26 -8.66 -30.06
C ALA B 91 -6.56 -7.74 -28.88
N GLY B 92 -5.80 -6.63 -28.77
CA GLY B 92 -5.90 -5.70 -27.66
C GLY B 92 -6.30 -4.31 -28.10
N GLY B 93 -7.44 -3.81 -27.54
CA GLY B 93 -7.87 -2.42 -27.76
C GLY B 93 -6.89 -1.44 -27.13
N PHE B 94 -6.42 -1.80 -25.92
CA PHE B 94 -5.28 -1.15 -25.25
C PHE B 94 -4.16 -2.19 -25.17
N PHE B 95 -4.43 -3.26 -24.40
CA PHE B 95 -3.58 -4.45 -24.34
C PHE B 95 -4.47 -5.64 -23.90
N LYS B 96 -4.73 -5.74 -22.58
CA LYS B 96 -5.49 -6.85 -21.97
C LYS B 96 -5.60 -6.63 -20.46
N GLY B 97 -4.42 -6.58 -19.78
CA GLY B 97 -4.35 -6.34 -18.34
C GLY B 97 -3.02 -6.74 -17.74
N ILE B 98 -2.03 -5.83 -17.80
CA ILE B 98 -0.70 -6.00 -17.20
C ILE B 98 -0.33 -4.73 -16.41
N ASP B 99 0.43 -4.91 -15.32
CA ASP B 99 0.89 -3.83 -14.43
C ASP B 99 2.35 -4.06 -14.03
N ALA B 100 3.19 -3.02 -14.18
CA ALA B 100 4.56 -2.99 -13.63
C ALA B 100 4.50 -2.56 -12.16
N LEU B 101 5.56 -2.86 -11.39
CA LEU B 101 5.56 -2.68 -9.92
C LEU B 101 5.44 -1.16 -9.58
N PRO B 102 6.29 -0.25 -10.17
CA PRO B 102 5.93 1.16 -10.38
C PRO B 102 5.46 1.40 -11.84
N LEU B 103 4.62 2.43 -12.07
CA LEU B 103 4.10 2.76 -13.41
C LEU B 103 3.54 4.20 -13.43
N THR B 104 3.10 4.64 -14.63
CA THR B 104 2.47 5.96 -14.90
C THR B 104 3.35 7.16 -14.44
N GLY B 105 4.40 7.45 -15.23
CA GLY B 105 5.27 8.59 -14.96
C GLY B 105 6.56 8.54 -15.76
N GLN B 106 7.27 9.68 -15.79
CA GLN B 106 8.63 9.81 -16.36
C GLN B 106 9.70 9.37 -15.34
N TYR B 107 9.29 9.31 -14.04
CA TYR B 107 10.16 8.92 -12.89
C TYR B 107 11.16 10.04 -12.55
N THR B 108 11.58 10.07 -11.28
CA THR B 108 12.48 11.11 -10.76
C THR B 108 13.17 10.66 -9.44
N HIS B 109 13.00 9.36 -9.08
CA HIS B 109 13.59 8.72 -7.85
C HIS B 109 12.85 9.18 -6.55
N TYR B 110 12.62 10.49 -6.42
CA TYR B 110 11.86 11.12 -5.32
C TYR B 110 10.40 10.59 -5.27
N ALA B 111 9.83 10.33 -6.46
CA ALA B 111 8.42 9.92 -6.64
C ALA B 111 8.29 8.43 -7.02
N LEU B 112 9.28 7.58 -6.64
CA LEU B 112 9.18 6.11 -6.82
C LEU B 112 8.19 5.51 -5.80
N ASN B 113 7.96 6.26 -4.71
CA ASN B 113 7.02 5.90 -3.63
C ASN B 113 5.76 6.79 -3.73
N LYS B 114 4.64 6.31 -3.15
CA LYS B 114 3.31 6.97 -3.17
C LYS B 114 2.68 6.97 -4.59
N LYS B 115 1.38 7.37 -4.66
CA LYS B 115 0.59 7.44 -5.92
C LYS B 115 0.31 6.01 -6.46
N THR B 116 1.33 5.39 -7.07
CA THR B 116 1.29 3.96 -7.49
C THR B 116 2.04 3.06 -6.47
N GLY B 117 2.73 3.72 -5.50
CA GLY B 117 3.39 3.03 -4.38
C GLY B 117 2.39 2.47 -3.39
N LYS B 118 1.27 3.22 -3.19
CA LYS B 118 0.11 2.79 -2.34
C LYS B 118 0.59 2.62 -0.86
N PRO B 119 -0.03 1.75 0.05
CA PRO B 119 0.70 1.24 1.25
C PRO B 119 2.16 0.82 0.96
N ASP B 120 3.10 1.75 1.22
CA ASP B 120 4.54 1.63 0.89
C ASP B 120 5.25 0.55 1.74
N TYR B 121 4.62 0.14 2.86
CA TYR B 121 5.18 -0.89 3.76
C TYR B 121 5.07 -2.31 3.16
N VAL B 122 4.06 -2.54 2.30
CA VAL B 122 3.83 -3.86 1.68
C VAL B 122 4.37 -3.89 0.23
N THR B 123 4.45 -2.68 -0.39
CA THR B 123 4.91 -2.46 -1.80
C THR B 123 4.23 -3.39 -2.83
N ASP B 124 4.80 -4.59 -3.01
CA ASP B 124 4.42 -5.55 -4.07
C ASP B 124 4.72 -6.98 -3.58
N SER B 125 4.24 -7.99 -4.35
CA SER B 125 4.47 -9.42 -4.14
C SER B 125 3.66 -9.96 -2.94
N ALA B 126 4.13 -9.68 -1.70
CA ALA B 126 3.60 -10.25 -0.44
C ALA B 126 4.06 -11.72 -0.24
N ALA B 127 4.18 -12.48 -1.36
CA ALA B 127 4.76 -13.83 -1.41
C ALA B 127 3.78 -14.89 -0.81
N SER B 128 4.27 -16.14 -0.66
CA SER B 128 3.44 -17.35 -0.50
C SER B 128 2.47 -17.52 -1.69
N ALA B 129 3.05 -17.27 -2.91
CA ALA B 129 2.41 -17.41 -4.23
C ALA B 129 1.48 -16.22 -4.56
N THR B 130 0.67 -15.78 -3.57
CA THR B 130 -0.42 -14.81 -3.73
C THR B 130 -1.45 -15.38 -4.73
N ALA B 131 -1.24 -15.15 -6.04
CA ALA B 131 -1.94 -15.84 -7.15
C ALA B 131 -3.49 -15.76 -7.06
N TRP B 132 -4.15 -16.67 -7.83
CA TRP B 132 -5.57 -17.06 -7.67
C TRP B 132 -6.57 -16.02 -8.25
N SER B 133 -7.71 -16.58 -8.72
CA SER B 133 -8.87 -15.85 -9.27
C SER B 133 -8.57 -15.22 -10.65
N THR B 134 -9.18 -15.80 -11.71
CA THR B 134 -9.18 -15.21 -13.05
C THR B 134 -10.02 -13.90 -13.02
N GLY B 135 -9.45 -12.82 -13.57
CA GLY B 135 -10.06 -11.49 -13.48
C GLY B 135 -9.49 -10.66 -12.33
N VAL B 136 -8.42 -11.22 -11.68
CA VAL B 136 -7.67 -10.57 -10.59
C VAL B 136 -8.59 -10.22 -9.40
N LYS B 137 -9.07 -11.29 -8.72
CA LYS B 137 -9.86 -11.23 -7.46
C LYS B 137 -11.33 -10.82 -7.66
N THR B 138 -11.61 -9.95 -8.66
CA THR B 138 -12.94 -9.37 -8.92
C THR B 138 -13.54 -8.72 -7.64
N TYR B 139 -14.88 -8.69 -7.52
CA TYR B 139 -15.58 -8.19 -6.32
C TYR B 139 -16.93 -8.91 -6.21
N ASN B 140 -17.76 -8.47 -5.23
CA ASN B 140 -19.12 -9.00 -5.02
C ASN B 140 -19.09 -10.48 -4.58
N GLY B 141 -19.35 -11.42 -5.52
CA GLY B 141 -19.48 -12.85 -5.20
C GLY B 141 -20.79 -13.23 -4.49
N ALA B 142 -21.21 -12.41 -3.50
CA ALA B 142 -22.34 -12.73 -2.60
C ALA B 142 -23.71 -12.65 -3.28
N LEU B 143 -23.79 -11.99 -4.46
CA LEU B 143 -24.99 -12.00 -5.30
C LEU B 143 -24.93 -13.27 -6.17
N GLY B 144 -25.79 -14.24 -5.83
CA GLY B 144 -25.87 -15.52 -6.53
C GLY B 144 -26.94 -15.50 -7.62
N VAL B 145 -28.23 -15.49 -7.21
CA VAL B 145 -29.38 -15.49 -8.13
C VAL B 145 -30.69 -15.19 -7.36
N ASP B 146 -31.67 -14.62 -8.07
CA ASP B 146 -33.03 -14.37 -7.56
C ASP B 146 -33.93 -15.61 -7.80
N ILE B 147 -34.82 -15.92 -6.83
CA ILE B 147 -35.81 -17.02 -6.93
C ILE B 147 -37.22 -16.50 -6.57
N HIS B 148 -38.14 -16.52 -7.55
CA HIS B 148 -39.59 -16.42 -7.33
C HIS B 148 -40.30 -17.05 -8.55
N GLU B 149 -40.61 -18.35 -8.44
CA GLU B 149 -41.07 -19.17 -9.58
C GLU B 149 -41.67 -20.50 -9.07
N LYS B 150 -42.25 -21.30 -9.98
CA LYS B 150 -42.63 -22.70 -9.74
C LYS B 150 -41.37 -23.55 -9.41
N ASP B 151 -40.93 -23.45 -8.15
CA ASP B 151 -39.75 -24.18 -7.65
C ASP B 151 -40.19 -25.58 -7.22
N MET A 12 18.45 44.44 -12.83
CA MET A 12 18.36 43.64 -11.57
C MET A 12 19.66 43.77 -10.77
N GLN A 13 19.55 43.55 -9.46
CA GLN A 13 20.68 43.55 -8.52
C GLN A 13 20.39 42.54 -7.40
N VAL A 14 21.09 41.40 -7.42
CA VAL A 14 20.85 40.31 -6.45
C VAL A 14 21.96 40.27 -5.37
N SER A 15 21.60 39.85 -4.16
CA SER A 15 22.55 39.65 -3.05
C SER A 15 22.20 38.33 -2.33
N VAL A 16 23.06 37.31 -2.53
CA VAL A 16 22.88 35.99 -1.91
C VAL A 16 23.25 36.05 -0.40
N GLU A 17 22.22 36.18 0.42
CA GLU A 17 22.34 36.33 1.88
C GLU A 17 21.85 35.07 2.58
N THR A 18 22.75 34.10 2.75
CA THR A 18 22.48 32.84 3.47
C THR A 18 22.14 33.13 4.94
N THR A 19 20.82 33.13 5.25
CA THR A 19 20.30 33.49 6.58
C THR A 19 20.42 32.31 7.56
N GLN A 20 19.95 31.12 7.13
CA GLN A 20 19.91 29.92 7.98
C GLN A 20 20.28 28.67 7.15
N GLY A 21 21.59 28.33 7.14
CA GLY A 21 22.09 27.09 6.54
C GLY A 21 21.82 26.96 5.04
N LEU A 22 20.76 26.21 4.69
CA LEU A 22 20.34 25.99 3.29
C LEU A 22 19.51 27.19 2.81
N GLY A 23 18.78 27.81 3.75
CA GLY A 23 17.94 28.97 3.50
C GLY A 23 18.73 30.21 3.06
N ARG A 24 18.81 30.40 1.73
CA ARG A 24 19.47 31.54 1.09
C ARG A 24 18.45 32.59 0.63
N ARG A 25 18.63 33.80 1.13
CA ARG A 25 17.84 34.99 0.80
C ARG A 25 18.50 35.72 -0.38
N VAL A 26 18.08 35.42 -1.62
CA VAL A 26 18.51 36.17 -2.81
C VAL A 26 17.65 37.44 -2.92
N THR A 27 18.14 38.50 -2.27
CA THR A 27 17.47 39.80 -2.22
C THR A 27 17.66 40.53 -3.56
N ILE A 28 16.59 40.53 -4.38
CA ILE A 28 16.61 41.15 -5.71
C ILE A 28 16.03 42.57 -5.64
N THR A 29 16.90 43.56 -5.81
CA THR A 29 16.50 44.96 -6.00
C THR A 29 16.24 45.20 -7.51
N ILE A 30 14.98 45.52 -7.85
CA ILE A 30 14.58 45.98 -9.19
C ILE A 30 14.48 47.52 -9.16
N ALA A 31 15.27 48.18 -10.03
CA ALA A 31 15.34 49.64 -10.13
C ALA A 31 14.02 50.23 -10.70
N ALA A 32 13.81 51.53 -10.44
CA ALA A 32 12.56 52.25 -10.73
C ALA A 32 12.26 52.34 -12.23
N ASP A 33 13.32 52.44 -13.05
CA ASP A 33 13.20 52.46 -14.53
C ASP A 33 12.66 51.13 -15.06
N SER A 34 13.06 50.03 -14.38
CA SER A 34 12.72 48.66 -14.79
C SER A 34 11.25 48.34 -14.44
N ILE A 35 10.79 48.89 -13.31
CA ILE A 35 9.37 48.83 -12.90
C ILE A 35 8.52 49.61 -13.91
N GLU A 36 8.98 50.85 -14.21
CA GLU A 36 8.33 51.78 -15.17
C GLU A 36 8.13 51.12 -16.55
N THR A 37 9.15 50.35 -16.97
CA THR A 37 9.15 49.64 -18.25
C THR A 37 8.18 48.44 -18.23
N ALA A 38 8.30 47.59 -17.19
CA ALA A 38 7.54 46.31 -17.11
C ALA A 38 6.03 46.54 -16.96
N VAL A 39 5.65 47.57 -16.15
CA VAL A 39 4.23 47.98 -15.98
C VAL A 39 3.65 48.42 -17.33
N LYS A 40 4.40 49.26 -18.03
CA LYS A 40 4.01 49.86 -19.31
C LYS A 40 3.82 48.77 -20.41
N SER A 41 4.67 47.74 -20.34
CA SER A 41 4.61 46.56 -21.24
C SER A 41 3.36 45.71 -20.93
N GLU A 42 2.94 45.74 -19.65
CA GLU A 42 1.79 44.97 -19.16
C GLU A 42 0.45 45.67 -19.51
N LEU A 43 0.48 47.02 -19.47
CA LEU A 43 -0.70 47.88 -19.70
C LEU A 43 -1.11 47.87 -21.17
N VAL A 44 -0.11 47.95 -22.05
CA VAL A 44 -0.33 47.94 -23.50
C VAL A 44 -0.94 46.60 -23.95
N ASN A 45 -0.61 45.49 -23.24
CA ASN A 45 -1.22 44.15 -23.46
C ASN A 45 -2.75 44.21 -23.29
N VAL A 46 -3.17 44.78 -22.15
CA VAL A 46 -4.60 44.96 -21.80
C VAL A 46 -5.28 45.91 -22.82
N ALA A 47 -4.54 46.98 -23.21
CA ALA A 47 -5.02 47.98 -24.19
C ALA A 47 -5.20 47.34 -25.58
N LYS A 48 -4.36 46.34 -25.91
CA LYS A 48 -4.45 45.60 -27.19
C LYS A 48 -5.74 44.76 -27.23
N LYS A 49 -6.00 44.06 -26.12
CA LYS A 49 -7.16 43.15 -25.99
C LYS A 49 -8.49 43.93 -26.10
N VAL A 50 -8.57 45.07 -25.40
CA VAL A 50 -9.78 45.93 -25.37
C VAL A 50 -9.75 46.94 -26.57
N ARG A 51 -8.69 46.86 -27.40
CA ARG A 51 -8.50 47.65 -28.65
C ARG A 51 -8.31 49.17 -28.37
N ILE A 52 -8.02 49.52 -27.09
CA ILE A 52 -7.70 50.91 -26.65
C ILE A 52 -6.38 51.40 -27.29
N ASP A 53 -5.51 50.44 -27.65
CA ASP A 53 -4.26 50.71 -28.41
C ASP A 53 -4.60 51.32 -29.79
N GLY A 54 -5.74 50.87 -30.35
CA GLY A 54 -6.28 51.41 -31.60
C GLY A 54 -7.00 52.73 -31.39
N PHE A 55 -7.82 52.81 -30.32
CA PHE A 55 -8.59 54.03 -29.96
C PHE A 55 -7.67 55.18 -29.50
N ARG A 56 -6.41 54.84 -29.18
CA ARG A 56 -5.35 55.80 -28.87
C ARG A 56 -5.09 56.73 -30.08
N LYS A 57 -5.22 58.05 -29.87
CA LYS A 57 -4.94 59.08 -30.88
C LYS A 57 -3.66 59.87 -30.52
N GLY A 58 -2.95 59.41 -29.48
CA GLY A 58 -1.63 59.94 -29.10
C GLY A 58 -1.71 61.26 -28.33
N LYS A 59 -2.86 61.53 -27.69
CA LYS A 59 -3.05 62.71 -26.82
C LYS A 59 -2.36 62.50 -25.46
N VAL A 60 -2.55 61.29 -24.89
CA VAL A 60 -2.00 60.93 -23.57
C VAL A 60 -0.61 60.27 -23.76
N PRO A 61 0.52 60.91 -23.28
CA PRO A 61 1.88 60.30 -23.35
C PRO A 61 1.97 58.91 -22.69
N MET A 62 2.83 58.06 -23.26
CA MET A 62 2.92 56.62 -22.95
C MET A 62 3.47 56.38 -21.51
N ASN A 63 4.18 57.37 -20.95
CA ASN A 63 4.69 57.30 -19.56
C ASN A 63 3.58 57.66 -18.55
N ILE A 64 2.67 58.57 -18.95
CA ILE A 64 1.59 59.08 -18.09
C ILE A 64 0.46 58.04 -17.93
N VAL A 65 0.34 57.09 -18.89
CA VAL A 65 -0.63 55.98 -18.76
C VAL A 65 -0.21 55.00 -17.64
N ALA A 66 1.11 54.93 -17.35
CA ALA A 66 1.67 54.02 -16.34
C ALA A 66 1.44 54.54 -14.91
N GLN A 67 1.68 55.85 -14.72
CA GLN A 67 1.56 56.50 -13.40
C GLN A 67 0.08 56.75 -13.01
N ARG A 68 -0.81 56.88 -14.01
CA ARG A 68 -2.23 57.21 -13.78
C ARG A 68 -3.17 56.08 -14.27
N TYR A 69 -3.25 55.90 -15.59
CA TYR A 69 -4.31 55.08 -16.25
C TYR A 69 -4.12 53.55 -16.04
N GLY A 70 -2.98 53.17 -15.43
CA GLY A 70 -2.70 51.78 -15.08
C GLY A 70 -2.06 51.67 -13.72
N ALA A 71 -2.38 52.63 -12.83
CA ALA A 71 -1.83 52.69 -11.46
C ALA A 71 -2.32 51.50 -10.61
N SER A 72 -3.49 50.96 -10.95
CA SER A 72 -4.08 49.78 -10.29
C SER A 72 -3.27 48.50 -10.58
N VAL A 73 -2.72 48.41 -11.81
CA VAL A 73 -1.94 47.25 -12.26
C VAL A 73 -0.49 47.38 -11.77
N ARG A 74 -0.28 46.95 -10.51
CA ARG A 74 1.03 46.88 -9.86
C ARG A 74 1.38 45.40 -9.60
N GLN A 75 0.42 44.71 -8.93
CA GLN A 75 0.57 43.32 -8.44
C GLN A 75 0.87 42.33 -9.59
N ASP A 76 0.13 42.51 -10.70
CA ASP A 76 0.25 41.69 -11.92
C ASP A 76 1.69 41.75 -12.47
N VAL A 77 2.24 42.97 -12.47
CA VAL A 77 3.57 43.26 -12.98
C VAL A 77 4.65 42.62 -12.09
N LEU A 78 4.39 42.61 -10.77
CA LEU A 78 5.28 41.97 -9.79
C LEU A 78 5.34 40.44 -10.00
N GLY A 79 4.25 39.85 -10.53
CA GLY A 79 4.25 38.43 -10.92
C GLY A 79 5.23 38.14 -12.06
N ASP A 80 5.24 39.04 -13.06
CA ASP A 80 6.18 39.00 -14.20
C ASP A 80 7.64 39.20 -13.73
N LEU A 81 7.83 40.25 -12.91
CA LEU A 81 9.14 40.67 -12.40
C LEU A 81 9.80 39.56 -11.55
N MET A 82 9.13 39.14 -10.46
CA MET A 82 9.66 38.16 -9.50
C MET A 82 9.94 36.80 -10.15
N SER A 83 9.14 36.42 -11.16
CA SER A 83 9.29 35.15 -11.88
C SER A 83 10.58 35.14 -12.73
N ARG A 84 10.75 36.20 -13.55
CA ARG A 84 11.91 36.34 -14.44
C ARG A 84 13.20 36.50 -13.64
N ASN A 85 13.18 37.47 -12.71
CA ASN A 85 14.35 37.80 -11.88
C ASN A 85 14.81 36.62 -10.99
N PHE A 86 13.86 35.75 -10.57
CA PHE A 86 14.19 34.53 -9.78
C PHE A 86 14.99 33.54 -10.63
N ILE A 87 14.37 33.05 -11.74
CA ILE A 87 14.96 32.00 -12.58
C ILE A 87 16.27 32.49 -13.24
N ASP A 88 16.31 33.79 -13.58
CA ASP A 88 17.47 34.40 -14.23
C ASP A 88 18.65 34.49 -13.25
N ALA A 89 18.33 34.87 -11.98
CA ALA A 89 19.33 34.99 -10.90
C ALA A 89 19.98 33.63 -10.59
N ILE A 90 19.16 32.63 -10.23
CA ILE A 90 19.65 31.30 -9.75
C ILE A 90 20.53 30.58 -10.81
N ILE A 91 20.28 30.86 -12.11
CA ILE A 91 21.09 30.31 -13.22
C ILE A 91 22.47 31.00 -13.31
N LYS A 92 22.49 32.36 -13.32
CA LYS A 92 23.75 33.14 -13.47
C LYS A 92 24.66 33.00 -12.21
N GLU A 93 24.02 32.92 -11.03
CA GLU A 93 24.71 32.77 -9.73
C GLU A 93 25.08 31.30 -9.47
N LYS A 94 24.57 30.38 -10.33
CA LYS A 94 24.84 28.92 -10.27
C LYS A 94 24.21 28.26 -9.03
N ILE A 95 23.22 28.96 -8.42
CA ILE A 95 22.47 28.46 -7.26
C ILE A 95 21.54 27.32 -7.71
N ASN A 96 21.59 26.19 -6.99
CA ASN A 96 20.69 25.05 -7.19
C ASN A 96 19.61 25.08 -6.07
N PRO A 97 18.45 25.79 -6.30
CA PRO A 97 17.40 26.00 -5.26
C PRO A 97 16.53 24.75 -5.05
N ALA A 98 15.80 24.75 -3.92
CA ALA A 98 14.93 23.64 -3.50
C ALA A 98 13.74 24.19 -2.72
N GLY A 99 12.54 23.66 -3.01
CA GLY A 99 11.32 24.09 -2.33
C GLY A 99 10.77 25.40 -2.84
N ALA A 100 9.80 25.96 -2.09
CA ALA A 100 9.10 27.19 -2.44
C ALA A 100 10.01 28.44 -2.28
N PRO A 101 10.24 29.22 -3.37
CA PRO A 101 10.91 30.53 -3.27
C PRO A 101 9.96 31.57 -2.62
N THR A 102 10.17 31.81 -1.31
CA THR A 102 9.38 32.77 -0.53
C THR A 102 9.76 34.21 -0.93
N TYR A 103 9.02 34.76 -1.90
CA TYR A 103 9.16 36.16 -2.30
C TYR A 103 8.65 37.05 -1.14
N VAL A 104 9.59 37.69 -0.43
CA VAL A 104 9.27 38.62 0.68
C VAL A 104 9.32 40.07 0.13
N PRO A 105 8.17 40.65 -0.32
CA PRO A 105 8.16 41.99 -0.94
C PRO A 105 8.33 43.11 0.11
N GLY A 106 9.34 43.96 -0.09
CA GLY A 106 9.61 45.10 0.78
C GLY A 106 8.65 46.26 0.53
N GLU A 107 9.04 47.46 1.00
CA GLU A 107 8.28 48.70 0.81
C GLU A 107 8.15 49.06 -0.70
N TYR A 108 7.06 48.56 -1.31
CA TYR A 108 6.79 48.75 -2.75
C TYR A 108 6.35 50.19 -3.04
N LYS A 109 6.96 50.79 -4.06
CA LYS A 109 6.81 52.22 -4.41
C LYS A 109 6.82 52.41 -5.94
N LEU A 110 6.53 53.65 -6.37
CA LEU A 110 6.62 54.08 -7.78
C LEU A 110 7.50 55.34 -7.83
N GLY A 111 8.55 55.32 -8.66
CA GLY A 111 9.53 56.41 -8.72
C GLY A 111 10.77 56.10 -7.88
N GLU A 112 10.53 55.52 -6.69
CA GLU A 112 11.57 54.91 -5.85
C GLU A 112 11.71 53.42 -6.23
N ASP A 113 12.89 52.86 -5.95
CA ASP A 113 13.25 51.48 -6.32
C ASP A 113 12.56 50.47 -5.37
N PHE A 114 12.33 49.25 -5.87
CA PHE A 114 11.70 48.15 -5.10
C PHE A 114 12.74 47.04 -4.84
N THR A 115 12.68 46.49 -3.63
CA THR A 115 13.54 45.39 -3.18
C THR A 115 12.68 44.30 -2.52
N TYR A 116 12.95 43.03 -2.86
CA TYR A 116 12.26 41.87 -2.27
C TYR A 116 13.27 40.72 -2.03
N SER A 117 13.14 40.08 -0.87
CA SER A 117 14.05 39.03 -0.40
C SER A 117 13.47 37.63 -0.72
N VAL A 118 14.01 36.97 -1.77
CA VAL A 118 13.56 35.62 -2.18
C VAL A 118 14.28 34.55 -1.32
N GLU A 119 13.63 34.14 -0.23
CA GLU A 119 14.16 33.15 0.73
C GLU A 119 13.69 31.72 0.37
N PHE A 120 14.66 30.84 0.07
CA PHE A 120 14.42 29.44 -0.31
C PHE A 120 15.59 28.58 0.19
N GLU A 121 15.40 27.26 0.22
CA GLU A 121 16.49 26.30 0.52
C GLU A 121 17.19 25.89 -0.78
N VAL A 122 18.21 25.03 -0.65
CA VAL A 122 19.02 24.55 -1.80
C VAL A 122 19.20 23.03 -1.71
N TYR A 123 19.28 22.36 -2.88
CA TYR A 123 19.64 20.93 -2.97
C TYR A 123 21.15 20.79 -2.70
N PRO A 124 21.57 20.12 -1.57
CA PRO A 124 22.99 19.82 -1.33
C PRO A 124 23.46 18.70 -2.28
N GLU A 125 24.67 18.87 -2.84
CA GLU A 125 25.28 17.88 -3.74
C GLU A 125 25.54 16.59 -2.93
N VAL A 126 24.73 15.56 -3.21
CA VAL A 126 24.63 14.36 -2.37
C VAL A 126 25.92 13.52 -2.48
N GLU A 127 26.90 13.84 -1.62
CA GLU A 127 28.20 13.15 -1.61
C GLU A 127 28.01 11.70 -1.13
N LEU A 128 27.93 10.78 -2.10
CA LEU A 128 27.71 9.35 -1.86
C LEU A 128 28.86 8.76 -1.03
N GLN A 129 28.56 8.53 0.26
CA GLN A 129 29.43 7.79 1.17
C GLN A 129 29.46 6.31 0.74
N GLY A 130 30.57 5.60 1.08
CA GLY A 130 30.89 4.28 0.51
C GLY A 130 29.73 3.29 0.44
N LEU A 131 29.34 2.91 -0.80
CA LEU A 131 28.23 1.94 -1.04
C LEU A 131 28.74 0.49 -0.93
N GLU A 132 29.99 0.34 -0.50
CA GLU A 132 30.59 -0.95 -0.13
C GLU A 132 30.10 -1.33 1.27
N ALA A 133 29.69 -0.30 2.06
CA ALA A 133 29.11 -0.47 3.40
C ALA A 133 27.73 -1.17 3.36
N ILE A 134 27.11 -1.19 2.16
CA ILE A 134 25.86 -1.94 1.92
C ILE A 134 26.19 -3.44 1.85
N GLU A 135 25.45 -4.25 2.60
CA GLU A 135 25.57 -5.72 2.55
C GLU A 135 24.21 -6.30 2.13
N VAL A 136 24.09 -6.61 0.84
CA VAL A 136 22.83 -7.11 0.25
C VAL A 136 22.78 -8.64 0.41
N GLU A 137 21.59 -9.19 0.61
CA GLU A 137 21.38 -10.63 0.67
C GLU A 137 20.62 -11.07 -0.61
N LYS A 138 21.06 -12.18 -1.19
CA LYS A 138 20.46 -12.79 -2.38
C LYS A 138 19.99 -14.22 -2.03
N PRO A 139 18.69 -14.40 -1.61
CA PRO A 139 18.13 -15.74 -1.35
C PRO A 139 17.82 -16.53 -2.65
N ILE A 140 18.62 -17.57 -2.92
CA ILE A 140 18.34 -18.54 -3.98
C ILE A 140 17.24 -19.49 -3.49
N VAL A 141 16.00 -19.13 -3.83
CA VAL A 141 14.81 -19.86 -3.42
C VAL A 141 14.59 -21.07 -4.36
N GLU A 142 14.84 -22.28 -3.82
CA GLU A 142 14.61 -23.54 -4.55
C GLU A 142 13.11 -23.91 -4.43
N VAL A 143 12.47 -24.15 -5.59
CA VAL A 143 11.04 -24.48 -5.68
C VAL A 143 10.89 -25.84 -6.39
N THR A 144 10.60 -26.91 -5.62
CA THR A 144 10.34 -28.26 -6.17
C THR A 144 8.82 -28.48 -6.26
N ASP A 145 8.42 -29.49 -7.04
CA ASP A 145 6.99 -29.88 -7.19
C ASP A 145 6.43 -30.43 -5.85
N ALA A 146 7.34 -30.89 -4.99
CA ALA A 146 7.03 -31.31 -3.61
C ALA A 146 6.69 -30.09 -2.73
N ASP A 147 7.40 -28.97 -2.96
CA ASP A 147 7.13 -27.68 -2.26
C ASP A 147 5.81 -27.08 -2.75
N VAL A 148 5.53 -27.24 -4.05
CA VAL A 148 4.24 -26.84 -4.65
C VAL A 148 3.10 -27.57 -3.92
N ASP A 149 3.17 -28.91 -3.92
CA ASP A 149 2.19 -29.82 -3.27
C ASP A 149 2.03 -29.49 -1.77
N GLY A 150 3.18 -29.25 -1.10
CA GLY A 150 3.24 -28.96 0.33
C GLY A 150 2.52 -27.67 0.70
N MET A 151 2.73 -26.61 -0.09
CA MET A 151 2.09 -25.30 0.15
C MET A 151 0.62 -25.31 -0.28
N LEU A 152 0.27 -26.13 -1.29
CA LEU A 152 -1.14 -26.37 -1.68
C LEU A 152 -1.91 -26.99 -0.50
N ASP A 153 -1.24 -27.96 0.14
CA ASP A 153 -1.71 -28.61 1.38
C ASP A 153 -1.82 -27.61 2.53
N THR A 154 -0.85 -26.67 2.62
CA THR A 154 -0.85 -25.58 3.62
C THR A 154 -2.07 -24.64 3.44
N LEU A 155 -2.42 -24.36 2.16
CA LEU A 155 -3.63 -23.57 1.80
C LEU A 155 -4.89 -24.33 2.24
N ARG A 156 -4.90 -25.64 1.91
CA ARG A 156 -5.99 -26.57 2.24
C ARG A 156 -6.13 -26.77 3.76
N LYS A 157 -5.02 -26.59 4.50
CA LYS A 157 -5.00 -26.67 5.98
C LYS A 157 -5.53 -25.38 6.62
N GLN A 158 -5.05 -24.23 6.14
CA GLN A 158 -5.45 -22.91 6.68
C GLN A 158 -6.89 -22.54 6.26
N GLN A 159 -7.40 -23.20 5.20
CA GLN A 159 -8.81 -23.07 4.74
C GLN A 159 -9.59 -24.39 4.95
N ALA A 160 -9.19 -25.17 5.95
CA ALA A 160 -9.75 -26.52 6.20
C ALA A 160 -11.08 -26.46 6.99
N THR A 161 -12.09 -27.19 6.48
CA THR A 161 -13.43 -27.29 7.07
C THR A 161 -13.41 -28.12 8.38
N TRP A 162 -13.88 -27.54 9.50
CA TRP A 162 -13.85 -28.21 10.81
C TRP A 162 -14.94 -29.30 10.92
N LYS A 163 -14.62 -30.28 11.75
CA LYS A 163 -15.41 -31.50 11.94
C LYS A 163 -15.11 -32.04 13.34
N GLU A 164 -16.12 -32.63 14.01
CA GLU A 164 -15.89 -33.36 15.28
C GLU A 164 -15.06 -34.62 15.05
N LYS A 165 -14.42 -35.05 16.12
CA LYS A 165 -13.68 -36.33 16.20
C LYS A 165 -13.55 -36.72 17.68
N ASP A 166 -12.87 -37.85 17.93
CA ASP A 166 -12.60 -38.32 19.29
C ASP A 166 -11.21 -38.96 19.33
N GLY A 167 -10.44 -38.59 20.35
CA GLY A 167 -9.11 -39.13 20.57
C GLY A 167 -8.05 -38.06 20.59
N ALA A 168 -6.92 -38.35 19.92
CA ALA A 168 -5.70 -37.54 19.99
C ALA A 168 -5.90 -36.11 19.45
N VAL A 169 -5.85 -35.15 20.39
CA VAL A 169 -5.81 -33.71 20.11
C VAL A 169 -4.51 -33.31 19.39
N GLU A 170 -4.61 -32.35 18.46
CA GLU A 170 -3.46 -31.78 17.73
C GLU A 170 -3.06 -30.43 18.36
N ALA A 171 -1.96 -29.84 17.88
CA ALA A 171 -1.42 -28.57 18.42
C ALA A 171 -1.86 -27.34 17.60
N GLU A 172 -2.75 -27.58 16.64
CA GLU A 172 -3.32 -26.55 15.75
C GLU A 172 -4.84 -26.68 15.73
N ASP A 173 -5.35 -27.44 16.70
CA ASP A 173 -6.72 -27.95 16.71
C ASP A 173 -7.70 -26.88 17.31
N ARG A 174 -9.00 -27.21 17.31
CA ARG A 174 -10.02 -26.44 18.04
C ARG A 174 -10.87 -27.43 18.81
N VAL A 175 -10.80 -27.40 20.13
CA VAL A 175 -11.49 -28.37 21.00
C VAL A 175 -12.66 -27.72 21.73
N THR A 176 -13.34 -28.54 22.54
CA THR A 176 -14.34 -28.09 23.52
C THR A 176 -14.04 -28.73 24.89
N ILE A 177 -13.54 -27.93 25.83
CA ILE A 177 -13.31 -28.39 27.22
C ILE A 177 -14.39 -27.88 28.20
N ASP A 178 -14.11 -28.18 29.46
CA ASP A 178 -14.74 -27.62 30.66
C ASP A 178 -13.56 -27.44 31.65
N PHE A 179 -13.73 -26.70 32.76
CA PHE A 179 -12.67 -26.61 33.79
C PHE A 179 -13.17 -25.90 35.04
N THR A 180 -12.60 -26.29 36.20
CA THR A 180 -12.75 -25.55 37.46
C THR A 180 -11.63 -24.50 37.56
N GLY A 181 -12.02 -23.21 37.50
CA GLY A 181 -11.11 -22.11 37.69
C GLY A 181 -10.61 -22.00 39.12
N SER A 182 -9.36 -22.42 39.35
CA SER A 182 -8.71 -22.38 40.66
C SER A 182 -7.34 -21.67 40.56
N VAL A 183 -6.93 -21.06 41.66
CA VAL A 183 -5.59 -20.47 41.85
C VAL A 183 -4.93 -21.21 43.00
N ASP A 184 -3.75 -21.81 42.78
CA ASP A 184 -2.96 -22.49 43.85
C ASP A 184 -3.71 -23.71 44.46
N GLY A 185 -4.83 -24.12 43.79
CA GLY A 185 -5.66 -25.23 44.24
C GLY A 185 -6.96 -24.80 44.92
N GLU A 186 -7.23 -23.48 45.00
CA GLU A 186 -8.48 -22.94 45.58
C GLU A 186 -9.31 -22.25 44.48
N GLU A 187 -10.51 -22.78 44.22
CA GLU A 187 -11.45 -22.22 43.23
C GLU A 187 -11.88 -20.78 43.60
N PHE A 188 -12.07 -19.96 42.56
CA PHE A 188 -12.55 -18.57 42.71
C PHE A 188 -13.81 -18.39 41.85
N GLU A 189 -14.57 -17.31 42.14
CA GLU A 189 -15.88 -17.06 41.54
C GLU A 189 -15.76 -16.66 40.05
N GLY A 190 -16.77 -17.08 39.25
CA GLY A 190 -16.82 -16.82 37.82
C GLY A 190 -15.64 -17.41 37.03
N GLY A 191 -14.86 -18.29 37.71
CA GLY A 191 -13.60 -18.78 37.19
C GLY A 191 -13.72 -20.01 36.33
N LYS A 192 -14.87 -20.66 36.40
CA LYS A 192 -15.10 -21.96 35.76
C LYS A 192 -15.68 -21.72 34.37
N ALA A 193 -15.55 -22.71 33.52
CA ALA A 193 -16.20 -22.72 32.23
C ALA A 193 -16.75 -24.10 31.93
N SER A 194 -17.84 -24.11 31.17
CA SER A 194 -18.56 -25.32 30.82
C SER A 194 -18.82 -25.31 29.32
N ASP A 195 -18.37 -26.40 28.64
CA ASP A 195 -18.53 -26.59 27.18
C ASP A 195 -17.78 -25.47 26.41
N PHE A 196 -16.70 -24.99 27.05
CA PHE A 196 -15.86 -23.91 26.55
C PHE A 196 -15.00 -24.38 25.38
N VAL A 197 -15.34 -23.91 24.19
CA VAL A 197 -14.54 -24.11 22.99
C VAL A 197 -13.26 -23.24 23.04
N LEU A 198 -12.10 -23.90 22.96
CA LEU A 198 -10.81 -23.23 22.85
C LEU A 198 -10.15 -23.59 21.51
N ALA A 199 -9.66 -22.57 20.79
CA ALA A 199 -8.94 -22.73 19.52
C ALA A 199 -7.46 -22.42 19.73
N MET A 200 -6.60 -23.03 18.90
CA MET A 200 -5.13 -22.84 18.97
C MET A 200 -4.68 -21.90 17.86
N GLY A 201 -3.58 -21.20 18.11
CA GLY A 201 -3.10 -20.14 17.21
C GLY A 201 -3.34 -18.77 17.82
N GLN A 202 -4.55 -18.60 18.39
CA GLN A 202 -4.93 -17.35 19.08
C GLN A 202 -4.12 -17.18 20.38
N GLY A 203 -3.16 -16.24 20.34
CA GLY A 203 -2.39 -15.84 21.52
C GLY A 203 -3.09 -14.80 22.37
N ARG A 204 -4.42 -14.77 22.30
CA ARG A 204 -5.29 -13.89 23.11
C ARG A 204 -5.61 -14.58 24.45
N MET A 205 -5.49 -15.92 24.48
CA MET A 205 -5.77 -16.73 25.67
C MET A 205 -4.59 -16.64 26.67
N ILE A 206 -4.84 -17.12 27.90
CA ILE A 206 -3.82 -17.35 28.94
C ILE A 206 -2.64 -18.17 28.35
N PRO A 207 -1.38 -17.64 28.35
CA PRO A 207 -0.21 -18.37 27.82
C PRO A 207 0.07 -19.65 28.65
N GLY A 208 0.00 -20.81 27.98
CA GLY A 208 0.23 -22.12 28.59
C GLY A 208 -1.06 -22.88 28.90
N PHE A 209 -2.22 -22.20 28.78
CA PHE A 209 -3.55 -22.79 29.05
C PHE A 209 -3.86 -23.92 28.05
N GLU A 210 -3.53 -23.67 26.77
CA GLU A 210 -3.79 -24.62 25.66
C GLU A 210 -2.94 -25.90 25.79
N ASP A 211 -1.78 -25.79 26.49
CA ASP A 211 -0.75 -26.86 26.61
C ASP A 211 -1.36 -28.21 27.00
N GLY A 212 -2.20 -28.19 28.05
CA GLY A 212 -2.82 -29.38 28.59
C GLY A 212 -3.73 -30.08 27.61
N ILE A 213 -4.53 -29.28 26.91
CA ILE A 213 -5.43 -29.77 25.85
C ILE A 213 -4.63 -30.55 24.76
N LYS A 214 -3.49 -29.97 24.36
CA LYS A 214 -2.71 -30.34 23.15
C LYS A 214 -1.92 -31.66 23.26
N GLY A 215 -2.19 -32.50 24.27
CA GLY A 215 -1.49 -33.78 24.39
C GLY A 215 -2.30 -34.86 25.06
N HIS A 216 -3.64 -34.72 25.05
CA HIS A 216 -4.54 -35.73 25.66
C HIS A 216 -5.66 -36.12 24.68
N LYS A 217 -6.68 -36.79 25.21
CA LYS A 217 -7.83 -37.31 24.44
C LYS A 217 -9.12 -36.62 24.87
N ALA A 218 -10.12 -36.65 23.96
CA ALA A 218 -11.40 -35.91 24.08
C ALA A 218 -12.43 -36.60 25.00
N GLY A 219 -11.97 -37.23 26.05
CA GLY A 219 -12.84 -37.77 27.08
C GLY A 219 -12.13 -37.82 28.42
N GLU A 220 -11.41 -36.73 28.77
CA GLU A 220 -10.47 -36.75 29.90
C GLU A 220 -10.64 -35.54 30.84
N GLU A 221 -10.74 -35.86 32.14
CA GLU A 221 -10.61 -34.91 33.26
C GLU A 221 -9.14 -34.90 33.70
N PHE A 222 -8.48 -33.75 33.60
CA PHE A 222 -7.10 -33.55 34.05
C PHE A 222 -6.90 -32.10 34.45
N THR A 223 -5.98 -31.90 35.38
CA THR A 223 -5.65 -30.58 35.93
C THR A 223 -4.24 -30.21 35.48
N ILE A 224 -4.04 -28.98 34.99
CA ILE A 224 -2.73 -28.51 34.50
C ILE A 224 -2.21 -27.32 35.31
N ASP A 225 -0.88 -27.26 35.43
CA ASP A 225 -0.18 -26.24 36.20
C ASP A 225 0.29 -25.15 35.25
N VAL A 226 -0.55 -24.13 35.11
CA VAL A 226 -0.32 -23.01 34.19
C VAL A 226 -0.01 -21.74 34.97
N THR A 227 0.04 -20.63 34.23
CA THR A 227 0.27 -19.30 34.78
C THR A 227 -0.59 -18.29 33.99
N PHE A 228 -1.37 -17.47 34.74
CA PHE A 228 -2.28 -16.43 34.19
C PHE A 228 -1.56 -15.45 33.22
N PRO A 229 -2.34 -14.65 32.41
CA PRO A 229 -1.76 -13.58 31.58
C PRO A 229 -1.61 -12.30 32.40
N GLU A 230 -0.77 -11.38 31.93
CA GLU A 230 -0.63 -10.04 32.52
C GLU A 230 -1.77 -9.11 32.04
N GLU A 231 -2.63 -9.63 31.16
CA GLU A 231 -3.87 -8.96 30.72
C GLU A 231 -5.10 -9.52 31.50
N TYR A 232 -4.86 -10.40 32.50
CA TYR A 232 -5.92 -10.94 33.35
C TYR A 232 -6.64 -9.83 34.16
N HIS A 233 -7.91 -10.10 34.53
CA HIS A 233 -8.81 -9.16 35.22
C HIS A 233 -8.63 -9.16 36.75
N ALA A 234 -7.41 -9.43 37.17
CA ALA A 234 -6.98 -9.34 38.57
C ALA A 234 -5.49 -9.07 38.55
N GLU A 235 -5.09 -7.93 39.12
CA GLU A 235 -3.68 -7.52 39.15
C GLU A 235 -2.89 -8.35 40.18
N ASN A 236 -3.60 -8.81 41.21
CA ASN A 236 -3.06 -9.72 42.25
C ASN A 236 -2.94 -11.16 41.73
N LEU A 237 -3.54 -11.42 40.54
CA LEU A 237 -3.53 -12.76 39.92
C LEU A 237 -2.93 -12.72 38.50
N LYS A 238 -2.54 -11.54 37.99
CA LYS A 238 -1.99 -11.47 36.61
C LYS A 238 -0.56 -12.04 36.61
N GLY A 239 -0.32 -13.03 35.74
CA GLY A 239 0.96 -13.75 35.71
C GLY A 239 1.24 -14.58 36.97
N LYS A 240 0.15 -15.02 37.62
CA LYS A 240 0.20 -15.84 38.86
C LYS A 240 -0.15 -17.29 38.49
N ALA A 241 0.55 -18.27 39.09
CA ALA A 241 0.38 -19.70 38.77
C ALA A 241 -1.02 -20.21 39.20
N ALA A 242 -1.69 -20.92 38.28
CA ALA A 242 -3.10 -21.31 38.41
C ALA A 242 -3.30 -22.83 38.20
N LYS A 243 -4.44 -23.31 38.72
CA LYS A 243 -4.89 -24.71 38.57
C LYS A 243 -6.21 -24.73 37.79
N PHE A 244 -6.23 -25.39 36.64
CA PHE A 244 -7.46 -25.54 35.84
C PHE A 244 -7.72 -27.03 35.60
N ALA A 245 -8.85 -27.52 36.13
CA ALA A 245 -9.27 -28.92 36.01
C ALA A 245 -9.97 -29.14 34.66
N ILE A 246 -9.15 -29.15 33.61
CA ILE A 246 -9.56 -29.19 32.21
C ILE A 246 -10.25 -30.54 31.85
N ASN A 247 -11.59 -30.50 31.75
CA ASN A 247 -12.41 -31.61 31.26
C ASN A 247 -12.53 -31.48 29.74
N LEU A 248 -11.51 -31.97 29.07
CA LEU A 248 -11.43 -32.06 27.61
C LEU A 248 -12.53 -33.02 27.09
N LYS A 249 -13.68 -32.47 26.65
CA LYS A 249 -14.90 -33.26 26.32
C LYS A 249 -14.97 -33.61 24.83
N LYS A 250 -14.51 -32.67 24.00
CA LYS A 250 -14.53 -32.81 22.53
C LYS A 250 -13.19 -32.35 21.96
N VAL A 251 -12.82 -32.93 20.82
CA VAL A 251 -11.72 -32.46 19.97
C VAL A 251 -12.25 -32.40 18.52
N GLU A 252 -11.92 -31.33 17.78
CA GLU A 252 -12.45 -31.11 16.41
C GLU A 252 -11.31 -30.96 15.38
N GLU A 253 -11.34 -31.81 14.35
CA GLU A 253 -10.32 -31.85 13.29
C GLU A 253 -10.71 -30.96 12.11
N ARG A 254 -9.74 -30.23 11.57
CA ARG A 254 -9.88 -29.50 10.32
C ARG A 254 -9.70 -30.49 9.14
N GLU A 255 -10.42 -30.27 8.03
CA GLU A 255 -10.41 -31.18 6.86
C GLU A 255 -10.09 -30.41 5.59
N LEU A 256 -9.08 -30.87 4.86
CA LEU A 256 -8.68 -30.34 3.55
C LEU A 256 -9.91 -30.35 2.60
N PRO A 257 -10.36 -29.15 2.11
CA PRO A 257 -11.59 -29.01 1.26
C PRO A 257 -11.50 -29.79 -0.07
N GLU A 258 -12.46 -29.56 -0.99
CA GLU A 258 -12.55 -30.33 -2.24
C GLU A 258 -11.29 -30.21 -3.12
N LEU A 259 -11.01 -31.28 -3.86
CA LEU A 259 -9.98 -31.30 -4.92
C LEU A 259 -10.71 -31.45 -6.29
N THR A 260 -12.01 -31.09 -6.29
CA THR A 260 -12.85 -31.01 -7.49
C THR A 260 -12.27 -29.97 -8.47
N ALA A 261 -12.23 -30.33 -9.77
CA ALA A 261 -11.69 -29.47 -10.84
C ALA A 261 -12.35 -28.08 -10.86
N GLU A 262 -13.69 -28.07 -10.69
CA GLU A 262 -14.51 -26.85 -10.69
C GLU A 262 -14.28 -26.00 -9.41
N PHE A 263 -13.70 -26.61 -8.36
CA PHE A 263 -13.35 -25.90 -7.12
C PHE A 263 -11.95 -25.28 -7.27
N ILE A 264 -11.02 -26.09 -7.80
CA ILE A 264 -9.63 -25.68 -8.08
C ILE A 264 -9.61 -24.42 -8.97
N LYS A 265 -10.39 -24.47 -10.07
CA LYS A 265 -10.48 -23.36 -11.03
C LYS A 265 -11.28 -22.15 -10.47
N ARG A 266 -12.03 -22.37 -9.35
CA ARG A 266 -12.91 -21.32 -8.75
C ARG A 266 -12.04 -20.17 -8.20
N PHE A 267 -10.81 -20.54 -7.82
CA PHE A 267 -9.80 -19.62 -7.30
C PHE A 267 -9.10 -18.84 -8.42
N GLY A 268 -9.20 -19.35 -9.66
CA GLY A 268 -8.57 -18.71 -10.82
C GLY A 268 -7.52 -19.59 -11.47
N VAL A 269 -7.44 -20.85 -11.07
CA VAL A 269 -6.57 -21.84 -11.71
C VAL A 269 -7.13 -22.17 -13.10
N GLU A 270 -6.44 -21.70 -14.16
CA GLU A 270 -6.95 -21.69 -15.54
C GLU A 270 -7.32 -23.11 -16.01
N ASP A 271 -6.30 -23.95 -16.13
CA ASP A 271 -6.45 -25.39 -16.39
C ASP A 271 -6.58 -26.11 -15.04
N GLY A 272 -7.76 -25.90 -14.39
CA GLY A 272 -8.01 -26.28 -12.99
C GLY A 272 -8.16 -27.78 -12.71
N SER A 273 -7.19 -28.61 -13.16
CA SER A 273 -7.05 -30.01 -12.72
C SER A 273 -6.05 -30.05 -11.53
N VAL A 274 -5.60 -31.26 -11.11
CA VAL A 274 -4.68 -31.40 -9.95
C VAL A 274 -3.25 -31.01 -10.36
N GLU A 275 -2.65 -31.71 -11.34
CA GLU A 275 -1.34 -31.32 -11.94
C GLU A 275 -1.45 -29.96 -12.64
N GLY A 276 -2.70 -29.59 -13.03
CA GLY A 276 -3.01 -28.25 -13.50
C GLY A 276 -2.87 -27.20 -12.41
N LEU A 277 -3.25 -27.58 -11.17
CA LEU A 277 -3.15 -26.71 -9.99
C LEU A 277 -1.68 -26.52 -9.62
N ARG A 278 -0.94 -27.64 -9.64
CA ARG A 278 0.50 -27.67 -9.36
C ARG A 278 1.25 -26.75 -10.36
N ALA A 279 0.95 -26.92 -11.66
CA ALA A 279 1.60 -26.17 -12.75
C ALA A 279 1.18 -24.69 -12.75
N GLU A 280 -0.09 -24.41 -12.36
CA GLU A 280 -0.62 -23.03 -12.29
C GLU A 280 0.13 -22.24 -11.24
N VAL A 281 0.14 -22.79 -10.02
CA VAL A 281 0.79 -22.15 -8.88
C VAL A 281 2.31 -22.12 -9.11
N ARG A 282 2.87 -23.10 -9.86
CA ARG A 282 4.31 -23.12 -10.26
C ARG A 282 4.67 -21.89 -11.14
N LYS A 283 3.94 -21.70 -12.26
CA LYS A 283 4.26 -20.59 -13.20
C LYS A 283 3.90 -19.23 -12.58
N ASN A 284 2.93 -19.24 -11.64
CA ASN A 284 2.57 -18.07 -10.84
C ASN A 284 3.65 -17.81 -9.75
N MET A 285 4.29 -18.89 -9.25
CA MET A 285 5.42 -18.77 -8.29
C MET A 285 6.56 -18.05 -8.97
N GLU A 286 6.91 -18.49 -10.20
CA GLU A 286 8.02 -17.90 -10.96
C GLU A 286 7.77 -16.40 -11.26
N ARG A 287 6.51 -16.02 -11.53
CA ARG A 287 6.13 -14.62 -11.79
C ARG A 287 6.19 -13.76 -10.51
N GLU A 288 5.47 -14.22 -9.47
CA GLU A 288 5.39 -13.58 -8.15
C GLU A 288 6.80 -13.44 -7.54
N LEU A 289 7.48 -14.59 -7.43
CA LEU A 289 8.84 -14.70 -6.88
C LEU A 289 9.88 -13.98 -7.76
N LYS A 290 9.66 -13.79 -9.08
CA LYS A 290 10.58 -12.97 -9.91
C LYS A 290 10.58 -11.53 -9.38
N SER A 291 9.37 -10.94 -9.27
CA SER A 291 9.17 -9.56 -8.80
C SER A 291 9.51 -9.43 -7.30
N ALA A 292 9.22 -10.50 -6.54
CA ALA A 292 9.43 -10.55 -5.09
C ALA A 292 10.93 -10.60 -4.79
N ILE A 293 11.68 -11.49 -5.50
CA ILE A 293 13.14 -11.66 -5.30
C ILE A 293 13.89 -10.44 -5.83
N ARG A 294 13.30 -9.81 -6.89
CA ARG A 294 13.83 -8.57 -7.45
C ARG A 294 13.76 -7.45 -6.39
N ASN A 295 12.57 -7.27 -5.80
CA ASN A 295 12.34 -6.26 -4.75
C ASN A 295 12.86 -6.72 -3.37
N ARG A 296 13.25 -8.00 -3.24
CA ARG A 296 13.88 -8.53 -2.00
C ARG A 296 15.34 -8.08 -1.95
N VAL A 297 16.09 -8.46 -3.00
CA VAL A 297 17.49 -8.05 -3.21
C VAL A 297 17.56 -6.50 -3.28
N LYS A 298 16.58 -5.88 -3.97
CA LYS A 298 16.47 -4.42 -4.06
C LYS A 298 16.19 -3.78 -2.69
N SER A 299 15.21 -4.32 -1.92
CA SER A 299 14.82 -3.70 -0.62
C SER A 299 15.99 -3.67 0.35
N GLN A 300 16.78 -4.76 0.37
CA GLN A 300 17.98 -4.87 1.24
C GLN A 300 19.13 -3.97 0.72
N ALA A 301 19.25 -3.84 -0.62
CA ALA A 301 20.22 -2.94 -1.27
C ALA A 301 19.96 -1.47 -0.90
N ILE A 302 18.69 -1.05 -1.07
CA ILE A 302 18.24 0.33 -0.84
C ILE A 302 18.20 0.63 0.67
N GLU A 303 17.94 -0.41 1.48
CA GLU A 303 18.00 -0.33 2.95
C GLU A 303 19.41 0.08 3.38
N GLY A 304 20.39 -0.71 2.90
CA GLY A 304 21.80 -0.44 3.16
C GLY A 304 22.30 0.83 2.50
N LEU A 305 21.68 1.23 1.37
CA LEU A 305 22.03 2.47 0.62
C LEU A 305 21.76 3.70 1.48
N VAL A 306 20.53 3.79 2.02
CA VAL A 306 20.11 4.89 2.90
C VAL A 306 20.93 4.86 4.21
N LYS A 307 21.10 3.63 4.75
CA LYS A 307 21.94 3.39 5.95
C LYS A 307 23.41 3.84 5.71
N ALA A 308 23.88 3.69 4.46
CA ALA A 308 25.26 4.04 4.05
C ALA A 308 25.45 5.56 3.86
N ASN A 309 24.35 6.35 3.86
CA ASN A 309 24.43 7.80 3.56
C ASN A 309 23.69 8.65 4.60
N ASP A 310 24.45 9.50 5.30
CA ASP A 310 23.92 10.56 6.17
C ASP A 310 23.82 11.86 5.35
N ILE A 311 22.60 12.39 5.23
CA ILE A 311 22.32 13.67 4.58
C ILE A 311 21.08 14.31 5.21
N ASP A 312 21.26 15.51 5.80
CA ASP A 312 20.16 16.32 6.30
C ASP A 312 19.49 17.03 5.12
N VAL A 313 18.43 16.38 4.65
CA VAL A 313 17.60 16.80 3.53
C VAL A 313 16.98 18.20 3.79
N PRO A 314 16.85 19.09 2.72
CA PRO A 314 16.04 20.33 2.80
C PRO A 314 14.66 20.06 3.42
N ALA A 315 14.27 20.91 4.39
CA ALA A 315 13.01 20.79 5.14
C ALA A 315 11.80 20.70 4.20
N ALA A 316 11.88 21.43 3.08
CA ALA A 316 10.83 21.49 2.04
C ALA A 316 10.52 20.10 1.48
N LEU A 317 11.58 19.35 1.12
CA LEU A 317 11.47 18.01 0.53
C LEU A 317 10.89 17.02 1.55
N ILE A 318 11.37 17.15 2.82
CA ILE A 318 10.87 16.36 3.95
C ILE A 318 9.37 16.60 4.10
N ASP A 319 8.95 17.89 4.07
CA ASP A 319 7.53 18.32 4.21
C ASP A 319 6.67 17.81 3.05
N SER A 320 7.28 17.70 1.86
CA SER A 320 6.62 17.09 0.70
C SER A 320 6.23 15.66 1.04
N GLU A 321 7.24 14.86 1.44
CA GLU A 321 7.06 13.44 1.81
C GLU A 321 6.30 13.26 3.14
N ILE A 322 6.31 14.30 4.02
CA ILE A 322 5.49 14.33 5.25
C ILE A 322 4.03 14.26 4.83
N ASP A 323 3.62 15.25 4.00
CA ASP A 323 2.23 15.44 3.60
C ASP A 323 1.74 14.30 2.68
N VAL A 324 2.66 13.75 1.86
CA VAL A 324 2.38 12.52 1.08
C VAL A 324 1.96 11.41 2.05
N LEU A 325 2.82 11.17 3.07
CA LEU A 325 2.55 10.17 4.11
C LEU A 325 1.34 10.53 4.99
N ARG A 326 1.01 11.83 5.12
CA ARG A 326 -0.14 12.28 5.94
C ARG A 326 -1.45 11.83 5.30
N ARG A 327 -1.63 12.26 4.04
CA ARG A 327 -2.84 11.93 3.26
C ARG A 327 -2.94 10.40 3.06
N GLN A 328 -1.80 9.80 2.67
CA GLN A 328 -1.69 8.37 2.31
C GLN A 328 -1.98 7.44 3.51
N ALA A 329 -1.39 7.78 4.69
CA ALA A 329 -1.62 7.02 5.92
C ALA A 329 -3.06 7.17 6.37
N ALA A 330 -3.46 8.44 6.65
CA ALA A 330 -4.75 8.77 7.29
C ALA A 330 -5.97 8.36 6.44
N GLN A 331 -5.79 8.29 5.10
CA GLN A 331 -6.81 7.76 4.16
C GLN A 331 -7.25 6.34 4.57
N ARG A 332 -6.27 5.54 5.00
CA ARG A 332 -6.50 4.16 5.46
C ARG A 332 -6.83 4.16 6.97
N PHE A 333 -6.01 4.90 7.74
CA PHE A 333 -6.12 4.99 9.19
C PHE A 333 -7.26 5.95 9.59
N GLY A 334 -8.50 5.43 9.49
CA GLY A 334 -9.69 6.14 9.97
C GLY A 334 -10.35 7.02 8.90
N GLY A 335 -9.63 7.34 7.80
CA GLY A 335 -10.16 8.18 6.72
C GLY A 335 -10.32 9.62 7.16
N ASN A 336 -9.20 10.21 7.62
CA ASN A 336 -9.18 11.56 8.25
C ASN A 336 -9.46 12.65 7.21
N GLU A 337 -10.75 12.99 7.07
CA GLU A 337 -11.28 13.94 6.09
C GLU A 337 -10.75 15.37 6.41
N LYS A 338 -9.69 15.77 5.69
CA LYS A 338 -8.91 17.03 5.89
C LYS A 338 -8.03 17.01 7.17
N GLN A 339 -8.36 16.16 8.15
CA GLN A 339 -7.57 15.97 9.39
C GLN A 339 -6.22 15.29 9.09
N ALA A 340 -6.14 14.64 7.90
CA ALA A 340 -4.90 14.12 7.32
C ALA A 340 -3.86 15.25 7.18
N LEU A 341 -4.31 16.37 6.59
CA LEU A 341 -3.49 17.55 6.31
C LEU A 341 -3.03 18.26 7.61
N GLU A 342 -3.56 17.83 8.76
CA GLU A 342 -3.23 18.42 10.08
C GLU A 342 -2.32 17.50 10.91
N LEU A 343 -2.01 16.26 10.39
CA LEU A 343 -1.07 15.33 11.10
C LEU A 343 0.30 16.03 11.34
N PRO A 344 0.87 15.95 12.57
CA PRO A 344 2.14 16.66 12.91
C PRO A 344 3.34 16.20 12.05
N ARG A 345 4.33 17.08 11.90
CA ARG A 345 5.54 16.80 11.08
C ARG A 345 6.31 15.64 11.71
N GLU A 346 6.46 15.73 13.03
CA GLU A 346 7.07 14.70 13.87
C GLU A 346 6.30 13.35 13.87
N LEU A 347 5.09 13.31 13.27
CA LEU A 347 4.34 12.04 13.07
C LEU A 347 5.10 11.18 12.05
N PHE A 348 5.69 11.84 11.04
CA PHE A 348 6.37 11.18 9.92
C PHE A 348 7.82 11.67 9.73
N GLU A 349 8.29 12.58 10.63
CA GLU A 349 9.63 13.24 10.58
C GLU A 349 10.78 12.36 10.01
N GLU A 350 11.14 11.31 10.78
CA GLU A 350 12.29 10.45 10.50
C GLU A 350 12.08 9.66 9.20
N GLN A 351 10.88 9.05 9.06
CA GLN A 351 10.56 8.17 7.92
C GLN A 351 10.40 8.96 6.61
N ALA A 352 10.03 10.26 6.72
CA ALA A 352 9.79 11.14 5.56
C ALA A 352 11.09 11.75 5.09
N LYS A 353 11.98 12.11 6.04
CA LYS A 353 13.37 12.50 5.73
C LYS A 353 14.05 11.36 4.96
N ARG A 354 13.99 10.16 5.55
CA ARG A 354 14.46 8.88 4.98
C ARG A 354 13.83 8.63 3.60
N ARG A 355 12.52 8.92 3.50
CA ARG A 355 11.71 8.77 2.27
C ARG A 355 12.32 9.60 1.12
N VAL A 356 12.73 10.84 1.45
CA VAL A 356 13.42 11.72 0.48
C VAL A 356 14.84 11.18 0.17
N VAL A 357 15.56 10.72 1.24
CA VAL A 357 16.95 10.21 1.12
C VAL A 357 17.05 9.11 0.05
N VAL A 358 16.07 8.17 0.05
CA VAL A 358 15.96 7.12 -1.00
C VAL A 358 16.02 7.72 -2.43
N GLY A 359 15.20 8.78 -2.63
CA GLY A 359 15.07 9.44 -3.94
C GLY A 359 16.30 10.26 -4.34
N LEU A 360 16.90 10.96 -3.36
CA LEU A 360 18.09 11.82 -3.59
C LEU A 360 19.33 10.97 -3.90
N LEU A 361 19.43 9.81 -3.24
CA LEU A 361 20.51 8.84 -3.45
C LEU A 361 20.39 8.24 -4.85
N LEU A 362 19.22 7.64 -5.15
CA LEU A 362 18.96 7.02 -6.47
C LEU A 362 18.89 8.08 -7.61
N GLY A 363 18.80 9.37 -7.26
CA GLY A 363 18.95 10.45 -8.24
C GLY A 363 20.42 10.74 -8.53
N GLU A 364 21.19 10.88 -7.44
CA GLU A 364 22.61 11.27 -7.52
C GLU A 364 23.49 10.13 -8.08
N VAL A 365 23.13 8.87 -7.77
CA VAL A 365 23.81 7.67 -8.33
C VAL A 365 23.73 7.74 -9.87
N ILE A 366 22.54 8.03 -10.38
CA ILE A 366 22.25 8.05 -11.82
C ILE A 366 22.94 9.23 -12.52
N ARG A 367 22.94 10.42 -11.86
CA ARG A 367 23.63 11.60 -12.42
C ARG A 367 25.16 11.40 -12.43
N THR A 368 25.73 11.19 -11.24
CA THR A 368 27.19 11.04 -11.03
C THR A 368 27.80 9.90 -11.90
N ASN A 369 27.08 8.77 -11.97
CA ASN A 369 27.53 7.57 -12.72
C ASN A 369 27.15 7.65 -14.23
N GLU A 370 26.48 8.76 -14.66
CA GLU A 370 25.93 8.96 -16.04
C GLU A 370 25.03 7.78 -16.49
N LEU A 371 24.39 7.16 -15.49
CA LEU A 371 23.62 5.93 -15.63
C LEU A 371 22.35 6.18 -16.47
N LYS A 372 22.37 5.67 -17.71
CA LYS A 372 21.26 5.81 -18.67
C LYS A 372 20.19 4.73 -18.46
N ALA A 373 19.01 4.97 -19.04
CA ALA A 373 17.97 3.94 -19.20
C ALA A 373 18.44 2.95 -20.28
N ASP A 374 18.30 1.65 -20.03
CA ASP A 374 18.82 0.61 -20.94
C ASP A 374 17.69 0.05 -21.82
N GLU A 375 17.69 0.42 -23.11
CA GLU A 375 16.70 -0.03 -24.11
C GLU A 375 16.73 -1.57 -24.27
N GLU A 376 17.89 -2.17 -24.04
CA GLU A 376 18.05 -3.62 -24.03
C GLU A 376 17.32 -4.26 -22.83
N ARG A 377 17.25 -3.54 -21.68
CA ARG A 377 16.56 -4.05 -20.49
C ARG A 377 15.07 -3.63 -20.51
N VAL A 378 14.74 -2.66 -21.39
CA VAL A 378 13.34 -2.39 -21.78
C VAL A 378 12.80 -3.64 -22.49
N LYS A 379 13.53 -4.04 -23.57
CA LYS A 379 13.28 -5.28 -24.31
C LYS A 379 13.17 -6.47 -23.35
N GLY A 380 14.21 -6.62 -22.50
CA GLY A 380 14.35 -7.73 -21.57
C GLY A 380 13.23 -7.83 -20.55
N LEU A 381 12.84 -6.69 -19.94
CA LEU A 381 11.79 -6.63 -18.90
C LEU A 381 10.41 -6.98 -19.51
N ILE A 382 10.12 -6.39 -20.69
CA ILE A 382 8.91 -6.69 -21.47
C ILE A 382 8.83 -8.20 -21.77
N GLU A 383 9.99 -8.80 -22.13
CA GLU A 383 10.12 -10.23 -22.44
C GLU A 383 10.04 -11.13 -21.19
N GLU A 384 10.47 -10.61 -20.01
CA GLU A 384 10.32 -11.33 -18.72
C GLU A 384 8.83 -11.55 -18.46
N MET A 385 8.09 -10.42 -18.47
CA MET A 385 6.63 -10.40 -18.28
C MET A 385 5.92 -11.24 -19.37
N ALA A 386 6.43 -11.13 -20.60
CA ALA A 386 5.86 -11.79 -21.79
C ALA A 386 5.97 -13.32 -21.72
N SER A 387 7.12 -13.81 -21.20
CA SER A 387 7.42 -15.25 -21.08
C SER A 387 6.45 -15.98 -20.12
N ALA A 388 5.70 -15.21 -19.32
CA ALA A 388 4.66 -15.76 -18.41
C ALA A 388 3.41 -16.25 -19.20
N TYR A 389 3.16 -15.64 -20.37
CA TYR A 389 1.93 -15.88 -21.14
C TYR A 389 2.15 -16.95 -22.21
N GLU A 390 1.17 -17.11 -23.11
CA GLU A 390 1.21 -18.08 -24.21
C GLU A 390 2.05 -17.52 -25.37
N ASP A 391 2.09 -16.18 -25.47
CA ASP A 391 2.68 -15.47 -26.62
C ASP A 391 3.29 -14.13 -26.18
N PRO A 392 4.57 -13.82 -26.59
CA PRO A 392 5.21 -12.52 -26.29
C PRO A 392 4.70 -11.36 -27.18
N LYS A 393 4.28 -11.70 -28.42
CA LYS A 393 3.87 -10.72 -29.45
C LYS A 393 2.70 -9.85 -28.95
N GLU A 394 1.83 -10.48 -28.12
CA GLU A 394 0.74 -9.80 -27.37
C GLU A 394 1.28 -8.55 -26.68
N VAL A 395 2.34 -8.77 -25.90
CA VAL A 395 2.90 -7.80 -24.95
C VAL A 395 3.65 -6.69 -25.68
N ILE A 396 4.61 -7.12 -26.53
CA ILE A 396 5.48 -6.19 -27.28
C ILE A 396 4.60 -5.24 -28.12
N GLU A 397 3.70 -5.81 -28.96
CA GLU A 397 2.89 -5.04 -29.92
C GLU A 397 1.84 -4.16 -29.20
N PHE A 398 1.18 -4.69 -28.16
CA PHE A 398 0.16 -3.95 -27.38
C PHE A 398 0.75 -2.67 -26.75
N TYR A 399 1.85 -2.84 -26.00
CA TYR A 399 2.46 -1.74 -25.23
C TYR A 399 3.27 -0.75 -26.08
N SER A 400 3.93 -1.25 -27.16
CA SER A 400 4.75 -0.39 -28.05
C SER A 400 3.89 0.70 -28.74
N LYS A 401 2.60 0.39 -28.94
CA LYS A 401 1.64 1.31 -29.56
C LYS A 401 1.21 2.44 -28.59
N ASN A 402 1.53 2.29 -27.30
CA ASN A 402 1.13 3.27 -26.27
C ASN A 402 2.38 3.80 -25.53
N LYS A 403 2.65 5.11 -25.71
CA LYS A 403 3.81 5.82 -25.13
C LYS A 403 3.76 5.83 -23.57
N GLU A 404 2.56 5.57 -23.00
CA GLU A 404 2.33 5.49 -21.53
C GLU A 404 3.34 4.54 -20.86
N LEU A 405 3.26 3.24 -21.19
CA LEU A 405 4.17 2.24 -20.60
C LEU A 405 5.50 2.18 -21.37
N MET A 406 5.53 2.69 -22.61
CA MET A 406 6.77 2.69 -23.42
C MET A 406 7.85 3.57 -22.76
N ASP A 407 7.45 4.79 -22.36
CA ASP A 407 8.29 5.73 -21.59
C ASP A 407 8.61 5.15 -20.20
N ASN A 408 7.56 4.69 -19.51
CA ASN A 408 7.65 4.18 -18.14
C ASN A 408 8.53 2.90 -18.07
N MET A 409 8.62 2.16 -19.19
CA MET A 409 9.45 0.94 -19.27
C MET A 409 10.93 1.33 -19.35
N ARG A 410 11.22 2.48 -19.97
CA ARG A 410 12.57 3.05 -20.00
C ARG A 410 12.96 3.55 -18.60
N ASN A 411 11.98 4.16 -17.92
CA ASN A 411 12.15 4.69 -16.55
C ASN A 411 12.35 3.56 -15.51
N VAL A 412 11.63 2.43 -15.67
CA VAL A 412 11.75 1.28 -14.76
C VAL A 412 12.98 0.42 -15.16
N ALA A 413 13.41 0.50 -16.45
CA ALA A 413 14.70 -0.10 -16.91
C ALA A 413 15.88 0.68 -16.34
N LEU A 414 15.68 2.01 -16.20
CA LEU A 414 16.62 2.91 -15.53
C LEU A 414 16.72 2.51 -14.05
N GLU A 415 15.56 2.29 -13.41
CA GLU A 415 15.46 1.85 -12.01
C GLU A 415 16.16 0.49 -11.80
N GLU A 416 15.96 -0.42 -12.76
CA GLU A 416 16.59 -1.74 -12.77
C GLU A 416 18.13 -1.61 -12.75
N GLN A 417 18.66 -0.94 -13.80
CA GLN A 417 20.12 -0.74 -13.99
C GLN A 417 20.72 0.11 -12.84
N ALA A 418 19.86 0.98 -12.25
CA ALA A 418 20.20 1.81 -11.09
C ALA A 418 20.61 0.95 -9.91
N VAL A 419 19.69 0.03 -9.56
CA VAL A 419 19.90 -0.92 -8.47
C VAL A 419 21.09 -1.84 -8.80
N GLU A 420 21.25 -2.25 -10.08
CA GLU A 420 22.40 -3.10 -10.53
C GLU A 420 23.75 -2.42 -10.24
N ALA A 421 23.82 -1.09 -10.44
CA ALA A 421 25.02 -0.29 -10.12
C ALA A 421 25.25 -0.19 -8.60
N VAL A 422 24.17 -0.29 -7.80
CA VAL A 422 24.24 -0.30 -6.34
C VAL A 422 24.78 -1.66 -5.88
N LEU A 423 24.29 -2.73 -6.55
CA LEU A 423 24.67 -4.13 -6.28
C LEU A 423 26.13 -4.40 -6.72
N ALA A 424 26.57 -3.65 -7.74
CA ALA A 424 27.96 -3.68 -8.24
C ALA A 424 28.94 -3.17 -7.18
N LYS A 425 28.50 -2.17 -6.40
CA LYS A 425 29.30 -1.55 -5.33
C LYS A 425 29.06 -2.23 -3.97
N ALA A 426 27.90 -2.88 -3.83
CA ALA A 426 27.44 -3.47 -2.58
C ALA A 426 27.91 -4.93 -2.44
N LYS A 427 28.12 -5.34 -1.19
CA LYS A 427 28.48 -6.71 -0.83
C LYS A 427 27.23 -7.61 -0.91
N VAL A 428 26.92 -8.09 -2.12
CA VAL A 428 25.79 -9.01 -2.35
C VAL A 428 26.21 -10.43 -1.91
N THR A 429 25.97 -10.77 -0.64
CA THR A 429 26.19 -12.12 -0.11
C THR A 429 25.01 -13.03 -0.51
N GLU A 430 25.32 -14.13 -1.21
CA GLU A 430 24.31 -15.07 -1.70
C GLU A 430 24.14 -16.23 -0.71
N LYS A 431 22.89 -16.62 -0.45
CA LYS A 431 22.58 -17.81 0.37
C LYS A 431 21.62 -18.71 -0.43
N GLU A 432 21.91 -20.00 -0.49
CA GLU A 432 21.01 -20.99 -1.10
C GLU A 432 20.03 -21.47 -0.03
N THR A 433 18.76 -21.08 -0.19
CA THR A 433 17.70 -21.29 0.82
C THR A 433 16.52 -22.04 0.19
N THR A 434 15.54 -22.40 1.03
CA THR A 434 14.36 -23.15 0.59
C THR A 434 13.22 -22.22 0.12
N PHE A 435 12.09 -22.87 -0.19
CA PHE A 435 10.91 -22.32 -0.88
C PHE A 435 10.28 -21.10 -0.18
N ASN A 436 9.94 -21.28 1.10
CA ASN A 436 9.02 -20.36 1.81
C ASN A 436 9.76 -19.17 2.47
N GLU A 437 11.07 -19.01 2.12
CA GLU A 437 11.95 -17.88 2.54
C GLU A 437 11.25 -16.49 2.45
N LEU A 438 10.83 -16.10 1.23
CA LEU A 438 10.09 -14.83 1.00
C LEU A 438 8.61 -14.99 1.36
N MET A 439 8.16 -16.26 1.35
CA MET A 439 6.74 -16.61 1.42
C MET A 439 6.29 -16.85 2.88
N ASN A 440 6.97 -16.19 3.83
CA ASN A 440 6.68 -16.25 5.29
C ASN A 440 5.48 -15.38 5.69
N GLN A 441 4.38 -15.49 4.94
CA GLN A 441 3.19 -14.66 5.09
C GLN A 441 1.95 -15.54 5.35
N GLN A 442 2.14 -16.61 6.16
CA GLN A 442 1.04 -17.49 6.60
C GLN A 442 0.23 -16.77 7.69
N ALA A 443 -1.07 -16.54 7.43
CA ALA A 443 -2.00 -15.98 8.42
C ALA A 443 -2.21 -16.98 9.59
N MET B 2 -23.11 -10.29 47.63
CA MET B 2 -21.92 -10.80 48.35
C MET B 2 -20.86 -11.27 47.35
N LYS B 3 -19.60 -11.39 47.81
CA LYS B 3 -18.46 -11.76 46.97
C LYS B 3 -17.34 -12.31 47.87
N GLN B 4 -16.80 -13.50 47.52
CA GLN B 4 -15.65 -14.07 48.23
C GLN B 4 -14.38 -13.21 48.01
N SER B 5 -14.12 -12.35 49.01
CA SER B 5 -12.95 -11.47 49.09
C SER B 5 -13.01 -10.34 48.03
N THR B 6 -12.65 -10.65 46.76
CA THR B 6 -12.35 -9.63 45.74
C THR B 6 -12.43 -10.26 44.31
N ILE B 7 -11.70 -9.67 43.30
CA ILE B 7 -11.75 -10.04 41.86
C ILE B 7 -13.07 -9.57 41.24
N ALA B 8 -14.18 -10.30 41.50
CA ALA B 8 -15.53 -9.98 40.97
C ALA B 8 -15.50 -9.78 39.45
N LEU B 9 -14.86 -10.75 38.77
CA LEU B 9 -14.47 -10.62 37.35
C LEU B 9 -15.65 -10.27 36.42
N ALA B 10 -15.43 -9.29 35.56
CA ALA B 10 -16.42 -8.75 34.61
C ALA B 10 -15.71 -8.37 33.31
N LEU B 11 -16.53 -8.07 32.26
CA LEU B 11 -16.08 -7.70 30.90
C LEU B 11 -15.52 -8.96 30.18
N LEU B 12 -14.36 -9.44 30.65
CA LEU B 12 -13.68 -10.64 30.14
C LEU B 12 -13.40 -11.60 31.33
N PRO B 13 -14.13 -12.76 31.40
CA PRO B 13 -13.81 -13.89 32.30
C PRO B 13 -12.71 -14.79 31.71
N LEU B 14 -12.59 -16.02 32.26
CA LEU B 14 -11.65 -17.05 31.76
C LEU B 14 -12.01 -17.54 30.32
N LEU B 15 -13.10 -17.02 29.75
CA LEU B 15 -13.49 -17.26 28.36
C LEU B 15 -12.79 -16.25 27.42
N PHE B 16 -11.51 -16.50 27.10
CA PHE B 16 -10.72 -15.60 26.22
C PHE B 16 -10.97 -15.86 24.72
N THR B 17 -11.71 -16.93 24.39
CA THR B 17 -12.10 -17.25 23.00
C THR B 17 -13.22 -16.28 22.48
N PRO B 18 -14.42 -16.12 23.16
CA PRO B 18 -15.49 -15.22 22.64
C PRO B 18 -15.23 -13.72 22.91
N VAL B 19 -14.52 -13.38 24.03
CA VAL B 19 -14.26 -11.99 24.53
C VAL B 19 -15.49 -11.04 24.35
N THR B 20 -16.63 -11.44 24.95
CA THR B 20 -17.90 -10.69 24.88
C THR B 20 -17.96 -9.59 25.96
N LYS B 21 -18.11 -8.33 25.52
CA LYS B 21 -18.18 -7.15 26.41
C LYS B 21 -19.53 -7.07 27.14
N ALA B 22 -19.55 -6.32 28.25
CA ALA B 22 -20.75 -6.10 29.06
C ALA B 22 -21.72 -5.12 28.33
N ARG B 23 -22.77 -5.69 27.73
CA ARG B 23 -23.76 -4.96 26.90
C ARG B 23 -25.18 -5.15 27.47
N THR B 24 -26.16 -4.61 26.73
CA THR B 24 -27.59 -4.90 26.96
C THR B 24 -27.86 -6.41 26.71
N PRO B 25 -28.78 -7.07 27.51
CA PRO B 25 -29.02 -8.55 27.52
C PRO B 25 -28.82 -9.26 26.17
N GLU B 26 -27.61 -9.83 26.01
CA GLU B 26 -27.20 -10.64 24.87
C GLU B 26 -27.97 -11.98 24.91
N MET B 27 -29.17 -11.97 24.31
CA MET B 27 -30.14 -13.08 24.36
C MET B 27 -31.13 -12.96 23.17
N PRO B 28 -31.98 -14.02 22.87
CA PRO B 28 -33.02 -13.93 21.81
C PRO B 28 -34.08 -12.82 22.09
N VAL B 29 -33.74 -11.59 21.68
CA VAL B 29 -34.64 -10.43 21.70
C VAL B 29 -34.80 -9.86 20.29
N LEU B 30 -33.76 -10.09 19.45
CA LEU B 30 -33.76 -9.71 18.03
C LEU B 30 -34.87 -10.52 17.32
N GLU B 31 -35.96 -9.81 16.91
CA GLU B 31 -37.22 -10.39 16.35
C GLU B 31 -37.78 -11.55 17.23
N ASN B 32 -37.53 -11.46 18.56
CA ASN B 32 -37.66 -12.56 19.57
C ASN B 32 -37.03 -13.88 19.06
N ARG B 33 -37.69 -14.58 18.13
CA ARG B 33 -37.11 -15.75 17.42
C ARG B 33 -37.83 -16.00 16.09
N ALA B 34 -39.08 -15.53 15.96
CA ALA B 34 -39.92 -15.81 14.78
C ALA B 34 -41.07 -14.80 14.63
N ALA B 35 -41.78 -14.53 15.74
CA ALA B 35 -43.00 -13.71 15.75
C ALA B 35 -42.71 -12.23 15.41
N GLN B 36 -41.56 -11.74 15.92
CA GLN B 36 -41.08 -10.35 15.74
C GLN B 36 -42.06 -9.36 16.38
N GLY B 37 -43.09 -8.99 15.62
CA GLY B 37 -44.05 -7.97 15.98
C GLY B 37 -44.82 -7.51 14.75
N ASP B 38 -44.91 -8.41 13.77
CA ASP B 38 -45.53 -8.14 12.46
C ASP B 38 -46.99 -8.59 12.46
N ILE B 39 -47.79 -8.00 11.55
CA ILE B 39 -49.22 -8.34 11.38
C ILE B 39 -49.40 -9.79 10.87
N THR B 40 -49.50 -10.75 11.82
CA THR B 40 -49.85 -12.14 11.50
C THR B 40 -51.33 -12.19 11.04
N ALA B 41 -51.62 -13.07 10.06
CA ALA B 41 -52.84 -12.99 9.23
C ALA B 41 -52.84 -11.65 8.46
N PRO B 42 -52.10 -11.58 7.29
CA PRO B 42 -51.83 -10.30 6.56
C PRO B 42 -53.11 -9.66 5.96
N GLY B 43 -54.18 -10.48 5.82
CA GLY B 43 -55.48 -10.00 5.36
C GLY B 43 -56.30 -9.32 6.46
N GLY B 44 -55.69 -9.16 7.66
CA GLY B 44 -56.32 -8.52 8.80
C GLY B 44 -57.35 -9.42 9.47
N ALA B 45 -56.94 -10.69 9.72
CA ALA B 45 -57.81 -11.76 10.28
C ALA B 45 -58.90 -12.21 9.28
N ARG B 46 -59.68 -13.23 9.69
CA ARG B 46 -60.75 -13.83 8.87
C ARG B 46 -62.03 -12.99 8.98
N ARG B 47 -62.00 -11.81 8.34
CA ARG B 47 -63.14 -10.90 8.26
C ARG B 47 -64.01 -11.26 7.04
N LEU B 48 -63.38 -11.13 5.86
CA LEU B 48 -64.00 -11.46 4.57
C LEU B 48 -63.83 -12.96 4.31
N THR B 49 -64.93 -13.72 4.43
CA THR B 49 -64.92 -15.19 4.26
C THR B 49 -65.49 -15.54 2.87
N GLY B 50 -64.84 -15.01 1.83
CA GLY B 50 -65.25 -15.23 0.45
C GLY B 50 -64.34 -14.50 -0.53
N ASP B 51 -64.14 -15.11 -1.72
CA ASP B 51 -63.28 -14.54 -2.76
C ASP B 51 -64.03 -13.48 -3.59
N GLN B 52 -63.85 -12.21 -3.19
CA GLN B 52 -64.33 -11.04 -3.94
C GLN B 52 -63.14 -10.22 -4.48
N THR B 53 -61.97 -10.35 -3.83
CA THR B 53 -60.80 -9.46 -4.06
C THR B 53 -59.99 -9.85 -5.33
N ALA B 54 -60.23 -11.08 -5.86
CA ALA B 54 -59.60 -11.52 -7.13
C ALA B 54 -60.30 -10.90 -8.36
N ALA B 55 -61.54 -10.39 -8.14
CA ALA B 55 -62.40 -9.78 -9.19
C ALA B 55 -62.78 -10.81 -10.29
N LEU B 56 -63.46 -10.32 -11.36
CA LEU B 56 -63.83 -11.13 -12.53
C LEU B 56 -64.28 -10.23 -13.68
N ARG B 57 -64.13 -10.74 -14.92
CA ARG B 57 -64.68 -10.15 -16.16
C ARG B 57 -64.15 -8.73 -16.47
N ASP B 58 -63.10 -8.30 -15.76
CA ASP B 58 -62.51 -6.96 -15.88
C ASP B 58 -61.31 -7.04 -16.83
N SER B 59 -61.47 -6.48 -18.06
CA SER B 59 -60.49 -6.51 -19.17
C SER B 59 -60.07 -7.96 -19.55
N LEU B 60 -59.22 -8.59 -18.68
CA LEU B 60 -58.80 -10.01 -18.76
C LEU B 60 -57.92 -10.27 -20.00
N SER B 61 -58.56 -10.41 -21.17
CA SER B 61 -57.90 -10.77 -22.43
C SER B 61 -58.80 -10.39 -23.61
N ASP B 62 -58.20 -10.38 -24.84
CA ASP B 62 -58.89 -10.08 -26.12
C ASP B 62 -59.22 -8.57 -26.25
N LYS B 63 -60.04 -8.09 -25.30
CA LYS B 63 -60.40 -6.67 -25.15
C LYS B 63 -59.12 -5.79 -25.03
N PRO B 64 -58.96 -4.71 -25.90
CA PRO B 64 -57.76 -3.81 -25.94
C PRO B 64 -57.11 -3.52 -24.56
N ALA B 65 -56.12 -4.37 -24.25
CA ALA B 65 -55.37 -4.39 -22.98
C ALA B 65 -54.24 -5.42 -23.16
N LYS B 66 -53.69 -5.96 -22.04
CA LYS B 66 -52.73 -7.11 -22.05
C LYS B 66 -51.43 -6.78 -22.83
N ASN B 67 -51.15 -5.46 -22.97
CA ASN B 67 -50.11 -4.89 -23.84
C ASN B 67 -50.43 -5.15 -25.33
N ILE B 68 -50.17 -6.40 -25.81
CA ILE B 68 -50.38 -6.83 -27.22
C ILE B 68 -49.53 -5.97 -28.21
N ILE B 69 -50.06 -4.81 -28.63
CA ILE B 69 -49.38 -3.88 -29.55
C ILE B 69 -48.42 -2.95 -28.76
N LEU B 70 -48.73 -2.76 -27.46
CA LEU B 70 -47.94 -1.91 -26.55
C LEU B 70 -46.59 -2.59 -26.20
N LEU B 71 -45.64 -2.45 -27.13
CA LEU B 71 -44.24 -2.92 -27.00
C LEU B 71 -43.30 -1.85 -27.62
N ILE B 72 -43.92 -0.73 -28.03
CA ILE B 72 -43.23 0.42 -28.64
C ILE B 72 -42.49 1.21 -27.54
N GLY B 73 -41.21 1.54 -27.79
CA GLY B 73 -40.34 2.13 -26.77
C GLY B 73 -39.69 1.07 -25.87
N ASP B 74 -38.80 0.28 -26.48
CA ASP B 74 -38.04 -0.80 -25.79
C ASP B 74 -36.75 -0.24 -25.14
N GLY B 75 -35.68 -1.08 -25.06
CA GLY B 75 -34.38 -0.67 -24.53
C GLY B 75 -33.80 0.56 -25.25
N MET B 76 -34.02 1.74 -24.61
CA MET B 76 -33.74 3.08 -25.17
C MET B 76 -34.53 3.29 -26.48
N GLY B 77 -35.74 3.88 -26.32
CA GLY B 77 -36.64 4.13 -27.43
C GLY B 77 -37.66 5.19 -27.08
N ASP B 78 -37.47 6.43 -27.58
CA ASP B 78 -38.43 7.54 -27.42
C ASP B 78 -39.71 7.23 -28.22
N SER B 79 -39.60 7.32 -29.56
CA SER B 79 -40.60 6.81 -30.49
C SER B 79 -40.13 5.42 -30.95
N GLU B 80 -39.09 5.40 -31.80
CA GLU B 80 -38.46 4.17 -32.28
C GLU B 80 -37.10 3.98 -31.55
N ILE B 81 -36.06 4.72 -32.02
CA ILE B 81 -34.64 4.59 -31.61
C ILE B 81 -34.12 3.14 -31.73
N THR B 82 -34.52 2.28 -30.76
CA THR B 82 -34.11 0.86 -30.63
C THR B 82 -32.57 0.74 -30.54
N ALA B 83 -32.02 0.93 -29.32
CA ALA B 83 -30.55 0.88 -29.10
C ALA B 83 -30.05 -0.56 -28.86
N ALA B 84 -30.93 -1.55 -29.14
CA ALA B 84 -30.59 -2.98 -29.13
C ALA B 84 -29.54 -3.31 -30.22
N ARG B 85 -28.80 -4.41 -30.03
CA ARG B 85 -27.79 -4.92 -30.99
C ARG B 85 -26.64 -3.91 -31.18
N ASN B 86 -25.68 -3.94 -30.25
CA ASN B 86 -24.48 -3.10 -30.29
C ASN B 86 -23.25 -3.92 -29.92
N TYR B 87 -23.24 -4.46 -28.67
CA TYR B 87 -22.16 -5.31 -28.09
C TYR B 87 -20.76 -4.64 -28.10
N ALA B 88 -19.80 -5.33 -27.50
CA ALA B 88 -18.38 -4.92 -27.40
C ALA B 88 -17.56 -6.10 -26.85
N GLU B 89 -16.27 -5.90 -26.57
CA GLU B 89 -15.43 -6.92 -25.93
C GLU B 89 -14.78 -6.30 -24.68
N GLY B 90 -15.51 -6.39 -23.56
CA GLY B 90 -15.03 -5.90 -22.27
C GLY B 90 -14.00 -6.86 -21.68
N ALA B 91 -12.73 -6.46 -21.68
CA ALA B 91 -11.61 -7.29 -21.22
C ALA B 91 -10.73 -6.50 -20.25
N GLY B 92 -9.67 -7.14 -19.74
CA GLY B 92 -8.66 -6.46 -18.92
C GLY B 92 -7.89 -5.43 -19.73
N GLY B 93 -8.32 -4.15 -19.62
CA GLY B 93 -7.74 -3.03 -20.39
C GLY B 93 -6.32 -2.68 -19.98
N PHE B 94 -5.94 -3.07 -18.75
CA PHE B 94 -4.56 -2.91 -18.22
C PHE B 94 -3.64 -4.03 -18.75
N PHE B 95 -4.26 -5.00 -19.47
CA PHE B 95 -3.61 -6.19 -20.07
C PHE B 95 -3.31 -7.27 -19.00
N LYS B 96 -3.08 -8.49 -19.50
CA LYS B 96 -2.84 -9.72 -18.71
C LYS B 96 -1.62 -9.62 -17.76
N GLY B 97 -1.67 -10.39 -16.65
CA GLY B 97 -0.52 -10.68 -15.79
C GLY B 97 0.02 -9.48 -15.01
N ILE B 98 0.86 -8.66 -15.69
CA ILE B 98 1.53 -7.45 -15.15
C ILE B 98 2.75 -7.81 -14.25
N ASP B 99 3.84 -7.01 -14.38
CA ASP B 99 5.14 -7.30 -13.72
C ASP B 99 5.66 -6.05 -12.97
N ALA B 100 6.15 -5.04 -13.74
CA ALA B 100 6.76 -3.80 -13.17
C ALA B 100 5.78 -2.62 -13.22
N LEU B 101 5.66 -1.96 -14.40
CA LEU B 101 4.68 -0.87 -14.66
C LEU B 101 4.98 0.41 -13.79
N PRO B 102 4.10 1.52 -13.79
CA PRO B 102 4.24 2.71 -12.85
C PRO B 102 4.40 2.44 -11.30
N LEU B 103 5.00 1.29 -10.91
CA LEU B 103 5.68 1.11 -9.61
C LEU B 103 6.68 2.28 -9.41
N THR B 104 7.39 2.63 -10.50
CA THR B 104 8.31 3.77 -10.57
C THR B 104 7.65 4.91 -11.38
N GLY B 105 8.11 6.16 -11.14
CA GLY B 105 7.64 7.32 -11.91
C GLY B 105 8.40 7.50 -13.23
N GLN B 106 8.91 8.74 -13.47
CA GLN B 106 9.72 9.06 -14.66
C GLN B 106 11.23 9.07 -14.31
N TYR B 107 12.04 9.53 -15.28
CA TYR B 107 13.52 9.54 -15.20
C TYR B 107 14.00 10.57 -14.12
N THR B 108 13.84 10.20 -12.83
CA THR B 108 14.16 11.07 -11.67
C THR B 108 14.65 10.21 -10.49
N HIS B 109 13.82 9.20 -10.14
CA HIS B 109 13.95 8.31 -8.93
C HIS B 109 13.40 8.97 -7.65
N TYR B 110 13.15 10.28 -7.70
CA TYR B 110 12.41 10.99 -6.63
C TYR B 110 10.93 10.55 -6.67
N ALA B 111 10.46 10.27 -7.90
CA ALA B 111 9.10 9.78 -8.18
C ALA B 111 8.91 8.29 -7.83
N LEU B 112 10.02 7.58 -7.50
CA LEU B 112 9.93 6.24 -6.91
C LEU B 112 9.31 6.39 -5.51
N ASN B 113 8.02 6.05 -5.41
CA ASN B 113 7.23 6.19 -4.18
C ASN B 113 7.55 5.01 -3.25
N LYS B 114 7.59 5.24 -1.91
CA LYS B 114 8.01 4.20 -0.95
C LYS B 114 7.30 4.39 0.42
N LYS B 115 6.57 3.34 0.88
CA LYS B 115 5.90 3.33 2.21
C LYS B 115 6.93 3.31 3.36
N THR B 116 6.42 3.32 4.60
CA THR B 116 7.20 2.99 5.80
C THR B 116 7.61 1.49 5.73
N GLY B 117 8.84 1.26 5.25
CA GLY B 117 9.36 -0.07 4.94
C GLY B 117 9.97 -0.11 3.55
N LYS B 118 9.31 0.63 2.62
CA LYS B 118 9.73 0.99 1.23
C LYS B 118 8.93 0.30 0.06
N PRO B 119 8.29 -0.92 0.19
CA PRO B 119 7.34 -1.41 -0.86
C PRO B 119 6.01 -0.61 -0.83
N ASP B 120 5.87 0.38 -1.74
CA ASP B 120 4.68 1.27 -1.79
C ASP B 120 3.63 0.74 -2.77
N TYR B 121 4.11 0.07 -3.83
CA TYR B 121 3.28 -0.43 -4.94
C TYR B 121 2.08 -1.26 -4.43
N VAL B 122 0.88 -0.85 -4.87
CA VAL B 122 -0.39 -1.50 -4.51
C VAL B 122 -0.49 -2.87 -5.22
N THR B 123 0.14 -3.87 -4.58
CA THR B 123 0.14 -5.26 -5.03
C THR B 123 0.18 -6.14 -3.79
N ASP B 124 -0.89 -6.90 -3.55
CA ASP B 124 -1.00 -7.86 -2.43
C ASP B 124 -0.11 -9.09 -2.73
N SER B 125 1.19 -8.91 -2.50
CA SER B 125 2.24 -9.91 -2.76
C SER B 125 2.28 -10.90 -1.58
N ALA B 126 1.40 -11.93 -1.65
CA ALA B 126 1.30 -12.97 -0.62
C ALA B 126 2.52 -13.90 -0.64
N ALA B 127 3.11 -14.02 -1.86
CA ALA B 127 4.27 -14.87 -2.17
C ALA B 127 3.88 -16.37 -2.16
N SER B 128 3.34 -16.85 -1.02
CA SER B 128 2.70 -18.16 -0.95
C SER B 128 1.43 -18.16 -1.86
N ALA B 129 1.59 -18.81 -3.04
CA ALA B 129 0.53 -19.03 -4.05
C ALA B 129 0.29 -17.80 -4.92
N THR B 130 -0.66 -16.93 -4.51
CA THR B 130 -1.10 -15.73 -5.27
C THR B 130 -1.60 -16.13 -6.70
N ALA B 131 -2.07 -17.38 -6.84
CA ALA B 131 -2.42 -18.02 -8.14
C ALA B 131 -3.83 -17.63 -8.64
N TRP B 132 -4.33 -16.49 -8.15
CA TRP B 132 -5.72 -16.04 -8.34
C TRP B 132 -5.77 -14.96 -9.45
N SER B 133 -4.60 -14.70 -10.08
CA SER B 133 -4.38 -13.54 -10.97
C SER B 133 -5.30 -13.51 -12.21
N THR B 134 -5.49 -14.68 -12.84
CA THR B 134 -6.26 -14.81 -14.10
C THR B 134 -7.76 -15.10 -13.84
N GLY B 135 -8.13 -15.34 -12.57
CA GLY B 135 -9.52 -15.61 -12.18
C GLY B 135 -10.05 -14.64 -11.14
N VAL B 136 -11.20 -15.00 -10.50
CA VAL B 136 -11.95 -14.13 -9.54
C VAL B 136 -12.16 -12.72 -10.19
N LYS B 137 -12.54 -12.75 -11.48
CA LYS B 137 -12.55 -11.56 -12.35
C LYS B 137 -13.84 -11.57 -13.20
N THR B 138 -14.97 -11.61 -12.49
CA THR B 138 -16.32 -11.58 -13.08
C THR B 138 -17.05 -10.35 -12.52
N TYR B 139 -17.54 -9.47 -13.41
CA TYR B 139 -18.19 -8.19 -13.04
C TYR B 139 -19.54 -7.99 -13.74
N ASN B 140 -19.85 -8.84 -14.74
CA ASN B 140 -21.13 -8.76 -15.50
C ASN B 140 -22.33 -9.21 -14.61
N GLY B 141 -22.04 -9.98 -13.55
CA GLY B 141 -23.07 -10.50 -12.66
C GLY B 141 -23.64 -11.82 -13.15
N ALA B 142 -24.49 -11.74 -14.18
CA ALA B 142 -25.20 -12.91 -14.73
C ALA B 142 -25.40 -12.76 -16.25
N LEU B 143 -25.15 -13.86 -16.98
CA LEU B 143 -25.38 -13.97 -18.44
C LEU B 143 -26.59 -14.91 -18.67
N GLY B 144 -27.61 -14.41 -19.39
CA GLY B 144 -28.80 -15.22 -19.74
C GLY B 144 -29.84 -15.19 -18.64
N VAL B 145 -29.49 -15.73 -17.46
CA VAL B 145 -30.36 -15.70 -16.28
C VAL B 145 -30.51 -14.23 -15.77
N ASP B 146 -31.68 -13.64 -16.04
CA ASP B 146 -32.00 -12.24 -15.68
C ASP B 146 -33.44 -12.17 -15.15
N ILE B 147 -33.66 -11.29 -14.17
CA ILE B 147 -34.96 -11.14 -13.46
C ILE B 147 -35.87 -10.17 -14.24
N HIS B 148 -36.91 -10.73 -14.92
CA HIS B 148 -37.81 -9.95 -15.81
C HIS B 148 -39.17 -10.66 -15.97
N GLU B 149 -40.00 -10.55 -14.93
CA GLU B 149 -41.36 -11.15 -14.90
C GLU B 149 -42.19 -10.50 -13.79
N LYS B 150 -43.52 -10.62 -13.91
CA LYS B 150 -44.47 -10.08 -12.93
C LYS B 150 -44.68 -11.13 -11.82
N ASP B 151 -43.74 -11.16 -10.88
CA ASP B 151 -43.76 -12.05 -9.70
C ASP B 151 -44.90 -11.69 -8.73
N MET A 12 18.76 45.05 -12.62
CA MET A 12 18.31 44.05 -11.63
C MET A 12 19.47 43.72 -10.68
N GLN A 13 19.40 44.26 -9.46
CA GLN A 13 20.40 44.02 -8.41
C GLN A 13 20.06 42.73 -7.66
N VAL A 14 20.79 41.65 -7.95
CA VAL A 14 20.59 40.34 -7.29
C VAL A 14 21.76 40.07 -6.33
N SER A 15 21.47 39.47 -5.16
CA SER A 15 22.50 39.16 -4.14
C SER A 15 22.09 37.89 -3.36
N VAL A 16 22.82 36.80 -3.62
CA VAL A 16 22.58 35.48 -3.00
C VAL A 16 23.38 35.37 -1.67
N GLU A 17 22.65 35.44 -0.55
CA GLU A 17 23.21 35.33 0.81
C GLU A 17 22.98 33.90 1.36
N THR A 18 24.06 33.13 1.54
CA THR A 18 23.97 31.77 2.09
C THR A 18 23.75 31.85 3.63
N THR A 19 22.46 31.90 4.02
CA THR A 19 22.04 32.14 5.42
C THR A 19 21.90 30.83 6.23
N GLN A 20 20.98 29.96 5.81
CA GLN A 20 20.65 28.72 6.55
C GLN A 20 21.16 27.47 5.78
N GLY A 21 22.49 27.41 5.57
CA GLY A 21 23.11 26.28 4.89
C GLY A 21 22.66 26.17 3.44
N LEU A 22 21.65 25.30 3.21
CA LEU A 22 20.96 25.16 1.92
C LEU A 22 20.20 26.48 1.57
N GLY A 23 19.58 27.05 2.62
CA GLY A 23 18.80 28.29 2.50
C GLY A 23 19.64 29.49 2.07
N ARG A 24 19.42 29.92 0.81
CA ARG A 24 20.08 31.08 0.19
C ARG A 24 19.04 32.17 -0.10
N ARG A 25 19.18 33.28 0.62
CA ARG A 25 18.37 34.48 0.45
C ARG A 25 18.85 35.30 -0.77
N VAL A 26 18.30 35.02 -1.95
CA VAL A 26 18.54 35.83 -3.16
C VAL A 26 17.68 37.11 -3.05
N THR A 27 18.27 38.13 -2.41
CA THR A 27 17.69 39.44 -2.26
C THR A 27 17.84 40.22 -3.57
N ILE A 28 16.72 40.62 -4.19
CA ILE A 28 16.70 41.34 -5.46
C ILE A 28 16.07 42.73 -5.30
N THR A 29 16.87 43.78 -5.54
CA THR A 29 16.39 45.14 -5.69
C THR A 29 16.04 45.38 -7.17
N ILE A 30 14.74 45.46 -7.47
CA ILE A 30 14.25 45.93 -8.77
C ILE A 30 14.11 47.46 -8.69
N ALA A 31 14.79 48.18 -9.60
CA ALA A 31 14.84 49.63 -9.61
C ALA A 31 13.46 50.23 -9.96
N ALA A 32 13.19 51.42 -9.40
CA ALA A 32 11.89 52.11 -9.51
C ALA A 32 11.53 52.42 -10.98
N ASP A 33 12.55 52.83 -11.76
CA ASP A 33 12.41 53.14 -13.19
C ASP A 33 12.19 51.85 -14.00
N SER A 34 12.80 50.74 -13.54
CA SER A 34 12.67 49.41 -14.18
C SER A 34 11.22 48.88 -14.05
N ILE A 35 10.61 49.11 -12.89
CA ILE A 35 9.19 48.75 -12.63
C ILE A 35 8.29 49.57 -13.57
N GLU A 36 8.60 50.88 -13.63
CA GLU A 36 7.90 51.86 -14.47
C GLU A 36 7.98 51.48 -15.98
N THR A 37 9.15 50.92 -16.38
CA THR A 37 9.39 50.45 -17.76
C THR A 37 8.59 49.16 -18.05
N ALA A 38 8.50 48.28 -17.03
CA ALA A 38 7.80 46.99 -17.15
C ALA A 38 6.29 47.19 -17.33
N VAL A 39 5.71 48.14 -16.55
CA VAL A 39 4.29 48.53 -16.67
C VAL A 39 4.04 49.19 -18.05
N LYS A 40 5.03 49.97 -18.50
CA LYS A 40 4.97 50.73 -19.76
C LYS A 40 5.00 49.79 -21.00
N SER A 41 5.69 48.65 -20.84
CA SER A 41 5.73 47.57 -21.86
C SER A 41 4.46 46.71 -21.74
N GLU A 42 3.95 46.59 -20.51
CA GLU A 42 2.75 45.80 -20.17
C GLU A 42 1.47 46.48 -20.72
N LEU A 43 1.55 47.83 -20.90
CA LEU A 43 0.42 48.66 -21.39
C LEU A 43 -0.21 48.10 -22.67
N VAL A 44 0.65 47.83 -23.68
CA VAL A 44 0.19 47.40 -25.00
C VAL A 44 -0.47 46.01 -24.96
N ASN A 45 -0.03 45.16 -23.98
CA ASN A 45 -0.60 43.82 -23.78
C ASN A 45 -2.00 43.93 -23.15
N VAL A 46 -2.09 44.73 -22.08
CA VAL A 46 -3.36 45.01 -21.37
C VAL A 46 -4.35 45.74 -22.31
N ALA A 47 -3.80 46.58 -23.21
CA ALA A 47 -4.59 47.39 -24.14
C ALA A 47 -5.25 46.51 -25.22
N LYS A 48 -4.57 45.42 -25.63
CA LYS A 48 -5.15 44.43 -26.58
C LYS A 48 -6.15 43.50 -25.85
N LYS A 49 -5.84 43.22 -24.58
CA LYS A 49 -6.64 42.32 -23.72
C LYS A 49 -7.99 42.98 -23.32
N VAL A 50 -7.99 44.32 -23.20
CA VAL A 50 -9.21 45.12 -22.93
C VAL A 50 -9.70 45.80 -24.25
N ARG A 51 -8.96 45.53 -25.37
CA ARG A 51 -9.26 46.03 -26.74
C ARG A 51 -9.23 47.57 -26.86
N ILE A 52 -8.58 48.24 -25.88
CA ILE A 52 -8.43 49.69 -25.85
C ILE A 52 -7.48 50.19 -26.97
N ASP A 53 -6.44 49.39 -27.29
CA ASP A 53 -5.35 49.80 -28.22
C ASP A 53 -5.88 50.18 -29.62
N GLY A 54 -6.95 49.49 -30.07
CA GLY A 54 -7.55 49.73 -31.38
C GLY A 54 -8.46 50.95 -31.41
N PHE A 55 -9.11 51.25 -30.27
CA PHE A 55 -10.12 52.32 -30.17
C PHE A 55 -9.51 53.64 -29.67
N ARG A 56 -8.41 53.55 -28.94
CA ARG A 56 -7.72 54.72 -28.36
C ARG A 56 -6.74 55.27 -29.39
N LYS A 57 -6.98 56.52 -29.83
CA LYS A 57 -6.19 57.20 -30.88
C LYS A 57 -4.72 57.38 -30.47
N GLY A 58 -4.49 57.46 -29.15
CA GLY A 58 -3.16 57.69 -28.59
C GLY A 58 -2.75 59.15 -28.62
N LYS A 59 -3.76 60.04 -28.46
CA LYS A 59 -3.55 61.50 -28.43
C LYS A 59 -2.72 61.88 -27.19
N VAL A 60 -3.14 61.35 -26.03
CA VAL A 60 -2.41 61.49 -24.77
C VAL A 60 -1.23 60.49 -24.76
N PRO A 61 0.06 60.94 -24.53
CA PRO A 61 1.24 60.05 -24.43
C PRO A 61 1.02 58.82 -23.52
N MET A 62 0.96 57.63 -24.15
CA MET A 62 0.67 56.34 -23.48
C MET A 62 1.73 56.03 -22.41
N ASN A 63 2.97 56.42 -22.69
CA ASN A 63 4.12 56.21 -21.79
C ASN A 63 3.90 56.88 -20.41
N ILE A 64 3.26 58.07 -20.42
CA ILE A 64 2.98 58.85 -19.19
C ILE A 64 1.79 58.22 -18.44
N VAL A 65 0.85 57.60 -19.18
CA VAL A 65 -0.36 56.99 -18.57
C VAL A 65 -0.11 55.55 -18.06
N ALA A 66 1.18 55.13 -18.06
CA ALA A 66 1.63 53.86 -17.44
C ALA A 66 1.35 53.85 -15.92
N GLN A 67 1.49 55.04 -15.31
CA GLN A 67 1.23 55.26 -13.88
C GLN A 67 -0.19 55.85 -13.65
N ARG A 68 -1.03 55.87 -14.71
CA ARG A 68 -2.43 56.40 -14.65
C ARG A 68 -3.44 55.28 -14.98
N TYR A 69 -3.54 54.89 -16.27
CA TYR A 69 -4.41 53.78 -16.72
C TYR A 69 -3.87 52.44 -16.21
N GLY A 70 -2.53 52.33 -16.17
CA GLY A 70 -1.85 51.14 -15.68
C GLY A 70 -1.75 51.07 -14.15
N ALA A 71 -2.24 52.13 -13.46
CA ALA A 71 -2.08 52.32 -11.99
C ALA A 71 -2.47 51.09 -11.15
N SER A 72 -3.49 50.36 -11.61
CA SER A 72 -4.04 49.18 -10.92
C SER A 72 -3.18 47.92 -11.19
N VAL A 73 -2.74 47.73 -12.47
CA VAL A 73 -1.97 46.52 -12.87
C VAL A 73 -0.52 46.57 -12.33
N ARG A 74 -0.05 47.79 -11.93
CA ARG A 74 1.31 47.99 -11.33
C ARG A 74 1.56 47.10 -10.09
N GLN A 75 0.46 46.70 -9.43
CA GLN A 75 0.45 45.71 -8.33
C GLN A 75 0.99 44.36 -8.84
N ASP A 76 0.33 43.85 -9.90
CA ASP A 76 0.57 42.47 -10.42
C ASP A 76 1.80 42.40 -11.34
N VAL A 77 2.26 43.57 -11.83
CA VAL A 77 3.53 43.68 -12.57
C VAL A 77 4.72 43.30 -11.65
N LEU A 78 4.57 43.58 -10.32
CA LEU A 78 5.55 43.14 -9.30
C LEU A 78 5.70 41.62 -9.30
N GLY A 79 4.58 40.88 -9.39
CA GLY A 79 4.58 39.42 -9.41
C GLY A 79 5.28 38.85 -10.63
N ASP A 80 5.02 39.50 -11.79
CA ASP A 80 5.67 39.20 -13.07
C ASP A 80 7.20 39.45 -12.99
N LEU A 81 7.56 40.57 -12.33
CA LEU A 81 8.95 40.99 -12.14
C LEU A 81 9.70 40.01 -11.22
N MET A 82 9.09 39.67 -10.05
CA MET A 82 9.71 38.79 -9.03
C MET A 82 9.97 37.39 -9.60
N SER A 83 9.07 36.96 -10.48
CA SER A 83 9.16 35.66 -11.15
C SER A 83 10.33 35.64 -12.15
N ARG A 84 10.36 36.65 -13.05
CA ARG A 84 11.36 36.75 -14.15
C ARG A 84 12.76 37.14 -13.63
N ASN A 85 12.82 37.84 -12.48
CA ASN A 85 14.10 38.22 -11.83
C ASN A 85 14.71 37.01 -11.13
N PHE A 86 13.84 36.20 -10.49
CA PHE A 86 14.25 34.99 -9.75
C PHE A 86 14.89 33.95 -10.69
N ILE A 87 14.13 33.54 -11.73
CA ILE A 87 14.54 32.48 -12.67
C ILE A 87 15.82 32.90 -13.43
N ASP A 88 15.92 34.19 -13.76
CA ASP A 88 17.07 34.75 -14.51
C ASP A 88 18.33 34.77 -13.63
N ALA A 89 18.12 35.07 -12.33
CA ALA A 89 19.20 35.15 -11.32
C ALA A 89 19.84 33.78 -11.04
N ILE A 90 18.99 32.75 -10.85
CA ILE A 90 19.47 31.40 -10.48
C ILE A 90 20.21 30.69 -11.64
N ILE A 91 19.86 31.08 -12.89
CA ILE A 91 20.50 30.55 -14.11
C ILE A 91 21.90 31.17 -14.30
N LYS A 92 22.00 32.52 -14.21
CA LYS A 92 23.27 33.24 -14.43
C LYS A 92 24.28 32.94 -13.31
N GLU A 93 23.78 32.83 -12.06
CA GLU A 93 24.63 32.57 -10.87
C GLU A 93 24.84 31.07 -10.64
N LYS A 94 24.22 30.24 -11.51
CA LYS A 94 24.41 28.77 -11.54
C LYS A 94 23.97 28.10 -10.21
N ILE A 95 22.96 28.71 -9.56
CA ILE A 95 22.36 28.18 -8.33
C ILE A 95 21.50 26.95 -8.68
N ASN A 96 21.60 25.88 -7.88
CA ASN A 96 20.85 24.62 -8.07
C ASN A 96 19.71 24.54 -7.01
N PRO A 97 18.51 25.14 -7.30
CA PRO A 97 17.44 25.37 -6.29
C PRO A 97 16.68 24.09 -5.88
N ALA A 98 16.14 24.12 -4.66
CA ALA A 98 15.37 23.01 -4.07
C ALA A 98 14.38 23.58 -3.03
N GLY A 99 13.45 22.72 -2.59
CA GLY A 99 12.49 23.08 -1.55
C GLY A 99 11.38 23.99 -2.06
N ALA A 100 11.36 25.25 -1.58
CA ALA A 100 10.31 26.24 -1.90
C ALA A 100 10.91 27.67 -1.82
N PRO A 101 10.76 28.52 -2.90
CA PRO A 101 11.27 29.92 -2.89
C PRO A 101 10.38 30.85 -2.02
N THR A 102 10.93 31.27 -0.86
CA THR A 102 10.19 32.07 0.13
C THR A 102 10.37 33.58 -0.16
N TYR A 103 9.42 34.16 -0.92
CA TYR A 103 9.41 35.59 -1.25
C TYR A 103 8.96 36.42 -0.03
N VAL A 104 9.79 37.43 0.33
CA VAL A 104 9.50 38.38 1.41
C VAL A 104 9.57 39.82 0.81
N PRO A 105 8.43 40.34 0.23
CA PRO A 105 8.42 41.67 -0.42
C PRO A 105 8.44 42.82 0.60
N GLY A 106 9.18 43.90 0.25
CA GLY A 106 9.23 45.12 1.07
C GLY A 106 7.91 45.87 1.01
N GLU A 107 7.82 46.81 0.06
CA GLU A 107 6.59 47.59 -0.22
C GLU A 107 6.73 48.33 -1.55
N TYR A 108 5.61 48.43 -2.29
CA TYR A 108 5.57 49.08 -3.60
C TYR A 108 5.62 50.61 -3.44
N LYS A 109 6.44 51.28 -4.28
CA LYS A 109 6.66 52.73 -4.22
C LYS A 109 6.88 53.32 -5.63
N LEU A 110 6.58 54.62 -5.77
CA LEU A 110 6.85 55.41 -7.00
C LEU A 110 7.95 56.44 -6.68
N GLY A 111 9.17 56.18 -7.16
CA GLY A 111 10.34 57.03 -6.87
C GLY A 111 11.43 56.25 -6.16
N GLU A 112 11.04 55.55 -5.08
CA GLU A 112 11.94 54.66 -4.30
C GLU A 112 11.86 53.22 -4.88
N ASP A 113 12.97 52.48 -4.75
CA ASP A 113 13.16 51.14 -5.37
C ASP A 113 12.50 50.04 -4.53
N PHE A 114 12.07 48.96 -5.20
CA PHE A 114 11.42 47.80 -4.57
C PHE A 114 12.44 46.67 -4.37
N THR A 115 12.66 46.26 -3.11
CA THR A 115 13.55 45.14 -2.75
C THR A 115 12.73 44.02 -2.07
N TYR A 116 13.12 42.76 -2.32
CA TYR A 116 12.48 41.56 -1.73
C TYR A 116 13.51 40.43 -1.56
N SER A 117 13.30 39.57 -0.57
CA SER A 117 14.21 38.46 -0.23
C SER A 117 13.58 37.11 -0.58
N VAL A 118 14.25 36.31 -1.45
CA VAL A 118 13.77 34.96 -1.85
C VAL A 118 14.66 33.89 -1.20
N GLU A 119 14.20 33.29 -0.09
CA GLU A 119 14.96 32.29 0.67
C GLU A 119 14.50 30.87 0.29
N PHE A 120 15.33 30.15 -0.45
CA PHE A 120 15.05 28.78 -0.91
C PHE A 120 16.26 27.89 -0.64
N GLU A 121 16.03 26.58 -0.52
CA GLU A 121 17.09 25.60 -0.29
C GLU A 121 17.77 25.23 -1.60
N VAL A 122 18.83 24.42 -1.52
CA VAL A 122 19.53 23.87 -2.69
C VAL A 122 19.78 22.37 -2.49
N TYR A 123 20.09 21.66 -3.58
CA TYR A 123 20.54 20.27 -3.52
C TYR A 123 22.01 20.25 -3.10
N PRO A 124 22.36 19.63 -1.93
CA PRO A 124 23.76 19.50 -1.51
C PRO A 124 24.45 18.31 -2.20
N GLU A 125 25.79 18.27 -2.12
CA GLU A 125 26.57 17.12 -2.60
C GLU A 125 26.30 15.94 -1.66
N VAL A 126 25.51 14.98 -2.15
CA VAL A 126 25.04 13.84 -1.36
C VAL A 126 26.24 12.96 -0.98
N GLU A 127 26.43 12.77 0.35
CA GLU A 127 27.50 11.92 0.90
C GLU A 127 27.30 10.44 0.50
N LEU A 128 27.95 10.05 -0.61
CA LEU A 128 28.07 8.65 -1.03
C LEU A 128 29.51 8.19 -0.80
N GLN A 129 29.70 7.38 0.25
CA GLN A 129 30.99 6.72 0.52
C GLN A 129 30.99 5.32 -0.13
N GLY A 130 31.92 4.45 0.30
CA GLY A 130 31.97 3.07 -0.20
C GLY A 130 30.67 2.31 0.08
N LEU A 131 29.97 1.94 -1.00
CA LEU A 131 28.67 1.22 -0.93
C LEU A 131 28.89 -0.30 -0.76
N GLU A 132 30.16 -0.69 -0.59
CA GLU A 132 30.59 -2.06 -0.31
C GLU A 132 30.20 -2.44 1.14
N ALA A 133 30.00 -1.41 1.99
CA ALA A 133 29.50 -1.56 3.38
C ALA A 133 28.06 -2.10 3.44
N ILE A 134 27.32 -1.91 2.33
CA ILE A 134 25.93 -2.37 2.18
C ILE A 134 25.90 -3.89 2.02
N GLU A 135 25.08 -4.57 2.84
CA GLU A 135 24.89 -6.03 2.77
C GLU A 135 23.49 -6.31 2.19
N VAL A 136 23.46 -6.88 0.97
CA VAL A 136 22.24 -7.31 0.29
C VAL A 136 22.34 -8.83 0.04
N GLU A 137 21.24 -9.56 0.15
CA GLU A 137 21.21 -10.98 -0.23
C GLU A 137 20.26 -11.16 -1.42
N LYS A 138 20.68 -12.00 -2.37
CA LYS A 138 19.88 -12.40 -3.54
C LYS A 138 19.54 -13.90 -3.40
N PRO A 139 18.35 -14.25 -2.83
CA PRO A 139 17.96 -15.65 -2.61
C PRO A 139 17.35 -16.30 -3.87
N ILE A 140 18.04 -17.31 -4.41
CA ILE A 140 17.52 -18.13 -5.51
C ILE A 140 16.51 -19.14 -4.92
N VAL A 141 15.25 -18.71 -4.86
CA VAL A 141 14.16 -19.48 -4.27
C VAL A 141 13.59 -20.46 -5.31
N GLU A 142 13.70 -21.76 -5.02
CA GLU A 142 13.21 -22.83 -5.92
C GLU A 142 11.75 -23.20 -5.57
N VAL A 143 10.92 -23.36 -6.62
CA VAL A 143 9.50 -23.73 -6.48
C VAL A 143 9.29 -25.09 -7.18
N THR A 144 9.62 -26.21 -6.51
CA THR A 144 9.42 -27.54 -7.09
C THR A 144 7.91 -27.86 -7.16
N ASP A 145 7.57 -28.88 -7.94
CA ASP A 145 6.18 -29.36 -8.10
C ASP A 145 5.61 -29.84 -6.74
N ALA A 146 6.49 -30.38 -5.90
CA ALA A 146 6.16 -30.82 -4.53
C ALA A 146 5.89 -29.60 -3.61
N ASP A 147 6.62 -28.49 -3.85
CA ASP A 147 6.49 -27.25 -3.07
C ASP A 147 5.18 -26.52 -3.38
N VAL A 148 4.87 -26.38 -4.69
CA VAL A 148 3.62 -25.72 -5.12
C VAL A 148 2.41 -26.55 -4.65
N ASP A 149 2.50 -27.90 -4.76
CA ASP A 149 1.46 -28.83 -4.24
C ASP A 149 1.37 -28.76 -2.70
N GLY A 150 2.54 -28.54 -2.07
CA GLY A 150 2.64 -28.37 -0.62
C GLY A 150 1.96 -27.08 -0.15
N MET A 151 2.02 -26.04 -1.01
CA MET A 151 1.33 -24.76 -0.75
C MET A 151 -0.19 -24.91 -0.98
N LEU A 152 -0.58 -25.72 -1.99
CA LEU A 152 -2.00 -26.10 -2.22
C LEU A 152 -2.55 -26.81 -0.95
N ASP A 153 -1.71 -27.68 -0.38
CA ASP A 153 -1.96 -28.41 0.87
C ASP A 153 -2.12 -27.43 2.07
N THR A 154 -1.20 -26.44 2.15
CA THR A 154 -1.24 -25.38 3.18
C THR A 154 -2.57 -24.58 3.10
N LEU A 155 -3.02 -24.31 1.87
CA LEU A 155 -4.30 -23.62 1.61
C LEU A 155 -5.48 -24.50 2.06
N ARG A 156 -5.37 -25.82 1.81
CA ARG A 156 -6.35 -26.83 2.29
C ARG A 156 -6.38 -26.88 3.85
N LYS A 157 -5.24 -26.60 4.49
CA LYS A 157 -5.14 -26.52 5.97
C LYS A 157 -5.73 -25.20 6.50
N GLN A 158 -5.60 -24.12 5.71
CA GLN A 158 -6.17 -22.80 6.04
C GLN A 158 -7.69 -22.78 5.77
N GLN A 159 -8.16 -23.64 4.85
CA GLN A 159 -9.58 -23.80 4.50
C GLN A 159 -10.14 -25.12 5.10
N ALA A 160 -9.46 -25.64 6.15
CA ALA A 160 -9.84 -26.92 6.80
C ALA A 160 -11.15 -26.76 7.61
N THR A 161 -12.12 -27.63 7.32
CA THR A 161 -13.48 -27.60 7.91
C THR A 161 -13.52 -28.44 9.20
N TRP A 162 -14.03 -27.85 10.30
CA TRP A 162 -14.12 -28.53 11.60
C TRP A 162 -15.33 -29.47 11.65
N LYS A 163 -15.11 -30.58 12.34
CA LYS A 163 -16.07 -31.67 12.51
C LYS A 163 -15.79 -32.35 13.85
N GLU A 164 -16.82 -32.71 14.62
CA GLU A 164 -16.62 -33.42 15.91
C GLU A 164 -16.07 -34.84 15.70
N LYS A 165 -15.42 -35.33 16.75
CA LYS A 165 -14.87 -36.69 16.82
C LYS A 165 -14.66 -37.08 18.29
N ASP A 166 -14.12 -38.29 18.47
CA ASP A 166 -13.61 -38.80 19.74
C ASP A 166 -12.24 -39.43 19.48
N GLY A 167 -11.37 -39.33 20.47
CA GLY A 167 -10.03 -39.95 20.42
C GLY A 167 -8.92 -38.94 20.60
N ALA A 168 -7.72 -39.31 20.12
CA ALA A 168 -6.48 -38.56 20.33
C ALA A 168 -6.56 -37.13 19.78
N VAL A 169 -6.66 -36.18 20.72
CA VAL A 169 -6.52 -34.74 20.46
C VAL A 169 -5.16 -34.43 19.86
N GLU A 170 -5.14 -33.64 18.79
CA GLU A 170 -3.89 -33.18 18.15
C GLU A 170 -3.68 -31.70 18.46
N ALA A 171 -2.43 -31.24 18.31
CA ALA A 171 -1.98 -29.88 18.70
C ALA A 171 -2.49 -28.77 17.76
N GLU A 172 -3.30 -29.14 16.78
CA GLU A 172 -3.86 -28.23 15.78
C GLU A 172 -5.39 -28.34 15.73
N ASP A 173 -5.98 -29.02 16.74
CA ASP A 173 -7.43 -29.25 16.81
C ASP A 173 -8.15 -28.15 17.60
N ARG A 174 -9.47 -28.19 17.52
CA ARG A 174 -10.37 -27.30 18.28
C ARG A 174 -11.26 -28.21 19.10
N VAL A 175 -11.25 -28.05 20.41
CA VAL A 175 -11.96 -28.97 21.32
C VAL A 175 -13.10 -28.27 22.06
N THR A 176 -13.73 -29.03 22.96
CA THR A 176 -14.72 -28.52 23.92
C THR A 176 -14.40 -29.09 25.31
N ILE A 177 -13.90 -28.23 26.22
CA ILE A 177 -13.65 -28.61 27.63
C ILE A 177 -14.71 -27.99 28.57
N ASP A 178 -14.48 -28.14 29.87
CA ASP A 178 -15.28 -27.55 30.94
C ASP A 178 -14.36 -27.51 32.17
N PHE A 179 -13.79 -26.35 32.49
CA PHE A 179 -12.75 -26.28 33.54
C PHE A 179 -13.22 -25.48 34.76
N THR A 180 -12.73 -25.89 35.94
CA THR A 180 -12.87 -25.12 37.17
C THR A 180 -11.65 -24.18 37.31
N GLY A 181 -11.88 -22.88 37.07
CA GLY A 181 -10.89 -21.83 37.29
C GLY A 181 -10.51 -21.71 38.76
N SER A 182 -9.31 -22.19 39.12
CA SER A 182 -8.80 -22.16 40.50
C SER A 182 -7.46 -21.43 40.56
N VAL A 183 -7.31 -20.62 41.60
CA VAL A 183 -6.10 -19.88 41.95
C VAL A 183 -5.59 -20.38 43.29
N ASP A 184 -4.28 -20.74 43.35
CA ASP A 184 -3.61 -21.24 44.56
C ASP A 184 -4.25 -22.57 45.03
N GLY A 185 -4.85 -23.30 44.07
CA GLY A 185 -5.49 -24.58 44.33
C GLY A 185 -6.97 -24.46 44.69
N GLU A 186 -7.49 -23.22 44.87
CA GLU A 186 -8.87 -22.99 45.31
C GLU A 186 -9.59 -22.10 44.28
N GLU A 187 -10.80 -22.51 43.87
CA GLU A 187 -11.61 -21.78 42.89
C GLU A 187 -12.01 -20.38 43.42
N PHE A 188 -12.30 -19.49 42.48
CA PHE A 188 -12.69 -18.08 42.77
C PHE A 188 -13.94 -17.72 41.96
N GLU A 189 -14.52 -16.54 42.27
CA GLU A 189 -15.81 -16.08 41.68
C GLU A 189 -15.69 -15.82 40.16
N GLY A 190 -16.64 -16.40 39.40
CA GLY A 190 -16.64 -16.34 37.93
C GLY A 190 -15.61 -17.26 37.29
N GLY A 191 -14.85 -17.99 38.14
CA GLY A 191 -13.69 -18.75 37.73
C GLY A 191 -14.06 -20.15 37.27
N LYS A 192 -14.71 -20.22 36.10
CA LYS A 192 -15.07 -21.46 35.38
C LYS A 192 -15.32 -21.12 33.90
N ALA A 193 -15.44 -22.17 33.07
CA ALA A 193 -16.05 -22.06 31.73
C ALA A 193 -16.54 -23.44 31.30
N SER A 194 -17.86 -23.51 31.05
CA SER A 194 -18.59 -24.75 30.79
C SER A 194 -18.85 -24.89 29.29
N ASP A 195 -18.51 -26.08 28.74
CA ASP A 195 -18.68 -26.41 27.31
C ASP A 195 -17.82 -25.44 26.45
N PHE A 196 -16.71 -24.98 27.05
CA PHE A 196 -15.78 -24.01 26.48
C PHE A 196 -15.04 -24.61 25.27
N VAL A 197 -15.39 -24.12 24.07
CA VAL A 197 -14.72 -24.48 22.83
C VAL A 197 -13.36 -23.73 22.72
N LEU A 198 -12.28 -24.44 23.09
CA LEU A 198 -10.91 -23.90 23.02
C LEU A 198 -10.23 -24.36 21.72
N ALA A 199 -9.66 -23.40 20.99
CA ALA A 199 -8.99 -23.63 19.71
C ALA A 199 -7.48 -23.39 19.86
N MET A 200 -6.69 -24.11 19.08
CA MET A 200 -5.21 -24.03 19.12
C MET A 200 -4.70 -23.19 17.95
N GLY A 201 -3.42 -22.76 18.05
CA GLY A 201 -2.83 -21.81 17.09
C GLY A 201 -3.02 -20.38 17.57
N GLN A 202 -4.28 -20.03 17.89
CA GLN A 202 -4.62 -18.76 18.52
C GLN A 202 -4.10 -18.72 19.97
N GLY A 203 -3.28 -17.71 20.30
CA GLY A 203 -2.73 -17.52 21.65
C GLY A 203 -3.62 -16.64 22.52
N ARG A 204 -4.94 -16.82 22.40
CA ARG A 204 -5.95 -16.01 23.13
C ARG A 204 -6.37 -16.73 24.43
N MET A 205 -5.37 -17.28 25.14
CA MET A 205 -5.51 -17.87 26.50
C MET A 205 -4.16 -17.70 27.23
N ILE A 206 -4.05 -18.35 28.39
CA ILE A 206 -2.76 -18.51 29.09
C ILE A 206 -1.83 -19.39 28.22
N PRO A 207 -0.55 -18.96 27.96
CA PRO A 207 0.46 -19.85 27.30
C PRO A 207 0.74 -21.10 28.17
N GLY A 208 0.19 -22.25 27.75
CA GLY A 208 0.32 -23.51 28.50
C GLY A 208 -1.02 -24.11 28.87
N PHE A 209 -2.08 -23.29 28.81
CA PHE A 209 -3.45 -23.70 29.21
C PHE A 209 -3.98 -24.83 28.31
N GLU A 210 -3.71 -24.67 27.00
CA GLU A 210 -4.12 -25.62 25.95
C GLU A 210 -3.32 -26.94 26.01
N ASP A 211 -2.15 -26.91 26.71
CA ASP A 211 -1.21 -28.06 26.86
C ASP A 211 -1.94 -29.31 27.37
N GLY A 212 -2.75 -29.11 28.43
CA GLY A 212 -3.49 -30.19 29.08
C GLY A 212 -4.44 -30.92 28.16
N ILE A 213 -5.02 -30.16 27.22
CA ILE A 213 -5.94 -30.71 26.22
C ILE A 213 -5.16 -31.60 25.21
N LYS A 214 -3.94 -31.16 24.83
CA LYS A 214 -3.16 -31.66 23.68
C LYS A 214 -2.55 -33.09 23.85
N GLY A 215 -2.96 -33.84 24.88
CA GLY A 215 -2.42 -35.20 25.10
C GLY A 215 -3.43 -36.10 25.78
N HIS A 216 -4.71 -35.94 25.42
CA HIS A 216 -5.83 -36.68 26.01
C HIS A 216 -6.87 -37.01 24.91
N LYS A 217 -8.07 -37.45 25.32
CA LYS A 217 -9.18 -37.80 24.40
C LYS A 217 -10.48 -37.05 24.79
N ALA A 218 -11.58 -37.34 24.08
CA ALA A 218 -12.87 -36.64 24.24
C ALA A 218 -13.76 -37.25 25.35
N GLY A 219 -13.14 -37.72 26.45
CA GLY A 219 -13.90 -38.25 27.59
C GLY A 219 -13.14 -38.13 28.89
N GLU A 220 -12.41 -37.03 29.06
CA GLU A 220 -11.39 -36.92 30.13
C GLU A 220 -11.78 -35.99 31.29
N GLU A 221 -10.97 -36.14 32.35
CA GLU A 221 -11.08 -35.41 33.61
C GLU A 221 -9.68 -35.35 34.24
N PHE A 222 -9.12 -34.14 34.33
CA PHE A 222 -7.75 -33.92 34.83
C PHE A 222 -7.60 -32.46 35.28
N THR A 223 -6.50 -32.19 35.99
CA THR A 223 -6.18 -30.85 36.52
C THR A 223 -4.72 -30.53 36.22
N ILE A 224 -4.49 -29.46 35.46
CA ILE A 224 -3.14 -29.09 35.00
C ILE A 224 -2.60 -27.89 35.79
N ASP A 225 -1.27 -27.86 35.91
CA ASP A 225 -0.53 -26.76 36.53
C ASP A 225 -0.05 -25.83 35.44
N VAL A 226 -0.70 -24.65 35.32
CA VAL A 226 -0.27 -23.60 34.38
C VAL A 226 -0.21 -22.24 35.08
N THR A 227 0.93 -21.58 34.88
CA THR A 227 1.22 -20.26 35.41
C THR A 227 0.56 -19.19 34.52
N PHE A 228 -0.17 -18.25 35.15
CA PHE A 228 -0.82 -17.09 34.48
C PHE A 228 0.17 -16.29 33.60
N PRO A 229 -0.34 -15.51 32.60
CA PRO A 229 0.51 -14.60 31.79
C PRO A 229 0.77 -13.29 32.57
N GLU A 230 1.84 -12.58 32.22
CA GLU A 230 2.15 -11.25 32.82
C GLU A 230 1.27 -10.15 32.20
N GLU A 231 0.51 -10.54 31.18
CA GLU A 231 -0.47 -9.67 30.50
C GLU A 231 -1.83 -9.77 31.19
N TYR A 232 -2.01 -10.80 32.05
CA TYR A 232 -3.25 -11.01 32.84
C TYR A 232 -3.61 -9.74 33.66
N HIS A 233 -4.93 -9.46 33.76
CA HIS A 233 -5.47 -8.25 34.45
C HIS A 233 -4.96 -8.13 35.89
N ALA A 234 -5.14 -9.21 36.65
CA ALA A 234 -4.80 -9.25 38.06
C ALA A 234 -3.30 -9.15 38.26
N GLU A 235 -2.87 -8.09 38.94
CA GLU A 235 -1.46 -7.79 39.23
C GLU A 235 -0.85 -8.86 40.16
N ASN A 236 -1.63 -9.22 41.19
CA ASN A 236 -1.24 -10.23 42.20
C ASN A 236 -1.30 -11.66 41.63
N LEU A 237 -1.86 -11.81 40.42
CA LEU A 237 -2.03 -13.13 39.77
C LEU A 237 -1.24 -13.24 38.47
N LYS A 238 -0.73 -12.13 37.91
CA LYS A 238 0.00 -12.21 36.64
C LYS A 238 1.34 -12.93 36.89
N GLY A 239 1.55 -14.06 36.20
CA GLY A 239 2.68 -14.95 36.46
C GLY A 239 2.59 -15.64 37.83
N LYS A 240 1.38 -16.15 38.15
CA LYS A 240 1.09 -16.89 39.39
C LYS A 240 0.58 -18.28 39.01
N ALA A 241 1.07 -19.32 39.69
CA ALA A 241 0.73 -20.72 39.38
C ALA A 241 -0.75 -21.01 39.71
N ALA A 242 -1.51 -21.38 38.69
CA ALA A 242 -2.97 -21.61 38.81
C ALA A 242 -3.31 -23.09 38.52
N LYS A 243 -4.49 -23.51 39.00
CA LYS A 243 -5.02 -24.88 38.79
C LYS A 243 -6.28 -24.81 37.93
N PHE A 244 -6.40 -25.73 36.96
CA PHE A 244 -7.58 -25.80 36.09
C PHE A 244 -8.00 -27.25 35.91
N ALA A 245 -9.15 -27.60 36.50
CA ALA A 245 -9.74 -28.93 36.37
C ALA A 245 -10.42 -29.08 35.01
N ILE A 246 -9.59 -29.31 34.00
CA ILE A 246 -9.99 -29.39 32.60
C ILE A 246 -10.78 -30.69 32.33
N ASN A 247 -12.11 -30.55 32.22
CA ASN A 247 -12.99 -31.67 31.79
C ASN A 247 -13.09 -31.64 30.27
N LEU A 248 -12.11 -32.25 29.61
CA LEU A 248 -12.07 -32.35 28.15
C LEU A 248 -13.21 -33.29 27.64
N LYS A 249 -14.34 -32.67 27.23
CA LYS A 249 -15.60 -33.38 26.92
C LYS A 249 -15.65 -33.84 25.46
N LYS A 250 -15.13 -33.00 24.55
CA LYS A 250 -15.11 -33.27 23.09
C LYS A 250 -13.77 -32.81 22.48
N VAL A 251 -13.44 -33.42 21.33
CA VAL A 251 -12.39 -32.93 20.42
C VAL A 251 -12.98 -32.88 19.00
N GLU A 252 -12.62 -31.84 18.23
CA GLU A 252 -13.11 -31.66 16.85
C GLU A 252 -11.91 -31.64 15.88
N GLU A 253 -12.04 -32.45 14.84
CA GLU A 253 -11.05 -32.67 13.78
C GLU A 253 -11.25 -31.68 12.63
N ARG A 254 -10.15 -31.06 12.20
CA ARG A 254 -10.11 -30.29 10.96
C ARG A 254 -10.08 -31.27 9.77
N GLU A 255 -10.70 -30.90 8.67
CA GLU A 255 -10.79 -31.75 7.46
C GLU A 255 -10.29 -30.97 6.24
N LEU A 256 -9.22 -31.51 5.60
CA LEU A 256 -8.71 -31.00 4.34
C LEU A 256 -9.82 -31.12 3.27
N PRO A 257 -10.34 -29.96 2.74
CA PRO A 257 -11.44 -29.93 1.74
C PRO A 257 -11.05 -30.65 0.43
N GLU A 258 -11.98 -30.66 -0.53
CA GLU A 258 -11.80 -31.34 -1.82
C GLU A 258 -10.62 -30.77 -2.61
N LEU A 259 -10.07 -31.60 -3.49
CA LEU A 259 -9.08 -31.22 -4.51
C LEU A 259 -9.62 -31.73 -5.86
N THR A 260 -10.98 -31.75 -5.93
CA THR A 260 -11.75 -32.19 -7.09
C THR A 260 -11.86 -31.04 -8.10
N ALA A 261 -12.05 -31.39 -9.39
CA ALA A 261 -12.12 -30.45 -10.52
C ALA A 261 -13.00 -29.21 -10.23
N GLU A 262 -14.22 -29.46 -9.70
CA GLU A 262 -15.20 -28.40 -9.38
C GLU A 262 -14.73 -27.47 -8.26
N PHE A 263 -13.92 -28.00 -7.32
CA PHE A 263 -13.39 -27.20 -6.19
C PHE A 263 -12.30 -26.26 -6.74
N ILE A 264 -11.32 -26.88 -7.43
CA ILE A 264 -10.15 -26.20 -8.01
C ILE A 264 -10.58 -25.02 -8.91
N LYS A 265 -11.57 -25.29 -9.78
CA LYS A 265 -12.05 -24.29 -10.75
C LYS A 265 -12.99 -23.25 -10.11
N ARG A 266 -13.56 -23.57 -8.92
CA ARG A 266 -14.63 -22.74 -8.27
C ARG A 266 -14.11 -21.31 -8.00
N PHE A 267 -12.83 -21.24 -7.61
CA PHE A 267 -12.15 -19.98 -7.34
C PHE A 267 -11.56 -19.37 -8.64
N GLY A 268 -11.34 -20.21 -9.68
CA GLY A 268 -10.79 -19.76 -10.97
C GLY A 268 -9.51 -20.46 -11.42
N VAL A 269 -9.61 -21.79 -11.65
CA VAL A 269 -8.63 -22.59 -12.44
C VAL A 269 -9.45 -23.50 -13.36
N GLU A 270 -9.86 -22.94 -14.52
CA GLU A 270 -10.84 -23.58 -15.45
C GLU A 270 -10.37 -24.96 -15.92
N ASP A 271 -9.06 -25.08 -16.09
CA ASP A 271 -8.35 -26.35 -16.31
C ASP A 271 -8.05 -27.00 -14.94
N GLY A 272 -9.14 -27.37 -14.24
CA GLY A 272 -9.10 -27.79 -12.84
C GLY A 272 -8.61 -29.23 -12.59
N SER A 273 -7.52 -29.63 -13.25
CA SER A 273 -6.79 -30.87 -12.91
C SER A 273 -5.89 -30.58 -11.70
N VAL A 274 -5.53 -31.63 -10.94
CA VAL A 274 -4.62 -31.51 -9.79
C VAL A 274 -3.21 -31.12 -10.28
N GLU A 275 -2.65 -31.94 -11.18
CA GLU A 275 -1.34 -31.69 -11.84
C GLU A 275 -1.34 -30.32 -12.57
N GLY A 276 -2.54 -29.95 -13.08
CA GLY A 276 -2.76 -28.66 -13.73
C GLY A 276 -2.73 -27.51 -12.74
N LEU A 277 -3.27 -27.75 -11.52
CA LEU A 277 -3.34 -26.72 -10.46
C LEU A 277 -1.93 -26.47 -9.89
N ARG A 278 -1.14 -27.55 -9.81
CA ARG A 278 0.27 -27.50 -9.38
C ARG A 278 1.08 -26.63 -10.37
N ALA A 279 0.92 -26.91 -11.69
CA ALA A 279 1.62 -26.16 -12.77
C ALA A 279 1.13 -24.70 -12.87
N GLU A 280 -0.18 -24.49 -12.63
CA GLU A 280 -0.84 -23.18 -12.83
C GLU A 280 -0.47 -22.21 -11.70
N VAL A 281 -0.51 -22.70 -10.45
CA VAL A 281 -0.14 -21.91 -9.27
C VAL A 281 1.39 -21.72 -9.24
N ARG A 282 2.17 -22.70 -9.77
CA ARG A 282 3.62 -22.51 -10.05
C ARG A 282 3.84 -21.32 -11.00
N LYS A 283 3.03 -21.24 -12.08
CA LYS A 283 3.08 -20.14 -13.06
C LYS A 283 2.80 -18.77 -12.39
N ASN A 284 1.76 -18.77 -11.52
CA ASN A 284 1.37 -17.59 -10.71
C ASN A 284 2.47 -17.26 -9.66
N MET A 285 3.15 -18.31 -9.17
CA MET A 285 4.25 -18.17 -8.20
C MET A 285 5.47 -17.54 -8.85
N GLU A 286 5.72 -17.84 -10.15
CA GLU A 286 6.84 -17.23 -10.91
C GLU A 286 6.60 -15.72 -11.12
N ARG A 287 5.33 -15.40 -11.44
CA ARG A 287 4.82 -14.02 -11.57
C ARG A 287 5.11 -13.23 -10.26
N GLU A 288 4.72 -13.86 -9.14
CA GLU A 288 4.82 -13.29 -7.80
C GLU A 288 6.28 -13.30 -7.26
N LEU A 289 7.04 -14.36 -7.63
CA LEU A 289 8.39 -14.62 -7.08
C LEU A 289 9.42 -13.70 -7.72
N LYS A 290 9.19 -13.35 -9.00
CA LYS A 290 10.02 -12.35 -9.69
C LYS A 290 9.94 -10.99 -8.94
N SER A 291 8.70 -10.63 -8.56
CA SER A 291 8.42 -9.39 -7.81
C SER A 291 8.84 -9.53 -6.32
N ALA A 292 8.92 -10.79 -5.81
CA ALA A 292 9.36 -11.07 -4.43
C ALA A 292 10.89 -10.96 -4.27
N ILE A 293 11.66 -11.51 -5.25
CA ILE A 293 13.13 -11.33 -5.32
C ILE A 293 13.45 -9.85 -5.59
N ARG A 294 12.68 -9.22 -6.51
CA ARG A 294 12.84 -7.80 -6.88
C ARG A 294 12.68 -6.93 -5.61
N ASN A 295 11.58 -7.20 -4.87
CA ASN A 295 11.27 -6.58 -3.56
C ASN A 295 12.44 -6.74 -2.59
N ARG A 296 12.84 -8.01 -2.38
CA ARG A 296 13.87 -8.41 -1.40
C ARG A 296 15.22 -7.68 -1.63
N VAL A 297 15.80 -7.91 -2.82
CA VAL A 297 17.12 -7.37 -3.19
C VAL A 297 17.11 -5.82 -3.19
N LYS A 298 16.06 -5.24 -3.79
CA LYS A 298 15.95 -3.76 -3.92
C LYS A 298 15.74 -3.10 -2.54
N SER A 299 14.93 -3.74 -1.66
CA SER A 299 14.58 -3.18 -0.33
C SER A 299 15.77 -3.30 0.65
N GLN A 300 16.59 -4.35 0.49
CA GLN A 300 17.85 -4.50 1.25
C GLN A 300 18.91 -3.51 0.73
N ALA A 301 18.82 -3.16 -0.57
CA ALA A 301 19.64 -2.10 -1.17
C ALA A 301 19.22 -0.72 -0.62
N ILE A 302 17.89 -0.49 -0.46
CA ILE A 302 17.32 0.77 0.09
C ILE A 302 17.76 0.93 1.57
N GLU A 303 17.52 -0.15 2.34
CA GLU A 303 17.90 -0.26 3.76
C GLU A 303 19.40 0.00 3.95
N GLY A 304 20.20 -0.69 3.13
CA GLY A 304 21.64 -0.58 3.16
C GLY A 304 22.14 0.83 2.83
N LEU A 305 21.51 1.47 1.83
CA LEU A 305 21.82 2.85 1.40
C LEU A 305 21.63 3.86 2.54
N VAL A 306 20.48 3.75 3.26
CA VAL A 306 20.21 4.59 4.44
C VAL A 306 21.29 4.34 5.52
N LYS A 307 21.43 3.06 5.88
CA LYS A 307 22.34 2.58 6.93
C LYS A 307 23.82 2.98 6.66
N ALA A 308 24.15 3.07 5.36
CA ALA A 308 25.51 3.36 4.88
C ALA A 308 25.76 4.86 4.70
N ASN A 309 24.69 5.70 4.55
CA ASN A 309 24.87 7.13 4.11
C ASN A 309 23.97 8.10 4.89
N ASP A 310 24.54 9.29 5.19
CA ASP A 310 23.84 10.43 5.85
C ASP A 310 23.92 11.68 4.97
N ILE A 311 22.91 12.56 5.06
CA ILE A 311 22.88 13.83 4.31
C ILE A 311 21.84 14.81 4.92
N ASP A 312 22.16 16.12 4.88
CA ASP A 312 21.21 17.20 5.20
C ASP A 312 20.21 17.37 4.04
N VAL A 313 19.05 16.74 4.19
CA VAL A 313 17.98 16.72 3.18
C VAL A 313 17.22 18.07 3.18
N PRO A 314 16.92 18.69 1.98
CA PRO A 314 16.01 19.87 1.89
C PRO A 314 14.65 19.61 2.59
N ALA A 315 14.41 20.37 3.67
CA ALA A 315 13.28 20.19 4.61
C ALA A 315 11.91 20.33 3.92
N ALA A 316 11.79 21.34 3.04
CA ALA A 316 10.51 21.66 2.35
C ALA A 316 10.07 20.52 1.41
N LEU A 317 11.06 19.81 0.82
CA LEU A 317 10.79 18.61 0.01
C LEU A 317 10.15 17.51 0.87
N ILE A 318 10.70 17.35 2.10
CA ILE A 318 10.19 16.39 3.09
C ILE A 318 8.74 16.75 3.45
N ASP A 319 8.47 18.05 3.71
CA ASP A 319 7.11 18.56 4.01
C ASP A 319 6.13 18.26 2.87
N SER A 320 6.60 18.40 1.61
CA SER A 320 5.81 18.08 0.40
C SER A 320 5.40 16.59 0.38
N GLU A 321 6.38 15.70 0.66
CA GLU A 321 6.18 14.24 0.69
C GLU A 321 5.18 13.84 1.81
N ILE A 322 5.44 14.35 3.04
CA ILE A 322 4.54 14.21 4.22
C ILE A 322 3.10 14.59 3.81
N ASP A 323 2.98 15.77 3.18
CA ASP A 323 1.71 16.37 2.75
C ASP A 323 0.90 15.41 1.84
N VAL A 324 1.58 14.87 0.79
CA VAL A 324 0.98 13.89 -0.14
C VAL A 324 0.47 12.64 0.63
N LEU A 325 1.30 12.16 1.57
CA LEU A 325 0.99 10.97 2.39
C LEU A 325 -0.16 11.23 3.38
N ARG A 326 -0.32 12.50 3.82
CA ARG A 326 -1.42 12.93 4.72
C ARG A 326 -2.75 12.86 3.99
N ARG A 327 -2.74 13.40 2.76
CA ARG A 327 -3.92 13.40 1.87
C ARG A 327 -4.39 11.97 1.61
N GLN A 328 -3.43 11.12 1.19
CA GLN A 328 -3.67 9.69 0.91
C GLN A 328 -4.25 8.96 2.14
N ALA A 329 -3.64 9.21 3.32
CA ALA A 329 -4.00 8.55 4.58
C ALA A 329 -5.46 8.88 4.96
N ALA A 330 -5.73 10.18 5.21
CA ALA A 330 -7.03 10.66 5.69
C ALA A 330 -8.16 10.34 4.69
N GLN A 331 -7.83 10.34 3.38
CA GLN A 331 -8.76 9.94 2.29
C GLN A 331 -9.31 8.51 2.51
N ARG A 332 -8.43 7.60 2.94
CA ARG A 332 -8.77 6.17 3.10
C ARG A 332 -9.28 5.91 4.52
N PHE A 333 -8.42 6.19 5.50
CA PHE A 333 -8.72 6.04 6.92
C PHE A 333 -9.70 7.15 7.39
N GLY A 334 -11.00 6.90 7.12
CA GLY A 334 -12.09 7.74 7.61
C GLY A 334 -12.77 8.58 6.52
N GLY A 335 -11.94 9.18 5.63
CA GLY A 335 -12.43 10.16 4.63
C GLY A 335 -12.47 11.57 5.23
N ASN A 336 -11.46 11.86 6.07
CA ASN A 336 -11.35 13.09 6.85
C ASN A 336 -11.08 14.30 5.94
N GLU A 337 -12.17 15.03 5.63
CA GLU A 337 -12.17 16.21 4.76
C GLU A 337 -11.40 17.38 5.40
N LYS A 338 -10.32 17.81 4.69
CA LYS A 338 -9.39 18.91 5.10
C LYS A 338 -8.45 18.51 6.27
N GLN A 339 -8.86 17.53 7.10
CA GLN A 339 -8.09 17.08 8.28
C GLN A 339 -6.81 16.34 7.86
N ALA A 340 -6.72 16.00 6.57
CA ALA A 340 -5.47 15.55 5.93
C ALA A 340 -4.38 16.62 6.10
N LEU A 341 -4.70 17.84 5.65
CA LEU A 341 -3.78 19.00 5.69
C LEU A 341 -3.54 19.47 7.15
N GLU A 342 -4.39 18.97 8.08
CA GLU A 342 -4.30 19.26 9.52
C GLU A 342 -3.38 18.25 10.24
N LEU A 343 -3.14 17.05 9.63
CA LEU A 343 -2.30 15.99 10.24
C LEU A 343 -0.87 16.53 10.49
N PRO A 344 -0.36 16.51 11.77
CA PRO A 344 1.03 16.92 12.10
C PRO A 344 2.10 16.20 11.24
N ARG A 345 3.19 16.93 10.93
CA ARG A 345 4.32 16.44 10.08
C ARG A 345 4.85 15.08 10.60
N GLU A 346 4.90 14.97 11.94
CA GLU A 346 5.43 13.81 12.69
C GLU A 346 4.77 12.48 12.30
N LEU A 347 3.54 12.54 11.72
CA LEU A 347 2.79 11.36 11.25
C LEU A 347 3.61 10.56 10.22
N PHE A 348 4.35 11.28 9.36
CA PHE A 348 5.14 10.67 8.27
C PHE A 348 6.58 11.20 8.23
N GLU A 349 6.91 12.18 9.13
CA GLU A 349 8.20 12.95 9.09
C GLU A 349 9.43 12.05 8.89
N GLU A 350 9.74 11.24 9.91
CA GLU A 350 11.00 10.47 10.00
C GLU A 350 11.10 9.38 8.90
N GLN A 351 10.00 8.63 8.67
CA GLN A 351 9.99 7.50 7.71
C GLN A 351 10.09 8.02 6.26
N ALA A 352 9.29 9.06 5.93
CA ALA A 352 9.29 9.67 4.59
C ALA A 352 10.60 10.39 4.33
N LYS A 353 11.16 11.04 5.39
CA LYS A 353 12.47 11.71 5.34
C LYS A 353 13.56 10.72 4.92
N ARG A 354 13.54 9.52 5.55
CA ARG A 354 14.42 8.40 5.20
C ARG A 354 14.28 8.05 3.71
N ARG A 355 13.03 7.95 3.24
CA ARG A 355 12.74 7.65 1.82
C ARG A 355 13.23 8.79 0.88
N VAL A 356 13.21 10.04 1.36
CA VAL A 356 13.71 11.21 0.58
C VAL A 356 15.25 11.20 0.57
N VAL A 357 15.88 10.69 1.68
CA VAL A 357 17.33 10.44 1.74
C VAL A 357 17.69 9.50 0.57
N VAL A 358 16.94 8.38 0.46
CA VAL A 358 17.11 7.39 -0.64
C VAL A 358 16.87 8.05 -2.03
N GLY A 359 15.92 9.01 -2.07
CA GLY A 359 15.64 9.78 -3.29
C GLY A 359 16.84 10.61 -3.74
N LEU A 360 17.58 11.16 -2.75
CA LEU A 360 18.80 11.95 -2.98
C LEU A 360 20.00 11.03 -3.30
N LEU A 361 20.03 9.83 -2.65
CA LEU A 361 21.13 8.85 -2.83
C LEU A 361 21.12 8.31 -4.28
N LEU A 362 19.97 7.71 -4.66
CA LEU A 362 19.73 7.19 -6.02
C LEU A 362 19.64 8.31 -7.08
N GLY A 363 19.38 9.55 -6.62
CA GLY A 363 19.47 10.73 -7.49
C GLY A 363 20.93 11.08 -7.82
N GLU A 364 21.78 11.00 -6.77
CA GLU A 364 23.21 11.32 -6.86
C GLU A 364 23.97 10.23 -7.63
N VAL A 365 23.49 8.98 -7.55
CA VAL A 365 24.03 7.88 -8.37
C VAL A 365 23.87 8.24 -9.88
N ILE A 366 22.64 8.69 -10.25
CA ILE A 366 22.33 9.12 -11.63
C ILE A 366 23.19 10.35 -12.03
N ARG A 367 23.37 11.29 -11.10
CA ARG A 367 24.17 12.51 -11.32
C ARG A 367 25.69 12.18 -11.47
N THR A 368 26.36 11.85 -10.33
CA THR A 368 27.82 11.59 -10.28
C THR A 368 28.28 10.46 -11.24
N ASN A 369 27.51 9.35 -11.30
CA ASN A 369 27.88 8.18 -12.13
C ASN A 369 27.31 8.31 -13.58
N GLU A 370 26.81 9.52 -13.94
CA GLU A 370 26.24 9.86 -15.30
C GLU A 370 25.19 8.82 -15.76
N LEU A 371 24.53 8.19 -14.78
CA LEU A 371 23.74 6.97 -14.98
C LEU A 371 22.45 7.31 -15.76
N LYS A 372 22.25 6.61 -16.89
CA LYS A 372 21.13 6.84 -17.82
C LYS A 372 20.40 5.52 -18.11
N ALA A 373 19.14 5.63 -18.55
CA ALA A 373 18.28 4.48 -18.87
C ALA A 373 18.69 3.89 -20.24
N ASP A 374 19.58 2.89 -20.19
CA ASP A 374 20.20 2.30 -21.37
C ASP A 374 19.22 1.32 -22.08
N GLU A 375 19.41 1.20 -23.42
CA GLU A 375 18.52 0.43 -24.32
C GLU A 375 18.45 -1.05 -23.94
N GLU A 376 19.56 -1.60 -23.42
CA GLU A 376 19.66 -3.02 -23.05
C GLU A 376 18.86 -3.30 -21.77
N ARG A 377 18.64 -2.25 -20.95
CA ARG A 377 17.88 -2.37 -19.69
C ARG A 377 16.38 -2.22 -19.96
N VAL A 378 16.02 -1.27 -20.84
CA VAL A 378 14.64 -1.12 -21.34
C VAL A 378 14.19 -2.44 -22.01
N LYS A 379 15.05 -2.93 -22.92
CA LYS A 379 14.88 -4.24 -23.59
C LYS A 379 14.75 -5.38 -22.56
N GLY A 380 15.73 -5.45 -21.64
CA GLY A 380 15.79 -6.48 -20.60
C GLY A 380 14.52 -6.56 -19.76
N LEU A 381 14.00 -5.39 -19.38
CA LEU A 381 12.82 -5.26 -18.50
C LEU A 381 11.54 -5.71 -19.27
N ILE A 382 11.39 -5.24 -20.53
CA ILE A 382 10.25 -5.60 -21.40
C ILE A 382 10.23 -7.11 -21.69
N GLU A 383 11.43 -7.72 -21.85
CA GLU A 383 11.56 -9.16 -22.15
C GLU A 383 11.40 -10.03 -20.89
N GLU A 384 11.74 -9.51 -19.68
CA GLU A 384 11.42 -10.19 -18.39
C GLU A 384 9.90 -10.25 -18.22
N MET A 385 9.26 -9.11 -18.52
CA MET A 385 7.80 -8.96 -18.52
C MET A 385 7.16 -9.96 -19.49
N ALA A 386 7.67 -9.96 -20.74
CA ALA A 386 7.14 -10.77 -21.85
C ALA A 386 7.29 -12.29 -21.61
N SER A 387 8.45 -12.68 -21.05
CA SER A 387 8.80 -14.11 -20.76
C SER A 387 7.84 -14.72 -19.72
N ALA A 388 7.24 -13.87 -18.87
CA ALA A 388 6.28 -14.28 -17.83
C ALA A 388 4.88 -14.57 -18.44
N TYR A 389 4.66 -14.17 -19.72
CA TYR A 389 3.37 -14.35 -20.40
C TYR A 389 3.36 -15.56 -21.35
N GLU A 390 2.13 -16.01 -21.63
CA GLU A 390 1.81 -17.08 -22.58
C GLU A 390 1.93 -16.60 -24.06
N ASP A 391 2.16 -15.29 -24.26
CA ASP A 391 2.50 -14.72 -25.57
C ASP A 391 3.35 -13.45 -25.39
N PRO A 392 4.67 -13.46 -25.80
CA PRO A 392 5.54 -12.27 -25.77
C PRO A 392 5.20 -11.23 -26.85
N LYS A 393 4.70 -11.73 -28.01
CA LYS A 393 4.48 -10.92 -29.24
C LYS A 393 3.57 -9.71 -28.96
N GLU A 394 2.49 -9.94 -28.19
CA GLU A 394 1.57 -8.89 -27.78
C GLU A 394 2.24 -7.86 -26.84
N VAL A 395 3.16 -8.35 -25.96
CA VAL A 395 3.77 -7.53 -24.91
C VAL A 395 4.68 -6.48 -25.56
N ILE A 396 5.52 -6.97 -26.50
CA ILE A 396 6.38 -6.09 -27.32
C ILE A 396 5.50 -5.13 -28.14
N GLU A 397 4.55 -5.68 -28.93
CA GLU A 397 3.72 -4.89 -29.86
C GLU A 397 2.64 -4.03 -29.15
N PHE A 398 2.51 -4.17 -27.82
CA PHE A 398 1.64 -3.29 -27.01
C PHE A 398 2.47 -2.15 -26.38
N TYR A 399 3.65 -2.47 -25.80
CA TYR A 399 4.41 -1.50 -24.95
C TYR A 399 5.53 -0.73 -25.68
N SER A 400 6.18 -1.36 -26.68
CA SER A 400 7.41 -0.80 -27.33
C SER A 400 7.19 0.61 -27.91
N LYS A 401 6.01 0.83 -28.51
CA LYS A 401 5.63 2.11 -29.15
C LYS A 401 4.51 2.81 -28.35
N ASN A 402 4.28 2.34 -27.11
CA ASN A 402 3.31 2.95 -26.17
C ASN A 402 4.06 3.94 -25.27
N LYS A 403 3.98 5.24 -25.63
CA LYS A 403 4.64 6.37 -24.92
C LYS A 403 4.37 6.31 -23.40
N GLU A 404 3.10 6.00 -23.07
CA GLU A 404 2.56 5.96 -21.70
C GLU A 404 3.48 5.17 -20.75
N LEU A 405 3.86 3.93 -21.14
CA LEU A 405 4.80 3.12 -20.36
C LEU A 405 6.21 3.16 -20.97
N MET A 406 6.42 3.82 -22.13
CA MET A 406 7.77 3.88 -22.77
C MET A 406 8.70 4.78 -21.96
N ASP A 407 8.24 6.01 -21.65
CA ASP A 407 9.02 6.96 -20.82
C ASP A 407 9.15 6.44 -19.37
N ASN A 408 8.06 5.86 -18.85
CA ASN A 408 8.04 5.26 -17.50
C ASN A 408 8.92 3.99 -17.44
N MET A 409 9.03 3.27 -18.58
CA MET A 409 9.90 2.07 -18.70
C MET A 409 11.34 2.50 -18.53
N ARG A 410 11.68 3.64 -19.14
CA ARG A 410 13.03 4.22 -19.05
C ARG A 410 13.32 4.71 -17.61
N ASN A 411 12.35 5.41 -16.99
CA ASN A 411 12.53 5.98 -15.63
C ASN A 411 12.63 4.89 -14.54
N VAL A 412 11.81 3.83 -14.65
CA VAL A 412 11.86 2.69 -13.71
C VAL A 412 13.13 1.86 -13.98
N ALA A 413 13.53 1.72 -15.28
CA ALA A 413 14.77 1.03 -15.70
C ALA A 413 16.01 1.81 -15.22
N LEU A 414 15.85 3.14 -15.13
CA LEU A 414 16.86 4.06 -14.62
C LEU A 414 17.07 3.79 -13.13
N GLU A 415 15.94 3.60 -12.41
CA GLU A 415 15.95 3.24 -10.98
C GLU A 415 16.46 1.80 -10.76
N GLU A 416 16.17 0.88 -11.71
CA GLU A 416 16.65 -0.51 -11.65
C GLU A 416 18.18 -0.52 -11.71
N GLN A 417 18.73 0.22 -12.69
CA GLN A 417 20.19 0.39 -12.87
C GLN A 417 20.81 1.17 -11.70
N ALA A 418 20.03 2.12 -11.12
CA ALA A 418 20.45 2.90 -9.94
C ALA A 418 20.77 1.96 -8.79
N VAL A 419 19.85 1.02 -8.55
CA VAL A 419 20.01 -0.04 -7.56
C VAL A 419 21.18 -0.98 -7.96
N GLU A 420 21.18 -1.46 -9.23
CA GLU A 420 22.18 -2.43 -9.76
C GLU A 420 23.62 -1.89 -9.74
N ALA A 421 23.76 -0.54 -9.79
CA ALA A 421 25.06 0.13 -9.68
C ALA A 421 25.54 0.15 -8.21
N VAL A 422 24.56 0.21 -7.29
CA VAL A 422 24.81 0.13 -5.84
C VAL A 422 25.13 -1.33 -5.47
N LEU A 423 24.46 -2.28 -6.16
CA LEU A 423 24.61 -3.73 -5.94
C LEU A 423 26.00 -4.21 -6.41
N ALA A 424 26.44 -3.67 -7.58
CA ALA A 424 27.77 -3.95 -8.16
C ALA A 424 28.91 -3.63 -7.17
N LYS A 425 28.63 -2.67 -6.27
CA LYS A 425 29.55 -2.25 -5.20
C LYS A 425 29.27 -3.03 -3.90
N ALA A 426 27.99 -3.30 -3.61
CA ALA A 426 27.52 -3.88 -2.34
C ALA A 426 27.81 -5.38 -2.22
N LYS A 427 27.88 -5.88 -0.97
CA LYS A 427 27.99 -7.31 -0.64
C LYS A 427 26.69 -8.04 -1.01
N VAL A 428 26.52 -8.39 -2.29
CA VAL A 428 25.32 -9.10 -2.78
C VAL A 428 25.58 -10.62 -2.77
N THR A 429 25.30 -11.23 -1.61
CA THR A 429 25.46 -12.66 -1.38
C THR A 429 24.27 -13.43 -1.99
N GLU A 430 24.44 -13.93 -3.22
CA GLU A 430 23.43 -14.73 -3.91
C GLU A 430 23.46 -16.18 -3.39
N LYS A 431 22.41 -16.60 -2.65
CA LYS A 431 22.38 -17.96 -2.06
C LYS A 431 21.13 -18.72 -2.53
N GLU A 432 21.32 -19.99 -2.90
CA GLU A 432 20.19 -20.88 -3.29
C GLU A 432 19.51 -21.41 -2.02
N THR A 433 18.18 -21.32 -1.98
CA THR A 433 17.40 -21.67 -0.78
C THR A 433 16.01 -22.20 -1.14
N THR A 434 15.32 -22.72 -0.11
CA THR A 434 14.03 -23.38 -0.23
C THR A 434 12.90 -22.37 -0.58
N PHE A 435 11.69 -22.91 -0.80
CA PHE A 435 10.54 -22.13 -1.31
C PHE A 435 10.01 -21.11 -0.27
N ASN A 436 9.34 -21.58 0.80
CA ASN A 436 8.60 -20.72 1.74
C ASN A 436 9.56 -19.89 2.67
N GLU A 437 10.88 -20.09 2.48
CA GLU A 437 11.98 -19.32 3.11
C GLU A 437 11.75 -17.79 3.00
N LEU A 438 11.63 -17.32 1.75
CA LEU A 438 11.59 -15.87 1.39
C LEU A 438 10.34 -15.16 1.93
N MET A 439 9.30 -15.95 2.15
CA MET A 439 7.92 -15.45 2.31
C MET A 439 7.67 -15.01 3.75
N ASN A 440 8.20 -15.81 4.70
CA ASN A 440 7.92 -15.67 6.15
C ASN A 440 9.02 -14.82 6.83
N GLN A 441 9.57 -13.82 6.11
CA GLN A 441 10.57 -12.89 6.66
C GLN A 441 9.88 -11.66 7.28
N GLN A 442 9.40 -11.84 8.51
CA GLN A 442 8.89 -10.73 9.35
C GLN A 442 10.01 -10.36 10.35
N ALA A 443 10.25 -11.26 11.32
CA ALA A 443 11.33 -11.12 12.31
C ALA A 443 11.55 -12.49 13.01
N MET B 2 -7.87 -13.01 53.21
CA MET B 2 -7.78 -14.01 52.11
C MET B 2 -9.18 -14.57 51.79
N LYS B 3 -9.71 -14.25 50.59
CA LYS B 3 -11.01 -14.72 50.10
C LYS B 3 -11.22 -14.25 48.65
N GLN B 4 -12.08 -14.98 47.90
CA GLN B 4 -12.57 -14.52 46.58
C GLN B 4 -13.53 -13.33 46.80
N SER B 5 -12.95 -12.13 46.87
CA SER B 5 -13.69 -10.85 47.00
C SER B 5 -12.96 -9.77 46.18
N THR B 6 -12.02 -10.24 45.33
CA THR B 6 -11.20 -9.42 44.44
C THR B 6 -10.91 -10.26 43.19
N ILE B 7 -10.89 -9.59 42.02
CA ILE B 7 -10.66 -10.23 40.70
C ILE B 7 -11.83 -11.19 40.36
N ALA B 8 -12.95 -10.57 39.98
CA ALA B 8 -14.15 -11.27 39.48
C ALA B 8 -14.08 -11.38 37.94
N LEU B 9 -12.84 -11.53 37.42
CA LEU B 9 -12.49 -11.55 35.97
C LEU B 9 -13.37 -10.64 35.08
N ALA B 10 -13.35 -9.35 35.44
CA ALA B 10 -14.03 -8.28 34.67
C ALA B 10 -12.99 -7.46 33.89
N LEU B 11 -13.22 -7.31 32.57
CA LEU B 11 -12.30 -6.64 31.61
C LEU B 11 -10.94 -7.36 31.55
N LEU B 12 -10.64 -7.99 30.40
CA LEU B 12 -9.47 -8.89 30.22
C LEU B 12 -9.60 -10.09 31.21
N PRO B 13 -10.63 -10.96 31.00
CA PRO B 13 -10.98 -12.05 31.95
C PRO B 13 -10.16 -13.32 31.71
N LEU B 14 -10.40 -14.36 32.53
CA LEU B 14 -9.73 -15.66 32.40
C LEU B 14 -10.48 -16.55 31.38
N LEU B 15 -10.56 -16.01 30.16
CA LEU B 15 -11.28 -16.59 29.02
C LEU B 15 -11.19 -15.53 27.90
N PHE B 16 -10.03 -15.45 27.22
CA PHE B 16 -9.74 -14.39 26.22
C PHE B 16 -10.16 -14.84 24.79
N THR B 17 -10.66 -16.08 24.71
CA THR B 17 -11.01 -16.78 23.45
C THR B 17 -12.27 -16.21 22.69
N PRO B 18 -13.44 -15.81 23.39
CA PRO B 18 -14.74 -15.47 22.72
C PRO B 18 -14.57 -14.57 21.48
N VAL B 19 -14.20 -13.27 21.71
CA VAL B 19 -13.95 -12.26 20.66
C VAL B 19 -15.13 -12.16 19.65
N THR B 20 -15.16 -13.13 18.69
CA THR B 20 -16.26 -13.38 17.74
C THR B 20 -16.27 -12.40 16.54
N LYS B 21 -16.06 -11.10 16.83
CA LYS B 21 -16.00 -10.01 15.83
C LYS B 21 -17.40 -9.80 15.19
N ALA B 22 -17.78 -10.71 14.25
CA ALA B 22 -19.12 -10.76 13.61
C ALA B 22 -19.48 -9.42 12.93
N ARG B 23 -19.07 -9.28 11.66
CA ARG B 23 -19.26 -8.04 10.87
C ARG B 23 -19.94 -8.35 9.53
N THR B 24 -21.24 -8.04 9.47
CA THR B 24 -22.03 -8.00 8.23
C THR B 24 -21.57 -6.76 7.36
N PRO B 25 -21.93 -6.67 6.03
CA PRO B 25 -21.55 -5.51 5.16
C PRO B 25 -21.88 -4.15 5.83
N GLU B 26 -20.82 -3.46 6.28
CA GLU B 26 -20.93 -2.17 7.00
C GLU B 26 -21.27 -1.04 6.02
N MET B 27 -22.55 -0.99 5.66
CA MET B 27 -23.15 0.00 4.75
C MET B 27 -23.78 1.22 5.52
N PRO B 28 -24.40 1.04 6.79
CA PRO B 28 -24.95 2.17 7.62
C PRO B 28 -24.19 3.52 7.52
N VAL B 29 -24.79 4.44 6.73
CA VAL B 29 -24.32 5.82 6.55
C VAL B 29 -25.54 6.75 6.38
N LEU B 30 -25.36 8.05 6.67
CA LEU B 30 -26.44 9.05 6.58
C LEU B 30 -25.82 10.36 6.05
N GLU B 31 -24.79 10.84 6.75
CA GLU B 31 -24.08 12.10 6.42
C GLU B 31 -22.59 11.82 6.15
N ASN B 32 -21.86 12.93 5.85
CA ASN B 32 -20.42 12.93 5.47
C ASN B 32 -20.18 12.36 4.06
N ARG B 33 -18.97 12.59 3.54
CA ARG B 33 -18.51 12.01 2.26
C ARG B 33 -17.98 10.57 2.47
N ALA B 34 -17.38 10.00 1.40
CA ALA B 34 -16.99 8.56 1.30
C ALA B 34 -18.26 7.68 1.09
N ALA B 35 -19.14 7.65 2.14
CA ALA B 35 -20.47 6.99 2.13
C ALA B 35 -20.37 5.51 1.71
N GLN B 36 -20.15 4.63 2.73
CA GLN B 36 -19.83 3.18 2.57
C GLN B 36 -18.33 2.99 2.19
N GLY B 37 -17.87 3.76 1.18
CA GLY B 37 -16.46 3.75 0.75
C GLY B 37 -16.18 2.63 -0.24
N ASP B 38 -16.13 1.39 0.26
CA ASP B 38 -15.83 0.19 -0.54
C ASP B 38 -16.67 -0.99 -0.01
N ILE B 39 -17.73 -1.33 -0.76
CA ILE B 39 -18.67 -2.43 -0.45
C ILE B 39 -19.00 -3.20 -1.74
N THR B 40 -19.72 -4.31 -1.58
CA THR B 40 -20.25 -5.13 -2.69
C THR B 40 -21.69 -5.57 -2.36
N ALA B 41 -22.41 -6.07 -3.37
CA ALA B 41 -23.75 -6.65 -3.20
C ALA B 41 -23.62 -8.14 -2.83
N PRO B 42 -23.84 -8.53 -1.53
CA PRO B 42 -23.67 -9.92 -1.07
C PRO B 42 -24.98 -10.74 -1.12
N GLY B 43 -24.84 -12.06 -0.93
CA GLY B 43 -25.98 -12.97 -0.90
C GLY B 43 -26.69 -13.09 -2.24
N GLY B 44 -27.91 -12.50 -2.31
CA GLY B 44 -28.71 -12.48 -3.55
C GLY B 44 -28.05 -11.64 -4.65
N ALA B 45 -27.30 -10.59 -4.21
CA ALA B 45 -26.46 -9.74 -5.07
C ALA B 45 -27.31 -8.84 -6.01
N ARG B 46 -27.80 -9.45 -7.11
CA ARG B 46 -28.48 -8.76 -8.24
C ARG B 46 -27.52 -7.77 -8.91
N ARG B 47 -27.37 -6.56 -8.35
CA ARG B 47 -26.46 -5.51 -8.84
C ARG B 47 -26.62 -4.23 -8.00
N LEU B 48 -25.50 -3.70 -7.47
CA LEU B 48 -25.44 -2.37 -6.82
C LEU B 48 -24.25 -1.59 -7.42
N THR B 49 -24.41 -1.20 -8.70
CA THR B 49 -23.43 -0.37 -9.43
C THR B 49 -23.35 1.04 -8.82
N GLY B 50 -24.53 1.62 -8.61
CA GLY B 50 -24.70 2.97 -8.11
C GLY B 50 -26.04 3.50 -8.52
N ASP B 51 -27.10 2.82 -8.00
CA ASP B 51 -28.52 2.97 -8.42
C ASP B 51 -28.67 2.55 -9.89
N GLN B 52 -28.22 3.44 -10.78
CA GLN B 52 -28.01 3.12 -12.19
C GLN B 52 -26.50 2.98 -12.43
N THR B 53 -25.78 4.12 -12.43
CA THR B 53 -24.34 4.18 -12.73
C THR B 53 -23.47 4.54 -11.49
N ALA B 54 -23.66 5.75 -10.91
CA ALA B 54 -22.65 6.38 -10.00
C ALA B 54 -23.14 6.47 -8.54
N ALA B 55 -24.37 6.97 -8.35
CA ALA B 55 -24.89 7.38 -7.02
C ALA B 55 -25.00 6.19 -6.03
N LEU B 56 -24.07 6.13 -5.04
CA LEU B 56 -23.92 5.01 -4.10
C LEU B 56 -25.15 4.88 -3.15
N ARG B 57 -26.15 4.10 -3.61
CA ARG B 57 -27.30 3.64 -2.79
C ARG B 57 -28.22 4.82 -2.34
N ASP B 58 -29.32 5.02 -3.08
CA ASP B 58 -30.39 5.98 -2.75
C ASP B 58 -31.46 5.27 -1.90
N SER B 59 -31.68 4.00 -2.26
CA SER B 59 -32.72 3.15 -1.67
C SER B 59 -32.24 1.69 -1.63
N LEU B 60 -33.02 0.81 -0.97
CA LEU B 60 -32.63 -0.61 -0.74
C LEU B 60 -33.78 -1.58 -1.10
N SER B 61 -35.02 -1.07 -1.17
CA SER B 61 -36.23 -1.91 -1.44
C SER B 61 -36.33 -2.33 -2.92
N ASP B 62 -35.34 -1.90 -3.74
CA ASP B 62 -35.23 -2.24 -5.17
C ASP B 62 -35.06 -3.76 -5.34
N LYS B 63 -36.19 -4.44 -5.52
CA LYS B 63 -36.27 -5.88 -5.77
C LYS B 63 -35.64 -6.24 -7.14
N PRO B 64 -35.09 -7.50 -7.30
CA PRO B 64 -34.31 -7.94 -8.50
C PRO B 64 -34.87 -7.45 -9.84
N ALA B 65 -36.15 -7.77 -10.09
CA ALA B 65 -36.86 -7.37 -11.32
C ALA B 65 -38.38 -7.34 -11.03
N LYS B 66 -39.18 -7.21 -12.12
CA LYS B 66 -40.66 -7.36 -12.13
C LYS B 66 -41.38 -6.68 -10.95
N ASN B 67 -41.47 -5.34 -11.00
CA ASN B 67 -42.13 -4.53 -9.96
C ASN B 67 -43.64 -4.44 -10.25
N ILE B 68 -44.49 -4.50 -9.19
CA ILE B 68 -45.98 -4.59 -9.35
C ILE B 68 -46.58 -3.36 -10.07
N ILE B 69 -45.93 -2.19 -9.89
CA ILE B 69 -46.20 -0.89 -10.58
C ILE B 69 -47.70 -0.53 -10.75
N LEU B 70 -48.55 -1.00 -9.83
CA LEU B 70 -50.01 -0.79 -9.87
C LEU B 70 -50.40 0.39 -8.94
N LEU B 71 -49.43 1.30 -8.72
CA LEU B 71 -49.61 2.45 -7.82
C LEU B 71 -48.52 3.50 -8.13
N ILE B 72 -48.96 4.66 -8.68
CA ILE B 72 -48.14 5.83 -9.10
C ILE B 72 -46.81 5.47 -9.86
N GLY B 73 -45.78 5.03 -9.13
CA GLY B 73 -44.49 4.64 -9.72
C GLY B 73 -44.10 3.23 -9.29
N ASP B 74 -43.90 3.08 -7.95
CA ASP B 74 -43.49 1.82 -7.30
C ASP B 74 -42.04 1.41 -7.74
N GLY B 75 -41.92 0.91 -8.97
CA GLY B 75 -40.63 0.59 -9.59
C GLY B 75 -40.75 0.69 -11.10
N MET B 76 -41.08 1.90 -11.57
CA MET B 76 -41.41 2.17 -12.98
C MET B 76 -40.77 3.51 -13.42
N GLY B 77 -39.70 3.40 -14.22
CA GLY B 77 -39.05 4.52 -14.88
C GLY B 77 -38.57 4.07 -16.25
N ASP B 78 -38.59 4.98 -17.24
CA ASP B 78 -38.42 4.68 -18.69
C ASP B 78 -39.36 3.53 -19.16
N SER B 79 -38.92 2.26 -19.03
CA SER B 79 -39.76 1.06 -19.21
C SER B 79 -40.10 0.50 -17.81
N GLU B 80 -39.15 -0.22 -17.18
CA GLU B 80 -39.18 -0.57 -15.74
C GLU B 80 -38.01 0.14 -15.05
N ILE B 81 -36.77 -0.13 -15.55
CA ILE B 81 -35.53 0.53 -15.08
C ILE B 81 -34.32 0.11 -15.96
N THR B 82 -33.85 1.03 -16.83
CA THR B 82 -32.56 0.86 -17.55
C THR B 82 -31.40 1.14 -16.59
N ALA B 83 -30.65 0.09 -16.22
CA ALA B 83 -29.45 0.24 -15.36
C ALA B 83 -28.20 0.47 -16.24
N ALA B 84 -27.55 -0.61 -16.69
CA ALA B 84 -26.25 -0.54 -17.38
C ALA B 84 -26.38 -1.09 -18.82
N ARG B 85 -25.21 -1.34 -19.47
CA ARG B 85 -25.09 -1.76 -20.88
C ARG B 85 -25.52 -0.62 -21.83
N ASN B 86 -24.66 0.41 -21.93
CA ASN B 86 -24.91 1.59 -22.78
C ASN B 86 -24.73 1.24 -24.27
N TYR B 87 -23.61 0.59 -24.60
CA TYR B 87 -23.32 0.15 -25.98
C TYR B 87 -22.36 -1.07 -25.98
N ALA B 88 -21.22 -0.94 -25.28
CA ALA B 88 -20.16 -1.96 -25.24
C ALA B 88 -19.30 -1.75 -23.99
N GLU B 89 -19.27 -2.76 -23.11
CA GLU B 89 -18.45 -2.78 -21.89
C GLU B 89 -18.54 -4.16 -21.24
N GLY B 90 -17.42 -4.66 -20.67
CA GLY B 90 -17.39 -5.95 -19.98
C GLY B 90 -16.53 -5.87 -18.74
N ALA B 91 -15.32 -6.47 -18.80
CA ALA B 91 -14.34 -6.45 -17.72
C ALA B 91 -12.95 -6.79 -18.28
N GLY B 92 -11.99 -5.86 -18.13
CA GLY B 92 -10.64 -6.01 -18.67
C GLY B 92 -10.58 -5.79 -20.18
N GLY B 93 -9.52 -6.29 -20.81
CA GLY B 93 -9.34 -6.19 -22.27
C GLY B 93 -7.94 -5.71 -22.66
N PHE B 94 -7.62 -5.86 -23.96
CA PHE B 94 -6.30 -5.52 -24.57
C PHE B 94 -5.17 -6.42 -24.00
N PHE B 95 -4.70 -6.08 -22.78
CA PHE B 95 -3.57 -6.75 -22.12
C PHE B 95 -4.01 -7.26 -20.72
N LYS B 96 -3.47 -8.42 -20.29
CA LYS B 96 -3.78 -9.01 -18.97
C LYS B 96 -2.78 -8.50 -17.93
N GLY B 97 -3.25 -7.59 -17.04
CA GLY B 97 -2.43 -6.99 -16.00
C GLY B 97 -1.46 -5.96 -16.57
N ILE B 98 -0.19 -6.06 -16.16
CA ILE B 98 0.86 -5.13 -16.58
C ILE B 98 2.26 -5.81 -16.36
N ASP B 99 2.40 -6.54 -15.21
CA ASP B 99 3.63 -7.24 -14.76
C ASP B 99 4.72 -6.26 -14.30
N ALA B 100 5.21 -5.41 -15.24
CA ALA B 100 6.22 -4.38 -14.95
C ALA B 100 5.70 -3.40 -13.87
N LEU B 101 6.56 -3.08 -12.88
CA LEU B 101 6.18 -2.33 -11.67
C LEU B 101 6.45 -0.80 -11.86
N PRO B 102 5.39 0.06 -12.02
CA PRO B 102 5.55 1.55 -12.12
C PRO B 102 5.81 2.22 -10.74
N LEU B 103 5.24 1.61 -9.67
CA LEU B 103 5.17 2.17 -8.29
C LEU B 103 4.47 3.55 -8.29
N THR B 104 5.26 4.61 -8.54
CA THR B 104 4.81 6.01 -8.52
C THR B 104 4.13 6.39 -9.86
N GLY B 105 4.69 5.84 -10.96
CA GLY B 105 4.24 6.19 -12.32
C GLY B 105 4.99 7.41 -12.87
N GLN B 106 5.26 7.41 -14.18
CA GLN B 106 6.13 8.39 -14.87
C GLN B 106 7.56 8.29 -14.32
N TYR B 107 7.86 8.99 -13.21
CA TYR B 107 9.21 9.05 -12.61
C TYR B 107 9.13 8.51 -11.17
N THR B 108 9.72 7.32 -10.94
CA THR B 108 9.58 6.56 -9.69
C THR B 108 10.47 7.11 -8.53
N HIS B 109 11.51 7.91 -8.91
CA HIS B 109 12.43 8.56 -7.93
C HIS B 109 11.70 9.58 -7.00
N TYR B 110 12.47 10.11 -6.02
CA TYR B 110 11.95 10.96 -4.91
C TYR B 110 10.99 10.14 -4.04
N ALA B 111 11.61 9.37 -3.12
CA ALA B 111 10.92 8.50 -2.16
C ALA B 111 10.11 7.39 -2.87
N LEU B 112 10.83 6.45 -3.51
CA LEU B 112 10.23 5.22 -4.08
C LEU B 112 9.72 4.34 -2.92
N ASN B 113 8.47 3.85 -3.06
CA ASN B 113 7.66 3.30 -1.94
C ASN B 113 7.44 4.38 -0.87
N LYS B 114 6.23 4.97 -0.84
CA LYS B 114 5.80 5.91 0.20
C LYS B 114 4.28 5.75 0.40
N LYS B 115 3.94 4.98 1.46
CA LYS B 115 2.58 4.50 1.75
C LYS B 115 2.05 3.66 0.57
N THR B 116 2.58 2.43 0.45
CA THR B 116 2.18 1.46 -0.58
C THR B 116 0.95 0.66 -0.13
N GLY B 117 -0.24 1.14 -0.53
CA GLY B 117 -1.52 0.50 -0.22
C GLY B 117 -1.81 0.49 1.28
N LYS B 118 -1.78 -0.72 1.87
CA LYS B 118 -1.96 -0.95 3.32
C LYS B 118 -0.62 -1.36 4.03
N PRO B 119 0.18 -2.39 3.52
CA PRO B 119 1.41 -2.83 4.23
C PRO B 119 2.55 -1.77 4.24
N ASP B 120 2.50 -0.82 3.27
CA ASP B 120 3.51 0.28 3.12
C ASP B 120 4.93 -0.30 2.86
N TYR B 121 4.91 -1.51 2.30
CA TYR B 121 6.09 -2.35 2.05
C TYR B 121 5.64 -3.51 1.14
N VAL B 122 6.61 -4.33 0.67
CA VAL B 122 6.35 -5.54 -0.14
C VAL B 122 5.83 -5.16 -1.55
N THR B 123 6.75 -5.21 -2.56
CA THR B 123 6.45 -4.89 -3.97
C THR B 123 5.49 -5.94 -4.58
N ASP B 124 5.64 -7.19 -4.14
CA ASP B 124 4.71 -8.30 -4.42
C ASP B 124 3.44 -8.13 -3.51
N SER B 125 3.00 -9.18 -2.78
CA SER B 125 1.85 -9.07 -1.85
C SER B 125 1.86 -10.19 -0.81
N ALA B 126 1.93 -11.45 -1.29
CA ALA B 126 1.83 -12.66 -0.45
C ALA B 126 3.05 -13.58 -0.64
N ALA B 127 3.89 -13.28 -1.67
CA ALA B 127 5.19 -13.94 -1.94
C ALA B 127 5.05 -15.39 -2.50
N SER B 128 4.44 -16.30 -1.73
CA SER B 128 4.26 -17.71 -2.15
C SER B 128 2.83 -17.99 -2.64
N ALA B 129 1.82 -17.45 -1.94
CA ALA B 129 0.42 -17.84 -2.18
C ALA B 129 -0.50 -16.62 -2.31
N THR B 130 -0.65 -16.13 -3.56
CA THR B 130 -1.68 -15.14 -3.92
C THR B 130 -3.01 -15.83 -4.30
N ALA B 131 -3.07 -17.17 -4.06
CA ALA B 131 -4.23 -18.02 -4.42
C ALA B 131 -4.43 -18.00 -5.96
N TRP B 132 -5.70 -18.05 -6.43
CA TRP B 132 -6.04 -18.03 -7.86
C TRP B 132 -7.44 -17.45 -8.06
N SER B 133 -7.66 -16.89 -9.25
CA SER B 133 -8.95 -16.33 -9.65
C SER B 133 -9.00 -16.15 -11.17
N THR B 134 -10.21 -16.30 -11.74
CA THR B 134 -10.50 -15.89 -13.13
C THR B 134 -10.43 -14.35 -13.21
N GLY B 135 -10.08 -13.81 -14.41
CA GLY B 135 -10.00 -12.34 -14.64
C GLY B 135 -11.24 -11.58 -14.20
N VAL B 136 -12.41 -12.27 -14.29
CA VAL B 136 -13.68 -11.81 -13.73
C VAL B 136 -14.63 -13.02 -13.58
N LYS B 137 -15.13 -13.25 -12.35
CA LYS B 137 -16.08 -14.35 -12.02
C LYS B 137 -16.41 -14.29 -10.53
N THR B 138 -15.35 -14.21 -9.71
CA THR B 138 -15.44 -14.08 -8.25
C THR B 138 -16.03 -12.70 -7.87
N TYR B 139 -17.04 -12.71 -6.97
CA TYR B 139 -17.81 -11.52 -6.51
C TYR B 139 -18.74 -10.97 -7.63
N ASN B 140 -18.13 -10.52 -8.75
CA ASN B 140 -18.88 -10.10 -9.96
C ASN B 140 -19.49 -11.35 -10.64
N GLY B 141 -20.66 -11.74 -10.14
CA GLY B 141 -21.47 -12.81 -10.71
C GLY B 141 -22.81 -12.27 -11.14
N ALA B 142 -22.77 -11.13 -11.85
CA ALA B 142 -23.95 -10.37 -12.25
C ALA B 142 -23.56 -9.28 -13.26
N LEU B 143 -24.49 -8.95 -14.19
CA LEU B 143 -24.29 -7.94 -15.26
C LEU B 143 -23.18 -8.38 -16.24
N GLY B 144 -21.90 -8.16 -15.85
CA GLY B 144 -20.74 -8.56 -16.66
C GLY B 144 -20.69 -10.07 -16.86
N VAL B 145 -20.38 -10.81 -15.76
CA VAL B 145 -20.45 -12.27 -15.73
C VAL B 145 -21.81 -12.65 -15.13
N ASP B 146 -22.87 -12.52 -15.94
CA ASP B 146 -24.25 -12.74 -15.48
C ASP B 146 -24.49 -14.25 -15.25
N ILE B 147 -24.29 -14.68 -13.99
CA ILE B 147 -24.64 -16.02 -13.52
C ILE B 147 -25.81 -15.87 -12.52
N HIS B 148 -26.80 -16.74 -12.63
CA HIS B 148 -27.98 -16.74 -11.75
C HIS B 148 -27.83 -17.83 -10.69
N GLU B 149 -28.57 -17.66 -9.58
CA GLU B 149 -28.63 -18.59 -8.43
C GLU B 149 -27.33 -18.58 -7.58
N LYS B 150 -27.56 -18.70 -6.26
CA LYS B 150 -26.53 -18.50 -5.22
C LYS B 150 -26.19 -19.84 -4.55
N ASP B 151 -25.17 -19.82 -3.68
CA ASP B 151 -24.86 -20.91 -2.76
C ASP B 151 -25.80 -20.83 -1.52
N MET A 12 19.44 44.33 -12.10
CA MET A 12 18.83 43.49 -11.04
C MET A 12 19.88 43.13 -9.97
N GLN A 13 19.99 44.00 -8.94
CA GLN A 13 20.97 43.83 -7.85
C GLN A 13 20.52 42.70 -6.90
N VAL A 14 21.00 41.49 -7.17
CA VAL A 14 20.60 40.27 -6.44
C VAL A 14 21.56 39.97 -5.26
N SER A 15 21.50 40.80 -4.21
CA SER A 15 22.37 40.69 -3.03
C SER A 15 22.02 39.43 -2.20
N VAL A 16 22.72 38.30 -2.49
CA VAL A 16 22.54 37.02 -1.78
C VAL A 16 23.10 37.11 -0.36
N GLU A 17 22.33 36.59 0.60
CA GLU A 17 22.68 36.59 2.03
C GLU A 17 22.47 35.18 2.59
N THR A 18 23.55 34.39 2.67
CA THR A 18 23.53 33.04 3.26
C THR A 18 23.30 33.16 4.77
N THR A 19 22.02 33.14 5.17
CA THR A 19 21.58 33.34 6.56
C THR A 19 21.36 31.98 7.25
N GLN A 20 20.50 31.14 6.67
CA GLN A 20 20.10 29.84 7.25
C GLN A 20 20.83 28.68 6.51
N GLY A 21 22.10 28.91 6.14
CA GLY A 21 22.91 27.91 5.43
C GLY A 21 22.40 27.65 4.02
N LEU A 22 21.59 26.57 3.88
CA LEU A 22 20.89 26.25 2.62
C LEU A 22 19.88 27.36 2.28
N GLY A 23 19.24 27.91 3.34
CA GLY A 23 18.31 29.04 3.20
C GLY A 23 19.03 30.34 2.88
N ARG A 24 19.24 30.60 1.57
CA ARG A 24 19.92 31.79 1.07
C ARG A 24 18.90 32.88 0.70
N ARG A 25 18.96 33.99 1.45
CA ARG A 25 18.14 35.18 1.23
C ARG A 25 18.74 36.06 0.09
N VAL A 26 18.40 35.72 -1.17
CA VAL A 26 18.79 36.51 -2.34
C VAL A 26 17.86 37.75 -2.42
N THR A 27 18.31 38.84 -1.80
CA THR A 27 17.60 40.10 -1.80
C THR A 27 17.77 40.80 -3.17
N ILE A 28 16.77 40.62 -4.04
CA ILE A 28 16.75 41.20 -5.38
C ILE A 28 16.27 42.65 -5.30
N THR A 29 16.94 43.53 -6.03
CA THR A 29 16.60 44.95 -6.11
C THR A 29 16.38 45.29 -7.60
N ILE A 30 15.10 45.44 -7.98
CA ILE A 30 14.71 45.78 -9.36
C ILE A 30 14.81 47.30 -9.55
N ALA A 31 15.38 47.73 -10.69
CA ALA A 31 15.45 49.13 -11.08
C ALA A 31 14.03 49.68 -11.33
N ALA A 32 13.72 50.84 -10.73
CA ALA A 32 12.36 51.46 -10.82
C ALA A 32 11.97 51.81 -12.26
N ASP A 33 12.98 52.10 -13.10
CA ASP A 33 12.79 52.31 -14.54
C ASP A 33 12.36 51.01 -15.24
N SER A 34 12.98 49.88 -14.83
CA SER A 34 12.69 48.54 -15.36
C SER A 34 11.27 48.10 -14.98
N ILE A 35 10.82 48.54 -13.80
CA ILE A 35 9.45 48.35 -13.33
C ILE A 35 8.49 49.15 -14.22
N GLU A 36 8.76 50.45 -14.37
CA GLU A 36 7.89 51.40 -15.12
C GLU A 36 7.72 50.96 -16.59
N THR A 37 8.80 50.43 -17.19
CA THR A 37 8.78 49.93 -18.56
C THR A 37 7.97 48.62 -18.66
N ALA A 38 8.15 47.72 -17.67
CA ALA A 38 7.45 46.40 -17.63
C ALA A 38 5.94 46.58 -17.43
N VAL A 39 5.58 47.55 -16.55
CA VAL A 39 4.19 47.92 -16.28
C VAL A 39 3.54 48.47 -17.55
N LYS A 40 4.24 49.43 -18.19
CA LYS A 40 3.75 50.11 -19.41
C LYS A 40 3.62 49.11 -20.60
N SER A 41 4.50 48.10 -20.60
CA SER A 41 4.45 46.98 -21.58
C SER A 41 3.19 46.14 -21.35
N GLU A 42 2.88 45.86 -20.07
CA GLU A 42 1.71 45.06 -19.69
C GLU A 42 0.38 45.80 -19.96
N LEU A 43 0.38 47.11 -19.69
CA LEU A 43 -0.82 47.96 -19.81
C LEU A 43 -1.26 48.13 -21.27
N VAL A 44 -0.28 48.19 -22.18
CA VAL A 44 -0.57 48.29 -23.62
C VAL A 44 -1.03 46.91 -24.17
N ASN A 45 -0.60 45.80 -23.49
CA ASN A 45 -1.11 44.43 -23.79
C ASN A 45 -2.62 44.36 -23.46
N VAL A 46 -2.98 44.87 -22.27
CA VAL A 46 -4.37 44.94 -21.78
C VAL A 46 -5.22 45.88 -22.66
N ALA A 47 -4.60 46.98 -23.13
CA ALA A 47 -5.25 47.97 -24.01
C ALA A 47 -5.61 47.36 -25.38
N LYS A 48 -4.71 46.52 -25.92
CA LYS A 48 -4.94 45.82 -27.20
C LYS A 48 -6.02 44.74 -27.06
N LYS A 49 -6.05 44.09 -25.89
CA LYS A 49 -7.01 43.01 -25.56
C LYS A 49 -8.44 43.55 -25.45
N VAL A 50 -8.61 44.58 -24.61
CA VAL A 50 -9.91 45.26 -24.41
C VAL A 50 -10.23 46.20 -25.62
N ARG A 51 -9.28 46.23 -26.61
CA ARG A 51 -9.45 46.89 -27.93
C ARG A 51 -9.43 48.43 -27.81
N ILE A 52 -9.01 48.90 -26.62
CA ILE A 52 -8.88 50.34 -26.27
C ILE A 52 -7.85 51.03 -27.20
N ASP A 53 -6.83 50.27 -27.63
CA ASP A 53 -5.75 50.77 -28.52
C ASP A 53 -6.32 51.33 -29.84
N GLY A 54 -7.42 50.70 -30.34
CA GLY A 54 -8.11 51.14 -31.55
C GLY A 54 -8.92 52.42 -31.33
N PHE A 55 -9.48 52.56 -30.12
CA PHE A 55 -10.20 53.78 -29.70
C PHE A 55 -9.22 54.91 -29.31
N ARG A 56 -7.97 54.51 -29.00
CA ARG A 56 -6.88 55.44 -28.66
C ARG A 56 -6.34 56.05 -29.96
N LYS A 57 -6.55 57.36 -30.11
CA LYS A 57 -6.03 58.16 -31.24
C LYS A 57 -4.57 58.59 -30.97
N GLY A 58 -4.13 58.43 -29.70
CA GLY A 58 -2.74 58.62 -29.30
C GLY A 58 -2.40 60.06 -28.92
N LYS A 59 -3.44 60.91 -28.82
CA LYS A 59 -3.30 62.34 -28.48
C LYS A 59 -2.87 62.49 -27.02
N VAL A 60 -3.55 61.75 -26.14
CA VAL A 60 -3.29 61.75 -24.70
C VAL A 60 -1.98 60.96 -24.43
N PRO A 61 -0.96 61.57 -23.72
CA PRO A 61 0.38 60.93 -23.50
C PRO A 61 0.31 59.50 -22.90
N MET A 62 1.06 58.56 -23.52
CA MET A 62 1.07 57.14 -23.16
C MET A 62 1.67 56.91 -21.75
N ASN A 63 2.67 57.72 -21.39
CA ASN A 63 3.33 57.64 -20.07
C ASN A 63 2.37 58.03 -18.93
N ILE A 64 1.51 59.03 -19.19
CA ILE A 64 0.53 59.57 -18.22
C ILE A 64 -0.63 58.58 -18.00
N VAL A 65 -1.15 57.98 -19.09
CA VAL A 65 -2.25 56.99 -18.98
C VAL A 65 -1.74 55.68 -18.34
N ALA A 66 -0.43 55.41 -18.47
CA ALA A 66 0.21 54.24 -17.86
C ALA A 66 0.29 54.37 -16.33
N GLN A 67 0.95 55.45 -15.88
CA GLN A 67 1.26 55.67 -14.45
C GLN A 67 -0.01 55.90 -13.60
N ARG A 68 -1.06 56.52 -14.20
CA ARG A 68 -2.28 56.94 -13.46
C ARG A 68 -3.41 55.92 -13.61
N TYR A 69 -3.80 55.63 -14.86
CA TYR A 69 -4.97 54.77 -15.15
C TYR A 69 -4.64 53.28 -14.92
N GLY A 70 -3.35 52.92 -15.03
CA GLY A 70 -2.89 51.55 -14.75
C GLY A 70 -2.19 51.44 -13.40
N ALA A 71 -2.44 52.41 -12.49
CA ALA A 71 -1.75 52.53 -11.18
C ALA A 71 -2.01 51.31 -10.28
N SER A 72 -3.24 50.79 -10.32
CA SER A 72 -3.64 49.61 -9.53
C SER A 72 -3.11 48.31 -10.15
N VAL A 73 -2.97 48.30 -11.50
CA VAL A 73 -2.53 47.11 -12.27
C VAL A 73 -1.01 46.88 -12.13
N ARG A 74 -0.28 47.93 -11.66
CA ARG A 74 1.18 47.86 -11.36
C ARG A 74 1.48 46.75 -10.33
N GLN A 75 0.47 46.45 -9.48
CA GLN A 75 0.45 45.31 -8.54
C GLN A 75 0.80 43.98 -9.24
N ASP A 76 -0.01 43.63 -10.25
CA ASP A 76 0.04 42.32 -10.93
C ASP A 76 1.35 42.14 -11.73
N VAL A 77 1.92 43.27 -12.18
CA VAL A 77 3.18 43.27 -12.94
C VAL A 77 4.37 42.92 -12.02
N LEU A 78 4.25 43.25 -10.71
CA LEU A 78 5.28 42.94 -9.70
C LEU A 78 5.50 41.42 -9.59
N GLY A 79 4.42 40.63 -9.77
CA GLY A 79 4.52 39.16 -9.78
C GLY A 79 5.39 38.66 -10.93
N ASP A 80 5.11 39.18 -12.13
CA ASP A 80 5.89 38.92 -13.36
C ASP A 80 7.38 39.27 -13.17
N LEU A 81 7.62 40.48 -12.63
CA LEU A 81 8.96 41.02 -12.35
C LEU A 81 9.75 40.09 -11.42
N MET A 82 9.16 39.79 -10.25
CA MET A 82 9.81 39.00 -9.17
C MET A 82 10.10 37.56 -9.62
N SER A 83 9.26 37.02 -10.53
CA SER A 83 9.44 35.66 -11.09
C SER A 83 10.62 35.61 -12.08
N ARG A 84 10.69 36.61 -12.98
CA ARG A 84 11.78 36.72 -13.99
C ARG A 84 13.13 37.03 -13.33
N ASN A 85 13.08 37.89 -12.31
CA ASN A 85 14.26 38.28 -11.51
C ASN A 85 14.77 37.09 -10.68
N PHE A 86 13.84 36.24 -10.20
CA PHE A 86 14.18 35.03 -9.43
C PHE A 86 14.84 33.97 -10.32
N ILE A 87 14.15 33.62 -11.43
CA ILE A 87 14.58 32.51 -12.30
C ILE A 87 15.93 32.82 -12.98
N ASP A 88 16.13 34.06 -13.45
CA ASP A 88 17.40 34.46 -14.07
C ASP A 88 18.53 34.52 -13.04
N ALA A 89 18.21 34.89 -11.78
CA ALA A 89 19.19 34.96 -10.67
C ALA A 89 19.79 33.56 -10.39
N ILE A 90 18.92 32.57 -10.14
CA ILE A 90 19.35 31.20 -9.78
C ILE A 90 20.16 30.52 -10.92
N ILE A 91 19.85 30.90 -12.18
CA ILE A 91 20.56 30.40 -13.38
C ILE A 91 21.99 30.98 -13.46
N LYS A 92 22.08 32.33 -13.50
CA LYS A 92 23.36 33.04 -13.74
C LYS A 92 24.35 32.85 -12.57
N GLU A 93 23.81 32.76 -11.35
CA GLU A 93 24.59 32.56 -10.10
C GLU A 93 24.84 31.07 -9.84
N LYS A 94 24.22 30.20 -10.68
CA LYS A 94 24.40 28.72 -10.64
C LYS A 94 23.89 28.11 -9.32
N ILE A 95 22.96 28.84 -8.66
CA ILE A 95 22.30 28.39 -7.42
C ILE A 95 21.19 27.39 -7.78
N ASN A 96 21.31 26.16 -7.27
CA ASN A 96 20.30 25.10 -7.48
C ASN A 96 19.27 25.16 -6.32
N PRO A 97 18.09 25.84 -6.53
CA PRO A 97 17.17 26.23 -5.43
C PRO A 97 16.16 25.14 -5.03
N ALA A 98 15.58 25.31 -3.84
CA ALA A 98 14.54 24.44 -3.27
C ALA A 98 13.60 25.30 -2.40
N GLY A 99 12.46 24.72 -2.04
CA GLY A 99 11.45 25.43 -1.22
C GLY A 99 10.54 26.29 -2.09
N ALA A 100 10.17 27.46 -1.57
CA ALA A 100 9.36 28.45 -2.30
C ALA A 100 10.04 29.83 -2.18
N PRO A 101 10.09 30.65 -3.28
CA PRO A 101 10.73 31.97 -3.26
C PRO A 101 9.94 32.96 -2.36
N THR A 102 10.40 33.10 -1.10
CA THR A 102 9.71 33.90 -0.08
C THR A 102 10.06 35.38 -0.26
N TYR A 103 9.22 36.08 -1.05
CA TYR A 103 9.41 37.50 -1.35
C TYR A 103 9.06 38.33 -0.10
N VAL A 104 10.04 39.10 0.41
CA VAL A 104 9.88 39.97 1.60
C VAL A 104 10.02 41.44 1.16
N PRO A 105 8.90 42.12 0.75
CA PRO A 105 8.92 43.53 0.32
C PRO A 105 8.82 44.52 1.50
N GLY A 106 9.01 45.81 1.20
CA GLY A 106 8.90 46.89 2.20
C GLY A 106 8.01 48.02 1.70
N GLU A 107 8.34 48.54 0.50
CA GLU A 107 7.63 49.68 -0.12
C GLU A 107 7.82 49.67 -1.65
N TYR A 108 6.70 49.85 -2.38
CA TYR A 108 6.70 50.00 -3.84
C TYR A 108 6.63 51.49 -4.19
N LYS A 109 7.68 51.98 -4.87
CA LYS A 109 7.80 53.38 -5.32
C LYS A 109 8.31 53.43 -6.76
N LEU A 110 8.47 54.66 -7.25
CA LEU A 110 9.04 54.97 -8.56
C LEU A 110 10.19 55.98 -8.36
N GLY A 111 11.26 55.83 -9.15
CA GLY A 111 12.50 56.58 -8.94
C GLY A 111 13.42 55.87 -7.94
N GLU A 112 12.84 55.53 -6.78
CA GLU A 112 13.48 54.66 -5.78
C GLU A 112 13.23 53.19 -6.15
N ASP A 113 14.27 52.35 -5.99
CA ASP A 113 14.27 50.95 -6.43
C ASP A 113 13.45 50.04 -5.49
N PHE A 114 12.95 48.91 -6.04
CA PHE A 114 12.11 47.94 -5.30
C PHE A 114 13.00 46.80 -4.75
N THR A 115 13.48 46.99 -3.52
CA THR A 115 14.31 46.01 -2.80
C THR A 115 13.41 45.03 -2.02
N TYR A 116 13.59 43.72 -2.26
CA TYR A 116 12.83 42.66 -1.58
C TYR A 116 13.71 41.41 -1.39
N SER A 117 13.63 40.82 -0.20
CA SER A 117 14.44 39.65 0.20
C SER A 117 13.74 38.35 -0.23
N VAL A 118 14.37 37.58 -1.14
CA VAL A 118 13.83 36.28 -1.60
C VAL A 118 14.53 35.14 -0.83
N GLU A 119 13.84 34.57 0.16
CA GLU A 119 14.38 33.51 1.02
C GLU A 119 13.93 32.13 0.50
N PHE A 120 14.89 31.26 0.22
CA PHE A 120 14.64 29.91 -0.30
C PHE A 120 15.84 29.01 0.02
N GLU A 121 15.60 27.69 0.00
CA GLU A 121 16.63 26.68 0.27
C GLU A 121 17.45 26.38 -1.00
N VAL A 122 18.45 25.50 -0.86
CA VAL A 122 19.21 24.96 -2.00
C VAL A 122 19.35 23.44 -1.84
N TYR A 123 19.64 22.74 -2.94
CA TYR A 123 20.00 21.32 -2.93
C TYR A 123 21.47 21.18 -2.51
N PRO A 124 21.77 20.45 -1.39
CA PRO A 124 23.16 20.22 -0.94
C PRO A 124 23.88 19.18 -1.81
N GLU A 125 25.21 19.11 -1.68
CA GLU A 125 26.04 18.14 -2.40
C GLU A 125 25.81 16.75 -1.82
N VAL A 126 25.14 15.88 -2.59
CA VAL A 126 24.84 14.50 -2.17
C VAL A 126 26.15 13.67 -2.20
N GLU A 127 26.54 13.11 -1.04
CA GLU A 127 27.83 12.41 -0.88
C GLU A 127 27.63 10.90 -0.92
N LEU A 128 28.11 10.27 -2.01
CA LEU A 128 28.22 8.80 -2.10
C LEU A 128 29.54 8.35 -1.47
N GLN A 129 29.44 7.87 -0.23
CA GLN A 129 30.53 7.23 0.52
C GLN A 129 30.77 5.80 -0.01
N GLY A 130 31.47 4.94 0.78
CA GLY A 130 31.75 3.56 0.36
C GLY A 130 30.49 2.71 0.19
N LEU A 131 30.22 2.31 -1.06
CA LEU A 131 29.03 1.51 -1.45
C LEU A 131 29.29 0.00 -1.26
N GLU A 132 30.54 -0.32 -0.86
CA GLU A 132 31.00 -1.70 -0.59
C GLU A 132 30.53 -2.16 0.81
N ALA A 133 30.07 -1.18 1.63
CA ALA A 133 29.50 -1.44 2.97
C ALA A 133 28.12 -2.13 2.88
N ILE A 134 27.44 -1.89 1.76
CA ILE A 134 26.07 -2.38 1.50
C ILE A 134 26.08 -3.91 1.27
N GLU A 135 25.55 -4.68 2.24
CA GLU A 135 25.48 -6.15 2.15
C GLU A 135 24.04 -6.57 1.80
N VAL A 136 23.85 -6.97 0.55
CA VAL A 136 22.54 -7.37 -0.01
C VAL A 136 22.52 -8.88 -0.23
N GLU A 137 21.43 -9.55 0.16
CA GLU A 137 21.28 -11.01 -0.04
C GLU A 137 20.53 -11.27 -1.35
N LYS A 138 21.11 -12.15 -2.19
CA LYS A 138 20.43 -12.71 -3.36
C LYS A 138 20.15 -14.20 -3.07
N PRO A 139 18.92 -14.54 -2.60
CA PRO A 139 18.58 -15.92 -2.26
C PRO A 139 18.02 -16.69 -3.48
N ILE A 140 18.83 -17.64 -4.02
CA ILE A 140 18.41 -18.53 -5.10
C ILE A 140 17.43 -19.55 -4.52
N VAL A 141 16.14 -19.21 -4.55
CA VAL A 141 15.07 -20.06 -4.04
C VAL A 141 14.65 -21.06 -5.12
N GLU A 142 14.58 -22.33 -4.75
CA GLU A 142 14.07 -23.39 -5.61
C GLU A 142 12.60 -23.67 -5.26
N VAL A 143 11.75 -23.70 -6.29
CA VAL A 143 10.35 -24.15 -6.18
C VAL A 143 10.19 -25.42 -7.02
N THR A 144 9.58 -26.45 -6.43
CA THR A 144 9.25 -27.71 -7.11
C THR A 144 7.76 -28.00 -6.94
N ASP A 145 7.30 -29.02 -7.65
CA ASP A 145 5.87 -29.43 -7.64
C ASP A 145 5.46 -30.02 -6.29
N ALA A 146 6.45 -30.40 -5.46
CA ALA A 146 6.24 -30.82 -4.06
C ALA A 146 5.90 -29.62 -3.16
N ASP A 147 6.61 -28.48 -3.40
CA ASP A 147 6.32 -27.21 -2.70
C ASP A 147 4.93 -26.71 -3.08
N VAL A 148 4.63 -26.78 -4.39
CA VAL A 148 3.34 -26.37 -4.94
C VAL A 148 2.19 -27.22 -4.37
N ASP A 149 2.33 -28.56 -4.46
CA ASP A 149 1.31 -29.52 -3.99
C ASP A 149 1.08 -29.38 -2.48
N GLY A 150 2.20 -29.25 -1.75
CA GLY A 150 2.19 -29.05 -0.31
C GLY A 150 1.53 -27.72 0.10
N MET A 151 1.69 -26.70 -0.75
CA MET A 151 1.05 -25.38 -0.56
C MET A 151 -0.47 -25.44 -0.81
N LEU A 152 -0.89 -26.24 -1.81
CA LEU A 152 -2.33 -26.43 -2.11
C LEU A 152 -3.02 -27.18 -0.96
N ASP A 153 -2.29 -28.17 -0.43
CA ASP A 153 -2.65 -28.92 0.78
C ASP A 153 -2.77 -27.95 2.00
N THR A 154 -1.78 -27.02 2.12
CA THR A 154 -1.78 -25.95 3.15
C THR A 154 -3.00 -25.01 2.99
N LEU A 155 -3.40 -24.73 1.73
CA LEU A 155 -4.58 -23.89 1.42
C LEU A 155 -5.87 -24.58 1.87
N ARG A 156 -5.93 -25.90 1.67
CA ARG A 156 -7.05 -26.76 2.15
C ARG A 156 -7.02 -26.91 3.68
N LYS A 157 -5.83 -26.71 4.29
CA LYS A 157 -5.64 -26.64 5.76
C LYS A 157 -5.98 -25.24 6.32
N GLN A 158 -5.90 -24.21 5.49
CA GLN A 158 -6.37 -22.84 5.85
C GLN A 158 -7.90 -22.75 5.66
N GLN A 159 -8.42 -23.53 4.72
CA GLN A 159 -9.86 -23.70 4.48
C GLN A 159 -10.33 -25.01 5.13
N ALA A 160 -9.69 -25.38 6.25
CA ALA A 160 -9.98 -26.60 6.99
C ALA A 160 -11.25 -26.46 7.81
N THR A 161 -12.37 -26.94 7.25
CA THR A 161 -13.64 -27.04 7.94
C THR A 161 -13.50 -27.96 9.18
N TRP A 162 -13.75 -27.41 10.38
CA TRP A 162 -13.64 -28.20 11.63
C TRP A 162 -14.86 -29.12 11.78
N LYS A 163 -14.62 -30.20 12.50
CA LYS A 163 -15.50 -31.37 12.59
C LYS A 163 -15.21 -32.08 13.90
N GLU A 164 -16.25 -32.47 14.63
CA GLU A 164 -16.08 -33.21 15.90
C GLU A 164 -15.51 -34.61 15.69
N LYS A 165 -14.89 -35.10 16.75
CA LYS A 165 -14.38 -36.48 16.86
C LYS A 165 -14.36 -36.86 18.36
N ASP A 166 -13.90 -38.08 18.62
CA ASP A 166 -13.62 -38.56 19.98
C ASP A 166 -12.28 -39.31 19.97
N GLY A 167 -11.50 -39.13 21.03
CA GLY A 167 -10.22 -39.78 21.20
C GLY A 167 -9.08 -38.81 21.38
N ALA A 168 -7.87 -39.23 20.98
CA ALA A 168 -6.62 -38.52 21.24
C ALA A 168 -6.61 -37.10 20.63
N VAL A 169 -6.56 -36.10 21.51
CA VAL A 169 -6.36 -34.70 21.16
C VAL A 169 -4.94 -34.45 20.67
N GLU A 170 -4.81 -33.74 19.55
CA GLU A 170 -3.53 -33.27 19.02
C GLU A 170 -3.32 -31.81 19.45
N ALA A 171 -2.07 -31.35 19.38
CA ALA A 171 -1.64 -30.03 19.90
C ALA A 171 -2.02 -28.86 18.99
N GLU A 172 -2.74 -29.15 17.91
CA GLU A 172 -3.09 -28.18 16.86
C GLU A 172 -4.62 -28.13 16.67
N ASP A 173 -5.35 -28.88 17.52
CA ASP A 173 -6.79 -29.07 17.37
C ASP A 173 -7.59 -27.94 18.05
N ARG A 174 -8.89 -27.96 17.81
CA ARG A 174 -9.86 -27.12 18.54
C ARG A 174 -10.77 -28.06 19.31
N VAL A 175 -11.08 -27.75 20.57
CA VAL A 175 -11.77 -28.71 21.46
C VAL A 175 -12.96 -28.05 22.17
N THR A 176 -13.57 -28.81 23.07
CA THR A 176 -14.62 -28.35 23.98
C THR A 176 -14.37 -28.93 25.39
N ILE A 177 -13.97 -28.09 26.35
CA ILE A 177 -13.80 -28.53 27.75
C ILE A 177 -14.87 -27.90 28.69
N ASP A 178 -14.70 -28.18 29.99
CA ASP A 178 -15.51 -27.61 31.08
C ASP A 178 -14.61 -27.59 32.30
N PHE A 179 -13.97 -26.47 32.59
CA PHE A 179 -12.94 -26.44 33.64
C PHE A 179 -13.46 -25.73 34.90
N THR A 180 -13.14 -26.32 36.06
CA THR A 180 -13.37 -25.69 37.36
C THR A 180 -12.14 -24.84 37.70
N GLY A 181 -12.32 -23.53 37.61
CA GLY A 181 -11.35 -22.55 38.01
C GLY A 181 -10.97 -22.67 39.49
N SER A 182 -9.70 -23.02 39.77
CA SER A 182 -9.17 -23.17 41.12
C SER A 182 -7.87 -22.37 41.28
N VAL A 183 -7.70 -21.81 42.48
CA VAL A 183 -6.49 -21.10 42.92
C VAL A 183 -5.90 -21.87 44.10
N ASP A 184 -4.60 -22.22 43.99
CA ASP A 184 -3.80 -22.81 45.10
C ASP A 184 -4.31 -24.21 45.51
N GLY A 185 -5.15 -24.82 44.63
CA GLY A 185 -5.70 -26.16 44.85
C GLY A 185 -7.14 -26.17 45.32
N GLU A 186 -7.80 -24.99 45.34
CA GLU A 186 -9.21 -24.88 45.73
C GLU A 186 -9.92 -23.84 44.86
N GLU A 187 -11.15 -24.20 44.43
CA GLU A 187 -11.99 -23.39 43.56
C GLU A 187 -12.35 -22.02 44.19
N PHE A 188 -12.56 -21.03 43.32
CA PHE A 188 -12.89 -19.64 43.71
C PHE A 188 -14.16 -19.18 42.98
N GLU A 189 -14.83 -18.16 43.52
CA GLU A 189 -16.07 -17.61 42.95
C GLU A 189 -15.80 -16.94 41.59
N GLY A 190 -16.63 -17.30 40.59
CA GLY A 190 -16.43 -16.85 39.23
C GLY A 190 -15.69 -17.86 38.38
N GLY A 191 -15.01 -18.81 39.05
CA GLY A 191 -13.96 -19.59 38.46
C GLY A 191 -14.46 -20.80 37.73
N LYS A 192 -15.01 -20.60 36.52
CA LYS A 192 -15.45 -21.69 35.63
C LYS A 192 -15.51 -21.20 34.16
N ALA A 193 -15.59 -22.17 33.24
CA ALA A 193 -16.12 -21.96 31.88
C ALA A 193 -16.53 -23.33 31.30
N SER A 194 -17.84 -23.47 31.05
CA SER A 194 -18.51 -24.70 30.66
C SER A 194 -18.66 -24.74 29.14
N ASP A 195 -18.46 -25.94 28.56
CA ASP A 195 -18.61 -26.19 27.10
C ASP A 195 -17.67 -25.25 26.29
N PHE A 196 -16.59 -24.82 26.97
CA PHE A 196 -15.65 -23.82 26.49
C PHE A 196 -14.83 -24.37 25.29
N VAL A 197 -15.15 -23.84 24.10
CA VAL A 197 -14.47 -24.20 22.85
C VAL A 197 -13.12 -23.45 22.75
N LEU A 198 -12.07 -24.10 23.26
CA LEU A 198 -10.71 -23.57 23.27
C LEU A 198 -9.94 -24.05 22.01
N ALA A 199 -9.26 -23.10 21.36
CA ALA A 199 -8.47 -23.35 20.15
C ALA A 199 -6.98 -23.12 20.44
N MET A 200 -6.12 -23.93 19.79
CA MET A 200 -4.67 -23.97 20.06
C MET A 200 -3.90 -23.13 19.03
N GLY A 201 -2.59 -22.96 19.29
CA GLY A 201 -1.71 -22.11 18.46
C GLY A 201 -1.77 -20.66 18.91
N GLN A 202 -3.01 -20.15 19.01
CA GLN A 202 -3.30 -18.80 19.49
C GLN A 202 -3.13 -18.72 21.03
N GLY A 203 -2.35 -17.72 21.48
CA GLY A 203 -2.07 -17.50 22.91
C GLY A 203 -3.03 -16.52 23.55
N ARG A 204 -4.32 -16.66 23.22
CA ARG A 204 -5.40 -15.81 23.76
C ARG A 204 -6.04 -16.52 24.96
N MET A 205 -5.23 -16.73 26.00
CA MET A 205 -5.64 -17.43 27.23
C MET A 205 -4.55 -17.22 28.31
N ILE A 206 -4.73 -17.92 29.44
CA ILE A 206 -3.71 -18.08 30.48
C ILE A 206 -2.50 -18.83 29.89
N PRO A 207 -1.22 -18.37 30.14
CA PRO A 207 -0.01 -19.04 29.61
C PRO A 207 0.07 -20.51 30.10
N GLY A 208 0.09 -21.43 29.13
CA GLY A 208 0.19 -22.87 29.40
C GLY A 208 -1.13 -23.52 29.81
N PHE A 209 -2.26 -22.82 29.57
CA PHE A 209 -3.61 -23.34 29.87
C PHE A 209 -3.98 -24.49 28.91
N GLU A 210 -3.88 -24.23 27.61
CA GLU A 210 -4.22 -25.19 26.54
C GLU A 210 -3.40 -26.50 26.64
N ASP A 211 -2.22 -26.42 27.30
CA ASP A 211 -1.27 -27.54 27.57
C ASP A 211 -2.01 -28.82 27.99
N GLY A 212 -2.91 -28.65 28.96
CA GLY A 212 -3.61 -29.75 29.60
C GLY A 212 -4.46 -30.58 28.67
N ILE A 213 -5.06 -29.92 27.69
CA ILE A 213 -5.96 -30.56 26.73
C ILE A 213 -5.15 -31.39 25.68
N LYS A 214 -4.01 -30.81 25.25
CA LYS A 214 -3.25 -31.20 24.03
C LYS A 214 -2.64 -32.63 24.03
N GLY A 215 -2.81 -33.38 25.13
CA GLY A 215 -2.18 -34.69 25.27
C GLY A 215 -2.99 -35.61 26.15
N HIS A 216 -4.31 -35.62 25.89
CA HIS A 216 -5.28 -36.51 26.55
C HIS A 216 -6.34 -36.90 25.51
N LYS A 217 -7.36 -37.67 25.94
CA LYS A 217 -8.51 -38.05 25.07
C LYS A 217 -9.79 -37.34 25.56
N ALA A 218 -10.80 -37.30 24.66
CA ALA A 218 -12.02 -36.48 24.78
C ALA A 218 -13.10 -37.09 25.71
N GLY A 219 -12.67 -37.74 26.78
CA GLY A 219 -13.58 -38.29 27.79
C GLY A 219 -12.94 -38.33 29.15
N GLU A 220 -12.31 -37.20 29.55
CA GLU A 220 -11.51 -37.16 30.78
C GLU A 220 -11.84 -35.96 31.69
N GLU A 221 -11.49 -36.19 32.96
CA GLU A 221 -11.48 -35.21 34.05
C GLU A 221 -10.08 -35.21 34.64
N PHE A 222 -9.41 -34.06 34.60
CA PHE A 222 -8.03 -33.89 35.12
C PHE A 222 -7.77 -32.44 35.46
N THR A 223 -6.85 -32.23 36.39
CA THR A 223 -6.50 -30.89 36.90
C THR A 223 -5.03 -30.62 36.58
N ILE A 224 -4.74 -29.47 35.98
CA ILE A 224 -3.40 -29.15 35.45
C ILE A 224 -2.74 -28.01 36.23
N ASP A 225 -1.41 -28.04 36.21
CA ASP A 225 -0.56 -27.03 36.85
C ASP A 225 -0.19 -25.95 35.84
N VAL A 226 -0.91 -24.83 35.89
CA VAL A 226 -0.61 -23.65 35.08
C VAL A 226 -0.18 -22.50 35.98
N THR A 227 0.05 -21.35 35.36
CA THR A 227 0.37 -20.10 36.02
C THR A 227 -0.37 -18.98 35.30
N PHE A 228 -1.06 -18.13 36.09
CA PHE A 228 -1.91 -17.03 35.59
C PHE A 228 -1.13 -16.01 34.72
N PRO A 229 -1.87 -15.17 33.91
CA PRO A 229 -1.26 -14.06 33.15
C PRO A 229 -1.14 -12.80 34.04
N GLU A 230 -0.29 -11.86 33.61
CA GLU A 230 -0.18 -10.53 34.27
C GLU A 230 -1.32 -9.60 33.82
N GLU A 231 -2.16 -10.07 32.88
CA GLU A 231 -3.38 -9.37 32.45
C GLU A 231 -4.61 -9.86 33.25
N TYR A 232 -4.38 -10.83 34.17
CA TYR A 232 -5.41 -11.31 35.13
C TYR A 232 -5.90 -10.15 36.03
N HIS A 233 -7.22 -10.15 36.37
CA HIS A 233 -7.85 -9.04 37.12
C HIS A 233 -7.24 -8.91 38.52
N ALA A 234 -7.22 -10.04 39.24
CA ALA A 234 -6.63 -10.10 40.58
C ALA A 234 -5.10 -10.02 40.48
N GLU A 235 -4.52 -8.99 41.12
CA GLU A 235 -3.09 -8.72 41.08
C GLU A 235 -2.30 -9.68 41.98
N ASN A 236 -2.92 -10.04 43.13
CA ASN A 236 -2.39 -11.06 44.06
C ASN A 236 -2.31 -12.44 43.35
N LEU A 237 -3.13 -12.59 42.30
CA LEU A 237 -3.22 -13.83 41.52
C LEU A 237 -2.57 -13.72 40.13
N LYS A 238 -2.21 -12.51 39.65
CA LYS A 238 -1.61 -12.40 38.31
C LYS A 238 -0.17 -12.95 38.33
N GLY A 239 0.06 -14.02 37.55
CA GLY A 239 1.31 -14.77 37.56
C GLY A 239 1.43 -15.73 38.75
N LYS A 240 0.27 -16.20 39.26
CA LYS A 240 0.18 -17.14 40.40
C LYS A 240 -0.15 -18.55 39.86
N ALA A 241 0.49 -19.59 40.42
CA ALA A 241 0.30 -20.98 39.99
C ALA A 241 -1.13 -21.47 40.30
N ALA A 242 -1.91 -21.69 39.24
CA ALA A 242 -3.33 -22.02 39.33
C ALA A 242 -3.60 -23.50 38.99
N LYS A 243 -4.75 -23.98 39.44
CA LYS A 243 -5.25 -25.33 39.14
C LYS A 243 -6.53 -25.19 38.31
N PHE A 244 -6.71 -26.04 37.28
CA PHE A 244 -7.95 -26.04 36.47
C PHE A 244 -8.36 -27.48 36.18
N ALA A 245 -9.51 -27.88 36.74
CA ALA A 245 -10.08 -29.21 36.54
C ALA A 245 -10.75 -29.28 35.17
N ILE A 246 -9.90 -29.48 34.17
CA ILE A 246 -10.27 -29.56 32.76
C ILE A 246 -11.10 -30.83 32.49
N ASN A 247 -12.42 -30.63 32.31
CA ASN A 247 -13.31 -31.71 31.84
C ASN A 247 -13.33 -31.67 30.32
N LEU A 248 -12.30 -32.29 29.73
CA LEU A 248 -12.16 -32.45 28.30
C LEU A 248 -13.30 -33.33 27.75
N LYS A 249 -14.37 -32.67 27.24
CA LYS A 249 -15.61 -33.33 26.84
C LYS A 249 -15.56 -33.78 25.37
N LYS A 250 -15.03 -32.90 24.51
CA LYS A 250 -14.94 -33.15 23.05
C LYS A 250 -13.58 -32.67 22.53
N VAL A 251 -13.14 -33.30 21.44
CA VAL A 251 -12.05 -32.81 20.60
C VAL A 251 -12.56 -32.75 19.16
N GLU A 252 -12.14 -31.73 18.41
CA GLU A 252 -12.54 -31.55 17.00
C GLU A 252 -11.32 -31.65 16.07
N GLU A 253 -11.49 -32.42 15.00
CA GLU A 253 -10.53 -32.57 13.91
C GLU A 253 -10.85 -31.54 12.79
N ARG A 254 -9.89 -31.33 11.88
CA ARG A 254 -10.10 -30.48 10.69
C ARG A 254 -10.24 -31.38 9.46
N GLU A 255 -10.86 -30.83 8.43
CA GLU A 255 -11.07 -31.50 7.13
C GLU A 255 -10.26 -30.80 6.04
N LEU A 256 -10.03 -31.51 4.92
CA LEU A 256 -9.28 -30.96 3.76
C LEU A 256 -10.22 -30.93 2.54
N PRO A 257 -11.13 -29.91 2.44
CA PRO A 257 -12.06 -29.79 1.31
C PRO A 257 -11.50 -28.89 0.19
N GLU A 258 -12.33 -28.71 -0.85
CA GLU A 258 -12.13 -27.69 -1.90
C GLU A 258 -10.85 -27.96 -2.71
N LEU A 259 -10.88 -29.09 -3.44
CA LEU A 259 -9.87 -29.45 -4.45
C LEU A 259 -10.58 -30.04 -5.70
N THR A 260 -11.92 -29.87 -5.75
CA THR A 260 -12.72 -30.16 -6.96
C THR A 260 -12.38 -29.11 -8.05
N ALA A 261 -12.22 -29.59 -9.29
CA ALA A 261 -11.84 -28.77 -10.46
C ALA A 261 -12.74 -27.54 -10.63
N GLU A 262 -14.03 -27.74 -10.35
CA GLU A 262 -15.08 -26.70 -10.41
C GLU A 262 -14.80 -25.53 -9.44
N PHE A 263 -14.21 -25.86 -8.27
CA PHE A 263 -13.79 -24.86 -7.28
C PHE A 263 -12.49 -24.18 -7.74
N ILE A 264 -11.54 -25.00 -8.18
CA ILE A 264 -10.19 -24.56 -8.56
C ILE A 264 -10.23 -23.47 -9.67
N LYS A 265 -11.08 -23.70 -10.68
CA LYS A 265 -11.20 -22.79 -11.84
C LYS A 265 -12.01 -21.50 -11.51
N ARG A 266 -12.56 -21.41 -10.26
CA ARG A 266 -13.28 -20.21 -9.77
C ARG A 266 -12.32 -18.99 -9.76
N PHE A 267 -11.04 -19.28 -9.45
CA PHE A 267 -9.96 -18.27 -9.38
C PHE A 267 -9.43 -17.89 -10.78
N GLY A 268 -9.94 -18.59 -11.82
CA GLY A 268 -9.47 -18.36 -13.18
C GLY A 268 -8.25 -19.18 -13.54
N VAL A 269 -8.12 -20.35 -12.88
CA VAL A 269 -7.06 -21.33 -13.17
C VAL A 269 -7.36 -22.01 -14.53
N GLU A 270 -6.42 -21.85 -15.50
CA GLU A 270 -6.52 -22.27 -16.93
C GLU A 270 -7.40 -23.51 -17.21
N ASP A 271 -6.90 -24.72 -16.91
CA ASP A 271 -7.63 -25.98 -17.14
C ASP A 271 -8.17 -26.52 -15.80
N GLY A 272 -8.46 -25.57 -14.90
CA GLY A 272 -8.53 -25.71 -13.44
C GLY A 272 -8.84 -27.08 -12.82
N SER A 273 -8.05 -28.12 -13.15
CA SER A 273 -8.10 -29.43 -12.45
C SER A 273 -7.16 -29.39 -11.23
N VAL A 274 -6.96 -30.53 -10.55
CA VAL A 274 -6.03 -30.63 -9.41
C VAL A 274 -4.59 -30.44 -9.92
N GLU A 275 -4.19 -31.29 -10.88
CA GLU A 275 -2.89 -31.18 -11.57
C GLU A 275 -2.80 -29.86 -12.36
N GLY A 276 -3.98 -29.32 -12.75
CA GLY A 276 -4.08 -27.99 -13.37
C GLY A 276 -3.77 -26.88 -12.39
N LEU A 277 -4.10 -27.10 -11.09
CA LEU A 277 -3.84 -26.12 -10.02
C LEU A 277 -2.37 -26.21 -9.63
N ARG A 278 -1.81 -27.43 -9.70
CA ARG A 278 -0.37 -27.67 -9.50
C ARG A 278 0.44 -26.97 -10.60
N ALA A 279 -0.03 -27.08 -11.85
CA ALA A 279 0.63 -26.46 -13.02
C ALA A 279 0.57 -24.93 -12.93
N GLU A 280 -0.63 -24.44 -12.57
CA GLU A 280 -0.90 -22.99 -12.44
C GLU A 280 -0.02 -22.37 -11.36
N VAL A 281 -0.16 -22.87 -10.13
CA VAL A 281 0.58 -22.37 -8.98
C VAL A 281 2.10 -22.64 -9.15
N ARG A 282 2.48 -23.63 -10.00
CA ARG A 282 3.90 -23.84 -10.39
C ARG A 282 4.46 -22.61 -11.14
N LYS A 283 3.89 -22.33 -12.34
CA LYS A 283 4.32 -21.18 -13.19
C LYS A 283 4.13 -19.83 -12.47
N ASN A 284 3.10 -19.74 -11.60
CA ASN A 284 2.78 -18.51 -10.85
C ASN A 284 3.67 -18.33 -9.61
N MET A 285 4.19 -19.43 -9.04
CA MET A 285 5.21 -19.36 -7.98
C MET A 285 6.50 -18.81 -8.56
N GLU A 286 6.93 -19.38 -9.70
CA GLU A 286 8.15 -18.94 -10.44
C GLU A 286 8.05 -17.45 -10.86
N ARG A 287 6.84 -17.08 -11.32
CA ARG A 287 6.46 -15.68 -11.66
C ARG A 287 6.70 -14.77 -10.46
N GLU A 288 6.03 -15.11 -9.34
CA GLU A 288 6.00 -14.32 -8.12
C GLU A 288 7.36 -14.38 -7.39
N LEU A 289 8.15 -15.43 -7.72
CA LEU A 289 9.46 -15.68 -7.10
C LEU A 289 10.52 -14.77 -7.71
N LYS A 290 10.49 -14.64 -9.05
CA LYS A 290 11.39 -13.75 -9.78
C LYS A 290 11.14 -12.28 -9.34
N SER A 291 9.85 -11.96 -9.14
CA SER A 291 9.40 -10.66 -8.61
C SER A 291 9.81 -10.51 -7.12
N ALA A 292 9.74 -11.62 -6.35
CA ALA A 292 10.11 -11.65 -4.92
C ALA A 292 11.59 -11.32 -4.73
N ILE A 293 12.46 -12.05 -5.45
CA ILE A 293 13.92 -11.87 -5.40
C ILE A 293 14.32 -10.50 -5.99
N ARG A 294 13.60 -10.03 -7.02
CA ARG A 294 13.86 -8.70 -7.61
C ARG A 294 13.64 -7.59 -6.57
N ASN A 295 12.46 -7.63 -5.92
CA ASN A 295 12.07 -6.66 -4.88
C ASN A 295 12.90 -6.84 -3.61
N ARG A 296 13.35 -8.07 -3.36
CA ARG A 296 14.17 -8.43 -2.19
C ARG A 296 15.54 -7.75 -2.30
N VAL A 297 16.25 -8.07 -3.38
CA VAL A 297 17.59 -7.54 -3.66
C VAL A 297 17.55 -6.00 -3.79
N LYS A 298 16.48 -5.48 -4.45
CA LYS A 298 16.28 -4.03 -4.65
C LYS A 298 16.08 -3.32 -3.29
N SER A 299 15.19 -3.87 -2.44
CA SER A 299 14.84 -3.25 -1.13
C SER A 299 16.01 -3.31 -0.13
N GLN A 300 16.79 -4.40 -0.18
CA GLN A 300 17.99 -4.55 0.67
C GLN A 300 19.11 -3.61 0.21
N ALA A 301 19.18 -3.39 -1.13
CA ALA A 301 20.08 -2.38 -1.72
C ALA A 301 19.74 -0.99 -1.21
N ILE A 302 18.43 -0.67 -1.18
CA ILE A 302 17.92 0.62 -0.68
C ILE A 302 18.23 0.81 0.82
N GLU A 303 17.95 -0.25 1.60
CA GLU A 303 18.21 -0.30 3.06
C GLU A 303 19.69 0.04 3.36
N GLY A 304 20.58 -0.74 2.74
CA GLY A 304 22.01 -0.60 2.90
C GLY A 304 22.55 0.70 2.35
N LEU A 305 21.95 1.19 1.24
CA LEU A 305 22.37 2.44 0.58
C LEU A 305 22.19 3.63 1.52
N VAL A 306 20.96 3.76 2.08
CA VAL A 306 20.65 4.82 3.05
C VAL A 306 21.62 4.72 4.25
N LYS A 307 21.73 3.50 4.80
CA LYS A 307 22.56 3.19 5.99
C LYS A 307 24.07 3.48 5.74
N ALA A 308 24.50 3.30 4.48
CA ALA A 308 25.92 3.46 4.07
C ALA A 308 26.30 4.92 3.86
N ASN A 309 25.33 5.86 3.85
CA ASN A 309 25.60 7.27 3.52
C ASN A 309 25.08 8.23 4.60
N ASP A 310 25.80 9.34 4.80
CA ASP A 310 25.40 10.45 5.68
C ASP A 310 25.01 11.64 4.80
N ILE A 311 23.78 12.14 4.97
CA ILE A 311 23.23 13.27 4.17
C ILE A 311 21.99 13.86 4.88
N ASP A 312 21.81 15.19 4.74
CA ASP A 312 20.60 15.89 5.19
C ASP A 312 19.77 16.31 3.96
N VAL A 313 18.45 16.28 4.09
CA VAL A 313 17.50 16.64 3.03
C VAL A 313 16.92 18.05 3.29
N PRO A 314 16.88 18.96 2.26
CA PRO A 314 16.15 20.26 2.38
C PRO A 314 14.65 20.02 2.67
N ALA A 315 14.09 20.86 3.57
CA ALA A 315 12.72 20.74 4.11
C ALA A 315 11.65 20.59 3.01
N ALA A 316 11.89 21.25 1.86
CA ALA A 316 10.99 21.26 0.69
C ALA A 316 10.57 19.85 0.26
N LEU A 317 11.58 19.00 0.02
CA LEU A 317 11.40 17.63 -0.47
C LEU A 317 10.64 16.77 0.55
N ILE A 318 10.93 17.03 1.85
CA ILE A 318 10.33 16.32 2.98
C ILE A 318 8.81 16.63 3.02
N ASP A 319 8.46 17.93 3.10
CA ASP A 319 7.04 18.40 3.16
C ASP A 319 6.23 17.97 1.93
N SER A 320 6.90 17.97 0.75
CA SER A 320 6.33 17.46 -0.50
C SER A 320 5.97 15.97 -0.35
N GLU A 321 6.93 15.18 0.17
CA GLU A 321 6.71 13.75 0.49
C GLU A 321 5.58 13.56 1.50
N ILE A 322 5.54 14.40 2.56
CA ILE A 322 4.49 14.35 3.59
C ILE A 322 3.11 14.43 2.91
N ASP A 323 2.91 15.48 2.08
CA ASP A 323 1.63 15.71 1.39
C ASP A 323 1.22 14.52 0.53
N VAL A 324 2.16 14.02 -0.29
CA VAL A 324 1.94 12.86 -1.17
C VAL A 324 1.47 11.63 -0.35
N LEU A 325 2.17 11.37 0.75
CA LEU A 325 1.92 10.19 1.61
C LEU A 325 0.68 10.37 2.49
N ARG A 326 0.24 11.62 2.71
CA ARG A 326 -1.02 11.94 3.40
C ARG A 326 -2.20 11.53 2.51
N ARG A 327 -2.17 12.01 1.25
CA ARG A 327 -3.22 11.69 0.24
C ARG A 327 -3.28 10.17 0.01
N GLN A 328 -2.08 9.57 -0.12
CA GLN A 328 -1.89 8.13 -0.37
C GLN A 328 -2.39 7.27 0.82
N ALA A 329 -2.08 7.74 2.04
CA ALA A 329 -2.51 7.05 3.28
C ALA A 329 -4.02 7.02 3.37
N ALA A 330 -4.64 8.21 3.22
CA ALA A 330 -6.10 8.39 3.25
C ALA A 330 -6.80 7.47 2.23
N GLN A 331 -6.23 7.40 1.02
CA GLN A 331 -6.71 6.52 -0.07
C GLN A 331 -6.70 5.05 0.38
N ARG A 332 -5.65 4.64 1.14
CA ARG A 332 -5.50 3.24 1.62
C ARG A 332 -6.42 3.00 2.84
N PHE A 333 -6.67 4.08 3.61
CA PHE A 333 -7.43 4.05 4.88
C PHE A 333 -8.95 4.21 4.59
N GLY A 334 -9.41 3.48 3.55
CA GLY A 334 -10.82 3.45 3.14
C GLY A 334 -11.33 4.78 2.54
N GLY A 335 -10.41 5.70 2.18
CA GLY A 335 -10.80 7.01 1.63
C GLY A 335 -11.12 8.02 2.72
N ASN A 336 -10.17 8.16 3.68
CA ASN A 336 -10.25 9.15 4.78
C ASN A 336 -10.39 10.58 4.20
N GLU A 337 -11.62 11.12 4.31
CA GLU A 337 -12.14 12.21 3.46
C GLU A 337 -11.45 13.56 3.73
N LYS A 338 -10.32 13.78 3.02
CA LYS A 338 -9.49 15.02 3.07
C LYS A 338 -8.95 15.35 4.48
N GLN A 339 -9.05 14.36 5.40
CA GLN A 339 -8.42 14.41 6.72
C GLN A 339 -6.93 14.03 6.59
N ALA A 340 -6.57 13.62 5.34
CA ALA A 340 -5.19 13.50 4.87
C ALA A 340 -4.40 14.78 5.19
N LEU A 341 -4.95 15.93 4.75
CA LEU A 341 -4.27 17.24 4.85
C LEU A 341 -4.13 17.70 6.32
N GLU A 342 -4.91 17.07 7.22
CA GLU A 342 -4.88 17.35 8.66
C GLU A 342 -3.66 16.64 9.34
N LEU A 343 -3.16 15.56 8.71
CA LEU A 343 -1.99 14.79 9.24
C LEU A 343 -0.74 15.71 9.26
N PRO A 344 -0.02 15.82 10.44
CA PRO A 344 1.15 16.71 10.59
C PRO A 344 2.40 16.19 9.85
N ARG A 345 3.41 17.08 9.74
CA ARG A 345 4.71 16.75 9.09
C ARG A 345 5.34 15.52 9.75
N GLU A 346 5.41 15.58 11.09
CA GLU A 346 5.98 14.52 11.95
C GLU A 346 5.32 13.14 11.73
N LEU A 347 4.11 13.12 11.12
CA LEU A 347 3.35 11.88 10.91
C LEU A 347 4.13 10.96 9.94
N PHE A 348 4.78 11.57 8.92
CA PHE A 348 5.45 10.81 7.84
C PHE A 348 6.96 11.13 7.77
N GLU A 349 7.38 12.28 8.38
CA GLU A 349 8.73 12.87 8.22
C GLU A 349 9.88 11.84 8.35
N GLU A 350 9.74 10.94 9.35
CA GLU A 350 10.71 9.88 9.66
C GLU A 350 11.06 9.02 8.42
N GLN A 351 10.02 8.38 7.83
CA GLN A 351 10.19 7.50 6.66
C GLN A 351 10.28 8.30 5.35
N ALA A 352 9.63 9.47 5.30
CA ALA A 352 9.49 10.30 4.07
C ALA A 352 10.83 10.91 3.66
N LYS A 353 11.51 11.53 4.64
CA LYS A 353 12.85 12.10 4.45
C LYS A 353 13.86 11.00 4.04
N ARG A 354 13.66 9.79 4.59
CA ARG A 354 14.48 8.61 4.28
C ARG A 354 14.29 8.18 2.80
N ARG A 355 13.03 8.27 2.31
CA ARG A 355 12.69 8.03 0.89
C ARG A 355 13.45 8.99 -0.01
N VAL A 356 13.46 10.28 0.41
CA VAL A 356 14.18 11.32 -0.33
C VAL A 356 15.69 10.99 -0.40
N VAL A 357 16.26 10.55 0.77
CA VAL A 357 17.67 10.09 0.87
C VAL A 357 17.96 9.01 -0.21
N VAL A 358 17.03 8.03 -0.36
CA VAL A 358 17.10 6.97 -1.42
C VAL A 358 17.32 7.59 -2.82
N GLY A 359 16.41 8.50 -3.20
CA GLY A 359 16.38 9.09 -4.55
C GLY A 359 17.50 10.08 -4.82
N LEU A 360 18.01 10.73 -3.75
CA LEU A 360 19.13 11.67 -3.84
C LEU A 360 20.43 10.89 -4.11
N LEU A 361 20.64 9.80 -3.34
CA LEU A 361 21.82 8.93 -3.46
C LEU A 361 21.86 8.23 -4.84
N LEU A 362 20.70 7.68 -5.26
CA LEU A 362 20.55 7.01 -6.57
C LEU A 362 20.67 8.02 -7.73
N GLY A 363 20.11 9.22 -7.54
CA GLY A 363 20.28 10.32 -8.51
C GLY A 363 21.74 10.76 -8.62
N GLU A 364 22.45 10.68 -7.49
CA GLU A 364 23.89 10.96 -7.42
C GLU A 364 24.70 9.83 -8.09
N VAL A 365 24.18 8.58 -8.09
CA VAL A 365 24.79 7.48 -8.89
C VAL A 365 24.76 7.86 -10.38
N ILE A 366 23.60 8.40 -10.84
CA ILE A 366 23.44 8.90 -12.23
C ILE A 366 24.44 10.04 -12.49
N ARG A 367 24.64 10.95 -11.51
CA ARG A 367 25.57 12.10 -11.69
C ARG A 367 27.06 11.65 -11.58
N THR A 368 27.51 11.26 -10.37
CA THR A 368 28.90 10.78 -10.08
C THR A 368 29.39 9.71 -11.09
N ASN A 369 28.57 8.65 -11.32
CA ASN A 369 28.97 7.51 -12.18
C ASN A 369 28.51 7.74 -13.65
N GLU A 370 28.01 8.98 -13.96
CA GLU A 370 27.46 9.38 -15.30
C GLU A 370 26.63 8.25 -15.96
N LEU A 371 25.66 7.74 -15.19
CA LEU A 371 24.89 6.54 -15.53
C LEU A 371 23.66 6.91 -16.38
N LYS A 372 23.45 6.15 -17.47
CA LYS A 372 22.34 6.35 -18.42
C LYS A 372 21.45 5.10 -18.45
N ALA A 373 20.22 5.28 -18.97
CA ALA A 373 19.28 4.17 -19.23
C ALA A 373 19.76 3.35 -20.44
N ASP A 374 19.59 2.02 -20.43
CA ASP A 374 20.20 1.13 -21.43
C ASP A 374 19.14 0.40 -22.27
N GLU A 375 19.17 0.66 -23.60
CA GLU A 375 18.21 0.09 -24.60
C GLU A 375 18.10 -1.43 -24.54
N GLU A 376 19.23 -2.08 -24.32
CA GLU A 376 19.33 -3.55 -24.29
C GLU A 376 18.79 -4.10 -22.96
N ARG A 377 18.81 -3.26 -21.92
CA ARG A 377 18.27 -3.61 -20.59
C ARG A 377 16.74 -3.37 -20.57
N VAL A 378 16.29 -2.41 -21.40
CA VAL A 378 14.86 -2.16 -21.66
C VAL A 378 14.27 -3.36 -22.43
N LYS A 379 14.97 -3.78 -23.50
CA LYS A 379 14.68 -5.04 -24.24
C LYS A 379 14.58 -6.22 -23.27
N GLY A 380 15.63 -6.38 -22.44
CA GLY A 380 15.70 -7.45 -21.45
C GLY A 380 14.57 -7.45 -20.43
N LEU A 381 14.27 -6.27 -19.85
CA LEU A 381 13.25 -6.13 -18.79
C LEU A 381 11.85 -6.47 -19.38
N ILE A 382 11.51 -5.81 -20.51
CA ILE A 382 10.22 -6.00 -21.20
C ILE A 382 9.97 -7.48 -21.52
N GLU A 383 10.94 -8.11 -22.20
CA GLU A 383 10.80 -9.50 -22.69
C GLU A 383 10.79 -10.51 -21.54
N GLU A 384 11.80 -10.46 -20.66
CA GLU A 384 11.95 -11.43 -19.55
C GLU A 384 10.79 -11.34 -18.53
N MET A 385 10.24 -10.13 -18.33
CA MET A 385 9.05 -9.92 -17.47
C MET A 385 7.77 -10.42 -18.16
N ALA A 386 7.44 -9.80 -19.31
CA ALA A 386 6.13 -9.98 -19.99
C ALA A 386 5.93 -11.40 -20.57
N SER A 387 7.02 -12.00 -21.10
CA SER A 387 6.96 -13.37 -21.70
C SER A 387 6.60 -14.43 -20.65
N ALA A 388 6.93 -14.14 -19.38
CA ALA A 388 6.60 -15.02 -18.25
C ALA A 388 5.07 -15.03 -17.96
N TYR A 389 4.36 -13.97 -18.44
CA TYR A 389 2.90 -13.82 -18.25
C TYR A 389 2.09 -14.59 -19.31
N GLU A 390 0.76 -14.48 -19.16
CA GLU A 390 -0.26 -15.17 -19.97
C GLU A 390 -0.13 -14.79 -21.45
N ASP A 391 0.02 -13.48 -21.68
CA ASP A 391 0.21 -12.92 -23.02
C ASP A 391 1.14 -11.70 -22.93
N PRO A 392 2.41 -11.82 -23.42
CA PRO A 392 3.34 -10.67 -23.52
C PRO A 392 2.87 -9.63 -24.56
N LYS A 393 2.18 -10.12 -25.60
CA LYS A 393 1.91 -9.35 -26.82
C LYS A 393 1.08 -8.08 -26.53
N GLU A 394 0.14 -8.16 -25.59
CA GLU A 394 -0.70 -7.02 -25.16
C GLU A 394 0.15 -5.96 -24.41
N VAL A 395 1.21 -6.44 -23.72
CA VAL A 395 2.12 -5.58 -22.94
C VAL A 395 3.00 -4.79 -23.92
N ILE A 396 3.54 -5.53 -24.92
CA ILE A 396 4.31 -4.96 -26.05
C ILE A 396 3.45 -3.92 -26.82
N GLU A 397 2.16 -4.25 -27.03
CA GLU A 397 1.17 -3.33 -27.64
C GLU A 397 0.97 -2.09 -26.78
N PHE A 398 0.96 -2.29 -25.45
CA PHE A 398 0.79 -1.18 -24.49
C PHE A 398 1.96 -0.18 -24.60
N TYR A 399 3.20 -0.68 -24.76
CA TYR A 399 4.39 0.19 -25.03
C TYR A 399 4.23 0.93 -26.37
N SER A 400 4.07 0.14 -27.44
CA SER A 400 4.13 0.63 -28.84
C SER A 400 2.98 1.61 -29.20
N LYS A 401 1.86 1.52 -28.46
CA LYS A 401 0.67 2.36 -28.69
C LYS A 401 0.50 3.45 -27.60
N ASN A 402 1.41 3.48 -26.60
CA ASN A 402 1.32 4.44 -25.48
C ASN A 402 2.72 4.76 -24.93
N LYS A 403 3.05 6.05 -24.87
CA LYS A 403 4.37 6.51 -24.45
C LYS A 403 4.56 6.43 -22.92
N GLU A 404 3.46 6.23 -22.16
CA GLU A 404 3.50 6.24 -20.68
C GLU A 404 4.48 5.20 -20.09
N LEU A 405 4.14 3.90 -20.21
CA LEU A 405 4.97 2.80 -19.66
C LEU A 405 6.24 2.60 -20.51
N MET A 406 6.21 3.04 -21.78
CA MET A 406 7.42 2.99 -22.65
C MET A 406 8.52 3.91 -22.10
N ASP A 407 8.12 5.15 -21.75
CA ASP A 407 8.96 6.13 -21.05
C ASP A 407 9.39 5.57 -19.67
N ASN A 408 8.37 5.12 -18.91
CA ASN A 408 8.52 4.60 -17.54
C ASN A 408 9.47 3.38 -17.50
N MET A 409 9.55 2.63 -18.61
CA MET A 409 10.45 1.47 -18.75
C MET A 409 11.91 1.92 -18.90
N ARG A 410 12.13 3.02 -19.64
CA ARG A 410 13.47 3.64 -19.78
C ARG A 410 13.95 4.15 -18.41
N ASN A 411 12.99 4.76 -17.69
CA ASN A 411 13.25 5.47 -16.44
C ASN A 411 13.51 4.50 -15.28
N VAL A 412 12.73 3.40 -15.22
CA VAL A 412 12.96 2.35 -14.20
C VAL A 412 14.22 1.57 -14.56
N ALA A 413 14.53 1.47 -15.89
CA ALA A 413 15.81 0.92 -16.36
C ALA A 413 16.95 1.71 -15.71
N LEU A 414 16.88 3.05 -15.87
CA LEU A 414 17.83 4.00 -15.25
C LEU A 414 17.93 3.79 -13.71
N GLU A 415 16.77 3.72 -13.04
CA GLU A 415 16.66 3.64 -11.56
C GLU A 415 17.35 2.37 -11.00
N GLU A 416 16.81 1.19 -11.37
CA GLU A 416 17.32 -0.09 -10.82
C GLU A 416 18.56 -0.61 -11.57
N GLN A 417 19.00 0.08 -12.64
CA GLN A 417 20.37 -0.12 -13.19
C GLN A 417 21.38 0.64 -12.34
N ALA A 418 20.96 1.82 -11.85
CA ALA A 418 21.73 2.57 -10.84
C ALA A 418 21.88 1.74 -9.57
N VAL A 419 20.76 1.12 -9.14
CA VAL A 419 20.77 0.13 -8.04
C VAL A 419 21.77 -1.01 -8.35
N GLU A 420 21.61 -1.67 -9.52
CA GLU A 420 22.49 -2.81 -9.94
C GLU A 420 23.97 -2.40 -10.09
N ALA A 421 24.22 -1.11 -10.38
CA ALA A 421 25.58 -0.55 -10.46
C ALA A 421 26.17 -0.34 -9.06
N VAL A 422 25.28 -0.09 -8.07
CA VAL A 422 25.64 0.00 -6.65
C VAL A 422 25.88 -1.41 -6.11
N LEU A 423 25.11 -2.39 -6.66
CA LEU A 423 25.22 -3.83 -6.31
C LEU A 423 26.52 -4.43 -6.84
N ALA A 424 26.95 -3.97 -8.04
CA ALA A 424 28.24 -4.37 -8.65
C ALA A 424 29.44 -3.95 -7.79
N LYS A 425 29.23 -2.90 -6.96
CA LYS A 425 30.23 -2.39 -6.01
C LYS A 425 29.99 -2.98 -4.61
N ALA A 426 28.73 -3.31 -4.32
CA ALA A 426 28.28 -3.80 -3.00
C ALA A 426 28.48 -5.32 -2.88
N LYS A 427 28.33 -5.81 -1.64
CA LYS A 427 28.46 -7.23 -1.32
C LYS A 427 27.10 -7.94 -1.50
N VAL A 428 26.82 -8.37 -2.73
CA VAL A 428 25.64 -9.17 -3.03
C VAL A 428 25.94 -10.65 -2.70
N THR A 429 25.70 -10.99 -1.42
CA THR A 429 25.89 -12.35 -0.90
C THR A 429 24.79 -13.29 -1.44
N GLU A 430 25.05 -13.86 -2.62
CA GLU A 430 24.17 -14.85 -3.25
C GLU A 430 24.32 -16.20 -2.54
N LYS A 431 23.19 -16.79 -2.09
CA LYS A 431 23.18 -18.14 -1.52
C LYS A 431 21.95 -18.90 -2.01
N GLU A 432 22.13 -20.21 -2.25
CA GLU A 432 21.03 -21.11 -2.63
C GLU A 432 20.22 -21.48 -1.38
N THR A 433 18.91 -21.69 -1.55
CA THR A 433 17.98 -21.90 -0.43
C THR A 433 16.64 -22.49 -0.93
N THR A 434 15.80 -22.91 0.02
CA THR A 434 14.49 -23.51 -0.26
C THR A 434 13.37 -22.44 -0.27
N PHE A 435 12.13 -22.95 -0.38
CA PHE A 435 10.92 -22.16 -0.68
C PHE A 435 10.65 -21.01 0.33
N ASN A 436 10.30 -21.37 1.58
CA ASN A 436 9.79 -20.41 2.61
C ASN A 436 10.87 -19.52 3.25
N GLU A 437 12.12 -19.52 2.70
CA GLU A 437 13.21 -18.64 3.18
C GLU A 437 12.75 -17.16 3.33
N LEU A 438 12.31 -16.57 2.22
CA LEU A 438 11.78 -15.18 2.18
C LEU A 438 10.36 -15.16 2.75
N MET A 439 9.64 -16.23 2.45
CA MET A 439 8.18 -16.34 2.61
C MET A 439 7.83 -17.08 3.91
N ASN A 440 8.68 -16.87 4.93
CA ASN A 440 8.41 -17.24 6.33
C ASN A 440 7.57 -16.14 7.01
N GLN A 441 7.43 -14.99 6.31
CA GLN A 441 6.71 -13.81 6.79
C GLN A 441 5.18 -13.99 6.60
N GLN A 442 4.52 -14.63 7.59
CA GLN A 442 3.06 -14.74 7.62
C GLN A 442 2.49 -13.51 8.36
N ALA A 443 2.67 -13.48 9.70
CA ALA A 443 2.22 -12.38 10.58
C ALA A 443 2.77 -12.61 12.01
N MET B 2 -14.10 -12.45 59.36
CA MET B 2 -13.36 -11.94 58.17
C MET B 2 -12.39 -13.02 57.63
N LYS B 3 -12.38 -13.22 56.30
CA LYS B 3 -11.46 -14.19 55.63
C LYS B 3 -11.13 -13.70 54.20
N GLN B 4 -10.63 -14.63 53.33
CA GLN B 4 -10.16 -14.29 51.96
C GLN B 4 -11.30 -13.81 51.05
N SER B 5 -11.59 -12.50 51.08
CA SER B 5 -12.52 -11.86 50.14
C SER B 5 -11.72 -11.34 48.95
N THR B 6 -11.38 -12.27 48.05
CA THR B 6 -10.54 -12.01 46.89
C THR B 6 -11.24 -12.50 45.62
N ILE B 7 -11.50 -11.57 44.68
CA ILE B 7 -11.97 -11.92 43.32
C ILE B 7 -10.83 -12.49 42.48
N ALA B 8 -11.12 -12.65 41.19
CA ALA B 8 -10.12 -13.02 40.20
C ALA B 8 -10.43 -12.49 38.81
N LEU B 9 -11.63 -11.92 38.68
CA LEU B 9 -12.28 -11.70 37.38
C LEU B 9 -13.38 -10.62 37.51
N ALA B 10 -13.74 -10.01 36.36
CA ALA B 10 -14.72 -8.91 36.30
C ALA B 10 -15.18 -8.69 34.85
N LEU B 11 -14.27 -8.13 34.02
CA LEU B 11 -14.54 -7.84 32.59
C LEU B 11 -14.52 -9.14 31.76
N LEU B 12 -13.91 -10.19 32.33
CA LEU B 12 -13.88 -11.55 31.76
C LEU B 12 -14.59 -12.52 32.71
N PRO B 13 -15.30 -13.57 32.18
CA PRO B 13 -15.87 -14.67 33.01
C PRO B 13 -14.75 -15.49 33.68
N LEU B 14 -13.68 -15.74 32.90
CA LEU B 14 -12.40 -16.32 33.37
C LEU B 14 -11.50 -16.54 32.14
N LEU B 15 -12.12 -17.12 31.09
CA LEU B 15 -11.47 -17.38 29.80
C LEU B 15 -11.14 -16.08 29.04
N PHE B 16 -9.98 -16.06 28.36
CA PHE B 16 -9.48 -14.90 27.58
C PHE B 16 -9.60 -15.16 26.07
N THR B 17 -10.55 -16.05 25.69
CA THR B 17 -10.72 -16.51 24.29
C THR B 17 -12.09 -16.07 23.62
N PRO B 18 -12.85 -14.97 24.05
CA PRO B 18 -14.16 -14.65 23.43
C PRO B 18 -13.98 -13.93 22.06
N VAL B 19 -13.83 -14.75 21.02
CA VAL B 19 -13.87 -14.39 19.56
C VAL B 19 -13.09 -13.11 19.18
N THR B 20 -13.65 -11.94 19.53
CA THR B 20 -13.11 -10.61 19.18
C THR B 20 -11.79 -10.30 19.92
N LYS B 21 -11.64 -10.79 21.17
CA LYS B 21 -10.48 -10.47 22.04
C LYS B 21 -9.17 -10.98 21.43
N ALA B 22 -8.27 -10.02 21.09
CA ALA B 22 -6.93 -10.28 20.53
C ALA B 22 -7.04 -11.03 19.17
N ARG B 23 -8.10 -10.70 18.40
CA ARG B 23 -8.37 -11.31 17.08
C ARG B 23 -7.18 -11.06 16.12
N THR B 24 -6.97 -9.78 15.78
CA THR B 24 -5.81 -9.32 15.00
C THR B 24 -5.76 -7.76 15.03
N PRO B 25 -4.86 -7.15 15.86
CA PRO B 25 -4.62 -5.67 15.87
C PRO B 25 -3.72 -5.22 14.66
N GLU B 26 -4.01 -5.78 13.49
CA GLU B 26 -3.24 -5.61 12.26
C GLU B 26 -4.18 -5.84 11.04
N MET B 27 -5.15 -6.77 11.22
CA MET B 27 -6.15 -7.20 10.20
C MET B 27 -5.56 -7.38 8.77
N PRO B 28 -4.99 -8.60 8.45
CA PRO B 28 -4.30 -8.87 7.15
C PRO B 28 -5.18 -8.53 5.92
N VAL B 29 -4.85 -7.39 5.28
CA VAL B 29 -5.62 -6.72 4.19
C VAL B 29 -7.16 -6.68 4.45
N LEU B 30 -7.87 -7.79 4.21
CA LEU B 30 -9.32 -7.93 4.44
C LEU B 30 -9.56 -9.27 5.14
N GLU B 31 -10.24 -9.24 6.30
CA GLU B 31 -10.57 -10.44 7.07
C GLU B 31 -11.98 -10.31 7.69
N ASN B 32 -12.95 -10.99 7.06
CA ASN B 32 -14.34 -11.16 7.55
C ASN B 32 -15.09 -9.81 7.73
N ARG B 33 -14.78 -9.10 8.82
CA ARG B 33 -15.42 -7.82 9.16
C ARG B 33 -14.65 -6.65 8.51
N ALA B 34 -15.33 -5.89 7.64
CA ALA B 34 -14.81 -4.64 7.05
C ALA B 34 -14.93 -3.48 8.06
N ALA B 35 -15.97 -3.55 8.91
CA ALA B 35 -16.24 -2.62 10.03
C ALA B 35 -16.60 -1.19 9.51
N GLN B 36 -15.56 -0.42 9.14
CA GLN B 36 -15.64 0.98 8.64
C GLN B 36 -16.06 2.00 9.74
N GLY B 37 -17.25 1.81 10.33
CA GLY B 37 -17.76 2.69 11.38
C GLY B 37 -18.66 3.76 10.80
N ASP B 38 -19.79 3.31 10.23
CA ASP B 38 -20.77 4.16 9.54
C ASP B 38 -21.80 4.72 10.53
N ILE B 39 -21.61 6.01 10.87
CA ILE B 39 -22.61 6.81 11.62
C ILE B 39 -23.47 7.58 10.62
N THR B 40 -22.79 8.18 9.63
CA THR B 40 -23.42 8.86 8.50
C THR B 40 -22.47 8.80 7.29
N ALA B 41 -22.89 8.09 6.23
CA ALA B 41 -22.13 7.98 4.97
C ALA B 41 -22.01 9.36 4.27
N PRO B 42 -23.13 10.17 4.08
CA PRO B 42 -22.99 11.57 3.62
C PRO B 42 -22.35 12.46 4.73
N GLY B 43 -21.02 12.49 4.71
CA GLY B 43 -20.24 13.22 5.71
C GLY B 43 -18.75 13.25 5.37
N GLY B 44 -17.91 13.68 6.33
CA GLY B 44 -16.47 13.85 6.11
C GLY B 44 -16.14 15.22 5.53
N ALA B 45 -16.81 15.53 4.41
CA ALA B 45 -16.76 16.86 3.76
C ALA B 45 -17.98 17.03 2.84
N ARG B 46 -18.15 18.25 2.28
CA ARG B 46 -19.26 18.60 1.38
C ARG B 46 -19.17 17.77 0.09
N ARG B 47 -18.02 17.89 -0.61
CA ARG B 47 -17.65 17.03 -1.75
C ARG B 47 -18.60 17.25 -2.95
N LEU B 48 -19.76 16.55 -2.93
CA LEU B 48 -20.88 16.75 -3.87
C LEU B 48 -22.12 16.01 -3.31
N THR B 49 -23.26 16.16 -4.01
CA THR B 49 -24.52 15.46 -3.73
C THR B 49 -25.16 15.91 -2.38
N GLY B 50 -25.91 17.01 -2.46
CA GLY B 50 -26.73 17.51 -1.35
C GLY B 50 -28.18 17.59 -1.82
N ASP B 51 -28.99 16.57 -1.44
CA ASP B 51 -30.39 16.42 -1.90
C ASP B 51 -31.24 17.66 -1.60
N GLN B 52 -31.57 18.41 -2.67
CA GLN B 52 -32.36 19.66 -2.58
C GLN B 52 -33.86 19.36 -2.37
N THR B 53 -34.22 18.06 -2.50
CA THR B 53 -35.57 17.56 -2.22
C THR B 53 -35.94 17.76 -0.73
N ALA B 54 -34.90 17.82 0.14
CA ALA B 54 -35.05 18.06 1.59
C ALA B 54 -35.54 19.50 1.88
N ALA B 55 -35.33 20.41 0.91
CA ALA B 55 -35.86 21.78 0.94
C ALA B 55 -36.94 21.93 -0.14
N LEU B 56 -38.22 21.81 0.26
CA LEU B 56 -39.38 21.86 -0.66
C LEU B 56 -39.61 23.34 -1.10
N ARG B 57 -38.85 23.75 -2.13
CA ARG B 57 -38.88 25.13 -2.68
C ARG B 57 -39.27 25.11 -4.18
N ASP B 58 -39.19 23.90 -4.80
CA ASP B 58 -39.69 23.60 -6.16
C ASP B 58 -38.94 24.33 -7.29
N SER B 59 -37.85 25.04 -6.95
CA SER B 59 -36.99 25.75 -7.93
C SER B 59 -35.86 24.83 -8.43
N LEU B 60 -36.03 23.50 -8.23
CA LEU B 60 -35.13 22.46 -8.76
C LEU B 60 -35.97 21.58 -9.69
N SER B 61 -35.34 21.06 -10.78
CA SER B 61 -36.03 20.31 -11.86
C SER B 61 -37.20 21.15 -12.42
N ASP B 62 -36.89 22.45 -12.69
CA ASP B 62 -37.88 23.54 -12.98
C ASP B 62 -38.93 23.13 -14.02
N LYS B 63 -38.48 22.50 -15.10
CA LYS B 63 -39.35 21.92 -16.13
C LYS B 63 -39.40 20.39 -15.93
N PRO B 64 -40.62 19.78 -15.80
CA PRO B 64 -40.81 18.32 -15.49
C PRO B 64 -40.14 17.34 -16.50
N ALA B 65 -39.80 17.84 -17.71
CA ALA B 65 -39.12 17.01 -18.75
C ALA B 65 -37.67 16.68 -18.37
N LYS B 66 -37.13 17.36 -17.34
CA LYS B 66 -35.78 17.08 -16.80
C LYS B 66 -35.85 16.35 -15.46
N ASN B 67 -37.06 15.90 -15.07
CA ASN B 67 -37.25 15.01 -13.90
C ASN B 67 -37.12 13.55 -14.41
N ILE B 68 -37.46 12.55 -13.55
CA ILE B 68 -37.37 11.09 -13.84
C ILE B 68 -36.03 10.71 -14.54
N ILE B 69 -34.92 11.07 -13.86
CA ILE B 69 -33.55 10.99 -14.44
C ILE B 69 -32.91 9.60 -14.27
N LEU B 70 -33.74 8.61 -13.83
CA LEU B 70 -33.34 7.22 -13.52
C LEU B 70 -32.62 7.19 -12.15
N LEU B 71 -33.16 6.36 -11.23
CA LEU B 71 -32.62 6.06 -9.88
C LEU B 71 -32.97 7.17 -8.83
N ILE B 72 -32.68 8.45 -9.17
CA ILE B 72 -32.67 9.58 -8.20
C ILE B 72 -31.67 9.27 -7.07
N GLY B 73 -30.40 9.64 -7.30
CA GLY B 73 -29.32 9.40 -6.35
C GLY B 73 -27.95 9.58 -6.96
N ASP B 74 -26.92 9.07 -6.27
CA ASP B 74 -25.52 9.18 -6.69
C ASP B 74 -24.72 7.98 -6.18
N GLY B 75 -25.09 7.53 -4.98
CA GLY B 75 -24.48 6.35 -4.36
C GLY B 75 -24.97 5.03 -4.95
N MET B 76 -24.30 4.57 -6.03
CA MET B 76 -24.54 3.22 -6.62
C MET B 76 -23.64 2.18 -5.89
N GLY B 77 -23.46 0.97 -6.51
CA GLY B 77 -22.83 -0.24 -5.89
C GLY B 77 -22.71 -0.25 -4.36
N ASP B 78 -21.51 -0.64 -3.85
CA ASP B 78 -21.18 -0.81 -2.40
C ASP B 78 -21.69 -2.19 -1.91
N SER B 79 -21.59 -2.48 -0.59
CA SER B 79 -21.96 -3.76 0.00
C SER B 79 -23.39 -4.20 -0.37
N GLU B 80 -24.34 -3.25 -0.27
CA GLU B 80 -25.78 -3.52 -0.45
C GLU B 80 -26.22 -3.43 -1.92
N ILE B 81 -25.34 -2.85 -2.79
CA ILE B 81 -25.57 -2.60 -4.25
C ILE B 81 -26.87 -1.82 -4.57
N THR B 82 -27.04 -1.46 -5.86
CA THR B 82 -28.24 -0.79 -6.35
C THR B 82 -29.34 -1.84 -6.66
N ALA B 83 -29.03 -2.75 -7.60
CA ALA B 83 -29.93 -3.84 -8.03
C ALA B 83 -29.11 -4.83 -8.88
N ALA B 84 -28.40 -4.26 -9.86
CA ALA B 84 -27.44 -4.99 -10.71
C ALA B 84 -26.01 -4.48 -10.43
N ARG B 85 -25.00 -5.20 -10.95
CA ARG B 85 -23.57 -4.89 -10.68
C ARG B 85 -22.96 -4.12 -11.86
N ASN B 86 -21.80 -3.49 -11.59
CA ASN B 86 -21.04 -2.72 -12.59
C ASN B 86 -19.59 -2.61 -12.13
N TYR B 87 -19.42 -2.24 -10.84
CA TYR B 87 -18.12 -1.98 -10.17
C TYR B 87 -17.49 -0.69 -10.73
N ALA B 88 -17.00 -0.77 -12.00
CA ALA B 88 -16.55 0.38 -12.81
C ALA B 88 -15.35 1.13 -12.18
N GLU B 89 -14.13 0.57 -12.39
CA GLU B 89 -12.85 1.18 -11.95
C GLU B 89 -11.67 0.36 -12.54
N GLY B 90 -10.50 1.03 -12.72
CA GLY B 90 -9.27 0.36 -13.14
C GLY B 90 -8.71 -0.56 -12.06
N ALA B 91 -8.86 -0.13 -10.78
CA ALA B 91 -8.63 -0.97 -9.57
C ALA B 91 -7.15 -1.37 -9.33
N GLY B 92 -6.26 -1.04 -10.28
CA GLY B 92 -4.85 -1.43 -10.21
C GLY B 92 -4.57 -2.83 -10.77
N GLY B 93 -5.39 -3.82 -10.35
CA GLY B 93 -5.20 -5.24 -10.66
C GLY B 93 -5.55 -5.62 -12.10
N PHE B 94 -6.12 -4.68 -12.87
CA PHE B 94 -6.38 -4.89 -14.31
C PHE B 94 -5.03 -4.90 -15.07
N PHE B 95 -4.59 -6.10 -15.48
CA PHE B 95 -3.29 -6.33 -16.13
C PHE B 95 -3.27 -5.72 -17.57
N LYS B 96 -3.00 -4.42 -17.63
CA LYS B 96 -2.83 -3.63 -18.87
C LYS B 96 -1.88 -2.47 -18.55
N GLY B 97 -2.14 -1.80 -17.41
CA GLY B 97 -1.22 -0.84 -16.84
C GLY B 97 -0.23 -1.53 -15.91
N ILE B 98 0.83 -2.12 -16.49
CA ILE B 98 1.87 -2.84 -15.73
C ILE B 98 2.67 -1.82 -14.89
N ASP B 99 2.36 -1.77 -13.57
CA ASP B 99 3.10 -0.93 -12.61
C ASP B 99 4.43 -1.61 -12.23
N ALA B 100 4.49 -2.94 -12.47
CA ALA B 100 5.68 -3.80 -12.28
C ALA B 100 5.96 -4.05 -10.77
N LEU B 101 6.56 -3.06 -10.10
CA LEU B 101 7.12 -3.22 -8.75
C LEU B 101 7.28 -1.83 -8.06
N PRO B 102 7.74 -1.73 -6.76
CA PRO B 102 8.06 -0.43 -6.12
C PRO B 102 9.12 0.37 -6.94
N LEU B 103 8.64 1.44 -7.60
CA LEU B 103 9.47 2.33 -8.44
C LEU B 103 8.75 3.67 -8.62
N THR B 104 9.52 4.75 -8.81
CA THR B 104 8.98 6.08 -9.21
C THR B 104 9.92 6.72 -10.24
N GLY B 105 10.64 5.86 -10.98
CA GLY B 105 11.64 6.28 -11.96
C GLY B 105 11.08 7.25 -13.00
N GLN B 106 11.67 8.46 -13.06
CA GLN B 106 11.45 9.45 -14.13
C GLN B 106 12.66 10.39 -14.20
N TYR B 107 12.86 11.15 -13.10
CA TYR B 107 14.02 12.06 -12.97
C TYR B 107 14.30 12.32 -11.47
N THR B 108 13.30 12.86 -10.76
CA THR B 108 13.37 13.07 -9.30
C THR B 108 13.49 11.72 -8.56
N HIS B 109 12.47 10.84 -8.79
CA HIS B 109 12.33 9.47 -8.22
C HIS B 109 12.84 9.35 -6.76
N TYR B 110 12.48 10.38 -5.97
CA TYR B 110 12.98 10.58 -4.59
C TYR B 110 12.07 9.87 -3.56
N ALA B 111 11.40 8.78 -4.01
CA ALA B 111 10.54 7.96 -3.16
C ALA B 111 10.17 6.67 -3.92
N LEU B 112 11.15 5.76 -3.97
CA LEU B 112 11.07 4.48 -4.71
C LEU B 112 9.83 3.66 -4.26
N ASN B 113 9.55 3.70 -2.94
CA ASN B 113 8.37 3.07 -2.34
C ASN B 113 7.16 4.04 -2.43
N LYS B 114 6.03 3.54 -2.95
CA LYS B 114 4.84 4.36 -3.26
C LYS B 114 3.69 3.42 -3.73
N LYS B 115 2.67 4.01 -4.40
CA LYS B 115 1.62 3.34 -5.22
C LYS B 115 0.41 2.93 -4.36
N THR B 116 -0.80 3.10 -4.95
CA THR B 116 -2.10 2.78 -4.31
C THR B 116 -2.19 1.27 -3.96
N GLY B 117 -1.94 0.41 -4.96
CA GLY B 117 -2.04 -1.05 -4.80
C GLY B 117 -0.69 -1.67 -4.49
N LYS B 118 0.04 -1.07 -3.52
CA LYS B 118 1.41 -1.47 -3.18
C LYS B 118 1.81 -0.79 -1.86
N PRO B 119 2.09 -1.57 -0.76
CA PRO B 119 2.69 -1.02 0.48
C PRO B 119 4.07 -0.37 0.26
N ASP B 120 4.49 0.47 1.22
CA ASP B 120 5.76 1.21 1.13
C ASP B 120 6.96 0.35 1.58
N TYR B 121 6.72 -0.95 1.84
CA TYR B 121 7.77 -1.92 2.20
C TYR B 121 7.60 -3.20 1.37
N VAL B 122 8.63 -4.06 1.40
CA VAL B 122 8.68 -5.28 0.57
C VAL B 122 7.56 -6.30 0.97
N THR B 123 6.44 -6.23 0.22
CA THR B 123 5.26 -7.10 0.42
C THR B 123 4.82 -7.62 -0.99
N ASP B 124 3.58 -8.17 -1.10
CA ASP B 124 2.94 -8.62 -2.37
C ASP B 124 3.57 -9.92 -2.87
N SER B 125 4.82 -9.80 -3.33
CA SER B 125 5.59 -10.88 -3.91
C SER B 125 6.01 -11.92 -2.85
N ALA B 126 5.15 -12.94 -2.70
CA ALA B 126 5.37 -14.08 -1.81
C ALA B 126 4.74 -15.31 -2.48
N ALA B 127 5.56 -16.07 -3.23
CA ALA B 127 5.14 -17.28 -3.99
C ALA B 127 4.37 -18.31 -3.14
N SER B 128 4.53 -18.24 -1.80
CA SER B 128 3.69 -18.99 -0.85
C SER B 128 2.20 -18.62 -1.04
N ALA B 129 1.50 -19.42 -1.88
CA ALA B 129 0.03 -19.37 -2.11
C ALA B 129 -0.44 -18.18 -2.98
N THR B 130 0.38 -17.11 -3.12
CA THR B 130 0.08 -15.98 -4.00
C THR B 130 0.40 -16.42 -5.44
N ALA B 131 -0.63 -16.98 -6.09
CA ALA B 131 -0.51 -17.62 -7.41
C ALA B 131 -1.61 -17.09 -8.34
N TRP B 132 -2.04 -15.86 -8.08
CA TRP B 132 -3.20 -15.23 -8.73
C TRP B 132 -2.74 -14.18 -9.76
N SER B 133 -1.42 -14.24 -10.11
CA SER B 133 -0.79 -13.39 -11.14
C SER B 133 -1.23 -13.82 -12.56
N THR B 134 -1.85 -15.02 -12.64
CA THR B 134 -2.54 -15.50 -13.85
C THR B 134 -3.79 -14.64 -14.15
N GLY B 135 -4.25 -13.93 -13.11
CA GLY B 135 -5.45 -13.11 -13.17
C GLY B 135 -6.63 -13.87 -12.59
N VAL B 136 -7.35 -13.27 -11.62
CA VAL B 136 -8.60 -13.83 -11.10
C VAL B 136 -9.69 -13.62 -12.18
N LYS B 137 -9.71 -14.54 -13.17
CA LYS B 137 -10.52 -14.41 -14.39
C LYS B 137 -12.01 -14.58 -14.07
N THR B 138 -12.30 -15.55 -13.18
CA THR B 138 -13.69 -15.86 -12.72
C THR B 138 -14.63 -16.16 -13.93
N TYR B 139 -14.03 -16.72 -15.01
CA TYR B 139 -14.75 -17.04 -16.26
C TYR B 139 -15.87 -18.06 -16.00
N ASN B 140 -15.63 -18.92 -15.00
CA ASN B 140 -16.62 -19.84 -14.44
C ASN B 140 -16.80 -19.44 -12.96
N GLY B 141 -17.92 -18.79 -12.65
CA GLY B 141 -18.19 -18.33 -11.30
C GLY B 141 -19.61 -17.82 -11.11
N ALA B 142 -19.89 -17.38 -9.87
CA ALA B 142 -21.18 -16.79 -9.49
C ALA B 142 -21.29 -15.35 -10.06
N LEU B 143 -22.03 -15.23 -11.17
CA LEU B 143 -22.29 -13.94 -11.88
C LEU B 143 -21.00 -13.29 -12.44
N GLY B 144 -20.27 -12.55 -11.59
CA GLY B 144 -19.11 -11.77 -12.02
C GLY B 144 -19.53 -10.49 -12.75
N VAL B 145 -19.96 -10.69 -14.00
CA VAL B 145 -20.52 -9.63 -14.87
C VAL B 145 -21.91 -10.09 -15.39
N ASP B 146 -22.95 -9.30 -15.09
CA ASP B 146 -24.35 -9.61 -15.44
C ASP B 146 -24.77 -8.83 -16.70
N ILE B 147 -26.02 -9.08 -17.18
CA ILE B 147 -26.59 -8.38 -18.34
C ILE B 147 -26.99 -6.96 -17.91
N HIS B 148 -26.13 -5.99 -18.22
CA HIS B 148 -26.24 -4.61 -17.75
C HIS B 148 -26.22 -3.65 -18.96
N GLU B 149 -26.45 -2.34 -18.70
CA GLU B 149 -26.41 -1.23 -19.70
C GLU B 149 -27.67 -1.24 -20.60
N LYS B 150 -27.80 -2.27 -21.46
CA LYS B 150 -28.95 -2.44 -22.36
C LYS B 150 -30.05 -3.25 -21.65
N ASP B 151 -31.31 -2.73 -21.67
CA ASP B 151 -32.48 -3.41 -21.08
C ASP B 151 -32.87 -4.63 -21.93
N MET A 12 18.63 43.87 -11.87
CA MET A 12 18.69 42.84 -10.81
C MET A 12 19.73 43.23 -9.73
N GLN A 13 19.52 44.40 -9.11
CA GLN A 13 20.32 44.86 -7.96
C GLN A 13 19.98 43.98 -6.73
N VAL A 14 20.76 42.91 -6.57
CA VAL A 14 20.55 41.90 -5.52
C VAL A 14 21.43 42.17 -4.29
N SER A 15 21.06 41.55 -3.17
CA SER A 15 21.85 41.57 -1.93
C SER A 15 21.50 40.30 -1.15
N VAL A 16 22.43 39.31 -1.19
CA VAL A 16 22.17 37.97 -0.67
C VAL A 16 22.28 37.94 0.88
N GLU A 17 21.31 37.26 1.49
CA GLU A 17 21.26 36.97 2.93
C GLU A 17 21.06 35.46 3.09
N THR A 18 21.04 34.99 4.33
CA THR A 18 20.74 33.59 4.67
C THR A 18 19.72 33.58 5.82
N THR A 19 18.52 33.07 5.55
CA THR A 19 17.48 32.92 6.56
C THR A 19 17.93 31.88 7.61
N GLN A 20 18.24 30.67 7.14
CA GLN A 20 18.81 29.59 7.97
C GLN A 20 19.34 28.45 7.07
N GLY A 21 20.66 28.18 7.15
CA GLY A 21 21.28 27.03 6.49
C GLY A 21 21.25 27.11 4.97
N LEU A 22 20.49 26.18 4.34
CA LEU A 22 20.30 26.13 2.88
C LEU A 22 19.39 27.30 2.45
N GLY A 23 18.44 27.63 3.35
CA GLY A 23 17.48 28.70 3.15
C GLY A 23 18.12 30.07 3.13
N ARG A 24 18.26 30.64 1.93
CA ARG A 24 18.81 31.98 1.69
C ARG A 24 17.69 32.97 1.45
N ARG A 25 18.09 34.24 1.29
CA ARG A 25 17.17 35.38 1.11
C ARG A 25 17.82 36.41 0.18
N VAL A 26 17.52 36.30 -1.13
CA VAL A 26 18.07 37.22 -2.14
C VAL A 26 17.16 38.47 -2.21
N THR A 27 17.59 39.55 -1.53
CA THR A 27 16.87 40.81 -1.47
C THR A 27 17.17 41.65 -2.72
N ILE A 28 16.22 41.65 -3.67
CA ILE A 28 16.35 42.37 -4.95
C ILE A 28 15.57 43.71 -4.87
N THR A 29 16.21 44.81 -5.28
CA THR A 29 15.59 46.14 -5.36
C THR A 29 15.61 46.60 -6.83
N ILE A 30 14.42 46.72 -7.43
CA ILE A 30 14.26 47.15 -8.83
C ILE A 30 13.96 48.66 -8.87
N ALA A 31 14.74 49.42 -9.65
CA ALA A 31 14.56 50.87 -9.80
C ALA A 31 13.53 51.19 -10.92
N ALA A 32 13.12 52.47 -10.95
CA ALA A 32 12.00 52.98 -11.78
C ALA A 32 12.18 52.73 -13.28
N ASP A 33 13.43 52.70 -13.76
CA ASP A 33 13.73 52.50 -15.20
C ASP A 33 13.18 51.15 -15.71
N SER A 34 13.34 50.10 -14.88
CA SER A 34 12.92 48.74 -15.24
C SER A 34 11.42 48.53 -14.95
N ILE A 35 10.94 49.12 -13.84
CA ILE A 35 9.52 49.03 -13.43
C ILE A 35 8.64 49.70 -14.49
N GLU A 36 8.97 50.96 -14.83
CA GLU A 36 8.19 51.82 -15.75
C GLU A 36 8.04 51.17 -17.14
N THR A 37 9.14 50.58 -17.65
CA THR A 37 9.14 49.90 -18.95
C THR A 37 8.28 48.62 -18.92
N ALA A 38 8.34 47.88 -17.80
CA ALA A 38 7.57 46.62 -17.60
C ALA A 38 6.06 46.88 -17.46
N VAL A 39 5.71 48.01 -16.80
CA VAL A 39 4.30 48.47 -16.68
C VAL A 39 3.79 48.93 -18.06
N LYS A 40 4.65 49.66 -18.77
CA LYS A 40 4.35 50.20 -20.12
C LYS A 40 4.11 49.05 -21.13
N SER A 41 4.87 47.95 -20.95
CA SER A 41 4.72 46.71 -21.74
C SER A 41 3.36 46.06 -21.42
N GLU A 42 3.00 46.03 -20.11
CA GLU A 42 1.72 45.47 -19.64
C GLU A 42 0.52 46.29 -20.17
N LEU A 43 0.67 47.62 -20.18
CA LEU A 43 -0.40 48.58 -20.53
C LEU A 43 -0.86 48.41 -22.00
N VAL A 44 0.12 48.29 -22.91
CA VAL A 44 -0.18 48.11 -24.34
C VAL A 44 -0.81 46.71 -24.58
N ASN A 45 -0.45 45.73 -23.73
CA ASN A 45 -1.04 44.37 -23.78
C ASN A 45 -2.51 44.37 -23.31
N VAL A 46 -2.79 45.12 -22.22
CA VAL A 46 -4.16 45.32 -21.70
C VAL A 46 -5.02 46.04 -22.76
N ALA A 47 -4.40 47.04 -23.40
CA ALA A 47 -5.04 47.86 -24.44
C ALA A 47 -5.42 47.02 -25.68
N LYS A 48 -4.53 46.11 -26.10
CA LYS A 48 -4.77 45.20 -27.25
C LYS A 48 -5.89 44.18 -26.94
N LYS A 49 -5.90 43.72 -25.69
CA LYS A 49 -6.85 42.72 -25.19
C LYS A 49 -8.28 43.30 -25.12
N VAL A 50 -8.37 44.53 -24.61
CA VAL A 50 -9.67 45.24 -24.41
C VAL A 50 -9.94 46.21 -25.61
N ARG A 51 -9.10 46.08 -26.67
CA ARG A 51 -9.25 46.81 -27.97
C ARG A 51 -9.04 48.34 -27.86
N ILE A 52 -8.64 48.82 -26.67
CA ILE A 52 -8.40 50.24 -26.34
C ILE A 52 -7.29 50.85 -27.22
N ASP A 53 -6.35 50.00 -27.66
CA ASP A 53 -5.18 50.39 -28.48
C ASP A 53 -5.60 50.84 -29.89
N GLY A 54 -6.69 50.25 -30.41
CA GLY A 54 -7.25 50.61 -31.71
C GLY A 54 -8.00 51.93 -31.66
N PHE A 55 -8.48 52.29 -30.48
CA PHE A 55 -9.09 53.61 -30.22
C PHE A 55 -7.99 54.64 -29.87
N ARG A 56 -6.86 54.13 -29.34
CA ARG A 56 -5.69 54.93 -28.98
C ARG A 56 -4.84 55.22 -30.25
N LYS A 57 -4.80 56.50 -30.62
CA LYS A 57 -3.95 56.98 -31.73
C LYS A 57 -2.63 57.56 -31.19
N GLY A 58 -2.51 57.59 -29.83
CA GLY A 58 -1.30 58.02 -29.14
C GLY A 58 -1.26 59.52 -28.92
N LYS A 59 -2.45 60.11 -28.63
CA LYS A 59 -2.60 61.55 -28.33
C LYS A 59 -1.75 61.92 -27.11
N VAL A 60 -2.07 61.29 -25.97
CA VAL A 60 -1.29 61.41 -24.74
C VAL A 60 -0.29 60.23 -24.69
N PRO A 61 1.05 60.48 -24.75
CA PRO A 61 2.08 59.41 -24.72
C PRO A 61 1.93 58.47 -23.49
N MET A 62 2.29 57.18 -23.70
CA MET A 62 2.00 56.08 -22.76
C MET A 62 2.61 56.29 -21.36
N ASN A 63 3.72 57.05 -21.28
CA ASN A 63 4.41 57.33 -19.99
C ASN A 63 3.53 58.16 -19.03
N ILE A 64 2.75 59.10 -19.60
CA ILE A 64 1.85 59.98 -18.82
C ILE A 64 0.65 59.18 -18.30
N VAL A 65 0.05 58.35 -19.18
CA VAL A 65 -1.09 57.49 -18.80
C VAL A 65 -0.62 56.30 -17.93
N ALA A 66 0.70 56.04 -17.89
CA ALA A 66 1.29 54.93 -17.12
C ALA A 66 1.32 55.24 -15.62
N GLN A 67 1.83 56.43 -15.28
CA GLN A 67 1.95 56.87 -13.88
C GLN A 67 0.59 57.23 -13.27
N ARG A 68 -0.45 57.39 -14.13
CA ARG A 68 -1.79 57.83 -13.70
C ARG A 68 -2.82 56.67 -13.82
N TYR A 69 -3.19 56.30 -15.05
CA TYR A 69 -4.20 55.26 -15.32
C TYR A 69 -3.62 53.87 -14.97
N GLY A 70 -2.31 53.70 -15.23
CA GLY A 70 -1.59 52.46 -14.94
C GLY A 70 -0.96 52.43 -13.56
N ALA A 71 -1.35 53.38 -12.68
CA ALA A 71 -0.93 53.39 -11.26
C ALA A 71 -1.57 52.23 -10.48
N SER A 72 -2.74 51.80 -10.97
CA SER A 72 -3.43 50.59 -10.50
C SER A 72 -2.70 49.32 -10.99
N VAL A 73 -2.33 49.36 -12.28
CA VAL A 73 -1.68 48.25 -13.02
C VAL A 73 -0.30 47.87 -12.43
N ARG A 74 0.33 48.84 -11.72
CA ARG A 74 1.65 48.67 -11.04
C ARG A 74 1.70 47.35 -10.22
N GLN A 75 0.59 47.07 -9.52
CA GLN A 75 0.45 45.91 -8.60
C GLN A 75 0.64 44.57 -9.33
N ASP A 76 -0.01 44.44 -10.51
CA ASP A 76 0.08 43.23 -11.35
C ASP A 76 1.50 43.04 -11.90
N VAL A 77 2.17 44.16 -12.17
CA VAL A 77 3.54 44.17 -12.69
C VAL A 77 4.54 43.80 -11.58
N LEU A 78 4.20 44.09 -10.30
CA LEU A 78 5.06 43.74 -9.13
C LEU A 78 5.31 42.22 -9.07
N GLY A 79 4.25 41.43 -9.29
CA GLY A 79 4.35 39.97 -9.34
C GLY A 79 5.26 39.48 -10.47
N ASP A 80 5.11 40.12 -11.65
CA ASP A 80 5.91 39.84 -12.85
C ASP A 80 7.41 40.12 -12.57
N LEU A 81 7.67 41.27 -11.93
CA LEU A 81 9.01 41.76 -11.59
C LEU A 81 9.76 40.76 -10.68
N MET A 82 9.07 40.30 -9.62
CA MET A 82 9.65 39.38 -8.61
C MET A 82 10.10 38.05 -9.23
N SER A 83 9.24 37.50 -10.10
CA SER A 83 9.48 36.22 -10.79
C SER A 83 10.60 36.35 -11.84
N ARG A 84 10.59 37.49 -12.56
CA ARG A 84 11.48 37.77 -13.71
C ARG A 84 12.96 37.79 -13.29
N ASN A 85 13.25 38.55 -12.23
CA ASN A 85 14.64 38.71 -11.72
C ASN A 85 15.09 37.45 -10.95
N PHE A 86 14.13 36.67 -10.42
CA PHE A 86 14.44 35.42 -9.71
C PHE A 86 14.97 34.34 -10.68
N ILE A 87 14.14 33.99 -11.70
CA ILE A 87 14.46 32.92 -12.67
C ILE A 87 15.78 33.24 -13.40
N ASP A 88 16.00 34.54 -13.69
CA ASP A 88 17.21 35.02 -14.36
C ASP A 88 18.45 34.84 -13.45
N ALA A 89 18.28 35.22 -12.16
CA ALA A 89 19.36 35.17 -11.15
C ALA A 89 19.87 33.73 -10.92
N ILE A 90 18.96 32.79 -10.64
CA ILE A 90 19.32 31.41 -10.24
C ILE A 90 20.10 30.66 -11.35
N ILE A 91 19.74 30.93 -12.62
CA ILE A 91 20.38 30.28 -13.80
C ILE A 91 21.85 30.72 -13.95
N LYS A 92 22.10 32.04 -13.89
CA LYS A 92 23.45 32.60 -14.11
C LYS A 92 24.38 32.31 -12.90
N GLU A 93 23.83 32.44 -11.68
CA GLU A 93 24.56 32.17 -10.42
C GLU A 93 24.68 30.66 -10.15
N LYS A 94 23.97 29.83 -10.97
CA LYS A 94 24.01 28.35 -10.92
C LYS A 94 23.34 27.79 -9.64
N ILE A 95 22.54 28.64 -8.97
CA ILE A 95 21.77 28.28 -7.78
C ILE A 95 20.51 27.50 -8.19
N ASN A 96 20.29 26.32 -7.59
CA ASN A 96 19.05 25.52 -7.83
C ASN A 96 18.14 25.67 -6.59
N PRO A 97 16.95 26.36 -6.75
CA PRO A 97 16.01 26.59 -5.63
C PRO A 97 15.23 25.33 -5.22
N ALA A 98 15.11 25.11 -3.91
CA ALA A 98 14.33 24.00 -3.35
C ALA A 98 12.93 24.48 -2.97
N GLY A 99 11.90 23.89 -3.62
CA GLY A 99 10.50 24.26 -3.40
C GLY A 99 10.11 25.54 -4.11
N ALA A 100 9.01 26.16 -3.64
CA ALA A 100 8.48 27.40 -4.21
C ALA A 100 9.28 28.62 -3.69
N PRO A 101 9.68 29.58 -4.57
CA PRO A 101 10.35 30.84 -4.15
C PRO A 101 9.41 31.77 -3.36
N THR A 102 9.70 31.95 -2.06
CA THR A 102 8.90 32.80 -1.16
C THR A 102 9.21 34.29 -1.45
N TYR A 103 8.48 34.86 -2.44
CA TYR A 103 8.58 36.29 -2.79
C TYR A 103 7.95 37.11 -1.65
N VAL A 104 8.78 37.69 -0.78
CA VAL A 104 8.33 38.53 0.34
C VAL A 104 8.58 40.02 -0.01
N PRO A 105 7.57 40.74 -0.61
CA PRO A 105 7.73 42.15 -1.00
C PRO A 105 7.81 43.08 0.24
N GLY A 106 8.91 43.83 0.33
CA GLY A 106 9.06 44.87 1.34
C GLY A 106 8.02 45.96 1.16
N GLU A 107 8.08 46.62 -0.02
CA GLU A 107 7.08 47.61 -0.46
C GLU A 107 7.43 48.12 -1.87
N TYR A 108 6.44 48.75 -2.52
CA TYR A 108 6.63 49.46 -3.79
C TYR A 108 6.53 50.98 -3.55
N LYS A 109 7.41 51.72 -4.23
CA LYS A 109 7.39 53.19 -4.30
C LYS A 109 7.09 53.58 -5.75
N LEU A 110 5.96 54.29 -5.96
CA LEU A 110 5.45 54.66 -7.30
C LEU A 110 6.49 55.45 -8.10
N GLY A 111 7.12 54.76 -9.07
CA GLY A 111 8.12 55.35 -9.96
C GLY A 111 9.43 55.70 -9.26
N GLU A 112 9.83 54.86 -8.28
CA GLU A 112 11.13 54.98 -7.59
C GLU A 112 11.82 53.61 -7.51
N ASP A 113 11.32 52.75 -6.60
CA ASP A 113 11.95 51.43 -6.31
C ASP A 113 10.88 50.39 -5.95
N PHE A 114 11.33 49.13 -5.90
CA PHE A 114 10.54 47.98 -5.45
C PHE A 114 11.48 46.95 -4.81
N THR A 115 11.60 47.01 -3.47
CA THR A 115 12.43 46.11 -2.68
C THR A 115 11.59 44.87 -2.27
N TYR A 116 12.17 43.68 -2.45
CA TYR A 116 11.56 42.40 -2.07
C TYR A 116 12.67 41.39 -1.77
N SER A 117 12.35 40.42 -0.91
CA SER A 117 13.30 39.42 -0.43
C SER A 117 12.78 38.01 -0.79
N VAL A 118 13.38 37.40 -1.82
CA VAL A 118 13.01 36.04 -2.25
C VAL A 118 13.74 35.00 -1.37
N GLU A 119 12.98 34.39 -0.43
CA GLU A 119 13.49 33.36 0.49
C GLU A 119 13.25 31.96 -0.11
N PHE A 120 14.30 31.14 -0.18
CA PHE A 120 14.27 29.79 -0.78
C PHE A 120 15.52 29.01 -0.36
N GLU A 121 15.40 27.67 -0.27
CA GLU A 121 16.54 26.79 0.05
C GLU A 121 17.34 26.46 -1.21
N VAL A 122 18.50 25.80 -1.01
CA VAL A 122 19.36 25.29 -2.11
C VAL A 122 19.62 23.78 -1.90
N TYR A 123 19.96 23.08 -2.99
CA TYR A 123 20.28 21.63 -2.94
C TYR A 123 21.78 21.42 -2.64
N PRO A 124 22.15 20.74 -1.51
CA PRO A 124 23.54 20.34 -1.22
C PRO A 124 23.93 19.03 -1.95
N GLU A 125 25.19 18.62 -1.79
CA GLU A 125 25.75 17.44 -2.49
C GLU A 125 25.55 16.17 -1.64
N VAL A 126 25.12 15.07 -2.30
CA VAL A 126 24.75 13.81 -1.63
C VAL A 126 26.00 12.98 -1.27
N GLU A 127 26.20 12.73 0.02
CA GLU A 127 27.40 12.02 0.53
C GLU A 127 27.22 10.50 0.43
N LEU A 128 27.54 9.95 -0.76
CA LEU A 128 27.63 8.50 -0.95
C LEU A 128 28.93 7.97 -0.34
N GLN A 129 28.80 7.41 0.87
CA GLN A 129 29.86 6.70 1.61
C GLN A 129 29.99 5.25 1.06
N GLY A 130 30.74 4.39 1.78
CA GLY A 130 30.95 2.99 1.39
C GLY A 130 29.65 2.19 1.30
N LEU A 131 29.32 1.72 0.09
CA LEU A 131 28.14 0.86 -0.16
C LEU A 131 28.44 -0.61 0.20
N GLU A 132 29.67 -0.85 0.69
CA GLU A 132 30.13 -2.17 1.17
C GLU A 132 29.50 -2.50 2.53
N ALA A 133 29.04 -1.45 3.25
CA ALA A 133 28.35 -1.59 4.55
C ALA A 133 26.97 -2.26 4.40
N ILE A 134 26.42 -2.24 3.17
CA ILE A 134 25.11 -2.83 2.84
C ILE A 134 25.24 -4.36 2.73
N GLU A 135 24.48 -5.09 3.56
CA GLU A 135 24.42 -6.56 3.52
C GLU A 135 23.09 -6.98 2.87
N VAL A 136 23.16 -7.41 1.60
CA VAL A 136 21.99 -7.85 0.83
C VAL A 136 21.99 -9.38 0.76
N GLU A 137 20.88 -10.02 1.17
CA GLU A 137 20.73 -11.48 1.09
C GLU A 137 19.89 -11.84 -0.16
N LYS A 138 20.31 -12.89 -0.87
CA LYS A 138 19.61 -13.40 -2.05
C LYS A 138 19.25 -14.89 -1.82
N PRO A 139 18.01 -15.17 -1.31
CA PRO A 139 17.57 -16.53 -0.96
C PRO A 139 17.07 -17.31 -2.19
N ILE A 140 17.85 -18.30 -2.64
CA ILE A 140 17.45 -19.21 -3.72
C ILE A 140 16.49 -20.27 -3.15
N VAL A 141 15.21 -19.91 -3.14
CA VAL A 141 14.13 -20.73 -2.58
C VAL A 141 13.80 -21.88 -3.53
N GLU A 142 14.24 -23.09 -3.18
CA GLU A 142 14.00 -24.29 -3.98
C GLU A 142 12.59 -24.86 -3.69
N VAL A 143 11.61 -24.50 -4.53
CA VAL A 143 10.25 -25.03 -4.44
C VAL A 143 10.22 -26.41 -5.14
N THR A 144 10.51 -27.46 -4.34
CA THR A 144 10.42 -28.87 -4.77
C THR A 144 8.95 -29.24 -5.04
N ASP A 145 8.69 -30.33 -5.78
CA ASP A 145 7.30 -30.80 -6.07
C ASP A 145 6.56 -31.20 -4.77
N ALA A 146 7.35 -31.56 -3.74
CA ALA A 146 6.86 -31.76 -2.36
C ALA A 146 6.31 -30.44 -1.78
N ASP A 147 7.07 -29.34 -2.00
CA ASP A 147 6.66 -27.98 -1.58
C ASP A 147 5.47 -27.49 -2.42
N VAL A 148 5.40 -27.91 -3.70
CA VAL A 148 4.31 -27.56 -4.62
C VAL A 148 2.97 -28.15 -4.14
N ASP A 149 2.97 -29.47 -3.89
CA ASP A 149 1.79 -30.20 -3.40
C ASP A 149 1.46 -29.74 -1.96
N GLY A 150 2.51 -29.43 -1.19
CA GLY A 150 2.36 -28.90 0.17
C GLY A 150 1.80 -27.47 0.20
N MET A 151 2.09 -26.69 -0.85
CA MET A 151 1.59 -25.30 -1.04
C MET A 151 0.10 -25.30 -1.38
N LEU A 152 -0.29 -26.26 -2.25
CA LEU A 152 -1.71 -26.51 -2.59
C LEU A 152 -2.48 -27.03 -1.35
N ASP A 153 -1.78 -27.88 -0.55
CA ASP A 153 -2.28 -28.41 0.73
C ASP A 153 -2.39 -27.30 1.80
N THR A 154 -1.49 -26.29 1.72
CA THR A 154 -1.53 -25.10 2.59
C THR A 154 -2.82 -24.30 2.29
N LEU A 155 -3.11 -24.08 0.98
CA LEU A 155 -4.38 -23.47 0.50
C LEU A 155 -5.61 -24.20 1.07
N ARG A 156 -5.56 -25.54 1.01
CA ARG A 156 -6.61 -26.40 1.56
C ARG A 156 -6.70 -26.28 3.11
N LYS A 157 -5.56 -26.09 3.79
CA LYS A 157 -5.53 -25.84 5.25
C LYS A 157 -5.95 -24.40 5.60
N GLN A 158 -5.85 -23.47 4.62
CA GLN A 158 -6.36 -22.09 4.78
C GLN A 158 -7.90 -22.09 4.68
N GLN A 159 -8.43 -22.92 3.75
CA GLN A 159 -9.89 -23.09 3.54
C GLN A 159 -10.45 -24.28 4.33
N ALA A 160 -9.72 -24.68 5.40
CA ALA A 160 -10.07 -25.83 6.25
C ALA A 160 -11.31 -25.53 7.12
N THR A 161 -12.46 -26.10 6.71
CA THR A 161 -13.71 -26.03 7.47
C THR A 161 -13.63 -27.00 8.67
N TRP A 162 -14.18 -26.61 9.83
CA TRP A 162 -14.19 -27.48 11.02
C TRP A 162 -15.30 -28.54 10.92
N LYS A 163 -15.12 -29.58 11.72
CA LYS A 163 -15.95 -30.78 11.78
C LYS A 163 -15.85 -31.35 13.20
N GLU A 164 -16.88 -32.06 13.66
CA GLU A 164 -16.79 -32.81 14.91
C GLU A 164 -16.05 -34.13 14.72
N LYS A 165 -15.38 -34.53 15.78
CA LYS A 165 -14.80 -35.87 15.95
C LYS A 165 -14.88 -36.24 17.43
N ASP A 166 -14.42 -37.45 17.77
CA ASP A 166 -14.34 -37.89 19.16
C ASP A 166 -13.13 -38.80 19.33
N GLY A 167 -12.32 -38.50 20.34
CA GLY A 167 -11.09 -39.22 20.63
C GLY A 167 -9.87 -38.32 20.64
N ALA A 168 -8.81 -38.75 19.95
CA ALA A 168 -7.47 -38.16 20.04
C ALA A 168 -7.41 -36.73 19.45
N VAL A 169 -7.24 -35.77 20.36
CA VAL A 169 -6.95 -34.36 20.03
C VAL A 169 -5.54 -34.24 19.44
N GLU A 170 -5.40 -33.33 18.47
CA GLU A 170 -4.15 -33.04 17.77
C GLU A 170 -3.50 -31.79 18.37
N ALA A 171 -2.65 -31.11 17.60
CA ALA A 171 -1.94 -29.90 18.06
C ALA A 171 -2.32 -28.67 17.22
N GLU A 172 -3.18 -28.85 16.22
CA GLU A 172 -3.56 -27.79 15.27
C GLU A 172 -5.08 -27.60 15.22
N ASP A 173 -5.80 -28.36 16.06
CA ASP A 173 -7.27 -28.40 16.05
C ASP A 173 -7.83 -27.55 17.19
N ARG A 174 -9.10 -27.78 17.55
CA ARG A 174 -9.74 -27.11 18.69
C ARG A 174 -10.68 -28.08 19.39
N VAL A 175 -11.14 -27.73 20.60
CA VAL A 175 -11.88 -28.65 21.48
C VAL A 175 -13.03 -27.92 22.19
N THR A 176 -13.69 -28.68 23.08
CA THR A 176 -14.64 -28.16 24.06
C THR A 176 -14.29 -28.80 25.42
N ILE A 177 -13.79 -28.01 26.38
CA ILE A 177 -13.48 -28.51 27.74
C ILE A 177 -14.40 -27.88 28.81
N ASP A 178 -14.12 -28.22 30.06
CA ASP A 178 -14.80 -27.69 31.26
C ASP A 178 -13.78 -27.74 32.41
N PHE A 179 -13.06 -26.64 32.63
CA PHE A 179 -11.90 -26.67 33.55
C PHE A 179 -12.20 -26.01 34.90
N THR A 180 -11.71 -26.63 35.98
CA THR A 180 -11.75 -26.06 37.32
C THR A 180 -10.55 -25.11 37.51
N GLY A 181 -10.82 -23.80 37.49
CA GLY A 181 -9.80 -22.79 37.77
C GLY A 181 -9.27 -22.86 39.18
N SER A 182 -7.96 -23.14 39.34
CA SER A 182 -7.31 -23.31 40.66
C SER A 182 -5.92 -22.67 40.68
N VAL A 183 -5.58 -22.04 41.82
CA VAL A 183 -4.26 -21.48 42.13
C VAL A 183 -3.66 -22.26 43.31
N ASP A 184 -2.42 -22.79 43.14
CA ASP A 184 -1.70 -23.55 44.20
C ASP A 184 -2.51 -24.82 44.62
N GLY A 185 -3.37 -25.30 43.69
CA GLY A 185 -4.23 -26.46 43.92
C GLY A 185 -5.58 -26.13 44.55
N GLU A 186 -5.80 -24.83 44.83
CA GLU A 186 -7.01 -24.34 45.51
C GLU A 186 -7.85 -23.56 44.49
N GLU A 187 -9.05 -24.07 44.20
CA GLU A 187 -9.99 -23.44 43.26
C GLU A 187 -10.34 -21.99 43.67
N PHE A 188 -10.68 -21.18 42.67
CA PHE A 188 -11.06 -19.76 42.86
C PHE A 188 -12.22 -19.40 41.92
N GLU A 189 -13.05 -18.45 42.37
CA GLU A 189 -14.26 -18.01 41.63
C GLU A 189 -13.89 -17.22 40.36
N GLY A 190 -14.74 -17.38 39.32
CA GLY A 190 -14.47 -16.81 37.99
C GLY A 190 -13.61 -17.72 37.12
N GLY A 191 -12.75 -18.51 37.79
CA GLY A 191 -11.67 -19.26 37.16
C GLY A 191 -12.12 -20.48 36.38
N LYS A 192 -13.37 -20.88 36.58
CA LYS A 192 -13.96 -22.06 35.93
C LYS A 192 -14.63 -21.61 34.63
N ALA A 193 -14.64 -22.49 33.63
CA ALA A 193 -15.34 -22.22 32.36
C ALA A 193 -15.88 -23.54 31.79
N SER A 194 -17.21 -23.59 31.65
CA SER A 194 -17.96 -24.81 31.35
C SER A 194 -18.38 -24.82 29.87
N ASP A 195 -18.10 -25.96 29.18
CA ASP A 195 -18.38 -26.14 27.73
C ASP A 195 -17.57 -25.08 26.91
N PHE A 196 -16.42 -24.72 27.46
CA PHE A 196 -15.50 -23.73 26.90
C PHE A 196 -14.76 -24.29 25.67
N VAL A 197 -15.10 -23.75 24.49
CA VAL A 197 -14.40 -24.06 23.24
C VAL A 197 -13.00 -23.39 23.23
N LEU A 198 -11.96 -24.22 23.40
CA LEU A 198 -10.54 -23.78 23.40
C LEU A 198 -9.95 -24.06 22.01
N ALA A 199 -9.29 -23.06 21.40
CA ALA A 199 -8.66 -23.18 20.08
C ALA A 199 -7.15 -23.02 20.19
N MET A 200 -6.41 -23.84 19.41
CA MET A 200 -4.94 -23.81 19.34
C MET A 200 -4.47 -22.87 18.23
N GLY A 201 -5.44 -22.40 17.41
CA GLY A 201 -5.19 -21.46 16.34
C GLY A 201 -5.18 -20.01 16.81
N GLN A 202 -4.67 -19.80 18.04
CA GLN A 202 -4.51 -18.49 18.65
C GLN A 202 -3.35 -18.55 19.67
N GLY A 203 -2.33 -17.69 19.48
CA GLY A 203 -1.22 -17.57 20.43
C GLY A 203 -1.51 -16.51 21.50
N ARG A 204 -2.77 -16.47 21.93
CA ARG A 204 -3.31 -15.45 22.85
C ARG A 204 -3.43 -16.03 24.27
N MET A 205 -3.51 -17.36 24.35
CA MET A 205 -3.93 -18.10 25.56
C MET A 205 -2.83 -18.09 26.64
N ILE A 206 -3.19 -18.55 27.87
CA ILE A 206 -2.23 -18.83 28.96
C ILE A 206 -1.10 -19.77 28.47
N PRO A 207 0.21 -19.40 28.67
CA PRO A 207 1.37 -20.25 28.31
C PRO A 207 1.29 -21.66 28.96
N GLY A 208 1.12 -22.68 28.11
CA GLY A 208 1.15 -24.08 28.54
C GLY A 208 -0.22 -24.66 28.89
N PHE A 209 -1.27 -23.81 28.96
CA PHE A 209 -2.64 -24.24 29.31
C PHE A 209 -3.17 -25.28 28.31
N GLU A 210 -3.01 -24.98 27.01
CA GLU A 210 -3.54 -25.83 25.93
C GLU A 210 -2.85 -27.21 25.89
N ASP A 211 -1.62 -27.31 26.47
CA ASP A 211 -0.74 -28.50 26.36
C ASP A 211 -1.46 -29.83 26.69
N GLY A 212 -2.15 -29.85 27.85
CA GLY A 212 -2.86 -31.04 28.33
C GLY A 212 -3.97 -31.49 27.38
N ILE A 213 -4.72 -30.51 26.88
CA ILE A 213 -5.79 -30.70 25.88
C ILE A 213 -5.27 -31.44 24.61
N LYS A 214 -4.09 -31.01 24.14
CA LYS A 214 -3.54 -31.38 22.82
C LYS A 214 -3.14 -32.86 22.66
N GLY A 215 -3.21 -33.65 23.75
CA GLY A 215 -2.75 -35.04 23.69
C GLY A 215 -3.57 -35.94 24.59
N HIS A 216 -4.90 -35.81 24.51
CA HIS A 216 -5.84 -36.67 25.27
C HIS A 216 -7.09 -36.98 24.43
N LYS A 217 -7.96 -37.81 25.00
CA LYS A 217 -9.24 -38.24 24.41
C LYS A 217 -10.38 -37.28 24.83
N ALA A 218 -11.39 -37.18 23.94
CA ALA A 218 -12.56 -36.27 24.09
C ALA A 218 -13.61 -36.79 25.10
N GLY A 219 -13.17 -37.59 26.06
CA GLY A 219 -14.02 -38.05 27.15
C GLY A 219 -13.20 -38.26 28.40
N GLU A 220 -12.39 -37.25 28.75
CA GLU A 220 -11.50 -37.30 29.91
C GLU A 220 -11.63 -36.08 30.82
N GLU A 221 -10.98 -36.22 31.97
CA GLU A 221 -10.80 -35.19 32.99
C GLU A 221 -9.39 -35.36 33.54
N PHE A 222 -8.61 -34.27 33.52
CA PHE A 222 -7.22 -34.29 33.96
C PHE A 222 -6.78 -32.90 34.39
N THR A 223 -5.91 -32.87 35.38
CA THR A 223 -5.51 -31.63 36.06
C THR A 223 -4.05 -31.39 35.78
N ILE A 224 -3.78 -30.37 34.97
CA ILE A 224 -2.43 -30.09 34.45
C ILE A 224 -1.79 -28.95 35.21
N ASP A 225 -0.46 -29.04 35.37
CA ASP A 225 0.34 -28.01 36.03
C ASP A 225 0.87 -27.05 34.98
N VAL A 226 0.38 -25.82 35.04
CA VAL A 226 0.77 -24.74 34.14
C VAL A 226 1.18 -23.52 34.95
N THR A 227 1.38 -22.40 34.25
CA THR A 227 1.71 -21.12 34.82
C THR A 227 0.94 -20.05 34.05
N PHE A 228 0.33 -19.11 34.80
CA PHE A 228 -0.43 -17.96 34.24
C PHE A 228 0.44 -17.08 33.30
N PRO A 229 -0.21 -16.17 32.49
CA PRO A 229 0.51 -15.14 31.75
C PRO A 229 0.76 -13.92 32.65
N GLU A 230 1.75 -13.09 32.30
CA GLU A 230 2.04 -11.83 33.02
C GLU A 230 1.09 -10.71 32.57
N GLU A 231 0.15 -11.05 31.66
CA GLU A 231 -0.95 -10.18 31.24
C GLU A 231 -2.22 -10.46 32.08
N TYR A 232 -2.18 -11.55 32.90
CA TYR A 232 -3.26 -11.86 33.85
C TYR A 232 -3.43 -10.68 34.84
N HIS A 233 -4.66 -10.12 34.91
CA HIS A 233 -4.93 -8.83 35.61
C HIS A 233 -4.72 -8.93 37.12
N ALA A 234 -5.00 -10.10 37.70
CA ALA A 234 -4.63 -10.39 39.09
C ALA A 234 -3.09 -10.46 39.14
N GLU A 235 -2.47 -9.36 39.62
CA GLU A 235 -1.01 -9.18 39.64
C GLU A 235 -0.33 -10.24 40.54
N ASN A 236 -1.00 -10.56 41.65
CA ASN A 236 -0.57 -11.61 42.59
C ASN A 236 -0.59 -13.01 41.93
N LEU A 237 -1.28 -13.11 40.78
CA LEU A 237 -1.43 -14.36 40.03
C LEU A 237 -0.78 -14.29 38.64
N LYS A 238 -0.27 -13.13 38.20
CA LYS A 238 0.29 -13.00 36.84
C LYS A 238 1.65 -13.73 36.76
N GLY A 239 1.72 -14.77 35.89
CA GLY A 239 2.90 -15.62 35.79
C GLY A 239 3.11 -16.46 37.06
N LYS A 240 2.00 -16.98 37.61
CA LYS A 240 2.00 -17.79 38.85
C LYS A 240 1.52 -19.22 38.50
N ALA A 241 2.18 -20.25 39.09
CA ALA A 241 1.87 -21.67 38.80
C ALA A 241 0.45 -22.05 39.29
N ALA A 242 -0.36 -22.55 38.35
CA ALA A 242 -1.78 -22.83 38.56
C ALA A 242 -2.12 -24.29 38.24
N LYS A 243 -3.28 -24.73 38.74
CA LYS A 243 -3.87 -26.05 38.44
C LYS A 243 -5.19 -25.83 37.69
N PHE A 244 -5.46 -26.65 36.68
CA PHE A 244 -6.73 -26.61 35.94
C PHE A 244 -7.20 -28.03 35.65
N ALA A 245 -8.33 -28.44 36.28
CA ALA A 245 -8.94 -29.75 36.06
C ALA A 245 -9.73 -29.73 34.74
N ILE A 246 -8.97 -29.89 33.66
CA ILE A 246 -9.46 -29.85 32.28
C ILE A 246 -10.39 -31.06 31.99
N ASN A 247 -11.70 -30.82 32.02
CA ASN A 247 -12.70 -31.84 31.61
C ASN A 247 -12.90 -31.75 30.10
N LEU A 248 -11.99 -32.42 29.36
CA LEU A 248 -12.01 -32.49 27.90
C LEU A 248 -13.29 -33.23 27.41
N LYS A 249 -14.34 -32.43 27.09
CA LYS A 249 -15.70 -32.92 26.77
C LYS A 249 -15.81 -33.39 25.32
N LYS A 250 -15.22 -32.59 24.41
CA LYS A 250 -15.26 -32.83 22.96
C LYS A 250 -13.97 -32.38 22.31
N VAL A 251 -13.80 -32.79 21.04
CA VAL A 251 -12.76 -32.27 20.17
C VAL A 251 -13.31 -32.14 18.72
N GLU A 252 -12.96 -31.02 18.07
CA GLU A 252 -13.23 -30.78 16.65
C GLU A 252 -11.94 -30.95 15.83
N GLU A 253 -12.10 -31.21 14.53
CA GLU A 253 -11.00 -31.41 13.58
C GLU A 253 -11.29 -30.58 12.32
N ARG A 254 -10.23 -30.08 11.67
CA ARG A 254 -10.34 -29.36 10.41
C ARG A 254 -10.37 -30.34 9.24
N GLU A 255 -10.97 -29.89 8.15
CA GLU A 255 -11.19 -30.67 6.93
C GLU A 255 -10.32 -30.13 5.79
N LEU A 256 -9.81 -31.05 4.96
CA LEU A 256 -9.28 -30.73 3.64
C LEU A 256 -10.49 -30.55 2.71
N PRO A 257 -10.83 -29.27 2.31
CA PRO A 257 -12.08 -28.93 1.57
C PRO A 257 -12.18 -29.63 0.20
N GLU A 258 -13.19 -29.27 -0.58
CA GLU A 258 -13.51 -29.95 -1.84
C GLU A 258 -12.33 -29.88 -2.85
N LEU A 259 -12.14 -30.99 -3.57
CA LEU A 259 -11.28 -31.02 -4.77
C LEU A 259 -12.18 -30.89 -6.03
N THR A 260 -13.52 -30.78 -5.79
CA THR A 260 -14.58 -30.57 -6.80
C THR A 260 -14.19 -29.44 -7.78
N ALA A 261 -14.35 -29.71 -9.10
CA ALA A 261 -13.88 -28.79 -10.17
C ALA A 261 -14.50 -27.39 -10.03
N GLU A 262 -15.77 -27.34 -9.58
CA GLU A 262 -16.51 -26.09 -9.32
C GLU A 262 -15.87 -25.25 -8.18
N PHE A 263 -15.29 -25.94 -7.18
CA PHE A 263 -14.69 -25.29 -6.00
C PHE A 263 -13.24 -24.87 -6.28
N ILE A 264 -12.43 -25.80 -6.82
CA ILE A 264 -11.01 -25.56 -7.15
C ILE A 264 -10.86 -24.41 -8.17
N LYS A 265 -11.84 -24.26 -9.10
CA LYS A 265 -11.83 -23.13 -10.06
C LYS A 265 -12.26 -21.79 -9.42
N ARG A 266 -12.95 -21.86 -8.25
CA ARG A 266 -13.45 -20.65 -7.55
C ARG A 266 -12.29 -19.81 -6.98
N PHE A 267 -11.14 -20.47 -6.82
CA PHE A 267 -9.87 -19.83 -6.43
C PHE A 267 -9.33 -18.90 -7.54
N GLY A 268 -9.75 -19.16 -8.79
CA GLY A 268 -9.24 -18.43 -9.95
C GLY A 268 -8.57 -19.36 -10.96
N VAL A 269 -8.57 -20.67 -10.67
CA VAL A 269 -8.03 -21.71 -11.56
C VAL A 269 -9.11 -22.05 -12.59
N GLU A 270 -9.29 -21.18 -13.61
CA GLU A 270 -10.40 -21.27 -14.61
C GLU A 270 -10.48 -22.70 -15.20
N ASP A 271 -9.29 -23.23 -15.53
CA ASP A 271 -9.08 -24.64 -15.92
C ASP A 271 -8.97 -25.52 -14.66
N GLY A 272 -10.12 -25.69 -13.96
CA GLY A 272 -10.20 -26.34 -12.64
C GLY A 272 -10.01 -27.87 -12.65
N SER A 273 -8.93 -28.34 -13.31
CA SER A 273 -8.41 -29.70 -13.18
C SER A 273 -7.28 -29.69 -12.14
N VAL A 274 -6.96 -30.88 -11.60
CA VAL A 274 -5.87 -31.04 -10.63
C VAL A 274 -4.51 -30.81 -11.33
N GLU A 275 -4.34 -31.42 -12.52
CA GLU A 275 -3.16 -31.19 -13.40
C GLU A 275 -3.06 -29.70 -13.81
N GLY A 276 -4.23 -29.06 -13.93
CA GLY A 276 -4.31 -27.61 -14.19
C GLY A 276 -3.93 -26.76 -12.99
N LEU A 277 -4.15 -27.31 -11.76
CA LEU A 277 -3.80 -26.61 -10.51
C LEU A 277 -2.27 -26.63 -10.37
N ARG A 278 -1.70 -27.82 -10.61
CA ARG A 278 -0.24 -28.04 -10.70
C ARG A 278 0.43 -27.05 -11.67
N ALA A 279 -0.04 -27.07 -12.94
CA ALA A 279 0.55 -26.28 -14.03
C ALA A 279 0.45 -24.77 -13.76
N GLU A 280 -0.78 -24.29 -13.48
CA GLU A 280 -1.05 -22.84 -13.33
C GLU A 280 -0.36 -22.27 -12.08
N VAL A 281 -0.47 -22.96 -10.93
CA VAL A 281 0.15 -22.47 -9.70
C VAL A 281 1.68 -22.57 -9.79
N ARG A 282 2.23 -23.55 -10.57
CA ARG A 282 3.70 -23.65 -10.78
C ARG A 282 4.23 -22.44 -11.61
N LYS A 283 3.51 -22.05 -12.68
CA LYS A 283 3.86 -20.86 -13.49
C LYS A 283 3.55 -19.55 -12.72
N ASN A 284 2.71 -19.63 -11.65
CA ASN A 284 2.56 -18.54 -10.67
C ASN A 284 3.72 -18.59 -9.63
N MET A 285 4.21 -19.81 -9.30
CA MET A 285 5.26 -20.01 -8.27
C MET A 285 6.55 -19.35 -8.72
N GLU A 286 7.13 -19.89 -9.82
CA GLU A 286 8.45 -19.44 -10.33
C GLU A 286 8.44 -17.96 -10.75
N ARG A 287 7.28 -17.48 -11.23
CA ARG A 287 7.08 -16.07 -11.61
C ARG A 287 7.12 -15.16 -10.38
N GLU A 288 6.28 -15.48 -9.38
CA GLU A 288 6.15 -14.67 -8.15
C GLU A 288 7.33 -14.92 -7.20
N LEU A 289 8.09 -16.01 -7.46
CA LEU A 289 9.29 -16.36 -6.71
C LEU A 289 10.45 -15.48 -7.16
N LYS A 290 10.65 -15.42 -8.50
CA LYS A 290 11.66 -14.52 -9.10
C LYS A 290 11.33 -13.04 -8.78
N SER A 291 10.01 -12.74 -8.73
CA SER A 291 9.49 -11.42 -8.31
C SER A 291 9.87 -11.15 -6.83
N ALA A 292 9.62 -12.15 -5.96
CA ALA A 292 9.88 -12.05 -4.51
C ALA A 292 11.38 -11.90 -4.21
N ILE A 293 12.23 -12.66 -4.95
CA ILE A 293 13.71 -12.60 -4.82
C ILE A 293 14.20 -11.23 -5.29
N ARG A 294 13.70 -10.76 -6.45
CA ARG A 294 14.13 -9.48 -7.02
C ARG A 294 13.78 -8.30 -6.08
N ASN A 295 12.54 -8.32 -5.59
CA ASN A 295 12.02 -7.30 -4.66
C ASN A 295 12.74 -7.41 -3.30
N ARG A 296 13.14 -8.63 -2.91
CA ARG A 296 13.92 -8.90 -1.68
C ARG A 296 15.31 -8.23 -1.76
N VAL A 297 16.03 -8.55 -2.83
CA VAL A 297 17.38 -8.05 -3.09
C VAL A 297 17.38 -6.50 -3.19
N LYS A 298 16.37 -5.98 -3.91
CA LYS A 298 16.20 -4.54 -4.12
C LYS A 298 15.85 -3.83 -2.80
N SER A 299 14.95 -4.42 -1.99
CA SER A 299 14.47 -3.81 -0.73
C SER A 299 15.59 -3.76 0.33
N GLN A 300 16.43 -4.82 0.40
CA GLN A 300 17.59 -4.86 1.32
C GLN A 300 18.70 -3.91 0.83
N ALA A 301 18.82 -3.79 -0.51
CA ALA A 301 19.73 -2.82 -1.14
C ALA A 301 19.37 -1.38 -0.71
N ILE A 302 18.07 -1.05 -0.78
CA ILE A 302 17.54 0.30 -0.45
C ILE A 302 17.65 0.60 1.07
N GLU A 303 17.13 -0.33 1.89
CA GLU A 303 17.13 -0.23 3.37
C GLU A 303 18.58 -0.06 3.88
N GLY A 304 19.45 -0.96 3.40
CA GLY A 304 20.85 -0.94 3.73
C GLY A 304 21.58 0.30 3.19
N LEU A 305 21.18 0.77 1.98
CA LEU A 305 21.81 1.95 1.31
C LEU A 305 21.64 3.19 2.20
N VAL A 306 20.38 3.47 2.57
CA VAL A 306 20.06 4.62 3.42
C VAL A 306 20.78 4.49 4.77
N LYS A 307 20.68 3.30 5.39
CA LYS A 307 21.33 2.97 6.69
C LYS A 307 22.88 3.14 6.61
N ALA A 308 23.44 2.90 5.41
CA ALA A 308 24.91 2.96 5.16
C ALA A 308 25.39 4.35 4.72
N ASN A 309 24.50 5.37 4.70
CA ASN A 309 24.85 6.69 4.12
C ASN A 309 24.29 7.85 4.95
N ASP A 310 25.06 8.97 4.98
CA ASP A 310 24.63 10.25 5.56
C ASP A 310 24.30 11.22 4.42
N ILE A 311 23.29 12.09 4.66
CA ILE A 311 22.79 13.05 3.66
C ILE A 311 21.87 14.07 4.33
N ASP A 312 22.00 15.35 3.93
CA ASP A 312 21.12 16.43 4.39
C ASP A 312 20.20 16.85 3.24
N VAL A 313 18.91 16.62 3.41
CA VAL A 313 17.86 16.98 2.46
C VAL A 313 17.31 18.38 2.82
N PRO A 314 17.16 19.33 1.82
CA PRO A 314 16.43 20.60 2.05
C PRO A 314 14.95 20.30 2.38
N ALA A 315 14.41 21.04 3.37
CA ALA A 315 13.09 20.77 3.98
C ALA A 315 11.98 20.71 2.95
N ALA A 316 12.07 21.57 1.92
CA ALA A 316 11.05 21.74 0.87
C ALA A 316 10.66 20.41 0.19
N LEU A 317 11.67 19.56 -0.10
CA LEU A 317 11.45 18.23 -0.72
C LEU A 317 10.61 17.32 0.20
N ILE A 318 11.03 17.32 1.47
CA ILE A 318 10.41 16.52 2.54
C ILE A 318 8.94 16.93 2.70
N ASP A 319 8.71 18.26 2.81
CA ASP A 319 7.37 18.85 3.03
C ASP A 319 6.44 18.64 1.82
N SER A 320 7.01 18.62 0.61
CA SER A 320 6.27 18.23 -0.61
C SER A 320 5.72 16.80 -0.46
N GLU A 321 6.65 15.86 -0.16
CA GLU A 321 6.30 14.44 0.00
C GLU A 321 5.36 14.21 1.19
N ILE A 322 5.54 14.99 2.29
CA ILE A 322 4.69 14.93 3.49
C ILE A 322 3.26 15.30 3.11
N ASP A 323 3.12 16.43 2.39
CA ASP A 323 1.83 16.94 1.94
C ASP A 323 1.10 15.90 1.06
N VAL A 324 1.86 15.25 0.14
CA VAL A 324 1.32 14.17 -0.69
C VAL A 324 0.83 12.99 0.22
N LEU A 325 1.65 12.63 1.23
CA LEU A 325 1.33 11.56 2.20
C LEU A 325 0.10 11.91 3.07
N ARG A 326 -0.09 13.21 3.36
CA ARG A 326 -1.18 13.71 4.23
C ARG A 326 -2.52 13.66 3.49
N ARG A 327 -2.53 14.19 2.25
CA ARG A 327 -3.72 14.20 1.39
C ARG A 327 -4.12 12.75 1.03
N GLN A 328 -3.09 11.94 0.72
CA GLN A 328 -3.22 10.48 0.46
C GLN A 328 -3.79 9.74 1.68
N ALA A 329 -3.33 10.13 2.88
CA ALA A 329 -3.80 9.55 4.16
C ALA A 329 -5.30 9.80 4.31
N ALA A 330 -5.68 11.09 4.39
CA ALA A 330 -7.07 11.54 4.62
C ALA A 330 -8.03 11.00 3.55
N GLN A 331 -7.55 10.94 2.29
CA GLN A 331 -8.30 10.41 1.14
C GLN A 331 -8.72 8.95 1.40
N ARG A 332 -7.81 8.17 2.03
CA ARG A 332 -8.05 6.74 2.35
C ARG A 332 -8.68 6.61 3.74
N PHE A 333 -8.54 7.68 4.55
CA PHE A 333 -9.08 7.77 5.92
C PHE A 333 -10.54 8.30 5.82
N GLY A 334 -11.32 7.65 4.95
CA GLY A 334 -12.72 8.00 4.71
C GLY A 334 -12.93 9.31 3.91
N GLY A 335 -11.84 9.91 3.37
CA GLY A 335 -11.94 11.16 2.62
C GLY A 335 -12.13 12.37 3.54
N ASN A 336 -11.32 12.39 4.62
CA ASN A 336 -11.38 13.42 5.67
C ASN A 336 -11.13 14.84 5.08
N GLU A 337 -12.14 15.73 5.21
CA GLU A 337 -12.19 17.06 4.55
C GLU A 337 -11.01 17.98 4.93
N LYS A 338 -9.93 17.89 4.14
CA LYS A 338 -8.81 18.88 4.13
C LYS A 338 -8.04 19.00 5.46
N GLN A 339 -8.36 18.15 6.45
CA GLN A 339 -7.62 18.10 7.74
C GLN A 339 -6.24 17.46 7.53
N ALA A 340 -6.08 16.86 6.33
CA ALA A 340 -4.80 16.45 5.74
C ALA A 340 -3.77 17.59 5.83
N LEU A 341 -4.20 18.78 5.36
CA LEU A 341 -3.35 19.97 5.26
C LEU A 341 -2.89 20.46 6.65
N GLU A 342 -3.65 20.09 7.71
CA GLU A 342 -3.34 20.45 9.11
C GLU A 342 -2.65 19.29 9.89
N LEU A 343 -2.45 18.12 9.23
CA LEU A 343 -1.66 17.03 9.83
C LEU A 343 -0.20 17.51 10.03
N PRO A 344 0.40 17.35 11.27
CA PRO A 344 1.77 17.84 11.60
C PRO A 344 2.86 17.37 10.60
N ARG A 345 3.91 18.20 10.44
CA ARG A 345 5.06 17.88 9.55
C ARG A 345 5.66 16.52 9.95
N GLU A 346 6.05 16.45 11.23
CA GLU A 346 6.67 15.28 11.84
C GLU A 346 5.72 14.06 11.93
N LEU A 347 4.42 14.23 11.55
CA LEU A 347 3.47 13.09 11.48
C LEU A 347 3.94 12.15 10.34
N PHE A 348 4.50 12.74 9.25
CA PHE A 348 4.95 11.97 8.07
C PHE A 348 6.42 12.25 7.72
N GLU A 349 7.06 13.22 8.41
CA GLU A 349 8.44 13.68 8.11
C GLU A 349 9.46 12.52 8.07
N GLU A 350 9.35 11.60 9.05
CA GLU A 350 10.29 10.46 9.20
C GLU A 350 10.36 9.62 7.92
N GLN A 351 9.19 9.17 7.45
CA GLN A 351 9.08 8.33 6.25
C GLN A 351 9.27 9.14 4.96
N ALA A 352 8.79 10.40 4.94
CA ALA A 352 8.85 11.27 3.75
C ALA A 352 10.29 11.56 3.37
N LYS A 353 11.04 12.05 4.37
CA LYS A 353 12.50 12.29 4.27
C LYS A 353 13.22 11.02 3.84
N ARG A 354 12.84 9.88 4.45
CA ARG A 354 13.42 8.55 4.15
C ARG A 354 13.28 8.20 2.65
N ARG A 355 12.07 8.46 2.10
CA ARG A 355 11.75 8.22 0.67
C ARG A 355 12.58 9.14 -0.24
N VAL A 356 12.66 10.45 0.13
CA VAL A 356 13.47 11.44 -0.62
C VAL A 356 14.96 11.04 -0.60
N VAL A 357 15.42 10.55 0.56
CA VAL A 357 16.81 10.10 0.78
C VAL A 357 17.15 8.93 -0.15
N VAL A 358 16.23 7.92 -0.25
CA VAL A 358 16.35 6.79 -1.21
C VAL A 358 16.69 7.31 -2.63
N GLY A 359 15.92 8.33 -3.05
CA GLY A 359 15.98 8.85 -4.39
C GLY A 359 17.13 9.79 -4.68
N LEU A 360 17.62 10.50 -3.65
CA LEU A 360 18.77 11.40 -3.78
C LEU A 360 20.09 10.60 -3.77
N LEU A 361 20.10 9.48 -3.00
CA LEU A 361 21.24 8.53 -2.97
C LEU A 361 21.35 7.82 -4.33
N LEU A 362 20.21 7.29 -4.82
CA LEU A 362 20.13 6.66 -6.16
C LEU A 362 20.29 7.69 -7.29
N GLY A 363 19.91 8.95 -7.03
CA GLY A 363 20.16 10.08 -7.94
C GLY A 363 21.65 10.36 -8.07
N GLU A 364 22.36 10.26 -6.93
CA GLU A 364 23.82 10.45 -6.87
C GLU A 364 24.56 9.24 -7.49
N VAL A 365 23.96 8.03 -7.39
CA VAL A 365 24.47 6.84 -8.11
C VAL A 365 24.50 7.14 -9.62
N ILE A 366 23.36 7.63 -10.14
CA ILE A 366 23.21 7.99 -11.55
C ILE A 366 24.18 9.11 -11.94
N ARG A 367 24.34 10.13 -11.07
CA ARG A 367 25.20 11.29 -11.36
C ARG A 367 26.68 10.86 -11.40
N THR A 368 27.22 10.45 -10.23
CA THR A 368 28.65 10.09 -10.05
C THR A 368 29.11 8.96 -11.01
N ASN A 369 28.25 7.94 -11.18
CA ASN A 369 28.58 6.74 -12.01
C ASN A 369 28.13 6.94 -13.50
N GLU A 370 27.64 8.16 -13.85
CA GLU A 370 27.07 8.50 -15.20
C GLU A 370 26.11 7.40 -15.72
N LEU A 371 25.36 6.83 -14.75
CA LEU A 371 24.56 5.61 -14.95
C LEU A 371 23.31 5.92 -15.78
N LYS A 372 23.09 5.08 -16.81
CA LYS A 372 21.99 5.23 -17.80
C LYS A 372 21.01 4.05 -17.71
N ALA A 373 19.90 4.13 -18.44
CA ALA A 373 18.98 3.01 -18.62
C ALA A 373 19.48 2.14 -19.78
N ASP A 374 20.38 1.19 -19.45
CA ASP A 374 21.15 0.42 -20.45
C ASP A 374 20.22 -0.44 -21.33
N GLU A 375 20.59 -0.56 -22.62
CA GLU A 375 19.79 -1.23 -23.67
C GLU A 375 19.47 -2.67 -23.28
N GLU A 376 20.47 -3.36 -22.70
CA GLU A 376 20.36 -4.75 -22.26
C GLU A 376 19.40 -4.86 -21.06
N ARG A 377 19.36 -3.80 -20.22
CA ARG A 377 18.55 -3.83 -18.99
C ARG A 377 17.07 -3.58 -19.33
N VAL A 378 16.82 -2.61 -20.24
CA VAL A 378 15.46 -2.31 -20.72
C VAL A 378 14.89 -3.54 -21.48
N LYS A 379 15.57 -3.90 -22.58
CA LYS A 379 15.16 -5.02 -23.47
C LYS A 379 15.14 -6.36 -22.69
N GLY A 380 16.14 -6.55 -21.81
CA GLY A 380 16.24 -7.76 -21.00
C GLY A 380 15.11 -7.90 -19.98
N LEU A 381 14.71 -6.76 -19.37
CA LEU A 381 13.58 -6.74 -18.43
C LEU A 381 12.24 -6.94 -19.20
N ILE A 382 12.18 -6.47 -20.48
CA ILE A 382 11.05 -6.75 -21.39
C ILE A 382 10.91 -8.28 -21.58
N GLU A 383 12.05 -8.94 -21.84
CA GLU A 383 12.12 -10.41 -22.06
C GLU A 383 11.76 -11.20 -20.78
N GLU A 384 12.23 -10.73 -19.61
CA GLU A 384 11.96 -11.40 -18.31
C GLU A 384 10.48 -11.26 -17.91
N MET A 385 9.90 -10.10 -18.19
CA MET A 385 8.49 -9.78 -17.91
C MET A 385 7.57 -10.53 -18.90
N ALA A 386 8.04 -10.65 -20.16
CA ALA A 386 7.31 -11.38 -21.22
C ALA A 386 7.27 -12.88 -20.91
N SER A 387 8.44 -13.42 -20.51
CA SER A 387 8.60 -14.83 -20.10
C SER A 387 7.74 -15.16 -18.88
N ALA A 388 7.55 -14.14 -18.03
CA ALA A 388 6.65 -14.22 -16.87
C ALA A 388 5.17 -14.25 -17.30
N TYR A 389 4.85 -13.54 -18.41
CA TYR A 389 3.46 -13.40 -18.91
C TYR A 389 3.08 -14.61 -19.77
N GLU A 390 1.81 -14.66 -20.17
CA GLU A 390 1.21 -15.82 -20.84
C GLU A 390 1.77 -16.01 -22.26
N ASP A 391 2.07 -14.90 -22.95
CA ASP A 391 2.64 -14.93 -24.32
C ASP A 391 3.35 -13.58 -24.60
N PRO A 392 4.66 -13.57 -25.02
CA PRO A 392 5.44 -12.30 -25.24
C PRO A 392 4.77 -11.24 -26.14
N LYS A 393 3.97 -11.72 -27.12
CA LYS A 393 3.27 -10.85 -28.09
C LYS A 393 2.43 -9.77 -27.39
N GLU A 394 1.76 -10.13 -26.28
CA GLU A 394 0.92 -9.18 -25.50
C GLU A 394 1.76 -7.98 -25.00
N VAL A 395 3.03 -8.27 -24.61
CA VAL A 395 3.96 -7.28 -24.04
C VAL A 395 4.44 -6.33 -25.15
N ILE A 396 4.94 -6.91 -26.25
CA ILE A 396 5.47 -6.14 -27.42
C ILE A 396 4.35 -5.23 -28.02
N GLU A 397 3.13 -5.77 -28.11
CA GLU A 397 1.95 -5.05 -28.64
C GLU A 397 1.50 -3.92 -27.70
N PHE A 398 1.63 -4.14 -26.37
CA PHE A 398 1.38 -3.06 -25.38
C PHE A 398 2.33 -1.86 -25.64
N TYR A 399 3.66 -2.16 -25.66
CA TYR A 399 4.72 -1.12 -25.88
C TYR A 399 4.47 -0.32 -27.18
N SER A 400 4.24 -1.04 -28.30
CA SER A 400 4.12 -0.44 -29.65
C SER A 400 2.90 0.50 -29.79
N LYS A 401 1.95 0.46 -28.84
CA LYS A 401 0.78 1.37 -28.83
C LYS A 401 0.75 2.25 -27.56
N ASN A 402 1.76 2.12 -26.67
CA ASN A 402 1.74 2.81 -25.36
C ASN A 402 3.14 3.31 -24.96
N LYS A 403 3.35 4.63 -25.16
CA LYS A 403 4.58 5.33 -24.73
C LYS A 403 4.64 5.45 -23.20
N GLU A 404 3.44 5.53 -22.58
CA GLU A 404 3.24 5.75 -21.13
C GLU A 404 4.03 4.74 -20.27
N LEU A 405 4.06 3.48 -20.74
CA LEU A 405 4.87 2.42 -20.13
C LEU A 405 6.34 2.58 -20.52
N MET A 406 6.60 2.93 -21.80
CA MET A 406 7.94 2.90 -22.39
C MET A 406 8.91 3.90 -21.71
N ASP A 407 8.40 5.10 -21.34
CA ASP A 407 9.21 6.11 -20.59
C ASP A 407 9.40 5.68 -19.13
N ASN A 408 8.32 5.13 -18.54
CA ASN A 408 8.33 4.56 -17.17
C ASN A 408 9.23 3.32 -17.11
N MET A 409 9.44 2.69 -18.28
CA MET A 409 10.31 1.53 -18.47
C MET A 409 11.77 1.96 -18.43
N ARG A 410 12.06 3.13 -19.00
CA ARG A 410 13.39 3.75 -18.93
C ARG A 410 13.70 4.16 -17.48
N ASN A 411 12.67 4.67 -16.78
CA ASN A 411 12.75 5.07 -15.35
C ASN A 411 13.13 3.87 -14.47
N VAL A 412 12.33 2.78 -14.57
CA VAL A 412 12.52 1.59 -13.73
C VAL A 412 13.82 0.85 -14.09
N ALA A 413 14.18 0.80 -15.41
CA ALA A 413 15.42 0.12 -15.87
C ALA A 413 16.68 0.90 -15.47
N LEU A 414 16.56 2.25 -15.44
CA LEU A 414 17.59 3.14 -14.88
C LEU A 414 17.83 2.78 -13.41
N GLU A 415 16.71 2.68 -12.67
CA GLU A 415 16.68 2.37 -11.24
C GLU A 415 17.13 0.92 -10.95
N GLU A 416 16.84 0.01 -11.89
CA GLU A 416 17.20 -1.40 -11.78
C GLU A 416 18.73 -1.54 -11.87
N GLN A 417 19.32 -0.94 -12.92
CA GLN A 417 20.79 -0.92 -13.10
C GLN A 417 21.47 -0.08 -12.00
N ALA A 418 20.73 0.93 -11.47
CA ALA A 418 21.17 1.73 -10.30
C ALA A 418 21.42 0.82 -9.09
N VAL A 419 20.43 -0.06 -8.83
CA VAL A 419 20.52 -1.08 -7.78
C VAL A 419 21.71 -2.02 -8.07
N GLU A 420 21.87 -2.49 -9.33
CA GLU A 420 22.96 -3.43 -9.71
C GLU A 420 24.37 -2.85 -9.43
N ALA A 421 24.51 -1.53 -9.62
CA ALA A 421 25.76 -0.79 -9.31
C ALA A 421 26.00 -0.71 -7.79
N VAL A 422 24.90 -0.68 -7.03
CA VAL A 422 24.93 -0.67 -5.55
C VAL A 422 25.27 -2.08 -5.03
N LEU A 423 24.74 -3.11 -5.75
CA LEU A 423 24.94 -4.53 -5.42
C LEU A 423 26.40 -4.96 -5.72
N ALA A 424 26.96 -4.38 -6.79
CA ALA A 424 28.37 -4.58 -7.20
C ALA A 424 29.33 -4.18 -6.07
N LYS A 425 28.92 -3.17 -5.30
CA LYS A 425 29.66 -2.64 -4.14
C LYS A 425 29.17 -3.25 -2.81
N ALA A 426 27.92 -3.72 -2.78
CA ALA A 426 27.28 -4.28 -1.57
C ALA A 426 27.65 -5.75 -1.36
N LYS A 427 27.60 -6.19 -0.10
CA LYS A 427 27.81 -7.59 0.28
C LYS A 427 26.55 -8.41 -0.03
N VAL A 428 26.43 -8.83 -1.29
CA VAL A 428 25.32 -9.69 -1.76
C VAL A 428 25.68 -11.16 -1.49
N THR A 429 25.19 -11.65 -0.36
CA THR A 429 25.34 -13.04 0.07
C THR A 429 24.15 -13.88 -0.45
N GLU A 430 24.39 -14.57 -1.57
CA GLU A 430 23.41 -15.45 -2.20
C GLU A 430 23.54 -16.87 -1.63
N LYS A 431 22.44 -17.45 -1.12
CA LYS A 431 22.43 -18.83 -0.61
C LYS A 431 21.07 -19.47 -0.82
N GLU A 432 21.07 -20.80 -0.99
CA GLU A 432 19.85 -21.60 -1.16
C GLU A 432 19.13 -21.77 0.19
N THR A 433 17.79 -21.87 0.14
CA THR A 433 16.95 -21.94 1.36
C THR A 433 15.64 -22.70 1.08
N THR A 434 14.89 -22.97 2.16
CA THR A 434 13.61 -23.68 2.13
C THR A 434 12.46 -22.78 1.64
N PHE A 435 11.27 -23.39 1.45
CA PHE A 435 10.10 -22.75 0.80
C PHE A 435 9.54 -21.54 1.61
N ASN A 436 8.81 -21.83 2.72
CA ASN A 436 7.99 -20.82 3.42
C ASN A 436 8.85 -19.85 4.28
N GLU A 437 10.19 -20.11 4.32
CA GLU A 437 11.16 -19.23 4.99
C GLU A 437 11.14 -17.79 4.41
N LEU A 438 11.06 -17.69 3.07
CA LEU A 438 10.95 -16.41 2.35
C LEU A 438 9.53 -15.81 2.58
N MET A 439 8.55 -16.70 2.74
CA MET A 439 7.13 -16.33 2.80
C MET A 439 6.72 -15.94 4.26
N ASN A 440 7.72 -15.93 5.18
CA ASN A 440 7.55 -15.46 6.58
C ASN A 440 7.61 -13.92 6.66
N GLN A 441 7.65 -13.24 5.50
CA GLN A 441 7.78 -11.78 5.41
C GLN A 441 6.43 -11.14 5.04
N GLN A 442 5.61 -10.86 6.07
CA GLN A 442 4.30 -10.20 5.92
C GLN A 442 4.40 -8.68 6.16
N ALA A 443 5.56 -8.24 6.66
CA ALA A 443 5.86 -6.83 6.96
C ALA A 443 7.39 -6.65 7.07
N MET B 2 -10.56 -10.51 55.59
CA MET B 2 -11.04 -10.98 54.27
C MET B 2 -9.94 -10.75 53.20
N LYS B 3 -9.80 -9.48 52.75
CA LYS B 3 -8.80 -9.04 51.74
C LYS B 3 -8.98 -9.83 50.41
N GLN B 4 -10.24 -10.21 50.12
CA GLN B 4 -10.60 -10.96 48.92
C GLN B 4 -10.50 -10.05 47.67
N SER B 5 -10.09 -10.63 46.55
CA SER B 5 -10.00 -9.92 45.26
C SER B 5 -10.87 -10.66 44.26
N THR B 6 -12.19 -10.38 44.35
CA THR B 6 -13.19 -10.98 43.47
C THR B 6 -13.18 -10.27 42.09
N ILE B 7 -12.24 -10.69 41.25
CA ILE B 7 -12.03 -10.12 39.90
C ILE B 7 -12.91 -10.87 38.90
N ALA B 8 -13.48 -10.13 37.93
CA ALA B 8 -14.23 -10.71 36.80
C ALA B 8 -13.24 -11.21 35.74
N LEU B 9 -12.47 -12.24 36.14
CA LEU B 9 -11.45 -12.88 35.31
C LEU B 9 -12.06 -13.98 34.42
N ALA B 10 -13.41 -14.02 34.38
CA ALA B 10 -14.17 -14.83 33.41
C ALA B 10 -14.01 -14.30 31.96
N LEU B 11 -13.37 -13.11 31.85
CA LEU B 11 -12.84 -12.55 30.59
C LEU B 11 -11.28 -12.63 30.65
N LEU B 12 -10.57 -11.70 29.97
CA LEU B 12 -9.08 -11.52 30.06
C LEU B 12 -8.28 -12.80 29.63
N PRO B 13 -6.88 -12.81 29.59
CA PRO B 13 -6.09 -14.06 29.38
C PRO B 13 -6.23 -15.11 30.52
N LEU B 14 -7.40 -15.77 30.56
CA LEU B 14 -7.64 -16.96 31.40
C LEU B 14 -8.23 -18.07 30.50
N LEU B 15 -9.04 -17.65 29.50
CA LEU B 15 -9.76 -18.57 28.62
C LEU B 15 -9.55 -18.17 27.13
N PHE B 16 -9.95 -16.95 26.77
CA PHE B 16 -9.99 -16.48 25.35
C PHE B 16 -10.77 -17.48 24.45
N THR B 17 -12.10 -17.44 24.56
CA THR B 17 -12.99 -18.24 23.71
C THR B 17 -13.40 -17.41 22.47
N PRO B 18 -13.50 -18.05 21.25
CA PRO B 18 -14.06 -17.38 20.05
C PRO B 18 -15.48 -16.84 20.32
N VAL B 19 -16.35 -17.74 20.82
CA VAL B 19 -17.72 -17.44 21.26
C VAL B 19 -18.10 -18.42 22.39
N THR B 20 -18.73 -17.89 23.45
CA THR B 20 -19.25 -18.71 24.56
C THR B 20 -20.50 -19.48 24.08
N LYS B 21 -20.40 -20.83 24.01
CA LYS B 21 -21.47 -21.75 23.60
C LYS B 21 -21.80 -21.64 22.08
N ALA B 22 -22.46 -20.52 21.70
CA ALA B 22 -23.02 -20.28 20.35
C ALA B 22 -24.14 -21.30 20.06
N ARG B 23 -23.72 -22.51 19.66
CA ARG B 23 -24.59 -23.68 19.49
C ARG B 23 -23.71 -24.92 19.35
N THR B 24 -23.18 -25.37 20.50
CA THR B 24 -22.42 -26.60 20.58
C THR B 24 -23.39 -27.80 20.41
N PRO B 25 -23.11 -28.72 19.42
CA PRO B 25 -24.06 -29.78 19.01
C PRO B 25 -24.17 -30.96 20.02
N GLU B 26 -23.66 -30.76 21.26
CA GLU B 26 -23.91 -31.65 22.40
C GLU B 26 -25.43 -31.76 22.65
N MET B 27 -26.08 -30.57 22.63
CA MET B 27 -27.53 -30.45 22.74
C MET B 27 -28.09 -29.99 21.36
N PRO B 28 -28.61 -30.92 20.51
CA PRO B 28 -29.16 -30.58 19.18
C PRO B 28 -30.45 -29.75 19.30
N VAL B 29 -30.46 -28.55 18.69
CA VAL B 29 -31.64 -27.67 18.67
C VAL B 29 -32.64 -28.23 17.64
N LEU B 30 -33.55 -29.11 18.12
CA LEU B 30 -34.53 -29.79 17.28
C LEU B 30 -35.69 -28.81 16.96
N GLU B 31 -35.54 -28.06 15.88
CA GLU B 31 -36.58 -27.22 15.31
C GLU B 31 -37.53 -28.09 14.46
N ASN B 32 -38.84 -27.82 14.55
CA ASN B 32 -39.87 -28.59 13.84
C ASN B 32 -40.96 -27.61 13.36
N ARG B 33 -40.77 -27.09 12.12
CA ARG B 33 -41.77 -26.30 11.33
C ARG B 33 -42.38 -25.07 12.08
N ALA B 34 -41.79 -24.68 13.21
CA ALA B 34 -42.25 -23.51 14.00
C ALA B 34 -41.42 -22.26 13.64
N ALA B 35 -40.33 -22.49 12.88
CA ALA B 35 -39.47 -21.42 12.34
C ALA B 35 -40.13 -20.76 11.13
N GLN B 36 -39.89 -19.45 10.97
CA GLN B 36 -40.43 -18.64 9.85
C GLN B 36 -39.27 -18.10 9.00
N GLY B 37 -39.62 -17.49 7.85
CA GLY B 37 -38.65 -16.81 6.99
C GLY B 37 -38.53 -15.33 7.32
N ASP B 38 -37.56 -14.67 6.67
CA ASP B 38 -37.38 -13.20 6.73
C ASP B 38 -38.67 -12.49 6.23
N ILE B 39 -39.28 -11.67 7.13
CA ILE B 39 -40.58 -10.95 6.94
C ILE B 39 -41.79 -11.91 6.71
N THR B 40 -41.50 -13.25 6.71
CA THR B 40 -42.46 -14.32 6.36
C THR B 40 -43.15 -14.07 5.00
N ALA B 41 -44.22 -13.26 5.00
CA ALA B 41 -44.99 -12.91 3.79
C ALA B 41 -45.05 -11.37 3.65
N PRO B 42 -44.31 -10.77 2.66
CA PRO B 42 -44.37 -9.31 2.41
C PRO B 42 -45.56 -8.89 1.51
N GLY B 43 -46.49 -9.84 1.29
CA GLY B 43 -47.59 -9.64 0.35
C GLY B 43 -47.10 -9.75 -1.09
N GLY B 44 -46.60 -8.60 -1.62
CA GLY B 44 -45.97 -8.54 -2.94
C GLY B 44 -46.89 -8.92 -4.09
N ALA B 45 -48.22 -8.83 -3.87
CA ALA B 45 -49.24 -9.13 -4.88
C ALA B 45 -49.34 -7.97 -5.88
N ARG B 46 -48.30 -7.87 -6.73
CA ARG B 46 -48.10 -6.79 -7.69
C ARG B 46 -46.95 -7.19 -8.65
N ARG B 47 -45.91 -7.85 -8.10
CA ARG B 47 -44.61 -8.14 -8.77
C ARG B 47 -43.76 -6.86 -8.94
N LEU B 48 -44.39 -5.78 -9.42
CA LEU B 48 -43.73 -4.50 -9.70
C LEU B 48 -44.72 -3.34 -9.51
N THR B 49 -44.24 -2.11 -9.70
CA THR B 49 -45.05 -0.88 -9.68
C THR B 49 -44.55 0.02 -10.82
N GLY B 50 -43.22 0.29 -10.81
CA GLY B 50 -42.54 0.96 -11.92
C GLY B 50 -42.08 -0.03 -12.98
N ASP B 51 -41.11 0.36 -13.84
CA ASP B 51 -40.59 -0.51 -14.92
C ASP B 51 -39.54 -1.50 -14.37
N GLN B 52 -40.06 -2.60 -13.82
CA GLN B 52 -39.29 -3.75 -13.32
C GLN B 52 -39.53 -4.99 -14.22
N THR B 53 -40.24 -4.80 -15.34
CA THR B 53 -40.72 -5.90 -16.20
C THR B 53 -39.57 -6.83 -16.72
N ALA B 54 -38.66 -6.27 -17.54
CA ALA B 54 -37.51 -7.02 -18.11
C ALA B 54 -36.33 -7.08 -17.14
N ALA B 55 -36.26 -6.10 -16.23
CA ALA B 55 -35.19 -6.00 -15.22
C ALA B 55 -35.81 -5.89 -13.82
N LEU B 56 -36.27 -7.05 -13.29
CA LEU B 56 -36.89 -7.14 -11.95
C LEU B 56 -35.78 -6.97 -10.90
N ARG B 57 -34.83 -7.90 -10.94
CA ARG B 57 -33.69 -7.95 -10.01
C ARG B 57 -32.68 -8.98 -10.54
N ASP B 58 -31.43 -8.93 -10.03
CA ASP B 58 -30.43 -10.00 -10.22
C ASP B 58 -30.82 -11.20 -9.34
N SER B 59 -31.90 -11.88 -9.75
CA SER B 59 -32.48 -13.01 -9.02
C SER B 59 -31.62 -14.26 -9.21
N LEU B 60 -31.48 -14.70 -10.49
CA LEU B 60 -30.65 -15.82 -10.93
C LEU B 60 -31.01 -17.17 -10.22
N SER B 61 -30.55 -17.34 -8.95
CA SER B 61 -30.73 -18.60 -8.17
C SER B 61 -29.87 -19.73 -8.78
N ASP B 62 -28.78 -19.31 -9.48
CA ASP B 62 -27.90 -20.18 -10.29
C ASP B 62 -28.69 -20.82 -11.46
N LYS B 63 -28.81 -20.04 -12.54
CA LYS B 63 -29.43 -20.50 -13.82
C LYS B 63 -28.46 -20.20 -14.97
N PRO B 64 -28.37 -21.10 -16.02
CA PRO B 64 -27.64 -20.79 -17.27
C PRO B 64 -28.37 -19.68 -18.07
N ALA B 65 -28.15 -18.43 -17.66
CA ALA B 65 -28.79 -17.24 -18.26
C ALA B 65 -28.06 -16.81 -19.55
N LYS B 66 -26.87 -17.42 -19.76
CA LYS B 66 -26.08 -17.33 -21.00
C LYS B 66 -25.56 -15.90 -21.23
N ASN B 67 -26.40 -15.06 -21.86
CA ASN B 67 -26.07 -13.65 -22.12
C ASN B 67 -26.80 -12.78 -21.07
N ILE B 68 -26.06 -12.43 -19.99
CA ILE B 68 -26.55 -11.56 -18.90
C ILE B 68 -26.34 -10.09 -19.32
N ILE B 69 -27.16 -9.64 -20.29
CA ILE B 69 -27.08 -8.30 -20.88
C ILE B 69 -28.14 -7.39 -20.23
N LEU B 70 -29.42 -7.82 -20.35
CA LEU B 70 -30.60 -7.08 -19.86
C LEU B 70 -30.74 -5.70 -20.53
N LEU B 71 -31.75 -4.93 -20.11
CA LEU B 71 -31.93 -3.54 -20.57
C LEU B 71 -30.86 -2.61 -19.97
N ILE B 72 -30.31 -3.02 -18.81
CA ILE B 72 -29.28 -2.25 -18.10
C ILE B 72 -27.89 -2.83 -18.43
N GLY B 73 -27.17 -2.15 -19.34
CA GLY B 73 -25.85 -2.58 -19.80
C GLY B 73 -25.20 -1.51 -20.65
N ASP B 74 -24.67 -1.89 -21.83
CA ASP B 74 -24.04 -0.94 -22.77
C ASP B 74 -25.08 -0.49 -23.81
N GLY B 75 -25.52 -1.44 -24.65
CA GLY B 75 -26.42 -1.18 -25.78
C GLY B 75 -27.87 -0.88 -25.36
N MET B 76 -28.84 -1.35 -26.16
CA MET B 76 -30.31 -1.17 -25.94
C MET B 76 -30.76 0.27 -26.28
N GLY B 77 -30.15 1.29 -25.65
CA GLY B 77 -30.45 2.69 -25.96
C GLY B 77 -29.72 3.17 -27.21
N ASP B 78 -30.22 2.71 -28.39
CA ASP B 78 -29.65 2.98 -29.73
C ASP B 78 -28.36 2.18 -29.99
N SER B 79 -28.04 1.96 -31.28
CA SER B 79 -26.85 1.22 -31.74
C SER B 79 -25.54 1.92 -31.30
N GLU B 80 -25.27 3.11 -31.87
CA GLU B 80 -24.08 3.92 -31.54
C GLU B 80 -24.30 4.66 -30.22
N ILE B 81 -25.58 4.72 -29.78
CA ILE B 81 -26.05 5.47 -28.61
C ILE B 81 -25.91 6.98 -28.87
N THR B 82 -24.68 7.46 -28.73
CA THR B 82 -24.28 8.85 -29.00
C THR B 82 -22.76 8.85 -29.24
N ALA B 83 -22.04 8.12 -28.36
CA ALA B 83 -20.57 8.07 -28.29
C ALA B 83 -20.01 9.41 -27.77
N ALA B 84 -19.16 9.34 -26.72
CA ALA B 84 -18.56 10.53 -26.09
C ALA B 84 -17.72 11.30 -27.12
N ARG B 85 -16.70 10.60 -27.65
CA ARG B 85 -15.81 11.11 -28.70
C ARG B 85 -14.84 9.98 -29.04
N ASN B 86 -15.03 9.34 -30.21
CA ASN B 86 -14.26 8.13 -30.57
C ASN B 86 -12.84 8.50 -31.05
N TYR B 87 -11.99 8.87 -30.08
CA TYR B 87 -10.56 9.14 -30.29
C TYR B 87 -9.78 7.83 -30.39
N ALA B 88 -10.19 6.86 -29.54
CA ALA B 88 -9.61 5.51 -29.48
C ALA B 88 -10.54 4.58 -28.66
N GLU B 89 -11.83 4.95 -28.58
CA GLU B 89 -12.83 4.21 -27.80
C GLU B 89 -13.18 2.89 -28.54
N GLY B 90 -12.49 1.80 -28.15
CA GLY B 90 -12.67 0.48 -28.78
C GLY B 90 -11.34 -0.13 -29.21
N ALA B 91 -10.63 0.62 -30.10
CA ALA B 91 -9.31 0.19 -30.62
C ALA B 91 -8.20 0.24 -29.53
N GLY B 92 -8.39 1.15 -28.55
CA GLY B 92 -7.45 1.31 -27.42
C GLY B 92 -7.79 0.40 -26.23
N GLY B 93 -8.03 -0.89 -26.52
CA GLY B 93 -8.33 -1.89 -25.50
C GLY B 93 -7.07 -2.61 -25.02
N PHE B 94 -7.09 -3.10 -23.76
CA PHE B 94 -5.93 -3.77 -23.11
C PHE B 94 -6.25 -5.25 -22.84
N PHE B 95 -5.22 -6.10 -23.02
CA PHE B 95 -5.31 -7.57 -22.89
C PHE B 95 -5.52 -8.03 -21.43
N LYS B 96 -4.72 -7.47 -20.50
CA LYS B 96 -4.63 -7.96 -19.10
C LYS B 96 -3.91 -6.90 -18.26
N GLY B 97 -2.79 -6.36 -18.79
CA GLY B 97 -2.06 -5.24 -18.15
C GLY B 97 -0.60 -5.57 -17.86
N ILE B 98 0.25 -4.53 -17.73
CA ILE B 98 1.71 -4.68 -17.45
C ILE B 98 2.12 -3.92 -16.17
N ASP B 99 2.88 -4.60 -15.29
CA ASP B 99 3.50 -4.00 -14.09
C ASP B 99 4.97 -4.45 -14.04
N ALA B 100 5.90 -3.51 -13.86
CA ALA B 100 7.35 -3.80 -13.76
C ALA B 100 7.73 -4.22 -12.33
N LEU B 101 7.33 -5.46 -11.97
CA LEU B 101 7.53 -6.09 -10.65
C LEU B 101 6.82 -5.27 -9.48
N PRO B 102 7.42 -4.26 -8.71
CA PRO B 102 6.58 -3.40 -7.81
C PRO B 102 5.86 -2.27 -8.59
N LEU B 103 6.29 -2.08 -9.85
CA LEU B 103 5.90 -0.95 -10.73
C LEU B 103 6.16 0.40 -10.04
N THR B 104 7.41 0.87 -10.16
CA THR B 104 7.80 2.21 -9.70
C THR B 104 7.05 3.29 -10.54
N GLY B 105 6.65 4.40 -9.89
CA GLY B 105 5.92 5.47 -10.56
C GLY B 105 6.73 6.16 -11.68
N GLN B 106 6.03 6.91 -12.54
CA GLN B 106 6.64 7.62 -13.68
C GLN B 106 7.65 8.68 -13.18
N TYR B 107 8.93 8.34 -13.30
CA TYR B 107 10.09 9.16 -12.87
C TYR B 107 10.06 9.45 -11.35
N THR B 108 9.34 8.59 -10.60
CA THR B 108 9.27 8.64 -9.14
C THR B 108 10.47 7.84 -8.56
N HIS B 109 11.65 8.22 -9.06
CA HIS B 109 12.94 7.66 -8.68
C HIS B 109 13.46 8.38 -7.42
N TYR B 110 12.82 9.55 -7.11
CA TYR B 110 13.15 10.40 -5.94
C TYR B 110 12.36 9.96 -4.68
N ALA B 111 11.67 8.82 -4.77
CA ALA B 111 10.91 8.23 -3.66
C ALA B 111 10.99 6.69 -3.72
N LEU B 112 10.80 6.14 -4.96
CA LEU B 112 10.72 4.68 -5.25
C LEU B 112 9.45 4.11 -4.58
N ASN B 113 9.56 3.89 -3.27
CA ASN B 113 8.43 3.49 -2.41
C ASN B 113 7.65 4.76 -2.02
N LYS B 114 6.31 4.72 -2.16
CA LYS B 114 5.44 5.92 -2.04
C LYS B 114 3.95 5.54 -2.24
N LYS B 115 3.73 4.39 -2.90
CA LYS B 115 2.42 4.02 -3.51
C LYS B 115 1.32 3.82 -2.46
N THR B 116 1.66 3.15 -1.35
CA THR B 116 0.74 2.95 -0.21
C THR B 116 0.89 4.10 0.82
N GLY B 117 2.08 4.75 0.78
CA GLY B 117 2.32 5.98 1.53
C GLY B 117 2.62 5.78 3.01
N LYS B 118 3.03 4.57 3.39
CA LYS B 118 3.46 4.26 4.76
C LYS B 118 4.16 2.86 4.81
N PRO B 119 3.45 1.69 4.55
CA PRO B 119 4.10 0.36 4.65
C PRO B 119 4.87 -0.06 3.36
N ASP B 120 4.18 -0.05 2.20
CA ASP B 120 4.71 -0.43 0.87
C ASP B 120 5.12 -1.93 0.81
N TYR B 121 6.37 -2.26 1.22
CA TYR B 121 6.98 -3.63 1.16
C TYR B 121 6.57 -4.49 -0.10
N VAL B 122 5.40 -5.16 -0.05
CA VAL B 122 4.79 -5.95 -1.15
C VAL B 122 3.26 -5.79 -1.07
N THR B 123 2.52 -6.28 -2.08
CA THR B 123 1.05 -6.10 -2.13
C THR B 123 0.36 -7.30 -2.83
N ASP B 124 -0.79 -7.71 -2.28
CA ASP B 124 -1.72 -8.75 -2.83
C ASP B 124 -1.14 -10.17 -2.79
N SER B 125 -0.11 -10.42 -3.59
CA SER B 125 0.55 -11.71 -3.72
C SER B 125 1.11 -12.23 -2.36
N ALA B 126 0.35 -13.12 -1.70
CA ALA B 126 0.81 -13.87 -0.54
C ALA B 126 1.63 -15.07 -1.04
N ALA B 127 2.97 -14.89 -1.06
CA ALA B 127 3.93 -15.83 -1.66
C ALA B 127 3.91 -17.25 -1.01
N SER B 128 3.24 -17.37 0.16
CA SER B 128 3.00 -18.67 0.82
C SER B 128 2.17 -19.62 -0.06
N ALA B 129 1.07 -19.08 -0.66
CA ALA B 129 0.16 -19.87 -1.52
C ALA B 129 -0.97 -19.04 -2.14
N THR B 130 -1.56 -18.12 -1.36
CA THR B 130 -2.74 -17.32 -1.77
C THR B 130 -2.39 -16.34 -2.93
N ALA B 131 -3.00 -16.57 -4.12
CA ALA B 131 -2.66 -15.85 -5.37
C ALA B 131 -3.86 -15.86 -6.35
N TRP B 132 -3.57 -15.84 -7.68
CA TRP B 132 -4.55 -15.90 -8.81
C TRP B 132 -5.25 -14.56 -9.07
N SER B 133 -5.80 -14.46 -10.29
CA SER B 133 -6.65 -13.35 -10.75
C SER B 133 -7.30 -13.77 -12.09
N THR B 134 -8.49 -14.39 -12.02
CA THR B 134 -9.24 -14.85 -13.21
C THR B 134 -9.78 -13.65 -14.02
N GLY B 135 -9.69 -13.76 -15.35
CA GLY B 135 -10.08 -12.68 -16.28
C GLY B 135 -9.38 -12.78 -17.62
N VAL B 136 -8.88 -13.99 -17.97
CA VAL B 136 -8.20 -14.27 -19.24
C VAL B 136 -9.15 -15.04 -20.20
N LYS B 137 -9.07 -14.69 -21.50
CA LYS B 137 -9.93 -15.30 -22.54
C LYS B 137 -9.20 -15.36 -23.91
N THR B 138 -8.02 -14.66 -23.99
CA THR B 138 -7.21 -14.45 -25.22
C THR B 138 -8.09 -14.00 -26.44
N TYR B 139 -7.60 -14.18 -27.69
CA TYR B 139 -8.37 -13.86 -28.90
C TYR B 139 -8.89 -15.17 -29.56
N ASN B 140 -9.41 -16.08 -28.69
CA ASN B 140 -9.97 -17.39 -29.10
C ASN B 140 -11.14 -17.19 -30.10
N GLY B 141 -12.07 -16.28 -29.73
CA GLY B 141 -13.11 -15.78 -30.63
C GLY B 141 -14.05 -16.86 -31.16
N ALA B 142 -14.71 -17.58 -30.20
CA ALA B 142 -15.68 -18.67 -30.49
C ALA B 142 -14.99 -19.83 -31.26
N LEU B 143 -13.74 -20.16 -30.83
CA LEU B 143 -12.88 -21.19 -31.47
C LEU B 143 -12.59 -20.81 -32.94
N GLY B 144 -12.48 -19.47 -33.16
CA GLY B 144 -12.20 -18.91 -34.47
C GLY B 144 -10.84 -19.32 -34.99
N VAL B 145 -10.82 -20.01 -36.15
CA VAL B 145 -9.60 -20.52 -36.77
C VAL B 145 -8.73 -19.33 -37.26
N ASP B 146 -7.85 -18.86 -36.36
CA ASP B 146 -6.98 -17.70 -36.59
C ASP B 146 -5.77 -18.13 -37.46
N ILE B 147 -5.91 -17.92 -38.78
CA ILE B 147 -4.84 -18.17 -39.75
C ILE B 147 -4.26 -16.83 -40.21
N HIS B 148 -3.00 -16.58 -39.81
CA HIS B 148 -2.26 -15.35 -40.13
C HIS B 148 -1.92 -15.30 -41.63
N GLU B 149 -2.87 -14.76 -42.40
CA GLU B 149 -2.79 -14.59 -43.87
C GLU B 149 -2.62 -15.94 -44.58
N LYS B 150 -3.75 -16.61 -44.91
CA LYS B 150 -3.74 -17.85 -45.72
C LYS B 150 -3.23 -17.52 -47.13
N ASP B 151 -1.93 -17.69 -47.31
CA ASP B 151 -1.22 -17.40 -48.57
C ASP B 151 -0.04 -18.36 -48.71
#